data_3S29
#
_entry.id   3S29
#
_cell.length_a   277.160
_cell.length_b   261.500
_cell.length_c   161.100
_cell.angle_alpha   90.00
_cell.angle_beta   109.27
_cell.angle_gamma   90.00
#
_symmetry.space_group_name_H-M   'C 1 2 1'
#
loop_
_entity.id
_entity.type
_entity.pdbx_description
1 polymer 'Sucrose synthase 1'
2 non-polymer "URIDINE-5'-DIPHOSPHATE"
3 non-polymer beta-D-fructofuranose
4 non-polymer 'SULFATE ION'
5 non-polymer 'MALONIC ACID'
6 non-polymer 'POTASSIUM ION'
7 water water
#
_entity_poly.entity_id   1
_entity_poly.type   'polypeptide(L)'
_entity_poly.pdbx_seq_one_letter_code
;MANAERMITRVHSQRERLNETLVSERNEVLALLSRVEAKGKGILQQNQIIAEFEALPEQTRKKLEGGPFFDLLKSTQEAI
VLPPWVALAVRPRPGVWEYLRVNLHALVVEELQPAEFLHFKEELVDGVKNGNFTLELDFEPFNASIPRPTLHKYIGNGVD
FLNRHLSAKLFHDKESLLPLLKFLRLHSHQGKNLMLSEKIQNLNTLQHTLRKAEEYLAELKSETLYEEFEAKFEEIGLER
GWGDNAERVLDMIRLLLDLLEAPDPCTLETFLGRVPMVFNVVILSPHGYFAQDNVLGYPDTGGQVVYILDQVRALEIEML
QRIKQQGLNIKPRILILTRLLPDAVGTTCGERLERVYDSEYCDILRVPFRTEKGIVRKWISRFEVWPYLETYTEDAAVEL
SKELNGKPDLIIGNYSDGNLVASLLAHKLGVTQCTIAHALEKTKYPDSDIYWKKLDDKYHFSCQFTADIFAMNHTDFIIT
STFQEIAGSKETVGQYESHTAFTLPGLYRVVHGIDVFDPKFNIVSPGADMSIYFPYTEEKRRLTKFHSEIEELLYSDVEN
KEHLCVLKDKKKPILFTMARLDRVKNLSGLVEWYGKNTRLRELANLVVVGGDRRKESKDNEEKAEMKKMYDLIEEYKLNG
QFRWISSQMDRVRNGELYRYICDTKGAFVQPALYEAFGLTVVEAMTCGLPTFATCKGGPAEIIVHGKSGFHIDPYHGDQA
ADTLADFFTKCKEDPSHWDEISKGGLQRIEEKYTWQIYSQRLLTLTGVYGFWKHVSNLDRLEARRYLEMFYALKYRPLAQ
AVPLAQDDVEHHHHHH
;
_entity_poly.pdbx_strand_id   A,B,C,D,E,F,G,H
#
loop_
_chem_comp.id
_chem_comp.type
_chem_comp.name
_chem_comp.formula
FRU D-saccharide, beta linking beta-D-fructofuranose 'C6 H12 O6'
K non-polymer 'POTASSIUM ION' 'K 1'
MLA non-polymer 'MALONIC ACID' 'C3 H4 O4'
SO4 non-polymer 'SULFATE ION' 'O4 S -2'
UDP RNA linking URIDINE-5'-DIPHOSPHATE 'C9 H14 N2 O12 P2'
#
# COMPACT_ATOMS: atom_id res chain seq x y z
N ASN A 27 -53.88 68.58 12.06
CA ASN A 27 -53.11 69.80 12.28
C ASN A 27 -52.68 70.44 10.97
N GLU A 28 -53.57 70.39 9.98
CA GLU A 28 -53.27 70.82 8.61
C GLU A 28 -53.01 72.33 8.52
N VAL A 29 -53.49 73.09 9.50
CA VAL A 29 -53.27 74.53 9.53
C VAL A 29 -51.83 74.81 9.93
N LEU A 30 -51.47 74.37 11.14
CA LEU A 30 -50.14 74.55 11.69
C LEU A 30 -49.02 74.11 10.72
N ALA A 31 -49.10 72.87 10.24
CA ALA A 31 -48.05 72.31 9.37
C ALA A 31 -47.80 73.14 8.11
N LEU A 32 -48.87 73.59 7.46
CA LEU A 32 -48.76 74.42 6.26
C LEU A 32 -47.90 75.65 6.55
N LEU A 33 -47.92 76.08 7.81
CA LEU A 33 -47.29 77.33 8.21
C LEU A 33 -45.76 77.24 8.28
N SER A 34 -45.25 76.05 8.60
CA SER A 34 -43.80 75.83 8.68
C SER A 34 -43.19 75.73 7.29
N ARG A 35 -43.66 74.76 6.50
CA ARG A 35 -43.23 74.63 5.12
C ARG A 35 -43.34 75.99 4.42
N VAL A 36 -44.31 76.79 4.85
CA VAL A 36 -44.43 78.16 4.38
C VAL A 36 -43.12 78.93 4.56
N GLU A 37 -42.69 79.09 5.81
CA GLU A 37 -41.47 79.81 6.11
C GLU A 37 -40.24 79.16 5.48
N ALA A 38 -40.24 77.83 5.43
CA ALA A 38 -39.11 77.08 4.89
C ALA A 38 -38.82 77.45 3.43
N LYS A 39 -39.84 77.37 2.60
CA LYS A 39 -39.73 77.59 1.16
C LYS A 39 -39.30 79.01 0.79
N GLY A 40 -39.29 79.90 1.78
CA GLY A 40 -38.85 81.26 1.56
C GLY A 40 -37.35 81.39 1.52
N LYS A 41 -36.66 80.50 2.24
CA LYS A 41 -35.22 80.56 2.38
C LYS A 41 -34.47 80.43 1.05
N GLY A 42 -35.18 80.00 0.01
CA GLY A 42 -34.58 79.86 -1.31
C GLY A 42 -34.13 78.43 -1.59
N ILE A 43 -33.37 78.23 -2.67
CA ILE A 43 -32.86 76.89 -2.99
C ILE A 43 -31.47 76.73 -2.39
N LEU A 44 -31.39 75.92 -1.33
CA LEU A 44 -30.17 75.77 -0.54
C LEU A 44 -30.29 74.62 0.47
N GLN A 45 -29.27 74.49 1.33
CA GLN A 45 -29.18 73.42 2.32
C GLN A 45 -29.84 73.69 3.67
N GLN A 46 -30.76 72.81 4.06
CA GLN A 46 -31.40 72.93 5.37
C GLN A 46 -30.74 72.08 6.45
N ASN A 47 -30.21 72.75 7.46
CA ASN A 47 -29.28 72.15 8.41
C ASN A 47 -29.69 71.59 9.79
N GLN A 48 -30.97 71.37 10.09
CA GLN A 48 -31.31 71.11 11.48
C GLN A 48 -31.10 72.41 12.25
N ILE A 49 -30.00 72.53 12.99
CA ILE A 49 -29.77 73.76 13.72
C ILE A 49 -30.32 74.90 12.85
N ILE A 50 -29.77 75.09 11.66
CA ILE A 50 -30.37 76.02 10.69
C ILE A 50 -31.84 75.68 10.41
N ALA A 51 -32.10 74.45 9.95
CA ALA A 51 -33.44 74.05 9.47
C ALA A 51 -34.58 74.32 10.46
N GLU A 52 -34.46 73.74 11.64
CA GLU A 52 -35.48 73.94 12.67
C GLU A 52 -35.40 75.35 13.26
N PHE A 53 -34.18 75.84 13.50
CA PHE A 53 -34.00 77.10 14.21
C PHE A 53 -34.94 78.17 13.69
N GLU A 54 -34.68 78.64 12.49
CA GLU A 54 -35.51 79.68 11.91
C GLU A 54 -36.98 79.28 12.06
N ALA A 55 -37.37 78.17 11.43
CA ALA A 55 -38.77 77.80 11.36
C ALA A 55 -39.53 77.81 12.69
N LEU A 56 -39.27 76.84 13.56
CA LEU A 56 -40.10 76.65 14.75
C LEU A 56 -40.02 77.80 15.77
N PRO A 57 -38.80 78.14 16.23
CA PRO A 57 -38.64 79.26 17.17
C PRO A 57 -38.98 80.66 16.60
N GLU A 58 -38.77 80.88 15.30
CA GLU A 58 -39.08 82.19 14.71
C GLU A 58 -40.57 82.28 14.39
N GLN A 59 -41.28 81.23 14.78
CA GLN A 59 -42.72 81.12 14.60
C GLN A 59 -43.52 81.65 15.80
N THR A 60 -44.79 81.30 15.82
CA THR A 60 -45.77 81.85 16.74
C THR A 60 -46.22 80.78 17.73
N ARG A 61 -47.25 81.09 18.51
CA ARG A 61 -47.85 80.12 19.42
C ARG A 61 -48.39 78.91 18.65
N LYS A 62 -48.27 78.98 17.32
CA LYS A 62 -48.45 77.81 16.48
C LYS A 62 -47.48 76.74 16.97
N LYS A 63 -46.61 77.15 17.90
CA LYS A 63 -45.71 76.27 18.66
C LYS A 63 -46.52 75.22 19.43
N LEU A 64 -47.84 75.26 19.20
CA LEU A 64 -48.80 74.31 19.74
C LEU A 64 -48.63 73.04 18.93
N GLU A 65 -47.52 73.02 18.19
CA GLU A 65 -47.09 71.89 17.36
C GLU A 65 -46.49 70.78 18.21
N GLY A 66 -46.55 70.95 19.53
CA GLY A 66 -45.97 70.01 20.46
C GLY A 66 -46.72 68.69 20.37
N GLY A 67 -47.58 68.59 19.37
CA GLY A 67 -48.15 67.32 18.95
C GLY A 67 -47.09 66.52 18.18
N PRO A 68 -47.52 65.54 17.37
CA PRO A 68 -46.60 64.62 16.69
C PRO A 68 -45.61 65.25 15.69
N PHE A 69 -46.07 66.18 14.86
CA PHE A 69 -45.25 66.74 13.78
C PHE A 69 -43.89 67.28 14.24
N PHE A 70 -43.83 67.72 15.49
CA PHE A 70 -42.60 68.29 16.03
C PHE A 70 -41.50 67.24 16.26
N ASP A 71 -41.90 66.04 16.67
CA ASP A 71 -40.94 64.95 16.91
C ASP A 71 -40.16 64.62 15.64
N LEU A 72 -40.84 64.76 14.49
CA LEU A 72 -40.25 64.50 13.18
C LEU A 72 -39.36 65.64 12.69
N LEU A 73 -39.65 66.86 13.12
CA LEU A 73 -38.87 68.02 12.71
C LEU A 73 -37.49 68.02 13.35
N LYS A 74 -37.44 67.81 14.66
CA LYS A 74 -36.16 67.82 15.35
C LYS A 74 -35.31 66.61 14.95
N SER A 75 -35.97 65.57 14.48
CA SER A 75 -35.28 64.39 13.96
C SER A 75 -34.68 64.66 12.60
N THR A 76 -35.19 65.66 11.89
CA THR A 76 -34.66 65.98 10.57
C THR A 76 -33.20 66.40 10.70
N GLN A 77 -32.33 65.68 10.02
CA GLN A 77 -30.88 65.95 10.05
C GLN A 77 -30.50 67.06 9.09
N GLU A 78 -31.10 67.03 7.91
CA GLU A 78 -30.94 68.10 6.94
C GLU A 78 -32.16 68.09 6.01
N ALA A 79 -32.39 69.22 5.35
CA ALA A 79 -33.53 69.33 4.43
C ALA A 79 -33.10 70.04 3.14
N ILE A 80 -33.41 69.43 2.00
CA ILE A 80 -33.03 70.00 0.72
C ILE A 80 -34.15 70.89 0.20
N VAL A 81 -33.81 72.14 -0.11
CA VAL A 81 -34.80 73.11 -0.54
C VAL A 81 -34.81 73.33 -2.05
N LEU A 82 -35.88 72.84 -2.69
CA LEU A 82 -36.15 73.11 -4.11
C LEU A 82 -37.62 73.51 -4.24
N PRO A 83 -37.93 74.47 -5.12
CA PRO A 83 -39.18 75.22 -4.94
C PRO A 83 -40.47 74.39 -4.74
N PRO A 84 -40.73 73.40 -5.62
CA PRO A 84 -41.96 72.60 -5.48
C PRO A 84 -41.97 71.70 -4.25
N TRP A 85 -40.85 71.06 -3.97
CA TRP A 85 -40.75 70.13 -2.84
C TRP A 85 -39.60 70.52 -1.94
N VAL A 86 -39.70 70.11 -0.67
CA VAL A 86 -38.51 70.08 0.16
C VAL A 86 -38.21 68.62 0.48
N ALA A 87 -36.94 68.29 0.54
CA ALA A 87 -36.53 66.93 0.87
C ALA A 87 -36.00 66.88 2.30
N LEU A 88 -36.38 65.84 3.02
CA LEU A 88 -35.98 65.70 4.41
C LEU A 88 -35.33 64.35 4.69
N ALA A 89 -34.13 64.39 5.26
CA ALA A 89 -33.50 63.18 5.78
C ALA A 89 -33.82 63.09 7.26
N VAL A 90 -34.60 62.09 7.64
CA VAL A 90 -35.02 61.97 9.03
C VAL A 90 -34.29 60.85 9.75
N ARG A 91 -33.94 61.10 11.01
CA ARG A 91 -33.10 60.21 11.77
C ARG A 91 -33.62 60.08 13.21
N PRO A 92 -34.63 59.22 13.40
CA PRO A 92 -35.37 58.94 14.63
C PRO A 92 -34.47 58.43 15.74
N ARG A 93 -33.60 57.49 15.39
CA ARG A 93 -32.63 56.91 16.31
C ARG A 93 -31.29 56.90 15.58
N PRO A 94 -30.19 56.77 16.31
CA PRO A 94 -28.93 56.64 15.58
C PRO A 94 -28.99 55.38 14.72
N GLY A 95 -28.46 55.44 13.51
CA GLY A 95 -28.40 54.27 12.65
C GLY A 95 -29.64 53.99 11.83
N VAL A 96 -30.69 54.80 12.03
CA VAL A 96 -31.95 54.59 11.34
C VAL A 96 -32.37 55.86 10.60
N TRP A 97 -32.39 55.78 9.28
CA TRP A 97 -32.75 56.94 8.47
C TRP A 97 -33.97 56.62 7.65
N GLU A 98 -34.79 57.64 7.44
CA GLU A 98 -35.85 57.57 6.45
C GLU A 98 -35.90 58.90 5.72
N TYR A 99 -35.96 58.83 4.40
CA TYR A 99 -35.93 60.03 3.59
C TYR A 99 -37.31 60.25 3.04
N LEU A 100 -37.72 61.51 2.96
CA LEU A 100 -39.02 61.79 2.37
C LEU A 100 -39.13 63.21 1.84
N ARG A 101 -40.08 63.38 0.91
CA ARG A 101 -40.30 64.63 0.22
C ARG A 101 -41.76 64.97 0.36
N VAL A 102 -42.08 66.08 1.01
CA VAL A 102 -43.46 66.57 0.99
C VAL A 102 -43.52 67.77 0.04
N ASN A 103 -44.72 68.27 -0.23
CA ASN A 103 -44.91 69.34 -1.20
C ASN A 103 -44.74 70.70 -0.56
N LEU A 104 -43.98 71.59 -1.20
CA LEU A 104 -43.70 72.89 -0.64
C LEU A 104 -45.01 73.55 -0.18
N HIS A 105 -45.97 73.67 -1.10
CA HIS A 105 -47.35 74.01 -0.71
C HIS A 105 -48.28 72.84 -1.05
N ALA A 106 -48.68 72.10 -0.04
CA ALA A 106 -49.54 70.95 -0.23
C ALA A 106 -49.65 70.16 1.06
N LEU A 107 -50.51 69.14 1.06
CA LEU A 107 -50.52 68.14 2.13
C LEU A 107 -49.78 66.85 1.74
N VAL A 108 -49.19 66.83 0.54
CA VAL A 108 -48.59 65.60 0.00
C VAL A 108 -47.19 65.32 0.57
N VAL A 109 -47.04 64.15 1.19
CA VAL A 109 -45.74 63.70 1.68
C VAL A 109 -45.42 62.30 1.15
N GLU A 110 -44.41 62.20 0.29
CA GLU A 110 -44.09 60.95 -0.40
C GLU A 110 -42.73 60.40 0.01
N GLU A 111 -42.73 59.17 0.54
CA GLU A 111 -41.50 58.53 1.00
C GLU A 111 -40.46 58.33 -0.10
N LEU A 112 -39.23 58.76 0.17
CA LEU A 112 -38.15 58.65 -0.80
C LEU A 112 -37.17 57.51 -0.52
N GLN A 113 -36.79 56.82 -1.59
CA GLN A 113 -35.67 55.90 -1.57
C GLN A 113 -34.41 56.70 -1.29
N PRO A 114 -33.44 56.11 -0.58
CA PRO A 114 -32.19 56.83 -0.32
C PRO A 114 -31.61 57.44 -1.59
N ALA A 115 -31.58 56.67 -2.66
CA ALA A 115 -30.99 57.11 -3.92
C ALA A 115 -31.74 58.31 -4.54
N GLU A 116 -33.02 58.42 -4.23
CA GLU A 116 -33.83 59.54 -4.73
C GLU A 116 -33.62 60.81 -3.92
N PHE A 117 -33.36 60.64 -2.63
CA PHE A 117 -32.96 61.76 -1.79
C PHE A 117 -31.67 62.32 -2.33
N LEU A 118 -30.70 61.45 -2.55
CA LEU A 118 -29.42 61.83 -3.11
C LEU A 118 -29.58 62.46 -4.50
N HIS A 119 -30.57 62.00 -5.24
CA HIS A 119 -30.97 62.62 -6.50
C HIS A 119 -31.17 64.11 -6.28
N PHE A 120 -32.03 64.42 -5.31
CA PHE A 120 -32.36 65.79 -4.95
C PHE A 120 -31.12 66.65 -4.75
N LYS A 121 -30.19 66.14 -3.94
CA LYS A 121 -28.97 66.88 -3.63
C LYS A 121 -28.17 67.19 -4.89
N GLU A 122 -28.28 66.33 -5.89
CA GLU A 122 -27.48 66.48 -7.11
C GLU A 122 -28.01 67.56 -8.04
N GLU A 123 -29.34 67.74 -8.05
CA GLU A 123 -29.95 68.81 -8.82
C GLU A 123 -29.44 70.16 -8.32
N LEU A 124 -29.35 70.27 -7.00
CA LEU A 124 -28.99 71.52 -6.34
C LEU A 124 -27.64 72.09 -6.81
N VAL A 125 -26.77 71.22 -7.30
CA VAL A 125 -25.43 71.64 -7.71
C VAL A 125 -25.29 71.72 -9.22
N ASP A 126 -25.26 70.56 -9.86
CA ASP A 126 -25.03 70.47 -11.30
C ASP A 126 -26.23 70.95 -12.11
N GLY A 127 -27.38 71.00 -11.46
CA GLY A 127 -28.61 71.48 -12.09
C GLY A 127 -29.49 70.33 -12.51
N VAL A 128 -28.87 69.18 -12.73
CA VAL A 128 -29.59 67.94 -13.00
C VAL A 128 -28.90 66.80 -12.24
N LYS A 129 -29.57 65.64 -12.18
CA LYS A 129 -29.05 64.52 -11.40
C LYS A 129 -27.80 63.96 -12.08
N ASN A 130 -27.20 62.93 -11.48
CA ASN A 130 -26.05 62.27 -12.10
C ASN A 130 -26.50 61.42 -13.28
N GLY A 131 -25.68 61.37 -14.32
CA GLY A 131 -26.09 60.72 -15.57
C GLY A 131 -26.70 59.38 -15.20
N ASN A 132 -27.81 59.05 -15.86
CA ASN A 132 -28.63 57.91 -15.43
C ASN A 132 -27.82 56.65 -15.16
N PHE A 133 -26.82 56.40 -16.01
CA PHE A 133 -26.00 55.19 -15.88
C PHE A 133 -24.66 55.38 -15.16
N THR A 134 -24.43 56.57 -14.62
CA THR A 134 -23.30 56.82 -13.72
C THR A 134 -23.41 56.05 -12.40
N LEU A 135 -22.26 55.83 -11.77
CA LEU A 135 -22.09 54.82 -10.72
C LEU A 135 -22.81 55.07 -9.40
N GLU A 136 -23.59 54.08 -8.97
CA GLU A 136 -24.06 53.98 -7.59
C GLU A 136 -23.24 52.89 -6.88
N LEU A 137 -22.64 53.22 -5.74
CA LEU A 137 -22.00 52.22 -4.90
C LEU A 137 -23.00 51.69 -3.88
N ASP A 138 -23.21 50.38 -3.88
CA ASP A 138 -24.03 49.78 -2.84
C ASP A 138 -23.26 48.64 -2.21
N PHE A 139 -22.83 48.81 -0.96
CA PHE A 139 -22.10 47.73 -0.28
C PHE A 139 -23.03 46.83 0.52
N GLU A 140 -24.31 47.17 0.56
CA GLU A 140 -25.27 46.45 1.38
C GLU A 140 -25.29 44.96 1.07
N PRO A 141 -25.56 44.60 -0.19
CA PRO A 141 -25.66 43.19 -0.61
C PRO A 141 -24.37 42.41 -0.47
N PHE A 142 -23.25 43.10 -0.30
CA PHE A 142 -21.98 42.42 -0.13
C PHE A 142 -21.64 42.08 1.32
N ASN A 143 -22.36 42.69 2.26
CA ASN A 143 -22.08 42.47 3.68
C ASN A 143 -22.92 41.34 4.30
N ALA A 144 -23.90 40.87 3.55
CA ALA A 144 -25.00 40.07 4.09
C ALA A 144 -24.60 38.73 4.73
N SER A 145 -23.32 38.39 4.65
CA SER A 145 -22.82 37.10 5.12
C SER A 145 -23.32 36.77 6.52
N ILE A 146 -23.61 37.81 7.30
CA ILE A 146 -24.05 37.65 8.67
C ILE A 146 -25.13 38.69 8.97
N PRO A 147 -26.00 38.40 9.95
CA PRO A 147 -27.14 39.30 10.21
C PRO A 147 -26.75 40.60 10.92
N ARG A 148 -27.50 41.67 10.66
CA ARG A 148 -27.22 42.97 11.26
C ARG A 148 -27.84 43.06 12.64
N PRO A 149 -27.04 43.44 13.65
CA PRO A 149 -27.64 43.81 14.94
C PRO A 149 -28.46 45.08 14.77
N THR A 150 -29.65 45.11 15.38
CA THR A 150 -30.50 46.29 15.33
C THR A 150 -30.45 47.17 16.59
N LEU A 151 -29.68 46.73 17.58
CA LEU A 151 -29.63 47.38 18.88
C LEU A 151 -28.52 48.42 19.03
N HIS A 152 -28.87 49.57 19.59
CA HIS A 152 -27.90 50.59 19.96
C HIS A 152 -26.77 49.97 20.80
N LYS A 153 -27.11 48.97 21.61
CA LYS A 153 -26.12 48.31 22.45
C LYS A 153 -24.97 47.67 21.66
N TYR A 154 -25.25 47.22 20.44
CA TYR A 154 -24.21 46.53 19.67
C TYR A 154 -23.35 47.44 18.78
N ILE A 155 -23.75 48.69 18.61
CA ILE A 155 -22.91 49.61 17.88
C ILE A 155 -21.56 49.72 18.57
N GLY A 156 -20.48 49.50 17.82
CA GLY A 156 -19.14 49.57 18.36
C GLY A 156 -18.76 48.36 19.19
N ASN A 157 -19.73 47.49 19.39
CA ASN A 157 -19.53 46.20 20.05
C ASN A 157 -19.46 44.93 19.17
N GLY A 158 -19.26 45.13 17.87
CA GLY A 158 -19.38 44.05 16.91
C GLY A 158 -18.75 42.71 17.25
N VAL A 159 -17.59 42.70 17.90
CA VAL A 159 -16.99 41.41 18.26
C VAL A 159 -17.92 40.59 19.14
N ASP A 160 -18.58 41.22 20.11
CA ASP A 160 -19.53 40.52 20.97
C ASP A 160 -20.61 39.86 20.13
N PHE A 161 -21.04 40.57 19.10
CA PHE A 161 -22.07 40.07 18.22
C PHE A 161 -21.55 38.94 17.33
N LEU A 162 -20.41 39.15 16.69
CA LEU A 162 -19.79 38.13 15.86
C LEU A 162 -19.51 36.87 16.69
N ASN A 163 -19.23 37.05 17.97
CA ASN A 163 -18.99 35.90 18.85
C ASN A 163 -20.21 35.02 19.00
N ARG A 164 -21.38 35.64 19.12
CA ARG A 164 -22.61 34.89 19.34
C ARG A 164 -23.06 34.19 18.07
N HIS A 165 -22.66 34.74 16.92
CA HIS A 165 -22.92 34.10 15.64
C HIS A 165 -22.04 32.86 15.50
N LEU A 166 -20.74 33.03 15.67
CA LEU A 166 -19.81 31.89 15.61
C LEU A 166 -20.19 30.83 16.63
N SER A 167 -20.46 31.27 17.85
CA SER A 167 -20.86 30.41 18.95
C SER A 167 -22.03 29.52 18.54
N ALA A 168 -22.97 30.08 17.81
CA ALA A 168 -24.16 29.37 17.36
C ALA A 168 -23.91 28.51 16.13
N LYS A 169 -23.17 29.03 15.16
CA LYS A 169 -22.83 28.28 13.96
C LYS A 169 -21.91 27.11 14.32
N LEU A 170 -21.20 27.24 15.44
CA LEU A 170 -20.24 26.24 15.86
C LEU A 170 -20.86 25.12 16.69
N PHE A 171 -22.16 25.15 16.89
CA PHE A 171 -22.77 24.17 17.79
C PHE A 171 -23.24 22.95 17.02
N HIS A 172 -22.48 21.86 17.21
CA HIS A 172 -22.73 20.54 16.62
C HIS A 172 -22.90 20.52 15.11
N ASP A 173 -22.30 21.48 14.42
CA ASP A 173 -22.22 21.42 12.98
C ASP A 173 -20.79 20.99 12.65
N LYS A 174 -20.63 19.75 12.21
CA LYS A 174 -19.30 19.23 11.93
C LYS A 174 -18.65 20.04 10.80
N GLU A 175 -19.37 20.21 9.70
CA GLU A 175 -18.87 20.97 8.56
C GLU A 175 -18.46 22.39 8.99
N SER A 176 -18.93 22.79 10.17
CA SER A 176 -18.56 24.06 10.79
C SER A 176 -17.26 24.05 11.60
N LEU A 177 -17.02 22.95 12.31
CA LEU A 177 -15.89 22.85 13.24
C LEU A 177 -14.53 22.64 12.54
N LEU A 178 -14.57 21.96 11.41
CA LEU A 178 -13.34 21.66 10.65
C LEU A 178 -12.44 22.87 10.52
N PRO A 179 -13.01 24.02 10.16
CA PRO A 179 -12.23 25.25 9.98
C PRO A 179 -11.34 25.54 11.19
N LEU A 180 -11.87 25.40 12.40
CA LEU A 180 -11.09 25.63 13.62
C LEU A 180 -9.89 24.68 13.69
N LEU A 181 -10.08 23.45 13.23
CA LEU A 181 -9.02 22.45 13.24
C LEU A 181 -7.96 22.78 12.21
N LYS A 182 -8.40 23.09 10.99
CA LYS A 182 -7.50 23.48 9.92
C LYS A 182 -6.63 24.62 10.44
N PHE A 183 -7.29 25.59 11.06
CA PHE A 183 -6.64 26.74 11.65
C PHE A 183 -5.50 26.30 12.56
N LEU A 184 -5.81 25.48 13.55
CA LEU A 184 -4.84 25.11 14.57
C LEU A 184 -3.78 24.18 14.01
N ARG A 185 -4.14 23.43 12.97
CA ARG A 185 -3.21 22.48 12.38
C ARG A 185 -2.20 23.20 11.49
N LEU A 186 -2.68 24.15 10.71
CA LEU A 186 -1.83 24.91 9.80
C LEU A 186 -1.06 26.00 10.54
N HIS A 187 -1.57 26.38 11.71
CA HIS A 187 -0.97 27.46 12.47
C HIS A 187 0.49 27.16 12.81
N SER A 188 1.37 28.06 12.38
CA SER A 188 2.80 27.95 12.64
C SER A 188 3.42 29.34 12.53
N HIS A 189 4.63 29.50 13.06
CA HIS A 189 5.34 30.75 12.89
C HIS A 189 6.85 30.52 12.74
N GLN A 190 7.44 31.15 11.71
CA GLN A 190 8.88 31.08 11.50
C GLN A 190 9.40 29.64 11.44
N GLY A 191 8.67 28.77 10.75
CA GLY A 191 9.09 27.40 10.58
C GLY A 191 8.83 26.48 11.78
N LYS A 192 8.47 27.06 12.92
CA LYS A 192 8.14 26.26 14.10
C LYS A 192 6.64 26.00 14.14
N ASN A 193 6.27 24.73 14.35
CA ASN A 193 4.85 24.32 14.33
C ASN A 193 4.16 24.57 15.66
N LEU A 194 2.91 25.04 15.61
CA LEU A 194 2.18 25.44 16.83
C LEU A 194 0.88 24.66 17.06
N MET A 195 0.38 24.63 18.29
CA MET A 195 -0.93 24.04 18.57
C MET A 195 -1.04 22.56 18.14
N LEU A 196 -1.84 22.29 17.12
CA LEU A 196 -2.00 20.93 16.60
C LEU A 196 -0.96 20.53 15.54
N SER A 197 -0.54 19.28 15.55
CA SER A 197 0.39 18.76 14.54
C SER A 197 -0.35 18.17 13.34
N GLU A 198 0.40 17.75 12.32
CA GLU A 198 -0.22 17.19 11.12
C GLU A 198 -0.74 15.78 11.36
N LYS A 199 -0.38 15.20 12.50
CA LYS A 199 -0.86 13.88 12.88
C LYS A 199 -2.36 13.88 13.16
N ILE A 200 -2.91 15.06 13.45
CA ILE A 200 -4.35 15.17 13.70
C ILE A 200 -5.08 15.56 12.42
N GLN A 201 -5.79 14.61 11.81
CA GLN A 201 -6.47 14.88 10.55
C GLN A 201 -7.98 15.15 10.62
N ASN A 202 -8.58 14.97 11.79
CA ASN A 202 -10.04 15.12 11.93
C ASN A 202 -10.55 15.34 13.36
N LEU A 203 -11.77 15.83 13.47
CA LEU A 203 -12.37 16.16 14.74
C LEU A 203 -12.33 14.98 15.70
N ASN A 204 -12.39 13.78 15.13
CA ASN A 204 -12.38 12.56 15.91
C ASN A 204 -11.09 12.34 16.71
N THR A 205 -9.95 12.33 16.02
CA THR A 205 -8.69 12.14 16.71
C THR A 205 -8.34 13.38 17.50
N LEU A 206 -8.88 14.52 17.09
CA LEU A 206 -8.68 15.77 17.81
C LEU A 206 -9.32 15.67 19.18
N GLN A 207 -10.57 15.23 19.18
CA GLN A 207 -11.34 15.00 20.40
C GLN A 207 -10.67 13.94 21.27
N HIS A 208 -10.22 12.87 20.63
CA HIS A 208 -9.52 11.79 21.30
C HIS A 208 -8.24 12.30 21.96
N THR A 209 -7.38 12.94 21.17
CA THR A 209 -6.12 13.45 21.69
C THR A 209 -6.30 14.43 22.84
N LEU A 210 -7.16 15.43 22.63
CA LEU A 210 -7.40 16.44 23.65
C LEU A 210 -7.77 15.79 24.95
N ARG A 211 -8.70 14.85 24.87
CA ARG A 211 -9.12 14.09 26.03
C ARG A 211 -7.90 13.40 26.66
N LYS A 212 -7.16 12.64 25.85
CA LYS A 212 -5.98 11.94 26.32
C LYS A 212 -5.02 12.91 27.00
N ALA A 213 -4.93 14.12 26.45
CA ALA A 213 -4.08 15.16 27.03
C ALA A 213 -4.60 15.64 28.39
N GLU A 214 -5.92 15.77 28.50
CA GLU A 214 -6.53 16.22 29.74
C GLU A 214 -6.23 15.25 30.88
N GLU A 215 -6.56 13.99 30.65
CA GLU A 215 -6.38 12.95 31.66
C GLU A 215 -4.98 13.02 32.22
N TYR A 216 -4.00 13.01 31.33
CA TYR A 216 -2.60 13.04 31.74
C TYR A 216 -2.32 14.28 32.59
N LEU A 217 -2.56 15.46 32.03
CA LEU A 217 -2.20 16.71 32.69
C LEU A 217 -2.89 16.89 34.03
N ALA A 218 -4.12 16.41 34.12
CA ALA A 218 -4.91 16.59 35.33
C ALA A 218 -4.14 16.11 36.56
N GLU A 219 -3.26 15.15 36.35
CA GLU A 219 -2.47 14.54 37.42
C GLU A 219 -1.22 15.31 37.87
N LEU A 220 -0.61 16.06 36.95
CA LEU A 220 0.65 16.74 37.24
C LEU A 220 0.52 17.96 38.13
N LYS A 221 1.61 18.35 38.79
CA LYS A 221 1.64 19.54 39.63
C LYS A 221 1.36 20.78 38.77
N SER A 222 0.61 21.74 39.32
CA SER A 222 0.15 22.90 38.54
C SER A 222 1.25 23.64 37.76
N GLU A 223 2.37 23.90 38.41
CA GLU A 223 3.41 24.76 37.84
C GLU A 223 4.41 23.99 36.99
N THR A 224 4.13 22.70 36.76
CA THR A 224 4.99 21.86 35.92
C THR A 224 5.20 22.50 34.55
N LEU A 225 6.46 22.65 34.15
CA LEU A 225 6.78 23.31 32.89
C LEU A 225 6.43 22.48 31.65
N TYR A 226 6.01 23.15 30.60
CA TYR A 226 5.62 22.45 29.38
C TYR A 226 6.71 21.47 28.95
N GLU A 227 7.97 21.83 29.16
CA GLU A 227 9.10 21.00 28.71
C GLU A 227 9.01 19.55 29.21
N GLU A 228 8.65 19.38 30.48
CA GLU A 228 8.48 18.04 31.05
C GLU A 228 7.56 17.15 30.21
N PHE A 229 6.30 17.54 30.11
CA PHE A 229 5.30 16.72 29.42
C PHE A 229 5.33 16.91 27.91
N GLU A 230 6.30 17.67 27.43
CA GLU A 230 6.43 17.92 26.00
C GLU A 230 6.61 16.65 25.17
N ALA A 231 7.47 15.75 25.64
CA ALA A 231 7.75 14.51 24.92
C ALA A 231 6.45 13.78 24.59
N LYS A 232 5.66 13.51 25.63
CA LYS A 232 4.35 12.87 25.48
C LYS A 232 3.47 13.63 24.49
N PHE A 233 3.35 14.94 24.70
CA PHE A 233 2.52 15.76 23.84
C PHE A 233 2.84 15.58 22.36
N GLU A 234 4.12 15.67 22.00
CA GLU A 234 4.55 15.57 20.60
C GLU A 234 4.11 14.27 19.96
N GLU A 235 4.05 13.20 20.75
CA GLU A 235 3.61 11.90 20.27
C GLU A 235 2.15 11.96 19.81
N ILE A 236 1.29 12.46 20.69
CA ILE A 236 -0.15 12.42 20.45
C ILE A 236 -0.65 13.51 19.50
N GLY A 237 0.27 14.34 19.01
CA GLY A 237 -0.08 15.34 18.02
C GLY A 237 -0.15 16.77 18.52
N LEU A 238 0.29 17.01 19.75
CA LEU A 238 0.24 18.35 20.32
C LEU A 238 1.58 19.10 20.29
N GLU A 239 1.61 20.20 19.56
CA GLU A 239 2.80 21.07 19.49
C GLU A 239 2.67 22.25 20.46
N ARG A 240 3.70 23.09 20.51
CA ARG A 240 3.74 24.16 21.52
C ARG A 240 2.69 25.26 21.32
N GLY A 241 2.48 26.06 22.36
CA GLY A 241 1.53 27.16 22.33
C GLY A 241 0.31 27.08 23.24
N TRP A 242 0.09 25.95 23.88
CA TRP A 242 -1.06 25.81 24.78
C TRP A 242 -0.86 26.56 26.09
N GLY A 243 0.39 26.65 26.55
CA GLY A 243 0.68 27.33 27.80
C GLY A 243 2.06 27.02 28.34
N ASP A 244 2.51 27.79 29.32
CA ASP A 244 3.86 27.61 29.87
C ASP A 244 3.96 26.52 30.94
N ASN A 245 2.87 26.32 31.68
CA ASN A 245 2.81 25.28 32.70
C ASN A 245 1.64 24.35 32.46
N ALA A 246 1.45 23.38 33.35
CA ALA A 246 0.39 22.40 33.15
C ALA A 246 -0.96 23.06 33.36
N GLU A 247 -1.03 23.92 34.36
CA GLU A 247 -2.26 24.63 34.66
C GLU A 247 -2.80 25.34 33.43
N ARG A 248 -1.96 26.15 32.80
CA ARG A 248 -2.37 26.94 31.63
C ARG A 248 -2.70 26.09 30.42
N VAL A 249 -1.97 24.99 30.24
CA VAL A 249 -2.24 24.07 29.15
C VAL A 249 -3.57 23.36 29.41
N LEU A 250 -3.81 23.06 30.68
CA LEU A 250 -5.03 22.40 31.08
C LEU A 250 -6.25 23.22 30.65
N ASP A 251 -6.33 24.48 31.09
CA ASP A 251 -7.43 25.37 30.74
C ASP A 251 -7.61 25.49 29.23
N MET A 252 -6.52 25.80 28.52
CA MET A 252 -6.57 25.99 27.07
C MET A 252 -7.14 24.77 26.38
N ILE A 253 -6.74 23.59 26.82
CA ILE A 253 -7.25 22.36 26.25
C ILE A 253 -8.72 22.18 26.63
N ARG A 254 -9.06 22.44 27.89
CA ARG A 254 -10.46 22.33 28.32
C ARG A 254 -11.40 23.23 27.52
N LEU A 255 -10.96 24.45 27.23
CA LEU A 255 -11.70 25.41 26.42
C LEU A 255 -12.01 24.88 25.03
N LEU A 256 -10.99 24.33 24.38
CA LEU A 256 -11.14 23.83 23.02
C LEU A 256 -12.13 22.66 23.01
N LEU A 257 -11.95 21.74 23.96
CA LEU A 257 -12.88 20.64 24.11
C LEU A 257 -14.30 21.18 24.17
N ASP A 258 -14.47 22.26 24.92
CA ASP A 258 -15.76 22.93 25.05
C ASP A 258 -16.34 23.45 23.74
N LEU A 259 -15.50 24.07 22.91
CA LEU A 259 -15.94 24.58 21.63
C LEU A 259 -16.44 23.46 20.72
N LEU A 260 -15.92 22.26 20.94
CA LEU A 260 -16.30 21.12 20.13
C LEU A 260 -17.65 20.58 20.60
N GLU A 261 -17.91 20.74 21.89
CA GLU A 261 -19.10 20.19 22.53
C GLU A 261 -20.25 21.20 22.60
N ALA A 262 -20.08 22.21 23.46
CA ALA A 262 -21.12 23.21 23.72
C ALA A 262 -20.56 24.64 23.62
N PRO A 263 -20.42 25.14 22.39
CA PRO A 263 -19.87 26.48 22.13
C PRO A 263 -20.69 27.58 22.79
N ASP A 264 -20.02 28.49 23.49
CA ASP A 264 -20.64 29.71 23.98
C ASP A 264 -19.72 30.90 23.73
N PRO A 265 -20.28 32.12 23.65
CA PRO A 265 -19.49 33.28 23.23
C PRO A 265 -18.28 33.54 24.14
N CYS A 266 -18.46 33.51 25.45
CA CYS A 266 -17.34 33.77 26.35
C CYS A 266 -16.18 32.80 26.05
N THR A 267 -16.51 31.52 25.92
CA THR A 267 -15.51 30.51 25.62
C THR A 267 -14.86 30.77 24.26
N LEU A 268 -15.67 30.93 23.21
CA LEU A 268 -15.14 31.15 21.88
C LEU A 268 -14.13 32.29 21.88
N GLU A 269 -14.52 33.43 22.42
CA GLU A 269 -13.63 34.57 22.48
C GLU A 269 -12.40 34.24 23.29
N THR A 270 -12.59 33.84 24.53
CA THR A 270 -11.47 33.58 25.43
C THR A 270 -10.41 32.67 24.80
N PHE A 271 -10.86 31.68 24.04
CA PHE A 271 -9.93 30.75 23.42
C PHE A 271 -9.22 31.39 22.23
N LEU A 272 -9.99 31.99 21.32
CA LEU A 272 -9.40 32.57 20.13
C LEU A 272 -8.43 33.67 20.50
N GLY A 273 -8.65 34.30 21.64
CA GLY A 273 -7.75 35.33 22.11
C GLY A 273 -6.47 34.77 22.70
N ARG A 274 -6.54 33.53 23.16
CA ARG A 274 -5.38 32.92 23.80
C ARG A 274 -4.37 32.30 22.82
N VAL A 275 -4.86 31.83 21.67
CA VAL A 275 -3.99 31.20 20.69
C VAL A 275 -2.89 32.17 20.32
N PRO A 276 -1.62 31.80 20.55
CA PRO A 276 -0.56 32.76 20.22
C PRO A 276 -0.62 33.05 18.74
N MET A 277 -0.77 34.32 18.39
CA MET A 277 -1.02 34.70 17.00
C MET A 277 -0.23 35.89 16.50
N VAL A 278 -0.44 37.03 17.16
CA VAL A 278 0.21 38.26 16.76
C VAL A 278 1.65 38.29 17.26
N PHE A 279 2.57 38.29 16.29
CA PHE A 279 4.01 38.23 16.53
C PHE A 279 4.66 39.39 15.79
N ASN A 280 4.46 39.42 14.47
CA ASN A 280 4.87 40.54 13.64
C ASN A 280 3.69 41.45 13.31
N VAL A 281 3.84 42.75 13.56
CA VAL A 281 2.77 43.71 13.28
C VAL A 281 3.25 44.86 12.38
N VAL A 282 2.50 45.15 11.33
CA VAL A 282 2.81 46.27 10.43
C VAL A 282 1.77 47.38 10.55
N ILE A 283 2.24 48.59 10.86
CA ILE A 283 1.38 49.76 11.03
C ILE A 283 1.66 50.84 9.97
N LEU A 284 0.61 51.35 9.33
CA LEU A 284 0.75 52.27 8.21
C LEU A 284 0.39 53.70 8.57
N SER A 285 1.37 54.60 8.44
CA SER A 285 1.16 56.02 8.70
C SER A 285 2.04 56.87 7.78
N PRO A 286 1.73 56.91 6.48
CA PRO A 286 2.60 57.55 5.47
C PRO A 286 2.75 59.10 5.53
N HIS A 287 1.67 59.83 5.78
CA HIS A 287 1.75 61.29 5.68
C HIS A 287 2.36 61.88 6.93
N GLY A 288 2.60 63.19 6.90
CA GLY A 288 3.15 63.90 8.04
C GLY A 288 4.63 63.67 8.23
N TYR A 289 5.20 64.33 9.23
CA TYR A 289 6.58 64.08 9.59
C TYR A 289 6.49 63.17 10.79
N PHE A 290 6.75 61.89 10.59
CA PHE A 290 6.49 60.96 11.66
C PHE A 290 7.79 60.63 12.38
N ALA A 291 7.93 61.17 13.58
CA ALA A 291 9.17 60.98 14.33
C ALA A 291 8.88 61.18 15.80
N GLN A 292 9.90 60.99 16.63
CA GLN A 292 9.73 61.11 18.08
C GLN A 292 10.16 62.46 18.65
N ASP A 293 10.67 63.36 17.81
CA ASP A 293 11.09 64.68 18.25
C ASP A 293 11.06 65.72 17.15
N ASN A 294 11.05 66.99 17.54
CA ASN A 294 11.10 68.10 16.59
C ASN A 294 10.07 68.03 15.47
N VAL A 295 8.90 67.49 15.78
CA VAL A 295 7.84 67.27 14.79
C VAL A 295 6.47 67.81 15.23
N LEU A 296 6.02 67.38 16.40
CA LEU A 296 4.65 67.63 16.83
C LEU A 296 4.28 69.09 16.66
N GLY A 297 3.18 69.33 15.96
CA GLY A 297 2.76 70.68 15.60
C GLY A 297 3.02 71.08 14.16
N TYR A 298 3.95 70.41 13.47
CA TYR A 298 4.15 70.67 12.04
C TYR A 298 2.86 70.31 11.33
N PRO A 299 2.69 70.80 10.10
CA PRO A 299 1.52 70.40 9.33
C PRO A 299 1.36 68.88 9.30
N ASP A 300 0.13 68.41 9.48
CA ASP A 300 -0.18 66.98 9.35
C ASP A 300 0.42 66.12 10.45
N THR A 301 1.18 66.75 11.34
CA THR A 301 1.85 65.99 12.38
C THR A 301 1.25 66.29 13.74
N GLY A 302 0.60 65.29 14.32
CA GLY A 302 -0.47 65.51 15.27
C GLY A 302 -0.77 64.30 16.13
N GLY A 303 -1.98 64.26 16.67
CA GLY A 303 -2.41 63.17 17.52
C GLY A 303 -2.22 61.77 16.95
N GLN A 304 -2.32 61.64 15.62
CA GLN A 304 -2.12 60.33 15.01
C GLN A 304 -0.74 59.80 15.36
N VAL A 305 0.27 60.65 15.18
CA VAL A 305 1.64 60.29 15.50
C VAL A 305 1.78 59.97 16.98
N VAL A 306 1.11 60.76 17.81
CA VAL A 306 1.19 60.58 19.25
C VAL A 306 0.50 59.29 19.65
N TYR A 307 -0.65 59.06 19.06
CA TYR A 307 -1.45 57.87 19.28
C TYR A 307 -0.65 56.62 18.96
N ILE A 308 -0.07 56.59 17.77
CA ILE A 308 0.62 55.40 17.29
C ILE A 308 1.85 55.01 18.14
N LEU A 309 2.64 55.99 18.57
CA LEU A 309 3.79 55.71 19.43
C LEU A 309 3.36 55.11 20.78
N ASP A 310 2.30 55.66 21.36
CA ASP A 310 1.78 55.13 22.61
C ASP A 310 1.25 53.71 22.43
N GLN A 311 0.70 53.44 21.24
CA GLN A 311 0.04 52.19 20.91
C GLN A 311 1.01 51.03 20.82
N VAL A 312 2.07 51.23 20.04
CA VAL A 312 3.01 50.17 19.77
C VAL A 312 3.69 49.82 21.08
N ARG A 313 4.01 50.83 21.87
CA ARG A 313 4.68 50.57 23.15
C ARG A 313 3.81 49.70 24.03
N ALA A 314 2.55 50.06 24.15
CA ALA A 314 1.61 49.27 24.93
C ALA A 314 1.46 47.88 24.34
N LEU A 315 1.31 47.84 23.02
CA LEU A 315 1.03 46.61 22.30
C LEU A 315 2.16 45.59 22.43
N GLU A 316 3.40 46.10 22.52
CA GLU A 316 4.58 45.28 22.61
C GLU A 316 4.66 44.59 23.96
N ILE A 317 4.28 45.30 25.01
CA ILE A 317 4.28 44.73 26.35
C ILE A 317 3.31 43.56 26.42
N GLU A 318 2.15 43.73 25.82
CA GLU A 318 1.15 42.66 25.82
C GLU A 318 1.62 41.48 25.00
N MET A 319 2.19 41.74 23.83
CA MET A 319 2.60 40.67 22.94
C MET A 319 3.68 39.80 23.57
N LEU A 320 4.63 40.42 24.26
CA LEU A 320 5.65 39.66 24.95
C LEU A 320 4.98 38.81 26.01
N GLN A 321 4.18 39.47 26.82
CA GLN A 321 3.42 38.83 27.88
C GLN A 321 2.71 37.59 27.37
N ARG A 322 2.01 37.72 26.24
CA ARG A 322 1.21 36.63 25.69
C ARG A 322 2.07 35.52 25.13
N ILE A 323 3.19 35.90 24.54
CA ILE A 323 4.12 34.92 23.99
C ILE A 323 4.72 34.09 25.12
N LYS A 324 5.09 34.77 26.21
CA LYS A 324 5.66 34.07 27.37
C LYS A 324 4.66 33.09 27.99
N GLN A 325 3.44 33.57 28.23
CA GLN A 325 2.39 32.77 28.87
C GLN A 325 2.01 31.51 28.09
N GLN A 326 2.17 31.54 26.78
CA GLN A 326 1.76 30.40 25.96
C GLN A 326 2.92 29.44 25.73
N GLY A 327 4.04 29.73 26.40
CA GLY A 327 5.18 28.85 26.41
C GLY A 327 6.13 29.02 25.25
N LEU A 328 6.10 30.19 24.61
CA LEU A 328 6.93 30.44 23.44
C LEU A 328 8.05 31.44 23.71
N ASN A 329 9.14 31.27 22.96
CA ASN A 329 10.28 32.17 23.02
C ASN A 329 10.44 33.19 21.87
N ILE A 330 9.45 33.24 20.98
CA ILE A 330 9.51 34.12 19.82
C ILE A 330 9.76 35.59 20.18
N LYS A 331 10.56 36.27 19.37
CA LYS A 331 10.77 37.70 19.50
C LYS A 331 9.84 38.42 18.52
N PRO A 332 9.04 39.36 19.04
CA PRO A 332 8.08 40.09 18.22
C PRO A 332 8.76 41.13 17.36
N ARG A 333 8.04 41.65 16.38
CA ARG A 333 8.48 42.85 15.67
C ARG A 333 7.27 43.73 15.37
N ILE A 334 7.36 45.01 15.71
CA ILE A 334 6.34 45.95 15.27
C ILE A 334 6.99 47.00 14.38
N LEU A 335 6.52 47.11 13.15
CA LEU A 335 7.06 48.10 12.23
C LEU A 335 6.03 49.17 11.94
N ILE A 336 6.41 50.43 12.16
CA ILE A 336 5.61 51.57 11.76
C ILE A 336 6.14 52.09 10.42
N LEU A 337 5.32 51.96 9.39
CA LEU A 337 5.69 52.33 8.03
C LEU A 337 5.33 53.77 7.72
N THR A 338 6.32 54.58 7.39
CA THR A 338 6.01 55.93 6.98
C THR A 338 6.90 56.40 5.84
N ARG A 339 6.63 57.60 5.35
CA ARG A 339 7.41 58.15 4.26
C ARG A 339 8.79 58.51 4.76
N LEU A 340 9.78 58.26 3.92
CA LEU A 340 11.12 58.74 4.18
C LEU A 340 11.24 60.15 3.60
N LEU A 341 11.56 61.13 4.44
CA LEU A 341 11.77 62.50 3.98
C LEU A 341 13.21 62.94 4.16
N PRO A 342 13.99 62.95 3.06
CA PRO A 342 15.43 63.20 3.08
C PRO A 342 15.82 64.65 3.35
N ASP A 343 14.92 65.59 3.06
CA ASP A 343 15.22 67.02 3.25
C ASP A 343 14.62 67.68 4.50
N ALA A 344 14.00 66.91 5.38
CA ALA A 344 13.43 67.51 6.57
C ALA A 344 14.50 67.53 7.64
N VAL A 345 14.99 68.71 7.95
CA VAL A 345 16.20 68.81 8.77
C VAL A 345 15.80 69.13 10.19
N GLY A 346 16.60 68.63 11.13
CA GLY A 346 16.28 68.81 12.53
C GLY A 346 15.53 67.58 12.95
N THR A 347 15.08 66.79 11.98
CA THR A 347 14.29 65.62 12.31
C THR A 347 15.06 64.36 11.97
N THR A 348 14.51 63.22 12.40
CA THR A 348 15.10 61.93 12.12
C THR A 348 14.41 61.30 10.91
N CYS A 349 13.56 62.10 10.27
CA CYS A 349 12.67 61.66 9.20
C CYS A 349 13.37 61.11 7.96
N GLY A 350 14.69 61.24 7.88
CA GLY A 350 15.42 60.78 6.71
C GLY A 350 16.15 59.46 6.88
N GLU A 351 16.05 58.84 8.05
CA GLU A 351 16.70 57.55 8.27
C GLU A 351 15.68 56.42 8.16
N ARG A 352 16.04 55.40 7.39
CA ARG A 352 15.16 54.29 7.06
C ARG A 352 14.63 53.54 8.27
N LEU A 353 15.45 53.38 9.31
CA LEU A 353 15.06 52.57 10.44
C LEU A 353 15.40 53.24 11.76
N GLU A 354 14.42 53.33 12.64
CA GLU A 354 14.56 54.03 13.91
C GLU A 354 13.85 53.28 15.03
N ARG A 355 14.57 53.00 16.12
CA ARG A 355 14.01 52.34 17.29
C ARG A 355 13.07 53.28 18.04
N VAL A 356 11.90 52.79 18.43
CA VAL A 356 10.97 53.63 19.18
C VAL A 356 11.40 53.72 20.64
N TYR A 357 11.24 54.91 21.23
CA TYR A 357 11.65 55.13 22.62
C TYR A 357 11.03 54.12 23.56
N ASP A 358 11.83 53.60 24.48
CA ASP A 358 11.29 52.74 25.53
C ASP A 358 10.64 51.47 25.01
N SER A 359 11.22 50.90 23.95
CA SER A 359 10.78 49.58 23.48
C SER A 359 11.96 48.78 22.98
N GLU A 360 11.85 47.47 23.06
CA GLU A 360 12.82 46.55 22.49
C GLU A 360 12.58 46.27 21.01
N TYR A 361 11.32 46.00 20.69
CA TYR A 361 10.94 45.49 19.37
C TYR A 361 10.20 46.38 18.35
N CYS A 362 9.87 47.61 18.72
CA CYS A 362 9.16 48.51 17.80
C CYS A 362 10.10 49.42 17.02
N ASP A 363 9.94 49.45 15.71
CA ASP A 363 10.79 50.29 14.86
C ASP A 363 9.98 51.10 13.87
N ILE A 364 10.44 52.31 13.61
CA ILE A 364 9.90 53.07 12.50
C ILE A 364 10.64 52.65 11.24
N LEU A 365 9.91 52.31 10.20
CA LEU A 365 10.50 51.96 8.93
C LEU A 365 10.07 52.99 7.87
N ARG A 366 11.02 53.68 7.27
CA ARG A 366 10.68 54.69 6.29
C ARG A 366 11.06 54.29 4.88
N VAL A 367 10.13 54.47 3.95
CA VAL A 367 10.36 54.16 2.56
C VAL A 367 10.05 55.43 1.82
N PRO A 368 10.85 55.76 0.79
CA PRO A 368 10.65 57.03 0.07
C PRO A 368 9.51 56.96 -0.94
N PHE A 369 8.92 58.11 -1.25
CA PHE A 369 7.98 58.19 -2.36
C PHE A 369 8.87 58.26 -3.60
N ARG A 370 8.38 57.78 -4.74
CA ARG A 370 9.16 57.85 -5.95
C ARG A 370 8.30 57.76 -7.20
N THR A 371 8.87 58.18 -8.32
CA THR A 371 8.24 58.05 -9.62
C THR A 371 9.23 57.45 -10.62
N GLU A 372 8.84 57.41 -11.89
CA GLU A 372 9.74 56.95 -12.94
C GLU A 372 11.02 57.79 -12.87
N LYS A 373 10.86 59.04 -12.45
CA LYS A 373 11.93 60.02 -12.42
C LYS A 373 12.94 59.82 -11.26
N GLY A 374 12.69 58.84 -10.40
CA GLY A 374 13.49 58.66 -9.19
C GLY A 374 12.72 59.10 -7.96
N ILE A 375 13.35 59.09 -6.79
CA ILE A 375 12.62 59.40 -5.55
C ILE A 375 12.23 60.88 -5.46
N VAL A 376 11.25 61.14 -4.61
CA VAL A 376 10.68 62.48 -4.39
C VAL A 376 11.01 62.94 -2.98
N ARG A 377 11.83 63.99 -2.88
CA ARG A 377 12.36 64.41 -1.60
C ARG A 377 11.42 65.24 -0.73
N LYS A 378 10.74 66.22 -1.32
CA LYS A 378 10.01 67.21 -0.53
C LYS A 378 8.76 66.69 0.17
N TRP A 379 8.50 67.22 1.36
CA TRP A 379 7.26 66.96 2.08
C TRP A 379 6.04 67.29 1.23
N ILE A 380 5.04 66.43 1.27
CA ILE A 380 3.78 66.69 0.59
C ILE A 380 2.61 66.63 1.56
N SER A 381 1.68 67.59 1.42
CA SER A 381 0.49 67.61 2.25
C SER A 381 -0.23 66.29 2.13
N ARG A 382 -0.80 65.84 3.23
CA ARG A 382 -1.58 64.62 3.26
C ARG A 382 -2.69 64.64 2.20
N PHE A 383 -3.15 65.82 1.83
CA PHE A 383 -4.19 65.96 0.83
C PHE A 383 -3.68 65.61 -0.58
N GLU A 384 -2.38 65.75 -0.77
CA GLU A 384 -1.76 65.50 -2.08
C GLU A 384 -1.00 64.17 -2.30
N VAL A 385 -0.99 63.28 -1.31
CA VAL A 385 -0.14 62.08 -1.41
C VAL A 385 -0.62 61.01 -2.39
N TRP A 386 -1.82 61.18 -2.92
CA TRP A 386 -2.53 60.07 -3.55
C TRP A 386 -1.80 59.34 -4.70
N PRO A 387 -1.19 60.11 -5.63
CA PRO A 387 -0.57 59.48 -6.80
C PRO A 387 0.64 58.61 -6.45
N TYR A 388 1.22 58.82 -5.26
CA TYR A 388 2.40 58.08 -4.86
C TYR A 388 2.11 56.80 -4.08
N LEU A 389 0.87 56.62 -3.63
CA LEU A 389 0.60 55.56 -2.64
C LEU A 389 0.74 54.13 -3.14
N GLU A 390 0.41 53.87 -4.40
CA GLU A 390 0.46 52.51 -4.93
C GLU A 390 1.89 52.00 -5.03
N THR A 391 2.78 52.85 -5.53
CA THR A 391 4.19 52.50 -5.59
C THR A 391 4.74 52.42 -4.18
N TYR A 392 4.19 53.23 -3.28
CA TYR A 392 4.61 53.15 -1.90
C TYR A 392 4.38 51.73 -1.39
N THR A 393 3.21 51.19 -1.67
CA THR A 393 2.85 49.84 -1.23
C THR A 393 3.85 48.78 -1.70
N GLU A 394 4.17 48.82 -2.98
CA GLU A 394 5.13 47.87 -3.55
C GLU A 394 6.49 47.96 -2.86
N ASP A 395 7.04 49.17 -2.77
CA ASP A 395 8.32 49.34 -2.12
C ASP A 395 8.22 48.92 -0.65
N ALA A 396 7.18 49.39 0.03
CA ALA A 396 6.97 49.06 1.43
C ALA A 396 6.99 47.55 1.67
N ALA A 397 6.33 46.82 0.78
CA ALA A 397 6.26 45.37 0.89
C ALA A 397 7.67 44.76 0.83
N VAL A 398 8.43 45.15 -0.18
CA VAL A 398 9.80 44.69 -0.33
C VAL A 398 10.63 44.95 0.91
N GLU A 399 10.39 46.09 1.54
CA GLU A 399 11.17 46.50 2.71
C GLU A 399 10.79 45.77 3.98
N LEU A 400 9.50 45.73 4.29
CA LEU A 400 9.07 45.14 5.55
C LEU A 400 9.31 43.64 5.47
N SER A 401 9.47 43.16 4.23
CA SER A 401 9.84 41.77 4.00
C SER A 401 11.27 41.50 4.45
N LYS A 402 12.19 42.40 4.11
CA LYS A 402 13.57 42.29 4.58
C LYS A 402 13.65 42.40 6.10
N GLU A 403 12.76 43.18 6.70
CA GLU A 403 12.82 43.38 8.14
C GLU A 403 12.19 42.24 8.92
N LEU A 404 11.11 41.68 8.41
CA LEU A 404 10.39 40.67 9.17
C LEU A 404 10.90 39.24 8.95
N ASN A 405 10.95 38.48 10.04
CA ASN A 405 11.16 37.05 9.94
C ASN A 405 9.77 36.44 9.83
N GLY A 406 9.43 35.94 8.65
CA GLY A 406 8.05 35.56 8.37
C GLY A 406 7.24 36.78 7.96
N LYS A 407 5.94 36.60 7.74
CA LYS A 407 5.12 37.71 7.28
C LYS A 407 4.32 38.33 8.41
N PRO A 408 3.62 39.43 8.11
CA PRO A 408 2.85 40.15 9.13
C PRO A 408 1.74 39.27 9.66
N ASP A 409 1.54 39.26 10.97
CA ASP A 409 0.40 38.58 11.54
C ASP A 409 -0.80 39.54 11.68
N LEU A 410 -0.52 40.83 11.64
CA LEU A 410 -1.57 41.83 11.65
C LEU A 410 -1.10 43.10 10.93
N ILE A 411 -1.99 43.71 10.15
CA ILE A 411 -1.70 44.98 9.50
C ILE A 411 -2.76 45.99 9.94
N ILE A 412 -2.32 47.11 10.49
CA ILE A 412 -3.24 48.14 10.96
C ILE A 412 -3.06 49.39 10.12
N GLY A 413 -4.12 49.82 9.45
CA GLY A 413 -4.11 51.04 8.66
C GLY A 413 -4.49 52.25 9.51
N ASN A 414 -3.96 53.42 9.14
CA ASN A 414 -4.20 54.67 9.87
C ASN A 414 -4.48 55.84 8.95
N TYR A 415 -5.61 56.50 9.19
CA TYR A 415 -6.14 57.58 8.35
C TYR A 415 -6.35 57.12 6.90
N SER A 416 -6.36 58.06 5.95
CA SER A 416 -6.85 57.73 4.62
C SER A 416 -5.79 57.07 3.80
N ASP A 417 -4.61 57.68 3.77
CA ASP A 417 -3.49 57.13 3.03
C ASP A 417 -3.06 55.80 3.64
N GLY A 418 -2.84 55.79 4.95
CA GLY A 418 -2.52 54.57 5.67
C GLY A 418 -3.52 53.44 5.46
N ASN A 419 -4.81 53.76 5.49
CA ASN A 419 -5.84 52.76 5.27
C ASN A 419 -5.83 52.23 3.85
N LEU A 420 -5.60 53.12 2.90
CA LEU A 420 -5.50 52.75 1.50
C LEU A 420 -4.33 51.79 1.31
N VAL A 421 -3.15 52.19 1.78
CA VAL A 421 -1.99 51.31 1.70
C VAL A 421 -2.17 50.00 2.47
N ALA A 422 -2.84 50.07 3.62
CA ALA A 422 -2.97 48.89 4.46
C ALA A 422 -3.87 47.84 3.81
N SER A 423 -4.81 48.30 2.99
CA SER A 423 -5.73 47.37 2.32
C SER A 423 -4.99 46.66 1.20
N LEU A 424 -4.29 47.41 0.39
CA LEU A 424 -3.46 46.85 -0.66
C LEU A 424 -2.48 45.82 -0.10
N LEU A 425 -1.87 46.13 1.03
CA LEU A 425 -0.91 45.20 1.61
C LEU A 425 -1.57 43.94 2.11
N ALA A 426 -2.69 44.09 2.81
CA ALA A 426 -3.37 42.93 3.40
C ALA A 426 -3.85 41.98 2.31
N HIS A 427 -4.21 42.57 1.16
CA HIS A 427 -4.66 41.83 -0.02
C HIS A 427 -3.48 41.08 -0.63
N LYS A 428 -2.41 41.82 -0.91
CA LYS A 428 -1.16 41.25 -1.40
C LYS A 428 -0.59 40.18 -0.46
N LEU A 429 -0.55 40.44 0.84
CA LEU A 429 0.09 39.49 1.76
C LEU A 429 -0.82 38.44 2.39
N GLY A 430 -2.14 38.61 2.26
CA GLY A 430 -3.06 37.70 2.92
C GLY A 430 -2.94 37.77 4.42
N VAL A 431 -3.13 38.96 4.98
CA VAL A 431 -3.01 39.18 6.41
C VAL A 431 -4.26 39.84 7.01
N THR A 432 -4.53 39.57 8.28
CA THR A 432 -5.67 40.19 8.95
C THR A 432 -5.51 41.72 9.02
N GLN A 433 -6.56 42.44 8.64
CA GLN A 433 -6.48 43.88 8.50
C GLN A 433 -7.39 44.62 9.47
N CYS A 434 -6.84 45.65 10.09
CA CYS A 434 -7.64 46.51 10.93
C CYS A 434 -7.37 47.95 10.52
N THR A 435 -8.42 48.74 10.40
CA THR A 435 -8.25 50.17 10.15
C THR A 435 -8.68 51.01 11.35
N ILE A 436 -8.05 52.18 11.45
CA ILE A 436 -8.33 53.19 12.48
C ILE A 436 -8.40 54.53 11.73
N ALA A 437 -9.55 55.20 11.74
CA ALA A 437 -9.73 56.39 10.90
C ALA A 437 -8.87 57.59 11.32
N HIS A 438 -8.92 57.91 12.61
CA HIS A 438 -8.19 59.03 13.20
C HIS A 438 -8.83 60.38 12.83
N ALA A 439 -9.61 60.37 11.76
CA ALA A 439 -10.47 61.47 11.41
C ALA A 439 -11.08 61.11 10.08
N LEU A 440 -12.24 61.67 9.78
CA LEU A 440 -12.87 61.50 8.49
C LEU A 440 -13.22 62.89 8.00
N GLU A 441 -12.55 63.30 6.95
CA GLU A 441 -12.56 64.68 6.55
C GLU A 441 -13.94 65.12 6.16
N LYS A 442 -14.73 64.20 5.61
CA LYS A 442 -16.05 64.59 5.12
C LYS A 442 -16.87 65.29 6.21
N THR A 443 -16.67 64.91 7.47
CA THR A 443 -17.33 65.53 8.61
C THR A 443 -16.62 66.80 9.09
N LYS A 444 -15.34 66.91 8.79
CA LYS A 444 -14.58 68.08 9.22
C LYS A 444 -14.84 69.25 8.29
N TYR A 445 -15.19 68.94 7.04
CA TYR A 445 -15.46 69.97 6.05
C TYR A 445 -16.90 69.83 5.58
N PRO A 446 -17.81 70.52 6.28
CA PRO A 446 -19.23 70.42 5.96
C PRO A 446 -19.50 70.63 4.47
N ASP A 447 -20.40 69.80 3.96
CA ASP A 447 -20.85 69.86 2.57
C ASP A 447 -19.72 69.68 1.59
N SER A 448 -18.62 69.06 2.03
CA SER A 448 -17.48 68.86 1.15
C SER A 448 -17.77 67.72 0.18
N ASP A 449 -18.74 66.88 0.50
CA ASP A 449 -19.16 65.85 -0.43
C ASP A 449 -19.94 66.45 -1.61
N ILE A 450 -20.97 67.24 -1.31
CA ILE A 450 -21.81 67.81 -2.35
C ILE A 450 -21.08 68.91 -3.13
N TYR A 451 -20.28 69.69 -2.42
CA TYR A 451 -19.50 70.77 -3.03
C TYR A 451 -18.09 70.34 -3.42
N TRP A 452 -17.84 69.03 -3.39
CA TRP A 452 -16.52 68.47 -3.65
C TRP A 452 -15.81 69.06 -4.88
N LYS A 453 -16.55 69.35 -5.94
CA LYS A 453 -15.91 69.75 -7.20
C LYS A 453 -15.05 71.00 -7.08
N LYS A 454 -15.57 72.03 -6.42
CA LYS A 454 -14.85 73.30 -6.31
C LYS A 454 -13.76 73.26 -5.22
N LEU A 455 -13.79 72.22 -4.40
CA LEU A 455 -12.79 72.04 -3.35
C LEU A 455 -11.66 71.15 -3.80
N ASP A 456 -11.77 70.62 -5.02
CA ASP A 456 -10.96 69.47 -5.41
C ASP A 456 -9.54 69.82 -5.81
N ASP A 457 -9.35 70.89 -6.57
CA ASP A 457 -8.00 71.25 -7.00
C ASP A 457 -7.12 71.52 -5.78
N LYS A 458 -7.77 71.86 -4.67
CA LYS A 458 -7.08 72.08 -3.41
C LYS A 458 -7.03 70.84 -2.50
N TYR A 459 -8.19 70.32 -2.10
CA TYR A 459 -8.25 69.17 -1.17
C TYR A 459 -8.30 67.74 -1.77
N HIS A 460 -8.60 67.61 -3.06
CA HIS A 460 -8.63 66.29 -3.70
C HIS A 460 -9.51 65.28 -2.98
N PHE A 461 -10.65 65.74 -2.47
CA PHE A 461 -11.54 64.91 -1.68
C PHE A 461 -12.16 63.75 -2.47
N SER A 462 -12.25 63.91 -3.80
CA SER A 462 -12.67 62.81 -4.66
C SER A 462 -11.72 61.61 -4.46
N CYS A 463 -10.42 61.88 -4.35
CA CYS A 463 -9.48 60.82 -4.04
C CYS A 463 -9.75 60.27 -2.65
N GLN A 464 -9.77 61.16 -1.66
CA GLN A 464 -9.79 60.74 -0.27
C GLN A 464 -11.01 59.90 0.07
N PHE A 465 -12.18 60.46 -0.19
CA PHE A 465 -13.43 59.80 0.12
C PHE A 465 -13.47 58.44 -0.56
N THR A 466 -12.96 58.38 -1.79
CA THR A 466 -12.90 57.11 -2.48
C THR A 466 -12.07 56.13 -1.66
N ALA A 467 -10.92 56.58 -1.20
CA ALA A 467 -10.04 55.75 -0.38
C ALA A 467 -10.77 55.34 0.88
N ASP A 468 -11.32 56.33 1.58
CA ASP A 468 -12.01 56.08 2.84
C ASP A 468 -13.04 54.96 2.73
N ILE A 469 -13.96 55.09 1.77
CA ILE A 469 -14.97 54.05 1.55
C ILE A 469 -14.33 52.71 1.18
N PHE A 470 -13.29 52.75 0.37
CA PHE A 470 -12.59 51.55 -0.06
C PHE A 470 -12.05 50.76 1.14
N ALA A 471 -11.28 51.45 1.98
CA ALA A 471 -10.66 50.83 3.14
C ALA A 471 -11.73 50.37 4.14
N MET A 472 -12.65 51.28 4.43
CA MET A 472 -13.73 51.08 5.39
C MET A 472 -14.40 49.71 5.18
N ASN A 473 -14.72 49.39 3.93
CA ASN A 473 -15.29 48.10 3.59
C ASN A 473 -14.26 46.99 3.42
N HIS A 474 -13.11 47.33 2.90
CA HIS A 474 -12.07 46.35 2.59
C HIS A 474 -11.51 45.64 3.84
N THR A 475 -11.39 46.37 4.94
CA THR A 475 -10.77 45.85 6.16
C THR A 475 -11.56 44.71 6.79
N ASP A 476 -10.89 43.93 7.64
CA ASP A 476 -11.55 42.92 8.47
C ASP A 476 -12.32 43.52 9.66
N PHE A 477 -11.65 44.35 10.44
CA PHE A 477 -12.32 45.08 11.54
C PHE A 477 -11.85 46.52 11.68
N ILE A 478 -12.72 47.35 12.26
CA ILE A 478 -12.48 48.76 12.42
C ILE A 478 -12.40 49.15 13.88
N ILE A 479 -11.41 49.95 14.24
CA ILE A 479 -11.32 50.49 15.59
C ILE A 479 -11.64 51.99 15.62
N THR A 480 -12.46 52.38 16.58
CA THR A 480 -12.80 53.79 16.79
C THR A 480 -12.47 54.12 18.24
N SER A 481 -12.23 55.40 18.51
CA SER A 481 -11.92 55.84 19.86
C SER A 481 -13.14 56.21 20.71
N THR A 482 -14.30 56.40 20.07
CA THR A 482 -15.52 56.76 20.80
C THR A 482 -16.75 56.20 20.09
N PHE A 483 -17.88 56.15 20.79
CA PHE A 483 -19.14 55.81 20.15
C PHE A 483 -19.54 56.84 19.09
N GLN A 484 -19.43 58.13 19.44
CA GLN A 484 -19.89 59.16 18.52
C GLN A 484 -19.20 59.04 17.15
N GLU A 485 -17.92 58.69 17.17
CA GLU A 485 -17.18 58.48 15.93
C GLU A 485 -18.00 57.57 14.97
N ILE A 486 -18.65 56.54 15.53
CA ILE A 486 -19.48 55.68 14.70
C ILE A 486 -20.88 56.25 14.50
N ALA A 487 -21.69 56.20 15.56
CA ALA A 487 -23.11 56.53 15.49
C ALA A 487 -23.55 57.92 15.98
N GLY A 488 -22.59 58.73 16.42
CA GLY A 488 -22.91 60.07 16.88
C GLY A 488 -23.65 60.07 18.19
N SER A 489 -24.74 60.83 18.24
CA SER A 489 -25.55 60.92 19.43
C SER A 489 -27.01 60.81 19.01
N LYS A 490 -27.92 60.97 19.95
CA LYS A 490 -29.34 60.92 19.61
C LYS A 490 -29.70 62.10 18.71
N GLU A 491 -29.18 63.28 19.02
CA GLU A 491 -29.48 64.47 18.22
C GLU A 491 -28.61 64.63 16.97
N THR A 492 -27.35 64.24 17.07
CA THR A 492 -26.39 64.50 15.98
C THR A 492 -25.87 63.21 15.31
N VAL A 493 -25.55 63.31 14.03
CA VAL A 493 -25.08 62.16 13.27
C VAL A 493 -23.60 61.84 13.54
N GLY A 494 -23.29 60.54 13.58
CA GLY A 494 -21.95 60.06 13.81
C GLY A 494 -21.03 60.20 12.61
N GLN A 495 -19.72 60.07 12.81
CA GLN A 495 -18.78 60.29 11.72
C GLN A 495 -18.88 59.24 10.63
N TYR A 496 -18.73 57.97 10.98
CA TYR A 496 -18.87 56.92 9.97
C TYR A 496 -20.31 56.95 9.45
N GLU A 497 -21.26 57.16 10.36
CA GLU A 497 -22.67 57.14 10.00
C GLU A 497 -22.98 58.10 8.86
N SER A 498 -22.28 59.23 8.83
CA SER A 498 -22.51 60.23 7.80
C SER A 498 -22.00 59.76 6.44
N HIS A 499 -21.34 58.61 6.42
CA HIS A 499 -20.85 58.01 5.18
C HIS A 499 -21.79 56.93 4.64
N THR A 500 -22.87 56.66 5.36
CA THR A 500 -23.82 55.63 4.99
C THR A 500 -24.47 55.92 3.64
N ALA A 501 -25.04 57.11 3.50
CA ALA A 501 -25.56 57.56 2.21
C ALA A 501 -25.16 58.99 1.94
N PHE A 502 -24.40 59.20 0.88
CA PHE A 502 -24.09 60.54 0.46
C PHE A 502 -23.77 60.51 -1.02
N THR A 503 -23.56 61.68 -1.61
CA THR A 503 -23.31 61.75 -3.03
C THR A 503 -22.30 62.84 -3.37
N LEU A 504 -21.56 62.63 -4.45
CA LEU A 504 -20.62 63.60 -4.96
C LEU A 504 -21.01 63.88 -6.39
N PRO A 505 -21.84 64.91 -6.59
CA PRO A 505 -22.44 65.18 -7.90
C PRO A 505 -21.43 65.22 -9.02
N GLY A 506 -21.68 64.44 -10.06
CA GLY A 506 -20.79 64.37 -11.22
C GLY A 506 -19.79 63.24 -11.14
N LEU A 507 -19.68 62.63 -9.97
CA LEU A 507 -18.64 61.64 -9.76
C LEU A 507 -19.22 60.26 -9.50
N TYR A 508 -19.90 60.12 -8.38
CA TYR A 508 -20.67 58.92 -8.11
C TYR A 508 -21.57 59.15 -6.92
N ARG A 509 -22.38 58.15 -6.61
CA ARG A 509 -23.36 58.27 -5.55
C ARG A 509 -23.22 57.06 -4.66
N VAL A 510 -23.11 57.29 -3.36
CA VAL A 510 -23.01 56.18 -2.44
C VAL A 510 -24.37 56.00 -1.79
N VAL A 511 -25.07 54.95 -2.21
CA VAL A 511 -26.40 54.69 -1.72
C VAL A 511 -26.33 54.03 -0.35
N HIS A 512 -25.50 53.01 -0.22
CA HIS A 512 -25.13 52.52 1.10
C HIS A 512 -23.61 52.35 1.14
N GLY A 513 -22.92 53.24 1.84
CA GLY A 513 -21.47 53.16 1.88
C GLY A 513 -20.91 52.43 3.08
N ILE A 514 -21.65 52.45 4.18
CA ILE A 514 -21.28 51.77 5.40
C ILE A 514 -22.51 51.66 6.26
N ASP A 515 -22.49 50.78 7.26
CA ASP A 515 -23.65 50.68 8.13
C ASP A 515 -23.22 50.73 9.57
N VAL A 516 -23.79 51.68 10.29
CA VAL A 516 -23.42 51.92 11.66
C VAL A 516 -23.50 50.64 12.53
N PHE A 517 -24.26 49.65 12.08
CA PHE A 517 -24.48 48.43 12.85
C PHE A 517 -23.53 47.31 12.46
N ASP A 518 -22.70 47.56 11.46
CA ASP A 518 -21.76 46.55 10.98
C ASP A 518 -21.01 45.98 12.17
N PRO A 519 -20.97 44.64 12.28
CA PRO A 519 -20.33 43.92 13.39
C PRO A 519 -18.81 44.09 13.43
N LYS A 520 -18.21 44.63 12.37
CA LYS A 520 -16.77 44.87 12.35
C LYS A 520 -16.33 46.07 13.20
N PHE A 521 -17.23 47.02 13.46
CA PHE A 521 -16.92 48.19 14.30
C PHE A 521 -16.63 47.76 15.73
N ASN A 522 -15.55 48.30 16.29
CA ASN A 522 -15.20 48.07 17.68
C ASN A 522 -14.68 49.34 18.34
N ILE A 523 -15.23 49.69 19.50
CA ILE A 523 -14.77 50.86 20.20
C ILE A 523 -13.68 50.45 21.19
N VAL A 524 -12.47 50.90 20.95
CA VAL A 524 -11.38 50.71 21.90
C VAL A 524 -10.73 52.07 22.13
N SER A 525 -10.88 52.59 23.33
CA SER A 525 -10.51 53.97 23.62
C SER A 525 -9.05 54.09 24.01
N PRO A 526 -8.37 55.13 23.50
CA PRO A 526 -6.95 55.34 23.77
C PRO A 526 -6.77 56.06 25.09
N GLY A 527 -5.54 56.48 25.38
CA GLY A 527 -5.22 57.12 26.65
C GLY A 527 -4.07 58.09 26.47
N ALA A 528 -3.60 58.64 27.59
CA ALA A 528 -2.40 59.47 27.58
C ALA A 528 -1.29 58.72 28.29
N ASP A 529 -0.04 58.92 27.89
CA ASP A 529 1.04 58.16 28.53
C ASP A 529 1.16 58.69 29.95
N MET A 530 0.95 57.82 30.93
CA MET A 530 0.79 58.24 32.31
C MET A 530 2.09 58.77 32.93
N SER A 531 3.21 58.46 32.29
CA SER A 531 4.48 58.99 32.77
C SER A 531 4.71 60.39 32.23
N ILE A 532 4.05 60.74 31.13
CA ILE A 532 4.02 62.12 30.65
C ILE A 532 2.95 63.01 31.29
N TYR A 533 1.75 62.47 31.42
CA TYR A 533 0.60 63.22 31.90
C TYR A 533 0.07 62.66 33.21
N PHE A 534 -0.01 63.50 34.22
CA PHE A 534 -0.54 63.08 35.49
C PHE A 534 -0.92 64.30 36.31
N PRO A 535 -1.58 64.08 37.45
CA PRO A 535 -2.15 65.20 38.20
C PRO A 535 -1.10 66.22 38.61
N TYR A 536 -1.44 67.50 38.47
CA TYR A 536 -0.50 68.59 38.73
C TYR A 536 -0.15 68.64 40.22
N THR A 537 -0.95 67.94 41.01
CA THR A 537 -0.85 67.98 42.48
C THR A 537 0.03 66.90 43.09
N GLU A 538 0.73 66.13 42.26
CA GLU A 538 1.68 65.18 42.81
C GLU A 538 3.02 65.87 42.70
N GLU A 539 3.51 66.39 43.81
CA GLU A 539 4.64 67.34 43.79
C GLU A 539 5.94 66.64 43.48
N LYS A 540 6.17 65.52 44.13
CA LYS A 540 7.41 64.78 43.95
C LYS A 540 7.64 64.51 42.47
N ARG A 541 6.55 64.38 41.71
CA ARG A 541 6.62 64.14 40.27
C ARG A 541 6.81 65.37 39.38
N ARG A 542 6.33 66.53 39.82
CA ARG A 542 6.42 67.72 38.99
C ARG A 542 7.84 67.89 38.50
N LEU A 543 8.00 68.23 37.23
CA LEU A 543 9.34 68.31 36.69
C LEU A 543 9.75 69.77 36.75
N THR A 544 10.54 70.11 37.76
CA THR A 544 10.76 71.51 38.09
C THR A 544 11.96 72.06 37.33
N LYS A 545 12.75 71.18 36.75
CA LYS A 545 13.89 71.64 35.99
C LYS A 545 13.40 72.37 34.74
N PHE A 546 12.10 72.27 34.48
CA PHE A 546 11.50 72.93 33.32
C PHE A 546 10.90 74.30 33.66
N HIS A 547 11.00 74.71 34.91
CA HIS A 547 10.32 75.94 35.31
C HIS A 547 10.89 77.20 34.66
N SER A 548 12.20 77.38 34.73
CA SER A 548 12.83 78.51 34.06
C SER A 548 12.38 78.62 32.58
N GLU A 549 12.55 77.54 31.82
CA GLU A 549 12.20 77.57 30.41
C GLU A 549 10.73 77.95 30.23
N ILE A 550 9.85 77.34 31.01
CA ILE A 550 8.42 77.57 30.86
C ILE A 550 8.03 79.00 31.19
N GLU A 551 8.55 79.52 32.30
CA GLU A 551 8.23 80.88 32.70
C GLU A 551 8.68 81.86 31.62
N GLU A 552 9.81 81.58 30.98
CA GLU A 552 10.23 82.42 29.88
C GLU A 552 9.22 82.31 28.74
N LEU A 553 8.78 81.09 28.48
CA LEU A 553 7.86 80.80 27.38
C LEU A 553 6.57 81.61 27.48
N LEU A 554 5.97 81.58 28.67
CA LEU A 554 4.73 82.26 28.96
C LEU A 554 4.92 83.75 29.18
N TYR A 555 5.74 84.07 30.18
CA TYR A 555 5.80 85.40 30.80
C TYR A 555 6.89 86.40 30.37
N SER A 556 7.83 86.00 29.52
CA SER A 556 8.92 86.89 29.19
C SER A 556 8.44 88.04 28.31
N ASP A 557 9.23 89.10 28.22
CA ASP A 557 8.89 90.24 27.36
C ASP A 557 9.51 90.19 25.97
N VAL A 558 10.15 89.08 25.62
CA VAL A 558 10.75 88.95 24.30
C VAL A 558 9.75 88.46 23.27
N GLU A 559 9.65 89.18 22.15
CA GLU A 559 8.78 88.79 21.05
C GLU A 559 9.62 88.28 19.90
N ASN A 560 9.36 87.05 19.47
CA ASN A 560 10.13 86.41 18.40
C ASN A 560 9.36 85.24 17.80
N LYS A 561 10.02 84.53 16.92
CA LYS A 561 9.36 83.43 16.23
C LYS A 561 8.96 82.29 17.18
N GLU A 562 9.50 82.27 18.39
CA GLU A 562 9.10 81.28 19.39
C GLU A 562 7.79 81.65 20.09
N HIS A 563 7.64 82.93 20.42
CA HIS A 563 6.42 83.42 21.04
C HIS A 563 6.16 84.87 20.66
N LEU A 564 4.88 85.20 20.47
CA LEU A 564 4.47 86.55 20.08
C LEU A 564 3.55 87.22 21.10
N CYS A 565 3.53 88.54 21.06
CA CYS A 565 3.00 89.40 22.13
C CYS A 565 3.55 89.14 23.52
N VAL A 566 2.80 89.59 24.52
CA VAL A 566 3.34 89.64 25.88
C VAL A 566 2.24 89.63 26.95
N LEU A 567 2.46 88.90 28.03
CA LEU A 567 1.51 88.90 29.13
C LEU A 567 1.90 90.01 30.06
N LYS A 568 0.99 90.96 30.28
CA LYS A 568 1.24 92.13 31.12
C LYS A 568 1.14 91.78 32.59
N ASP A 569 0.25 90.84 32.92
CA ASP A 569 0.00 90.47 34.30
C ASP A 569 0.24 88.97 34.50
N LYS A 570 1.24 88.63 35.31
CA LYS A 570 1.67 87.24 35.46
C LYS A 570 0.80 86.41 36.41
N LYS A 571 -0.05 87.09 37.17
CA LYS A 571 -0.84 86.44 38.22
C LYS A 571 -2.26 86.00 37.83
N LYS A 572 -2.75 86.41 36.66
CA LYS A 572 -4.07 85.97 36.21
C LYS A 572 -4.02 84.48 35.84
N PRO A 573 -5.17 83.80 35.93
CA PRO A 573 -5.29 82.43 35.42
C PRO A 573 -5.06 82.43 33.91
N ILE A 574 -4.58 81.32 33.36
CA ILE A 574 -4.37 81.22 31.92
C ILE A 574 -5.40 80.35 31.21
N LEU A 575 -6.05 80.92 30.20
CA LEU A 575 -6.90 80.17 29.30
C LEU A 575 -5.96 79.58 28.25
N PHE A 576 -5.88 78.26 28.19
CA PHE A 576 -4.84 77.60 27.42
C PHE A 576 -5.36 76.73 26.28
N THR A 577 -4.63 76.73 25.16
CA THR A 577 -4.87 75.77 24.10
C THR A 577 -3.58 75.44 23.33
N MET A 578 -3.52 74.22 22.80
CA MET A 578 -2.39 73.75 22.02
C MET A 578 -2.89 72.84 20.88
N ALA A 579 -2.37 73.02 19.67
CA ALA A 579 -2.84 72.24 18.55
C ALA A 579 -2.10 72.59 17.27
N ARG A 580 -2.17 71.68 16.30
CA ARG A 580 -1.73 72.03 14.96
C ARG A 580 -2.58 73.23 14.60
N LEU A 581 -2.02 74.10 13.76
CA LEU A 581 -2.72 75.28 13.35
C LEU A 581 -3.31 75.06 11.97
N ASP A 582 -4.62 74.85 11.93
CA ASP A 582 -5.34 74.88 10.66
C ASP A 582 -6.77 75.39 10.85
N ARG A 583 -7.52 75.43 9.75
CA ARG A 583 -8.80 76.09 9.75
C ARG A 583 -9.78 75.41 10.69
N VAL A 584 -9.83 74.08 10.66
CA VAL A 584 -10.80 73.36 11.46
C VAL A 584 -10.49 73.50 12.95
N LYS A 585 -9.21 73.59 13.31
CA LYS A 585 -8.85 73.78 14.70
C LYS A 585 -9.38 75.12 15.22
N ASN A 586 -9.58 76.05 14.30
CA ASN A 586 -10.30 77.27 14.62
C ASN A 586 -9.65 78.05 15.75
N LEU A 587 -8.34 77.95 15.85
CA LEU A 587 -7.62 78.74 16.84
C LEU A 587 -7.89 80.25 16.67
N SER A 588 -7.95 80.70 15.42
CA SER A 588 -8.22 82.09 15.13
C SER A 588 -9.60 82.45 15.65
N GLY A 589 -10.50 81.47 15.66
CA GLY A 589 -11.83 81.66 16.22
C GLY A 589 -11.79 81.96 17.70
N LEU A 590 -11.14 81.09 18.46
CA LEU A 590 -10.92 81.30 19.89
C LEU A 590 -10.37 82.70 20.15
N VAL A 591 -9.33 83.08 19.41
CA VAL A 591 -8.74 84.42 19.59
C VAL A 591 -9.79 85.53 19.42
N GLU A 592 -10.58 85.47 18.35
CA GLU A 592 -11.60 86.47 18.15
C GLU A 592 -12.57 86.54 19.32
N TRP A 593 -13.13 85.40 19.68
CA TRP A 593 -14.07 85.35 20.80
C TRP A 593 -13.51 86.08 22.02
N TYR A 594 -12.26 85.75 22.36
CA TYR A 594 -11.62 86.29 23.54
C TYR A 594 -11.40 87.80 23.41
N GLY A 595 -10.92 88.21 22.25
CA GLY A 595 -10.65 89.62 22.00
C GLY A 595 -11.89 90.48 22.19
N LYS A 596 -13.03 89.98 21.75
CA LYS A 596 -14.31 90.69 21.85
C LYS A 596 -14.87 90.76 23.26
N ASN A 597 -14.50 89.82 24.12
CA ASN A 597 -15.20 89.70 25.39
C ASN A 597 -14.38 90.29 26.52
N THR A 598 -14.81 91.47 26.97
CA THR A 598 -14.06 92.27 27.93
C THR A 598 -14.04 91.57 29.26
N ARG A 599 -15.14 90.89 29.57
CA ARG A 599 -15.29 90.23 30.84
C ARG A 599 -14.26 89.11 30.95
N LEU A 600 -14.15 88.28 29.92
CA LEU A 600 -13.17 87.19 29.90
C LEU A 600 -11.74 87.73 29.94
N ARG A 601 -11.45 88.75 29.13
CA ARG A 601 -10.12 89.36 29.07
C ARG A 601 -9.70 89.89 30.42
N GLU A 602 -10.68 90.34 31.19
CA GLU A 602 -10.41 90.85 32.53
C GLU A 602 -9.98 89.70 33.44
N LEU A 603 -10.66 88.56 33.32
CA LEU A 603 -10.44 87.44 34.23
C LEU A 603 -9.20 86.59 33.95
N ALA A 604 -8.79 86.50 32.69
CA ALA A 604 -7.74 85.55 32.30
C ALA A 604 -6.88 85.99 31.11
N ASN A 605 -5.66 85.46 31.05
CA ASN A 605 -4.80 85.58 29.88
C ASN A 605 -5.02 84.45 28.86
N LEU A 606 -4.93 84.78 27.57
CA LEU A 606 -5.01 83.77 26.53
C LEU A 606 -3.62 83.35 26.06
N VAL A 607 -3.31 82.08 26.25
CA VAL A 607 -2.09 81.49 25.69
C VAL A 607 -2.46 80.41 24.67
N VAL A 608 -2.01 80.60 23.44
CA VAL A 608 -2.31 79.70 22.35
C VAL A 608 -1.04 79.17 21.73
N VAL A 609 -0.85 77.85 21.81
CA VAL A 609 0.23 77.21 21.07
C VAL A 609 -0.32 76.67 19.77
N GLY A 610 0.05 77.29 18.66
CA GLY A 610 -0.11 76.62 17.39
C GLY A 610 0.55 77.30 16.21
N GLY A 611 1.04 76.47 15.29
CA GLY A 611 1.86 76.93 14.18
C GLY A 611 3.34 77.01 14.57
N ASP A 612 4.21 76.75 13.61
CA ASP A 612 5.63 76.94 13.86
C ASP A 612 6.15 78.11 13.03
N ARG A 613 6.40 79.22 13.70
CA ARG A 613 6.80 80.44 13.03
C ARG A 613 8.32 80.56 12.87
N ARG A 614 9.07 79.59 13.40
CA ARG A 614 10.51 79.52 13.20
C ARG A 614 10.85 79.47 11.71
N LYS A 615 10.02 78.76 10.96
CA LYS A 615 10.25 78.60 9.54
C LYS A 615 9.14 79.22 8.71
N GLU A 616 9.34 79.19 7.40
CA GLU A 616 8.35 79.66 6.45
C GLU A 616 7.37 78.54 6.27
N SER A 617 6.08 78.81 6.43
CA SER A 617 5.10 77.73 6.34
C SER A 617 4.86 77.28 4.92
N LYS A 618 4.90 75.97 4.72
CA LYS A 618 4.61 75.39 3.42
C LYS A 618 3.19 74.84 3.30
N ASP A 619 2.42 74.91 4.39
CA ASP A 619 1.06 74.39 4.37
C ASP A 619 0.05 75.51 4.11
N ASN A 620 -0.87 75.27 3.18
CA ASN A 620 -1.87 76.26 2.87
C ASN A 620 -2.58 76.78 4.11
N GLU A 621 -3.39 75.91 4.73
CA GLU A 621 -4.22 76.35 5.84
C GLU A 621 -3.44 77.07 6.94
N GLU A 622 -2.24 76.59 7.25
CA GLU A 622 -1.42 77.20 8.29
C GLU A 622 -1.12 78.66 7.94
N LYS A 623 -0.63 78.90 6.72
CA LYS A 623 -0.40 80.25 6.21
C LYS A 623 -1.61 81.16 6.35
N ALA A 624 -2.75 80.71 5.84
CA ALA A 624 -3.98 81.50 5.92
C ALA A 624 -4.30 81.83 7.36
N GLU A 625 -4.04 80.84 8.21
CA GLU A 625 -4.46 80.90 9.59
C GLU A 625 -3.53 81.83 10.36
N MET A 626 -2.27 81.83 9.97
CA MET A 626 -1.29 82.72 10.59
C MET A 626 -1.65 84.18 10.37
N LYS A 627 -2.04 84.53 9.15
CA LYS A 627 -2.43 85.90 8.84
C LYS A 627 -3.61 86.37 9.70
N LYS A 628 -4.65 85.54 9.77
CA LYS A 628 -5.78 85.85 10.64
C LYS A 628 -5.26 86.19 12.03
N MET A 629 -4.40 85.31 12.56
CA MET A 629 -3.88 85.49 13.92
C MET A 629 -3.23 86.87 14.06
N TYR A 630 -2.32 87.18 13.15
CA TYR A 630 -1.63 88.46 13.16
C TYR A 630 -2.62 89.62 13.18
N ASP A 631 -3.58 89.58 12.25
CA ASP A 631 -4.61 90.62 12.19
C ASP A 631 -5.38 90.74 13.50
N LEU A 632 -5.87 89.61 14.02
CA LEU A 632 -6.62 89.63 15.27
C LEU A 632 -5.81 90.30 16.38
N ILE A 633 -4.50 90.07 16.38
CA ILE A 633 -3.65 90.70 17.38
C ILE A 633 -3.83 92.23 17.35
N GLU A 634 -3.82 92.81 16.15
CA GLU A 634 -3.98 94.24 15.98
C GLU A 634 -5.42 94.70 16.15
N GLU A 635 -6.36 94.01 15.49
CA GLU A 635 -7.77 94.39 15.55
C GLU A 635 -8.26 94.53 17.00
N TYR A 636 -8.06 93.49 17.81
CA TYR A 636 -8.54 93.46 19.19
C TYR A 636 -7.51 93.91 20.20
N LYS A 637 -6.41 94.47 19.69
CA LYS A 637 -5.36 95.06 20.53
C LYS A 637 -5.06 94.11 21.69
N LEU A 638 -4.60 92.92 21.34
CA LEU A 638 -4.50 91.81 22.27
C LEU A 638 -3.22 91.85 23.07
N ASN A 639 -2.29 92.72 22.66
CA ASN A 639 -1.02 92.76 23.33
C ASN A 639 -1.17 93.03 24.82
N GLY A 640 -0.49 92.23 25.63
CA GLY A 640 -0.55 92.34 27.07
C GLY A 640 -1.53 91.39 27.72
N GLN A 641 -2.56 90.98 26.97
CA GLN A 641 -3.50 89.96 27.44
C GLN A 641 -3.32 88.57 26.78
N PHE A 642 -2.36 88.46 25.86
CA PHE A 642 -2.31 87.34 24.91
C PHE A 642 -0.88 86.92 24.63
N ARG A 643 -0.65 85.61 24.55
CA ARG A 643 0.67 85.07 24.21
C ARG A 643 0.56 83.97 23.16
N TRP A 644 1.13 84.21 21.98
CA TRP A 644 1.02 83.25 20.89
C TRP A 644 2.30 82.46 20.72
N ILE A 645 2.26 81.18 21.11
CA ILE A 645 3.46 80.36 21.21
C ILE A 645 3.55 79.38 20.04
N SER A 646 4.75 79.21 19.52
CA SER A 646 5.02 78.27 18.41
C SER A 646 5.00 76.81 18.86
N SER A 647 4.92 75.90 17.90
CA SER A 647 4.74 74.48 18.20
C SER A 647 5.69 74.00 19.26
N GLN A 648 5.13 73.32 20.25
CA GLN A 648 5.91 72.77 21.34
C GLN A 648 6.08 71.30 21.06
N MET A 649 7.30 70.89 20.75
CA MET A 649 7.53 69.59 20.15
C MET A 649 7.94 68.48 21.11
N ASP A 650 8.17 68.82 22.36
CA ASP A 650 8.59 67.83 23.33
C ASP A 650 7.47 67.50 24.30
N ARG A 651 6.97 66.27 24.18
CA ARG A 651 5.89 65.84 25.03
C ARG A 651 6.28 65.93 26.52
N VAL A 652 7.54 65.67 26.84
CA VAL A 652 7.89 65.57 28.25
C VAL A 652 7.60 66.88 28.97
N ARG A 653 8.20 67.96 28.48
CA ARG A 653 7.96 69.29 29.03
C ARG A 653 6.50 69.69 28.83
N ASN A 654 5.94 69.28 27.69
CA ASN A 654 4.53 69.57 27.40
C ASN A 654 3.63 69.11 28.52
N GLY A 655 3.94 67.93 29.07
CA GLY A 655 3.22 67.43 30.22
C GLY A 655 3.27 68.44 31.34
N GLU A 656 4.46 69.00 31.57
CA GLU A 656 4.65 69.97 32.64
C GLU A 656 3.91 71.27 32.32
N LEU A 657 3.92 71.69 31.07
CA LEU A 657 3.21 72.90 30.66
C LEU A 657 1.74 72.85 31.08
N TYR A 658 1.09 71.71 30.88
CA TYR A 658 -0.29 71.54 31.32
C TYR A 658 -0.37 71.75 32.83
N ARG A 659 0.40 70.96 33.57
CA ARG A 659 0.43 71.03 35.01
C ARG A 659 0.64 72.46 35.48
N TYR A 660 1.43 73.22 34.72
CA TYR A 660 1.71 74.59 35.10
C TYR A 660 0.46 75.47 34.94
N ILE A 661 -0.27 75.29 33.84
CA ILE A 661 -1.52 76.00 33.67
C ILE A 661 -2.43 75.74 34.87
N CYS A 662 -2.50 74.50 35.33
CA CYS A 662 -3.28 74.17 36.52
C CYS A 662 -2.87 75.01 37.72
N ASP A 663 -1.57 75.22 37.88
CA ASP A 663 -1.05 76.04 38.97
C ASP A 663 -1.71 77.43 38.98
N THR A 664 -1.84 78.05 37.81
CA THR A 664 -2.46 79.36 37.70
C THR A 664 -3.97 79.28 37.91
N LYS A 665 -4.47 78.05 38.07
CA LYS A 665 -5.90 77.81 38.19
C LYS A 665 -6.59 78.23 36.90
N GLY A 666 -5.96 77.87 35.78
CA GLY A 666 -6.45 78.23 34.47
C GLY A 666 -7.41 77.18 33.97
N ALA A 667 -7.52 77.07 32.65
CA ALA A 667 -8.38 76.06 32.04
C ALA A 667 -7.91 75.75 30.62
N PHE A 668 -8.25 74.56 30.12
CA PHE A 668 -7.96 74.21 28.73
C PHE A 668 -9.21 74.42 27.91
N VAL A 669 -9.02 74.89 26.68
CA VAL A 669 -10.15 75.13 25.80
C VAL A 669 -9.82 74.65 24.41
N GLN A 670 -10.75 73.93 23.81
CA GLN A 670 -10.51 73.33 22.51
C GLN A 670 -11.63 73.75 21.57
N PRO A 671 -11.43 74.88 20.86
CA PRO A 671 -12.52 75.47 20.07
C PRO A 671 -12.60 75.00 18.62
N ALA A 672 -12.48 73.71 18.36
CA ALA A 672 -12.44 73.25 16.98
C ALA A 672 -13.85 73.26 16.40
N LEU A 673 -13.96 73.49 15.09
CA LEU A 673 -15.27 73.43 14.45
C LEU A 673 -15.72 71.98 14.40
N TYR A 674 -14.77 71.08 14.23
CA TYR A 674 -15.03 69.66 14.42
C TYR A 674 -13.72 69.03 14.91
N GLU A 675 -13.84 68.11 15.87
CA GLU A 675 -12.68 67.42 16.41
C GLU A 675 -13.00 65.94 16.46
N ALA A 676 -12.29 65.13 15.68
CA ALA A 676 -12.64 63.71 15.55
C ALA A 676 -12.48 62.97 16.87
N PHE A 677 -11.39 63.23 17.58
CA PHE A 677 -11.24 62.69 18.93
C PHE A 677 -10.83 63.72 19.98
N GLY A 678 -9.65 64.32 19.82
CA GLY A 678 -9.09 65.19 20.84
C GLY A 678 -8.21 64.66 21.97
N LEU A 679 -7.10 64.03 21.61
CA LEU A 679 -6.09 63.65 22.60
C LEU A 679 -5.70 64.80 23.57
N THR A 680 -5.68 66.05 23.12
CA THR A 680 -5.30 67.15 24.04
C THR A 680 -6.33 67.32 25.14
N VAL A 681 -7.59 66.99 24.84
CA VAL A 681 -8.63 66.99 25.85
C VAL A 681 -8.32 65.91 26.88
N VAL A 682 -7.94 64.73 26.42
CA VAL A 682 -7.54 63.67 27.34
C VAL A 682 -6.32 64.09 28.17
N GLU A 683 -5.37 64.75 27.52
CA GLU A 683 -4.16 65.17 28.20
C GLU A 683 -4.46 66.21 29.28
N ALA A 684 -5.23 67.23 28.92
CA ALA A 684 -5.64 68.25 29.88
C ALA A 684 -6.38 67.64 31.07
N MET A 685 -7.40 66.83 30.80
CA MET A 685 -8.14 66.20 31.89
C MET A 685 -7.23 65.35 32.77
N THR A 686 -6.23 64.72 32.16
CA THR A 686 -5.34 63.83 32.88
C THR A 686 -4.45 64.57 33.87
N CYS A 687 -4.14 65.83 33.56
CA CYS A 687 -3.23 66.60 34.40
C CYS A 687 -3.97 67.40 35.47
N GLY A 688 -5.30 67.43 35.41
CA GLY A 688 -6.10 68.12 36.40
C GLY A 688 -6.65 69.45 35.91
N LEU A 689 -6.44 69.73 34.63
CA LEU A 689 -6.84 71.00 34.04
C LEU A 689 -8.26 70.98 33.47
N PRO A 690 -9.19 71.69 34.13
CA PRO A 690 -10.59 71.76 33.70
C PRO A 690 -10.68 72.12 32.23
N THR A 691 -11.52 71.40 31.48
CA THR A 691 -11.55 71.58 30.03
C THR A 691 -12.89 72.05 29.49
N PHE A 692 -12.83 73.00 28.55
CA PHE A 692 -13.97 73.42 27.76
C PHE A 692 -13.70 73.04 26.31
N ALA A 693 -14.40 72.02 25.80
CA ALA A 693 -14.13 71.51 24.45
C ALA A 693 -15.32 71.58 23.53
N THR A 694 -15.04 71.73 22.24
CA THR A 694 -16.08 71.77 21.23
C THR A 694 -17.06 70.62 21.32
N CYS A 695 -18.33 70.93 21.12
CA CYS A 695 -19.40 69.95 21.19
C CYS A 695 -19.52 69.16 19.87
N LYS A 696 -18.72 69.53 18.88
CA LYS A 696 -18.78 68.92 17.55
C LYS A 696 -17.69 67.86 17.41
N GLY A 697 -18.08 66.59 17.28
CA GLY A 697 -17.14 65.49 17.22
C GLY A 697 -16.93 64.76 18.55
N GLY A 698 -15.80 64.06 18.63
CA GLY A 698 -15.49 63.21 19.77
C GLY A 698 -15.56 63.82 21.17
N PRO A 699 -15.04 65.05 21.36
CA PRO A 699 -15.01 65.53 22.75
C PRO A 699 -16.40 65.56 23.39
N ALA A 700 -17.45 65.57 22.57
CA ALA A 700 -18.81 65.59 23.08
C ALA A 700 -19.02 64.37 23.95
N GLU A 701 -18.40 63.26 23.57
CA GLU A 701 -18.44 62.02 24.36
C GLU A 701 -17.41 61.99 25.50
N ILE A 702 -16.21 62.50 25.23
CA ILE A 702 -15.19 62.47 26.26
C ILE A 702 -15.66 63.12 27.54
N ILE A 703 -16.19 64.33 27.42
CA ILE A 703 -16.56 65.13 28.58
C ILE A 703 -18.03 64.98 28.96
N VAL A 704 -18.31 64.92 30.25
CA VAL A 704 -19.68 65.00 30.74
C VAL A 704 -19.91 66.43 31.23
N HIS A 705 -20.75 67.17 30.53
CA HIS A 705 -20.94 68.59 30.81
C HIS A 705 -21.34 68.86 32.25
N GLY A 706 -20.56 69.69 32.92
CA GLY A 706 -20.83 70.07 34.29
C GLY A 706 -20.17 69.18 35.31
N LYS A 707 -19.67 68.03 34.86
CA LYS A 707 -19.15 67.01 35.76
C LYS A 707 -17.66 66.75 35.52
N SER A 708 -17.32 66.31 34.33
CA SER A 708 -15.92 66.09 33.97
C SER A 708 -15.31 67.24 33.15
N GLY A 709 -16.10 68.26 32.86
CA GLY A 709 -15.67 69.39 32.06
C GLY A 709 -16.88 70.15 31.52
N PHE A 710 -16.70 70.89 30.43
CA PHE A 710 -17.83 71.57 29.84
C PHE A 710 -17.78 71.54 28.33
N HIS A 711 -18.95 71.66 27.71
CA HIS A 711 -19.03 71.76 26.27
C HIS A 711 -19.24 73.20 25.86
N ILE A 712 -18.65 73.57 24.73
CA ILE A 712 -18.92 74.86 24.15
C ILE A 712 -19.21 74.64 22.67
N ASP A 713 -19.99 75.52 22.07
CA ASP A 713 -20.35 75.34 20.67
C ASP A 713 -19.61 76.35 19.84
N PRO A 714 -18.66 75.88 19.03
CA PRO A 714 -17.80 76.75 18.26
C PRO A 714 -18.59 77.66 17.34
N TYR A 715 -19.83 77.30 17.05
CA TYR A 715 -20.65 78.14 16.20
C TYR A 715 -21.26 79.31 16.98
N HIS A 716 -21.41 79.16 18.29
CA HIS A 716 -21.71 80.33 19.09
C HIS A 716 -20.51 80.59 19.98
N GLY A 717 -19.65 81.51 19.53
CA GLY A 717 -18.36 81.70 20.17
C GLY A 717 -18.44 82.71 21.27
N ASP A 718 -19.37 83.66 21.14
CA ASP A 718 -19.53 84.69 22.14
C ASP A 718 -20.09 84.03 23.40
N GLN A 719 -20.94 83.02 23.23
CA GLN A 719 -21.43 82.26 24.37
C GLN A 719 -20.33 81.39 24.93
N ALA A 720 -19.48 80.86 24.05
CA ALA A 720 -18.30 80.16 24.49
C ALA A 720 -17.51 81.09 25.41
N ALA A 721 -17.27 82.30 24.94
CA ALA A 721 -16.50 83.29 25.70
C ALA A 721 -17.14 83.65 27.03
N ASP A 722 -18.47 83.67 27.06
CA ASP A 722 -19.18 83.97 28.30
C ASP A 722 -19.16 82.79 29.27
N THR A 723 -19.28 81.57 28.75
CA THR A 723 -19.24 80.39 29.60
C THR A 723 -17.91 80.40 30.34
N LEU A 724 -16.84 80.60 29.59
CA LEU A 724 -15.52 80.72 30.16
C LEU A 724 -15.48 81.79 31.25
N ALA A 725 -15.98 82.96 30.90
CA ALA A 725 -16.10 84.06 31.85
C ALA A 725 -16.85 83.63 33.10
N ASP A 726 -17.98 82.96 32.93
CA ASP A 726 -18.75 82.54 34.08
C ASP A 726 -17.90 81.63 34.97
N PHE A 727 -17.31 80.59 34.37
CA PHE A 727 -16.48 79.66 35.11
C PHE A 727 -15.42 80.38 35.93
N PHE A 728 -14.68 81.29 35.31
CA PHE A 728 -13.63 81.99 36.03
C PHE A 728 -14.21 82.86 37.15
N THR A 729 -15.35 83.49 36.91
CA THR A 729 -16.00 84.27 37.96
C THR A 729 -16.36 83.38 39.14
N LYS A 730 -17.14 82.35 38.89
CA LYS A 730 -17.51 81.40 39.94
C LYS A 730 -16.25 80.96 40.67
N CYS A 731 -15.21 80.63 39.91
CA CYS A 731 -13.98 80.10 40.50
C CYS A 731 -13.30 81.10 41.40
N LYS A 732 -13.49 82.38 41.08
CA LYS A 732 -12.92 83.46 41.87
C LYS A 732 -13.71 83.59 43.18
N GLU A 733 -15.02 83.41 43.11
CA GLU A 733 -15.88 83.53 44.29
C GLU A 733 -15.84 82.27 45.15
N ASP A 734 -15.88 81.11 44.50
CA ASP A 734 -15.69 79.83 45.19
C ASP A 734 -14.62 78.97 44.53
N PRO A 735 -13.38 79.04 45.06
CA PRO A 735 -12.26 78.29 44.49
C PRO A 735 -12.51 76.78 44.40
N SER A 736 -13.33 76.23 45.29
CA SER A 736 -13.54 74.79 45.27
C SER A 736 -14.30 74.35 44.03
N HIS A 737 -14.86 75.32 43.30
CA HIS A 737 -15.57 75.02 42.06
C HIS A 737 -14.61 74.47 41.02
N TRP A 738 -13.43 75.08 40.96
CA TRP A 738 -12.35 74.64 40.10
C TRP A 738 -12.02 73.18 40.41
N ASP A 739 -11.70 72.91 41.67
CA ASP A 739 -11.33 71.56 42.11
C ASP A 739 -12.33 70.45 41.74
N GLU A 740 -13.63 70.74 41.87
CA GLU A 740 -14.67 69.79 41.50
C GLU A 740 -14.46 69.30 40.09
N ILE A 741 -14.35 70.25 39.17
CA ILE A 741 -14.18 69.92 37.76
C ILE A 741 -12.88 69.16 37.53
N SER A 742 -11.82 69.63 38.18
CA SER A 742 -10.52 68.96 38.07
C SER A 742 -10.64 67.49 38.46
N LYS A 743 -11.35 67.20 39.54
CA LYS A 743 -11.53 65.83 40.01
C LYS A 743 -12.43 65.05 39.05
N GLY A 744 -13.54 65.67 38.67
CA GLY A 744 -14.43 65.09 37.70
C GLY A 744 -13.66 64.66 36.48
N GLY A 745 -12.77 65.54 36.03
CA GLY A 745 -11.95 65.28 34.86
C GLY A 745 -11.03 64.09 35.08
N LEU A 746 -10.38 64.05 36.23
CA LEU A 746 -9.47 62.95 36.54
C LEU A 746 -10.19 61.61 36.56
N GLN A 747 -11.23 61.49 37.37
CA GLN A 747 -11.99 60.25 37.46
C GLN A 747 -12.55 59.82 36.10
N ARG A 748 -13.05 60.78 35.34
CA ARG A 748 -13.58 60.51 34.02
C ARG A 748 -12.53 59.82 33.15
N ILE A 749 -11.31 60.33 33.19
CA ILE A 749 -10.22 59.71 32.45
C ILE A 749 -9.94 58.29 32.94
N GLU A 750 -9.82 58.14 34.26
CA GLU A 750 -9.52 56.85 34.87
C GLU A 750 -10.44 55.77 34.30
N GLU A 751 -11.73 56.09 34.25
CA GLU A 751 -12.74 55.13 33.85
C GLU A 751 -12.70 54.77 32.35
N LYS A 752 -12.73 55.77 31.49
CA LYS A 752 -12.88 55.58 30.04
C LYS A 752 -11.58 55.42 29.23
N TYR A 753 -10.69 56.41 29.31
CA TYR A 753 -9.53 56.41 28.43
C TYR A 753 -8.18 56.15 29.10
N THR A 754 -7.69 54.92 28.94
CA THR A 754 -6.40 54.47 29.46
C THR A 754 -5.89 53.32 28.60
N TRP A 755 -4.57 53.21 28.47
CA TRP A 755 -3.96 52.29 27.51
C TRP A 755 -3.94 50.81 27.91
N GLN A 756 -4.00 50.53 29.21
CA GLN A 756 -3.86 49.14 29.69
C GLN A 756 -4.73 48.17 28.90
N ILE A 757 -6.03 48.37 29.02
CA ILE A 757 -7.01 47.54 28.33
C ILE A 757 -6.82 47.49 26.80
N TYR A 758 -6.36 48.60 26.21
CA TYR A 758 -6.29 48.69 24.75
C TYR A 758 -5.64 47.47 24.12
N SER A 759 -4.42 47.16 24.57
CA SER A 759 -3.68 46.07 23.97
C SER A 759 -4.43 44.74 23.98
N GLN A 760 -4.83 44.26 25.17
CA GLN A 760 -5.53 42.99 25.25
C GLN A 760 -6.65 42.93 24.24
N ARG A 761 -7.49 43.96 24.26
CA ARG A 761 -8.68 44.01 23.44
C ARG A 761 -8.29 43.86 21.98
N LEU A 762 -7.26 44.58 21.58
CA LEU A 762 -6.84 44.58 20.19
C LEU A 762 -6.34 43.20 19.78
N LEU A 763 -5.60 42.55 20.66
CA LEU A 763 -5.08 41.22 20.35
C LEU A 763 -6.19 40.17 20.30
N THR A 764 -7.20 40.33 21.17
CA THR A 764 -8.34 39.43 21.15
C THR A 764 -9.13 39.64 19.87
N LEU A 765 -9.28 40.91 19.47
CA LEU A 765 -10.02 41.21 18.25
C LEU A 765 -9.40 40.48 17.06
N THR A 766 -8.08 40.54 16.97
CA THR A 766 -7.34 39.89 15.88
C THR A 766 -7.60 38.39 15.88
N GLY A 767 -7.64 37.80 17.06
CA GLY A 767 -7.91 36.38 17.20
C GLY A 767 -9.29 36.04 16.66
N VAL A 768 -10.30 36.76 17.12
CA VAL A 768 -11.65 36.48 16.69
C VAL A 768 -11.84 36.80 15.21
N TYR A 769 -11.49 38.01 14.81
CA TYR A 769 -11.66 38.39 13.41
C TYR A 769 -10.79 37.55 12.50
N GLY A 770 -9.67 37.09 13.04
CA GLY A 770 -8.76 36.22 12.30
C GLY A 770 -9.42 34.91 11.94
N PHE A 771 -10.00 34.24 12.92
CA PHE A 771 -10.69 32.97 12.69
C PHE A 771 -11.86 33.19 11.74
N TRP A 772 -12.68 34.19 12.03
CA TRP A 772 -13.83 34.54 11.20
C TRP A 772 -13.41 34.67 9.74
N LYS A 773 -12.26 35.29 9.53
CA LYS A 773 -11.73 35.50 8.19
C LYS A 773 -11.80 34.20 7.38
N HIS A 774 -11.52 33.08 8.03
CA HIS A 774 -11.52 31.78 7.35
C HIS A 774 -12.91 31.19 7.15
N VAL A 775 -13.73 31.27 8.18
CA VAL A 775 -15.06 30.70 8.10
C VAL A 775 -15.91 31.37 7.05
N SER A 776 -15.80 32.68 6.97
CA SER A 776 -16.67 33.46 6.12
C SER A 776 -16.07 33.85 4.80
N ASN A 777 -14.95 33.25 4.45
CA ASN A 777 -14.23 33.66 3.28
C ASN A 777 -15.01 33.55 1.98
N LEU A 778 -15.82 32.53 1.84
CA LEU A 778 -16.50 32.35 0.58
C LEU A 778 -17.42 33.50 0.23
N ASP A 779 -18.21 33.99 1.19
CA ASP A 779 -19.08 35.13 0.93
C ASP A 779 -18.35 36.43 0.65
N ARG A 780 -17.23 36.58 1.30
CA ARG A 780 -16.41 37.76 1.18
C ARG A 780 -15.75 37.84 -0.17
N LEU A 781 -15.78 36.74 -0.90
CA LEU A 781 -15.22 36.66 -2.23
C LEU A 781 -15.90 37.58 -3.22
N GLU A 782 -17.22 37.68 -3.18
CA GLU A 782 -17.92 38.65 -3.99
C GLU A 782 -17.47 40.07 -3.65
N ALA A 783 -17.54 40.44 -2.38
CA ALA A 783 -17.18 41.80 -1.96
C ALA A 783 -15.72 42.10 -2.21
N ARG A 784 -14.90 41.05 -2.30
CA ARG A 784 -13.47 41.23 -2.51
C ARG A 784 -13.22 41.75 -3.93
N ARG A 785 -13.93 41.19 -4.90
CA ARG A 785 -13.79 41.60 -6.28
C ARG A 785 -14.41 42.98 -6.53
N TYR A 786 -15.54 43.26 -5.86
CA TYR A 786 -16.19 44.56 -5.96
C TYR A 786 -15.20 45.64 -5.56
N LEU A 787 -14.52 45.43 -4.45
CA LEU A 787 -13.54 46.39 -4.00
C LEU A 787 -12.38 46.49 -4.99
N GLU A 788 -11.86 45.35 -5.43
CA GLU A 788 -10.76 45.33 -6.38
C GLU A 788 -11.05 46.18 -7.60
N MET A 789 -12.26 46.06 -8.11
CA MET A 789 -12.66 46.82 -9.30
C MET A 789 -12.81 48.30 -8.98
N PHE A 790 -13.24 48.59 -7.75
CA PHE A 790 -13.44 49.96 -7.31
C PHE A 790 -12.11 50.70 -7.09
N TYR A 791 -11.15 50.01 -6.48
CA TYR A 791 -9.83 50.56 -6.34
C TYR A 791 -9.28 50.79 -7.73
N ALA A 792 -9.33 49.74 -8.55
CA ALA A 792 -8.69 49.74 -9.85
C ALA A 792 -9.27 50.80 -10.78
N LEU A 793 -10.59 50.83 -10.92
CA LEU A 793 -11.23 51.66 -11.94
C LEU A 793 -11.69 53.03 -11.47
N LYS A 794 -11.68 53.24 -10.17
CA LYS A 794 -12.11 54.51 -9.57
C LYS A 794 -10.97 55.19 -8.85
N TYR A 795 -10.39 54.52 -7.86
CA TYR A 795 -9.24 55.10 -7.18
C TYR A 795 -8.05 55.41 -8.10
N ARG A 796 -7.54 54.37 -8.77
CA ARG A 796 -6.31 54.55 -9.54
C ARG A 796 -6.33 55.75 -10.49
N PRO A 797 -7.40 55.88 -11.29
CA PRO A 797 -7.54 56.97 -12.26
C PRO A 797 -7.63 58.35 -11.59
N LEU A 798 -8.28 58.43 -10.43
CA LEU A 798 -8.37 59.69 -9.71
C LEU A 798 -6.99 60.07 -9.17
N ALA A 799 -6.35 59.12 -8.48
CA ALA A 799 -5.08 59.40 -7.83
C ALA A 799 -4.07 59.87 -8.86
N GLN A 800 -4.16 59.30 -10.06
CA GLN A 800 -3.24 59.62 -11.15
C GLN A 800 -3.55 61.00 -11.74
N ALA A 801 -4.74 61.51 -11.44
CA ALA A 801 -5.12 62.85 -11.86
C ALA A 801 -4.48 63.88 -10.95
N VAL A 802 -4.07 63.45 -9.76
CA VAL A 802 -3.52 64.40 -8.81
C VAL A 802 -2.15 64.79 -9.26
N PRO A 803 -1.92 66.10 -9.42
CA PRO A 803 -0.65 66.66 -9.88
C PRO A 803 0.47 66.30 -8.92
N LEU A 804 1.61 65.86 -9.45
CA LEU A 804 2.75 65.44 -8.64
C LEU A 804 3.55 66.62 -8.09
N ALA A 805 4.24 66.38 -6.98
CA ALA A 805 5.18 67.35 -6.46
C ALA A 805 6.37 67.49 -7.41
N GLN A 806 7.00 68.67 -7.41
CA GLN A 806 8.21 68.91 -8.20
C GLN A 806 9.39 69.39 -7.35
N ASP A 807 10.46 68.60 -7.32
CA ASP A 807 11.68 68.99 -6.60
C ASP A 807 12.49 70.01 -7.41
N ARG B 15 -14.05 0.18 19.80
CA ARG B 15 -13.84 -1.21 20.18
C ARG B 15 -12.38 -1.47 20.53
N GLU B 16 -11.77 -0.53 21.23
CA GLU B 16 -10.36 -0.64 21.60
C GLU B 16 -10.14 -1.71 22.69
N ARG B 17 -11.09 -1.86 23.60
CA ARG B 17 -10.92 -2.79 24.72
C ARG B 17 -11.00 -4.26 24.31
N LEU B 18 -11.31 -4.54 23.05
CA LEU B 18 -11.33 -5.90 22.49
C LEU B 18 -9.96 -6.28 21.92
N ASN B 19 -9.02 -5.35 22.08
CA ASN B 19 -7.65 -5.47 21.59
C ASN B 19 -6.69 -5.83 22.72
N GLU B 20 -6.64 -4.99 23.76
CA GLU B 20 -5.79 -5.24 24.92
C GLU B 20 -5.96 -6.67 25.44
N THR B 21 -7.12 -7.27 25.17
CA THR B 21 -7.37 -8.67 25.52
C THR B 21 -6.75 -9.67 24.52
N LEU B 22 -6.55 -9.22 23.27
CA LEU B 22 -5.86 -10.04 22.27
C LEU B 22 -4.42 -10.29 22.70
N VAL B 23 -4.06 -9.69 23.83
CA VAL B 23 -2.73 -9.86 24.44
C VAL B 23 -2.47 -11.31 24.83
N SER B 24 -3.49 -12.17 24.66
CA SER B 24 -3.34 -13.61 24.88
C SER B 24 -2.12 -14.14 24.14
N GLU B 25 -1.73 -13.44 23.07
CA GLU B 25 -0.57 -13.85 22.28
C GLU B 25 0.74 -13.59 23.03
N ARG B 26 0.75 -12.56 23.87
CA ARG B 26 1.93 -12.22 24.67
C ARG B 26 1.92 -12.90 26.04
N ASN B 27 0.91 -12.56 26.85
CA ASN B 27 0.79 -13.03 28.23
C ASN B 27 0.02 -14.36 28.38
N GLU B 28 -0.26 -15.03 27.26
CA GLU B 28 -1.24 -16.14 27.19
C GLU B 28 -1.27 -17.13 28.36
N VAL B 29 -0.17 -17.84 28.59
CA VAL B 29 -0.13 -18.89 29.62
C VAL B 29 -0.47 -18.36 31.02
N LEU B 30 -0.52 -17.02 31.14
CA LEU B 30 -0.94 -16.34 32.37
C LEU B 30 -2.40 -15.82 32.31
N ALA B 31 -2.69 -14.95 31.34
CA ALA B 31 -4.02 -14.32 31.18
C ALA B 31 -5.18 -15.27 30.82
N LEU B 32 -4.87 -16.52 30.47
CA LEU B 32 -5.91 -17.53 30.30
C LEU B 32 -6.05 -18.36 31.59
N LEU B 33 -5.30 -17.96 32.61
CA LEU B 33 -5.44 -18.50 33.97
C LEU B 33 -6.53 -17.76 34.74
N SER B 34 -6.36 -16.45 34.93
CA SER B 34 -7.42 -15.64 35.53
C SER B 34 -8.73 -15.88 34.79
N ARG B 35 -8.66 -16.06 33.46
CA ARG B 35 -9.82 -16.36 32.62
C ARG B 35 -10.33 -17.77 32.87
N VAL B 36 -9.58 -18.51 33.68
CA VAL B 36 -9.90 -19.88 34.09
C VAL B 36 -10.48 -19.89 35.50
N GLU B 37 -9.70 -19.39 36.46
CA GLU B 37 -10.10 -19.38 37.87
C GLU B 37 -11.44 -18.67 38.04
N ALA B 38 -11.90 -18.00 36.98
CA ALA B 38 -13.28 -17.53 36.90
C ALA B 38 -14.24 -18.67 36.49
N LYS B 39 -13.86 -19.44 35.47
CA LYS B 39 -14.63 -20.62 35.07
C LYS B 39 -14.81 -21.56 36.25
N GLY B 40 -13.83 -21.53 37.16
CA GLY B 40 -13.83 -22.36 38.36
C GLY B 40 -14.73 -21.80 39.45
N LYS B 41 -15.53 -20.80 39.08
CA LYS B 41 -16.64 -20.32 39.91
C LYS B 41 -17.92 -20.92 39.36
N GLY B 42 -18.27 -20.51 38.15
CA GLY B 42 -19.26 -21.19 37.31
C GLY B 42 -20.70 -20.73 37.40
N ILE B 43 -21.38 -20.75 36.25
CA ILE B 43 -22.82 -20.49 36.17
C ILE B 43 -23.25 -19.39 37.13
N LEU B 44 -22.75 -18.18 36.92
CA LEU B 44 -23.06 -17.05 37.78
C LEU B 44 -22.50 -15.75 37.22
N GLN B 45 -22.64 -14.67 37.97
CA GLN B 45 -21.89 -13.45 37.69
C GLN B 45 -21.38 -12.84 38.99
N GLN B 46 -20.33 -12.05 38.86
CA GLN B 46 -19.67 -11.46 40.02
C GLN B 46 -19.09 -10.11 39.62
N ASN B 47 -19.07 -9.19 40.57
CA ASN B 47 -18.59 -7.83 40.34
C ASN B 47 -17.07 -7.73 40.38
N GLN B 48 -16.54 -6.52 40.18
CA GLN B 48 -15.09 -6.32 40.22
C GLN B 48 -14.51 -6.85 41.53
N ILE B 49 -15.20 -6.61 42.63
CA ILE B 49 -14.76 -7.11 43.93
C ILE B 49 -14.40 -8.58 43.78
N ILE B 50 -15.28 -9.35 43.14
CA ILE B 50 -15.04 -10.76 42.85
C ILE B 50 -14.15 -11.04 41.61
N ALA B 51 -14.43 -10.39 40.47
CA ALA B 51 -13.68 -10.62 39.23
C ALA B 51 -12.23 -10.27 39.44
N GLU B 52 -12.00 -9.08 39.98
CA GLU B 52 -10.67 -8.67 40.42
C GLU B 52 -10.09 -9.56 41.52
N PHE B 53 -10.70 -9.49 42.71
CA PHE B 53 -10.14 -10.11 43.93
C PHE B 53 -10.06 -11.64 43.85
N GLU B 54 -10.61 -12.18 42.78
CA GLU B 54 -10.44 -13.60 42.43
C GLU B 54 -9.06 -13.71 41.83
N ALA B 55 -8.84 -14.72 40.99
CA ALA B 55 -7.51 -15.20 40.68
C ALA B 55 -6.46 -14.08 40.59
N LEU B 56 -6.86 -12.88 40.22
CA LEU B 56 -5.90 -11.78 40.20
C LEU B 56 -5.08 -11.66 41.52
N PRO B 57 -5.74 -11.36 42.65
CA PRO B 57 -5.05 -11.39 43.95
C PRO B 57 -4.70 -12.80 44.44
N GLU B 58 -5.56 -13.76 44.15
CA GLU B 58 -5.40 -15.13 44.63
C GLU B 58 -4.46 -15.90 43.72
N GLN B 59 -3.90 -15.17 42.75
CA GLN B 59 -2.97 -15.72 41.78
C GLN B 59 -1.61 -15.92 42.44
N THR B 60 -0.63 -16.24 41.61
CA THR B 60 0.73 -16.46 42.04
C THR B 60 1.60 -15.46 41.27
N ARG B 61 2.86 -15.30 41.67
CA ARG B 61 3.75 -14.34 41.00
C ARG B 61 3.91 -14.70 39.52
N LYS B 62 3.28 -15.80 39.13
CA LYS B 62 3.17 -16.22 37.74
C LYS B 62 2.08 -15.38 37.08
N LYS B 63 1.58 -14.40 37.84
CA LYS B 63 0.69 -13.41 37.26
C LYS B 63 1.50 -12.37 36.48
N LEU B 64 2.20 -11.49 37.18
CA LEU B 64 3.06 -10.51 36.51
C LEU B 64 2.29 -9.91 35.34
N GLU B 65 0.98 -9.77 35.53
CA GLU B 65 0.08 -9.27 34.49
C GLU B 65 -0.18 -7.76 34.60
N GLY B 66 0.58 -7.08 35.45
CA GLY B 66 0.39 -5.66 35.72
C GLY B 66 0.71 -4.79 34.52
N GLY B 67 0.90 -5.44 33.38
CA GLY B 67 1.07 -4.79 32.08
C GLY B 67 -0.27 -4.47 31.45
N PRO B 68 -0.35 -4.54 30.11
CA PRO B 68 -1.49 -4.17 29.24
C PRO B 68 -2.88 -4.77 29.59
N PHE B 69 -2.92 -5.91 30.29
CA PHE B 69 -4.18 -6.62 30.55
C PHE B 69 -5.01 -6.05 31.71
N PHE B 70 -4.35 -5.42 32.66
CA PHE B 70 -5.02 -4.85 33.84
C PHE B 70 -6.05 -3.83 33.37
N ASP B 71 -6.00 -3.48 32.08
CA ASP B 71 -6.99 -2.60 31.47
C ASP B 71 -8.40 -3.13 31.71
N LEU B 72 -8.72 -4.24 31.07
CA LEU B 72 -10.07 -4.77 31.12
C LEU B 72 -10.49 -5.28 32.50
N LEU B 73 -9.61 -6.01 33.18
CA LEU B 73 -9.92 -6.46 34.54
C LEU B 73 -10.26 -5.26 35.44
N LYS B 74 -9.30 -4.35 35.60
CA LYS B 74 -9.46 -3.18 36.45
C LYS B 74 -10.76 -2.43 36.17
N SER B 75 -11.08 -2.19 34.90
CA SER B 75 -12.43 -1.75 34.60
C SER B 75 -13.18 -2.81 33.82
N THR B 76 -13.90 -3.64 34.55
CA THR B 76 -14.87 -4.56 34.01
C THR B 76 -15.95 -4.60 35.08
N GLN B 77 -17.19 -4.31 34.72
CA GLN B 77 -18.21 -4.13 35.74
C GLN B 77 -18.71 -5.46 36.29
N GLU B 78 -19.01 -6.38 35.39
CA GLU B 78 -19.48 -7.70 35.80
C GLU B 78 -18.87 -8.80 34.95
N ALA B 79 -18.45 -9.87 35.61
CA ALA B 79 -17.98 -11.07 34.93
C ALA B 79 -19.08 -12.13 35.07
N ILE B 80 -19.73 -12.45 33.95
CA ILE B 80 -20.84 -13.40 33.95
C ILE B 80 -20.44 -14.76 33.41
N VAL B 81 -20.33 -15.74 34.31
CA VAL B 81 -19.92 -17.09 33.95
C VAL B 81 -21.09 -17.96 33.50
N LEU B 82 -20.81 -18.84 32.55
CA LEU B 82 -21.81 -19.48 31.73
C LEU B 82 -21.24 -20.81 31.26
N PRO B 83 -21.87 -21.42 30.25
CA PRO B 83 -21.29 -22.57 29.55
C PRO B 83 -19.92 -22.14 29.05
N PRO B 84 -19.27 -22.91 28.17
CA PRO B 84 -17.84 -22.66 27.96
C PRO B 84 -17.54 -21.16 27.86
N TRP B 85 -18.53 -20.37 27.40
CA TRP B 85 -18.42 -18.92 27.29
C TRP B 85 -18.60 -18.12 28.59
N VAL B 86 -17.67 -17.21 28.84
CA VAL B 86 -17.80 -16.20 29.90
C VAL B 86 -17.87 -14.80 29.28
N ALA B 87 -18.86 -14.03 29.66
CA ALA B 87 -19.00 -12.66 29.15
C ALA B 87 -18.56 -11.63 30.19
N LEU B 88 -17.81 -10.63 29.74
CA LEU B 88 -17.40 -9.54 30.59
C LEU B 88 -18.09 -8.24 30.16
N ALA B 89 -18.33 -7.35 31.11
CA ALA B 89 -18.86 -6.02 30.79
C ALA B 89 -17.80 -4.96 31.13
N VAL B 90 -17.24 -4.35 30.09
CA VAL B 90 -16.15 -3.41 30.30
C VAL B 90 -16.56 -1.96 30.05
N ARG B 91 -16.17 -1.10 30.98
CA ARG B 91 -16.62 0.28 31.03
C ARG B 91 -15.40 1.21 31.04
N PRO B 92 -14.89 1.53 29.85
CA PRO B 92 -13.66 2.32 29.68
C PRO B 92 -13.78 3.67 30.35
N ARG B 93 -14.89 4.34 30.09
CA ARG B 93 -15.17 5.65 30.63
C ARG B 93 -16.61 5.66 31.09
N PRO B 94 -16.95 6.52 32.05
CA PRO B 94 -18.34 6.65 32.44
C PRO B 94 -19.21 6.88 31.22
N GLY B 95 -20.28 6.10 31.09
CA GLY B 95 -21.23 6.30 30.01
C GLY B 95 -20.88 5.63 28.71
N VAL B 96 -19.72 4.96 28.66
CA VAL B 96 -19.34 4.20 27.47
C VAL B 96 -19.17 2.72 27.75
N TRP B 97 -19.86 1.90 26.96
CA TRP B 97 -19.93 0.47 27.23
C TRP B 97 -19.55 -0.45 26.05
N GLU B 98 -18.60 -1.34 26.31
CA GLU B 98 -18.29 -2.43 25.39
C GLU B 98 -18.44 -3.77 26.11
N TYR B 99 -19.24 -4.67 25.51
CA TYR B 99 -19.50 -5.98 26.11
C TYR B 99 -18.75 -7.08 25.35
N LEU B 100 -18.06 -7.95 26.08
CA LEU B 100 -17.20 -8.97 25.48
C LEU B 100 -17.44 -10.38 26.05
N ARG B 101 -17.24 -11.40 25.22
CA ARG B 101 -17.22 -12.79 25.70
C ARG B 101 -16.15 -13.64 25.01
N VAL B 102 -15.28 -14.25 25.81
CA VAL B 102 -14.39 -15.30 25.33
C VAL B 102 -14.81 -16.54 26.09
N ASN B 103 -14.19 -17.69 25.83
CA ASN B 103 -14.50 -18.86 26.65
C ASN B 103 -13.36 -19.46 27.49
N LEU B 104 -13.38 -19.20 28.80
CA LEU B 104 -12.63 -19.99 29.78
C LEU B 104 -11.22 -20.36 29.33
N HIS B 105 -10.98 -21.67 29.27
CA HIS B 105 -9.77 -22.23 28.68
C HIS B 105 -9.57 -21.82 27.21
N ALA B 106 -10.58 -22.07 26.38
CA ALA B 106 -10.50 -21.93 24.93
C ALA B 106 -10.36 -20.49 24.39
N LEU B 107 -9.92 -20.40 23.14
CA LEU B 107 -9.68 -19.13 22.45
C LEU B 107 -10.94 -18.59 21.75
N VAL B 108 -10.72 -17.61 20.87
CA VAL B 108 -11.81 -16.95 20.13
C VAL B 108 -12.81 -16.17 20.99
N VAL B 109 -12.36 -15.02 21.48
CA VAL B 109 -13.20 -14.06 22.21
C VAL B 109 -13.75 -12.95 21.29
N GLU B 110 -15.06 -12.95 21.08
CA GLU B 110 -15.72 -11.98 20.19
C GLU B 110 -16.61 -11.00 20.95
N GLU B 111 -16.54 -9.72 20.57
CA GLU B 111 -17.32 -8.65 21.23
C GLU B 111 -18.79 -8.71 20.87
N LEU B 112 -19.64 -8.23 21.78
CA LEU B 112 -21.07 -8.40 21.65
C LEU B 112 -21.84 -7.07 21.60
N GLN B 113 -22.90 -7.06 20.78
CA GLN B 113 -23.87 -5.98 20.72
C GLN B 113 -24.62 -5.89 22.05
N PRO B 114 -25.25 -4.75 22.34
CA PRO B 114 -25.94 -4.64 23.64
C PRO B 114 -27.13 -5.60 23.78
N ALA B 115 -28.02 -5.62 22.79
CA ALA B 115 -29.21 -6.46 22.89
C ALA B 115 -28.79 -7.92 23.00
N GLU B 116 -27.64 -8.24 22.40
CA GLU B 116 -27.10 -9.59 22.38
C GLU B 116 -26.48 -9.98 23.71
N PHE B 117 -25.69 -9.07 24.30
CA PHE B 117 -25.12 -9.34 25.61
C PHE B 117 -26.20 -9.68 26.64
N LEU B 118 -27.37 -9.07 26.49
CA LEU B 118 -28.49 -9.34 27.40
C LEU B 118 -29.09 -10.72 27.14
N HIS B 119 -29.09 -11.12 25.87
CA HIS B 119 -29.54 -12.43 25.47
C HIS B 119 -28.76 -13.50 26.26
N PHE B 120 -27.48 -13.22 26.47
CA PHE B 120 -26.55 -14.12 27.14
C PHE B 120 -26.82 -14.17 28.64
N LYS B 121 -27.36 -13.07 29.18
CA LYS B 121 -27.68 -12.97 30.60
C LYS B 121 -28.98 -13.71 30.88
N GLU B 122 -29.87 -13.71 29.91
CA GLU B 122 -31.17 -14.32 30.07
C GLU B 122 -31.08 -15.83 30.00
N GLU B 123 -30.10 -16.33 29.26
CA GLU B 123 -29.87 -17.76 29.15
C GLU B 123 -29.25 -18.30 30.44
N LEU B 124 -28.84 -17.39 31.31
CA LEU B 124 -28.21 -17.76 32.58
C LEU B 124 -29.26 -18.11 33.63
N VAL B 125 -30.53 -17.87 33.31
CA VAL B 125 -31.60 -18.13 34.28
C VAL B 125 -32.71 -19.03 33.71
N ASP B 126 -33.38 -18.56 32.67
CA ASP B 126 -34.46 -19.33 32.06
C ASP B 126 -33.94 -20.43 31.14
N GLY B 127 -32.77 -20.20 30.54
CA GLY B 127 -32.14 -21.19 29.66
C GLY B 127 -32.35 -20.94 28.18
N VAL B 128 -33.39 -20.18 27.84
CA VAL B 128 -33.69 -19.83 26.44
C VAL B 128 -34.37 -18.46 26.36
N GLY B 131 -39.16 -17.64 23.83
CA GLY B 131 -39.82 -16.36 23.74
C GLY B 131 -39.16 -15.40 22.77
N ASN B 132 -39.37 -15.64 21.47
CA ASN B 132 -38.72 -14.89 20.39
C ASN B 132 -39.09 -13.40 20.39
N PHE B 133 -40.39 -13.14 20.32
CA PHE B 133 -40.94 -11.79 20.14
C PHE B 133 -41.20 -11.06 21.46
N THR B 134 -40.62 -11.61 22.53
CA THR B 134 -40.49 -10.96 23.84
C THR B 134 -39.92 -9.54 23.75
N LEU B 135 -40.62 -8.61 24.42
CA LEU B 135 -40.49 -7.16 24.21
C LEU B 135 -39.11 -6.55 24.44
N GLU B 136 -38.74 -5.59 23.58
CA GLU B 136 -37.57 -4.78 23.79
C GLU B 136 -37.97 -3.32 23.99
N LEU B 137 -37.52 -2.71 25.09
CA LEU B 137 -37.68 -1.29 25.31
C LEU B 137 -36.43 -0.53 24.83
N ASP B 138 -36.63 0.40 23.89
CA ASP B 138 -35.54 1.20 23.38
C ASP B 138 -35.95 2.66 23.35
N PHE B 139 -35.30 3.48 24.16
CA PHE B 139 -35.62 4.90 24.20
C PHE B 139 -34.73 5.79 23.33
N GLU B 140 -33.62 5.25 22.82
CA GLU B 140 -32.66 6.07 22.10
C GLU B 140 -33.25 6.71 20.85
N PRO B 141 -34.07 5.96 20.11
CA PRO B 141 -34.70 6.57 18.94
C PRO B 141 -35.62 7.69 19.35
N PHE B 142 -36.31 7.51 20.47
CA PHE B 142 -37.34 8.45 20.90
C PHE B 142 -36.78 9.78 21.39
N ASN B 143 -35.53 9.80 21.79
CA ASN B 143 -34.85 11.08 21.86
C ASN B 143 -33.65 11.16 20.92
N ALA B 144 -33.85 11.78 19.77
CA ALA B 144 -32.80 12.55 19.11
C ALA B 144 -33.52 13.82 18.71
N SER B 145 -33.28 14.88 19.46
CA SER B 145 -33.99 16.12 19.27
C SER B 145 -32.98 17.22 19.30
N ILE B 146 -32.49 17.44 20.51
CA ILE B 146 -31.27 18.17 20.76
C ILE B 146 -30.20 17.11 20.72
N PRO B 147 -28.97 17.48 20.35
CA PRO B 147 -27.88 16.50 20.42
C PRO B 147 -27.52 16.22 21.88
N ARG B 148 -26.55 15.35 22.13
CA ARG B 148 -26.20 15.06 23.51
C ARG B 148 -24.71 15.21 23.70
N PRO B 149 -24.32 15.71 24.88
CA PRO B 149 -22.91 15.86 25.22
C PRO B 149 -22.18 14.52 25.20
N THR B 150 -20.98 14.50 24.63
CA THR B 150 -20.10 13.35 24.70
C THR B 150 -19.06 13.59 25.79
N LEU B 151 -19.12 14.78 26.40
CA LEU B 151 -18.11 15.21 27.35
C LEU B 151 -18.51 14.91 28.78
N HIS B 152 -17.58 14.32 29.53
CA HIS B 152 -17.82 14.04 30.94
C HIS B 152 -18.44 15.26 31.64
N LYS B 153 -17.89 16.44 31.37
CA LYS B 153 -18.28 17.66 32.06
C LYS B 153 -19.76 17.95 32.07
N TYR B 154 -20.51 17.49 31.07
CA TYR B 154 -21.92 17.87 30.96
C TYR B 154 -22.90 16.88 31.60
N ILE B 155 -22.35 15.85 32.22
CA ILE B 155 -23.16 14.88 32.95
C ILE B 155 -23.61 15.55 34.24
N GLY B 156 -24.92 15.63 34.45
CA GLY B 156 -25.49 16.34 35.58
C GLY B 156 -25.45 17.85 35.40
N ASN B 157 -24.85 18.29 34.31
CA ASN B 157 -24.86 19.69 33.89
C ASN B 157 -25.83 20.05 32.77
N GLY B 158 -26.74 19.13 32.45
CA GLY B 158 -27.59 19.25 31.30
C GLY B 158 -28.25 20.59 31.03
N VAL B 159 -28.68 21.30 32.06
CA VAL B 159 -29.31 22.59 31.80
C VAL B 159 -28.35 23.51 31.06
N ASP B 160 -27.06 23.45 31.40
CA ASP B 160 -26.04 24.27 30.75
C ASP B 160 -25.95 23.92 29.28
N PHE B 161 -26.22 22.66 28.98
CA PHE B 161 -26.18 22.18 27.61
C PHE B 161 -27.41 22.65 26.85
N LEU B 162 -28.58 22.45 27.44
CA LEU B 162 -29.85 22.89 26.86
C LEU B 162 -29.85 24.39 26.59
N ASN B 163 -29.31 25.16 27.53
CA ASN B 163 -29.17 26.60 27.35
C ASN B 163 -28.43 26.92 26.06
N ARG B 164 -27.24 26.33 25.90
CA ARG B 164 -26.39 26.57 24.74
C ARG B 164 -27.04 26.17 23.43
N HIS B 165 -27.76 25.06 23.43
CA HIS B 165 -28.53 24.66 22.26
C HIS B 165 -29.63 25.68 22.02
N LEU B 166 -30.41 25.97 23.06
CA LEU B 166 -31.52 26.92 22.99
C LEU B 166 -31.07 28.30 22.49
N SER B 167 -29.94 28.75 23.01
CA SER B 167 -29.34 30.00 22.58
C SER B 167 -29.09 29.95 21.08
N ALA B 168 -28.36 28.93 20.64
CA ALA B 168 -28.12 28.74 19.20
C ALA B 168 -29.38 28.70 18.34
N LYS B 169 -30.34 27.86 18.70
CA LYS B 169 -31.60 27.75 17.95
C LYS B 169 -32.32 29.10 17.88
N LEU B 170 -32.24 29.87 18.95
CA LEU B 170 -32.91 31.15 19.00
C LEU B 170 -32.22 32.22 18.16
N PHE B 171 -30.97 31.98 17.76
CA PHE B 171 -30.21 33.08 17.17
C PHE B 171 -30.63 33.35 15.73
N HIS B 172 -31.20 34.55 15.55
CA HIS B 172 -31.74 35.03 14.28
C HIS B 172 -32.45 33.95 13.45
N ASP B 173 -33.52 33.42 14.04
CA ASP B 173 -34.50 32.62 13.32
C ASP B 173 -35.84 33.22 13.69
N LYS B 174 -36.51 33.86 12.74
CA LYS B 174 -37.78 34.52 13.03
C LYS B 174 -38.70 33.51 13.70
N GLU B 175 -39.10 32.50 12.94
CA GLU B 175 -40.02 31.49 13.45
C GLU B 175 -39.55 30.97 14.81
N SER B 176 -38.24 30.78 14.96
CA SER B 176 -37.71 30.17 16.17
C SER B 176 -37.95 31.02 17.43
N LEU B 177 -38.12 32.32 17.24
CA LEU B 177 -38.39 33.24 18.35
C LEU B 177 -39.85 33.28 18.79
N LEU B 178 -40.76 33.01 17.86
CA LEU B 178 -42.18 33.06 18.14
C LEU B 178 -42.59 32.31 19.40
N PRO B 179 -42.01 31.12 19.61
CA PRO B 179 -42.34 30.36 20.82
C PRO B 179 -42.17 31.21 22.08
N LEU B 180 -41.06 31.93 22.17
CA LEU B 180 -40.78 32.75 23.34
C LEU B 180 -41.87 33.81 23.51
N LEU B 181 -42.26 34.43 22.40
CA LEU B 181 -43.33 35.42 22.44
C LEU B 181 -44.63 34.83 22.99
N LYS B 182 -45.12 33.80 22.33
CA LYS B 182 -46.35 33.14 22.78
C LYS B 182 -46.26 32.79 24.27
N PHE B 183 -45.11 32.28 24.68
CA PHE B 183 -44.87 31.88 26.06
C PHE B 183 -45.19 33.02 27.02
N LEU B 184 -44.65 34.20 26.73
CA LEU B 184 -44.88 35.37 27.56
C LEU B 184 -46.26 35.96 27.31
N ARG B 185 -46.81 35.66 26.14
CA ARG B 185 -48.11 36.21 25.72
C ARG B 185 -49.25 35.48 26.40
N LEU B 186 -49.16 34.16 26.46
CA LEU B 186 -50.18 33.34 27.10
C LEU B 186 -50.00 33.39 28.61
N HIS B 187 -48.74 33.41 29.04
CA HIS B 187 -48.39 33.21 30.44
C HIS B 187 -49.19 34.10 31.35
N SER B 188 -49.63 33.54 32.48
CA SER B 188 -50.62 34.20 33.33
C SER B 188 -50.84 33.37 34.57
N HIS B 189 -51.44 33.96 35.59
CA HIS B 189 -51.69 33.21 36.81
C HIS B 189 -53.05 33.50 37.39
N GLN B 190 -53.82 32.44 37.62
CA GLN B 190 -55.15 32.59 38.21
C GLN B 190 -55.92 33.65 37.42
N GLY B 191 -55.78 33.61 36.10
CA GLY B 191 -56.50 34.50 35.20
C GLY B 191 -55.92 35.90 35.10
N LYS B 192 -55.01 36.26 36.00
CA LYS B 192 -54.34 37.55 35.96
C LYS B 192 -53.22 37.54 34.92
N ASN B 193 -53.03 38.66 34.23
CA ASN B 193 -52.04 38.73 33.17
C ASN B 193 -50.66 39.18 33.66
N LEU B 194 -49.64 38.46 33.20
CA LEU B 194 -48.25 38.76 33.52
C LEU B 194 -47.41 38.94 32.25
N MET B 195 -46.27 39.61 32.38
CA MET B 195 -45.38 39.82 31.23
C MET B 195 -46.06 40.60 30.09
N LEU B 196 -46.27 39.94 28.94
CA LEU B 196 -46.89 40.60 27.78
C LEU B 196 -48.41 40.45 27.71
N SER B 197 -49.11 41.52 27.31
CA SER B 197 -50.55 41.44 27.10
C SER B 197 -50.90 40.94 25.69
N GLU B 198 -52.19 40.80 25.41
CA GLU B 198 -52.63 40.24 24.14
C GLU B 198 -52.42 41.19 22.97
N LYS B 199 -52.03 42.42 23.27
CA LYS B 199 -51.79 43.44 22.24
C LYS B 199 -50.61 43.11 21.32
N ILE B 200 -49.65 42.33 21.82
CA ILE B 200 -48.44 42.07 21.06
C ILE B 200 -48.64 40.81 20.24
N GLN B 201 -48.87 40.98 18.93
CA GLN B 201 -49.17 39.84 18.08
C GLN B 201 -48.00 39.32 17.27
N ASN B 202 -46.88 40.04 17.31
CA ASN B 202 -45.69 39.61 16.56
C ASN B 202 -44.39 40.24 17.06
N LEU B 203 -43.28 39.64 16.67
CA LEU B 203 -41.97 40.09 17.10
C LEU B 203 -41.75 41.57 16.75
N ASN B 204 -42.35 42.01 15.64
CA ASN B 204 -42.21 43.39 15.20
C ASN B 204 -42.63 44.36 16.30
N THR B 205 -43.86 44.23 16.77
CA THR B 205 -44.37 45.14 17.80
C THR B 205 -43.69 44.93 19.15
N LEU B 206 -43.34 43.68 19.45
CA LEU B 206 -42.65 43.38 20.69
C LEU B 206 -41.30 44.06 20.72
N GLN B 207 -40.61 44.02 19.59
CA GLN B 207 -39.33 44.69 19.42
C GLN B 207 -39.53 46.17 19.71
N HIS B 208 -40.58 46.71 19.10
CA HIS B 208 -40.93 48.12 19.18
C HIS B 208 -41.39 48.54 20.60
N THR B 209 -42.30 47.75 21.17
CA THR B 209 -42.80 48.02 22.52
C THR B 209 -41.67 48.02 23.55
N LEU B 210 -40.88 46.96 23.54
CA LEU B 210 -39.77 46.84 24.47
C LEU B 210 -38.85 48.04 24.37
N ARG B 211 -38.59 48.46 23.14
CA ARG B 211 -37.70 49.58 22.88
C ARG B 211 -38.25 50.86 23.51
N LYS B 212 -39.53 51.15 23.25
CA LYS B 212 -40.16 52.36 23.78
C LYS B 212 -40.14 52.36 25.30
N ALA B 213 -40.38 51.19 25.89
CA ALA B 213 -40.35 51.04 27.34
C ALA B 213 -38.98 51.42 27.90
N GLU B 214 -37.93 50.83 27.37
CA GLU B 214 -36.56 51.13 27.79
C GLU B 214 -36.25 52.64 27.69
N GLU B 215 -36.75 53.27 26.64
CA GLU B 215 -36.61 54.72 26.52
C GLU B 215 -37.19 55.37 27.76
N TYR B 216 -38.51 55.27 27.91
CA TYR B 216 -39.22 55.84 29.04
C TYR B 216 -38.55 55.50 30.37
N LEU B 217 -38.23 54.23 30.55
CA LEU B 217 -37.72 53.76 31.85
C LEU B 217 -36.30 54.22 32.13
N ALA B 218 -35.46 54.23 31.10
CA ALA B 218 -34.06 54.61 31.28
C ALA B 218 -33.98 56.01 31.87
N GLU B 219 -35.03 56.79 31.63
CA GLU B 219 -35.08 58.18 32.05
C GLU B 219 -35.43 58.34 33.54
N LEU B 220 -36.32 57.48 34.05
CA LEU B 220 -36.83 57.65 35.41
C LEU B 220 -35.79 57.27 36.46
N LYS B 221 -36.13 57.48 37.73
CA LYS B 221 -35.18 57.24 38.82
C LYS B 221 -35.07 55.76 39.17
N SER B 222 -33.93 55.37 39.73
CA SER B 222 -33.66 53.97 40.07
C SER B 222 -34.76 53.34 40.92
N GLU B 223 -35.17 54.02 41.98
CA GLU B 223 -36.04 53.43 43.00
C GLU B 223 -37.53 53.62 42.71
N THR B 224 -37.86 54.18 41.56
CA THR B 224 -39.24 54.45 41.19
C THR B 224 -40.08 53.16 41.12
N LEU B 225 -41.18 53.10 41.86
CA LEU B 225 -41.98 51.86 41.92
C LEU B 225 -42.84 51.63 40.69
N TYR B 226 -43.05 50.36 40.35
CA TYR B 226 -43.75 49.98 39.13
C TYR B 226 -45.06 50.74 38.97
N GLU B 227 -45.80 50.93 40.06
CA GLU B 227 -47.12 51.58 40.01
C GLU B 227 -47.12 52.89 39.24
N GLU B 228 -46.07 53.69 39.43
CA GLU B 228 -45.91 54.92 38.67
C GLU B 228 -46.14 54.68 37.18
N PHE B 229 -45.24 53.92 36.56
CA PHE B 229 -45.32 53.71 35.12
C PHE B 229 -46.26 52.61 34.66
N GLU B 230 -46.94 51.96 35.60
CA GLU B 230 -47.85 50.87 35.23
C GLU B 230 -48.87 51.39 34.23
N ALA B 231 -49.27 52.64 34.43
CA ALA B 231 -50.24 53.28 33.56
C ALA B 231 -49.74 53.22 32.12
N LYS B 232 -48.55 53.77 31.91
CA LYS B 232 -47.91 53.81 30.60
C LYS B 232 -47.75 52.40 30.03
N PHE B 233 -47.13 51.53 30.83
CA PHE B 233 -46.89 50.15 30.42
C PHE B 233 -48.15 49.47 29.92
N GLU B 234 -49.19 49.50 30.74
CA GLU B 234 -50.44 48.87 30.36
C GLU B 234 -50.87 49.39 29.00
N GLU B 235 -50.63 50.68 28.78
CA GLU B 235 -50.99 51.34 27.53
C GLU B 235 -50.25 50.74 26.34
N ILE B 236 -48.96 50.47 26.52
CA ILE B 236 -48.12 50.02 25.43
C ILE B 236 -48.06 48.49 25.28
N GLY B 237 -48.81 47.78 26.13
CA GLY B 237 -48.89 46.32 26.06
C GLY B 237 -48.11 45.52 27.10
N LEU B 238 -47.67 46.14 28.18
CA LEU B 238 -46.89 45.42 29.18
C LEU B 238 -47.58 45.27 30.55
N GLU B 239 -47.91 44.02 30.90
CA GLU B 239 -48.53 43.72 32.19
C GLU B 239 -47.45 43.52 33.25
N ARG B 240 -47.83 43.18 34.49
CA ARG B 240 -46.83 43.07 35.55
C ARG B 240 -45.96 41.83 35.45
N GLY B 241 -44.98 41.73 36.35
CA GLY B 241 -44.07 40.60 36.40
C GLY B 241 -42.68 40.92 35.92
N TRP B 242 -42.45 42.16 35.50
CA TRP B 242 -41.13 42.57 35.03
C TRP B 242 -40.19 42.95 36.16
N GLY B 243 -40.73 43.46 37.26
CA GLY B 243 -39.92 43.90 38.39
C GLY B 243 -40.71 44.77 39.35
N ASP B 244 -40.17 44.97 40.55
CA ASP B 244 -40.87 45.79 41.53
C ASP B 244 -40.60 47.28 41.33
N ASN B 245 -39.34 47.63 41.08
CA ASN B 245 -38.96 49.02 40.82
C ASN B 245 -38.52 49.20 39.38
N ALA B 246 -38.07 50.39 39.02
CA ALA B 246 -37.70 50.68 37.64
C ALA B 246 -36.34 50.04 37.28
N GLU B 247 -35.42 50.10 38.24
CA GLU B 247 -34.10 49.52 38.07
C GLU B 247 -34.17 48.06 37.60
N ARG B 248 -35.08 47.30 38.22
CA ARG B 248 -35.25 45.90 37.89
C ARG B 248 -36.04 45.71 36.61
N VAL B 249 -37.00 46.60 36.35
CA VAL B 249 -37.78 46.46 35.13
C VAL B 249 -36.88 46.72 33.93
N LEU B 250 -35.94 47.64 34.12
CA LEU B 250 -35.02 47.98 33.05
C LEU B 250 -34.18 46.77 32.67
N ASP B 251 -33.48 46.21 33.66
CA ASP B 251 -32.67 45.01 33.48
C ASP B 251 -33.43 43.91 32.71
N MET B 252 -34.64 43.60 33.15
CA MET B 252 -35.45 42.56 32.51
C MET B 252 -35.79 42.91 31.05
N ILE B 253 -36.08 44.18 30.79
CA ILE B 253 -36.44 44.59 29.42
C ILE B 253 -35.24 44.44 28.53
N ARG B 254 -34.07 44.77 29.06
CA ARG B 254 -32.85 44.64 28.31
C ARG B 254 -32.55 43.16 27.99
N LEU B 255 -32.63 42.32 29.01
CA LEU B 255 -32.45 40.88 28.84
C LEU B 255 -33.27 40.36 27.66
N LEU B 256 -34.53 40.75 27.61
CA LEU B 256 -35.39 40.24 26.55
C LEU B 256 -34.98 40.80 25.18
N LEU B 257 -34.73 42.10 25.13
CA LEU B 257 -34.33 42.73 23.87
C LEU B 257 -33.14 41.95 23.33
N ASP B 258 -32.28 41.55 24.26
CA ASP B 258 -31.05 40.85 23.94
C ASP B 258 -31.25 39.44 23.41
N LEU B 259 -32.27 38.74 23.91
CA LEU B 259 -32.58 37.41 23.39
C LEU B 259 -33.23 37.52 22.02
N LEU B 260 -33.85 38.66 21.74
CA LEU B 260 -34.46 38.90 20.44
C LEU B 260 -33.38 39.12 19.39
N GLU B 261 -32.26 39.70 19.82
CA GLU B 261 -31.19 40.13 18.93
C GLU B 261 -30.09 39.09 18.78
N ALA B 262 -29.29 38.94 19.84
CA ALA B 262 -28.16 38.02 19.86
C ALA B 262 -28.20 37.22 21.15
N PRO B 263 -28.99 36.14 21.15
CA PRO B 263 -29.14 35.25 22.30
C PRO B 263 -27.81 34.65 22.72
N ASP B 264 -27.61 34.52 24.03
CA ASP B 264 -26.50 33.75 24.54
C ASP B 264 -26.97 32.98 25.78
N PRO B 265 -26.24 31.91 26.13
CA PRO B 265 -26.63 31.03 27.24
C PRO B 265 -26.81 31.73 28.58
N CYS B 266 -25.87 32.59 28.97
CA CYS B 266 -25.98 33.25 30.27
C CYS B 266 -27.26 34.08 30.35
N THR B 267 -27.59 34.74 29.25
CA THR B 267 -28.78 35.58 29.16
C THR B 267 -30.07 34.77 29.19
N LEU B 268 -30.20 33.81 28.30
CA LEU B 268 -31.37 32.95 28.24
C LEU B 268 -31.70 32.38 29.61
N GLU B 269 -30.71 31.80 30.27
CA GLU B 269 -30.90 31.24 31.60
C GLU B 269 -31.35 32.31 32.57
N THR B 270 -30.60 33.40 32.65
CA THR B 270 -30.96 34.49 33.53
C THR B 270 -32.41 34.96 33.33
N PHE B 271 -32.75 35.34 32.10
CA PHE B 271 -34.09 35.83 31.83
C PHE B 271 -35.16 34.79 32.14
N LEU B 272 -34.98 33.56 31.66
CA LEU B 272 -35.99 32.54 31.89
C LEU B 272 -36.12 32.21 33.39
N GLY B 273 -35.03 32.29 34.12
CA GLY B 273 -35.08 31.99 35.54
C GLY B 273 -35.88 33.07 36.25
N ARG B 274 -35.81 34.27 35.70
CA ARG B 274 -36.36 35.46 36.33
C ARG B 274 -37.86 35.63 36.12
N VAL B 275 -38.34 35.27 34.95
CA VAL B 275 -39.78 35.38 34.67
C VAL B 275 -40.54 34.76 35.82
N PRO B 276 -41.52 35.48 36.39
CA PRO B 276 -42.32 34.85 37.45
C PRO B 276 -43.09 33.67 36.92
N MET B 277 -42.87 32.50 37.52
CA MET B 277 -43.32 31.22 36.97
C MET B 277 -43.99 30.36 38.03
N VAL B 278 -43.21 30.04 39.06
CA VAL B 278 -43.58 29.09 40.10
C VAL B 278 -44.27 29.75 41.30
N PHE B 279 -45.56 29.45 41.45
CA PHE B 279 -46.40 29.98 42.53
C PHE B 279 -46.94 28.82 43.33
N ASN B 280 -47.67 27.94 42.68
CA ASN B 280 -48.11 26.68 43.30
C ASN B 280 -47.20 25.49 42.99
N VAL B 281 -46.71 24.84 44.03
CA VAL B 281 -45.86 23.67 43.87
C VAL B 281 -46.50 22.41 44.47
N VAL B 282 -46.47 21.33 43.70
CA VAL B 282 -46.98 20.03 44.16
C VAL B 282 -45.87 18.97 44.29
N ILE B 283 -45.76 18.36 45.46
CA ILE B 283 -44.68 17.40 45.73
C ILE B 283 -45.23 16.03 46.13
N LEU B 284 -44.88 14.98 45.40
CA LEU B 284 -45.41 13.65 45.67
C LEU B 284 -44.48 12.80 46.55
N SER B 285 -44.98 12.36 47.69
CA SER B 285 -44.25 11.45 48.56
C SER B 285 -45.23 10.51 49.25
N PRO B 286 -45.87 9.59 48.50
CA PRO B 286 -46.98 8.77 49.02
C PRO B 286 -46.64 7.79 50.14
N HIS B 287 -45.57 7.01 50.00
CA HIS B 287 -45.33 5.91 50.93
C HIS B 287 -44.78 6.40 52.26
N GLY B 288 -44.60 5.46 53.19
CA GLY B 288 -44.01 5.74 54.49
C GLY B 288 -44.94 6.50 55.40
N TYR B 289 -44.46 6.83 56.59
CA TYR B 289 -45.23 7.67 57.50
C TYR B 289 -44.65 9.06 57.39
N PHE B 290 -45.32 9.96 56.69
CA PHE B 290 -44.71 11.24 56.40
C PHE B 290 -45.18 12.25 57.41
N ALA B 291 -44.30 12.66 58.31
CA ALA B 291 -44.70 13.61 59.33
C ALA B 291 -43.52 14.35 59.89
N GLN B 292 -43.80 15.30 60.76
CA GLN B 292 -42.75 16.16 61.30
C GLN B 292 -42.30 15.73 62.69
N ASP B 293 -42.96 14.70 63.23
CA ASP B 293 -42.61 14.16 64.54
C ASP B 293 -43.06 12.72 64.70
N ASN B 294 -42.38 11.98 65.56
CA ASN B 294 -42.82 10.66 65.94
C ASN B 294 -42.81 9.64 64.79
N VAL B 295 -41.97 9.86 63.79
CA VAL B 295 -41.97 9.05 62.59
C VAL B 295 -40.59 8.51 62.23
N LEU B 296 -39.61 9.41 62.10
CA LEU B 296 -38.30 9.05 61.58
C LEU B 296 -37.69 7.78 62.21
N GLY B 297 -37.23 6.88 61.35
CA GLY B 297 -36.67 5.61 61.76
C GLY B 297 -37.64 4.47 61.49
N TYR B 298 -38.93 4.81 61.37
CA TYR B 298 -39.93 3.83 61.01
C TYR B 298 -39.61 3.27 59.63
N PRO B 299 -40.19 2.11 59.30
CA PRO B 299 -40.02 1.58 57.95
C PRO B 299 -40.39 2.59 56.86
N ASP B 300 -39.54 2.67 55.84
CA ASP B 300 -39.80 3.53 54.68
C ASP B 300 -39.76 5.02 55.03
N THR B 301 -39.52 5.33 56.30
CA THR B 301 -39.53 6.71 56.76
C THR B 301 -38.13 7.15 57.19
N GLY B 302 -37.58 8.11 56.49
CA GLY B 302 -36.14 8.34 56.53
C GLY B 302 -35.75 9.58 55.76
N GLY B 303 -34.53 9.59 55.27
CA GLY B 303 -34.00 10.75 54.55
C GLY B 303 -34.85 11.39 53.45
N GLN B 304 -35.68 10.62 52.75
CA GLN B 304 -36.56 11.24 51.78
C GLN B 304 -37.46 12.25 52.47
N VAL B 305 -37.91 11.92 53.67
CA VAL B 305 -38.82 12.80 54.40
C VAL B 305 -38.10 14.06 54.87
N VAL B 306 -36.93 13.87 55.46
CA VAL B 306 -36.11 14.97 55.93
C VAL B 306 -35.81 15.91 54.77
N TYR B 307 -35.41 15.33 53.65
CA TYR B 307 -35.06 16.10 52.46
C TYR B 307 -36.23 16.98 52.02
N ILE B 308 -37.42 16.40 51.92
CA ILE B 308 -38.57 17.16 51.44
C ILE B 308 -38.95 18.31 52.39
N LEU B 309 -38.82 18.06 53.69
CA LEU B 309 -39.11 19.09 54.68
C LEU B 309 -38.14 20.27 54.64
N ASP B 310 -36.84 19.99 54.57
CA ASP B 310 -35.87 21.07 54.41
C ASP B 310 -36.12 21.74 53.06
N GLN B 311 -36.42 20.91 52.07
CA GLN B 311 -36.62 21.39 50.70
C GLN B 311 -37.71 22.43 50.57
N VAL B 312 -38.89 22.18 51.14
CA VAL B 312 -39.98 23.12 50.95
C VAL B 312 -39.73 24.41 51.70
N ARG B 313 -39.24 24.32 52.93
CA ARG B 313 -38.88 25.53 53.67
C ARG B 313 -37.99 26.43 52.82
N ALA B 314 -36.91 25.86 52.30
CA ALA B 314 -35.97 26.62 51.48
C ALA B 314 -36.69 27.16 50.24
N LEU B 315 -37.44 26.29 49.59
CA LEU B 315 -38.12 26.67 48.37
C LEU B 315 -39.08 27.84 48.61
N GLU B 316 -39.86 27.77 49.69
CA GLU B 316 -40.78 28.85 50.04
C GLU B 316 -40.05 30.19 50.12
N ILE B 317 -39.01 30.24 50.94
CA ILE B 317 -38.24 31.48 51.12
C ILE B 317 -37.78 32.10 49.79
N GLU B 318 -37.30 31.26 48.87
CA GLU B 318 -36.80 31.75 47.60
C GLU B 318 -37.95 32.26 46.74
N MET B 319 -39.02 31.47 46.69
CA MET B 319 -40.23 31.87 45.97
C MET B 319 -40.75 33.22 46.42
N LEU B 320 -40.83 33.42 47.73
CA LEU B 320 -41.31 34.67 48.28
C LEU B 320 -40.50 35.87 47.80
N GLN B 321 -39.18 35.72 47.80
CA GLN B 321 -38.31 36.80 47.36
C GLN B 321 -38.45 37.05 45.86
N ARG B 322 -38.58 35.98 45.09
CA ARG B 322 -38.71 36.13 43.65
C ARG B 322 -40.01 36.86 43.35
N ILE B 323 -41.08 36.44 44.00
CA ILE B 323 -42.38 37.07 43.78
C ILE B 323 -42.34 38.57 44.13
N LYS B 324 -41.83 38.88 45.31
CA LYS B 324 -41.71 40.26 45.73
C LYS B 324 -40.93 41.06 44.67
N GLN B 325 -39.71 40.62 44.39
CA GLN B 325 -38.82 41.31 43.44
C GLN B 325 -39.41 41.57 42.07
N GLN B 326 -40.33 40.72 41.62
CA GLN B 326 -40.87 40.84 40.26
C GLN B 326 -42.11 41.74 40.19
N GLY B 327 -42.49 42.32 41.33
CA GLY B 327 -43.63 43.21 41.41
C GLY B 327 -44.97 42.49 41.50
N LEU B 328 -44.99 41.38 42.23
CA LEU B 328 -46.21 40.63 42.39
C LEU B 328 -46.53 40.44 43.88
N ASN B 329 -47.82 40.44 44.20
CA ASN B 329 -48.23 40.14 45.56
C ASN B 329 -48.75 38.74 45.81
N ILE B 330 -48.71 37.91 44.77
CA ILE B 330 -49.28 36.58 44.82
C ILE B 330 -48.79 35.76 46.01
N LYS B 331 -49.70 34.96 46.58
CA LYS B 331 -49.39 34.09 47.71
C LYS B 331 -49.04 32.69 47.25
N PRO B 332 -47.82 32.25 47.55
CA PRO B 332 -47.38 30.94 47.08
C PRO B 332 -48.04 29.87 47.90
N ARG B 333 -48.22 28.69 47.32
CA ARG B 333 -48.67 27.52 48.07
C ARG B 333 -47.82 26.33 47.69
N ILE B 334 -47.31 25.61 48.68
CA ILE B 334 -46.65 24.34 48.41
C ILE B 334 -47.32 23.18 49.14
N LEU B 335 -47.78 22.19 48.38
CA LEU B 335 -48.41 21.02 48.98
C LEU B 335 -47.53 19.79 48.82
N ILE B 336 -47.29 19.09 49.93
CA ILE B 336 -46.68 17.76 49.87
C ILE B 336 -47.81 16.75 49.93
N LEU B 337 -48.08 16.08 48.81
CA LEU B 337 -49.07 15.01 48.78
C LEU B 337 -48.45 13.74 49.33
N THR B 338 -49.06 13.15 50.35
CA THR B 338 -48.68 11.81 50.77
C THR B 338 -49.95 11.07 51.12
N ARG B 339 -49.81 9.86 51.65
CA ARG B 339 -50.95 9.01 51.96
C ARG B 339 -51.50 9.28 53.36
N LEU B 340 -52.82 9.25 53.49
CA LEU B 340 -53.48 9.36 54.78
C LEU B 340 -53.57 7.98 55.46
N LEU B 341 -52.89 7.84 56.59
CA LEU B 341 -52.94 6.61 57.36
C LEU B 341 -53.68 6.90 58.65
N PRO B 342 -54.96 6.48 58.71
CA PRO B 342 -55.90 6.84 59.77
C PRO B 342 -55.58 6.12 61.08
N ASP B 343 -54.89 5.00 60.97
CA ASP B 343 -54.58 4.15 62.11
C ASP B 343 -53.18 4.28 62.74
N ALA B 344 -52.36 5.22 62.31
CA ALA B 344 -51.03 5.27 62.89
C ALA B 344 -51.13 6.15 64.11
N VAL B 345 -51.05 5.53 65.27
CA VAL B 345 -51.36 6.26 66.48
C VAL B 345 -50.11 6.95 66.98
N GLY B 346 -50.27 8.15 67.52
CA GLY B 346 -49.14 8.88 68.05
C GLY B 346 -48.46 9.66 66.94
N THR B 347 -49.03 9.61 65.73
CA THR B 347 -48.54 10.46 64.64
C THR B 347 -49.64 11.41 64.16
N THR B 348 -49.31 12.30 63.24
CA THR B 348 -50.30 13.16 62.63
C THR B 348 -50.74 12.63 61.26
N CYS B 349 -50.29 11.44 60.93
CA CYS B 349 -50.52 10.87 59.61
C CYS B 349 -51.99 10.66 59.30
N GLY B 350 -52.84 10.86 60.31
CA GLY B 350 -54.28 10.71 60.12
C GLY B 350 -55.03 11.98 59.72
N GLU B 351 -54.34 13.11 59.72
CA GLU B 351 -54.96 14.39 59.41
C GLU B 351 -54.70 14.90 58.00
N ARG B 352 -55.77 15.24 57.30
CA ARG B 352 -55.72 15.66 55.89
C ARG B 352 -54.71 16.77 55.57
N LEU B 353 -54.68 17.79 56.40
CA LEU B 353 -53.89 18.98 56.09
C LEU B 353 -53.07 19.40 57.30
N GLU B 354 -51.77 19.60 57.12
CA GLU B 354 -50.90 19.94 58.23
C GLU B 354 -49.85 20.97 57.81
N ARG B 355 -49.73 22.03 58.59
CA ARG B 355 -48.73 23.06 58.30
C ARG B 355 -47.29 22.58 58.62
N VAL B 356 -46.38 22.72 57.67
CA VAL B 356 -44.96 22.41 57.86
C VAL B 356 -44.32 23.41 58.81
N TYR B 357 -43.59 22.91 59.79
CA TYR B 357 -43.02 23.76 60.83
C TYR B 357 -42.18 24.88 60.24
N ASP B 358 -42.43 26.09 60.72
CA ASP B 358 -41.64 27.24 60.31
C ASP B 358 -41.83 27.68 58.86
N SER B 359 -43.01 27.46 58.31
CA SER B 359 -43.35 27.98 57.00
C SER B 359 -44.75 28.59 57.04
N GLU B 360 -44.96 29.64 56.25
CA GLU B 360 -46.29 30.23 56.12
C GLU B 360 -47.14 29.48 55.10
N TYR B 361 -46.53 29.13 53.98
CA TYR B 361 -47.24 28.53 52.85
C TYR B 361 -47.09 27.04 52.52
N CYS B 362 -46.26 26.31 53.29
CA CYS B 362 -46.04 24.89 53.00
C CYS B 362 -46.93 23.95 53.80
N ASP B 363 -47.71 23.13 53.11
CA ASP B 363 -48.65 22.25 53.79
C ASP B 363 -48.53 20.79 53.34
N ILE B 364 -48.53 19.87 54.29
CA ILE B 364 -48.71 18.45 53.98
C ILE B 364 -50.18 18.20 53.70
N LEU B 365 -50.45 17.56 52.57
CA LEU B 365 -51.81 17.25 52.18
C LEU B 365 -51.95 15.74 52.06
N ARG B 366 -52.74 15.14 52.96
CA ARG B 366 -52.85 13.69 52.99
C ARG B 366 -54.14 13.17 52.34
N VAL B 367 -53.98 12.20 51.44
CA VAL B 367 -55.10 11.59 50.75
C VAL B 367 -55.02 10.09 50.93
N PRO B 368 -56.15 9.45 51.20
CA PRO B 368 -56.17 8.01 51.48
C PRO B 368 -56.08 7.12 50.24
N PHE B 369 -55.58 5.90 50.43
CA PHE B 369 -55.70 4.86 49.43
C PHE B 369 -57.12 4.29 49.50
N ARG B 370 -57.66 3.81 48.38
CA ARG B 370 -58.94 3.13 48.43
C ARG B 370 -59.14 2.14 47.29
N THR B 371 -60.06 1.21 47.49
CA THR B 371 -60.54 0.30 46.45
C THR B 371 -62.06 0.46 46.41
N GLU B 372 -62.77 -0.31 45.60
CA GLU B 372 -64.21 -0.12 45.50
C GLU B 372 -64.91 -0.49 46.80
N LYS B 373 -64.16 -1.09 47.72
CA LYS B 373 -64.69 -1.46 49.03
C LYS B 373 -64.51 -0.36 50.06
N GLY B 374 -63.99 0.80 49.63
CA GLY B 374 -63.74 1.92 50.53
C GLY B 374 -62.27 2.11 50.87
N ILE B 375 -61.96 3.09 51.72
CA ILE B 375 -60.57 3.41 52.01
C ILE B 375 -59.80 2.24 52.61
N VAL B 376 -58.49 2.23 52.39
CA VAL B 376 -57.60 1.23 52.97
C VAL B 376 -56.82 1.84 54.12
N ARG B 377 -57.03 1.32 55.32
CA ARG B 377 -56.51 1.92 56.53
C ARG B 377 -55.05 1.63 56.89
N LYS B 378 -54.62 0.39 56.74
CA LYS B 378 -53.33 -0.02 57.29
C LYS B 378 -52.12 0.52 56.53
N TRP B 379 -51.03 0.68 57.25
CA TRP B 379 -49.77 1.05 56.62
C TRP B 379 -49.41 -0.04 55.61
N ILE B 380 -48.90 0.37 54.45
CA ILE B 380 -48.39 -0.60 53.50
C ILE B 380 -46.95 -0.28 53.11
N SER B 381 -46.13 -1.34 53.05
CA SER B 381 -44.73 -1.23 52.63
C SER B 381 -44.60 -0.55 51.25
N ARG B 382 -43.51 0.19 51.06
CA ARG B 382 -43.29 0.89 49.81
C ARG B 382 -43.20 -0.05 48.61
N PHE B 383 -42.92 -1.33 48.86
CA PHE B 383 -42.81 -2.30 47.78
C PHE B 383 -44.19 -2.78 47.29
N GLU B 384 -45.19 -2.64 48.15
CA GLU B 384 -46.54 -3.13 47.90
C GLU B 384 -47.62 -2.10 47.48
N VAL B 385 -47.26 -0.83 47.35
CA VAL B 385 -48.28 0.21 47.16
C VAL B 385 -48.84 0.27 45.75
N TRP B 386 -48.19 -0.44 44.83
CA TRP B 386 -48.43 -0.27 43.39
C TRP B 386 -49.89 -0.24 42.95
N PRO B 387 -50.66 -1.28 43.29
CA PRO B 387 -52.06 -1.37 42.88
C PRO B 387 -52.83 -0.10 43.21
N TYR B 388 -52.41 0.61 44.26
CA TYR B 388 -53.17 1.73 44.80
C TYR B 388 -52.90 3.09 44.14
N LEU B 389 -51.80 3.19 43.40
CA LEU B 389 -51.29 4.51 42.97
C LEU B 389 -52.15 5.26 41.93
N GLU B 390 -52.81 4.52 41.06
CA GLU B 390 -53.52 5.16 39.98
C GLU B 390 -54.77 5.86 40.50
N THR B 391 -55.41 5.24 41.49
CA THR B 391 -56.59 5.83 42.11
C THR B 391 -56.15 6.96 43.00
N TYR B 392 -54.99 6.80 43.64
CA TYR B 392 -54.40 7.87 44.44
C TYR B 392 -54.20 9.10 43.58
N THR B 393 -53.73 8.91 42.36
CA THR B 393 -53.50 10.03 41.46
C THR B 393 -54.80 10.79 41.18
N GLU B 394 -55.85 10.03 40.85
CA GLU B 394 -57.18 10.60 40.61
C GLU B 394 -57.65 11.42 41.80
N ASP B 395 -57.68 10.78 42.96
CA ASP B 395 -58.14 11.41 44.19
C ASP B 395 -57.31 12.61 44.58
N ALA B 396 -55.99 12.50 44.44
CA ALA B 396 -55.11 13.61 44.79
C ALA B 396 -55.37 14.78 43.85
N ALA B 397 -55.56 14.48 42.57
CA ALA B 397 -55.88 15.51 41.61
C ALA B 397 -57.00 16.36 42.18
N VAL B 398 -58.04 15.68 42.64
CA VAL B 398 -59.21 16.34 43.20
C VAL B 398 -58.92 17.18 44.45
N GLU B 399 -58.23 16.59 45.42
CA GLU B 399 -57.90 17.31 46.65
C GLU B 399 -57.01 18.52 46.39
N LEU B 400 -55.95 18.34 45.61
CA LEU B 400 -55.05 19.45 45.36
C LEU B 400 -55.77 20.50 44.52
N SER B 401 -56.76 20.07 43.74
CA SER B 401 -57.64 21.00 43.04
C SER B 401 -58.38 21.91 44.03
N LYS B 402 -58.85 21.31 45.12
CA LYS B 402 -59.56 22.06 46.16
C LYS B 402 -58.67 23.11 46.82
N GLU B 403 -57.50 22.69 47.30
CA GLU B 403 -56.61 23.59 48.03
C GLU B 403 -55.95 24.65 47.15
N LEU B 404 -55.55 24.26 45.95
CA LEU B 404 -54.78 25.19 45.13
C LEU B 404 -55.66 26.27 44.54
N ASN B 405 -55.09 27.47 44.49
CA ASN B 405 -55.73 28.60 43.84
C ASN B 405 -55.05 28.69 42.49
N GLY B 406 -55.77 28.26 41.45
CA GLY B 406 -55.16 28.04 40.16
C GLY B 406 -54.61 26.62 40.09
N LYS B 407 -53.80 26.32 39.10
CA LYS B 407 -53.23 24.99 38.99
C LYS B 407 -51.77 24.95 39.44
N PRO B 408 -51.18 23.75 39.49
CA PRO B 408 -49.78 23.55 39.87
C PRO B 408 -48.88 24.16 38.82
N ASP B 409 -47.89 24.93 39.26
CA ASP B 409 -46.87 25.44 38.36
C ASP B 409 -45.71 24.47 38.13
N LEU B 410 -45.41 23.71 39.17
CA LEU B 410 -44.35 22.70 39.15
C LEU B 410 -44.75 21.46 39.93
N ILE B 411 -44.57 20.29 39.34
CA ILE B 411 -44.77 19.03 40.06
C ILE B 411 -43.45 18.28 40.20
N ILE B 412 -43.09 17.96 41.43
CA ILE B 412 -41.87 17.20 41.73
C ILE B 412 -42.23 15.84 42.30
N GLY B 413 -41.80 14.79 41.63
CA GLY B 413 -42.01 13.43 42.11
C GLY B 413 -40.85 12.96 42.96
N ASN B 414 -41.12 12.03 43.87
CA ASN B 414 -40.08 11.50 44.75
C ASN B 414 -40.17 9.98 44.89
N TYR B 415 -39.04 9.33 44.67
CA TYR B 415 -38.90 7.88 44.60
C TYR B 415 -39.85 7.25 43.57
N SER B 416 -40.16 5.97 43.70
CA SER B 416 -40.72 5.26 42.56
C SER B 416 -42.21 5.51 42.46
N ASP B 417 -42.88 5.35 43.59
CA ASP B 417 -44.31 5.59 43.64
C ASP B 417 -44.57 7.07 43.39
N GLY B 418 -43.76 7.92 44.03
CA GLY B 418 -43.88 9.35 43.89
C GLY B 418 -43.63 9.79 42.46
N ASN B 419 -42.64 9.19 41.83
CA ASN B 419 -42.34 9.52 40.44
C ASN B 419 -43.41 8.98 39.52
N LEU B 420 -43.82 7.73 39.73
CA LEU B 420 -44.94 7.17 38.98
C LEU B 420 -46.13 8.13 39.02
N VAL B 421 -46.54 8.52 40.23
CA VAL B 421 -47.74 9.32 40.37
C VAL B 421 -47.57 10.68 39.73
N ALA B 422 -46.48 11.37 40.06
CA ALA B 422 -46.21 12.70 39.54
C ALA B 422 -46.21 12.73 38.01
N SER B 423 -45.77 11.64 37.36
CA SER B 423 -45.89 11.55 35.90
C SER B 423 -47.34 11.59 35.48
N LEU B 424 -48.16 10.68 36.00
CA LEU B 424 -49.59 10.69 35.70
C LEU B 424 -50.22 12.06 35.94
N LEU B 425 -49.95 12.61 37.12
CA LEU B 425 -50.49 13.90 37.54
C LEU B 425 -50.15 15.01 36.54
N ALA B 426 -48.91 15.00 36.06
CA ALA B 426 -48.39 16.06 35.18
C ALA B 426 -48.91 15.94 33.75
N HIS B 427 -49.04 14.70 33.29
CA HIS B 427 -49.70 14.41 32.03
C HIS B 427 -51.13 14.92 32.12
N LYS B 428 -51.83 14.52 33.17
CA LYS B 428 -53.21 14.95 33.37
C LYS B 428 -53.38 16.45 33.39
N LEU B 429 -52.60 17.13 34.22
CA LEU B 429 -52.80 18.56 34.46
C LEU B 429 -51.99 19.46 33.54
N GLY B 430 -51.08 18.88 32.77
CA GLY B 430 -50.23 19.64 31.88
C GLY B 430 -49.27 20.58 32.58
N VAL B 431 -48.44 20.03 33.47
CA VAL B 431 -47.53 20.85 34.28
C VAL B 431 -46.09 20.39 34.16
N THR B 432 -45.16 21.34 34.19
CA THR B 432 -43.73 21.00 34.17
C THR B 432 -43.43 20.00 35.29
N GLN B 433 -42.62 18.99 34.99
CA GLN B 433 -42.37 17.89 35.91
C GLN B 433 -40.91 17.71 36.24
N CYS B 434 -40.64 17.45 37.52
CA CYS B 434 -39.30 17.06 37.95
C CYS B 434 -39.39 15.73 38.72
N THR B 435 -38.35 14.91 38.61
CA THR B 435 -38.28 13.73 39.47
C THR B 435 -36.99 13.65 40.24
N ILE B 436 -37.07 13.06 41.42
CA ILE B 436 -35.92 12.84 42.27
C ILE B 436 -36.00 11.41 42.76
N ALA B 437 -35.00 10.59 42.44
CA ALA B 437 -35.08 9.17 42.75
C ALA B 437 -35.00 8.88 44.24
N HIS B 438 -34.03 9.50 44.92
CA HIS B 438 -33.79 9.34 46.36
C HIS B 438 -33.14 8.01 46.65
N ALA B 439 -33.31 7.10 45.69
CA ALA B 439 -32.62 5.82 45.66
C ALA B 439 -33.20 5.07 44.47
N LEU B 440 -32.45 4.10 43.96
CA LEU B 440 -32.92 3.25 42.89
C LEU B 440 -32.68 1.82 43.33
N GLU B 441 -33.76 1.07 43.52
CA GLU B 441 -33.63 -0.22 44.20
C GLU B 441 -32.72 -1.19 43.46
N LYS B 442 -32.66 -1.08 42.13
CA LYS B 442 -31.85 -2.02 41.36
C LYS B 442 -30.38 -2.04 41.78
N THR B 443 -29.83 -0.89 42.19
CA THR B 443 -28.44 -0.85 42.65
C THR B 443 -28.31 -1.34 44.10
N LYS B 444 -29.40 -1.23 44.85
CA LYS B 444 -29.39 -1.63 46.25
C LYS B 444 -29.55 -3.14 46.40
N TYR B 445 -30.24 -3.77 45.46
CA TYR B 445 -30.47 -5.21 45.53
C TYR B 445 -29.86 -5.90 44.32
N PRO B 446 -28.58 -6.29 44.42
CA PRO B 446 -27.78 -6.77 43.29
C PRO B 446 -28.41 -7.93 42.54
N ASP B 447 -28.30 -7.86 41.21
CA ASP B 447 -28.79 -8.92 40.33
C ASP B 447 -30.27 -9.15 40.53
N SER B 448 -30.96 -8.14 41.05
CA SER B 448 -32.38 -8.21 41.28
C SER B 448 -33.10 -7.99 39.96
N ASP B 449 -32.35 -7.55 38.96
CA ASP B 449 -32.89 -7.46 37.61
C ASP B 449 -32.91 -8.87 36.97
N ILE B 450 -31.74 -9.49 36.82
CA ILE B 450 -31.64 -10.84 36.29
C ILE B 450 -32.47 -11.85 37.10
N TYR B 451 -32.38 -11.75 38.42
CA TYR B 451 -33.05 -12.67 39.34
C TYR B 451 -34.44 -12.23 39.82
N TRP B 452 -34.98 -11.20 39.16
CA TRP B 452 -36.24 -10.60 39.58
C TRP B 452 -37.35 -11.58 39.91
N LYS B 453 -37.54 -12.59 39.07
CA LYS B 453 -38.68 -13.48 39.21
C LYS B 453 -38.77 -14.11 40.61
N LYS B 454 -37.65 -14.61 41.13
CA LYS B 454 -37.69 -15.24 42.43
C LYS B 454 -37.87 -14.24 43.57
N LEU B 455 -37.64 -12.96 43.29
CA LEU B 455 -37.81 -11.93 44.31
C LEU B 455 -39.18 -11.27 44.28
N ASP B 456 -39.98 -11.57 43.27
CA ASP B 456 -41.15 -10.74 43.00
C ASP B 456 -42.24 -10.79 44.06
N ASP B 457 -42.58 -11.98 44.54
CA ASP B 457 -43.66 -12.10 45.52
C ASP B 457 -43.36 -11.32 46.79
N LYS B 458 -42.07 -11.10 47.08
CA LYS B 458 -41.66 -10.34 48.25
C LYS B 458 -41.46 -8.85 47.89
N TYR B 459 -40.55 -8.56 46.98
CA TYR B 459 -40.25 -7.16 46.62
C TYR B 459 -41.01 -6.57 45.42
N HIS B 460 -41.73 -7.40 44.67
CA HIS B 460 -42.45 -6.92 43.49
C HIS B 460 -41.60 -5.99 42.61
N PHE B 461 -40.32 -6.32 42.47
CA PHE B 461 -39.41 -5.46 41.73
C PHE B 461 -39.86 -5.24 40.29
N SER B 462 -40.68 -6.14 39.76
CA SER B 462 -41.16 -5.99 38.39
C SER B 462 -41.97 -4.70 38.20
N CYS B 463 -42.76 -4.31 39.22
CA CYS B 463 -43.51 -3.07 39.13
C CYS B 463 -42.61 -1.85 39.27
N GLN B 464 -41.74 -1.88 40.27
CA GLN B 464 -40.88 -0.76 40.57
C GLN B 464 -40.00 -0.40 39.38
N PHE B 465 -39.26 -1.39 38.86
CA PHE B 465 -38.34 -1.12 37.76
C PHE B 465 -39.10 -0.51 36.60
N THR B 466 -40.33 -0.99 36.40
CA THR B 466 -41.18 -0.45 35.36
C THR B 466 -41.56 1.01 35.68
N ALA B 467 -41.98 1.27 36.92
CA ALA B 467 -42.32 2.63 37.31
C ALA B 467 -41.11 3.54 37.12
N ASP B 468 -39.95 3.06 37.56
CA ASP B 468 -38.71 3.82 37.39
C ASP B 468 -38.42 4.16 35.93
N ILE B 469 -38.31 3.15 35.07
CA ILE B 469 -38.05 3.40 33.64
C ILE B 469 -39.10 4.33 33.06
N PHE B 470 -40.34 4.18 33.51
CA PHE B 470 -41.44 5.02 33.07
C PHE B 470 -41.25 6.50 33.41
N ALA B 471 -41.11 6.77 34.71
CA ALA B 471 -40.99 8.14 35.20
C ALA B 471 -39.74 8.81 34.67
N MET B 472 -38.70 8.01 34.53
CA MET B 472 -37.37 8.49 34.20
C MET B 472 -37.39 9.21 32.87
N ASN B 473 -38.07 8.61 31.90
CA ASN B 473 -38.21 9.19 30.58
C ASN B 473 -39.40 10.15 30.44
N HIS B 474 -40.37 10.00 31.33
CA HIS B 474 -41.60 10.78 31.27
C HIS B 474 -41.34 12.19 31.81
N THR B 475 -40.48 12.30 32.80
CA THR B 475 -40.23 13.58 33.47
C THR B 475 -39.59 14.62 32.53
N ASP B 476 -39.76 15.89 32.86
CA ASP B 476 -39.14 16.96 32.09
C ASP B 476 -37.69 17.17 32.46
N PHE B 477 -37.40 17.18 33.76
CA PHE B 477 -36.02 17.16 34.22
C PHE B 477 -35.86 16.29 35.46
N ILE B 478 -34.61 15.90 35.74
CA ILE B 478 -34.31 15.04 36.86
C ILE B 478 -33.29 15.70 37.75
N ILE B 479 -33.54 15.68 39.05
CA ILE B 479 -32.54 16.15 40.00
C ILE B 479 -31.82 15.00 40.68
N THR B 480 -30.50 15.07 40.76
CA THR B 480 -29.75 14.10 41.55
C THR B 480 -28.91 14.83 42.60
N SER B 481 -28.49 14.09 43.62
CA SER B 481 -27.73 14.66 44.75
C SER B 481 -26.22 14.58 44.61
N THR B 482 -25.76 13.87 43.59
CA THR B 482 -24.33 13.67 43.35
C THR B 482 -24.14 13.36 41.87
N PHE B 483 -22.90 13.47 41.42
CA PHE B 483 -22.53 12.95 40.11
C PHE B 483 -22.66 11.42 40.12
N GLN B 484 -22.19 10.78 41.18
CA GLN B 484 -22.20 9.31 41.25
C GLN B 484 -23.59 8.71 40.97
N GLU B 485 -24.63 9.41 41.38
CA GLU B 485 -26.00 8.95 41.18
C GLU B 485 -26.35 8.81 39.69
N ILE B 486 -25.59 9.49 38.86
CA ILE B 486 -25.79 9.41 37.42
C ILE B 486 -24.77 8.47 36.76
N ALA B 487 -23.52 8.95 36.64
CA ALA B 487 -22.43 8.17 36.03
C ALA B 487 -21.41 7.46 36.96
N GLY B 488 -21.60 7.55 38.28
CA GLY B 488 -20.70 6.88 39.20
C GLY B 488 -19.29 7.43 39.14
N SER B 489 -18.30 6.54 39.23
CA SER B 489 -16.89 6.95 39.09
C SER B 489 -16.24 6.30 37.88
N LYS B 490 -14.93 6.55 37.71
CA LYS B 490 -14.18 5.99 36.60
C LYS B 490 -14.14 4.47 36.71
N GLU B 491 -13.99 3.99 37.94
CA GLU B 491 -13.99 2.55 38.23
C GLU B 491 -15.37 1.92 38.14
N THR B 492 -16.36 2.49 38.81
CA THR B 492 -17.67 1.84 38.96
C THR B 492 -18.83 2.54 38.25
N VAL B 493 -19.85 1.76 37.91
CA VAL B 493 -21.03 2.25 37.19
C VAL B 493 -21.94 3.10 38.10
N GLY B 494 -22.65 4.05 37.50
CA GLY B 494 -23.52 4.91 38.25
C GLY B 494 -24.88 4.29 38.51
N GLN B 495 -25.67 4.94 39.36
CA GLN B 495 -27.02 4.46 39.67
C GLN B 495 -27.98 4.53 38.47
N TYR B 496 -28.11 5.70 37.86
CA TYR B 496 -28.92 5.81 36.64
C TYR B 496 -28.31 5.00 35.49
N GLU B 497 -26.99 5.10 35.35
CA GLU B 497 -26.24 4.46 34.27
C GLU B 497 -26.56 2.97 34.19
N SER B 498 -26.68 2.35 35.36
CA SER B 498 -26.94 0.91 35.42
C SER B 498 -28.32 0.57 34.87
N HIS B 499 -29.09 1.59 34.52
CA HIS B 499 -30.40 1.38 33.93
C HIS B 499 -30.36 1.50 32.40
N THR B 500 -29.19 1.74 31.84
CA THR B 500 -29.08 1.93 30.40
C THR B 500 -29.34 0.62 29.66
N ALA B 501 -28.65 -0.43 30.07
CA ALA B 501 -28.88 -1.76 29.50
C ALA B 501 -29.03 -2.80 30.59
N PHE B 502 -30.21 -3.39 30.69
CA PHE B 502 -30.47 -4.46 31.65
C PHE B 502 -31.64 -5.29 31.15
N THR B 503 -31.82 -6.48 31.73
CA THR B 503 -32.93 -7.33 31.33
C THR B 503 -33.59 -7.99 32.55
N LEU B 504 -34.89 -8.23 32.45
CA LEU B 504 -35.61 -9.00 33.45
C LEU B 504 -36.15 -10.22 32.73
N PRO B 505 -35.36 -11.30 32.72
CA PRO B 505 -35.68 -12.40 31.81
C PRO B 505 -37.11 -12.88 31.99
N GLY B 506 -37.86 -12.92 30.89
CA GLY B 506 -39.23 -13.39 30.93
C GLY B 506 -40.23 -12.25 30.93
N LEU B 507 -39.75 -11.03 31.16
CA LEU B 507 -40.64 -9.89 31.28
C LEU B 507 -40.43 -8.93 30.12
N TYR B 508 -39.23 -8.36 30.06
CA TYR B 508 -38.82 -7.56 28.92
C TYR B 508 -37.33 -7.31 29.02
N ARG B 509 -36.78 -6.65 28.01
CA ARG B 509 -35.35 -6.40 27.95
C ARG B 509 -35.15 -4.93 27.67
N VAL B 510 -34.39 -4.24 28.51
CA VAL B 510 -34.23 -2.80 28.30
C VAL B 510 -32.90 -2.54 27.62
N VAL B 511 -32.97 -2.24 26.32
CA VAL B 511 -31.78 -2.10 25.51
C VAL B 511 -31.17 -0.72 25.69
N HIS B 512 -32.01 0.31 25.66
CA HIS B 512 -31.62 1.62 26.13
C HIS B 512 -32.67 2.15 27.12
N GLY B 513 -32.33 2.14 28.40
CA GLY B 513 -33.27 2.61 29.41
C GLY B 513 -33.24 4.11 29.57
N ILE B 514 -32.02 4.62 29.65
CA ILE B 514 -31.74 6.00 29.96
C ILE B 514 -30.31 6.24 29.50
N ASP B 515 -29.94 7.50 29.28
CA ASP B 515 -28.59 7.83 28.81
C ASP B 515 -27.91 8.77 29.79
N VAL B 516 -26.73 8.38 30.26
CA VAL B 516 -26.05 9.14 31.29
C VAL B 516 -25.75 10.57 30.84
N PHE B 517 -25.89 10.82 29.54
CA PHE B 517 -25.62 12.15 28.99
C PHE B 517 -26.89 12.98 28.73
N ASP B 518 -28.06 12.40 28.97
CA ASP B 518 -29.30 13.11 28.68
C ASP B 518 -29.28 14.51 29.29
N PRO B 519 -29.60 15.53 28.50
CA PRO B 519 -29.56 16.93 28.95
C PRO B 519 -30.48 17.21 30.14
N LYS B 520 -31.38 16.27 30.46
CA LYS B 520 -32.32 16.47 31.56
C LYS B 520 -31.76 16.23 32.97
N PHE B 521 -30.65 15.50 33.10
CA PHE B 521 -30.04 15.34 34.41
C PHE B 521 -29.45 16.65 34.95
N ASN B 522 -29.85 17.04 36.15
CA ASN B 522 -29.19 18.13 36.87
C ASN B 522 -28.84 17.71 38.30
N ILE B 523 -27.60 17.99 38.69
CA ILE B 523 -27.11 17.69 40.03
C ILE B 523 -27.35 18.91 40.90
N VAL B 524 -28.23 18.81 41.88
CA VAL B 524 -28.42 19.88 42.84
C VAL B 524 -28.30 19.29 44.23
N SER B 525 -27.20 19.59 44.90
CA SER B 525 -26.87 18.92 46.16
C SER B 525 -27.56 19.54 47.33
N PRO B 526 -28.30 18.72 48.10
CA PRO B 526 -29.04 19.17 49.28
C PRO B 526 -28.06 19.48 50.39
N GLY B 527 -28.57 19.73 51.58
CA GLY B 527 -27.74 20.10 52.70
C GLY B 527 -28.44 19.65 53.97
N ALA B 528 -27.91 20.02 55.12
CA ALA B 528 -28.58 19.70 56.35
C ALA B 528 -28.94 21.02 57.02
N ASP B 529 -30.15 21.10 57.58
CA ASP B 529 -30.65 22.32 58.20
C ASP B 529 -29.68 22.83 59.26
N MET B 530 -29.20 24.05 59.11
CA MET B 530 -28.06 24.50 59.91
C MET B 530 -28.39 24.97 61.34
N SER B 531 -29.67 25.14 61.62
CA SER B 531 -30.12 25.40 62.98
C SER B 531 -30.19 24.10 63.80
N ILE B 532 -30.38 22.99 63.10
CA ILE B 532 -30.36 21.67 63.74
C ILE B 532 -28.95 21.08 63.89
N TYR B 533 -28.15 21.21 62.84
CA TYR B 533 -26.82 20.62 62.84
C TYR B 533 -25.73 21.67 62.65
N PHE B 534 -24.94 21.86 63.70
CA PHE B 534 -23.82 22.80 63.64
C PHE B 534 -22.65 22.21 64.40
N PRO B 535 -21.50 22.89 64.34
CA PRO B 535 -20.27 22.37 64.94
C PRO B 535 -20.40 22.22 66.44
N TYR B 536 -19.92 21.09 66.96
CA TYR B 536 -20.02 20.74 68.37
C TYR B 536 -19.25 21.72 69.24
N THR B 537 -18.41 22.52 68.60
CA THR B 537 -17.52 23.42 69.32
C THR B 537 -18.14 24.77 69.65
N GLU B 538 -19.35 25.04 69.18
CA GLU B 538 -19.96 26.30 69.54
C GLU B 538 -20.77 26.09 70.82
N GLU B 539 -20.21 26.54 71.95
CA GLU B 539 -20.80 26.29 73.25
C GLU B 539 -22.08 27.08 73.41
N LYS B 540 -22.04 28.34 72.98
CA LYS B 540 -23.20 29.22 73.07
C LYS B 540 -24.45 28.58 72.48
N ARG B 541 -24.25 27.75 71.46
CA ARG B 541 -25.39 27.13 70.77
C ARG B 541 -25.80 25.74 71.24
N ARG B 542 -24.97 25.09 72.05
CA ARG B 542 -25.24 23.71 72.46
C ARG B 542 -26.54 23.67 73.24
N LEU B 543 -27.32 22.59 73.08
CA LEU B 543 -28.56 22.47 73.83
C LEU B 543 -28.30 21.55 75.00
N THR B 544 -28.08 22.17 76.16
CA THR B 544 -27.66 21.43 77.34
C THR B 544 -28.91 20.89 78.01
N LYS B 545 -30.02 21.53 77.71
CA LYS B 545 -31.30 21.11 78.23
C LYS B 545 -31.47 19.61 77.99
N PHE B 546 -30.78 19.11 76.96
CA PHE B 546 -30.91 17.71 76.54
C PHE B 546 -29.94 16.73 77.20
N HIS B 547 -28.99 17.21 77.99
CA HIS B 547 -27.93 16.32 78.43
C HIS B 547 -28.38 15.23 79.41
N SER B 548 -29.33 15.54 80.28
CA SER B 548 -29.89 14.49 81.11
C SER B 548 -30.46 13.35 80.25
N GLU B 549 -31.38 13.66 79.34
CA GLU B 549 -31.97 12.66 78.44
C GLU B 549 -30.91 11.82 77.75
N ILE B 550 -29.92 12.50 77.17
CA ILE B 550 -28.87 11.82 76.42
C ILE B 550 -27.99 10.97 77.31
N GLU B 551 -27.65 11.49 78.49
CA GLU B 551 -26.90 10.70 79.45
C GLU B 551 -27.64 9.40 79.76
N GLU B 552 -28.97 9.48 79.85
CA GLU B 552 -29.77 8.28 80.11
C GLU B 552 -29.71 7.33 78.91
N LEU B 553 -29.94 7.91 77.73
CA LEU B 553 -29.97 7.18 76.48
C LEU B 553 -28.70 6.37 76.24
N LEU B 554 -27.53 7.01 76.38
CA LEU B 554 -26.26 6.30 76.19
C LEU B 554 -25.82 5.44 77.38
N TYR B 555 -25.79 6.05 78.55
CA TYR B 555 -25.10 5.42 79.69
C TYR B 555 -25.91 4.69 80.78
N SER B 556 -27.23 4.70 80.71
CA SER B 556 -28.01 4.11 81.80
C SER B 556 -27.87 2.59 81.84
N ASP B 557 -28.17 2.02 83.00
CA ASP B 557 -28.12 0.57 83.19
C ASP B 557 -29.47 -0.12 82.98
N VAL B 558 -30.46 0.62 82.50
CA VAL B 558 -31.74 0.00 82.22
C VAL B 558 -31.83 -0.52 80.80
N GLU B 559 -32.11 -1.81 80.64
CA GLU B 559 -32.37 -2.40 79.34
C GLU B 559 -33.87 -2.48 79.06
N ASN B 560 -34.30 -1.91 77.93
CA ASN B 560 -35.71 -1.90 77.57
C ASN B 560 -35.88 -1.73 76.07
N LYS B 561 -37.11 -1.45 75.63
CA LYS B 561 -37.39 -1.32 74.20
C LYS B 561 -36.75 -0.08 73.60
N GLU B 562 -36.39 0.86 74.49
CA GLU B 562 -35.71 2.07 74.07
C GLU B 562 -34.21 1.84 73.83
N HIS B 563 -33.60 1.02 74.67
CA HIS B 563 -32.21 0.69 74.46
C HIS B 563 -31.81 -0.66 75.03
N LEU B 564 -30.89 -1.33 74.34
CA LEU B 564 -30.48 -2.67 74.72
C LEU B 564 -29.00 -2.75 75.06
N CYS B 565 -28.68 -3.71 75.90
CA CYS B 565 -27.41 -3.83 76.57
C CYS B 565 -27.04 -2.56 77.33
N VAL B 566 -25.75 -2.39 77.57
CA VAL B 566 -25.28 -1.36 78.50
C VAL B 566 -23.82 -1.01 78.23
N LEU B 567 -23.45 0.24 78.47
CA LEU B 567 -22.05 0.61 78.33
C LEU B 567 -21.38 0.61 79.70
N LYS B 568 -20.43 -0.30 79.89
CA LYS B 568 -19.71 -0.40 81.15
C LYS B 568 -18.79 0.80 81.40
N ASP B 569 -18.02 1.19 80.38
CA ASP B 569 -17.04 2.27 80.52
C ASP B 569 -17.51 3.54 79.81
N LYS B 570 -17.90 4.53 80.61
CA LYS B 570 -18.57 5.71 80.07
C LYS B 570 -17.62 6.73 79.43
N LYS B 571 -16.32 6.55 79.63
CA LYS B 571 -15.35 7.52 79.14
C LYS B 571 -14.74 7.23 77.76
N LYS B 572 -14.98 6.03 77.23
CA LYS B 572 -14.50 5.69 75.90
C LYS B 572 -15.15 6.58 74.85
N PRO B 573 -14.42 6.86 73.77
CA PRO B 573 -15.01 7.43 72.55
C PRO B 573 -16.12 6.50 72.05
N ILE B 574 -17.16 7.09 71.47
CA ILE B 574 -18.28 6.30 70.98
C ILE B 574 -18.22 6.16 69.47
N LEU B 575 -18.35 4.93 68.99
CA LEU B 575 -18.47 4.67 67.58
C LEU B 575 -19.96 4.62 67.29
N PHE B 576 -20.44 5.62 66.55
CA PHE B 576 -21.87 5.87 66.46
C PHE B 576 -22.45 5.64 65.06
N THR B 577 -23.71 5.19 65.02
CA THR B 577 -24.46 5.09 63.77
C THR B 577 -25.98 5.19 64.00
N MET B 578 -26.70 5.67 62.99
CA MET B 578 -28.15 5.83 63.06
C MET B 578 -28.79 5.66 61.66
N ALA B 579 -29.93 4.97 61.58
CA ALA B 579 -30.55 4.67 60.30
C ALA B 579 -31.82 3.87 60.42
N ARG B 580 -32.63 3.84 59.35
CA ARG B 580 -33.72 2.88 59.30
C ARG B 580 -33.06 1.52 59.37
N LEU B 581 -33.72 0.55 59.98
CA LEU B 581 -33.14 -0.77 60.08
C LEU B 581 -33.75 -1.65 59.00
N ASP B 582 -32.96 -1.92 57.96
CA ASP B 582 -33.33 -2.86 56.93
C ASP B 582 -32.04 -3.52 56.46
N ARG B 583 -32.12 -4.52 55.60
CA ARG B 583 -30.94 -5.34 55.31
C ARG B 583 -29.81 -4.56 54.65
N VAL B 584 -30.18 -3.67 53.74
CA VAL B 584 -29.20 -2.89 52.98
C VAL B 584 -28.44 -1.92 53.89
N LYS B 585 -29.12 -1.35 54.89
CA LYS B 585 -28.43 -0.44 55.81
C LYS B 585 -27.29 -1.18 56.53
N ASN B 586 -27.43 -2.49 56.63
CA ASN B 586 -26.36 -3.36 57.09
C ASN B 586 -25.93 -3.15 58.54
N LEU B 587 -26.81 -2.61 59.37
CA LEU B 587 -26.45 -2.35 60.76
C LEU B 587 -25.95 -3.61 61.49
N SER B 588 -26.58 -4.74 61.23
CA SER B 588 -26.14 -6.01 61.78
C SER B 588 -24.68 -6.28 61.39
N GLY B 589 -24.36 -6.12 60.11
CA GLY B 589 -22.99 -6.31 59.63
C GLY B 589 -21.97 -5.54 60.47
N LEU B 590 -22.16 -4.24 60.63
CA LEU B 590 -21.29 -3.43 61.47
C LEU B 590 -21.20 -4.03 62.87
N VAL B 591 -22.33 -4.47 63.41
CA VAL B 591 -22.32 -5.02 64.75
C VAL B 591 -21.41 -6.24 64.80
N GLU B 592 -21.41 -7.02 63.72
CA GLU B 592 -20.51 -8.15 63.62
C GLU B 592 -19.04 -7.72 63.53
N TRP B 593 -18.74 -6.83 62.59
CA TRP B 593 -17.37 -6.36 62.43
C TRP B 593 -16.82 -5.96 63.79
N TYR B 594 -17.60 -5.14 64.49
CA TYR B 594 -17.22 -4.67 65.82
C TYR B 594 -17.02 -5.84 66.78
N GLY B 595 -17.99 -6.75 66.79
CA GLY B 595 -17.92 -7.91 67.65
C GLY B 595 -16.62 -8.70 67.55
N LYS B 596 -16.16 -8.93 66.32
CA LYS B 596 -14.98 -9.77 66.07
C LYS B 596 -13.64 -9.10 66.34
N ASN B 597 -13.60 -7.77 66.29
CA ASN B 597 -12.32 -7.07 66.40
C ASN B 597 -12.08 -6.55 67.82
N THR B 598 -11.15 -7.21 68.50
CA THR B 598 -10.94 -7.04 69.93
C THR B 598 -10.21 -5.74 70.26
N ARG B 599 -9.36 -5.32 69.33
CA ARG B 599 -8.60 -4.10 69.52
C ARG B 599 -9.56 -2.92 69.48
N LEU B 600 -10.57 -3.02 68.62
CA LEU B 600 -11.51 -1.93 68.42
C LEU B 600 -12.46 -1.84 69.60
N ARG B 601 -13.01 -2.99 70.01
CA ARG B 601 -13.86 -3.05 71.20
C ARG B 601 -13.12 -2.48 72.41
N GLU B 602 -11.80 -2.64 72.43
CA GLU B 602 -10.97 -2.08 73.47
C GLU B 602 -10.95 -0.55 73.44
N LEU B 603 -10.86 0.02 72.24
CA LEU B 603 -10.69 1.46 72.07
C LEU B 603 -12.00 2.27 72.16
N ALA B 604 -13.11 1.69 71.72
CA ALA B 604 -14.34 2.44 71.55
C ALA B 604 -15.59 1.66 71.97
N ASN B 605 -16.70 2.38 72.11
CA ASN B 605 -18.01 1.74 72.36
C ASN B 605 -18.89 1.84 71.13
N LEU B 606 -19.62 0.78 70.85
CA LEU B 606 -20.59 0.79 69.74
C LEU B 606 -21.98 1.24 70.19
N VAL B 607 -22.50 2.25 69.53
CA VAL B 607 -23.86 2.72 69.78
C VAL B 607 -24.57 2.71 68.44
N VAL B 608 -25.55 1.83 68.30
CA VAL B 608 -26.33 1.77 67.07
C VAL B 608 -27.76 2.22 67.31
N VAL B 609 -28.22 3.16 66.50
CA VAL B 609 -29.60 3.55 66.53
C VAL B 609 -30.25 3.04 65.26
N GLY B 610 -31.15 2.06 65.41
CA GLY B 610 -32.12 1.78 64.36
C GLY B 610 -33.17 0.76 64.70
N GLY B 611 -34.36 0.94 64.13
CA GLY B 611 -35.51 0.10 64.42
C GLY B 611 -36.29 0.59 65.63
N ASP B 612 -37.61 0.41 65.59
CA ASP B 612 -38.44 0.83 66.72
C ASP B 612 -38.95 -0.39 67.48
N ARG B 613 -38.36 -0.62 68.65
CA ARG B 613 -38.65 -1.80 69.45
C ARG B 613 -39.76 -1.55 70.48
N ARG B 614 -40.32 -0.34 70.43
CA ARG B 614 -41.42 0.04 71.30
C ARG B 614 -42.69 -0.67 70.87
N LYS B 615 -42.77 -0.95 69.57
CA LYS B 615 -43.90 -1.66 69.00
C LYS B 615 -43.45 -2.91 68.24
N GLU B 616 -44.35 -3.87 68.08
CA GLU B 616 -44.07 -5.06 67.29
C GLU B 616 -43.92 -4.62 65.84
N SER B 617 -42.95 -5.19 65.12
CA SER B 617 -42.61 -4.69 63.79
C SER B 617 -43.30 -5.39 62.63
N LYS B 618 -43.82 -4.60 61.70
CA LYS B 618 -44.57 -5.12 60.57
C LYS B 618 -43.78 -5.23 59.25
N ASP B 619 -42.52 -4.81 59.26
CA ASP B 619 -41.72 -4.82 58.04
C ASP B 619 -40.80 -6.05 57.99
N ASN B 620 -40.78 -6.73 56.85
CA ASN B 620 -39.99 -7.95 56.73
C ASN B 620 -38.50 -7.79 57.05
N GLU B 621 -37.82 -6.88 56.36
CA GLU B 621 -36.40 -6.72 56.60
C GLU B 621 -36.15 -6.28 58.02
N GLU B 622 -36.93 -5.33 58.50
CA GLU B 622 -36.76 -4.85 59.87
C GLU B 622 -36.85 -6.00 60.84
N LYS B 623 -37.89 -6.82 60.69
CA LYS B 623 -38.09 -7.95 61.57
C LYS B 623 -36.85 -8.85 61.48
N ALA B 624 -36.49 -9.26 60.27
CA ALA B 624 -35.31 -10.10 60.08
C ALA B 624 -34.11 -9.51 60.78
N GLU B 625 -33.93 -8.21 60.62
CA GLU B 625 -32.74 -7.55 61.10
C GLU B 625 -32.68 -7.51 62.62
N MET B 626 -33.84 -7.35 63.25
CA MET B 626 -33.90 -7.36 64.70
C MET B 626 -33.45 -8.71 65.25
N LYS B 627 -33.81 -9.78 64.54
CA LYS B 627 -33.39 -11.13 64.88
C LYS B 627 -31.85 -11.26 64.93
N LYS B 628 -31.19 -10.86 63.85
CA LYS B 628 -29.72 -10.88 63.80
C LYS B 628 -29.07 -10.10 64.95
N MET B 629 -29.56 -8.90 65.22
CA MET B 629 -29.00 -8.04 66.26
C MET B 629 -29.10 -8.77 67.59
N TYR B 630 -30.29 -9.31 67.87
CA TYR B 630 -30.53 -10.04 69.10
C TYR B 630 -29.50 -11.16 69.26
N ASP B 631 -29.34 -11.95 68.20
CA ASP B 631 -28.39 -13.06 68.18
C ASP B 631 -26.95 -12.57 68.39
N LEU B 632 -26.54 -11.57 67.61
CA LEU B 632 -25.16 -11.12 67.63
C LEU B 632 -24.74 -10.67 69.03
N ILE B 633 -25.64 -9.99 69.73
CA ILE B 633 -25.37 -9.60 71.11
C ILE B 633 -24.95 -10.82 71.94
N GLU B 634 -25.66 -11.94 71.77
CA GLU B 634 -25.34 -13.18 72.46
C GLU B 634 -24.03 -13.78 71.95
N GLU B 635 -23.89 -13.86 70.62
CA GLU B 635 -22.71 -14.46 70.00
C GLU B 635 -21.39 -13.80 70.40
N TYR B 636 -21.32 -12.48 70.28
CA TYR B 636 -20.10 -11.76 70.61
C TYR B 636 -20.11 -11.16 72.01
N LYS B 637 -21.16 -11.49 72.76
CA LYS B 637 -21.24 -11.05 74.14
C LYS B 637 -21.00 -9.55 74.17
N LEU B 638 -21.90 -8.81 73.54
CA LEU B 638 -21.67 -7.39 73.33
C LEU B 638 -21.97 -6.55 74.56
N ASN B 639 -22.67 -7.12 75.54
CA ASN B 639 -23.05 -6.34 76.71
C ASN B 639 -21.85 -5.71 77.39
N GLY B 640 -21.93 -4.40 77.56
CA GLY B 640 -20.91 -3.60 78.21
C GLY B 640 -20.03 -2.81 77.24
N GLN B 641 -19.87 -3.30 76.02
CA GLN B 641 -19.22 -2.52 74.97
C GLN B 641 -20.20 -1.94 73.92
N PHE B 642 -21.49 -2.26 74.07
CA PHE B 642 -22.50 -2.00 73.04
C PHE B 642 -23.77 -1.36 73.61
N ARG B 643 -24.42 -0.49 72.84
CA ARG B 643 -25.73 0.02 73.21
C ARG B 643 -26.64 0.11 71.99
N TRP B 644 -27.73 -0.65 71.99
CA TRP B 644 -28.62 -0.66 70.82
C TRP B 644 -29.85 0.22 71.06
N ILE B 645 -29.87 1.40 70.44
CA ILE B 645 -30.88 2.41 70.71
C ILE B 645 -31.97 2.40 69.66
N SER B 646 -33.22 2.49 70.11
CA SER B 646 -34.38 2.49 69.23
C SER B 646 -34.54 3.80 68.47
N SER B 647 -35.36 3.78 67.43
CA SER B 647 -35.48 4.93 66.55
C SER B 647 -35.66 6.25 67.27
N GLN B 648 -34.84 7.24 66.88
CA GLN B 648 -34.85 8.57 67.48
C GLN B 648 -35.57 9.55 66.57
N MET B 649 -36.77 9.95 66.97
CA MET B 649 -37.66 10.64 66.03
C MET B 649 -37.53 12.17 65.97
N ASP B 650 -36.83 12.73 66.95
CA ASP B 650 -36.71 14.18 67.05
C ASP B 650 -35.38 14.69 66.54
N ARG B 651 -35.40 15.33 65.38
CA ARG B 651 -34.18 15.88 64.77
C ARG B 651 -33.47 16.87 65.69
N VAL B 652 -34.22 17.71 66.41
CA VAL B 652 -33.57 18.67 67.29
C VAL B 652 -32.63 17.96 68.28
N ARG B 653 -33.16 17.02 69.07
CA ARG B 653 -32.32 16.30 70.01
C ARG B 653 -31.21 15.54 69.27
N ASN B 654 -31.55 15.05 68.08
CA ASN B 654 -30.57 14.35 67.23
C ASN B 654 -29.32 15.20 66.96
N GLY B 655 -29.51 16.47 66.64
CA GLY B 655 -28.39 17.37 66.45
C GLY B 655 -27.46 17.37 67.66
N GLU B 656 -28.05 17.39 68.85
CA GLU B 656 -27.26 17.46 70.06
C GLU B 656 -26.62 16.12 70.34
N LEU B 657 -27.29 15.06 69.87
CA LEU B 657 -26.76 13.71 70.01
C LEU B 657 -25.46 13.55 69.21
N TYR B 658 -25.48 13.98 67.94
CA TYR B 658 -24.27 13.98 67.13
C TYR B 658 -23.15 14.72 67.82
N ARG B 659 -23.42 15.96 68.23
CA ARG B 659 -22.43 16.79 68.89
C ARG B 659 -21.90 16.07 70.14
N TYR B 660 -22.80 15.44 70.87
CA TYR B 660 -22.37 14.71 72.05
C TYR B 660 -21.32 13.65 71.70
N ILE B 661 -21.56 12.88 70.64
CA ILE B 661 -20.58 11.91 70.20
C ILE B 661 -19.24 12.60 69.98
N CYS B 662 -19.28 13.83 69.46
CA CYS B 662 -18.09 14.64 69.30
C CYS B 662 -17.36 14.86 70.62
N ASP B 663 -18.11 15.11 71.69
CA ASP B 663 -17.49 15.36 72.98
C ASP B 663 -16.65 14.15 73.43
N THR B 664 -17.09 12.95 73.05
CA THR B 664 -16.37 11.75 73.44
C THR B 664 -15.18 11.53 72.52
N LYS B 665 -15.11 12.33 71.46
CA LYS B 665 -14.07 12.20 70.45
C LYS B 665 -14.19 10.89 69.65
N GLY B 666 -15.44 10.50 69.36
CA GLY B 666 -15.73 9.30 68.61
C GLY B 666 -15.85 9.52 67.11
N ALA B 667 -16.54 8.60 66.43
CA ALA B 667 -16.71 8.72 65.00
C ALA B 667 -18.09 8.25 64.58
N PHE B 668 -18.50 8.65 63.39
CA PHE B 668 -19.73 8.17 62.82
C PHE B 668 -19.38 7.16 61.75
N VAL B 669 -19.99 5.98 61.81
CA VAL B 669 -19.78 4.98 60.76
C VAL B 669 -21.08 4.60 60.05
N GLN B 670 -21.06 4.58 58.72
CA GLN B 670 -22.24 4.22 57.93
C GLN B 670 -21.91 3.05 57.02
N PRO B 671 -22.19 1.83 57.50
CA PRO B 671 -21.78 0.57 56.87
C PRO B 671 -22.77 -0.01 55.89
N ALA B 672 -23.30 0.76 54.95
CA ALA B 672 -24.34 0.21 54.09
C ALA B 672 -23.79 -0.48 52.84
N LEU B 673 -24.41 -1.61 52.48
CA LEU B 673 -24.01 -2.31 51.27
C LEU B 673 -24.12 -1.37 50.07
N TYR B 674 -25.13 -0.51 50.11
CA TYR B 674 -25.24 0.57 49.14
C TYR B 674 -25.99 1.70 49.83
N GLU B 675 -25.55 2.93 49.57
CA GLU B 675 -26.22 4.11 50.11
C GLU B 675 -26.42 5.13 48.98
N ALA B 676 -27.67 5.41 48.62
CA ALA B 676 -27.94 6.24 47.46
C ALA B 676 -27.41 7.66 47.67
N PHE B 677 -27.66 8.21 48.84
CA PHE B 677 -27.05 9.50 49.17
C PHE B 677 -26.39 9.52 50.56
N GLY B 678 -27.17 9.31 51.61
CA GLY B 678 -26.64 9.42 52.97
C GLY B 678 -26.61 10.75 53.70
N LEU B 679 -27.78 11.37 53.86
CA LEU B 679 -27.91 12.54 54.73
C LEU B 679 -27.20 12.42 56.11
N THR B 680 -27.25 11.25 56.73
CA THR B 680 -26.58 11.08 58.03
C THR B 680 -25.09 11.38 57.90
N VAL B 681 -24.54 11.08 56.73
CA VAL B 681 -23.15 11.39 56.45
C VAL B 681 -22.98 12.90 56.44
N VAL B 682 -23.85 13.58 55.72
CA VAL B 682 -23.84 15.04 55.67
C VAL B 682 -24.06 15.63 57.07
N GLU B 683 -24.97 15.02 57.83
CA GLU B 683 -25.28 15.50 59.18
C GLU B 683 -24.08 15.42 60.11
N ALA B 684 -23.54 14.22 60.27
CA ALA B 684 -22.36 13.99 61.09
C ALA B 684 -21.24 15.00 60.80
N MET B 685 -20.92 15.18 59.52
CA MET B 685 -19.84 16.08 59.16
C MET B 685 -20.17 17.52 59.57
N THR B 686 -21.42 17.92 59.31
CA THR B 686 -21.89 19.25 59.64
C THR B 686 -21.71 19.56 61.12
N CYS B 687 -21.79 18.51 61.94
CA CYS B 687 -21.61 18.65 63.38
C CYS B 687 -20.13 18.58 63.77
N GLY B 688 -19.28 18.18 62.82
CA GLY B 688 -17.85 18.13 63.05
C GLY B 688 -17.37 16.77 63.50
N LEU B 689 -18.25 15.76 63.37
CA LEU B 689 -17.95 14.39 63.75
C LEU B 689 -17.32 13.61 62.60
N PRO B 690 -16.05 13.18 62.77
CA PRO B 690 -15.29 12.43 61.77
C PRO B 690 -16.04 11.16 61.32
N THR B 691 -16.16 11.00 60.01
CA THR B 691 -17.10 10.03 59.46
C THR B 691 -16.45 8.93 58.61
N PHE B 692 -16.79 7.68 58.88
CA PHE B 692 -16.38 6.57 58.04
C PHE B 692 -17.62 6.07 57.30
N ALA B 693 -17.65 6.26 55.99
CA ALA B 693 -18.84 5.93 55.23
C ALA B 693 -18.53 4.85 54.21
N THR B 694 -19.57 4.11 53.81
CA THR B 694 -19.45 3.09 52.77
C THR B 694 -19.06 3.68 51.42
N CYS B 695 -18.29 2.91 50.66
CA CYS B 695 -17.79 3.37 49.36
C CYS B 695 -18.78 3.04 48.24
N LYS B 696 -19.91 2.47 48.61
CA LYS B 696 -20.89 2.07 47.59
C LYS B 696 -22.05 3.08 47.48
N GLY B 697 -22.06 3.85 46.38
CA GLY B 697 -23.03 4.92 46.21
C GLY B 697 -22.55 6.31 46.61
N GLY B 698 -23.51 7.18 46.95
CA GLY B 698 -23.25 8.59 47.21
C GLY B 698 -22.10 9.01 48.13
N PRO B 699 -21.90 8.30 49.26
CA PRO B 699 -20.87 8.76 50.21
C PRO B 699 -19.46 8.70 49.61
N ALA B 700 -19.32 7.93 48.53
CA ALA B 700 -18.06 7.85 47.82
C ALA B 700 -17.72 9.24 47.27
N GLU B 701 -18.74 9.94 46.81
CA GLU B 701 -18.60 11.32 46.33
C GLU B 701 -18.60 12.34 47.45
N ILE B 702 -19.47 12.16 48.46
CA ILE B 702 -19.55 13.16 49.53
C ILE B 702 -18.21 13.36 50.23
N ILE B 703 -17.54 12.25 50.54
CA ILE B 703 -16.32 12.26 51.34
C ILE B 703 -15.06 12.09 50.52
N VAL B 704 -14.06 12.93 50.78
CA VAL B 704 -12.74 12.80 50.18
C VAL B 704 -11.85 12.05 51.14
N HIS B 705 -11.48 10.83 50.77
CA HIS B 705 -10.81 9.92 51.69
C HIS B 705 -9.54 10.55 52.23
N GLY B 706 -9.44 10.60 53.56
CA GLY B 706 -8.28 11.15 54.22
C GLY B 706 -8.36 12.64 54.53
N LYS B 707 -9.24 13.34 53.83
CA LYS B 707 -9.33 14.79 53.94
C LYS B 707 -10.60 15.23 54.69
N SER B 708 -11.76 14.91 54.14
CA SER B 708 -13.04 15.18 54.81
C SER B 708 -13.65 13.99 55.57
N GLY B 709 -12.92 12.87 55.61
CA GLY B 709 -13.42 11.66 56.24
C GLY B 709 -12.76 10.46 55.60
N PHE B 710 -13.25 9.26 55.88
CA PHE B 710 -12.67 8.04 55.29
C PHE B 710 -13.74 7.18 54.64
N HIS B 711 -13.29 6.34 53.71
CA HIS B 711 -14.18 5.36 53.08
C HIS B 711 -13.87 3.99 53.65
N ILE B 712 -14.91 3.15 53.74
CA ILE B 712 -14.74 1.74 54.09
C ILE B 712 -15.52 0.91 53.10
N ASP B 713 -15.28 -0.39 53.08
CA ASP B 713 -15.93 -1.29 52.13
C ASP B 713 -16.82 -2.25 52.91
N PRO B 714 -18.14 -2.19 52.67
CA PRO B 714 -19.02 -3.09 53.42
C PRO B 714 -18.75 -4.55 53.09
N TYR B 715 -18.12 -4.80 51.96
CA TYR B 715 -17.81 -6.17 51.58
C TYR B 715 -16.56 -6.72 52.28
N HIS B 716 -15.65 -5.85 52.67
CA HIS B 716 -14.62 -6.29 53.59
C HIS B 716 -14.80 -5.52 54.91
N GLY B 717 -15.47 -6.14 55.86
CA GLY B 717 -15.84 -5.42 57.06
C GLY B 717 -14.78 -5.56 58.12
N ASP B 718 -14.09 -6.69 58.10
CA ASP B 718 -13.06 -6.97 59.08
C ASP B 718 -11.97 -5.93 58.87
N GLN B 719 -11.83 -5.49 57.63
CA GLN B 719 -10.91 -4.42 57.29
C GLN B 719 -11.46 -3.08 57.73
N ALA B 720 -12.74 -2.84 57.43
CA ALA B 720 -13.42 -1.66 57.94
C ALA B 720 -13.19 -1.52 59.45
N ALA B 721 -13.41 -2.61 60.16
CA ALA B 721 -13.33 -2.60 61.62
C ALA B 721 -11.93 -2.24 62.11
N ASP B 722 -10.91 -2.75 61.43
CA ASP B 722 -9.56 -2.48 61.86
C ASP B 722 -9.09 -1.08 61.45
N THR B 723 -9.59 -0.58 60.33
CA THR B 723 -9.35 0.80 59.94
C THR B 723 -9.76 1.75 61.07
N LEU B 724 -11.01 1.61 61.51
CA LEU B 724 -11.55 2.35 62.66
C LEU B 724 -10.65 2.25 63.90
N ALA B 725 -10.13 1.06 64.15
CA ALA B 725 -9.22 0.88 65.27
C ALA B 725 -7.92 1.67 65.09
N ASP B 726 -7.47 1.79 63.83
CA ASP B 726 -6.29 2.59 63.52
C ASP B 726 -6.56 4.06 63.83
N PHE B 727 -7.69 4.55 63.33
CA PHE B 727 -8.09 5.94 63.57
C PHE B 727 -8.11 6.30 65.04
N PHE B 728 -8.82 5.52 65.84
CA PHE B 728 -8.89 5.80 67.27
C PHE B 728 -7.50 5.73 67.87
N THR B 729 -6.73 4.73 67.45
CA THR B 729 -5.37 4.53 67.93
C THR B 729 -4.50 5.77 67.65
N LYS B 730 -4.66 6.34 66.47
CA LYS B 730 -3.92 7.55 66.12
C LYS B 730 -4.34 8.76 66.95
N CYS B 731 -5.63 8.89 67.20
CA CYS B 731 -6.15 10.05 67.92
C CYS B 731 -5.75 10.02 69.38
N LYS B 732 -5.60 8.82 69.93
CA LYS B 732 -5.14 8.68 71.31
C LYS B 732 -3.68 9.13 71.38
N GLU B 733 -2.93 8.80 70.34
CA GLU B 733 -1.54 9.22 70.22
C GLU B 733 -1.43 10.71 69.91
N ASP B 734 -2.27 11.18 68.99
CA ASP B 734 -2.21 12.54 68.48
C ASP B 734 -3.62 13.13 68.33
N PRO B 735 -4.18 13.65 69.43
CA PRO B 735 -5.57 14.15 69.43
C PRO B 735 -5.84 15.17 68.31
N SER B 736 -4.79 15.82 67.83
CA SER B 736 -4.94 16.79 66.75
C SER B 736 -5.39 16.08 65.47
N HIS B 737 -5.21 14.77 65.41
CA HIS B 737 -5.60 13.98 64.26
C HIS B 737 -7.12 13.98 64.12
N TRP B 738 -7.80 13.90 65.25
CA TRP B 738 -9.26 13.91 65.26
C TRP B 738 -9.74 15.26 64.77
N ASP B 739 -9.15 16.33 65.30
CA ASP B 739 -9.47 17.70 64.88
C ASP B 739 -9.23 17.94 63.37
N GLU B 740 -8.15 17.36 62.84
CA GLU B 740 -7.84 17.53 61.41
C GLU B 740 -9.01 17.09 60.54
N ILE B 741 -9.55 15.91 60.84
CA ILE B 741 -10.63 15.37 60.02
C ILE B 741 -11.94 16.12 60.25
N SER B 742 -12.21 16.42 61.51
CA SER B 742 -13.38 17.20 61.89
C SER B 742 -13.47 18.44 61.01
N LYS B 743 -12.36 19.15 60.86
CA LYS B 743 -12.33 20.38 60.07
C LYS B 743 -12.46 20.07 58.59
N GLY B 744 -11.80 19.02 58.14
CA GLY B 744 -11.91 18.63 56.75
C GLY B 744 -13.37 18.50 56.39
N GLY B 745 -14.10 17.72 57.19
CA GLY B 745 -15.51 17.51 56.98
C GLY B 745 -16.32 18.82 56.99
N LEU B 746 -16.14 19.59 58.04
CA LEU B 746 -16.84 20.86 58.16
C LEU B 746 -16.70 21.65 56.87
N GLN B 747 -15.48 21.68 56.32
CA GLN B 747 -15.24 22.43 55.09
C GLN B 747 -15.92 21.82 53.88
N ARG B 748 -15.72 20.52 53.68
CA ARG B 748 -16.36 19.83 52.57
C ARG B 748 -17.84 20.18 52.52
N ILE B 749 -18.50 20.15 53.67
CA ILE B 749 -19.92 20.47 53.75
C ILE B 749 -20.19 21.89 53.28
N GLU B 750 -19.52 22.85 53.90
CA GLU B 750 -19.69 24.26 53.53
C GLU B 750 -19.51 24.46 52.03
N GLU B 751 -18.57 23.72 51.45
CA GLU B 751 -18.22 23.89 50.05
C GLU B 751 -19.31 23.31 49.14
N LYS B 752 -19.83 22.15 49.50
CA LYS B 752 -20.68 21.34 48.62
C LYS B 752 -22.15 21.25 49.03
N TYR B 753 -22.44 20.78 50.24
CA TYR B 753 -23.83 20.50 50.60
C TYR B 753 -24.49 21.48 51.58
N THR B 754 -25.32 22.36 51.01
CA THR B 754 -26.00 23.42 51.73
C THR B 754 -27.27 23.73 50.96
N TRP B 755 -28.28 24.26 51.65
CA TRP B 755 -29.58 24.46 51.04
C TRP B 755 -29.76 25.78 50.32
N GLN B 756 -28.84 26.72 50.53
CA GLN B 756 -29.06 28.07 50.03
C GLN B 756 -29.22 28.12 48.50
N ILE B 757 -28.19 27.69 47.78
CA ILE B 757 -28.25 27.71 46.33
C ILE B 757 -29.31 26.76 45.76
N TYR B 758 -29.70 25.77 46.56
CA TYR B 758 -30.59 24.72 46.06
C TYR B 758 -31.84 25.30 45.43
N SER B 759 -32.57 26.10 46.20
CA SER B 759 -33.85 26.57 45.73
C SER B 759 -33.71 27.42 44.48
N GLN B 760 -32.73 28.34 44.50
CA GLN B 760 -32.44 29.18 43.34
C GLN B 760 -32.21 28.31 42.10
N ARG B 761 -31.37 27.28 42.25
CA ARG B 761 -31.12 26.37 41.16
C ARG B 761 -32.41 25.73 40.70
N LEU B 762 -33.19 25.21 41.65
CA LEU B 762 -34.41 24.48 41.31
C LEU B 762 -35.40 25.36 40.55
N LEU B 763 -35.56 26.60 40.98
CA LEU B 763 -36.52 27.49 40.34
C LEU B 763 -36.06 27.82 38.93
N THR B 764 -34.78 28.15 38.81
CA THR B 764 -34.20 28.46 37.52
C THR B 764 -34.43 27.30 36.54
N LEU B 765 -34.08 26.09 36.95
CA LEU B 765 -34.33 24.92 36.09
C LEU B 765 -35.77 24.85 35.59
N THR B 766 -36.72 25.06 36.50
CA THR B 766 -38.14 24.99 36.15
C THR B 766 -38.46 26.00 35.06
N GLY B 767 -37.88 27.18 35.16
CA GLY B 767 -38.04 28.20 34.14
C GLY B 767 -37.53 27.74 32.78
N VAL B 768 -36.26 27.33 32.74
CA VAL B 768 -35.65 26.90 31.49
C VAL B 768 -36.38 25.74 30.85
N TYR B 769 -36.56 24.66 31.62
CA TYR B 769 -37.21 23.46 31.08
C TYR B 769 -38.65 23.71 30.72
N GLY B 770 -39.27 24.69 31.36
CA GLY B 770 -40.65 25.00 31.09
C GLY B 770 -40.80 25.57 29.70
N PHE B 771 -39.88 26.45 29.35
CA PHE B 771 -39.87 27.04 28.02
C PHE B 771 -39.42 26.02 26.99
N TRP B 772 -38.38 25.26 27.33
CA TRP B 772 -37.89 24.20 26.47
C TRP B 772 -39.05 23.29 26.09
N LYS B 773 -39.83 22.93 27.10
CA LYS B 773 -41.00 22.08 26.93
C LYS B 773 -41.88 22.55 25.77
N HIS B 774 -42.02 23.86 25.60
CA HIS B 774 -42.90 24.42 24.57
C HIS B 774 -42.30 24.42 23.16
N VAL B 775 -40.99 24.68 23.06
CA VAL B 775 -40.32 24.60 21.77
C VAL B 775 -40.36 23.15 21.26
N SER B 776 -39.94 22.25 22.13
CA SER B 776 -39.66 20.86 21.77
C SER B 776 -40.87 19.94 21.87
N ASN B 777 -42.04 20.51 22.13
CA ASN B 777 -43.27 19.71 22.21
C ASN B 777 -43.46 18.75 21.02
N LEU B 778 -43.07 19.19 19.84
CA LEU B 778 -43.38 18.47 18.61
C LEU B 778 -42.61 17.17 18.42
N ASP B 779 -41.36 17.11 18.89
CA ASP B 779 -40.56 15.90 18.73
C ASP B 779 -40.62 14.92 19.91
N ARG B 780 -41.25 15.34 21.00
CA ARG B 780 -41.42 14.46 22.16
C ARG B 780 -42.77 13.78 22.07
N LEU B 781 -43.51 14.09 21.02
CA LEU B 781 -44.87 13.61 20.86
C LEU B 781 -44.92 12.09 20.70
N GLU B 782 -43.93 11.54 20.00
CA GLU B 782 -43.82 10.10 19.80
C GLU B 782 -43.48 9.40 21.12
N ALA B 783 -42.48 9.94 21.83
CA ALA B 783 -42.04 9.39 23.10
C ALA B 783 -43.17 9.41 24.12
N ARG B 784 -44.09 10.35 23.94
CA ARG B 784 -45.24 10.49 24.84
C ARG B 784 -46.21 9.34 24.63
N ARG B 785 -46.44 8.99 23.37
CA ARG B 785 -47.33 7.89 23.07
C ARG B 785 -46.69 6.56 23.46
N TYR B 786 -45.40 6.43 23.20
CA TYR B 786 -44.63 5.27 23.64
C TYR B 786 -44.84 5.05 25.12
N LEU B 787 -44.56 6.10 25.90
CA LEU B 787 -44.67 6.04 27.35
C LEU B 787 -46.12 5.83 27.80
N GLU B 788 -47.09 6.34 27.05
CA GLU B 788 -48.49 6.14 27.42
C GLU B 788 -48.81 4.66 27.34
N MET B 789 -48.34 4.02 26.27
CA MET B 789 -48.61 2.62 26.02
C MET B 789 -47.89 1.71 27.01
N PHE B 790 -46.69 2.12 27.40
CA PHE B 790 -45.90 1.33 28.34
C PHE B 790 -46.62 1.26 29.66
N TYR B 791 -47.09 2.42 30.11
CA TYR B 791 -47.83 2.49 31.35
C TYR B 791 -49.11 1.66 31.25
N ALA B 792 -49.88 1.88 30.19
CA ALA B 792 -51.17 1.22 30.01
C ALA B 792 -51.05 -0.29 29.96
N LEU B 793 -50.19 -0.78 29.07
CA LEU B 793 -50.12 -2.21 28.78
C LEU B 793 -49.04 -2.98 29.51
N LYS B 794 -48.21 -2.29 30.27
CA LYS B 794 -47.13 -2.93 31.04
C LYS B 794 -47.27 -2.71 32.54
N TYR B 795 -47.29 -1.44 32.96
CA TYR B 795 -47.48 -1.13 34.37
C TYR B 795 -48.83 -1.63 34.91
N ARG B 796 -49.93 -1.16 34.33
CA ARG B 796 -51.25 -1.46 34.90
C ARG B 796 -51.48 -2.95 35.20
N PRO B 797 -51.09 -3.82 34.26
CA PRO B 797 -51.22 -5.26 34.49
C PRO B 797 -50.36 -5.74 35.67
N LEU B 798 -49.10 -5.34 35.70
CA LEU B 798 -48.18 -5.75 36.77
C LEU B 798 -48.69 -5.32 38.13
N ALA B 799 -49.27 -4.13 38.17
CA ALA B 799 -49.75 -3.54 39.40
C ALA B 799 -50.99 -4.27 39.87
N GLN B 800 -51.91 -4.54 38.93
CA GLN B 800 -53.17 -5.20 39.29
C GLN B 800 -52.84 -6.58 39.79
N ALA B 801 -51.73 -7.12 39.32
CA ALA B 801 -51.25 -8.41 39.79
C ALA B 801 -50.93 -8.39 41.28
N VAL B 802 -50.44 -7.26 41.77
CA VAL B 802 -50.02 -7.14 43.16
C VAL B 802 -51.19 -7.30 44.12
N PRO B 803 -51.04 -8.19 45.10
CA PRO B 803 -52.03 -8.48 46.14
C PRO B 803 -52.46 -7.24 46.93
N LEU B 804 -53.78 -7.07 47.10
CA LEU B 804 -54.29 -5.98 47.91
C LEU B 804 -54.05 -6.22 49.40
N ALA B 805 -53.85 -5.16 50.16
CA ALA B 805 -53.74 -5.28 51.61
C ALA B 805 -55.11 -5.58 52.23
N GLN B 806 -55.13 -6.36 53.32
CA GLN B 806 -56.37 -6.80 53.96
C GLN B 806 -56.61 -6.16 55.35
N ASP B 807 -57.63 -5.31 55.45
CA ASP B 807 -58.02 -4.69 56.73
C ASP B 807 -58.95 -5.58 57.57
N ASN C 27 -81.25 31.07 11.14
CA ASN C 27 -82.42 30.23 11.36
C ASN C 27 -82.45 29.65 12.77
N GLU C 28 -82.19 30.51 13.75
CA GLU C 28 -82.05 30.08 15.14
C GLU C 28 -83.26 29.33 15.71
N VAL C 29 -84.43 29.49 15.08
CA VAL C 29 -85.64 28.85 15.58
C VAL C 29 -85.82 27.42 15.03
N LEU C 30 -85.07 27.11 13.97
CA LEU C 30 -85.26 25.86 13.24
C LEU C 30 -84.40 24.69 13.73
N ALA C 31 -83.09 24.85 13.72
CA ALA C 31 -82.19 23.77 14.10
C ALA C 31 -82.61 23.13 15.42
N LEU C 32 -83.24 23.92 16.29
CA LEU C 32 -83.70 23.43 17.59
C LEU C 32 -84.72 22.33 17.37
N LEU C 33 -85.20 22.25 16.14
CA LEU C 33 -86.28 21.34 15.78
C LEU C 33 -85.71 20.01 15.29
N SER C 34 -84.95 20.04 14.20
CA SER C 34 -84.28 18.84 13.72
C SER C 34 -83.49 18.22 14.87
N ARG C 35 -82.91 19.07 15.71
CA ARG C 35 -82.14 18.60 16.87
C ARG C 35 -83.06 17.93 17.89
N VAL C 36 -84.35 18.25 17.82
CA VAL C 36 -85.38 17.58 18.62
C VAL C 36 -85.74 16.23 17.98
N GLU C 37 -86.19 16.28 16.74
CA GLU C 37 -86.46 15.07 15.97
C GLU C 37 -85.32 14.07 16.16
N ALA C 38 -84.08 14.56 16.11
CA ALA C 38 -82.92 13.68 16.28
C ALA C 38 -82.79 13.18 17.73
N LYS C 39 -83.29 13.96 18.68
CA LYS C 39 -83.26 13.56 20.09
C LYS C 39 -84.35 12.53 20.41
N GLY C 40 -85.49 12.67 19.75
CA GLY C 40 -86.61 11.75 19.94
C GLY C 40 -86.24 10.31 19.66
N LYS C 41 -85.26 10.10 18.78
CA LYS C 41 -84.79 8.75 18.47
C LYS C 41 -84.13 8.14 19.71
N GLY C 42 -83.81 8.99 20.69
CA GLY C 42 -83.28 8.55 21.96
C GLY C 42 -81.77 8.34 22.01
N ILE C 43 -81.33 7.38 22.81
CA ILE C 43 -79.91 7.09 22.98
C ILE C 43 -79.48 6.09 21.91
N LEU C 44 -78.64 6.55 20.97
CA LEU C 44 -78.18 5.71 19.88
C LEU C 44 -77.25 6.55 18.99
N GLN C 45 -76.70 5.91 17.97
CA GLN C 45 -76.11 6.65 16.87
C GLN C 45 -76.95 6.42 15.64
N GLN C 46 -76.93 7.41 14.75
CA GLN C 46 -77.67 7.33 13.49
C GLN C 46 -76.72 7.70 12.36
N ASN C 47 -76.82 7.00 11.24
CA ASN C 47 -75.98 7.32 10.08
C ASN C 47 -76.67 8.33 9.17
N GLN C 48 -76.04 8.74 8.08
CA GLN C 48 -76.69 9.73 7.22
C GLN C 48 -77.93 9.10 6.60
N ILE C 49 -77.88 7.79 6.42
CA ILE C 49 -79.02 7.00 5.96
C ILE C 49 -80.24 7.31 6.81
N ILE C 50 -80.00 7.62 8.09
CA ILE C 50 -81.05 8.00 9.04
C ILE C 50 -80.95 9.48 9.43
N ALA C 51 -79.80 9.89 10.00
CA ALA C 51 -79.59 11.31 10.30
C ALA C 51 -79.87 12.04 9.00
N GLU C 52 -80.80 12.98 9.05
CA GLU C 52 -81.22 13.74 7.89
C GLU C 52 -82.13 12.95 6.95
N PHE C 53 -82.09 11.64 7.05
CA PHE C 53 -82.97 10.84 6.20
C PHE C 53 -84.34 10.86 6.82
N GLU C 54 -84.38 10.62 8.11
CA GLU C 54 -85.58 10.83 8.89
C GLU C 54 -85.71 12.31 9.19
N ALA C 55 -84.64 12.93 9.67
CA ALA C 55 -84.75 14.27 10.18
C ALA C 55 -85.22 15.27 9.13
N LEU C 56 -84.44 15.44 8.07
CA LEU C 56 -84.66 16.57 7.18
C LEU C 56 -86.01 16.53 6.46
N PRO C 57 -86.26 15.47 5.68
CA PRO C 57 -87.50 15.38 4.91
C PRO C 57 -88.73 15.12 5.79
N GLU C 58 -88.56 14.30 6.82
CA GLU C 58 -89.67 13.84 7.66
C GLU C 58 -90.25 14.95 8.53
N GLN C 59 -89.63 16.12 8.49
CA GLN C 59 -90.17 17.27 9.21
C GLN C 59 -91.23 17.99 8.39
N THR C 60 -91.65 19.15 8.88
CA THR C 60 -92.67 19.96 8.23
C THR C 60 -92.10 20.64 6.97
N ARG C 61 -92.86 21.54 6.35
CA ARG C 61 -92.37 22.30 5.20
C ARG C 61 -91.52 23.46 5.71
N LYS C 62 -91.34 23.48 7.03
CA LYS C 62 -90.46 24.40 7.72
C LYS C 62 -89.03 24.18 7.27
N LYS C 63 -88.80 23.17 6.44
CA LYS C 63 -87.45 22.83 5.97
C LYS C 63 -86.68 24.10 5.57
N LEU C 64 -87.02 24.70 4.44
CA LEU C 64 -86.41 25.98 4.07
C LEU C 64 -84.91 25.90 4.34
N GLU C 65 -84.36 24.71 4.11
CA GLU C 65 -83.00 24.38 4.54
C GLU C 65 -81.91 24.53 3.49
N GLY C 66 -82.25 25.07 2.32
CA GLY C 66 -81.29 25.13 1.23
C GLY C 66 -80.08 26.01 1.56
N GLY C 67 -80.05 26.54 2.79
CA GLY C 67 -78.93 27.34 3.26
C GLY C 67 -77.73 26.53 3.73
N PRO C 68 -76.81 27.17 4.47
CA PRO C 68 -75.56 26.56 4.92
C PRO C 68 -75.70 25.37 5.88
N PHE C 69 -76.52 25.50 6.91
CA PHE C 69 -76.61 24.47 7.94
C PHE C 69 -77.03 23.11 7.37
N PHE C 70 -77.64 23.13 6.20
CA PHE C 70 -78.03 21.89 5.54
C PHE C 70 -76.81 21.05 5.20
N ASP C 71 -75.85 21.65 4.49
CA ASP C 71 -74.68 20.90 4.07
C ASP C 71 -73.95 20.20 5.22
N LEU C 72 -73.87 20.87 6.37
CA LEU C 72 -73.25 20.27 7.55
C LEU C 72 -73.84 18.89 7.85
N LEU C 73 -75.15 18.81 7.93
CA LEU C 73 -75.81 17.53 8.15
C LEU C 73 -75.61 16.63 6.95
N LYS C 74 -75.87 17.18 5.77
CA LYS C 74 -75.79 16.40 4.55
C LYS C 74 -74.45 15.67 4.43
N SER C 75 -73.40 16.24 5.02
CA SER C 75 -72.08 15.62 5.01
C SER C 75 -71.74 14.83 6.29
N THR C 76 -72.70 14.69 7.19
CA THR C 76 -72.48 13.99 8.45
C THR C 76 -72.50 12.46 8.30
N GLN C 77 -71.42 11.81 8.74
CA GLN C 77 -71.25 10.37 8.58
C GLN C 77 -71.98 9.56 9.65
N GLU C 78 -71.90 10.04 10.88
CA GLU C 78 -72.76 9.53 11.94
C GLU C 78 -72.96 10.58 13.03
N ALA C 79 -74.09 10.49 13.73
CA ALA C 79 -74.36 11.36 14.86
C ALA C 79 -74.67 10.49 16.06
N ILE C 80 -73.86 10.64 17.11
CA ILE C 80 -74.08 9.90 18.34
C ILE C 80 -74.87 10.78 19.29
N VAL C 81 -76.06 10.34 19.67
CA VAL C 81 -76.92 11.14 20.52
C VAL C 81 -77.07 10.59 21.94
N LEU C 82 -76.74 11.44 22.91
CA LEU C 82 -76.98 11.16 24.32
C LEU C 82 -77.92 12.23 24.85
N PRO C 83 -78.37 12.10 26.11
CA PRO C 83 -79.54 12.93 26.43
C PRO C 83 -79.34 14.45 26.30
N PRO C 84 -78.31 15.02 26.94
CA PRO C 84 -78.11 16.46 26.77
C PRO C 84 -77.53 16.85 25.41
N TRP C 85 -76.73 15.96 24.83
CA TRP C 85 -75.89 16.31 23.67
C TRP C 85 -76.06 15.36 22.49
N VAL C 86 -75.68 15.85 21.31
CA VAL C 86 -75.47 14.97 20.15
C VAL C 86 -74.11 15.28 19.54
N ALA C 87 -73.35 14.22 19.28
CA ALA C 87 -72.03 14.36 18.66
C ALA C 87 -72.11 14.10 17.16
N LEU C 88 -71.35 14.87 16.40
CA LEU C 88 -71.37 14.76 14.95
C LEU C 88 -69.98 14.58 14.33
N ALA C 89 -69.82 13.53 13.55
CA ALA C 89 -68.62 13.34 12.74
C ALA C 89 -68.89 13.85 11.33
N VAL C 90 -68.19 14.90 10.94
CA VAL C 90 -68.47 15.52 9.65
C VAL C 90 -67.34 15.32 8.64
N ARG C 91 -67.72 14.90 7.44
CA ARG C 91 -66.75 14.54 6.41
C ARG C 91 -67.00 15.39 5.17
N PRO C 92 -66.45 16.61 5.17
CA PRO C 92 -66.65 17.55 4.06
C PRO C 92 -66.09 16.98 2.76
N ARG C 93 -64.87 16.47 2.83
CA ARG C 93 -64.21 15.85 1.69
C ARG C 93 -63.62 14.56 2.19
N PRO C 94 -63.38 13.61 1.28
CA PRO C 94 -62.71 12.37 1.67
C PRO C 94 -61.43 12.69 2.42
N GLY C 95 -61.22 12.01 3.54
CA GLY C 95 -59.98 12.14 4.29
C GLY C 95 -60.00 13.30 5.26
N VAL C 96 -61.06 14.08 5.22
CA VAL C 96 -61.14 15.31 6.01
C VAL C 96 -62.31 15.28 7.00
N TRP C 97 -61.97 15.22 8.29
CA TRP C 97 -62.96 15.04 9.33
C TRP C 97 -62.97 16.16 10.36
N GLU C 98 -64.18 16.58 10.75
CA GLU C 98 -64.38 17.48 11.88
C GLU C 98 -65.32 16.80 12.87
N TYR C 99 -65.05 16.95 14.15
CA TYR C 99 -65.96 16.41 15.15
C TYR C 99 -66.57 17.53 15.98
N LEU C 100 -67.88 17.52 16.11
CA LEU C 100 -68.62 18.58 16.80
C LEU C 100 -69.64 18.00 17.77
N ARG C 101 -70.03 18.79 18.76
CA ARG C 101 -71.13 18.44 19.66
C ARG C 101 -72.15 19.56 19.68
N VAL C 102 -73.41 19.22 19.90
CA VAL C 102 -74.43 20.24 20.07
C VAL C 102 -75.42 19.81 21.15
N ASN C 103 -75.71 20.73 22.06
CA ASN C 103 -76.83 20.53 22.98
C ASN C 103 -78.10 20.62 22.16
N LEU C 104 -79.05 19.72 22.42
CA LEU C 104 -80.28 19.65 21.63
C LEU C 104 -81.19 20.84 21.90
N HIS C 105 -80.85 21.59 22.94
CA HIS C 105 -81.51 22.86 23.26
C HIS C 105 -80.42 23.83 23.68
N ALA C 106 -80.64 25.12 23.45
CA ALA C 106 -79.65 26.13 23.77
C ALA C 106 -78.65 26.35 22.64
N LEU C 107 -78.77 25.56 21.57
CA LEU C 107 -77.85 25.65 20.45
C LEU C 107 -76.40 25.40 20.89
N VAL C 108 -75.52 26.38 20.65
CA VAL C 108 -74.13 26.30 21.07
C VAL C 108 -73.38 25.08 20.52
N VAL C 109 -73.07 25.11 19.22
CA VAL C 109 -72.17 24.13 18.61
C VAL C 109 -70.76 24.28 19.21
N GLU C 110 -70.08 23.15 19.42
CA GLU C 110 -68.77 23.17 20.06
C GLU C 110 -67.78 22.23 19.36
N GLU C 111 -66.60 22.74 19.00
CA GLU C 111 -65.58 21.93 18.35
C GLU C 111 -65.12 20.79 19.27
N LEU C 112 -64.73 19.68 18.67
CA LEU C 112 -64.46 18.46 19.42
C LEU C 112 -63.26 17.75 18.81
N GLN C 113 -62.37 17.24 19.67
CA GLN C 113 -61.22 16.48 19.19
C GLN C 113 -61.60 15.03 18.95
N PRO C 114 -60.88 14.35 18.05
CA PRO C 114 -61.24 12.96 17.74
C PRO C 114 -61.41 12.15 19.02
N ALA C 115 -60.50 12.34 19.96
CA ALA C 115 -60.54 11.59 21.21
C ALA C 115 -61.83 11.85 21.99
N GLU C 116 -62.30 13.09 21.95
CA GLU C 116 -63.49 13.49 22.71
C GLU C 116 -64.76 12.93 22.09
N PHE C 117 -64.80 12.91 20.75
CA PHE C 117 -65.90 12.33 20.01
C PHE C 117 -66.00 10.83 20.30
N LEU C 118 -64.84 10.19 20.42
CA LEU C 118 -64.82 8.76 20.74
C LEU C 118 -65.29 8.47 22.18
N HIS C 119 -65.06 9.41 23.09
CA HIS C 119 -65.59 9.31 24.44
C HIS C 119 -67.08 9.01 24.37
N PHE C 120 -67.78 9.71 23.47
CA PHE C 120 -69.21 9.53 23.27
C PHE C 120 -69.59 8.11 22.93
N LYS C 121 -68.90 7.50 21.98
CA LYS C 121 -69.22 6.14 21.61
C LYS C 121 -69.05 5.24 22.82
N GLU C 122 -68.01 5.52 23.62
CA GLU C 122 -67.67 4.65 24.74
C GLU C 122 -68.70 4.75 25.87
N GLU C 123 -69.23 5.96 26.07
CA GLU C 123 -70.32 6.15 27.01
C GLU C 123 -71.56 5.43 26.50
N LEU C 124 -71.85 5.58 25.21
CA LEU C 124 -73.03 4.99 24.61
C LEU C 124 -73.15 3.48 24.88
N VAL C 125 -72.03 2.82 25.09
CA VAL C 125 -71.99 1.37 25.24
C VAL C 125 -71.77 0.89 26.67
N ASP C 126 -70.64 1.29 27.27
CA ASP C 126 -70.29 0.83 28.60
C ASP C 126 -70.94 1.65 29.72
N GLY C 127 -71.56 2.76 29.35
CA GLY C 127 -72.19 3.66 30.30
C GLY C 127 -71.24 4.77 30.73
N VAL C 128 -69.95 4.51 30.58
CA VAL C 128 -68.93 5.53 30.84
C VAL C 128 -67.76 5.38 29.86
N LYS C 129 -66.93 6.41 29.77
CA LYS C 129 -65.78 6.42 28.87
C LYS C 129 -64.77 5.35 29.31
N ASN C 130 -63.88 4.96 28.41
CA ASN C 130 -62.81 4.02 28.73
C ASN C 130 -61.89 4.64 29.79
N GLY C 131 -61.17 3.79 30.51
CA GLY C 131 -60.36 4.25 31.63
C GLY C 131 -59.54 5.48 31.30
N ASN C 132 -59.49 6.39 32.27
CA ASN C 132 -58.75 7.64 32.12
C ASN C 132 -57.34 7.39 31.61
N PHE C 133 -56.70 6.35 32.15
CA PHE C 133 -55.37 5.93 31.70
C PHE C 133 -55.30 4.71 30.76
N THR C 134 -56.46 4.23 30.33
CA THR C 134 -56.51 3.20 29.28
C THR C 134 -55.95 3.68 27.93
N LEU C 135 -55.32 2.76 27.20
CA LEU C 135 -54.54 3.05 26.01
C LEU C 135 -55.25 3.78 24.87
N GLU C 136 -54.63 4.87 24.42
CA GLU C 136 -54.99 5.53 23.17
C GLU C 136 -53.91 5.24 22.13
N LEU C 137 -54.25 4.52 21.06
CA LEU C 137 -53.33 4.37 19.94
C LEU C 137 -53.36 5.62 19.09
N ASP C 138 -52.19 6.22 18.88
CA ASP C 138 -52.09 7.37 17.98
C ASP C 138 -50.86 7.22 17.12
N PHE C 139 -51.04 7.06 15.81
CA PHE C 139 -49.88 6.89 14.93
C PHE C 139 -49.41 8.17 14.27
N GLU C 140 -50.20 9.24 14.37
CA GLU C 140 -49.91 10.45 13.62
C GLU C 140 -48.46 10.96 13.76
N PRO C 141 -47.99 11.10 15.01
CA PRO C 141 -46.65 11.63 15.28
C PRO C 141 -45.56 10.77 14.69
N PHE C 142 -45.89 9.53 14.35
CA PHE C 142 -44.89 8.61 13.83
C PHE C 142 -44.67 8.75 12.32
N ASN C 143 -45.73 8.52 11.55
CA ASN C 143 -45.63 8.59 10.09
C ASN C 143 -45.08 9.91 9.55
N ALA C 144 -45.13 10.95 10.40
CA ALA C 144 -44.98 12.35 9.97
C ALA C 144 -43.65 12.73 9.30
N SER C 145 -42.74 11.77 9.23
CA SER C 145 -41.42 11.97 8.61
C SER C 145 -41.49 12.69 7.27
N ILE C 146 -42.52 12.38 6.49
CA ILE C 146 -42.66 12.97 5.16
C ILE C 146 -44.00 13.67 5.05
N PRO C 147 -44.01 14.85 4.40
CA PRO C 147 -45.19 15.72 4.35
C PRO C 147 -46.39 15.08 3.66
N ARG C 148 -47.58 15.34 4.17
CA ARG C 148 -48.79 14.73 3.65
C ARG C 148 -49.31 15.48 2.45
N PRO C 149 -49.71 14.72 1.42
CA PRO C 149 -50.48 15.25 0.29
C PRO C 149 -51.86 15.68 0.77
N THR C 150 -52.35 16.83 0.30
CA THR C 150 -53.68 17.29 0.67
C THR C 150 -54.72 17.06 -0.40
N LEU C 151 -54.28 16.60 -1.57
CA LEU C 151 -55.13 16.51 -2.75
C LEU C 151 -55.76 15.13 -2.94
N HIS C 152 -56.97 15.11 -3.46
CA HIS C 152 -57.65 13.87 -3.81
C HIS C 152 -56.83 12.99 -4.75
N LYS C 153 -56.17 13.64 -5.73
CA LYS C 153 -55.40 12.93 -6.76
C LYS C 153 -54.30 12.03 -6.21
N TYR C 154 -53.68 12.41 -5.10
CA TYR C 154 -52.56 11.61 -4.59
C TYR C 154 -52.99 10.46 -3.67
N ILE C 155 -54.26 10.43 -3.29
CA ILE C 155 -54.78 9.28 -2.57
C ILE C 155 -54.72 8.06 -3.48
N GLY C 156 -54.05 7.01 -2.99
CA GLY C 156 -53.85 5.79 -3.76
C GLY C 156 -52.66 5.90 -4.69
N ASN C 157 -52.21 7.13 -4.93
CA ASN C 157 -51.05 7.42 -5.79
C ASN C 157 -49.70 7.67 -5.10
N GLY C 158 -49.61 7.30 -3.83
CA GLY C 158 -48.45 7.58 -3.00
C GLY C 158 -47.04 7.39 -3.55
N VAL C 159 -46.76 6.38 -4.35
CA VAL C 159 -45.41 6.25 -4.90
C VAL C 159 -45.05 7.51 -5.68
N ASP C 160 -46.03 8.07 -6.39
CA ASP C 160 -45.86 9.31 -7.14
C ASP C 160 -45.37 10.45 -6.26
N PHE C 161 -45.92 10.52 -5.07
CA PHE C 161 -45.59 11.56 -4.10
C PHE C 161 -44.21 11.34 -3.46
N LEU C 162 -43.94 10.11 -3.06
CA LEU C 162 -42.65 9.75 -2.46
C LEU C 162 -41.53 9.99 -3.46
N ASN C 163 -41.84 9.85 -4.75
CA ASN C 163 -40.87 10.11 -5.80
C ASN C 163 -40.48 11.59 -5.90
N ARG C 164 -41.46 12.49 -5.84
CA ARG C 164 -41.18 13.92 -5.88
C ARG C 164 -40.42 14.35 -4.65
N HIS C 165 -40.66 13.68 -3.52
CA HIS C 165 -39.95 13.98 -2.29
C HIS C 165 -38.49 13.54 -2.36
N LEU C 166 -38.23 12.27 -2.68
CA LEU C 166 -36.87 11.76 -2.81
C LEU C 166 -36.12 12.55 -3.88
N SER C 167 -36.82 12.85 -4.96
CA SER C 167 -36.27 13.59 -6.07
C SER C 167 -35.63 14.86 -5.52
N ALA C 168 -36.40 15.59 -4.71
CA ALA C 168 -35.97 16.87 -4.18
C ALA C 168 -34.87 16.72 -3.12
N LYS C 169 -35.12 15.89 -2.12
CA LYS C 169 -34.13 15.60 -1.11
C LYS C 169 -32.81 15.18 -1.75
N LEU C 170 -32.90 14.51 -2.90
CA LEU C 170 -31.71 14.08 -3.60
C LEU C 170 -31.02 15.20 -4.36
N PHE C 171 -31.75 16.29 -4.63
CA PHE C 171 -31.21 17.26 -5.59
C PHE C 171 -30.11 18.11 -4.97
N HIS C 172 -28.93 17.97 -5.57
CA HIS C 172 -27.70 18.63 -5.13
C HIS C 172 -27.59 18.70 -3.61
N ASP C 173 -27.54 17.52 -3.00
CA ASP C 173 -27.20 17.37 -1.61
C ASP C 173 -26.21 16.22 -1.53
N LYS C 174 -24.97 16.54 -1.15
CA LYS C 174 -23.95 15.51 -0.98
C LYS C 174 -24.50 14.44 -0.04
N GLU C 175 -24.75 14.84 1.20
CA GLU C 175 -25.18 13.91 2.25
C GLU C 175 -26.38 13.06 1.84
N SER C 176 -27.22 13.59 0.95
CA SER C 176 -28.41 12.86 0.51
C SER C 176 -28.21 11.86 -0.65
N LEU C 177 -27.14 12.02 -1.43
CA LEU C 177 -26.83 11.07 -2.51
C LEU C 177 -26.08 9.82 -2.03
N LEU C 178 -25.46 9.92 -0.87
CA LEU C 178 -24.65 8.83 -0.33
C LEU C 178 -25.44 7.54 -0.15
N PRO C 179 -26.66 7.66 0.39
CA PRO C 179 -27.55 6.51 0.55
C PRO C 179 -27.71 5.73 -0.75
N LEU C 180 -27.85 6.42 -1.87
CA LEU C 180 -27.99 5.76 -3.16
C LEU C 180 -26.71 5.02 -3.54
N LEU C 181 -25.56 5.62 -3.22
CA LEU C 181 -24.29 4.94 -3.45
C LEU C 181 -24.20 3.73 -2.53
N LYS C 182 -24.36 3.95 -1.22
CA LYS C 182 -24.25 2.89 -0.24
C LYS C 182 -25.16 1.74 -0.66
N PHE C 183 -26.40 2.07 -0.95
CA PHE C 183 -27.38 1.09 -1.39
C PHE C 183 -26.86 0.27 -2.56
N LEU C 184 -26.46 0.95 -3.63
CA LEU C 184 -26.02 0.28 -4.85
C LEU C 184 -24.74 -0.50 -4.62
N ARG C 185 -23.96 -0.08 -3.62
CA ARG C 185 -22.67 -0.70 -3.33
C ARG C 185 -22.81 -2.00 -2.54
N LEU C 186 -23.80 -2.04 -1.64
CA LEU C 186 -24.04 -3.23 -0.83
C LEU C 186 -24.95 -4.24 -1.52
N HIS C 187 -25.64 -3.80 -2.56
CA HIS C 187 -26.57 -4.66 -3.25
C HIS C 187 -25.91 -5.93 -3.77
N SER C 188 -26.48 -7.07 -3.41
CA SER C 188 -25.91 -8.35 -3.80
C SER C 188 -27.00 -9.39 -3.80
N HIS C 189 -26.74 -10.52 -4.44
CA HIS C 189 -27.62 -11.67 -4.27
C HIS C 189 -26.83 -12.99 -4.19
N GLN C 190 -27.01 -13.72 -3.10
CA GLN C 190 -26.36 -15.02 -2.92
C GLN C 190 -24.83 -14.91 -3.03
N GLY C 191 -24.30 -13.77 -2.61
CA GLY C 191 -22.85 -13.58 -2.64
C GLY C 191 -22.28 -13.10 -3.97
N LYS C 192 -23.11 -13.08 -5.01
CA LYS C 192 -22.73 -12.48 -6.28
C LYS C 192 -22.99 -10.97 -6.21
N ASN C 193 -21.93 -10.19 -6.37
CA ASN C 193 -22.06 -8.74 -6.24
C ASN C 193 -22.76 -8.14 -7.45
N LEU C 194 -23.44 -7.02 -7.23
CA LEU C 194 -24.24 -6.40 -8.28
C LEU C 194 -24.00 -4.89 -8.32
N MET C 195 -24.38 -4.27 -9.44
CA MET C 195 -24.30 -2.81 -9.54
C MET C 195 -22.87 -2.26 -9.36
N LEU C 196 -22.60 -1.60 -8.25
CA LEU C 196 -21.25 -1.13 -7.92
C LEU C 196 -20.47 -2.13 -7.04
N SER C 197 -19.15 -2.23 -7.23
CA SER C 197 -18.33 -3.07 -6.37
C SER C 197 -17.78 -2.27 -5.20
N GLU C 198 -16.96 -2.90 -4.37
CA GLU C 198 -16.42 -2.24 -3.20
C GLU C 198 -15.35 -1.22 -3.57
N LYS C 199 -15.01 -1.15 -4.85
CA LYS C 199 -14.01 -0.19 -5.31
C LYS C 199 -14.50 1.26 -5.21
N ILE C 200 -15.81 1.47 -5.29
CA ILE C 200 -16.35 2.82 -5.33
C ILE C 200 -16.69 3.26 -3.91
N GLN C 201 -15.87 4.15 -3.35
CA GLN C 201 -16.09 4.63 -2.00
C GLN C 201 -16.74 6.02 -1.86
N ASN C 202 -16.92 6.73 -2.97
CA ASN C 202 -17.43 8.09 -2.89
C ASN C 202 -18.06 8.60 -4.18
N LEU C 203 -18.87 9.65 -4.04
CA LEU C 203 -19.62 10.18 -5.16
C LEU C 203 -18.71 10.67 -6.30
N ASN C 204 -17.46 10.95 -5.97
CA ASN C 204 -16.51 11.45 -6.96
C ASN C 204 -15.98 10.36 -7.91
N THR C 205 -15.62 9.21 -7.35
CA THR C 205 -15.12 8.12 -8.16
C THR C 205 -16.28 7.47 -8.89
N LEU C 206 -17.46 7.53 -8.27
CA LEU C 206 -18.66 7.01 -8.91
C LEU C 206 -18.98 7.85 -10.13
N GLN C 207 -18.87 9.16 -9.93
CA GLN C 207 -19.05 10.14 -11.00
C GLN C 207 -18.07 9.87 -12.13
N HIS C 208 -16.78 9.87 -11.80
CA HIS C 208 -15.74 9.66 -12.78
C HIS C 208 -15.96 8.35 -13.53
N THR C 209 -16.24 7.28 -12.79
CA THR C 209 -16.38 5.95 -13.38
C THR C 209 -17.55 5.84 -14.34
N LEU C 210 -18.67 6.50 -14.00
CA LEU C 210 -19.87 6.42 -14.83
C LEU C 210 -19.68 7.13 -16.15
N ARG C 211 -18.96 8.25 -16.12
CA ARG C 211 -18.59 8.97 -17.32
C ARG C 211 -17.65 8.10 -18.16
N LYS C 212 -16.64 7.54 -17.50
CA LYS C 212 -15.67 6.67 -18.16
C LYS C 212 -16.42 5.53 -18.84
N ALA C 213 -17.36 4.95 -18.10
CA ALA C 213 -18.16 3.86 -18.63
C ALA C 213 -19.08 4.34 -19.76
N GLU C 214 -19.43 5.62 -19.73
CA GLU C 214 -20.35 6.17 -20.73
C GLU C 214 -19.69 6.34 -22.10
N GLU C 215 -18.49 6.92 -22.11
CA GLU C 215 -17.76 7.06 -23.36
C GLU C 215 -17.62 5.68 -24.02
N TYR C 216 -17.10 4.73 -23.25
CA TYR C 216 -16.82 3.38 -23.74
C TYR C 216 -18.02 2.76 -24.46
N LEU C 217 -19.16 2.72 -23.78
CA LEU C 217 -20.34 2.11 -24.36
C LEU C 217 -20.97 2.94 -25.47
N ALA C 218 -20.55 4.18 -25.60
CA ALA C 218 -21.14 5.04 -26.62
C ALA C 218 -20.64 4.66 -28.01
N GLU C 219 -19.39 4.22 -28.09
CA GLU C 219 -18.80 3.87 -29.39
C GLU C 219 -19.13 2.45 -29.84
N LEU C 220 -19.53 1.59 -28.89
CA LEU C 220 -19.83 0.19 -29.19
C LEU C 220 -21.17 -0.01 -29.90
N LYS C 221 -21.30 -1.16 -30.57
CA LYS C 221 -22.55 -1.51 -31.27
C LYS C 221 -23.66 -1.78 -30.25
N SER C 222 -24.87 -1.31 -30.54
CA SER C 222 -25.97 -1.37 -29.58
C SER C 222 -26.11 -2.74 -28.93
N GLU C 223 -25.92 -3.79 -29.74
CA GLU C 223 -26.29 -5.14 -29.34
C GLU C 223 -25.16 -5.92 -28.68
N THR C 224 -24.02 -5.28 -28.48
CA THR C 224 -22.88 -5.95 -27.84
C THR C 224 -23.28 -6.49 -26.48
N LEU C 225 -22.97 -7.75 -26.20
CA LEU C 225 -23.37 -8.38 -24.95
C LEU C 225 -22.46 -7.98 -23.79
N TYR C 226 -22.99 -8.07 -22.58
CA TYR C 226 -22.27 -7.63 -21.39
C TYR C 226 -20.98 -8.43 -21.16
N GLU C 227 -20.87 -9.60 -21.76
CA GLU C 227 -19.64 -10.39 -21.65
C GLU C 227 -18.41 -9.64 -22.22
N GLU C 228 -18.60 -8.93 -23.33
CA GLU C 228 -17.51 -8.17 -23.96
C GLU C 228 -16.85 -7.18 -23.00
N PHE C 229 -17.60 -6.16 -22.60
CA PHE C 229 -17.05 -5.08 -21.78
C PHE C 229 -17.03 -5.43 -20.29
N GLU C 230 -17.41 -6.66 -19.97
CA GLU C 230 -17.44 -7.11 -18.59
C GLU C 230 -16.07 -7.02 -17.94
N ALA C 231 -15.04 -7.38 -18.69
CA ALA C 231 -13.68 -7.30 -18.18
C ALA C 231 -13.37 -5.86 -17.81
N LYS C 232 -13.70 -4.94 -18.71
CA LYS C 232 -13.50 -3.52 -18.50
C LYS C 232 -14.22 -3.05 -17.24
N PHE C 233 -15.54 -3.24 -17.19
CA PHE C 233 -16.32 -2.74 -16.07
C PHE C 233 -15.75 -3.18 -14.73
N GLU C 234 -15.42 -4.47 -14.62
CA GLU C 234 -14.92 -4.99 -13.36
C GLU C 234 -13.73 -4.18 -12.87
N GLU C 235 -12.84 -3.81 -13.79
CA GLU C 235 -11.66 -3.00 -13.45
C GLU C 235 -12.04 -1.67 -12.79
N ILE C 236 -13.03 -0.98 -13.37
CA ILE C 236 -13.42 0.34 -12.88
C ILE C 236 -14.50 0.30 -11.80
N GLY C 237 -14.89 -0.92 -11.41
CA GLY C 237 -15.76 -1.10 -10.25
C GLY C 237 -17.23 -1.29 -10.54
N LEU C 238 -17.58 -1.61 -11.78
CA LEU C 238 -18.97 -1.86 -12.13
C LEU C 238 -19.31 -3.34 -12.17
N GLU C 239 -20.21 -3.76 -11.27
CA GLU C 239 -20.65 -5.14 -11.23
C GLU C 239 -21.90 -5.37 -12.11
N ARG C 240 -22.36 -6.61 -12.19
CA ARG C 240 -23.43 -6.94 -13.13
C ARG C 240 -24.81 -6.42 -12.74
N GLY C 241 -25.72 -6.38 -13.71
CA GLY C 241 -27.08 -5.95 -13.47
C GLY C 241 -27.48 -4.62 -14.09
N TRP C 242 -26.56 -4.01 -14.83
CA TRP C 242 -26.84 -2.76 -15.50
C TRP C 242 -27.70 -2.98 -16.75
N GLY C 243 -27.46 -4.10 -17.43
CA GLY C 243 -28.22 -4.46 -18.60
C GLY C 243 -27.72 -5.76 -19.19
N ASP C 244 -28.46 -6.31 -20.15
CA ASP C 244 -28.01 -7.50 -20.89
C ASP C 244 -27.08 -7.17 -22.06
N ASN C 245 -27.35 -6.05 -22.74
CA ASN C 245 -26.49 -5.60 -23.82
C ASN C 245 -26.02 -4.17 -23.60
N ALA C 246 -25.17 -3.68 -24.51
CA ALA C 246 -24.56 -2.37 -24.36
C ALA C 246 -25.61 -1.27 -24.35
N GLU C 247 -26.55 -1.33 -25.29
CA GLU C 247 -27.58 -0.32 -25.37
C GLU C 247 -28.26 -0.10 -24.02
N ARG C 248 -28.52 -1.19 -23.30
CA ARG C 248 -29.24 -1.13 -22.04
C ARG C 248 -28.37 -0.68 -20.86
N VAL C 249 -27.14 -1.16 -20.79
CA VAL C 249 -26.22 -0.66 -19.77
C VAL C 249 -26.04 0.86 -19.94
N LEU C 250 -26.06 1.31 -21.18
CA LEU C 250 -25.86 2.70 -21.50
C LEU C 250 -27.00 3.57 -20.97
N ASP C 251 -28.23 3.21 -21.30
CA ASP C 251 -29.39 3.93 -20.81
C ASP C 251 -29.32 4.09 -19.30
N MET C 252 -29.12 2.97 -18.62
CA MET C 252 -29.17 2.92 -17.17
C MET C 252 -28.09 3.76 -16.51
N ILE C 253 -26.86 3.64 -17.00
CA ILE C 253 -25.78 4.47 -16.48
C ILE C 253 -26.12 5.96 -16.62
N ARG C 254 -26.69 6.34 -17.75
CA ARG C 254 -27.09 7.73 -17.95
C ARG C 254 -28.17 8.20 -16.98
N LEU C 255 -29.13 7.31 -16.68
CA LEU C 255 -30.13 7.61 -15.67
C LEU C 255 -29.46 7.97 -14.35
N LEU C 256 -28.45 7.19 -13.97
CA LEU C 256 -27.80 7.41 -12.68
C LEU C 256 -27.04 8.72 -12.70
N LEU C 257 -26.40 9.01 -13.83
CA LEU C 257 -25.69 10.27 -14.01
C LEU C 257 -26.64 11.43 -13.73
N ASP C 258 -27.83 11.33 -14.32
CA ASP C 258 -28.86 12.33 -14.13
C ASP C 258 -29.26 12.51 -12.67
N LEU C 259 -29.52 11.40 -11.97
CA LEU C 259 -29.84 11.45 -10.55
C LEU C 259 -28.78 12.16 -9.74
N LEU C 260 -27.51 11.85 -10.03
CA LEU C 260 -26.40 12.49 -9.34
C LEU C 260 -26.31 13.98 -9.67
N GLU C 261 -26.92 14.36 -10.79
CA GLU C 261 -26.79 15.70 -11.34
C GLU C 261 -28.02 16.57 -11.09
N ALA C 262 -29.12 16.15 -11.69
CA ALA C 262 -30.39 16.85 -11.59
C ALA C 262 -31.50 15.83 -11.46
N PRO C 263 -31.73 15.33 -10.24
CA PRO C 263 -32.80 14.34 -10.00
C PRO C 263 -34.17 14.90 -10.36
N ASP C 264 -34.98 14.05 -10.98
CA ASP C 264 -36.38 14.36 -11.20
C ASP C 264 -37.20 13.10 -10.91
N PRO C 265 -38.51 13.27 -10.68
CA PRO C 265 -39.35 12.15 -10.25
C PRO C 265 -39.36 10.96 -11.21
N CYS C 266 -39.53 11.21 -12.51
CA CYS C 266 -39.61 10.12 -13.49
C CYS C 266 -38.30 9.34 -13.56
N THR C 267 -37.20 10.05 -13.78
CA THR C 267 -35.89 9.42 -13.81
C THR C 267 -35.62 8.59 -12.53
N LEU C 268 -35.83 9.19 -11.36
CA LEU C 268 -35.66 8.47 -10.10
C LEU C 268 -36.41 7.15 -10.04
N GLU C 269 -37.71 7.19 -10.34
CA GLU C 269 -38.53 5.98 -10.31
C GLU C 269 -38.00 4.94 -11.30
N THR C 270 -37.85 5.34 -12.56
CA THR C 270 -37.40 4.42 -13.61
C THR C 270 -36.15 3.67 -13.18
N PHE C 271 -35.13 4.41 -12.76
CA PHE C 271 -33.91 3.78 -12.32
C PHE C 271 -34.21 2.79 -11.21
N LEU C 272 -34.85 3.27 -10.14
CA LEU C 272 -35.10 2.43 -8.97
C LEU C 272 -35.92 1.19 -9.32
N GLY C 273 -36.74 1.30 -10.36
CA GLY C 273 -37.54 0.18 -10.80
C GLY C 273 -36.75 -0.79 -11.66
N ARG C 274 -35.67 -0.29 -12.25
CA ARG C 274 -34.83 -1.08 -13.14
C ARG C 274 -33.80 -1.98 -12.42
N VAL C 275 -33.24 -1.46 -11.33
CA VAL C 275 -32.24 -2.22 -10.59
C VAL C 275 -32.79 -3.59 -10.23
N PRO C 276 -32.08 -4.66 -10.60
CA PRO C 276 -32.59 -6.00 -10.31
C PRO C 276 -32.70 -6.19 -8.81
N MET C 277 -33.88 -6.53 -8.32
CA MET C 277 -34.12 -6.55 -6.87
C MET C 277 -34.82 -7.81 -6.40
N VAL C 278 -36.02 -8.03 -6.93
CA VAL C 278 -36.86 -9.15 -6.54
C VAL C 278 -36.39 -10.40 -7.27
N PHE C 279 -35.99 -11.40 -6.49
CA PHE C 279 -35.59 -12.70 -7.00
C PHE C 279 -36.40 -13.77 -6.27
N ASN C 280 -36.26 -13.79 -4.94
CA ASN C 280 -37.14 -14.57 -4.07
C ASN C 280 -38.35 -13.77 -3.56
N VAL C 281 -39.55 -14.30 -3.76
CA VAL C 281 -40.76 -13.65 -3.23
C VAL C 281 -41.54 -14.56 -2.26
N VAL C 282 -41.87 -14.04 -1.07
CA VAL C 282 -42.66 -14.78 -0.09
C VAL C 282 -44.03 -14.17 0.13
N ILE C 283 -45.07 -14.98 -0.12
CA ILE C 283 -46.46 -14.54 -0.01
C ILE C 283 -47.19 -15.30 1.12
N LEU C 284 -47.79 -14.55 2.03
CA LEU C 284 -48.47 -15.16 3.20
C LEU C 284 -49.98 -15.22 3.04
N SER C 285 -50.52 -16.44 3.00
CA SER C 285 -51.97 -16.63 2.96
C SER C 285 -52.41 -17.87 3.73
N PRO C 286 -52.30 -17.84 5.08
CA PRO C 286 -52.42 -19.04 5.91
C PRO C 286 -53.82 -19.69 6.07
N HIS C 287 -54.92 -18.93 6.02
CA HIS C 287 -56.23 -19.50 6.36
C HIS C 287 -56.91 -20.10 5.14
N GLY C 288 -58.05 -20.76 5.38
CA GLY C 288 -58.84 -21.37 4.31
C GLY C 288 -58.20 -22.63 3.74
N TYR C 289 -58.86 -23.23 2.75
CA TYR C 289 -58.26 -24.38 2.09
C TYR C 289 -57.61 -23.87 0.80
N PHE C 290 -56.30 -23.67 0.82
CA PHE C 290 -55.67 -22.97 -0.27
C PHE C 290 -55.08 -23.96 -1.25
N ALA C 291 -55.68 -24.07 -2.42
CA ALA C 291 -55.21 -25.04 -3.41
C ALA C 291 -55.68 -24.64 -4.79
N GLN C 292 -55.31 -25.43 -5.79
CA GLN C 292 -55.63 -25.10 -7.17
C GLN C 292 -56.86 -25.80 -7.73
N ASP C 293 -57.46 -26.69 -6.93
CA ASP C 293 -58.63 -27.47 -7.36
C ASP C 293 -59.40 -27.92 -6.12
N ASN C 294 -60.69 -28.22 -6.30
CA ASN C 294 -61.49 -28.79 -5.22
C ASN C 294 -61.66 -27.96 -3.94
N VAL C 295 -61.50 -26.64 -4.03
CA VAL C 295 -61.57 -25.78 -2.85
C VAL C 295 -62.59 -24.64 -2.94
N LEU C 296 -62.49 -23.83 -3.99
CA LEU C 296 -63.26 -22.58 -4.08
C LEU C 296 -64.74 -22.72 -3.74
N GLY C 297 -65.21 -21.91 -2.78
CA GLY C 297 -66.55 -22.01 -2.26
C GLY C 297 -66.56 -22.65 -0.89
N TYR C 298 -65.51 -23.40 -0.57
CA TYR C 298 -65.31 -23.83 0.80
C TYR C 298 -65.21 -22.57 1.66
N PRO C 299 -65.64 -22.66 2.91
CA PRO C 299 -65.51 -21.50 3.80
C PRO C 299 -64.10 -20.89 3.77
N ASP C 300 -64.01 -19.56 3.79
CA ASP C 300 -62.71 -18.89 3.88
C ASP C 300 -61.84 -19.06 2.62
N THR C 301 -62.40 -19.73 1.62
CA THR C 301 -61.68 -20.02 0.38
C THR C 301 -62.38 -19.45 -0.84
N GLY C 302 -61.74 -18.47 -1.49
CA GLY C 302 -62.45 -17.57 -2.38
C GLY C 302 -61.49 -16.65 -3.09
N GLY C 303 -61.96 -15.47 -3.48
CA GLY C 303 -61.17 -14.54 -4.26
C GLY C 303 -59.74 -14.28 -3.80
N GLN C 304 -59.47 -14.37 -2.51
CA GLN C 304 -58.08 -14.21 -2.06
C GLN C 304 -57.16 -15.30 -2.66
N VAL C 305 -57.68 -16.52 -2.77
CA VAL C 305 -56.91 -17.60 -3.38
C VAL C 305 -56.79 -17.33 -4.88
N VAL C 306 -57.91 -17.06 -5.53
CA VAL C 306 -57.89 -16.75 -6.95
C VAL C 306 -56.88 -15.64 -7.24
N TYR C 307 -57.02 -14.53 -6.52
CA TYR C 307 -56.16 -13.37 -6.68
C TYR C 307 -54.68 -13.75 -6.60
N ILE C 308 -54.32 -14.54 -5.60
CA ILE C 308 -52.92 -14.87 -5.36
C ILE C 308 -52.36 -15.78 -6.46
N LEU C 309 -53.16 -16.74 -6.92
CA LEU C 309 -52.74 -17.63 -7.99
C LEU C 309 -52.48 -16.88 -9.30
N ASP C 310 -53.39 -15.98 -9.67
CA ASP C 310 -53.23 -15.20 -10.89
C ASP C 310 -52.02 -14.30 -10.73
N GLN C 311 -51.81 -13.85 -9.50
CA GLN C 311 -50.74 -12.91 -9.17
C GLN C 311 -49.35 -13.52 -9.34
N VAL C 312 -49.09 -14.65 -8.67
CA VAL C 312 -47.77 -15.25 -8.74
C VAL C 312 -47.44 -15.57 -10.18
N ARG C 313 -48.41 -16.12 -10.90
CA ARG C 313 -48.23 -16.44 -12.30
C ARG C 313 -47.71 -15.24 -13.08
N ALA C 314 -48.39 -14.11 -12.96
CA ALA C 314 -48.01 -12.91 -13.71
C ALA C 314 -46.72 -12.34 -13.15
N LEU C 315 -46.60 -12.32 -11.84
CA LEU C 315 -45.39 -11.81 -11.20
C LEU C 315 -44.13 -12.59 -11.63
N GLU C 316 -44.28 -13.89 -11.83
CA GLU C 316 -43.15 -14.71 -12.27
C GLU C 316 -42.71 -14.30 -13.66
N ILE C 317 -43.68 -14.10 -14.55
CA ILE C 317 -43.36 -13.72 -15.93
C ILE C 317 -42.51 -12.46 -15.95
N GLU C 318 -43.00 -11.42 -15.30
CA GLU C 318 -42.33 -10.12 -15.26
C GLU C 318 -40.96 -10.26 -14.61
N MET C 319 -40.91 -11.01 -13.52
CA MET C 319 -39.66 -11.29 -12.81
C MET C 319 -38.58 -11.94 -13.69
N LEU C 320 -38.97 -12.92 -14.51
CA LEU C 320 -38.06 -13.52 -15.47
C LEU C 320 -37.60 -12.48 -16.49
N GLN C 321 -38.59 -11.75 -17.01
CA GLN C 321 -38.37 -10.70 -17.99
C GLN C 321 -37.27 -9.75 -17.50
N ARG C 322 -37.44 -9.21 -16.30
CA ARG C 322 -36.49 -8.23 -15.78
C ARG C 322 -35.11 -8.82 -15.52
N ILE C 323 -35.07 -10.01 -14.94
CA ILE C 323 -33.78 -10.60 -14.60
C ILE C 323 -32.96 -10.81 -15.88
N LYS C 324 -33.63 -11.27 -16.94
CA LYS C 324 -32.93 -11.43 -18.21
C LYS C 324 -32.36 -10.08 -18.65
N GLN C 325 -33.24 -9.10 -18.80
CA GLN C 325 -32.87 -7.76 -19.28
C GLN C 325 -31.70 -7.11 -18.58
N GLN C 326 -31.54 -7.37 -17.29
CA GLN C 326 -30.45 -6.74 -16.54
C GLN C 326 -29.18 -7.57 -16.63
N GLY C 327 -29.25 -8.65 -17.41
CA GLY C 327 -28.09 -9.49 -17.71
C GLY C 327 -27.72 -10.39 -16.57
N LEU C 328 -28.72 -10.95 -15.92
CA LEU C 328 -28.49 -11.90 -14.84
C LEU C 328 -29.04 -13.29 -15.17
N ASN C 329 -28.44 -14.32 -14.59
CA ASN C 329 -28.98 -15.66 -14.76
C ASN C 329 -29.78 -16.26 -13.60
N ILE C 330 -29.96 -15.49 -12.53
CA ILE C 330 -30.61 -16.00 -11.33
C ILE C 330 -31.97 -16.61 -11.62
N LYS C 331 -32.29 -17.68 -10.89
CA LYS C 331 -33.58 -18.33 -11.03
C LYS C 331 -34.49 -17.91 -9.87
N PRO C 332 -35.63 -17.28 -10.21
CA PRO C 332 -36.53 -16.78 -9.17
C PRO C 332 -37.16 -17.89 -8.37
N ARG C 333 -37.69 -17.56 -7.20
CA ARG C 333 -38.56 -18.48 -6.49
C ARG C 333 -39.71 -17.68 -5.86
N ILE C 334 -40.93 -18.19 -6.00
CA ILE C 334 -42.07 -17.60 -5.29
C ILE C 334 -42.77 -18.64 -4.43
N LEU C 335 -42.76 -18.42 -3.12
CA LEU C 335 -43.42 -19.32 -2.20
C LEU C 335 -44.73 -18.69 -1.70
N ILE C 336 -45.82 -19.44 -1.78
CA ILE C 336 -47.04 -19.05 -1.11
C ILE C 336 -47.16 -19.87 0.17
N LEU C 337 -46.92 -19.25 1.32
CA LEU C 337 -47.02 -19.95 2.59
C LEU C 337 -48.46 -20.07 3.02
N THR C 338 -48.93 -21.30 3.19
CA THR C 338 -50.25 -21.53 3.78
C THR C 338 -50.19 -22.70 4.74
N ARG C 339 -51.34 -23.05 5.30
CA ARG C 339 -51.39 -24.04 6.37
C ARG C 339 -51.60 -25.46 5.86
N LEU C 340 -50.86 -26.41 6.44
CA LEU C 340 -50.98 -27.79 6.04
C LEU C 340 -52.21 -28.39 6.72
N LEU C 341 -53.17 -28.85 5.90
CA LEU C 341 -54.35 -29.51 6.45
C LEU C 341 -54.30 -30.96 6.02
N PRO C 342 -53.91 -31.84 6.94
CA PRO C 342 -53.64 -33.24 6.59
C PRO C 342 -54.92 -34.01 6.32
N ASP C 343 -55.98 -33.60 6.98
CA ASP C 343 -57.25 -34.34 6.96
C ASP C 343 -58.28 -33.79 5.97
N ALA C 344 -57.92 -32.80 5.17
CA ALA C 344 -58.85 -32.33 4.16
C ALA C 344 -58.67 -33.26 2.98
N VAL C 345 -59.73 -33.98 2.63
CA VAL C 345 -59.60 -35.05 1.65
C VAL C 345 -60.20 -34.58 0.34
N GLY C 346 -59.66 -35.08 -0.76
CA GLY C 346 -60.08 -34.60 -2.06
C GLY C 346 -59.27 -33.39 -2.45
N THR C 347 -58.53 -32.82 -1.51
CA THR C 347 -57.69 -31.68 -1.84
C THR C 347 -56.22 -32.03 -1.72
N THR C 348 -55.38 -31.09 -2.13
CA THR C 348 -53.93 -31.22 -2.04
C THR C 348 -53.40 -30.49 -0.82
N CYS C 349 -54.32 -29.99 0.00
CA CYS C 349 -53.96 -29.18 1.15
C CYS C 349 -53.12 -29.96 2.15
N GLY C 350 -52.97 -31.26 1.92
CA GLY C 350 -52.21 -32.11 2.83
C GLY C 350 -50.74 -32.28 2.47
N GLU C 351 -50.31 -31.73 1.34
CA GLU C 351 -48.92 -31.86 0.92
C GLU C 351 -48.12 -30.57 1.17
N ARG C 352 -46.84 -30.73 1.47
CA ARG C 352 -45.98 -29.63 1.88
C ARG C 352 -45.60 -28.68 0.74
N LEU C 353 -45.42 -29.21 -0.46
CA LEU C 353 -44.96 -28.40 -1.57
C LEU C 353 -45.81 -28.67 -2.79
N GLU C 354 -46.25 -27.61 -3.47
CA GLU C 354 -47.07 -27.78 -4.66
C GLU C 354 -46.70 -26.76 -5.72
N ARG C 355 -46.39 -27.25 -6.93
CA ARG C 355 -46.14 -26.37 -8.07
C ARG C 355 -47.43 -25.73 -8.54
N VAL C 356 -47.39 -24.43 -8.79
CA VAL C 356 -48.53 -23.71 -9.30
C VAL C 356 -48.66 -23.96 -10.79
N TYR C 357 -49.83 -24.40 -11.20
CA TYR C 357 -50.06 -24.72 -12.60
C TYR C 357 -49.66 -23.55 -13.49
N ASP C 358 -49.01 -23.90 -14.59
CA ASP C 358 -48.57 -22.93 -15.59
C ASP C 358 -47.45 -22.02 -15.11
N SER C 359 -46.55 -22.55 -14.29
CA SER C 359 -45.39 -21.77 -13.89
C SER C 359 -44.15 -22.63 -13.65
N GLU C 360 -42.99 -22.02 -13.88
CA GLU C 360 -41.73 -22.68 -13.62
C GLU C 360 -41.30 -22.60 -12.14
N TYR C 361 -41.42 -21.42 -11.56
CA TYR C 361 -40.90 -21.15 -10.22
C TYR C 361 -41.84 -20.95 -9.00
N CYS C 362 -43.15 -21.05 -9.21
CA CYS C 362 -44.10 -20.79 -8.12
C CYS C 362 -44.56 -22.05 -7.41
N ASP C 363 -44.31 -22.12 -6.10
CA ASP C 363 -44.75 -23.26 -5.29
C ASP C 363 -45.59 -22.85 -4.09
N ILE C 364 -46.62 -23.64 -3.78
CA ILE C 364 -47.32 -23.47 -2.52
C ILE C 364 -46.52 -24.21 -1.45
N LEU C 365 -46.28 -23.54 -0.32
CA LEU C 365 -45.55 -24.15 0.77
C LEU C 365 -46.44 -24.23 1.99
N ARG C 366 -46.78 -25.43 2.39
CA ARG C 366 -47.66 -25.62 3.54
C ARG C 366 -46.88 -25.97 4.80
N VAL C 367 -47.15 -25.24 5.87
CA VAL C 367 -46.66 -25.58 7.20
C VAL C 367 -47.85 -25.73 8.15
N PRO C 368 -47.80 -26.73 9.03
CA PRO C 368 -48.91 -26.99 9.97
C PRO C 368 -48.97 -26.05 11.18
N PHE C 369 -50.18 -25.84 11.68
CA PHE C 369 -50.37 -25.20 12.98
C PHE C 369 -49.99 -26.22 14.04
N ARG C 370 -49.39 -25.77 15.13
CA ARG C 370 -49.02 -26.69 16.19
C ARG C 370 -48.95 -26.03 17.55
N THR C 371 -48.94 -26.84 18.60
CA THR C 371 -48.79 -26.36 19.98
C THR C 371 -47.82 -27.30 20.67
N GLU C 372 -47.63 -27.10 21.97
CA GLU C 372 -46.78 -27.98 22.76
C GLU C 372 -47.23 -29.42 22.53
N LYS C 373 -48.54 -29.60 22.41
CA LYS C 373 -49.15 -30.93 22.31
C LYS C 373 -48.88 -31.61 20.96
N GLY C 374 -48.26 -30.89 20.03
CA GLY C 374 -48.08 -31.39 18.67
C GLY C 374 -48.97 -30.70 17.64
N ILE C 375 -48.86 -31.09 16.37
CA ILE C 375 -49.52 -30.35 15.31
C ILE C 375 -51.03 -30.51 15.35
N VAL C 376 -51.73 -29.47 14.91
CA VAL C 376 -53.18 -29.44 14.90
C VAL C 376 -53.74 -29.79 13.53
N ARG C 377 -54.56 -30.82 13.48
CA ARG C 377 -55.06 -31.34 12.19
C ARG C 377 -56.24 -30.61 11.55
N LYS C 378 -57.23 -30.22 12.36
CA LYS C 378 -58.52 -29.80 11.80
C LYS C 378 -58.51 -28.40 11.23
N TRP C 379 -59.27 -28.21 10.15
CA TRP C 379 -59.42 -26.88 9.60
C TRP C 379 -59.95 -25.96 10.66
N ILE C 380 -59.43 -24.74 10.71
CA ILE C 380 -59.91 -23.75 11.65
C ILE C 380 -60.35 -22.51 10.87
N SER C 381 -61.48 -21.93 11.29
CA SER C 381 -62.00 -20.71 10.67
C SER C 381 -61.03 -19.53 10.77
N ARG C 382 -61.10 -18.63 9.79
CA ARG C 382 -60.23 -17.47 9.79
C ARG C 382 -60.37 -16.62 11.06
N PHE C 383 -61.57 -16.59 11.64
CA PHE C 383 -61.76 -15.84 12.88
C PHE C 383 -61.07 -16.47 14.10
N GLU C 384 -60.69 -17.74 14.00
CA GLU C 384 -60.07 -18.45 15.12
C GLU C 384 -58.56 -18.72 15.12
N VAL C 385 -57.83 -18.26 14.11
CA VAL C 385 -56.46 -18.77 13.96
C VAL C 385 -55.43 -18.11 14.87
N TRP C 386 -55.83 -17.02 15.50
CA TRP C 386 -54.89 -16.11 16.16
C TRP C 386 -53.90 -16.76 17.14
N PRO C 387 -54.36 -17.68 17.98
CA PRO C 387 -53.41 -18.28 18.92
C PRO C 387 -52.29 -19.05 18.20
N TYR C 388 -52.54 -19.48 16.97
CA TYR C 388 -51.55 -20.24 16.21
C TYR C 388 -50.55 -19.41 15.38
N LEU C 389 -50.86 -18.14 15.14
CA LEU C 389 -50.12 -17.38 14.13
C LEU C 389 -48.64 -17.13 14.45
N GLU C 390 -48.30 -17.01 15.73
CA GLU C 390 -46.91 -16.76 16.11
C GLU C 390 -46.01 -17.96 15.84
N THR C 391 -46.39 -19.13 16.34
CA THR C 391 -45.60 -20.33 16.12
C THR C 391 -45.51 -20.59 14.62
N TYR C 392 -46.62 -20.39 13.92
CA TYR C 392 -46.65 -20.57 12.48
C TYR C 392 -45.50 -19.82 11.81
N THR C 393 -45.36 -18.55 12.20
CA THR C 393 -44.32 -17.69 11.69
C THR C 393 -42.94 -18.30 11.88
N GLU C 394 -42.68 -18.74 13.11
CA GLU C 394 -41.39 -19.36 13.42
C GLU C 394 -41.18 -20.59 12.55
N ASP C 395 -42.16 -21.48 12.51
CA ASP C 395 -42.07 -22.68 11.69
C ASP C 395 -41.89 -22.30 10.21
N ALA C 396 -42.74 -21.40 9.72
CA ALA C 396 -42.65 -20.94 8.35
C ALA C 396 -41.25 -20.47 8.02
N ALA C 397 -40.68 -19.66 8.90
CA ALA C 397 -39.35 -19.13 8.69
C ALA C 397 -38.38 -20.25 8.44
N VAL C 398 -38.38 -21.23 9.35
CA VAL C 398 -37.51 -22.39 9.22
C VAL C 398 -37.72 -23.13 7.91
N GLU C 399 -38.97 -23.26 7.49
CA GLU C 399 -39.28 -24.05 6.30
C GLU C 399 -38.96 -23.33 4.99
N LEU C 400 -39.11 -22.01 4.98
CA LEU C 400 -38.75 -21.26 3.78
C LEU C 400 -37.25 -20.96 3.70
N SER C 401 -36.56 -21.11 4.81
CA SER C 401 -35.11 -21.02 4.81
C SER C 401 -34.54 -22.21 4.04
N LYS C 402 -35.23 -23.34 4.14
CA LYS C 402 -34.80 -24.56 3.47
C LYS C 402 -35.04 -24.47 1.97
N GLU C 403 -36.17 -23.88 1.60
CA GLU C 403 -36.59 -23.83 0.20
C GLU C 403 -35.85 -22.79 -0.64
N LEU C 404 -35.64 -21.61 -0.06
CA LEU C 404 -35.13 -20.47 -0.82
C LEU C 404 -33.61 -20.44 -0.91
N ASN C 405 -33.12 -20.01 -2.06
CA ASN C 405 -31.71 -19.72 -2.21
C ASN C 405 -31.49 -18.22 -1.97
N GLY C 406 -30.87 -17.90 -0.84
CA GLY C 406 -30.84 -16.52 -0.35
C GLY C 406 -32.08 -16.21 0.45
N LYS C 407 -32.17 -15.01 1.01
CA LYS C 407 -33.37 -14.64 1.75
C LYS C 407 -34.39 -13.98 0.83
N PRO C 408 -35.59 -13.69 1.37
CA PRO C 408 -36.64 -13.09 0.55
C PRO C 408 -36.31 -11.65 0.19
N ASP C 409 -36.51 -11.28 -1.07
CA ASP C 409 -36.33 -9.89 -1.48
C ASP C 409 -37.62 -9.10 -1.31
N LEU C 410 -38.74 -9.81 -1.20
CA LEU C 410 -40.05 -9.19 -1.05
C LEU C 410 -40.98 -10.08 -0.23
N ILE C 411 -41.79 -9.48 0.63
CA ILE C 411 -42.76 -10.21 1.43
C ILE C 411 -44.12 -9.56 1.30
N ILE C 412 -45.13 -10.34 0.94
CA ILE C 412 -46.46 -9.79 0.76
C ILE C 412 -47.42 -10.44 1.74
N GLY C 413 -48.00 -9.63 2.63
CA GLY C 413 -49.04 -10.09 3.52
C GLY C 413 -50.39 -10.09 2.82
N ASN C 414 -51.23 -11.05 3.18
CA ASN C 414 -52.59 -11.13 2.67
C ASN C 414 -53.60 -11.38 3.79
N TYR C 415 -54.61 -10.51 3.81
CA TYR C 415 -55.63 -10.44 4.84
C TYR C 415 -55.05 -10.25 6.26
N SER C 416 -55.80 -10.61 7.29
CA SER C 416 -55.42 -10.18 8.63
C SER C 416 -54.35 -11.08 9.22
N ASP C 417 -54.60 -12.37 9.15
CA ASP C 417 -53.67 -13.35 9.68
C ASP C 417 -52.40 -13.34 8.85
N GLY C 418 -52.56 -13.15 7.54
CA GLY C 418 -51.43 -13.11 6.62
C GLY C 418 -50.60 -11.86 6.79
N ASN C 419 -51.27 -10.73 6.92
CA ASN C 419 -50.54 -9.49 7.18
C ASN C 419 -49.79 -9.55 8.50
N LEU C 420 -50.44 -10.11 9.51
CA LEU C 420 -49.87 -10.23 10.85
C LEU C 420 -48.59 -11.04 10.78
N VAL C 421 -48.62 -12.14 10.06
CA VAL C 421 -47.46 -13.02 9.97
C VAL C 421 -46.41 -12.44 9.04
N ALA C 422 -46.86 -11.68 8.05
CA ALA C 422 -45.95 -11.07 7.07
C ALA C 422 -45.11 -10.01 7.75
N SER C 423 -45.70 -9.33 8.72
CA SER C 423 -45.00 -8.30 9.49
C SER C 423 -43.93 -8.91 10.36
N LEU C 424 -44.28 -9.96 11.11
CA LEU C 424 -43.32 -10.62 11.98
C LEU C 424 -42.13 -11.19 11.20
N LEU C 425 -42.40 -11.71 10.01
CA LEU C 425 -41.35 -12.26 9.16
C LEU C 425 -40.46 -11.14 8.65
N ALA C 426 -41.09 -10.13 8.06
CA ALA C 426 -40.36 -8.96 7.55
C ALA C 426 -39.39 -8.44 8.60
N HIS C 427 -39.88 -8.33 9.83
CA HIS C 427 -39.08 -7.87 10.96
C HIS C 427 -37.93 -8.81 11.23
N LYS C 428 -38.24 -10.09 11.37
CA LYS C 428 -37.25 -11.11 11.65
C LYS C 428 -36.16 -11.12 10.58
N LEU C 429 -36.57 -11.16 9.31
CA LEU C 429 -35.62 -11.33 8.21
C LEU C 429 -35.12 -10.04 7.57
N GLY C 430 -35.68 -8.90 7.97
CA GLY C 430 -35.22 -7.65 7.38
C GLY C 430 -35.56 -7.63 5.91
N VAL C 431 -36.85 -7.72 5.59
CA VAL C 431 -37.25 -7.72 4.20
C VAL C 431 -38.33 -6.69 3.92
N THR C 432 -38.38 -6.23 2.68
CA THR C 432 -39.35 -5.23 2.24
C THR C 432 -40.77 -5.81 2.26
N GLN C 433 -41.67 -5.13 2.96
CA GLN C 433 -42.99 -5.68 3.20
C GLN C 433 -44.11 -4.90 2.50
N CYS C 434 -44.94 -5.63 1.75
CA CYS C 434 -46.16 -5.08 1.18
C CYS C 434 -47.30 -5.78 1.89
N THR C 435 -48.45 -5.12 1.99
CA THR C 435 -49.64 -5.77 2.55
C THR C 435 -50.85 -5.54 1.67
N ILE C 436 -51.70 -6.55 1.57
CA ILE C 436 -52.94 -6.48 0.83
C ILE C 436 -54.04 -6.96 1.77
N ALA C 437 -55.01 -6.10 2.06
CA ALA C 437 -56.09 -6.44 2.98
C ALA C 437 -57.02 -7.51 2.43
N HIS C 438 -57.51 -7.29 1.21
CA HIS C 438 -58.47 -8.18 0.58
C HIS C 438 -59.84 -8.05 1.20
N ALA C 439 -59.87 -7.56 2.43
CA ALA C 439 -61.09 -7.10 3.08
C ALA C 439 -60.72 -6.64 4.47
N LEU C 440 -61.58 -5.79 5.01
CA LEU C 440 -61.42 -5.30 6.36
C LEU C 440 -62.73 -5.52 7.08
N GLU C 441 -62.71 -6.43 8.06
CA GLU C 441 -63.94 -6.89 8.69
C GLU C 441 -64.73 -5.75 9.35
N LYS C 442 -64.02 -4.77 9.88
CA LYS C 442 -64.70 -3.68 10.58
C LYS C 442 -65.72 -3.01 9.67
N THR C 443 -65.47 -3.02 8.36
CA THR C 443 -66.40 -2.41 7.41
C THR C 443 -67.45 -3.38 6.91
N LYS C 444 -67.21 -4.67 7.10
CA LYS C 444 -68.16 -5.70 6.70
C LYS C 444 -69.21 -5.94 7.75
N TYR C 445 -68.87 -5.65 9.00
CA TYR C 445 -69.73 -5.91 10.13
C TYR C 445 -69.99 -4.60 10.85
N PRO C 446 -71.01 -3.87 10.41
CA PRO C 446 -71.25 -2.50 10.90
C PRO C 446 -71.29 -2.41 12.42
N ASP C 447 -70.64 -1.39 12.96
CA ASP C 447 -70.63 -1.18 14.40
C ASP C 447 -69.97 -2.34 15.14
N SER C 448 -69.12 -3.08 14.45
CA SER C 448 -68.39 -4.17 15.09
C SER C 448 -67.25 -3.64 15.94
N ASP C 449 -66.87 -2.38 15.74
CA ASP C 449 -65.90 -1.75 16.64
C ASP C 449 -66.53 -1.39 17.99
N ILE C 450 -67.62 -0.63 17.95
CA ILE C 450 -68.28 -0.11 19.14
C ILE C 450 -68.99 -1.22 19.91
N TYR C 451 -69.56 -2.16 19.16
CA TYR C 451 -70.26 -3.32 19.71
C TYR C 451 -69.38 -4.56 19.84
N TRP C 452 -68.08 -4.37 19.65
CA TRP C 452 -67.11 -5.46 19.61
C TRP C 452 -67.28 -6.52 20.70
N LYS C 453 -67.64 -6.08 21.91
CA LYS C 453 -67.67 -6.99 23.06
C LYS C 453 -68.62 -8.18 22.90
N LYS C 454 -69.85 -7.91 22.47
CA LYS C 454 -70.84 -8.98 22.32
C LYS C 454 -70.57 -9.87 21.10
N LEU C 455 -69.69 -9.42 20.21
CA LEU C 455 -69.34 -10.19 19.02
C LEU C 455 -68.12 -11.06 19.22
N ASP C 456 -67.45 -10.92 20.36
CA ASP C 456 -66.08 -11.42 20.46
C ASP C 456 -65.96 -12.92 20.63
N ASP C 457 -66.83 -13.51 21.45
CA ASP C 457 -66.76 -14.95 21.67
C ASP C 457 -66.86 -15.68 20.33
N LYS C 458 -67.61 -15.10 19.40
CA LYS C 458 -67.76 -15.66 18.06
C LYS C 458 -66.64 -15.25 17.10
N TYR C 459 -66.52 -13.96 16.81
CA TYR C 459 -65.59 -13.48 15.77
C TYR C 459 -64.18 -13.05 16.20
N HIS C 460 -63.94 -12.91 17.50
CA HIS C 460 -62.64 -12.44 17.99
C HIS C 460 -62.10 -11.20 17.28
N PHE C 461 -62.95 -10.22 17.04
CA PHE C 461 -62.51 -8.98 16.38
C PHE C 461 -61.48 -8.15 17.17
N SER C 462 -61.40 -8.33 18.49
CA SER C 462 -60.40 -7.59 19.25
C SER C 462 -59.02 -8.02 18.75
N CYS C 463 -58.83 -9.32 18.60
CA CYS C 463 -57.62 -9.86 17.96
C CYS C 463 -57.45 -9.32 16.55
N GLN C 464 -58.49 -9.45 15.73
CA GLN C 464 -58.35 -9.14 14.31
C GLN C 464 -58.08 -7.67 14.08
N PHE C 465 -58.95 -6.82 14.60
CA PHE C 465 -58.74 -5.39 14.44
C PHE C 465 -57.33 -5.04 14.92
N THR C 466 -56.91 -5.64 16.01
CA THR C 466 -55.56 -5.35 16.51
C THR C 466 -54.49 -5.65 15.45
N ALA C 467 -54.61 -6.77 14.76
CA ALA C 467 -53.62 -7.14 13.77
C ALA C 467 -53.74 -6.21 12.57
N ASP C 468 -54.97 -5.92 12.15
CA ASP C 468 -55.20 -4.98 11.07
C ASP C 468 -54.41 -3.69 11.29
N ILE C 469 -54.77 -2.95 12.34
CA ILE C 469 -54.06 -1.74 12.74
C ILE C 469 -52.55 -1.94 12.76
N PHE C 470 -52.12 -3.07 13.30
CA PHE C 470 -50.70 -3.35 13.48
C PHE C 470 -49.93 -3.52 12.18
N ALA C 471 -50.47 -4.33 11.27
CA ALA C 471 -49.82 -4.61 9.98
C ALA C 471 -49.95 -3.42 9.04
N MET C 472 -51.08 -2.76 9.10
CA MET C 472 -51.33 -1.54 8.35
C MET C 472 -50.18 -0.56 8.50
N ASN C 473 -49.77 -0.32 9.73
CA ASN C 473 -48.68 0.61 10.02
C ASN C 473 -47.28 0.00 9.88
N HIS C 474 -47.19 -1.29 10.14
CA HIS C 474 -45.91 -1.99 10.16
C HIS C 474 -45.34 -2.19 8.76
N THR C 475 -46.22 -2.21 7.77
CA THR C 475 -45.78 -2.52 6.41
C THR C 475 -45.07 -1.35 5.74
N ASP C 476 -44.19 -1.67 4.79
CA ASP C 476 -43.45 -0.68 4.01
C ASP C 476 -44.34 0.05 3.01
N PHE C 477 -45.17 -0.70 2.29
CA PHE C 477 -46.22 -0.09 1.46
C PHE C 477 -47.49 -0.94 1.44
N ILE C 478 -48.59 -0.34 0.97
CA ILE C 478 -49.89 -1.01 0.93
C ILE C 478 -50.49 -1.00 -0.49
N ILE C 479 -50.99 -2.14 -0.93
CA ILE C 479 -51.63 -2.23 -2.24
C ILE C 479 -53.13 -2.43 -2.13
N THR C 480 -53.93 -1.57 -2.76
CA THR C 480 -55.39 -1.73 -2.78
C THR C 480 -55.88 -1.95 -4.20
N SER C 481 -57.06 -2.56 -4.33
CA SER C 481 -57.62 -2.85 -5.65
C SER C 481 -58.52 -1.75 -6.16
N THR C 482 -58.86 -0.80 -5.28
CA THR C 482 -59.68 0.33 -5.70
C THR C 482 -59.35 1.57 -4.91
N PHE C 483 -59.79 2.73 -5.42
CA PHE C 483 -59.68 3.97 -4.68
C PHE C 483 -60.64 3.91 -3.50
N GLN C 484 -61.85 3.42 -3.76
CA GLN C 484 -62.89 3.36 -2.75
C GLN C 484 -62.39 2.57 -1.54
N GLU C 485 -61.53 1.60 -1.79
CA GLU C 485 -60.97 0.83 -0.71
C GLU C 485 -60.17 1.71 0.26
N ILE C 486 -59.62 2.82 -0.22
CA ILE C 486 -58.93 3.74 0.68
C ILE C 486 -59.84 4.82 1.23
N ALA C 487 -60.25 5.74 0.35
CA ALA C 487 -60.99 6.95 0.72
C ALA C 487 -62.51 6.89 0.48
N GLY C 488 -63.02 5.77 -0.01
CA GLY C 488 -64.43 5.65 -0.32
C GLY C 488 -64.85 6.50 -1.51
N SER C 489 -65.97 7.17 -1.37
CA SER C 489 -66.48 8.09 -2.39
C SER C 489 -66.73 9.45 -1.77
N LYS C 490 -67.36 10.36 -2.51
CA LYS C 490 -67.63 11.69 -1.98
C LYS C 490 -68.60 11.64 -0.80
N GLU C 491 -69.65 10.84 -0.94
CA GLU C 491 -70.66 10.67 0.11
C GLU C 491 -70.31 9.65 1.20
N THR C 492 -69.55 8.61 0.86
CA THR C 492 -69.34 7.49 1.78
C THR C 492 -67.88 7.23 2.18
N VAL C 493 -67.68 6.75 3.40
CA VAL C 493 -66.33 6.57 3.92
C VAL C 493 -65.63 5.36 3.30
N GLY C 494 -64.31 5.39 3.30
CA GLY C 494 -63.53 4.32 2.71
C GLY C 494 -63.18 3.24 3.71
N GLN C 495 -62.79 2.08 3.20
CA GLN C 495 -62.41 0.96 4.06
C GLN C 495 -61.32 1.30 5.08
N TYR C 496 -60.13 1.64 4.60
CA TYR C 496 -59.09 2.15 5.51
C TYR C 496 -59.55 3.44 6.21
N GLU C 497 -60.15 4.36 5.46
CA GLU C 497 -60.52 5.65 6.01
C GLU C 497 -61.29 5.44 7.32
N SER C 498 -62.06 4.35 7.37
CA SER C 498 -62.90 4.08 8.53
C SER C 498 -62.07 3.65 9.72
N HIS C 499 -60.79 3.39 9.48
CA HIS C 499 -59.89 2.96 10.54
C HIS C 499 -59.09 4.13 11.12
N THR C 500 -59.29 5.33 10.59
CA THR C 500 -58.58 6.49 11.08
C THR C 500 -58.90 6.77 12.53
N ALA C 501 -60.19 6.95 12.83
CA ALA C 501 -60.65 7.13 14.21
C ALA C 501 -61.78 6.16 14.57
N PHE C 502 -61.52 5.30 15.54
CA PHE C 502 -62.54 4.37 16.01
C PHE C 502 -62.20 3.92 17.42
N THR C 503 -63.16 3.33 18.10
CA THR C 503 -62.91 2.85 19.46
C THR C 503 -63.55 1.51 19.77
N LEU C 504 -62.92 0.78 20.67
CA LEU C 504 -63.40 -0.51 21.15
C LEU C 504 -63.60 -0.40 22.65
N PRO C 505 -64.80 -0.01 23.07
CA PRO C 505 -65.03 0.34 24.48
C PRO C 505 -64.56 -0.76 25.41
N GLY C 506 -63.72 -0.41 26.39
CA GLY C 506 -63.25 -1.37 27.38
C GLY C 506 -61.92 -2.01 27.05
N LEU C 507 -61.39 -1.70 25.86
CA LEU C 507 -60.19 -2.36 25.37
C LEU C 507 -59.13 -1.33 25.07
N TYR C 508 -59.39 -0.49 24.07
CA TYR C 508 -58.56 0.68 23.79
C TYR C 508 -59.22 1.65 22.82
N ARG C 509 -58.55 2.78 22.58
CA ARG C 509 -59.08 3.86 21.75
C ARG C 509 -58.08 4.21 20.66
N VAL C 510 -58.56 4.31 19.42
CA VAL C 510 -57.69 4.61 18.30
C VAL C 510 -57.99 6.01 17.81
N VAL C 511 -57.10 6.95 18.15
CA VAL C 511 -57.31 8.36 17.85
C VAL C 511 -56.90 8.67 16.42
N HIS C 512 -55.74 8.15 16.03
CA HIS C 512 -55.37 8.15 14.63
C HIS C 512 -54.76 6.79 14.31
N GLY C 513 -55.49 5.96 13.56
CA GLY C 513 -54.98 4.64 13.23
C GLY C 513 -54.36 4.54 11.86
N ILE C 514 -54.81 5.40 10.96
CA ILE C 514 -54.29 5.38 9.61
C ILE C 514 -54.63 6.68 8.93
N ASP C 515 -53.90 7.02 7.88
CA ASP C 515 -54.24 8.23 7.15
C ASP C 515 -54.47 7.93 5.69
N VAL C 516 -55.65 8.30 5.23
CA VAL C 516 -56.06 8.07 3.86
C VAL C 516 -55.07 8.71 2.89
N PHE C 517 -54.32 9.71 3.34
CA PHE C 517 -53.36 10.39 2.49
C PHE C 517 -51.95 9.82 2.63
N ASP C 518 -51.80 8.77 3.43
CA ASP C 518 -50.47 8.20 3.65
C ASP C 518 -49.88 7.75 2.32
N PRO C 519 -48.68 8.26 1.99
CA PRO C 519 -47.92 7.99 0.76
C PRO C 519 -47.69 6.50 0.50
N LYS C 520 -47.81 5.66 1.54
CA LYS C 520 -47.60 4.22 1.37
C LYS C 520 -48.74 3.51 0.63
N PHE C 521 -49.88 4.17 0.47
CA PHE C 521 -51.00 3.57 -0.24
C PHE C 521 -50.73 3.56 -1.73
N ASN C 522 -51.02 2.43 -2.37
CA ASN C 522 -50.96 2.34 -3.81
C ASN C 522 -52.07 1.50 -4.40
N ILE C 523 -52.86 2.09 -5.29
CA ILE C 523 -53.91 1.35 -5.95
C ILE C 523 -53.31 0.62 -7.14
N VAL C 524 -53.32 -0.70 -7.08
CA VAL C 524 -52.93 -1.50 -8.24
C VAL C 524 -54.04 -2.50 -8.44
N SER C 525 -54.82 -2.30 -9.50
CA SER C 525 -56.02 -3.09 -9.71
C SER C 525 -55.64 -4.43 -10.29
N PRO C 526 -56.27 -5.51 -9.79
CA PRO C 526 -56.01 -6.83 -10.33
C PRO C 526 -56.95 -7.06 -11.49
N GLY C 527 -56.96 -8.28 -12.04
CA GLY C 527 -57.80 -8.58 -13.18
C GLY C 527 -58.23 -10.03 -13.16
N ALA C 528 -58.97 -10.43 -14.20
CA ALA C 528 -59.39 -11.81 -14.36
C ALA C 528 -58.49 -12.47 -15.39
N ASP C 529 -58.07 -13.71 -15.13
CA ASP C 529 -57.18 -14.39 -16.05
C ASP C 529 -57.83 -14.42 -17.43
N MET C 530 -57.16 -13.84 -18.41
CA MET C 530 -57.77 -13.61 -19.72
C MET C 530 -57.93 -14.87 -20.54
N SER C 531 -57.20 -15.92 -20.17
CA SER C 531 -57.32 -17.19 -20.88
C SER C 531 -58.52 -17.99 -20.37
N ILE C 532 -58.91 -17.75 -19.11
CA ILE C 532 -60.11 -18.33 -18.52
C ILE C 532 -61.43 -17.58 -18.77
N TYR C 533 -61.37 -16.24 -18.79
CA TYR C 533 -62.57 -15.42 -18.95
C TYR C 533 -62.45 -14.51 -20.16
N PHE C 534 -63.42 -14.62 -21.07
CA PHE C 534 -63.44 -13.79 -22.27
C PHE C 534 -64.87 -13.67 -22.76
N PRO C 535 -65.07 -12.88 -23.81
CA PRO C 535 -66.43 -12.60 -24.28
C PRO C 535 -67.11 -13.87 -24.74
N TYR C 536 -68.42 -13.97 -24.53
CA TYR C 536 -69.17 -15.17 -24.85
C TYR C 536 -69.29 -15.30 -26.36
N THR C 537 -68.95 -14.21 -27.04
CA THR C 537 -69.16 -14.09 -28.49
C THR C 537 -68.01 -14.56 -29.35
N GLU C 538 -66.97 -15.11 -28.74
CA GLU C 538 -65.90 -15.67 -29.53
C GLU C 538 -66.12 -17.17 -29.60
N GLU C 539 -66.62 -17.63 -30.74
CA GLU C 539 -67.11 -19.00 -30.87
C GLU C 539 -65.96 -19.98 -30.89
N LYS C 540 -64.92 -19.65 -31.63
CA LYS C 540 -63.77 -20.54 -31.74
C LYS C 540 -63.28 -20.94 -30.36
N ARG C 541 -63.28 -19.99 -29.43
CA ARG C 541 -62.75 -20.21 -28.08
C ARG C 541 -63.69 -20.91 -27.06
N ARG C 542 -65.00 -20.82 -27.27
CA ARG C 542 -65.94 -21.42 -26.33
C ARG C 542 -65.54 -22.87 -26.14
N LEU C 543 -65.64 -23.39 -24.91
CA LEU C 543 -65.27 -24.77 -24.66
C LEU C 543 -66.54 -25.59 -24.63
N THR C 544 -66.78 -26.29 -25.73
CA THR C 544 -68.05 -26.94 -25.96
C THR C 544 -68.11 -28.26 -25.20
N LYS C 545 -66.95 -28.86 -25.01
CA LYS C 545 -66.85 -30.11 -24.29
C LYS C 545 -67.48 -30.03 -22.89
N PHE C 546 -67.65 -28.81 -22.40
CA PHE C 546 -68.33 -28.59 -21.12
C PHE C 546 -69.86 -28.62 -21.17
N HIS C 547 -70.43 -28.29 -22.33
CA HIS C 547 -71.88 -28.11 -22.44
C HIS C 547 -72.70 -29.27 -21.89
N SER C 548 -72.25 -30.49 -22.14
CA SER C 548 -72.96 -31.63 -21.63
C SER C 548 -73.13 -31.50 -20.11
N GLU C 549 -72.04 -31.22 -19.41
CA GLU C 549 -72.09 -31.08 -17.95
C GLU C 549 -72.98 -29.92 -17.51
N ILE C 550 -72.73 -28.73 -18.04
CA ILE C 550 -73.43 -27.52 -17.62
C ILE C 550 -74.93 -27.66 -17.81
N GLU C 551 -75.31 -28.30 -18.90
CA GLU C 551 -76.73 -28.52 -19.19
C GLU C 551 -77.38 -29.30 -18.05
N GLU C 552 -76.69 -30.34 -17.57
CA GLU C 552 -77.20 -31.11 -16.43
C GLU C 552 -77.20 -30.23 -15.18
N LEU C 553 -76.15 -29.45 -15.02
CA LEU C 553 -76.01 -28.56 -13.87
C LEU C 553 -77.19 -27.61 -13.72
N LEU C 554 -77.49 -26.84 -14.77
CA LEU C 554 -78.59 -25.89 -14.73
C LEU C 554 -79.97 -26.53 -14.88
N TYR C 555 -80.10 -27.35 -15.91
CA TYR C 555 -81.41 -27.76 -16.41
C TYR C 555 -82.00 -29.15 -16.06
N SER C 556 -81.26 -29.99 -15.35
CA SER C 556 -81.69 -31.37 -15.09
C SER C 556 -82.81 -31.49 -14.06
N ASP C 557 -83.55 -32.59 -14.12
CA ASP C 557 -84.71 -32.80 -13.23
C ASP C 557 -84.34 -33.47 -11.92
N VAL C 558 -83.05 -33.64 -11.68
CA VAL C 558 -82.59 -34.32 -10.48
C VAL C 558 -82.25 -33.34 -9.36
N GLU C 559 -82.81 -33.61 -8.17
CA GLU C 559 -82.49 -32.81 -7.00
C GLU C 559 -81.60 -33.61 -6.07
N ASN C 560 -80.42 -33.06 -5.79
CA ASN C 560 -79.45 -33.71 -4.91
C ASN C 560 -78.53 -32.71 -4.18
N LYS C 561 -77.51 -33.24 -3.51
CA LYS C 561 -76.58 -32.38 -2.80
C LYS C 561 -75.78 -31.49 -3.75
N GLU C 562 -75.80 -31.82 -5.03
CA GLU C 562 -75.11 -31.01 -6.03
C GLU C 562 -75.92 -29.79 -6.42
N HIS C 563 -77.21 -29.99 -6.62
CA HIS C 563 -78.13 -28.90 -6.96
C HIS C 563 -79.52 -29.17 -6.42
N LEU C 564 -80.17 -28.13 -5.91
CA LEU C 564 -81.51 -28.26 -5.34
C LEU C 564 -82.54 -27.51 -6.16
N CYS C 565 -83.78 -27.95 -6.04
CA CYS C 565 -84.88 -27.63 -6.94
C CYS C 565 -84.58 -27.89 -8.42
N VAL C 566 -85.38 -27.28 -9.29
CA VAL C 566 -85.35 -27.57 -10.72
C VAL C 566 -85.92 -26.40 -11.51
N LEU C 567 -85.34 -26.06 -12.66
CA LEU C 567 -85.93 -25.00 -13.49
C LEU C 567 -86.96 -25.57 -14.46
N LYS C 568 -88.15 -24.98 -14.46
CA LYS C 568 -89.27 -25.45 -15.28
C LYS C 568 -89.13 -25.06 -16.75
N ASP C 569 -88.74 -23.81 -17.01
CA ASP C 569 -88.59 -23.35 -18.37
C ASP C 569 -87.13 -23.04 -18.71
N LYS C 570 -86.54 -23.87 -19.56
CA LYS C 570 -85.13 -23.73 -19.93
C LYS C 570 -84.83 -22.48 -20.77
N LYS C 571 -85.86 -21.87 -21.33
CA LYS C 571 -85.70 -20.77 -22.29
C LYS C 571 -85.58 -19.35 -21.70
N LYS C 572 -85.99 -19.16 -20.44
CA LYS C 572 -85.92 -17.84 -19.81
C LYS C 572 -84.47 -17.46 -19.64
N PRO C 573 -84.19 -16.15 -19.55
CA PRO C 573 -82.84 -15.70 -19.17
C PRO C 573 -82.52 -16.09 -17.74
N ILE C 574 -81.23 -16.21 -17.42
CA ILE C 574 -80.83 -16.63 -16.08
C ILE C 574 -80.22 -15.49 -15.28
N LEU C 575 -80.77 -15.27 -14.09
CA LEU C 575 -80.23 -14.30 -13.14
C LEU C 575 -79.29 -15.10 -12.26
N PHE C 576 -77.99 -14.85 -12.42
CA PHE C 576 -76.95 -15.75 -11.93
C PHE C 576 -76.05 -15.08 -10.91
N THR C 577 -75.77 -15.80 -9.83
CA THR C 577 -74.75 -15.39 -8.88
C THR C 577 -74.03 -16.60 -8.33
N MET C 578 -72.76 -16.42 -7.96
CA MET C 578 -71.93 -17.48 -7.41
C MET C 578 -70.97 -16.87 -6.39
N ALA C 579 -70.84 -17.50 -5.23
CA ALA C 579 -69.97 -16.96 -4.19
C ALA C 579 -69.82 -17.87 -2.97
N ARG C 580 -68.88 -17.53 -2.10
CA ARG C 580 -68.81 -18.17 -0.80
C ARG C 580 -70.18 -17.94 -0.16
N LEU C 581 -70.65 -18.89 0.65
CA LEU C 581 -71.96 -18.71 1.28
C LEU C 581 -71.83 -18.29 2.73
N ASP C 582 -72.09 -17.01 2.99
CA ASP C 582 -72.11 -16.51 4.37
C ASP C 582 -73.01 -15.30 4.54
N ARG C 583 -73.08 -14.80 5.77
CA ARG C 583 -74.08 -13.79 6.12
C ARG C 583 -73.88 -12.55 5.29
N VAL C 584 -72.62 -12.14 5.12
CA VAL C 584 -72.29 -10.89 4.44
C VAL C 584 -72.48 -10.95 2.92
N LYS C 585 -72.28 -12.14 2.32
CA LYS C 585 -72.51 -12.29 0.89
C LYS C 585 -73.99 -12.11 0.58
N ASN C 586 -74.80 -12.28 1.62
CA ASN C 586 -76.23 -11.96 1.59
C ASN C 586 -76.98 -12.67 0.46
N LEU C 587 -76.66 -13.94 0.21
CA LEU C 587 -77.32 -14.67 -0.86
C LEU C 587 -78.76 -15.01 -0.47
N SER C 588 -78.97 -15.31 0.80
CA SER C 588 -80.33 -15.54 1.28
C SER C 588 -81.17 -14.29 1.07
N GLY C 589 -80.51 -13.13 1.06
CA GLY C 589 -81.22 -11.91 0.77
C GLY C 589 -81.72 -11.94 -0.65
N LEU C 590 -80.81 -12.14 -1.60
CA LEU C 590 -81.17 -12.08 -3.00
C LEU C 590 -82.32 -13.04 -3.27
N VAL C 591 -82.23 -14.24 -2.72
CA VAL C 591 -83.28 -15.23 -2.92
C VAL C 591 -84.64 -14.66 -2.48
N GLU C 592 -84.67 -14.05 -1.30
CA GLU C 592 -85.90 -13.44 -0.81
C GLU C 592 -86.42 -12.35 -1.76
N TRP C 593 -85.54 -11.43 -2.17
CA TRP C 593 -85.95 -10.40 -3.12
C TRP C 593 -86.62 -11.04 -4.32
N TYR C 594 -85.90 -11.94 -4.98
CA TYR C 594 -86.43 -12.66 -6.13
C TYR C 594 -87.71 -13.41 -5.75
N GLY C 595 -87.73 -13.99 -4.57
CA GLY C 595 -88.85 -14.80 -4.13
C GLY C 595 -90.14 -14.00 -4.01
N LYS C 596 -90.02 -12.76 -3.55
CA LYS C 596 -91.18 -11.89 -3.37
C LYS C 596 -91.74 -11.37 -4.69
N ASN C 597 -90.87 -11.21 -5.69
CA ASN C 597 -91.24 -10.41 -6.86
C ASN C 597 -91.66 -11.26 -8.05
N THR C 598 -92.96 -11.27 -8.32
CA THR C 598 -93.54 -12.12 -9.34
C THR C 598 -93.04 -11.75 -10.74
N ARG C 599 -92.98 -10.45 -11.01
CA ARG C 599 -92.60 -9.96 -12.33
C ARG C 599 -91.19 -10.43 -12.66
N LEU C 600 -90.29 -10.32 -11.69
CA LEU C 600 -88.93 -10.77 -11.88
C LEU C 600 -88.93 -12.26 -12.15
N ARG C 601 -89.72 -12.99 -11.37
CA ARG C 601 -89.78 -14.45 -11.49
C ARG C 601 -90.22 -14.92 -12.87
N GLU C 602 -91.18 -14.22 -13.47
CA GLU C 602 -91.62 -14.59 -14.81
C GLU C 602 -90.56 -14.23 -15.85
N LEU C 603 -89.85 -13.14 -15.62
CA LEU C 603 -88.87 -12.66 -16.58
C LEU C 603 -87.63 -13.55 -16.69
N ALA C 604 -87.21 -14.15 -15.57
CA ALA C 604 -86.00 -14.97 -15.55
C ALA C 604 -85.93 -15.99 -14.40
N ASN C 605 -85.05 -16.98 -14.55
CA ASN C 605 -84.76 -17.97 -13.51
C ASN C 605 -83.59 -17.51 -12.64
N LEU C 606 -83.72 -17.71 -11.33
CA LEU C 606 -82.62 -17.43 -10.42
C LEU C 606 -81.71 -18.66 -10.27
N VAL C 607 -80.43 -18.47 -10.54
CA VAL C 607 -79.45 -19.54 -10.31
C VAL C 607 -78.42 -19.05 -9.31
N VAL C 608 -78.44 -19.65 -8.12
CA VAL C 608 -77.50 -19.32 -7.07
C VAL C 608 -76.52 -20.45 -6.88
N VAL C 609 -75.23 -20.15 -7.06
CA VAL C 609 -74.18 -21.08 -6.70
C VAL C 609 -73.60 -20.62 -5.37
N GLY C 610 -73.83 -21.39 -4.32
CA GLY C 610 -73.07 -21.21 -3.10
C GLY C 610 -73.27 -22.29 -2.06
N GLY C 611 -72.22 -22.55 -1.31
CA GLY C 611 -72.18 -23.62 -0.33
C GLY C 611 -71.79 -24.95 -0.99
N ASP C 612 -71.10 -25.80 -0.25
CA ASP C 612 -70.87 -27.16 -0.73
C ASP C 612 -71.66 -28.10 0.15
N ARG C 613 -72.73 -28.64 -0.42
CA ARG C 613 -73.68 -29.45 0.33
C ARG C 613 -73.36 -30.95 0.25
N ARG C 614 -72.27 -31.28 -0.47
CA ARG C 614 -71.80 -32.66 -0.56
C ARG C 614 -71.40 -33.18 0.81
N LYS C 615 -70.83 -32.30 1.63
CA LYS C 615 -70.43 -32.67 2.99
C LYS C 615 -71.21 -31.90 4.04
N GLU C 616 -70.97 -32.22 5.31
CA GLU C 616 -71.56 -31.48 6.41
C GLU C 616 -70.79 -30.18 6.60
N SER C 617 -71.51 -29.07 6.72
CA SER C 617 -70.88 -27.76 6.82
C SER C 617 -70.34 -27.49 8.22
N LYS C 618 -69.03 -27.26 8.31
CA LYS C 618 -68.38 -27.09 9.59
C LYS C 618 -68.30 -25.62 10.03
N ASP C 619 -68.79 -24.73 9.17
CA ASP C 619 -68.66 -23.29 9.41
C ASP C 619 -69.97 -22.65 9.89
N ASN C 620 -69.86 -21.76 10.88
CA ASN C 620 -71.05 -21.13 11.48
C ASN C 620 -71.98 -20.40 10.51
N GLU C 621 -71.50 -19.31 9.93
CA GLU C 621 -72.31 -18.54 9.00
C GLU C 621 -72.88 -19.42 7.89
N GLU C 622 -72.03 -20.25 7.29
CA GLU C 622 -72.49 -21.09 6.19
C GLU C 622 -73.62 -22.01 6.62
N LYS C 623 -73.49 -22.56 7.83
CA LYS C 623 -74.46 -23.49 8.35
C LYS C 623 -75.82 -22.83 8.54
N ALA C 624 -75.80 -21.62 9.11
CA ALA C 624 -77.02 -20.84 9.32
C ALA C 624 -77.55 -20.34 7.99
N GLU C 625 -76.63 -20.00 7.10
CA GLU C 625 -77.01 -19.42 5.83
C GLU C 625 -77.73 -20.50 5.02
N MET C 626 -77.35 -21.75 5.25
CA MET C 626 -77.99 -22.85 4.55
C MET C 626 -79.44 -23.04 4.99
N LYS C 627 -79.68 -22.93 6.29
CA LYS C 627 -81.06 -23.03 6.78
C LYS C 627 -81.92 -21.93 6.18
N LYS C 628 -81.40 -20.70 6.21
CA LYS C 628 -82.13 -19.57 5.66
C LYS C 628 -82.55 -19.92 4.23
N MET C 629 -81.59 -20.41 3.46
CA MET C 629 -81.83 -20.81 2.08
C MET C 629 -82.93 -21.86 1.96
N TYR C 630 -82.76 -22.98 2.65
CA TYR C 630 -83.74 -24.06 2.62
C TYR C 630 -85.14 -23.52 2.89
N ASP C 631 -85.28 -22.78 3.98
CA ASP C 631 -86.58 -22.26 4.39
C ASP C 631 -87.20 -21.39 3.30
N LEU C 632 -86.42 -20.45 2.78
CA LEU C 632 -86.90 -19.57 1.72
C LEU C 632 -87.51 -20.37 0.58
N ILE C 633 -86.81 -21.44 0.20
CA ILE C 633 -87.27 -22.32 -0.86
C ILE C 633 -88.71 -22.74 -0.63
N GLU C 634 -89.02 -23.18 0.60
CA GLU C 634 -90.37 -23.60 0.95
C GLU C 634 -91.32 -22.42 0.98
N GLU C 635 -90.97 -21.41 1.76
CA GLU C 635 -91.82 -20.25 1.99
C GLU C 635 -92.23 -19.51 0.72
N TYR C 636 -91.31 -19.39 -0.24
CA TYR C 636 -91.60 -18.71 -1.49
C TYR C 636 -91.95 -19.62 -2.69
N LYS C 637 -92.07 -20.92 -2.44
CA LYS C 637 -92.47 -21.89 -3.48
C LYS C 637 -91.55 -21.77 -4.68
N LEU C 638 -90.25 -21.83 -4.41
CA LEU C 638 -89.23 -21.52 -5.41
C LEU C 638 -89.03 -22.56 -6.51
N ASN C 639 -89.45 -23.80 -6.26
CA ASN C 639 -89.30 -24.82 -7.30
C ASN C 639 -89.95 -24.42 -8.63
N GLY C 640 -89.15 -24.56 -9.68
CA GLY C 640 -89.49 -24.22 -11.05
C GLY C 640 -88.88 -22.91 -11.50
N GLN C 641 -88.65 -21.98 -10.57
CA GLN C 641 -87.93 -20.75 -10.89
C GLN C 641 -86.48 -20.67 -10.37
N PHE C 642 -86.07 -21.67 -9.58
CA PHE C 642 -84.85 -21.56 -8.79
C PHE C 642 -83.99 -22.82 -8.87
N ARG C 643 -82.69 -22.63 -9.08
CA ARG C 643 -81.74 -23.72 -9.08
C ARG C 643 -80.59 -23.36 -8.14
N TRP C 644 -80.46 -24.11 -7.05
CA TRP C 644 -79.41 -23.85 -6.06
C TRP C 644 -78.28 -24.86 -6.20
N ILE C 645 -77.16 -24.40 -6.76
CA ILE C 645 -76.04 -25.24 -7.12
C ILE C 645 -74.96 -25.18 -6.05
N SER C 646 -74.28 -26.31 -5.80
CA SER C 646 -73.16 -26.33 -4.87
C SER C 646 -71.90 -25.70 -5.48
N SER C 647 -70.84 -25.62 -4.69
CA SER C 647 -69.67 -24.85 -5.10
C SER C 647 -69.02 -25.39 -6.35
N GLN C 648 -68.83 -24.53 -7.34
CA GLN C 648 -68.15 -24.92 -8.56
C GLN C 648 -66.66 -24.64 -8.41
N MET C 649 -65.87 -25.70 -8.30
CA MET C 649 -64.51 -25.55 -7.82
C MET C 649 -63.50 -25.45 -8.94
N ASP C 650 -63.95 -25.52 -10.18
CA ASP C 650 -63.04 -25.49 -11.31
C ASP C 650 -63.18 -24.24 -12.16
N ARG C 651 -62.19 -23.35 -12.06
CA ARG C 651 -62.27 -22.06 -12.73
C ARG C 651 -62.52 -22.18 -14.25
N VAL C 652 -61.89 -23.16 -14.89
CA VAL C 652 -62.05 -23.33 -16.34
C VAL C 652 -63.52 -23.52 -16.74
N ARG C 653 -64.20 -24.49 -16.13
CA ARG C 653 -65.60 -24.74 -16.46
C ARG C 653 -66.43 -23.53 -16.05
N ASN C 654 -66.09 -22.94 -14.91
CA ASN C 654 -66.74 -21.74 -14.42
C ASN C 654 -66.74 -20.60 -15.44
N GLY C 655 -65.58 -20.34 -16.03
CA GLY C 655 -65.51 -19.38 -17.11
C GLY C 655 -66.57 -19.66 -18.15
N GLU C 656 -66.69 -20.92 -18.55
CA GLU C 656 -67.67 -21.28 -19.57
C GLU C 656 -69.08 -21.18 -19.03
N LEU C 657 -69.27 -21.57 -17.78
CA LEU C 657 -70.56 -21.36 -17.11
C LEU C 657 -71.02 -19.91 -17.22
N TYR C 658 -70.10 -18.98 -16.94
CA TYR C 658 -70.38 -17.56 -17.10
C TYR C 658 -70.91 -17.24 -18.51
N ARG C 659 -70.17 -17.71 -19.51
CA ARG C 659 -70.48 -17.47 -20.92
C ARG C 659 -71.82 -18.12 -21.30
N TYR C 660 -72.17 -19.20 -20.62
CA TYR C 660 -73.45 -19.82 -20.86
C TYR C 660 -74.57 -18.89 -20.36
N ILE C 661 -74.44 -18.38 -19.13
CA ILE C 661 -75.40 -17.41 -18.63
C ILE C 661 -75.59 -16.30 -19.67
N CYS C 662 -74.49 -15.90 -20.29
CA CYS C 662 -74.57 -14.91 -21.36
C CYS C 662 -75.47 -15.36 -22.51
N ASP C 663 -75.28 -16.59 -22.95
CA ASP C 663 -76.07 -17.16 -24.04
C ASP C 663 -77.56 -16.94 -23.80
N THR C 664 -78.02 -17.17 -22.57
CA THR C 664 -79.44 -17.00 -22.26
C THR C 664 -79.90 -15.55 -22.28
N LYS C 665 -78.95 -14.62 -22.41
CA LYS C 665 -79.23 -13.18 -22.29
C LYS C 665 -79.69 -12.81 -20.89
N GLY C 666 -79.08 -13.46 -19.91
CA GLY C 666 -79.34 -13.19 -18.51
C GLY C 666 -78.42 -12.11 -17.95
N ALA C 667 -78.12 -12.21 -16.66
CA ALA C 667 -77.37 -11.16 -15.96
C ALA C 667 -76.67 -11.74 -14.74
N PHE C 668 -75.57 -11.11 -14.33
CA PHE C 668 -74.94 -11.45 -13.06
C PHE C 668 -75.41 -10.45 -11.98
N VAL C 669 -75.76 -10.95 -10.80
CA VAL C 669 -76.11 -10.07 -9.70
C VAL C 669 -75.29 -10.42 -8.48
N GLN C 670 -74.78 -9.40 -7.78
CA GLN C 670 -73.94 -9.60 -6.62
C GLN C 670 -74.48 -8.80 -5.41
N PRO C 671 -75.36 -9.45 -4.63
CA PRO C 671 -76.15 -8.75 -3.60
C PRO C 671 -75.50 -8.75 -2.24
N ALA C 672 -74.21 -8.47 -2.16
CA ALA C 672 -73.55 -8.50 -0.86
C ALA C 672 -74.01 -7.30 -0.04
N LEU C 673 -74.02 -7.43 1.27
CA LEU C 673 -74.25 -6.27 2.12
C LEU C 673 -73.04 -5.34 2.02
N TYR C 674 -71.85 -5.93 1.97
CA TYR C 674 -70.64 -5.20 1.69
C TYR C 674 -69.67 -6.10 0.92
N GLU C 675 -68.97 -5.53 -0.05
CA GLU C 675 -68.03 -6.31 -0.85
C GLU C 675 -66.72 -5.58 -0.96
N ALA C 676 -65.66 -6.15 -0.42
CA ALA C 676 -64.39 -5.41 -0.33
C ALA C 676 -63.88 -5.04 -1.73
N PHE C 677 -63.85 -6.02 -2.62
CA PHE C 677 -63.51 -5.77 -4.02
C PHE C 677 -64.53 -6.35 -5.02
N GLY C 678 -64.74 -7.67 -4.98
CA GLY C 678 -65.58 -8.36 -5.96
C GLY C 678 -65.06 -8.94 -7.29
N LEU C 679 -64.07 -9.83 -7.21
CA LEU C 679 -63.62 -10.57 -8.41
C LEU C 679 -64.72 -11.21 -9.28
N THR C 680 -65.81 -11.66 -8.68
CA THR C 680 -66.92 -12.17 -9.49
C THR C 680 -67.42 -11.11 -10.44
N VAL C 681 -67.54 -9.87 -9.96
CA VAL C 681 -68.03 -8.77 -10.78
C VAL C 681 -67.11 -8.56 -11.97
N VAL C 682 -65.82 -8.62 -11.71
CA VAL C 682 -64.85 -8.54 -12.78
C VAL C 682 -65.05 -9.71 -13.73
N GLU C 683 -65.10 -10.92 -13.19
CA GLU C 683 -65.22 -12.13 -14.00
C GLU C 683 -66.44 -12.04 -14.92
N ALA C 684 -67.54 -11.57 -14.37
CA ALA C 684 -68.79 -11.45 -15.13
C ALA C 684 -68.57 -10.51 -16.29
N MET C 685 -68.13 -9.31 -15.97
CA MET C 685 -67.94 -8.28 -16.98
C MET C 685 -66.96 -8.71 -18.06
N THR C 686 -65.91 -9.44 -17.66
CA THR C 686 -64.91 -9.86 -18.61
C THR C 686 -65.52 -10.81 -19.62
N CYS C 687 -66.54 -11.55 -19.18
CA CYS C 687 -67.21 -12.52 -20.04
C CYS C 687 -68.26 -11.87 -20.93
N GLY C 688 -68.64 -10.64 -20.59
CA GLY C 688 -69.64 -9.91 -21.35
C GLY C 688 -71.04 -10.02 -20.76
N LEU C 689 -71.10 -10.50 -19.53
CA LEU C 689 -72.36 -10.66 -18.81
C LEU C 689 -72.69 -9.40 -18.03
N PRO C 690 -73.77 -8.70 -18.42
CA PRO C 690 -74.20 -7.48 -17.73
C PRO C 690 -74.37 -7.70 -16.24
N THR C 691 -73.80 -6.81 -15.42
CA THR C 691 -73.77 -7.03 -13.98
C THR C 691 -74.44 -5.95 -13.13
N PHE C 692 -75.26 -6.42 -12.18
CA PHE C 692 -75.83 -5.57 -11.13
C PHE C 692 -75.18 -5.96 -9.81
N ALA C 693 -74.41 -5.06 -9.24
CA ALA C 693 -73.65 -5.38 -8.04
C ALA C 693 -74.00 -4.43 -6.90
N THR C 694 -73.73 -4.86 -5.67
CA THR C 694 -73.98 -4.03 -4.50
C THR C 694 -73.23 -2.72 -4.62
N CYS C 695 -73.80 -1.65 -4.06
CA CYS C 695 -73.16 -0.33 -4.08
C CYS C 695 -72.35 -0.11 -2.82
N LYS C 696 -72.29 -1.13 -1.97
CA LYS C 696 -71.57 -1.02 -0.71
C LYS C 696 -70.18 -1.67 -0.81
N GLY C 697 -69.13 -0.85 -0.85
CA GLY C 697 -67.79 -1.36 -1.07
C GLY C 697 -67.28 -1.26 -2.51
N GLY C 698 -66.25 -2.05 -2.82
CA GLY C 698 -65.53 -1.96 -4.07
C GLY C 698 -66.34 -1.95 -5.35
N PRO C 699 -67.34 -2.82 -5.47
CA PRO C 699 -68.06 -2.81 -6.74
C PRO C 699 -68.59 -1.43 -7.13
N ALA C 700 -68.82 -0.55 -6.16
CA ALA C 700 -69.28 0.81 -6.48
C ALA C 700 -68.34 1.53 -7.45
N GLU C 701 -67.03 1.35 -7.24
CA GLU C 701 -66.04 1.94 -8.15
C GLU C 701 -65.90 1.13 -9.46
N ILE C 702 -66.02 -0.18 -9.38
CA ILE C 702 -65.80 -1.03 -10.56
C ILE C 702 -66.80 -0.76 -11.69
N ILE C 703 -68.06 -0.59 -11.32
CA ILE C 703 -69.13 -0.43 -12.29
C ILE C 703 -69.60 1.00 -12.36
N VAL C 704 -69.87 1.46 -13.58
CA VAL C 704 -70.40 2.80 -13.78
C VAL C 704 -71.88 2.71 -14.13
N HIS C 705 -72.73 3.15 -13.21
CA HIS C 705 -74.16 2.91 -13.35
C HIS C 705 -74.66 3.40 -14.70
N GLY C 706 -75.28 2.49 -15.45
CA GLY C 706 -75.84 2.81 -16.75
C GLY C 706 -74.86 2.63 -17.89
N LYS C 707 -73.59 2.46 -17.55
CA LYS C 707 -72.55 2.37 -18.57
C LYS C 707 -71.89 0.99 -18.61
N SER C 708 -71.24 0.63 -17.50
CA SER C 708 -70.55 -0.65 -17.40
C SER C 708 -71.41 -1.72 -16.72
N GLY C 709 -72.62 -1.35 -16.32
CA GLY C 709 -73.46 -2.22 -15.52
C GLY C 709 -74.30 -1.37 -14.60
N PHE C 710 -74.91 -1.97 -13.57
CA PHE C 710 -75.74 -1.17 -12.68
C PHE C 710 -75.44 -1.45 -11.22
N HIS C 711 -75.69 -0.46 -10.38
CA HIS C 711 -75.58 -0.64 -8.95
C HIS C 711 -76.96 -0.96 -8.40
N ILE C 712 -76.98 -1.81 -7.38
CA ILE C 712 -78.18 -2.04 -6.61
C ILE C 712 -77.83 -1.81 -5.15
N ASP C 713 -78.84 -1.59 -4.31
CA ASP C 713 -78.59 -1.37 -2.89
C ASP C 713 -79.11 -2.55 -2.10
N PRO C 714 -78.20 -3.30 -1.46
CA PRO C 714 -78.58 -4.52 -0.74
C PRO C 714 -79.48 -4.21 0.45
N TYR C 715 -79.49 -2.96 0.88
CA TYR C 715 -80.35 -2.55 1.98
C TYR C 715 -81.79 -2.24 1.56
N HIS C 716 -82.00 -1.97 0.27
CA HIS C 716 -83.35 -2.05 -0.26
C HIS C 716 -83.43 -3.13 -1.33
N GLY C 717 -83.93 -4.30 -0.96
CA GLY C 717 -83.89 -5.45 -1.84
C GLY C 717 -84.99 -5.43 -2.88
N ASP C 718 -86.20 -5.07 -2.44
CA ASP C 718 -87.36 -5.08 -3.30
C ASP C 718 -87.16 -4.13 -4.50
N GLN C 719 -86.36 -3.09 -4.29
CA GLN C 719 -86.02 -2.16 -5.34
C GLN C 719 -84.95 -2.77 -6.23
N ALA C 720 -84.06 -3.52 -5.61
CA ALA C 720 -83.01 -4.19 -6.35
C ALA C 720 -83.70 -5.10 -7.33
N ALA C 721 -84.72 -5.80 -6.84
CA ALA C 721 -85.48 -6.72 -7.66
C ALA C 721 -86.16 -5.98 -8.80
N ASP C 722 -86.92 -4.94 -8.45
CA ASP C 722 -87.65 -4.16 -9.44
C ASP C 722 -86.70 -3.63 -10.51
N THR C 723 -85.54 -3.15 -10.09
CA THR C 723 -84.53 -2.66 -11.03
C THR C 723 -84.15 -3.75 -12.02
N LEU C 724 -83.99 -4.98 -11.53
CA LEU C 724 -83.65 -6.10 -12.38
C LEU C 724 -84.77 -6.40 -13.37
N ALA C 725 -85.99 -6.52 -12.85
CA ALA C 725 -87.14 -6.72 -13.70
C ALA C 725 -87.17 -5.67 -14.81
N ASP C 726 -86.81 -4.44 -14.47
CA ASP C 726 -86.82 -3.38 -15.47
C ASP C 726 -85.79 -3.65 -16.56
N PHE C 727 -84.56 -3.98 -16.16
CA PHE C 727 -83.55 -4.33 -17.13
C PHE C 727 -84.09 -5.39 -18.08
N PHE C 728 -84.61 -6.47 -17.53
CA PHE C 728 -85.10 -7.56 -18.37
C PHE C 728 -86.28 -7.14 -19.25
N THR C 729 -87.22 -6.38 -18.70
CA THR C 729 -88.33 -5.89 -19.51
C THR C 729 -87.81 -5.07 -20.69
N LYS C 730 -86.88 -4.17 -20.41
CA LYS C 730 -86.27 -3.38 -21.48
C LYS C 730 -85.65 -4.26 -22.57
N CYS C 731 -84.77 -5.19 -22.17
CA CYS C 731 -84.04 -6.04 -23.12
C CYS C 731 -84.99 -6.87 -23.99
N LYS C 732 -86.20 -7.07 -23.51
CA LYS C 732 -87.22 -7.84 -24.22
C LYS C 732 -87.84 -6.98 -25.31
N GLU C 733 -88.07 -5.71 -24.99
CA GLU C 733 -88.63 -4.77 -25.95
C GLU C 733 -87.54 -4.29 -26.91
N ASP C 734 -86.35 -4.06 -26.36
CA ASP C 734 -85.19 -3.68 -27.15
C ASP C 734 -84.01 -4.59 -26.87
N PRO C 735 -83.83 -5.62 -27.69
CA PRO C 735 -82.77 -6.61 -27.48
C PRO C 735 -81.38 -5.97 -27.46
N SER C 736 -81.17 -4.94 -28.28
CA SER C 736 -79.85 -4.33 -28.40
C SER C 736 -79.44 -3.59 -27.13
N HIS C 737 -80.37 -3.44 -26.19
CA HIS C 737 -80.07 -2.84 -24.90
C HIS C 737 -79.22 -3.76 -24.04
N TRP C 738 -79.45 -5.06 -24.17
CA TRP C 738 -78.61 -6.05 -23.50
C TRP C 738 -77.18 -5.92 -24.01
N ASP C 739 -77.02 -5.75 -25.32
CA ASP C 739 -75.69 -5.69 -25.91
C ASP C 739 -74.94 -4.42 -25.60
N GLU C 740 -75.65 -3.37 -25.23
CA GLU C 740 -75.00 -2.11 -24.88
C GLU C 740 -74.27 -2.26 -23.57
N ILE C 741 -74.98 -2.74 -22.56
CA ILE C 741 -74.38 -2.94 -21.25
C ILE C 741 -73.25 -3.97 -21.34
N SER C 742 -73.47 -5.02 -22.11
CA SER C 742 -72.45 -6.05 -22.30
C SER C 742 -71.15 -5.40 -22.75
N LYS C 743 -71.23 -4.64 -23.85
CA LYS C 743 -70.09 -3.91 -24.41
C LYS C 743 -69.46 -2.94 -23.43
N GLY C 744 -70.32 -2.25 -22.67
CA GLY C 744 -69.84 -1.28 -21.70
C GLY C 744 -69.05 -1.95 -20.61
N GLY C 745 -69.49 -3.15 -20.22
CA GLY C 745 -68.76 -3.92 -19.23
C GLY C 745 -67.41 -4.34 -19.75
N LEU C 746 -67.39 -4.87 -20.97
CA LEU C 746 -66.15 -5.29 -21.60
C LEU C 746 -65.13 -4.16 -21.68
N GLN C 747 -65.57 -2.99 -22.15
CA GLN C 747 -64.66 -1.85 -22.31
C GLN C 747 -64.12 -1.37 -20.96
N ARG C 748 -65.00 -1.30 -19.97
CA ARG C 748 -64.61 -0.90 -18.63
C ARG C 748 -63.45 -1.74 -18.12
N ILE C 749 -63.53 -3.05 -18.34
CA ILE C 749 -62.51 -3.97 -17.86
C ILE C 749 -61.21 -3.74 -18.61
N GLU C 750 -61.30 -3.60 -19.93
CA GLU C 750 -60.13 -3.41 -20.76
C GLU C 750 -59.29 -2.24 -20.25
N GLU C 751 -59.98 -1.21 -19.76
CA GLU C 751 -59.34 0.01 -19.31
C GLU C 751 -58.73 -0.07 -17.89
N LYS C 752 -59.50 -0.64 -16.96
CA LYS C 752 -59.21 -0.57 -15.52
C LYS C 752 -58.61 -1.84 -14.93
N TYR C 753 -59.26 -2.99 -15.13
CA TYR C 753 -58.79 -4.21 -14.49
C TYR C 753 -58.18 -5.25 -15.45
N THR C 754 -56.85 -5.35 -15.43
CA THR C 754 -56.15 -6.38 -16.19
C THR C 754 -54.83 -6.65 -15.48
N TRP C 755 -54.32 -7.89 -15.59
CA TRP C 755 -53.13 -8.28 -14.85
C TRP C 755 -51.83 -7.78 -15.47
N GLN C 756 -51.88 -7.28 -16.69
CA GLN C 756 -50.63 -6.96 -17.37
C GLN C 756 -49.73 -6.00 -16.58
N ILE C 757 -50.19 -4.76 -16.41
CA ILE C 757 -49.41 -3.76 -15.71
C ILE C 757 -49.12 -4.13 -14.25
N TYR C 758 -50.00 -4.90 -13.64
CA TYR C 758 -49.89 -5.18 -12.21
C TYR C 758 -48.47 -5.58 -11.85
N SER C 759 -47.92 -6.51 -12.60
CA SER C 759 -46.62 -7.04 -12.27
C SER C 759 -45.53 -5.98 -12.34
N GLN C 760 -45.60 -5.08 -13.32
CA GLN C 760 -44.62 -4.00 -13.43
C GLN C 760 -44.68 -3.10 -12.22
N ARG C 761 -45.90 -2.62 -11.93
CA ARG C 761 -46.12 -1.71 -10.82
C ARG C 761 -45.58 -2.29 -9.53
N LEU C 762 -46.02 -3.50 -9.21
CA LEU C 762 -45.60 -4.14 -7.96
C LEU C 762 -44.08 -4.16 -7.83
N LEU C 763 -43.39 -4.55 -8.90
CA LEU C 763 -41.93 -4.64 -8.88
C LEU C 763 -41.26 -3.28 -8.75
N THR C 764 -41.77 -2.30 -9.49
CA THR C 764 -41.30 -0.94 -9.36
C THR C 764 -41.45 -0.46 -7.92
N LEU C 765 -42.67 -0.55 -7.39
CA LEU C 765 -42.95 -0.14 -6.02
C LEU C 765 -41.94 -0.73 -5.06
N THR C 766 -41.65 -2.02 -5.22
CA THR C 766 -40.75 -2.71 -4.32
C THR C 766 -39.37 -2.08 -4.34
N GLY C 767 -38.99 -1.52 -5.49
CA GLY C 767 -37.71 -0.85 -5.62
C GLY C 767 -37.68 0.52 -4.98
N VAL C 768 -38.67 1.35 -5.32
CA VAL C 768 -38.75 2.69 -4.76
C VAL C 768 -38.86 2.58 -3.23
N TYR C 769 -39.87 1.87 -2.74
CA TYR C 769 -40.03 1.70 -1.30
C TYR C 769 -38.87 0.96 -0.64
N GLY C 770 -38.24 0.05 -1.39
CA GLY C 770 -37.08 -0.65 -0.87
C GLY C 770 -35.98 0.35 -0.55
N PHE C 771 -35.79 1.31 -1.45
CA PHE C 771 -34.76 2.33 -1.26
C PHE C 771 -35.12 3.31 -0.15
N TRP C 772 -36.36 3.81 -0.20
CA TRP C 772 -36.86 4.70 0.83
C TRP C 772 -36.61 4.11 2.20
N LYS C 773 -36.68 2.78 2.29
CA LYS C 773 -36.37 2.06 3.52
C LYS C 773 -35.05 2.56 4.08
N HIS C 774 -34.03 2.61 3.24
CA HIS C 774 -32.69 2.96 3.69
C HIS C 774 -32.53 4.44 4.06
N VAL C 775 -33.23 5.32 3.36
CA VAL C 775 -33.17 6.74 3.68
C VAL C 775 -33.92 7.09 4.96
N SER C 776 -35.17 6.64 5.04
CA SER C 776 -36.09 7.05 6.10
C SER C 776 -35.88 6.25 7.39
N ASN C 777 -35.00 5.26 7.33
CA ASN C 777 -34.78 4.32 8.43
C ASN C 777 -34.66 5.00 9.79
N LEU C 778 -34.00 6.15 9.81
CA LEU C 778 -33.85 6.92 11.04
C LEU C 778 -35.19 7.12 11.77
N ASP C 779 -36.24 7.50 11.04
CA ASP C 779 -37.52 7.84 11.66
C ASP C 779 -38.54 6.69 11.79
N ARG C 780 -38.26 5.55 11.17
CA ARG C 780 -39.15 4.41 11.34
C ARG C 780 -38.70 3.58 12.52
N LEU C 781 -37.56 3.95 13.09
CA LEU C 781 -37.06 3.29 14.29
C LEU C 781 -38.01 3.55 15.46
N GLU C 782 -38.48 4.79 15.57
CA GLU C 782 -39.51 5.13 16.55
C GLU C 782 -40.80 4.33 16.33
N ALA C 783 -41.34 4.38 15.12
CA ALA C 783 -42.58 3.67 14.82
C ALA C 783 -42.41 2.17 14.99
N ARG C 784 -41.19 1.70 14.83
CA ARG C 784 -40.89 0.27 14.90
C ARG C 784 -40.97 -0.25 16.34
N ARG C 785 -40.49 0.56 17.28
CA ARG C 785 -40.54 0.22 18.69
C ARG C 785 -41.95 0.42 19.25
N TYR C 786 -42.71 1.32 18.65
CA TYR C 786 -44.09 1.54 19.04
C TYR C 786 -44.90 0.28 18.70
N LEU C 787 -44.72 -0.20 17.48
CA LEU C 787 -45.46 -1.37 17.02
C LEU C 787 -44.97 -2.64 17.73
N GLU C 788 -43.69 -2.70 18.06
CA GLU C 788 -43.17 -3.85 18.80
C GLU C 788 -43.90 -4.03 20.14
N MET C 789 -44.13 -2.92 20.83
CA MET C 789 -44.79 -2.97 22.14
C MET C 789 -46.25 -3.31 21.94
N PHE C 790 -46.85 -2.78 20.88
CA PHE C 790 -48.25 -3.05 20.57
C PHE C 790 -48.47 -4.52 20.26
N TYR C 791 -47.55 -5.12 19.52
CA TYR C 791 -47.65 -6.53 19.23
C TYR C 791 -47.49 -7.33 20.51
N ALA C 792 -46.44 -7.01 21.26
CA ALA C 792 -46.08 -7.75 22.46
C ALA C 792 -47.10 -7.69 23.60
N LEU C 793 -47.53 -6.49 23.98
CA LEU C 793 -48.35 -6.32 25.18
C LEU C 793 -49.83 -6.24 24.87
N LYS C 794 -50.18 -6.24 23.59
CA LYS C 794 -51.58 -6.09 23.17
C LYS C 794 -52.08 -7.30 22.36
N TYR C 795 -51.47 -7.56 21.22
CA TYR C 795 -51.87 -8.70 20.39
C TYR C 795 -51.67 -10.02 21.12
N ARG C 796 -50.44 -10.29 21.56
CA ARG C 796 -50.13 -11.60 22.12
C ARG C 796 -51.16 -12.03 23.15
N PRO C 797 -51.35 -11.21 24.19
CA PRO C 797 -52.34 -11.47 25.24
C PRO C 797 -53.74 -11.74 24.67
N LEU C 798 -54.18 -10.90 23.72
CA LEU C 798 -55.47 -11.11 23.07
C LEU C 798 -55.49 -12.45 22.34
N ALA C 799 -54.44 -12.72 21.58
CA ALA C 799 -54.39 -13.90 20.76
C ALA C 799 -54.47 -15.15 21.63
N GLN C 800 -53.69 -15.15 22.70
CA GLN C 800 -53.64 -16.30 23.59
C GLN C 800 -54.98 -16.56 24.29
N ALA C 801 -55.82 -15.54 24.34
CA ALA C 801 -57.13 -15.65 25.00
C ALA C 801 -58.11 -16.45 24.16
N VAL C 802 -57.79 -16.62 22.89
CA VAL C 802 -58.66 -17.34 21.97
C VAL C 802 -58.49 -18.84 22.22
N PRO C 803 -59.62 -19.54 22.44
CA PRO C 803 -59.62 -20.97 22.73
C PRO C 803 -59.02 -21.76 21.57
N LEU C 804 -58.15 -22.71 21.87
CA LEU C 804 -57.52 -23.52 20.84
C LEU C 804 -58.48 -24.60 20.32
N ALA C 805 -58.31 -24.97 19.05
CA ALA C 805 -59.12 -26.04 18.49
C ALA C 805 -58.73 -27.37 19.15
N GLN C 806 -59.63 -28.35 19.08
CA GLN C 806 -59.36 -29.65 19.66
C GLN C 806 -59.62 -30.79 18.68
N ASP C 807 -58.60 -31.62 18.45
CA ASP C 807 -58.74 -32.81 17.61
C ASP C 807 -59.28 -33.97 18.45
N ASN D 27 10.26 7.93 -19.81
CA ASN D 27 10.82 8.10 -21.14
C ASN D 27 10.96 9.57 -21.55
N GLU D 28 11.86 10.27 -20.85
CA GLU D 28 12.05 11.71 -21.05
C GLU D 28 12.85 12.08 -22.30
N VAL D 29 13.60 11.13 -22.84
CA VAL D 29 14.41 11.38 -24.04
C VAL D 29 13.50 11.76 -25.22
N LEU D 30 12.23 11.39 -25.11
CA LEU D 30 11.25 11.63 -26.16
C LEU D 30 10.52 12.97 -26.03
N ALA D 31 9.83 13.17 -24.91
CA ALA D 31 9.11 14.43 -24.67
C ALA D 31 9.97 15.65 -24.98
N LEU D 32 11.22 15.62 -24.52
CA LEU D 32 12.18 16.68 -24.80
C LEU D 32 12.40 16.85 -26.30
N LEU D 33 12.12 15.80 -27.04
CA LEU D 33 12.15 15.89 -28.49
C LEU D 33 11.09 16.90 -28.93
N SER D 34 9.85 16.67 -28.50
CA SER D 34 8.75 17.55 -28.87
C SER D 34 8.99 18.93 -28.27
N ARG D 35 9.37 18.96 -26.99
CA ARG D 35 9.57 20.22 -26.28
C ARG D 35 10.67 21.09 -26.93
N VAL D 36 11.67 20.45 -27.51
CA VAL D 36 12.72 21.17 -28.22
C VAL D 36 12.28 21.45 -29.66
N GLU D 37 11.20 20.81 -30.07
CA GLU D 37 10.57 21.11 -31.35
C GLU D 37 9.87 22.46 -31.23
N ALA D 38 9.14 22.64 -30.14
CA ALA D 38 8.35 23.83 -29.89
C ALA D 38 9.20 25.09 -29.81
N LYS D 39 10.32 25.01 -29.07
CA LYS D 39 11.19 26.18 -28.89
C LYS D 39 11.71 26.73 -30.21
N GLY D 40 12.06 25.83 -31.14
CA GLY D 40 12.59 26.22 -32.42
C GLY D 40 11.66 27.20 -33.12
N LYS D 41 10.39 27.15 -32.78
CA LYS D 41 9.42 28.08 -33.32
C LYS D 41 9.63 29.47 -32.71
N GLY D 42 10.10 29.49 -31.47
CA GLY D 42 10.42 30.73 -30.77
C GLY D 42 9.29 31.28 -29.91
N ILE D 43 9.51 32.45 -29.32
CA ILE D 43 8.48 33.11 -28.53
C ILE D 43 7.24 33.29 -29.41
N LEU D 44 6.12 32.70 -29.00
CA LEU D 44 4.84 32.96 -29.68
C LEU D 44 3.66 32.05 -29.27
N GLN D 45 2.51 32.34 -29.87
CA GLN D 45 1.30 31.53 -29.74
C GLN D 45 1.30 30.34 -30.68
N GLN D 46 0.85 29.19 -30.20
CA GLN D 46 0.65 28.05 -31.08
C GLN D 46 -0.70 27.36 -30.85
N ASN D 47 -1.56 27.40 -31.87
CA ASN D 47 -2.83 26.68 -31.85
C ASN D 47 -2.61 25.19 -32.09
N GLN D 48 -3.57 24.36 -31.71
CA GLN D 48 -3.45 22.92 -31.96
C GLN D 48 -3.22 22.67 -33.45
N ILE D 49 -3.68 23.60 -34.29
CA ILE D 49 -3.36 23.54 -35.71
C ILE D 49 -1.89 23.19 -35.82
N ILE D 50 -1.04 24.10 -35.36
CA ILE D 50 0.40 23.89 -35.37
C ILE D 50 0.88 23.03 -34.20
N ALA D 51 0.32 23.25 -33.01
CA ALA D 51 0.83 22.64 -31.77
C ALA D 51 1.10 21.15 -31.93
N GLU D 52 0.11 20.43 -32.45
CA GLU D 52 0.31 19.03 -32.82
C GLU D 52 0.97 18.92 -34.19
N PHE D 53 0.51 19.74 -35.14
CA PHE D 53 0.96 19.64 -36.53
C PHE D 53 2.47 19.57 -36.61
N GLU D 54 3.11 20.69 -36.31
CA GLU D 54 4.56 20.73 -36.31
C GLU D 54 5.13 19.58 -35.49
N ALA D 55 4.91 19.59 -34.18
CA ALA D 55 5.65 18.69 -33.30
C ALA D 55 5.42 17.20 -33.52
N LEU D 56 4.20 16.71 -33.29
CA LEU D 56 3.99 15.26 -33.30
C LEU D 56 4.14 14.56 -34.67
N PRO D 57 3.27 14.90 -35.64
CA PRO D 57 3.30 14.29 -36.98
C PRO D 57 4.48 14.70 -37.86
N GLU D 58 4.81 15.98 -37.89
CA GLU D 58 5.91 16.48 -38.72
C GLU D 58 7.22 16.05 -38.10
N GLN D 59 7.12 15.46 -36.92
CA GLN D 59 8.26 14.85 -36.25
C GLN D 59 8.63 13.49 -36.85
N THR D 60 9.87 13.09 -36.60
CA THR D 60 10.42 11.82 -37.06
C THR D 60 9.70 10.63 -36.42
N ARG D 61 9.89 9.44 -36.98
CA ARG D 61 9.20 8.24 -36.54
C ARG D 61 9.50 7.98 -35.07
N LYS D 62 10.36 8.82 -34.49
CA LYS D 62 10.64 8.80 -33.06
C LYS D 62 9.33 8.97 -32.28
N LYS D 63 8.27 9.32 -33.01
CA LYS D 63 6.94 9.39 -32.43
C LYS D 63 6.69 8.11 -31.65
N LEU D 64 6.42 7.03 -32.38
CA LEU D 64 6.26 5.73 -31.77
C LEU D 64 5.43 5.89 -30.51
N GLU D 65 4.39 6.73 -30.59
CA GLU D 65 3.74 7.22 -29.37
C GLU D 65 2.44 6.54 -28.99
N GLY D 66 1.35 6.92 -29.64
CA GLY D 66 0.06 6.51 -29.12
C GLY D 66 0.14 6.82 -27.63
N GLY D 67 -0.45 5.97 -26.80
CA GLY D 67 -0.20 6.01 -25.37
C GLY D 67 -0.50 7.34 -24.69
N PRO D 68 -0.05 7.49 -23.44
CA PRO D 68 -0.19 8.74 -22.67
C PRO D 68 0.64 9.90 -23.23
N PHE D 69 0.28 11.11 -22.82
CA PHE D 69 0.91 12.35 -23.29
C PHE D 69 0.59 12.63 -24.76
N PHE D 70 0.11 11.63 -25.48
CA PHE D 70 -0.39 11.91 -26.82
C PHE D 70 -1.81 12.42 -26.69
N ASP D 71 -2.58 11.77 -25.82
CA ASP D 71 -3.94 12.22 -25.51
C ASP D 71 -3.87 13.67 -25.01
N LEU D 72 -2.99 13.89 -24.04
CA LEU D 72 -2.78 15.21 -23.46
C LEU D 72 -2.42 16.27 -24.52
N LEU D 73 -1.37 16.01 -25.28
CA LEU D 73 -0.94 16.96 -26.31
C LEU D 73 -2.05 17.19 -27.34
N LYS D 74 -2.69 16.11 -27.77
CA LYS D 74 -3.72 16.21 -28.80
C LYS D 74 -4.86 17.14 -28.38
N SER D 75 -5.27 17.05 -27.12
CA SER D 75 -6.41 17.82 -26.60
C SER D 75 -6.01 19.23 -26.18
N THR D 76 -4.71 19.53 -26.25
CA THR D 76 -4.21 20.87 -25.96
C THR D 76 -4.77 21.87 -26.96
N GLN D 77 -5.39 22.92 -26.45
CA GLN D 77 -6.05 23.92 -27.28
C GLN D 77 -5.10 24.97 -27.85
N GLU D 78 -4.19 25.45 -27.02
CA GLU D 78 -3.15 26.37 -27.45
C GLU D 78 -1.93 26.24 -26.52
N ALA D 79 -0.77 26.64 -27.02
CA ALA D 79 0.46 26.59 -26.23
C ALA D 79 1.21 27.90 -26.34
N ILE D 80 1.45 28.52 -25.19
CA ILE D 80 2.18 29.77 -25.16
C ILE D 80 3.66 29.48 -24.94
N VAL D 81 4.46 29.83 -25.96
CA VAL D 81 5.90 29.58 -25.89
C VAL D 81 6.69 30.85 -25.57
N LEU D 82 7.30 30.87 -24.40
CA LEU D 82 8.31 31.88 -24.11
C LEU D 82 9.63 31.13 -23.88
N PRO D 83 10.73 31.85 -23.66
CA PRO D 83 11.97 31.13 -23.98
C PRO D 83 12.22 29.84 -23.20
N PRO D 84 12.21 29.88 -21.86
CA PRO D 84 12.45 28.69 -21.02
C PRO D 84 11.27 27.71 -20.93
N TRP D 85 10.06 28.24 -21.06
CA TRP D 85 8.86 27.44 -20.77
C TRP D 85 7.85 27.45 -21.90
N VAL D 86 6.99 26.44 -21.90
CA VAL D 86 5.79 26.47 -22.71
C VAL D 86 4.58 26.29 -21.80
N ALA D 87 3.60 27.18 -21.94
CA ALA D 87 2.35 27.02 -21.21
C ALA D 87 1.33 26.33 -22.11
N LEU D 88 0.57 25.43 -21.50
CA LEU D 88 -0.41 24.66 -22.25
C LEU D 88 -1.79 24.79 -21.62
N ALA D 89 -2.77 25.13 -22.45
CA ALA D 89 -4.16 25.08 -22.04
C ALA D 89 -4.78 23.79 -22.58
N VAL D 90 -5.08 22.87 -21.67
CA VAL D 90 -5.51 21.54 -22.07
C VAL D 90 -7.00 21.40 -21.89
N ARG D 91 -7.65 20.80 -22.87
CA ARG D 91 -9.11 20.76 -22.89
C ARG D 91 -9.66 19.38 -23.19
N PRO D 92 -9.73 18.53 -22.14
CA PRO D 92 -10.19 17.14 -22.16
C PRO D 92 -11.62 16.97 -22.65
N ARG D 93 -12.53 17.80 -22.14
CA ARG D 93 -13.94 17.69 -22.48
C ARG D 93 -14.45 19.10 -22.67
N PRO D 94 -15.52 19.28 -23.47
CA PRO D 94 -16.02 20.64 -23.62
C PRO D 94 -16.33 21.23 -22.25
N GLY D 95 -15.81 22.42 -21.98
CA GLY D 95 -16.08 23.12 -20.74
C GLY D 95 -15.22 22.69 -19.57
N VAL D 96 -14.23 21.85 -19.86
CA VAL D 96 -13.29 21.39 -18.84
C VAL D 96 -11.87 21.73 -19.25
N TRP D 97 -11.17 22.48 -18.40
CA TRP D 97 -9.85 23.00 -18.76
C TRP D 97 -8.84 22.82 -17.64
N GLU D 98 -7.61 22.45 -17.98
CA GLU D 98 -6.53 22.57 -17.02
C GLU D 98 -5.32 23.19 -17.70
N TYR D 99 -4.61 24.05 -16.97
CA TYR D 99 -3.46 24.78 -17.51
C TYR D 99 -2.12 24.32 -16.93
N LEU D 100 -1.10 24.27 -17.78
CA LEU D 100 0.19 23.70 -17.37
C LEU D 100 1.40 24.45 -17.94
N ARG D 101 2.39 24.68 -17.10
CA ARG D 101 3.70 25.13 -17.54
C ARG D 101 4.65 23.95 -17.51
N VAL D 102 5.46 23.80 -18.55
CA VAL D 102 6.47 22.76 -18.62
C VAL D 102 7.78 23.34 -19.11
N ASN D 103 8.90 22.93 -18.51
CA ASN D 103 10.21 23.47 -18.90
C ASN D 103 10.65 22.91 -20.24
N LEU D 104 10.90 23.81 -21.20
CA LEU D 104 11.24 23.39 -22.55
C LEU D 104 12.35 22.35 -22.54
N HIS D 105 13.48 22.68 -21.93
CA HIS D 105 14.48 21.66 -21.66
C HIS D 105 14.46 21.37 -20.16
N ALA D 106 13.83 20.25 -19.80
CA ALA D 106 13.66 19.85 -18.42
C ALA D 106 12.70 18.67 -18.41
N LEU D 107 12.55 18.06 -17.25
CA LEU D 107 11.51 17.05 -17.05
C LEU D 107 10.30 17.63 -16.33
N VAL D 108 10.34 18.93 -16.05
CA VAL D 108 9.36 19.54 -15.13
C VAL D 108 8.02 19.93 -15.74
N VAL D 109 6.95 19.52 -15.06
CA VAL D 109 5.59 19.91 -15.42
C VAL D 109 4.80 20.39 -14.19
N GLU D 110 4.40 21.65 -14.19
CA GLU D 110 3.66 22.21 -13.06
C GLU D 110 2.25 22.66 -13.49
N GLU D 111 1.27 22.48 -12.59
CA GLU D 111 -0.11 22.85 -12.89
C GLU D 111 -0.35 24.34 -12.64
N LEU D 112 -0.77 25.04 -13.69
CA LEU D 112 -1.08 26.46 -13.61
C LEU D 112 -2.52 26.71 -13.20
N GLN D 113 -2.72 27.76 -12.43
CA GLN D 113 -4.04 28.29 -12.15
C GLN D 113 -4.40 29.23 -13.29
N PRO D 114 -5.71 29.37 -13.56
CA PRO D 114 -6.15 30.18 -14.70
C PRO D 114 -5.50 31.57 -14.72
N ALA D 115 -5.45 32.23 -13.58
CA ALA D 115 -4.83 33.53 -13.52
C ALA D 115 -3.36 33.45 -13.92
N GLU D 116 -2.68 32.41 -13.45
CA GLU D 116 -1.26 32.20 -13.74
C GLU D 116 -0.98 31.99 -15.23
N PHE D 117 -1.75 31.11 -15.86
CA PHE D 117 -1.66 30.93 -17.30
C PHE D 117 -1.82 32.24 -18.08
N LEU D 118 -2.75 33.09 -17.66
CA LEU D 118 -3.01 34.35 -18.34
C LEU D 118 -1.85 35.32 -18.17
N HIS D 119 -1.13 35.19 -17.07
CA HIS D 119 0.14 35.90 -16.88
C HIS D 119 1.05 35.66 -18.07
N PHE D 120 1.28 34.39 -18.38
CA PHE D 120 2.08 33.97 -19.53
C PHE D 120 1.71 34.75 -20.78
N LYS D 121 0.46 34.62 -21.20
CA LYS D 121 -0.02 35.34 -22.36
C LYS D 121 0.41 36.80 -22.29
N GLU D 122 0.32 37.40 -21.12
CA GLU D 122 0.62 38.82 -20.98
C GLU D 122 2.11 39.13 -21.17
N GLU D 123 2.96 38.24 -20.67
CA GLU D 123 4.40 38.41 -20.81
C GLU D 123 4.80 38.34 -22.28
N LEU D 124 4.05 37.54 -23.03
CA LEU D 124 4.32 37.31 -24.44
C LEU D 124 4.25 38.59 -25.30
N VAL D 125 3.55 39.60 -24.81
CA VAL D 125 3.25 40.79 -25.60
C VAL D 125 3.76 42.10 -25.00
N ASP D 126 3.34 42.40 -23.78
CA ASP D 126 3.77 43.60 -23.09
C ASP D 126 5.21 43.49 -22.60
N GLY D 127 5.71 42.26 -22.49
CA GLY D 127 7.01 42.00 -21.90
C GLY D 127 6.85 41.80 -20.40
N VAL D 128 5.73 42.29 -19.88
CA VAL D 128 5.42 42.25 -18.46
C VAL D 128 3.97 41.82 -18.21
N LYS D 129 3.76 40.99 -17.19
CA LYS D 129 2.42 40.69 -16.72
C LYS D 129 1.81 41.98 -16.17
N ASN D 130 0.48 42.07 -16.21
CA ASN D 130 -0.21 43.27 -15.74
C ASN D 130 0.24 43.70 -14.33
N GLY D 131 0.43 45.01 -14.16
CA GLY D 131 0.82 45.57 -12.87
C GLY D 131 -0.06 45.03 -11.76
N ASN D 132 0.53 44.75 -10.61
CA ASN D 132 -0.10 43.90 -9.60
C ASN D 132 -1.57 44.22 -9.34
N PHE D 133 -1.91 45.50 -9.30
CA PHE D 133 -3.24 45.94 -8.93
C PHE D 133 -4.17 46.24 -10.11
N THR D 134 -3.70 45.89 -11.31
CA THR D 134 -4.55 45.84 -12.50
C THR D 134 -5.66 44.79 -12.37
N LEU D 135 -6.77 45.05 -13.06
CA LEU D 135 -8.05 44.41 -12.81
C LEU D 135 -8.21 42.94 -13.24
N GLU D 136 -8.74 42.12 -12.33
CA GLU D 136 -9.22 40.78 -12.66
C GLU D 136 -10.75 40.74 -12.60
N LEU D 137 -11.39 40.47 -13.73
CA LEU D 137 -12.82 40.22 -13.76
C LEU D 137 -13.11 38.77 -13.36
N ASP D 138 -13.88 38.57 -12.31
CA ASP D 138 -14.22 37.22 -11.91
C ASP D 138 -15.72 37.12 -11.61
N PHE D 139 -16.45 36.37 -12.43
CA PHE D 139 -17.88 36.20 -12.21
C PHE D 139 -18.22 34.94 -11.43
N GLU D 140 -17.23 34.07 -11.25
CA GLU D 140 -17.43 32.78 -10.60
C GLU D 140 -18.15 32.92 -9.27
N PRO D 141 -17.66 33.80 -8.38
CA PRO D 141 -18.21 33.97 -7.03
C PRO D 141 -19.63 34.56 -7.02
N PHE D 142 -20.04 35.17 -8.12
CA PHE D 142 -21.38 35.72 -8.30
C PHE D 142 -22.38 34.64 -8.71
N ASN D 143 -22.07 33.94 -9.80
CA ASN D 143 -22.90 32.85 -10.31
C ASN D 143 -23.15 31.70 -9.31
N ALA D 144 -22.42 31.68 -8.19
CA ALA D 144 -22.48 30.55 -7.23
C ALA D 144 -23.85 30.34 -6.57
N SER D 145 -24.80 31.24 -6.87
CA SER D 145 -26.16 31.18 -6.31
C SER D 145 -26.79 29.80 -6.42
N ILE D 146 -26.81 29.28 -7.64
CA ILE D 146 -27.40 27.97 -7.90
C ILE D 146 -26.32 27.05 -8.46
N PRO D 147 -26.37 25.77 -8.05
CA PRO D 147 -25.31 24.84 -8.44
C PRO D 147 -25.16 24.75 -9.95
N ARG D 148 -23.98 24.33 -10.38
CA ARG D 148 -23.67 24.18 -11.80
C ARG D 148 -23.86 22.76 -12.26
N PRO D 149 -24.52 22.57 -13.40
CA PRO D 149 -24.50 21.23 -13.99
C PRO D 149 -23.10 20.85 -14.44
N THR D 150 -22.72 19.59 -14.25
CA THR D 150 -21.44 19.10 -14.77
C THR D 150 -21.60 18.27 -16.04
N LEU D 151 -22.83 18.04 -16.47
CA LEU D 151 -23.10 17.10 -17.57
C LEU D 151 -23.20 17.76 -18.95
N HIS D 152 -22.53 17.17 -19.93
CA HIS D 152 -22.61 17.64 -21.30
C HIS D 152 -24.07 17.89 -21.70
N LYS D 153 -24.97 17.02 -21.23
CA LYS D 153 -26.36 17.08 -21.68
C LYS D 153 -27.10 18.37 -21.33
N TYR D 154 -26.64 19.11 -20.33
CA TYR D 154 -27.33 20.36 -20.01
C TYR D 154 -26.77 21.61 -20.68
N ILE D 155 -25.66 21.46 -21.41
CA ILE D 155 -25.09 22.60 -22.12
C ILE D 155 -26.04 22.96 -23.25
N GLY D 156 -26.54 24.19 -23.23
CA GLY D 156 -27.53 24.62 -24.19
C GLY D 156 -28.92 24.15 -23.82
N ASN D 157 -28.99 23.34 -22.77
CA ASN D 157 -30.26 22.93 -22.16
C ASN D 157 -30.69 23.59 -20.85
N GLY D 158 -30.04 24.67 -20.45
CA GLY D 158 -30.15 25.18 -19.10
C GLY D 158 -31.53 25.28 -18.49
N VAL D 159 -32.55 25.52 -19.30
CA VAL D 159 -33.88 25.62 -18.72
C VAL D 159 -34.29 24.27 -18.14
N ASP D 160 -33.96 23.17 -18.82
CA ASP D 160 -34.21 21.85 -18.26
C ASP D 160 -33.58 21.70 -16.88
N PHE D 161 -32.37 22.24 -16.71
CA PHE D 161 -31.71 22.14 -15.41
C PHE D 161 -32.44 22.98 -14.39
N LEU D 162 -32.83 24.19 -14.80
CA LEU D 162 -33.50 25.13 -13.91
C LEU D 162 -34.88 24.63 -13.47
N ASN D 163 -35.63 24.08 -14.41
CA ASN D 163 -36.94 23.53 -14.10
C ASN D 163 -36.84 22.49 -13.00
N ARG D 164 -35.77 21.70 -13.03
CA ARG D 164 -35.58 20.63 -12.07
C ARG D 164 -35.14 21.14 -10.71
N HIS D 165 -34.40 22.24 -10.72
CA HIS D 165 -33.94 22.83 -9.47
C HIS D 165 -35.06 23.61 -8.79
N LEU D 166 -35.85 24.34 -9.58
CA LEU D 166 -37.03 25.05 -9.04
C LEU D 166 -38.03 24.06 -8.48
N SER D 167 -38.34 23.04 -9.28
CA SER D 167 -39.28 21.99 -8.90
C SER D 167 -38.92 21.38 -7.55
N ALA D 168 -37.62 21.29 -7.26
CA ALA D 168 -37.16 20.78 -5.98
C ALA D 168 -37.27 21.85 -4.89
N LYS D 169 -36.79 23.06 -5.18
CA LYS D 169 -36.86 24.15 -4.22
C LYS D 169 -38.30 24.42 -3.80
N LEU D 170 -39.22 24.28 -4.74
CA LEU D 170 -40.62 24.57 -4.48
C LEU D 170 -41.32 23.49 -3.68
N PHE D 171 -40.72 22.31 -3.58
CA PHE D 171 -41.50 21.19 -3.07
C PHE D 171 -41.65 21.32 -1.57
N HIS D 172 -42.90 21.48 -1.16
CA HIS D 172 -43.29 21.74 0.22
C HIS D 172 -42.34 22.69 0.97
N ASP D 173 -42.25 23.92 0.47
CA ASP D 173 -41.55 24.98 1.18
C ASP D 173 -42.46 26.19 1.16
N LYS D 174 -42.97 26.54 2.33
CA LYS D 174 -43.94 27.62 2.43
C LYS D 174 -43.34 28.84 1.76
N GLU D 175 -42.25 29.33 2.33
CA GLU D 175 -41.55 30.50 1.81
C GLU D 175 -41.18 30.33 0.34
N SER D 176 -41.09 29.08 -0.10
CA SER D 176 -40.70 28.81 -1.49
C SER D 176 -41.86 29.03 -2.46
N LEU D 177 -43.08 28.74 -1.99
CA LEU D 177 -44.24 28.89 -2.86
C LEU D 177 -44.68 30.35 -3.03
N LEU D 178 -44.56 31.14 -1.97
CA LEU D 178 -45.01 32.54 -1.97
C LEU D 178 -44.63 33.33 -3.22
N PRO D 179 -43.36 33.24 -3.65
CA PRO D 179 -42.97 33.99 -4.85
C PRO D 179 -43.92 33.71 -6.01
N LEU D 180 -44.32 32.45 -6.15
CA LEU D 180 -45.26 32.08 -7.20
C LEU D 180 -46.59 32.81 -7.01
N LEU D 181 -47.11 32.76 -5.78
CA LEU D 181 -48.37 33.41 -5.45
C LEU D 181 -48.31 34.91 -5.72
N LYS D 182 -47.32 35.57 -5.12
CA LYS D 182 -47.16 37.01 -5.27
C LYS D 182 -47.05 37.37 -6.74
N PHE D 183 -46.29 36.57 -7.48
CA PHE D 183 -46.09 36.79 -8.91
C PHE D 183 -47.43 36.82 -9.64
N LEU D 184 -48.24 35.81 -9.40
CA LEU D 184 -49.53 35.72 -10.06
C LEU D 184 -50.47 36.81 -9.56
N ARG D 185 -50.30 37.21 -8.30
CA ARG D 185 -51.18 38.18 -7.68
C ARG D 185 -50.91 39.60 -8.20
N LEU D 186 -49.63 39.91 -8.39
CA LEU D 186 -49.26 41.22 -8.93
C LEU D 186 -49.43 41.28 -10.44
N HIS D 187 -49.28 40.13 -11.10
CA HIS D 187 -49.28 40.09 -12.56
C HIS D 187 -50.49 40.79 -13.16
N SER D 188 -50.23 41.71 -14.10
CA SER D 188 -51.29 42.46 -14.76
C SER D 188 -50.79 42.97 -16.09
N HIS D 189 -51.70 43.38 -16.97
CA HIS D 189 -51.30 44.10 -18.17
C HIS D 189 -52.22 45.26 -18.51
N GLN D 190 -51.65 46.46 -18.63
CA GLN D 190 -52.40 47.65 -19.01
C GLN D 190 -53.56 47.95 -18.05
N GLY D 191 -53.33 47.70 -16.77
CA GLY D 191 -54.32 48.00 -15.75
C GLY D 191 -55.37 46.93 -15.54
N LYS D 192 -55.52 46.04 -16.53
CA LYS D 192 -56.42 44.90 -16.40
C LYS D 192 -55.73 43.79 -15.62
N ASN D 193 -56.33 43.37 -14.51
CA ASN D 193 -55.73 42.37 -13.63
C ASN D 193 -55.85 40.98 -14.22
N LEU D 194 -54.85 40.14 -13.96
CA LEU D 194 -54.80 38.80 -14.54
C LEU D 194 -54.62 37.71 -13.48
N MET D 195 -54.92 36.45 -13.83
CA MET D 195 -54.65 35.34 -12.93
C MET D 195 -55.36 35.49 -11.57
N LEU D 196 -54.60 35.76 -10.51
CA LEU D 196 -55.16 36.01 -9.18
C LEU D 196 -55.44 37.49 -8.90
N SER D 197 -56.48 37.79 -8.14
CA SER D 197 -56.75 39.17 -7.69
C SER D 197 -56.21 39.44 -6.28
N GLU D 198 -56.35 40.68 -5.83
CA GLU D 198 -55.79 41.09 -4.53
C GLU D 198 -56.44 40.38 -3.33
N LYS D 199 -57.50 39.61 -3.60
CA LYS D 199 -58.21 38.89 -2.55
C LYS D 199 -57.40 37.72 -1.98
N ILE D 200 -56.49 37.16 -2.78
CA ILE D 200 -55.76 36.00 -2.32
C ILE D 200 -54.45 36.42 -1.67
N GLN D 201 -54.40 36.35 -0.34
CA GLN D 201 -53.23 36.81 0.41
C GLN D 201 -52.27 35.74 0.93
N ASN D 202 -52.63 34.46 0.80
CA ASN D 202 -51.84 33.38 1.39
C ASN D 202 -52.07 32.03 0.72
N LEU D 203 -51.16 31.10 0.96
CA LEU D 203 -51.20 29.81 0.27
C LEU D 203 -52.43 28.97 0.58
N ASN D 204 -53.09 29.26 1.71
CA ASN D 204 -54.32 28.57 2.07
C ASN D 204 -55.53 29.05 1.28
N THR D 205 -55.70 30.37 1.21
CA THR D 205 -56.79 30.96 0.44
C THR D 205 -56.67 30.51 -1.02
N LEU D 206 -55.45 30.61 -1.55
CA LEU D 206 -55.17 30.24 -2.93
C LEU D 206 -55.46 28.76 -3.12
N GLN D 207 -54.90 27.96 -2.22
CA GLN D 207 -55.10 26.51 -2.20
C GLN D 207 -56.60 26.22 -2.23
N HIS D 208 -57.32 26.96 -1.40
CA HIS D 208 -58.77 26.81 -1.25
C HIS D 208 -59.52 27.16 -2.54
N THR D 209 -59.32 28.38 -3.04
CA THR D 209 -59.99 28.86 -4.23
C THR D 209 -59.80 27.95 -5.44
N LEU D 210 -58.56 27.53 -5.66
CA LEU D 210 -58.24 26.64 -6.77
C LEU D 210 -59.11 25.41 -6.70
N ARG D 211 -59.28 24.89 -5.48
CA ARG D 211 -60.08 23.69 -5.24
C ARG D 211 -61.57 23.94 -5.51
N LYS D 212 -62.08 25.07 -5.04
CA LYS D 212 -63.47 25.46 -5.26
C LYS D 212 -63.70 25.64 -6.76
N ALA D 213 -62.76 26.33 -7.41
CA ALA D 213 -62.82 26.54 -8.84
C ALA D 213 -62.78 25.24 -9.64
N GLU D 214 -61.91 24.30 -9.25
CA GLU D 214 -61.82 23.04 -9.97
C GLU D 214 -63.14 22.29 -9.83
N GLU D 215 -63.72 22.37 -8.65
CA GLU D 215 -64.97 21.69 -8.33
C GLU D 215 -66.07 22.21 -9.23
N TYR D 216 -66.28 23.52 -9.20
CA TYR D 216 -67.24 24.19 -10.08
C TYR D 216 -67.02 23.74 -11.52
N LEU D 217 -65.87 24.13 -12.09
CA LEU D 217 -65.57 23.88 -13.50
C LEU D 217 -65.71 22.43 -13.94
N ALA D 218 -65.32 21.52 -13.05
CA ALA D 218 -65.31 20.09 -13.37
C ALA D 218 -66.65 19.65 -13.94
N GLU D 219 -67.71 20.34 -13.54
CA GLU D 219 -69.05 19.98 -13.98
C GLU D 219 -69.49 20.49 -15.36
N LEU D 220 -69.16 21.74 -15.67
CA LEU D 220 -69.66 22.40 -16.89
C LEU D 220 -69.15 21.74 -18.17
N LYS D 221 -69.84 21.98 -19.28
CA LYS D 221 -69.44 21.38 -20.56
C LYS D 221 -68.11 21.94 -21.06
N SER D 222 -67.33 21.06 -21.70
CA SER D 222 -65.98 21.38 -22.15
C SER D 222 -65.85 22.71 -22.88
N GLU D 223 -66.79 23.00 -23.78
CA GLU D 223 -66.67 24.16 -24.68
C GLU D 223 -67.21 25.44 -24.07
N THR D 224 -67.64 25.38 -22.81
CA THR D 224 -68.16 26.56 -22.12
C THR D 224 -67.15 27.73 -22.11
N LEU D 225 -67.59 28.89 -22.57
CA LEU D 225 -66.69 30.05 -22.65
C LEU D 225 -66.40 30.64 -21.27
N TYR D 226 -65.21 31.22 -21.12
CA TYR D 226 -64.82 31.83 -19.86
C TYR D 226 -65.86 32.88 -19.42
N GLU D 227 -66.51 33.54 -20.38
CA GLU D 227 -67.44 34.61 -20.06
C GLU D 227 -68.60 34.14 -19.17
N GLU D 228 -69.06 32.91 -19.40
CA GLU D 228 -70.11 32.30 -18.59
C GLU D 228 -69.78 32.26 -17.11
N PHE D 229 -68.71 31.55 -16.75
CA PHE D 229 -68.32 31.42 -15.33
C PHE D 229 -67.47 32.57 -14.78
N GLU D 230 -67.23 33.58 -15.60
CA GLU D 230 -66.38 34.71 -15.21
C GLU D 230 -66.86 35.40 -13.94
N ALA D 231 -68.18 35.55 -13.82
CA ALA D 231 -68.78 36.23 -12.68
C ALA D 231 -68.42 35.51 -11.39
N LYS D 232 -68.66 34.20 -11.38
CA LYS D 232 -68.32 33.33 -10.27
C LYS D 232 -66.85 33.47 -9.87
N PHE D 233 -65.95 33.28 -10.84
CA PHE D 233 -64.52 33.38 -10.60
C PHE D 233 -64.13 34.69 -9.90
N GLU D 234 -64.56 35.81 -10.47
CA GLU D 234 -64.18 37.11 -9.92
C GLU D 234 -64.54 37.21 -8.44
N GLU D 235 -65.66 36.58 -8.08
CA GLU D 235 -66.11 36.59 -6.69
C GLU D 235 -65.08 35.93 -5.78
N ILE D 236 -64.60 34.76 -6.19
CA ILE D 236 -63.67 34.00 -5.35
C ILE D 236 -62.21 34.41 -5.53
N GLY D 237 -61.97 35.43 -6.35
CA GLY D 237 -60.64 36.00 -6.52
C GLY D 237 -59.90 35.62 -7.78
N LEU D 238 -60.58 35.04 -8.76
CA LEU D 238 -59.93 34.62 -10.00
C LEU D 238 -60.14 35.61 -11.16
N GLU D 239 -59.04 36.23 -11.60
CA GLU D 239 -59.06 37.13 -12.75
C GLU D 239 -58.80 36.38 -14.05
N ARG D 240 -58.82 37.09 -15.17
CA ARG D 240 -58.70 36.46 -16.48
C ARG D 240 -57.30 35.92 -16.79
N GLY D 241 -57.23 35.04 -17.80
CA GLY D 241 -55.97 34.51 -18.28
C GLY D 241 -55.72 33.03 -18.05
N TRP D 242 -56.59 32.40 -17.27
CA TRP D 242 -56.48 30.97 -17.03
C TRP D 242 -56.81 30.13 -18.26
N GLY D 243 -57.61 30.67 -19.17
CA GLY D 243 -58.00 29.95 -20.37
C GLY D 243 -59.18 30.59 -21.07
N ASP D 244 -59.42 30.20 -22.32
CA ASP D 244 -60.54 30.74 -23.09
C ASP D 244 -61.87 30.04 -22.81
N ASN D 245 -61.82 28.71 -22.67
CA ASN D 245 -62.99 27.91 -22.32
C ASN D 245 -62.77 27.13 -21.03
N ALA D 246 -63.80 26.43 -20.57
CA ALA D 246 -63.73 25.71 -19.30
C ALA D 246 -62.67 24.60 -19.28
N GLU D 247 -62.61 23.84 -20.37
CA GLU D 247 -61.66 22.75 -20.48
C GLU D 247 -60.25 23.23 -20.18
N ARG D 248 -59.80 24.24 -20.91
CA ARG D 248 -58.45 24.79 -20.75
C ARG D 248 -58.23 25.33 -19.35
N VAL D 249 -59.16 26.14 -18.87
CA VAL D 249 -59.06 26.74 -17.55
C VAL D 249 -58.82 25.66 -16.49
N LEU D 250 -59.47 24.51 -16.67
CA LEU D 250 -59.41 23.46 -15.68
C LEU D 250 -58.00 22.86 -15.58
N ASP D 251 -57.38 22.61 -16.73
CA ASP D 251 -56.00 22.14 -16.77
C ASP D 251 -55.08 23.12 -16.07
N MET D 252 -55.23 24.40 -16.39
CA MET D 252 -54.44 25.43 -15.73
C MET D 252 -54.56 25.33 -14.22
N ILE D 253 -55.78 25.35 -13.71
CA ILE D 253 -55.98 25.33 -12.27
C ILE D 253 -55.47 24.04 -11.65
N ARG D 254 -55.50 22.96 -12.41
CA ARG D 254 -54.97 21.69 -11.93
C ARG D 254 -53.44 21.70 -11.85
N LEU D 255 -52.79 22.17 -12.90
CA LEU D 255 -51.34 22.33 -12.89
C LEU D 255 -50.90 23.09 -11.65
N LEU D 256 -51.65 24.13 -11.31
CA LEU D 256 -51.29 24.97 -10.18
C LEU D 256 -51.47 24.24 -8.87
N LEU D 257 -52.61 23.58 -8.70
CA LEU D 257 -52.83 22.79 -7.49
C LEU D 257 -51.66 21.84 -7.33
N ASP D 258 -51.22 21.28 -8.45
CA ASP D 258 -50.11 20.34 -8.51
C ASP D 258 -48.78 20.95 -8.11
N LEU D 259 -48.56 22.20 -8.49
CA LEU D 259 -47.33 22.90 -8.15
C LEU D 259 -47.26 23.24 -6.68
N LEU D 260 -48.40 23.58 -6.09
CA LEU D 260 -48.47 23.85 -4.66
C LEU D 260 -48.29 22.54 -3.90
N GLU D 261 -48.67 21.43 -4.54
CA GLU D 261 -48.74 20.13 -3.89
C GLU D 261 -47.47 19.29 -4.05
N ALA D 262 -47.27 18.76 -5.26
CA ALA D 262 -46.12 17.91 -5.57
C ALA D 262 -45.51 18.33 -6.90
N PRO D 263 -44.67 19.37 -6.85
CA PRO D 263 -43.99 19.98 -8.00
C PRO D 263 -43.17 18.97 -8.78
N ASP D 264 -43.23 19.04 -10.11
CA ASP D 264 -42.30 18.31 -10.94
C ASP D 264 -41.96 19.15 -12.17
N PRO D 265 -40.78 18.93 -12.75
CA PRO D 265 -40.20 19.83 -13.75
C PRO D 265 -41.17 20.12 -14.88
N CYS D 266 -41.83 19.09 -15.39
CA CYS D 266 -42.67 19.24 -16.56
C CYS D 266 -43.88 20.09 -16.22
N THR D 267 -44.47 19.83 -15.07
CA THR D 267 -45.58 20.64 -14.63
C THR D 267 -45.13 22.10 -14.52
N LEU D 268 -44.06 22.34 -13.77
CA LEU D 268 -43.58 23.70 -13.58
C LEU D 268 -43.40 24.42 -14.91
N GLU D 269 -42.67 23.79 -15.83
CA GLU D 269 -42.41 24.39 -17.14
C GLU D 269 -43.71 24.65 -17.87
N THR D 270 -44.53 23.60 -17.97
CA THR D 270 -45.81 23.71 -18.66
C THR D 270 -46.65 24.87 -18.10
N PHE D 271 -46.75 24.96 -16.79
CA PHE D 271 -47.51 26.05 -16.20
C PHE D 271 -46.89 27.40 -16.57
N LEU D 272 -45.63 27.60 -16.21
CA LEU D 272 -45.01 28.91 -16.37
C LEU D 272 -45.01 29.38 -17.83
N GLY D 273 -44.89 28.43 -18.74
CA GLY D 273 -44.90 28.76 -20.16
C GLY D 273 -46.26 29.23 -20.63
N ARG D 274 -47.30 28.65 -20.04
CA ARG D 274 -48.68 28.91 -20.48
C ARG D 274 -49.25 30.22 -19.93
N VAL D 275 -48.73 30.70 -18.80
CA VAL D 275 -49.27 31.92 -18.22
C VAL D 275 -49.08 33.06 -19.19
N PRO D 276 -50.16 33.79 -19.52
CA PRO D 276 -49.98 34.89 -20.47
C PRO D 276 -49.05 35.93 -19.86
N MET D 277 -47.97 36.22 -20.56
CA MET D 277 -46.94 37.14 -20.07
C MET D 277 -46.52 38.13 -21.13
N VAL D 278 -46.07 37.58 -22.25
CA VAL D 278 -45.47 38.36 -23.31
C VAL D 278 -46.51 38.97 -24.26
N PHE D 279 -46.58 40.30 -24.23
CA PHE D 279 -47.52 41.10 -25.02
C PHE D 279 -46.74 42.15 -25.79
N ASN D 280 -46.01 42.97 -25.05
CA ASN D 280 -45.12 43.95 -25.64
C ASN D 280 -43.67 43.46 -25.71
N VAL D 281 -43.09 43.43 -26.89
CA VAL D 281 -41.73 42.95 -27.04
C VAL D 281 -40.82 44.01 -27.65
N VAL D 282 -39.65 44.17 -27.05
CA VAL D 282 -38.66 45.13 -27.54
C VAL D 282 -37.34 44.47 -27.97
N ILE D 283 -36.97 44.66 -29.23
CA ILE D 283 -35.78 44.01 -29.81
C ILE D 283 -34.74 45.03 -30.27
N LEU D 284 -33.49 44.86 -29.82
CA LEU D 284 -32.43 45.85 -30.10
C LEU D 284 -31.49 45.39 -31.20
N SER D 285 -31.38 46.19 -32.26
CA SER D 285 -30.42 45.93 -33.33
C SER D 285 -29.93 47.26 -33.94
N PRO D 286 -29.15 48.04 -33.19
CA PRO D 286 -28.75 49.41 -33.59
C PRO D 286 -27.86 49.58 -34.84
N HIS D 287 -26.82 48.74 -35.01
CA HIS D 287 -25.86 48.95 -36.10
C HIS D 287 -26.34 48.48 -37.48
N GLY D 288 -25.55 48.75 -38.53
CA GLY D 288 -25.92 48.41 -39.90
C GLY D 288 -27.08 49.21 -40.48
N TYR D 289 -27.47 48.90 -41.71
CA TYR D 289 -28.69 49.48 -42.25
C TYR D 289 -29.80 48.45 -42.13
N PHE D 290 -30.63 48.56 -41.10
CA PHE D 290 -31.65 47.54 -40.86
C PHE D 290 -32.90 47.94 -41.62
N ALA D 291 -33.32 47.12 -42.57
CA ALA D 291 -34.51 47.45 -43.33
C ALA D 291 -35.00 46.27 -44.11
N GLN D 292 -36.12 46.42 -44.79
CA GLN D 292 -36.74 45.27 -45.44
C GLN D 292 -36.42 45.16 -46.93
N ASP D 293 -35.69 46.14 -47.45
CA ASP D 293 -35.34 46.17 -48.86
C ASP D 293 -34.14 47.06 -49.08
N ASN D 294 -33.44 46.86 -50.18
CA ASN D 294 -32.33 47.72 -50.57
C ASN D 294 -31.23 47.86 -49.52
N VAL D 295 -31.08 46.82 -48.71
CA VAL D 295 -30.06 46.81 -47.67
C VAL D 295 -29.14 45.57 -47.70
N LEU D 296 -29.70 44.37 -47.65
CA LEU D 296 -28.89 43.18 -47.40
C LEU D 296 -27.64 43.12 -48.27
N GLY D 297 -26.49 42.97 -47.63
CA GLY D 297 -25.22 42.97 -48.34
C GLY D 297 -24.36 44.22 -48.13
N TYR D 298 -24.96 45.32 -47.69
CA TYR D 298 -24.18 46.46 -47.26
C TYR D 298 -23.35 46.08 -46.05
N PRO D 299 -22.30 46.85 -45.76
CA PRO D 299 -21.49 46.59 -44.57
C PRO D 299 -22.38 46.46 -43.34
N ASP D 300 -22.13 45.45 -42.52
CA ASP D 300 -22.82 45.33 -41.24
C ASP D 300 -24.28 44.88 -41.38
N THR D 301 -24.70 44.65 -42.62
CA THR D 301 -26.09 44.28 -42.91
C THR D 301 -26.23 42.93 -43.61
N GLY D 302 -26.87 41.98 -42.96
CA GLY D 302 -26.67 40.58 -43.26
C GLY D 302 -27.61 39.71 -42.45
N GLY D 303 -27.15 38.50 -42.13
CA GLY D 303 -27.95 37.52 -41.41
C GLY D 303 -28.72 37.97 -40.16
N GLN D 304 -28.14 38.85 -39.35
CA GLN D 304 -28.84 39.32 -38.17
C GLN D 304 -30.16 39.97 -38.57
N VAL D 305 -30.12 40.84 -39.57
CA VAL D 305 -31.33 41.48 -40.07
C VAL D 305 -32.31 40.41 -40.56
N VAL D 306 -31.82 39.47 -41.35
CA VAL D 306 -32.67 38.41 -41.89
C VAL D 306 -33.28 37.58 -40.78
N TYR D 307 -32.49 37.31 -39.76
CA TYR D 307 -32.91 36.53 -38.60
C TYR D 307 -34.10 37.21 -37.92
N ILE D 308 -33.89 38.45 -37.50
CA ILE D 308 -34.87 39.19 -36.72
C ILE D 308 -36.20 39.35 -37.47
N LEU D 309 -36.13 39.71 -38.74
CA LEU D 309 -37.35 39.81 -39.54
C LEU D 309 -38.13 38.49 -39.57
N ASP D 310 -37.43 37.37 -39.75
CA ASP D 310 -38.08 36.06 -39.68
C ASP D 310 -38.59 35.76 -38.28
N GLN D 311 -37.87 36.25 -37.27
CA GLN D 311 -38.17 35.98 -35.86
C GLN D 311 -39.47 36.63 -35.36
N VAL D 312 -39.62 37.94 -35.58
CA VAL D 312 -40.80 38.66 -35.09
C VAL D 312 -42.06 38.14 -35.74
N ARG D 313 -42.02 37.92 -37.04
CA ARG D 313 -43.19 37.38 -37.73
C ARG D 313 -43.67 36.10 -37.04
N ALA D 314 -42.73 35.20 -36.77
CA ALA D 314 -43.06 33.93 -36.11
C ALA D 314 -43.54 34.21 -34.71
N LEU D 315 -42.83 35.09 -34.01
CA LEU D 315 -43.15 35.41 -32.64
C LEU D 315 -44.58 35.95 -32.52
N GLU D 316 -44.93 36.88 -33.39
CA GLU D 316 -46.24 37.53 -33.36
C GLU D 316 -47.35 36.50 -33.53
N ILE D 317 -47.17 35.62 -34.52
CA ILE D 317 -48.10 34.52 -34.74
C ILE D 317 -48.32 33.70 -33.47
N GLU D 318 -47.24 33.30 -32.80
CA GLU D 318 -47.34 32.54 -31.56
C GLU D 318 -47.99 33.36 -30.44
N MET D 319 -47.52 34.58 -30.26
CA MET D 319 -48.09 35.46 -29.25
C MET D 319 -49.59 35.64 -29.40
N LEU D 320 -50.09 35.67 -30.64
CA LEU D 320 -51.52 35.85 -30.83
C LEU D 320 -52.24 34.61 -30.36
N GLN D 321 -51.74 33.48 -30.82
CA GLN D 321 -52.26 32.18 -30.46
C GLN D 321 -52.45 32.03 -28.95
N ARG D 322 -51.42 32.34 -28.19
CA ARG D 322 -51.46 32.12 -26.75
C ARG D 322 -52.44 33.08 -26.10
N ILE D 323 -52.35 34.35 -26.48
CA ILE D 323 -53.26 35.37 -25.97
C ILE D 323 -54.70 34.91 -26.09
N LYS D 324 -55.06 34.39 -27.25
CA LYS D 324 -56.40 33.87 -27.49
C LYS D 324 -56.71 32.67 -26.59
N GLN D 325 -55.85 31.65 -26.63
CA GLN D 325 -56.04 30.42 -25.85
C GLN D 325 -56.27 30.69 -24.37
N GLN D 326 -55.77 31.82 -23.89
CA GLN D 326 -55.89 32.17 -22.48
C GLN D 326 -57.10 33.07 -22.20
N GLY D 327 -57.90 33.29 -23.25
CA GLY D 327 -59.07 34.16 -23.14
C GLY D 327 -58.74 35.62 -22.93
N LEU D 328 -58.00 36.21 -23.87
CA LEU D 328 -57.67 37.62 -23.78
C LEU D 328 -57.76 38.31 -25.14
N ASN D 329 -58.15 39.57 -25.12
CA ASN D 329 -58.28 40.36 -26.35
C ASN D 329 -57.09 41.29 -26.62
N ILE D 330 -56.07 41.21 -25.78
CA ILE D 330 -54.92 42.13 -25.87
C ILE D 330 -54.27 42.20 -27.25
N LYS D 331 -53.94 43.42 -27.66
CA LYS D 331 -53.17 43.65 -28.88
C LYS D 331 -51.67 43.63 -28.56
N PRO D 332 -50.94 42.70 -29.22
CA PRO D 332 -49.49 42.58 -29.02
C PRO D 332 -48.75 43.66 -29.79
N ARG D 333 -47.55 44.00 -29.33
CA ARG D 333 -46.73 44.92 -30.08
C ARG D 333 -45.29 44.45 -30.03
N ILE D 334 -44.67 44.35 -31.20
CA ILE D 334 -43.24 44.04 -31.29
C ILE D 334 -42.50 45.20 -31.94
N LEU D 335 -41.50 45.75 -31.26
CA LEU D 335 -40.74 46.83 -31.87
C LEU D 335 -39.28 46.44 -32.05
N ILE D 336 -38.75 46.70 -33.23
CA ILE D 336 -37.32 46.50 -33.46
C ILE D 336 -36.63 47.86 -33.42
N LEU D 337 -35.88 48.10 -32.35
CA LEU D 337 -35.13 49.34 -32.19
C LEU D 337 -33.81 49.28 -32.95
N THR D 338 -33.63 50.20 -33.89
CA THR D 338 -32.36 50.34 -34.60
C THR D 338 -32.04 51.82 -34.77
N ARG D 339 -31.01 52.14 -35.54
CA ARG D 339 -30.64 53.54 -35.76
C ARG D 339 -31.41 54.16 -36.93
N LEU D 340 -31.82 55.41 -36.73
CA LEU D 340 -32.33 56.22 -37.81
C LEU D 340 -31.15 56.78 -38.59
N LEU D 341 -31.15 56.55 -39.90
CA LEU D 341 -30.09 56.97 -40.79
C LEU D 341 -30.67 57.86 -41.87
N PRO D 342 -30.63 59.18 -41.65
CA PRO D 342 -31.26 60.22 -42.47
C PRO D 342 -30.74 60.23 -43.90
N ASP D 343 -29.44 60.00 -44.04
CA ASP D 343 -28.77 60.17 -45.33
C ASP D 343 -28.57 58.93 -46.20
N ALA D 344 -29.12 57.77 -45.84
CA ALA D 344 -28.88 56.61 -46.70
C ALA D 344 -30.01 56.52 -47.69
N VAL D 345 -29.75 56.99 -48.91
CA VAL D 345 -30.83 57.12 -49.88
C VAL D 345 -31.07 55.78 -50.53
N GLY D 346 -32.29 55.55 -50.97
CA GLY D 346 -32.64 54.29 -51.58
C GLY D 346 -33.23 53.38 -50.54
N THR D 347 -33.13 53.78 -49.27
CA THR D 347 -33.70 52.97 -48.20
C THR D 347 -34.78 53.68 -47.38
N THR D 348 -35.39 52.93 -46.49
CA THR D 348 -36.35 53.46 -45.54
C THR D 348 -35.68 53.71 -44.20
N CYS D 349 -34.36 53.56 -44.14
CA CYS D 349 -33.66 53.75 -42.88
C CYS D 349 -33.85 55.15 -42.32
N GLY D 350 -34.41 56.05 -43.13
CA GLY D 350 -34.64 57.41 -42.70
C GLY D 350 -35.91 57.63 -41.89
N GLU D 351 -36.85 56.70 -41.96
CA GLU D 351 -38.16 56.90 -41.34
C GLU D 351 -38.31 56.24 -39.96
N ARG D 352 -38.93 56.95 -39.04
CA ARG D 352 -39.01 56.55 -37.64
C ARG D 352 -39.76 55.25 -37.37
N LEU D 353 -40.76 54.95 -38.17
CA LEU D 353 -41.61 53.80 -37.90
C LEU D 353 -41.93 53.03 -39.17
N GLU D 354 -41.69 51.73 -39.16
CA GLU D 354 -41.90 50.94 -40.36
C GLU D 354 -42.57 49.60 -40.05
N ARG D 355 -43.69 49.35 -40.69
CA ARG D 355 -44.38 48.09 -40.53
C ARG D 355 -43.59 46.99 -41.21
N VAL D 356 -43.36 45.90 -40.47
CA VAL D 356 -42.65 44.73 -40.99
C VAL D 356 -43.59 44.00 -41.94
N TYR D 357 -43.09 43.71 -43.12
CA TYR D 357 -43.88 43.07 -44.16
C TYR D 357 -44.55 41.80 -43.62
N ASP D 358 -45.82 41.61 -43.98
CA ASP D 358 -46.54 40.40 -43.64
C ASP D 358 -46.82 40.20 -42.15
N SER D 359 -46.92 41.29 -41.40
CA SER D 359 -47.31 41.21 -40.01
C SER D 359 -48.24 42.37 -39.65
N GLU D 360 -49.12 42.13 -38.68
CA GLU D 360 -49.97 43.20 -38.17
C GLU D 360 -49.33 44.06 -37.06
N TYR D 361 -48.65 43.41 -36.12
CA TYR D 361 -48.15 44.04 -34.91
C TYR D 361 -46.64 44.36 -34.77
N CYS D 362 -45.84 44.10 -35.79
CA CYS D 362 -44.41 44.36 -35.70
C CYS D 362 -44.00 45.63 -36.45
N ASP D 363 -43.48 46.61 -35.75
CA ASP D 363 -42.98 47.81 -36.41
C ASP D 363 -41.49 47.92 -36.14
N ILE D 364 -40.75 48.54 -37.05
CA ILE D 364 -39.36 48.88 -36.77
C ILE D 364 -39.37 50.32 -36.28
N LEU D 365 -38.68 50.57 -35.18
CA LEU D 365 -38.68 51.88 -34.58
C LEU D 365 -37.27 52.42 -34.64
N ARG D 366 -37.09 53.48 -35.42
CA ARG D 366 -35.77 54.06 -35.60
C ARG D 366 -35.56 55.30 -34.74
N VAL D 367 -34.43 55.33 -34.03
CA VAL D 367 -34.04 56.48 -33.22
C VAL D 367 -32.65 56.89 -33.66
N PRO D 368 -32.39 58.21 -33.77
CA PRO D 368 -31.09 58.71 -34.21
C PRO D 368 -30.00 58.72 -33.14
N PHE D 369 -28.76 58.62 -33.59
CA PHE D 369 -27.59 58.87 -32.76
C PHE D 369 -27.45 60.37 -32.59
N ARG D 370 -26.98 60.81 -31.43
CA ARG D 370 -26.79 62.23 -31.20
C ARG D 370 -25.74 62.55 -30.14
N THR D 371 -25.27 63.80 -30.16
CA THR D 371 -24.34 64.32 -29.18
C THR D 371 -24.85 65.69 -28.76
N GLU D 372 -24.08 66.43 -27.97
CA GLU D 372 -24.51 67.77 -27.58
C GLU D 372 -24.74 68.64 -28.82
N LYS D 373 -23.92 68.44 -29.85
CA LYS D 373 -23.99 69.23 -31.07
C LYS D 373 -25.23 68.95 -31.95
N GLY D 374 -26.05 67.96 -31.57
CA GLY D 374 -27.18 67.55 -32.38
C GLY D 374 -26.99 66.18 -33.05
N ILE D 375 -28.01 65.75 -33.79
CA ILE D 375 -28.00 64.40 -34.35
C ILE D 375 -26.86 64.17 -35.33
N VAL D 376 -26.36 62.92 -35.37
CA VAL D 376 -25.29 62.50 -36.24
C VAL D 376 -25.89 61.79 -37.42
N ARG D 377 -25.69 62.34 -38.61
CA ARG D 377 -26.34 61.80 -39.80
C ARG D 377 -25.70 60.49 -40.33
N LYS D 378 -24.38 60.46 -40.50
CA LYS D 378 -23.74 59.44 -41.33
C LYS D 378 -23.71 58.02 -40.77
N TRP D 379 -23.52 57.06 -41.67
CA TRP D 379 -23.40 55.66 -41.27
C TRP D 379 -22.12 55.45 -40.48
N ILE D 380 -22.17 54.53 -39.54
CA ILE D 380 -21.03 54.24 -38.70
C ILE D 380 -20.85 52.74 -38.58
N SER D 381 -19.61 52.29 -38.76
CA SER D 381 -19.32 50.88 -38.67
C SER D 381 -19.68 50.35 -37.28
N ARG D 382 -20.10 49.08 -37.21
CA ARG D 382 -20.43 48.49 -35.92
C ARG D 382 -19.27 48.53 -34.95
N PHE D 383 -18.05 48.58 -35.48
CA PHE D 383 -16.89 48.68 -34.61
C PHE D 383 -16.75 50.09 -33.99
N GLU D 384 -17.42 51.07 -34.58
CA GLU D 384 -17.37 52.46 -34.09
C GLU D 384 -18.56 53.06 -33.32
N VAL D 385 -19.61 52.30 -33.06
CA VAL D 385 -20.84 52.90 -32.52
C VAL D 385 -20.84 53.13 -31.01
N TRP D 386 -19.79 52.65 -30.33
CA TRP D 386 -19.72 52.64 -28.87
C TRP D 386 -20.01 53.98 -28.16
N PRO D 387 -19.42 55.08 -28.65
CA PRO D 387 -19.69 56.34 -27.93
C PRO D 387 -21.16 56.78 -27.99
N TYR D 388 -21.94 56.25 -28.94
CA TYR D 388 -23.31 56.71 -29.16
C TYR D 388 -24.39 55.90 -28.46
N LEU D 389 -23.99 54.81 -27.80
CA LEU D 389 -24.95 53.80 -27.34
C LEU D 389 -25.75 54.18 -26.08
N GLU D 390 -25.12 54.93 -25.17
CA GLU D 390 -25.76 55.29 -23.91
C GLU D 390 -26.89 56.29 -24.14
N THR D 391 -26.56 57.39 -24.82
CA THR D 391 -27.58 58.36 -25.16
C THR D 391 -28.66 57.69 -26.01
N TYR D 392 -28.25 56.78 -26.88
CA TYR D 392 -29.21 56.04 -27.68
C TYR D 392 -30.19 55.31 -26.76
N THR D 393 -29.67 54.71 -25.69
CA THR D 393 -30.53 53.97 -24.77
C THR D 393 -31.56 54.91 -24.16
N GLU D 394 -31.08 56.08 -23.74
CA GLU D 394 -31.94 57.12 -23.18
C GLU D 394 -33.05 57.48 -24.15
N ASP D 395 -32.67 57.83 -25.37
CA ASP D 395 -33.63 58.28 -26.36
C ASP D 395 -34.62 57.19 -26.72
N ALA D 396 -34.14 55.95 -26.77
CA ALA D 396 -34.95 54.80 -27.16
C ALA D 396 -36.05 54.54 -26.15
N ALA D 397 -35.68 54.63 -24.87
CA ALA D 397 -36.63 54.41 -23.78
C ALA D 397 -37.81 55.36 -23.92
N VAL D 398 -37.51 56.58 -24.34
CA VAL D 398 -38.55 57.57 -24.53
C VAL D 398 -39.46 57.17 -25.69
N GLU D 399 -38.85 56.87 -26.83
CA GLU D 399 -39.64 56.60 -28.03
C GLU D 399 -40.51 55.35 -27.90
N LEU D 400 -39.95 54.27 -27.37
CA LEU D 400 -40.78 53.08 -27.21
C LEU D 400 -41.85 53.33 -26.15
N SER D 401 -41.55 54.18 -25.18
CA SER D 401 -42.56 54.60 -24.21
C SER D 401 -43.75 55.30 -24.91
N LYS D 402 -43.45 56.12 -25.92
CA LYS D 402 -44.50 56.72 -26.76
C LYS D 402 -45.29 55.65 -27.53
N GLU D 403 -44.59 54.63 -28.04
CA GLU D 403 -45.21 53.61 -28.88
C GLU D 403 -45.95 52.48 -28.13
N LEU D 404 -45.39 52.02 -27.03
CA LEU D 404 -46.00 50.92 -26.30
C LEU D 404 -47.11 51.37 -25.35
N ASN D 405 -48.12 50.52 -25.21
CA ASN D 405 -49.13 50.70 -24.16
C ASN D 405 -48.80 49.73 -23.03
N GLY D 406 -48.28 50.27 -21.94
CA GLY D 406 -47.64 49.46 -20.92
C GLY D 406 -46.20 49.16 -21.30
N LYS D 407 -45.34 48.92 -20.31
CA LYS D 407 -43.94 48.66 -20.56
C LYS D 407 -43.69 47.35 -21.30
N PRO D 408 -42.43 47.08 -21.63
CA PRO D 408 -42.02 45.86 -22.34
C PRO D 408 -42.17 44.67 -21.42
N ASP D 409 -42.69 43.54 -21.91
CA ASP D 409 -42.67 42.32 -21.11
C ASP D 409 -41.44 41.46 -21.39
N LEU D 410 -40.75 41.74 -22.49
CA LEU D 410 -39.51 41.04 -22.84
C LEU D 410 -38.61 41.94 -23.67
N ILE D 411 -37.31 41.86 -23.43
CA ILE D 411 -36.34 42.62 -24.21
C ILE D 411 -35.25 41.69 -24.72
N ILE D 412 -35.07 41.64 -26.04
CA ILE D 412 -34.01 40.81 -26.62
C ILE D 412 -32.91 41.64 -27.25
N GLY D 413 -31.69 41.46 -26.75
CA GLY D 413 -30.53 42.12 -27.31
C GLY D 413 -29.95 41.32 -28.46
N ASN D 414 -29.33 42.02 -29.41
CA ASN D 414 -28.72 41.39 -30.57
C ASN D 414 -27.33 41.96 -30.85
N TYR D 415 -26.37 41.06 -30.96
CA TYR D 415 -24.94 41.34 -31.12
C TYR D 415 -24.41 42.23 -29.98
N SER D 416 -23.33 42.94 -30.20
CA SER D 416 -22.64 43.53 -29.07
C SER D 416 -23.33 44.80 -28.65
N ASP D 417 -23.60 45.68 -29.61
CA ASP D 417 -24.22 46.96 -29.32
C ASP D 417 -25.62 46.73 -28.79
N GLY D 418 -26.39 45.94 -29.53
CA GLY D 418 -27.73 45.59 -29.12
C GLY D 418 -27.78 44.98 -27.74
N ASN D 419 -26.90 44.01 -27.47
CA ASN D 419 -26.85 43.38 -26.15
C ASN D 419 -26.54 44.40 -25.06
N LEU D 420 -25.64 45.32 -25.38
CA LEU D 420 -25.29 46.42 -24.50
C LEU D 420 -26.52 47.29 -24.20
N VAL D 421 -27.15 47.77 -25.26
CA VAL D 421 -28.30 48.65 -25.09
C VAL D 421 -29.43 47.91 -24.41
N ALA D 422 -29.57 46.64 -24.77
CA ALA D 422 -30.67 45.83 -24.27
C ALA D 422 -30.49 45.63 -22.78
N SER D 423 -29.23 45.60 -22.35
CA SER D 423 -28.96 45.41 -20.94
C SER D 423 -29.29 46.66 -20.13
N LEU D 424 -28.90 47.82 -20.66
CA LEU D 424 -29.22 49.09 -20.00
C LEU D 424 -30.73 49.31 -19.89
N LEU D 425 -31.48 48.97 -20.93
CA LEU D 425 -32.93 49.15 -20.85
C LEU D 425 -33.58 48.22 -19.84
N ALA D 426 -33.24 46.93 -19.93
CA ALA D 426 -33.77 45.92 -19.02
C ALA D 426 -33.61 46.33 -17.55
N HIS D 427 -32.48 46.97 -17.26
CA HIS D 427 -32.20 47.46 -15.92
C HIS D 427 -33.08 48.66 -15.61
N LYS D 428 -33.12 49.62 -16.52
CA LYS D 428 -33.94 50.82 -16.39
C LYS D 428 -35.43 50.51 -16.17
N LEU D 429 -35.98 49.64 -17.00
CA LEU D 429 -37.42 49.40 -16.95
C LEU D 429 -37.78 48.16 -16.16
N GLY D 430 -36.79 47.40 -15.71
CA GLY D 430 -37.09 46.19 -14.98
C GLY D 430 -37.84 45.19 -15.84
N VAL D 431 -37.22 44.77 -16.94
CA VAL D 431 -37.82 43.81 -17.85
C VAL D 431 -36.95 42.56 -18.02
N THR D 432 -37.59 41.39 -18.09
CA THR D 432 -36.88 40.14 -18.35
C THR D 432 -36.03 40.30 -19.62
N GLN D 433 -34.76 39.93 -19.54
CA GLN D 433 -33.83 40.11 -20.65
C GLN D 433 -33.34 38.81 -21.25
N CYS D 434 -33.25 38.80 -22.58
CA CYS D 434 -32.64 37.74 -23.34
C CYS D 434 -31.57 38.38 -24.20
N THR D 435 -30.49 37.66 -24.49
CA THR D 435 -29.49 38.15 -25.45
C THR D 435 -29.14 37.10 -26.51
N ILE D 436 -28.79 37.57 -27.70
CA ILE D 436 -28.38 36.70 -28.80
C ILE D 436 -27.12 37.28 -29.45
N ALA D 437 -26.03 36.53 -29.45
CA ALA D 437 -24.77 37.09 -29.94
C ALA D 437 -24.76 37.33 -31.45
N HIS D 438 -25.21 36.33 -32.21
CA HIS D 438 -25.22 36.37 -33.68
C HIS D 438 -23.81 36.25 -34.22
N ALA D 439 -22.84 36.55 -33.36
CA ALA D 439 -21.43 36.39 -33.65
C ALA D 439 -20.69 36.93 -32.44
N LEU D 440 -19.45 36.48 -32.26
CA LEU D 440 -18.60 36.94 -31.18
C LEU D 440 -17.23 37.19 -31.78
N GLU D 441 -16.81 38.45 -31.80
CA GLU D 441 -15.69 38.83 -32.63
C GLU D 441 -14.41 38.16 -32.18
N LYS D 442 -14.29 37.91 -30.89
CA LYS D 442 -13.08 37.32 -30.37
C LYS D 442 -12.73 36.01 -31.09
N THR D 443 -13.73 35.29 -31.59
CA THR D 443 -13.45 34.09 -32.38
C THR D 443 -13.31 34.31 -33.88
N LYS D 444 -13.79 35.44 -34.37
CA LYS D 444 -13.66 35.71 -35.79
C LYS D 444 -12.28 36.26 -36.06
N TYR D 445 -11.70 36.90 -35.06
CA TYR D 445 -10.39 37.53 -35.21
C TYR D 445 -9.41 36.92 -34.23
N PRO D 446 -8.76 35.81 -34.64
CA PRO D 446 -7.87 35.05 -33.76
C PRO D 446 -6.85 35.92 -33.04
N ASP D 447 -6.65 35.58 -31.77
CA ASP D 447 -5.68 36.26 -30.93
C ASP D 447 -5.93 37.77 -30.85
N SER D 448 -7.19 38.17 -31.04
CA SER D 448 -7.55 39.58 -30.99
C SER D 448 -7.70 40.06 -29.56
N ASP D 449 -7.74 39.13 -28.61
CA ASP D 449 -7.70 39.50 -27.20
C ASP D 449 -6.28 39.86 -26.75
N ILE D 450 -5.33 38.97 -27.04
CA ILE D 450 -3.98 39.17 -26.55
C ILE D 450 -3.29 40.25 -27.37
N TYR D 451 -3.70 40.38 -28.63
CA TYR D 451 -3.21 41.41 -29.53
C TYR D 451 -4.11 42.66 -29.65
N TRP D 452 -5.07 42.76 -28.74
CA TRP D 452 -6.07 43.81 -28.79
C TRP D 452 -5.53 45.21 -29.07
N LYS D 453 -4.40 45.54 -28.47
CA LYS D 453 -3.92 46.92 -28.47
C LYS D 453 -3.52 47.42 -29.86
N LYS D 454 -2.84 46.58 -30.63
CA LYS D 454 -2.43 46.97 -31.97
C LYS D 454 -3.65 47.06 -32.89
N LEU D 455 -4.76 46.47 -32.46
CA LEU D 455 -5.97 46.43 -33.27
C LEU D 455 -6.97 47.54 -32.93
N ASP D 456 -6.67 48.35 -31.94
CA ASP D 456 -7.72 49.17 -31.35
C ASP D 456 -8.14 50.46 -32.08
N ASP D 457 -7.20 51.16 -32.69
CA ASP D 457 -7.56 52.35 -33.43
C ASP D 457 -8.57 51.96 -34.50
N LYS D 458 -8.41 50.75 -35.01
CA LYS D 458 -9.22 50.25 -36.11
C LYS D 458 -10.52 49.57 -35.65
N TYR D 459 -10.41 48.48 -34.89
CA TYR D 459 -11.56 47.70 -34.40
C TYR D 459 -12.18 48.04 -33.02
N HIS D 460 -11.48 48.79 -32.18
CA HIS D 460 -12.00 49.12 -30.84
C HIS D 460 -12.52 47.90 -30.05
N PHE D 461 -11.88 46.76 -30.26
CA PHE D 461 -12.21 45.52 -29.56
C PHE D 461 -12.15 45.61 -28.03
N SER D 462 -11.47 46.62 -27.49
CA SER D 462 -11.45 46.82 -26.05
C SER D 462 -12.81 47.29 -25.56
N CYS D 463 -13.48 48.08 -26.39
CA CYS D 463 -14.87 48.47 -26.13
C CYS D 463 -15.80 47.27 -26.27
N GLN D 464 -15.59 46.50 -27.33
CA GLN D 464 -16.54 45.47 -27.69
C GLN D 464 -16.45 44.24 -26.80
N PHE D 465 -15.23 43.80 -26.50
CA PHE D 465 -15.09 42.65 -25.60
C PHE D 465 -15.69 43.01 -24.25
N THR D 466 -15.49 44.25 -23.82
CA THR D 466 -16.09 44.71 -22.57
C THR D 466 -17.62 44.59 -22.61
N ALA D 467 -18.23 45.08 -23.68
CA ALA D 467 -19.68 45.02 -23.83
C ALA D 467 -20.13 43.57 -23.84
N ASP D 468 -19.40 42.74 -24.58
CA ASP D 468 -19.78 41.33 -24.71
C ASP D 468 -19.80 40.65 -23.36
N ILE D 469 -18.68 40.74 -22.66
CA ILE D 469 -18.54 40.19 -21.32
C ILE D 469 -19.66 40.70 -20.43
N PHE D 470 -19.94 42.00 -20.56
CA PHE D 470 -20.97 42.67 -19.78
C PHE D 470 -22.36 42.10 -20.04
N ALA D 471 -22.81 42.16 -21.29
CA ALA D 471 -24.16 41.70 -21.65
C ALA D 471 -24.35 40.23 -21.32
N MET D 472 -23.30 39.46 -21.61
CA MET D 472 -23.23 38.03 -21.34
C MET D 472 -23.65 37.65 -19.91
N ASN D 473 -23.11 38.34 -18.91
CA ASN D 473 -23.47 38.06 -17.52
C ASN D 473 -24.66 38.88 -17.01
N HIS D 474 -24.99 39.94 -17.73
CA HIS D 474 -26.06 40.82 -17.28
C HIS D 474 -27.44 40.23 -17.61
N THR D 475 -27.51 39.42 -18.65
CA THR D 475 -28.79 38.94 -19.15
C THR D 475 -29.43 37.83 -18.29
N ASP D 476 -30.74 37.70 -18.43
CA ASP D 476 -31.49 36.64 -17.75
C ASP D 476 -31.30 35.31 -18.42
N PHE D 477 -31.55 35.25 -19.73
CA PHE D 477 -31.19 34.06 -20.49
C PHE D 477 -30.47 34.37 -21.80
N ILE D 478 -29.91 33.34 -22.42
CA ILE D 478 -29.19 33.46 -23.67
C ILE D 478 -29.61 32.41 -24.67
N ILE D 479 -29.90 32.85 -25.89
CA ILE D 479 -30.19 31.94 -26.98
C ILE D 479 -28.98 31.82 -27.91
N THR D 480 -28.68 30.59 -28.29
CA THR D 480 -27.67 30.35 -29.31
C THR D 480 -28.33 29.61 -30.45
N SER D 481 -27.71 29.65 -31.63
CA SER D 481 -28.26 28.98 -32.79
C SER D 481 -27.78 27.55 -32.89
N THR D 482 -26.71 27.22 -32.17
CA THR D 482 -26.14 25.87 -32.21
C THR D 482 -25.47 25.51 -30.91
N PHE D 483 -25.24 24.23 -30.69
CA PHE D 483 -24.41 23.80 -29.58
C PHE D 483 -23.00 24.39 -29.67
N GLN D 484 -22.38 24.31 -30.84
CA GLN D 484 -20.98 24.75 -30.97
C GLN D 484 -20.77 26.23 -30.61
N GLU D 485 -21.78 27.06 -30.83
CA GLU D 485 -21.72 28.46 -30.40
C GLU D 485 -21.44 28.59 -28.90
N ILE D 486 -21.95 27.65 -28.10
CA ILE D 486 -21.64 27.59 -26.68
C ILE D 486 -20.35 26.83 -26.37
N ALA D 487 -20.41 25.49 -26.47
CA ALA D 487 -19.30 24.62 -26.08
C ALA D 487 -18.41 23.99 -27.18
N GLY D 488 -18.67 24.31 -28.45
CA GLY D 488 -17.86 23.77 -29.54
C GLY D 488 -18.05 22.30 -29.85
N SER D 489 -16.96 21.60 -30.13
CA SER D 489 -16.99 20.17 -30.43
C SER D 489 -16.05 19.44 -29.47
N LYS D 490 -15.83 18.16 -29.69
CA LYS D 490 -14.90 17.42 -28.84
C LYS D 490 -13.48 17.95 -28.95
N GLU D 491 -13.02 18.19 -30.17
CA GLU D 491 -11.67 18.72 -30.41
C GLU D 491 -11.50 20.23 -30.26
N THR D 492 -12.46 21.01 -30.74
CA THR D 492 -12.30 22.47 -30.77
C THR D 492 -13.24 23.23 -29.82
N VAL D 493 -12.78 24.40 -29.37
CA VAL D 493 -13.47 25.20 -28.36
C VAL D 493 -14.66 25.98 -28.90
N GLY D 494 -15.65 26.22 -28.05
CA GLY D 494 -16.83 26.98 -28.42
C GLY D 494 -16.64 28.50 -28.48
N GLN D 495 -17.62 29.20 -29.04
CA GLN D 495 -17.54 30.65 -29.17
C GLN D 495 -17.60 31.34 -27.80
N TYR D 496 -18.60 30.98 -27.02
CA TYR D 496 -18.69 31.44 -25.63
C TYR D 496 -17.58 30.84 -24.76
N GLU D 497 -17.36 29.53 -24.91
CA GLU D 497 -16.38 28.85 -24.10
C GLU D 497 -15.04 29.56 -24.17
N SER D 498 -14.79 30.25 -25.28
CA SER D 498 -13.53 30.95 -25.48
C SER D 498 -13.46 32.24 -24.67
N HIS D 499 -14.58 32.60 -24.07
CA HIS D 499 -14.62 33.79 -23.22
C HIS D 499 -14.48 33.46 -21.74
N THR D 500 -14.35 32.17 -21.44
CA THR D 500 -14.20 31.72 -20.05
C THR D 500 -12.94 32.29 -19.44
N ALA D 501 -11.80 32.06 -20.10
CA ALA D 501 -10.58 32.66 -19.61
C ALA D 501 -9.79 33.37 -20.71
N PHE D 502 -9.73 34.70 -20.63
CA PHE D 502 -8.87 35.43 -21.55
C PHE D 502 -8.31 36.69 -20.89
N THR D 503 -7.44 37.38 -21.61
CA THR D 503 -6.77 38.55 -21.06
C THR D 503 -6.50 39.56 -22.17
N LEU D 504 -6.64 40.84 -21.85
CA LEU D 504 -6.28 41.91 -22.76
C LEU D 504 -5.17 42.69 -22.08
N PRO D 505 -3.92 42.28 -22.30
CA PRO D 505 -2.79 42.82 -21.52
C PRO D 505 -2.71 44.34 -21.56
N GLY D 506 -2.63 44.94 -20.38
CA GLY D 506 -2.60 46.38 -20.27
C GLY D 506 -3.98 46.95 -19.93
N LEU D 507 -5.02 46.15 -20.11
CA LEU D 507 -6.38 46.61 -19.89
C LEU D 507 -7.00 45.90 -18.69
N TYR D 508 -7.34 44.64 -18.88
CA TYR D 508 -7.71 43.79 -17.76
C TYR D 508 -7.57 42.31 -18.09
N ARG D 509 -7.94 41.47 -17.14
CA ARG D 509 -7.76 40.02 -17.25
C ARG D 509 -9.03 39.29 -16.82
N VAL D 510 -9.60 38.47 -17.69
CA VAL D 510 -10.86 37.84 -17.36
C VAL D 510 -10.53 36.43 -16.87
N VAL D 511 -10.61 36.24 -15.55
CA VAL D 511 -10.22 34.97 -14.95
C VAL D 511 -11.30 33.92 -15.16
N HIS D 512 -12.54 34.27 -14.85
CA HIS D 512 -13.67 33.48 -15.29
C HIS D 512 -14.73 34.46 -15.80
N GLY D 513 -14.94 34.51 -17.11
CA GLY D 513 -15.89 35.47 -17.67
C GLY D 513 -17.23 34.89 -18.06
N ILE D 514 -17.26 33.58 -18.32
CA ILE D 514 -18.52 32.90 -18.54
C ILE D 514 -18.27 31.42 -18.38
N ASP D 515 -19.31 30.64 -18.09
CA ASP D 515 -19.14 29.21 -17.93
C ASP D 515 -20.08 28.46 -18.84
N VAL D 516 -19.49 27.65 -19.72
CA VAL D 516 -20.25 26.94 -20.75
C VAL D 516 -21.40 26.16 -20.14
N PHE D 517 -21.34 25.90 -18.84
CA PHE D 517 -22.34 25.08 -18.16
C PHE D 517 -23.46 25.92 -17.54
N ASP D 518 -23.36 27.23 -17.70
CA ASP D 518 -24.36 28.12 -17.13
C ASP D 518 -25.78 27.74 -17.58
N PRO D 519 -26.68 27.57 -16.61
CA PRO D 519 -28.07 27.21 -16.84
C PRO D 519 -28.81 28.23 -17.71
N LYS D 520 -28.22 29.40 -17.95
CA LYS D 520 -28.91 30.41 -18.75
C LYS D 520 -28.80 30.18 -20.26
N PHE D 521 -27.88 29.30 -20.68
CA PHE D 521 -27.70 29.01 -22.11
C PHE D 521 -28.79 28.11 -22.67
N ASN D 522 -29.51 28.58 -23.67
CA ASN D 522 -30.48 27.73 -24.35
C ASN D 522 -30.29 27.74 -25.86
N ILE D 523 -30.17 26.56 -26.44
CA ILE D 523 -30.07 26.43 -27.89
C ILE D 523 -31.47 26.44 -28.49
N VAL D 524 -31.79 27.45 -29.29
CA VAL D 524 -33.03 27.47 -30.05
C VAL D 524 -32.68 27.78 -31.48
N SER D 525 -32.82 26.81 -32.36
CA SER D 525 -32.28 26.95 -33.69
C SER D 525 -33.26 27.64 -34.62
N PRO D 526 -32.75 28.59 -35.40
CA PRO D 526 -33.52 29.34 -36.41
C PRO D 526 -33.72 28.52 -37.67
N GLY D 527 -34.27 29.18 -38.68
CA GLY D 527 -34.56 28.55 -39.97
C GLY D 527 -34.56 29.58 -41.08
N ALA D 528 -34.96 29.15 -42.26
CA ALA D 528 -35.09 30.06 -43.39
C ALA D 528 -36.57 30.12 -43.68
N ASP D 529 -37.01 31.19 -44.30
CA ASP D 529 -38.44 31.36 -44.51
C ASP D 529 -38.91 30.49 -45.66
N MET D 530 -39.78 29.53 -45.34
CA MET D 530 -40.14 28.47 -46.27
C MET D 530 -41.04 28.94 -47.42
N SER D 531 -41.48 30.19 -47.37
CA SER D 531 -42.17 30.78 -48.52
C SER D 531 -41.16 31.31 -49.56
N ILE D 532 -40.03 31.78 -49.05
CA ILE D 532 -38.95 32.27 -49.88
C ILE D 532 -38.01 31.17 -50.40
N TYR D 533 -37.70 30.24 -49.51
CA TYR D 533 -36.73 29.19 -49.80
C TYR D 533 -37.38 27.81 -49.73
N PHE D 534 -37.31 27.07 -50.83
CA PHE D 534 -37.89 25.74 -50.89
C PHE D 534 -37.18 24.93 -51.97
N PRO D 535 -37.53 23.65 -52.07
CA PRO D 535 -36.80 22.75 -52.96
C PRO D 535 -36.91 23.15 -54.43
N TYR D 536 -35.80 23.13 -55.15
CA TYR D 536 -35.77 23.59 -56.54
C TYR D 536 -36.68 22.74 -57.42
N THR D 537 -37.14 21.62 -56.87
CA THR D 537 -37.85 20.62 -57.65
C THR D 537 -39.37 20.78 -57.63
N GLU D 538 -39.90 21.83 -57.02
CA GLU D 538 -41.34 22.00 -57.11
C GLU D 538 -41.66 23.06 -58.16
N GLU D 539 -42.05 22.59 -59.35
CA GLU D 539 -42.17 23.48 -60.51
C GLU D 539 -43.25 24.52 -60.30
N LYS D 540 -44.37 24.09 -59.73
CA LYS D 540 -45.51 24.96 -59.50
C LYS D 540 -45.08 26.26 -58.82
N ARG D 541 -44.21 26.13 -57.82
CA ARG D 541 -43.81 27.27 -57.00
C ARG D 541 -42.61 28.04 -57.53
N ARG D 542 -41.89 27.46 -58.49
CA ARG D 542 -40.72 28.16 -59.04
C ARG D 542 -41.18 29.53 -59.57
N LEU D 543 -40.34 30.54 -59.39
CA LEU D 543 -40.72 31.87 -59.84
C LEU D 543 -40.03 32.10 -61.15
N THR D 544 -40.78 31.95 -62.23
CA THR D 544 -40.19 31.99 -63.54
C THR D 544 -40.04 33.41 -64.04
N LYS D 545 -40.84 34.31 -63.46
CA LYS D 545 -40.84 35.70 -63.91
C LYS D 545 -39.51 36.35 -63.62
N PHE D 546 -38.67 35.68 -62.84
CA PHE D 546 -37.35 36.20 -62.51
C PHE D 546 -36.27 35.70 -63.47
N HIS D 547 -36.63 34.75 -64.34
CA HIS D 547 -35.60 34.08 -65.11
C HIS D 547 -34.84 34.96 -66.08
N SER D 548 -35.53 35.96 -66.63
CA SER D 548 -34.88 36.90 -67.54
C SER D 548 -33.76 37.64 -66.82
N GLU D 549 -34.10 38.27 -65.69
CA GLU D 549 -33.11 38.97 -64.88
C GLU D 549 -31.96 38.05 -64.45
N ILE D 550 -32.30 36.89 -63.90
CA ILE D 550 -31.28 36.00 -63.37
C ILE D 550 -30.30 35.61 -64.48
N GLU D 551 -30.83 35.36 -65.66
CA GLU D 551 -29.97 34.97 -66.78
C GLU D 551 -29.05 36.11 -67.19
N GLU D 552 -29.53 37.36 -67.09
CA GLU D 552 -28.69 38.48 -67.49
C GLU D 552 -27.62 38.66 -66.42
N LEU D 553 -28.03 38.42 -65.19
CA LEU D 553 -27.20 38.64 -64.02
C LEU D 553 -26.02 37.68 -64.03
N LEU D 554 -26.29 36.42 -64.42
CA LEU D 554 -25.27 35.39 -64.49
C LEU D 554 -24.51 35.43 -65.81
N TYR D 555 -25.23 35.25 -66.91
CA TYR D 555 -24.64 34.94 -68.20
C TYR D 555 -24.41 36.08 -69.19
N SER D 556 -24.81 37.29 -68.82
CA SER D 556 -24.73 38.42 -69.74
C SER D 556 -23.28 38.75 -70.07
N ASP D 557 -23.09 39.48 -71.17
CA ASP D 557 -21.75 39.90 -71.59
C ASP D 557 -21.38 41.31 -71.13
N VAL D 558 -22.25 41.95 -70.35
CA VAL D 558 -21.99 43.31 -69.90
C VAL D 558 -21.20 43.33 -68.59
N GLU D 559 -20.14 44.15 -68.52
CA GLU D 559 -19.36 44.28 -67.30
C GLU D 559 -19.51 45.67 -66.70
N ASN D 560 -20.06 45.73 -65.49
CA ASN D 560 -20.33 47.01 -64.85
C ASN D 560 -20.40 46.86 -63.33
N LYS D 561 -20.86 47.92 -62.66
CA LYS D 561 -20.86 47.92 -61.22
C LYS D 561 -21.75 46.83 -60.62
N GLU D 562 -22.71 46.36 -61.40
CA GLU D 562 -23.53 45.21 -60.97
C GLU D 562 -22.80 43.87 -61.11
N HIS D 563 -22.07 43.68 -62.21
CA HIS D 563 -21.31 42.44 -62.37
C HIS D 563 -20.06 42.57 -63.21
N LEU D 564 -19.03 41.84 -62.82
CA LEU D 564 -17.71 41.90 -63.43
C LEU D 564 -17.31 40.56 -64.05
N CYS D 565 -16.44 40.62 -65.03
CA CYS D 565 -16.16 39.56 -66.00
C CYS D 565 -17.39 38.99 -66.71
N VAL D 566 -17.24 37.78 -67.24
CA VAL D 566 -18.27 37.19 -68.09
C VAL D 566 -18.11 35.67 -68.13
N LEU D 567 -19.21 34.95 -68.11
CA LEU D 567 -19.12 33.49 -68.20
C LEU D 567 -19.16 33.03 -69.65
N LYS D 568 -18.10 32.35 -70.06
CA LYS D 568 -17.94 31.88 -71.43
C LYS D 568 -18.88 30.73 -71.78
N ASP D 569 -18.93 29.69 -70.94
CA ASP D 569 -19.80 28.55 -71.22
C ASP D 569 -21.01 28.51 -70.27
N LYS D 570 -22.16 28.89 -70.80
CA LYS D 570 -23.39 29.00 -70.02
C LYS D 570 -23.91 27.63 -69.54
N LYS D 571 -23.29 26.56 -70.02
CA LYS D 571 -23.81 25.21 -69.79
C LYS D 571 -23.22 24.43 -68.61
N LYS D 572 -22.14 24.94 -68.00
CA LYS D 572 -21.48 24.25 -66.89
C LYS D 572 -22.30 24.38 -65.60
N PRO D 573 -21.99 23.55 -64.59
CA PRO D 573 -22.55 23.74 -63.26
C PRO D 573 -21.98 25.02 -62.67
N ILE D 574 -22.68 25.59 -61.68
CA ILE D 574 -22.19 26.81 -61.05
C ILE D 574 -21.82 26.60 -59.58
N LEU D 575 -20.62 27.04 -59.24
CA LEU D 575 -20.15 27.02 -57.88
C LEU D 575 -20.51 28.40 -57.34
N PHE D 576 -21.48 28.44 -56.42
CA PHE D 576 -22.09 29.69 -56.01
C PHE D 576 -21.72 30.11 -54.59
N THR D 577 -21.63 31.41 -54.36
CA THR D 577 -21.52 31.95 -53.01
C THR D 577 -22.13 33.36 -52.94
N MET D 578 -22.69 33.68 -51.78
CA MET D 578 -23.26 35.00 -51.53
C MET D 578 -23.05 35.38 -50.06
N ALA D 579 -22.61 36.62 -49.83
CA ALA D 579 -22.33 37.11 -48.48
C ALA D 579 -21.93 38.58 -48.46
N ARG D 580 -21.90 39.18 -47.28
CA ARG D 580 -21.26 40.47 -47.12
C ARG D 580 -19.80 40.30 -47.53
N LEU D 581 -19.18 41.35 -48.02
CA LEU D 581 -17.76 41.25 -48.37
C LEU D 581 -16.97 41.88 -47.24
N ASP D 582 -16.34 41.03 -46.44
CA ASP D 582 -15.39 41.46 -45.43
C ASP D 582 -14.28 40.41 -45.33
N ARG D 583 -13.29 40.65 -44.49
CA ARG D 583 -12.12 39.78 -44.53
C ARG D 583 -12.42 38.37 -44.03
N VAL D 584 -13.18 38.26 -42.95
CA VAL D 584 -13.46 36.96 -42.38
C VAL D 584 -14.27 36.07 -43.33
N LYS D 585 -15.23 36.66 -44.05
CA LYS D 585 -16.04 35.90 -44.99
C LYS D 585 -15.14 35.22 -46.02
N ASN D 586 -14.03 35.89 -46.33
CA ASN D 586 -12.90 35.30 -47.05
C ASN D 586 -13.24 34.81 -48.46
N LEU D 587 -14.02 35.59 -49.18
CA LEU D 587 -14.42 35.25 -50.55
C LEU D 587 -13.25 35.39 -51.51
N SER D 588 -12.41 36.38 -51.26
CA SER D 588 -11.22 36.56 -52.09
C SER D 588 -10.40 35.28 -52.02
N GLY D 589 -10.45 34.61 -50.87
CA GLY D 589 -9.76 33.36 -50.66
C GLY D 589 -10.26 32.28 -51.60
N LEU D 590 -11.58 32.09 -51.62
CA LEU D 590 -12.23 31.16 -52.55
C LEU D 590 -11.80 31.45 -53.97
N VAL D 591 -11.87 32.71 -54.36
CA VAL D 591 -11.46 33.11 -55.71
C VAL D 591 -10.08 32.58 -56.04
N GLU D 592 -9.16 32.66 -55.07
CA GLU D 592 -7.81 32.14 -55.29
C GLU D 592 -7.78 30.63 -55.40
N TRP D 593 -8.38 29.94 -54.42
CA TRP D 593 -8.46 28.49 -54.47
C TRP D 593 -8.94 28.11 -55.87
N TYR D 594 -10.03 28.74 -56.28
CA TYR D 594 -10.61 28.50 -57.59
C TYR D 594 -9.62 28.80 -58.74
N GLY D 595 -9.05 30.01 -58.73
CA GLY D 595 -8.12 30.42 -59.77
C GLY D 595 -6.95 29.47 -60.00
N LYS D 596 -6.46 28.87 -58.91
CA LYS D 596 -5.31 27.97 -58.97
C LYS D 596 -5.63 26.58 -59.49
N ASN D 597 -6.88 26.17 -59.38
CA ASN D 597 -7.20 24.76 -59.63
C ASN D 597 -7.80 24.58 -61.02
N THR D 598 -6.99 24.05 -61.94
CA THR D 598 -7.38 23.93 -63.35
C THR D 598 -8.49 22.92 -63.49
N ARG D 599 -8.41 21.88 -62.68
CA ARG D 599 -9.41 20.83 -62.67
C ARG D 599 -10.78 21.40 -62.28
N LEU D 600 -10.82 22.26 -61.28
CA LEU D 600 -12.09 22.81 -60.81
C LEU D 600 -12.61 23.90 -61.75
N ARG D 601 -11.72 24.64 -62.39
CA ARG D 601 -12.15 25.65 -63.35
C ARG D 601 -12.74 24.97 -64.58
N GLU D 602 -12.23 23.79 -64.88
CA GLU D 602 -12.69 23.05 -66.05
C GLU D 602 -14.08 22.52 -65.85
N LEU D 603 -14.37 22.15 -64.60
CA LEU D 603 -15.63 21.52 -64.22
C LEU D 603 -16.80 22.48 -63.99
N ALA D 604 -16.51 23.66 -63.47
CA ALA D 604 -17.58 24.57 -63.07
C ALA D 604 -17.20 26.05 -63.08
N ASN D 605 -18.20 26.90 -63.27
CA ASN D 605 -18.03 28.36 -63.22
C ASN D 605 -18.13 28.87 -61.80
N LEU D 606 -17.27 29.83 -61.45
CA LEU D 606 -17.38 30.45 -60.14
C LEU D 606 -18.23 31.73 -60.20
N VAL D 607 -19.28 31.74 -59.40
CA VAL D 607 -20.10 32.94 -59.23
C VAL D 607 -20.08 33.40 -57.77
N VAL D 608 -19.58 34.62 -57.55
CA VAL D 608 -19.51 35.18 -56.20
C VAL D 608 -20.29 36.47 -56.09
N VAL D 609 -21.33 36.47 -55.27
CA VAL D 609 -22.04 37.69 -54.92
C VAL D 609 -21.39 38.25 -53.67
N GLY D 610 -20.81 39.45 -53.77
CA GLY D 610 -20.43 40.19 -52.59
C GLY D 610 -19.98 41.61 -52.85
N GLY D 611 -20.22 42.47 -51.88
CA GLY D 611 -19.86 43.87 -52.01
C GLY D 611 -20.88 44.58 -52.89
N ASP D 612 -21.02 45.88 -52.70
CA ASP D 612 -21.85 46.65 -53.61
C ASP D 612 -20.98 47.63 -54.37
N ARG D 613 -20.75 47.35 -55.64
CA ARG D 613 -19.87 48.18 -56.45
C ARG D 613 -20.60 49.34 -57.12
N ARG D 614 -21.92 49.40 -56.87
CA ARG D 614 -22.75 50.51 -57.34
C ARG D 614 -22.25 51.82 -56.76
N LYS D 615 -21.74 51.76 -55.53
CA LYS D 615 -21.33 52.97 -54.82
C LYS D 615 -19.91 52.92 -54.24
N GLU D 616 -19.49 54.04 -53.68
CA GLU D 616 -18.19 54.14 -53.03
C GLU D 616 -18.28 53.41 -51.71
N SER D 617 -17.37 52.47 -51.50
CA SER D 617 -17.39 51.71 -50.27
C SER D 617 -16.78 52.50 -49.12
N LYS D 618 -17.55 52.67 -48.06
CA LYS D 618 -17.10 53.39 -46.88
C LYS D 618 -16.55 52.45 -45.80
N ASP D 619 -16.60 51.15 -46.05
CA ASP D 619 -16.15 50.17 -45.06
C ASP D 619 -14.71 49.74 -45.28
N ASN D 620 -13.95 49.65 -44.19
CA ASN D 620 -12.53 49.31 -44.30
C ASN D 620 -12.24 47.96 -44.93
N GLU D 621 -12.75 46.90 -44.32
CA GLU D 621 -12.46 45.56 -44.83
C GLU D 621 -12.99 45.38 -46.24
N GLU D 622 -14.23 45.80 -46.48
CA GLU D 622 -14.83 45.61 -47.80
C GLU D 622 -14.02 46.30 -48.89
N LYS D 623 -13.72 47.57 -48.69
CA LYS D 623 -12.86 48.28 -49.63
C LYS D 623 -11.60 47.45 -49.90
N ALA D 624 -10.95 47.01 -48.83
CA ALA D 624 -9.73 46.22 -48.95
C ALA D 624 -9.98 44.95 -49.74
N GLU D 625 -11.09 44.30 -49.40
CA GLU D 625 -11.43 43.01 -49.98
C GLU D 625 -11.73 43.16 -51.48
N MET D 626 -12.14 44.35 -51.91
CA MET D 626 -12.46 44.56 -53.32
C MET D 626 -11.21 44.66 -54.17
N LYS D 627 -10.16 45.25 -53.60
CA LYS D 627 -8.91 45.39 -54.31
C LYS D 627 -8.30 44.03 -54.56
N LYS D 628 -8.35 43.16 -53.55
CA LYS D 628 -7.90 41.79 -53.71
C LYS D 628 -8.65 41.16 -54.88
N MET D 629 -9.97 41.29 -54.86
CA MET D 629 -10.82 40.67 -55.86
C MET D 629 -10.39 41.09 -57.27
N TYR D 630 -10.11 42.38 -57.45
CA TYR D 630 -9.68 42.90 -58.73
C TYR D 630 -8.35 42.32 -59.18
N ASP D 631 -7.42 42.18 -58.25
CA ASP D 631 -6.12 41.57 -58.56
C ASP D 631 -6.29 40.12 -58.94
N LEU D 632 -7.06 39.40 -58.16
CA LEU D 632 -7.21 37.97 -58.36
C LEU D 632 -7.76 37.74 -59.74
N ILE D 633 -8.66 38.63 -60.15
CA ILE D 633 -9.22 38.56 -61.49
C ILE D 633 -8.11 38.64 -62.52
N GLU D 634 -7.19 39.58 -62.35
CA GLU D 634 -6.07 39.69 -63.27
C GLU D 634 -5.02 38.57 -63.11
N GLU D 635 -4.70 38.22 -61.87
CA GLU D 635 -3.63 37.25 -61.62
C GLU D 635 -3.92 35.89 -62.28
N TYR D 636 -5.08 35.34 -61.99
CA TYR D 636 -5.47 34.02 -62.48
C TYR D 636 -6.27 34.09 -63.78
N LYS D 637 -6.30 35.27 -64.38
CA LYS D 637 -7.02 35.48 -65.64
C LYS D 637 -8.40 34.84 -65.54
N LEU D 638 -9.20 35.36 -64.63
CA LEU D 638 -10.46 34.73 -64.27
C LEU D 638 -11.58 35.02 -65.25
N ASN D 639 -11.36 35.92 -66.21
CA ASN D 639 -12.41 36.18 -67.18
C ASN D 639 -12.77 34.91 -67.93
N GLY D 640 -14.06 34.64 -68.02
CA GLY D 640 -14.62 33.51 -68.73
C GLY D 640 -15.04 32.36 -67.84
N GLN D 641 -14.38 32.22 -66.69
CA GLN D 641 -14.82 31.25 -65.66
C GLN D 641 -15.55 31.85 -64.44
N PHE D 642 -15.61 33.18 -64.38
CA PHE D 642 -15.90 33.87 -63.11
C PHE D 642 -16.87 35.03 -63.31
N ARG D 643 -17.83 35.15 -62.40
CA ARG D 643 -18.77 36.26 -62.47
C ARG D 643 -18.93 36.89 -61.09
N TRP D 644 -18.50 38.15 -60.96
CA TRP D 644 -18.48 38.78 -59.66
C TRP D 644 -19.65 39.76 -59.49
N ILE D 645 -20.63 39.37 -58.68
CA ILE D 645 -21.90 40.08 -58.64
C ILE D 645 -21.98 40.94 -57.38
N SER D 646 -22.67 42.08 -57.48
CA SER D 646 -22.83 42.96 -56.32
C SER D 646 -24.01 42.51 -55.48
N SER D 647 -24.15 43.18 -54.35
CA SER D 647 -25.06 42.75 -53.32
C SER D 647 -26.43 42.52 -53.90
N GLN D 648 -26.99 41.36 -53.60
CA GLN D 648 -28.33 41.01 -54.05
C GLN D 648 -29.28 41.22 -52.89
N MET D 649 -30.11 42.25 -53.00
CA MET D 649 -30.86 42.74 -51.85
C MET D 649 -32.30 42.24 -51.70
N ASP D 650 -32.75 41.42 -52.66
CA ASP D 650 -34.14 41.00 -52.62
C ASP D 650 -34.25 39.52 -52.30
N ARG D 651 -34.67 39.23 -51.08
CA ARG D 651 -34.68 37.86 -50.63
C ARG D 651 -35.58 36.98 -51.53
N VAL D 652 -36.60 37.58 -52.12
CA VAL D 652 -37.54 36.82 -52.92
C VAL D 652 -36.86 36.35 -54.21
N ARG D 653 -36.21 37.25 -54.92
CA ARG D 653 -35.49 36.81 -56.11
C ARG D 653 -34.32 35.90 -55.72
N ASN D 654 -33.75 36.14 -54.54
CA ASN D 654 -32.64 35.33 -54.05
C ASN D 654 -33.00 33.86 -53.96
N GLY D 655 -34.23 33.58 -53.55
CA GLY D 655 -34.67 32.21 -53.42
C GLY D 655 -34.60 31.55 -54.78
N GLU D 656 -35.10 32.26 -55.78
CA GLU D 656 -35.05 31.75 -57.12
C GLU D 656 -33.59 31.55 -57.55
N LEU D 657 -32.74 32.53 -57.28
CA LEU D 657 -31.34 32.43 -57.67
C LEU D 657 -30.71 31.11 -57.22
N TYR D 658 -30.96 30.72 -55.97
CA TYR D 658 -30.42 29.48 -55.41
C TYR D 658 -30.90 28.30 -56.25
N ARG D 659 -32.20 28.27 -56.49
CA ARG D 659 -32.82 27.16 -57.20
C ARG D 659 -32.33 27.10 -58.63
N TYR D 660 -31.88 28.24 -59.15
CA TYR D 660 -31.35 28.30 -60.50
C TYR D 660 -29.94 27.65 -60.53
N ILE D 661 -29.14 27.95 -59.52
CA ILE D 661 -27.87 27.27 -59.32
C ILE D 661 -28.13 25.78 -59.26
N CYS D 662 -29.20 25.39 -58.58
CA CYS D 662 -29.63 24.00 -58.54
C CYS D 662 -29.88 23.41 -59.92
N ASP D 663 -30.40 24.23 -60.83
CA ASP D 663 -30.72 23.74 -62.16
C ASP D 663 -29.44 23.33 -62.91
N THR D 664 -28.37 24.10 -62.74
CA THR D 664 -27.12 23.80 -63.39
C THR D 664 -26.48 22.57 -62.77
N LYS D 665 -27.11 22.09 -61.69
CA LYS D 665 -26.57 20.96 -60.92
C LYS D 665 -25.24 21.33 -60.25
N GLY D 666 -25.22 22.53 -59.67
CA GLY D 666 -24.02 23.11 -59.08
C GLY D 666 -23.87 22.88 -57.58
N ALA D 667 -23.23 23.83 -56.91
CA ALA D 667 -22.98 23.69 -55.48
C ALA D 667 -22.87 25.06 -54.85
N PHE D 668 -23.18 25.13 -53.56
CA PHE D 668 -22.92 26.32 -52.77
C PHE D 668 -21.66 26.07 -51.96
N VAL D 669 -20.81 27.10 -51.83
CA VAL D 669 -19.62 26.99 -51.00
C VAL D 669 -19.49 28.18 -50.05
N GLN D 670 -19.11 27.91 -48.81
CA GLN D 670 -19.02 28.97 -47.79
C GLN D 670 -17.63 28.95 -47.14
N PRO D 671 -16.69 29.71 -47.73
CA PRO D 671 -15.29 29.58 -47.34
C PRO D 671 -14.84 30.51 -46.23
N ALA D 672 -15.63 30.67 -45.17
CA ALA D 672 -15.33 31.69 -44.17
C ALA D 672 -14.17 31.20 -43.34
N LEU D 673 -13.30 32.11 -42.94
CA LEU D 673 -12.25 31.75 -42.01
C LEU D 673 -12.91 31.35 -40.68
N TYR D 674 -13.96 32.08 -40.30
CA TYR D 674 -14.83 31.65 -39.21
C TYR D 674 -16.25 32.10 -39.52
N GLU D 675 -17.21 31.22 -39.25
CA GLU D 675 -18.62 31.54 -39.47
C GLU D 675 -19.45 31.24 -38.22
N ALA D 676 -20.05 32.28 -37.64
CA ALA D 676 -20.71 32.13 -36.33
C ALA D 676 -21.90 31.19 -36.43
N PHE D 677 -22.76 31.42 -37.41
CA PHE D 677 -23.86 30.51 -37.67
C PHE D 677 -23.94 30.06 -39.13
N GLY D 678 -24.13 31.02 -40.04
CA GLY D 678 -24.34 30.71 -41.44
C GLY D 678 -25.72 30.47 -42.02
N LEU D 679 -26.60 31.46 -41.89
CA LEU D 679 -27.91 31.37 -42.56
C LEU D 679 -27.88 30.98 -44.05
N THR D 680 -26.88 31.42 -44.82
CA THR D 680 -26.83 31.03 -46.24
C THR D 680 -26.63 29.51 -46.41
N VAL D 681 -25.89 28.90 -45.48
CA VAL D 681 -25.76 27.45 -45.45
C VAL D 681 -27.13 26.82 -45.33
N VAL D 682 -27.93 27.33 -44.41
CA VAL D 682 -29.29 26.85 -44.27
C VAL D 682 -30.10 27.17 -45.52
N GLU D 683 -29.95 28.38 -46.05
CA GLU D 683 -30.71 28.76 -47.24
C GLU D 683 -30.49 27.85 -48.45
N ALA D 684 -29.24 27.52 -48.74
CA ALA D 684 -28.93 26.64 -49.86
C ALA D 684 -29.45 25.23 -49.61
N MET D 685 -29.15 24.68 -48.44
CA MET D 685 -29.61 23.33 -48.13
C MET D 685 -31.13 23.23 -48.29
N THR D 686 -31.82 24.31 -47.92
CA THR D 686 -33.27 24.35 -47.94
C THR D 686 -33.81 24.33 -49.37
N CYS D 687 -33.06 24.90 -50.30
CA CYS D 687 -33.43 24.84 -51.71
C CYS D 687 -32.96 23.56 -52.38
N GLY D 688 -32.26 22.72 -51.62
CA GLY D 688 -31.73 21.49 -52.15
C GLY D 688 -30.43 21.65 -52.90
N LEU D 689 -29.71 22.75 -52.62
CA LEU D 689 -28.40 22.99 -53.21
C LEU D 689 -27.30 22.38 -52.35
N PRO D 690 -26.65 21.33 -52.87
CA PRO D 690 -25.53 20.70 -52.14
C PRO D 690 -24.50 21.74 -51.68
N THR D 691 -24.01 21.59 -50.46
CA THR D 691 -23.24 22.64 -49.80
C THR D 691 -21.90 22.22 -49.21
N PHE D 692 -20.91 23.06 -49.43
CA PHE D 692 -19.60 22.88 -48.83
C PHE D 692 -19.32 24.09 -47.95
N ALA D 693 -19.31 23.88 -46.64
CA ALA D 693 -19.13 25.01 -45.72
C ALA D 693 -17.88 24.89 -44.87
N THR D 694 -17.37 26.05 -44.47
CA THR D 694 -16.22 26.14 -43.57
C THR D 694 -16.46 25.28 -42.35
N CYS D 695 -15.40 24.61 -41.90
CA CYS D 695 -15.50 23.80 -40.69
C CYS D 695 -15.27 24.63 -39.40
N LYS D 696 -15.05 25.94 -39.57
CA LYS D 696 -14.80 26.81 -38.42
C LYS D 696 -16.04 27.59 -38.01
N GLY D 697 -16.63 27.21 -36.87
CA GLY D 697 -17.87 27.81 -36.40
C GLY D 697 -19.13 27.01 -36.69
N GLY D 698 -20.28 27.68 -36.65
CA GLY D 698 -21.58 27.02 -36.76
C GLY D 698 -21.80 25.99 -37.86
N PRO D 699 -21.29 26.26 -39.09
CA PRO D 699 -21.53 25.31 -40.19
C PRO D 699 -21.01 23.90 -39.88
N ALA D 700 -20.13 23.79 -38.87
CA ALA D 700 -19.60 22.48 -38.48
C ALA D 700 -20.71 21.62 -37.91
N GLU D 701 -21.62 22.25 -37.20
CA GLU D 701 -22.77 21.56 -36.63
C GLU D 701 -23.89 21.39 -37.65
N ILE D 702 -24.13 22.41 -38.47
CA ILE D 702 -25.24 22.36 -39.41
C ILE D 702 -25.16 21.17 -40.35
N ILE D 703 -23.96 20.90 -40.86
CA ILE D 703 -23.76 19.90 -41.89
C ILE D 703 -23.18 18.62 -41.32
N VAL D 704 -23.72 17.48 -41.72
CA VAL D 704 -23.10 16.21 -41.38
C VAL D 704 -22.31 15.74 -42.59
N HIS D 705 -20.99 15.78 -42.47
CA HIS D 705 -20.13 15.59 -43.63
C HIS D 705 -20.34 14.24 -44.27
N GLY D 706 -20.63 14.24 -45.56
CA GLY D 706 -20.91 13.02 -46.30
C GLY D 706 -22.41 12.77 -46.45
N LYS D 707 -23.19 13.42 -45.60
CA LYS D 707 -24.63 13.16 -45.53
C LYS D 707 -25.44 14.39 -45.95
N SER D 708 -25.30 15.48 -45.20
CA SER D 708 -26.04 16.72 -45.48
C SER D 708 -25.22 17.72 -46.28
N GLY D 709 -23.99 17.34 -46.61
CA GLY D 709 -23.10 18.23 -47.33
C GLY D 709 -21.67 17.95 -46.92
N PHE D 710 -20.75 18.84 -47.26
CA PHE D 710 -19.35 18.59 -46.95
C PHE D 710 -18.69 19.74 -46.19
N HIS D 711 -17.74 19.40 -45.33
CA HIS D 711 -16.95 20.38 -44.62
C HIS D 711 -15.68 20.63 -45.39
N ILE D 712 -15.20 21.86 -45.37
CA ILE D 712 -13.93 22.21 -45.97
C ILE D 712 -13.19 23.13 -44.99
N ASP D 713 -11.88 23.17 -45.10
CA ASP D 713 -11.07 23.94 -44.17
C ASP D 713 -10.48 25.15 -44.87
N PRO D 714 -10.91 26.36 -44.49
CA PRO D 714 -10.48 27.60 -45.14
C PRO D 714 -8.99 27.79 -45.02
N TYR D 715 -8.36 27.07 -44.09
CA TYR D 715 -6.91 27.10 -43.94
C TYR D 715 -6.15 26.16 -44.88
N HIS D 716 -6.82 25.15 -45.41
CA HIS D 716 -6.29 24.48 -46.58
C HIS D 716 -7.24 24.64 -47.74
N GLY D 717 -6.94 25.60 -48.61
CA GLY D 717 -7.85 25.98 -49.67
C GLY D 717 -7.74 25.11 -50.91
N ASP D 718 -6.51 24.72 -51.22
CA ASP D 718 -6.24 23.91 -52.39
C ASP D 718 -6.93 22.57 -52.22
N GLN D 719 -6.95 22.07 -50.98
CA GLN D 719 -7.69 20.88 -50.64
C GLN D 719 -9.18 21.15 -50.82
N ALA D 720 -9.63 22.30 -50.35
CA ALA D 720 -11.02 22.67 -50.53
C ALA D 720 -11.39 22.53 -52.01
N ALA D 721 -10.61 23.20 -52.87
CA ALA D 721 -10.86 23.19 -54.32
C ALA D 721 -10.89 21.78 -54.88
N ASP D 722 -9.86 21.00 -54.57
CA ASP D 722 -9.81 19.61 -54.99
C ASP D 722 -11.01 18.80 -54.49
N THR D 723 -11.42 19.02 -53.24
CA THR D 723 -12.65 18.39 -52.72
C THR D 723 -13.85 18.69 -53.62
N LEU D 724 -13.99 19.95 -54.01
CA LEU D 724 -15.05 20.38 -54.91
C LEU D 724 -14.93 19.72 -56.28
N ALA D 725 -13.71 19.75 -56.82
CA ALA D 725 -13.41 19.09 -58.09
C ALA D 725 -13.80 17.62 -58.03
N ASP D 726 -13.46 16.96 -56.93
CA ASP D 726 -13.91 15.59 -56.72
C ASP D 726 -15.43 15.50 -56.84
N PHE D 727 -16.15 16.36 -56.11
CA PHE D 727 -17.61 16.33 -56.13
C PHE D 727 -18.15 16.42 -57.57
N PHE D 728 -17.73 17.44 -58.31
CA PHE D 728 -18.26 17.63 -59.67
C PHE D 728 -17.90 16.48 -60.62
N THR D 729 -16.76 15.84 -60.37
CA THR D 729 -16.36 14.67 -61.15
C THR D 729 -17.25 13.47 -60.86
N LYS D 730 -17.47 13.18 -59.58
CA LYS D 730 -18.36 12.09 -59.21
C LYS D 730 -19.75 12.32 -59.81
N CYS D 731 -20.22 13.55 -59.70
CA CYS D 731 -21.56 13.91 -60.18
C CYS D 731 -21.70 13.70 -61.68
N LYS D 732 -20.62 14.00 -62.40
CA LYS D 732 -20.60 13.80 -63.85
C LYS D 732 -20.78 12.32 -64.19
N GLU D 733 -19.97 11.47 -63.55
CA GLU D 733 -20.04 10.03 -63.80
C GLU D 733 -21.32 9.42 -63.25
N ASP D 734 -21.82 9.98 -62.16
CA ASP D 734 -23.04 9.48 -61.53
C ASP D 734 -23.94 10.61 -61.00
N PRO D 735 -24.79 11.16 -61.87
CA PRO D 735 -25.56 12.36 -61.53
C PRO D 735 -26.44 12.12 -60.31
N SER D 736 -26.65 10.86 -59.94
CA SER D 736 -27.44 10.55 -58.75
C SER D 736 -26.67 10.89 -57.46
N HIS D 737 -25.36 11.02 -57.58
CA HIS D 737 -24.55 11.43 -56.43
C HIS D 737 -25.05 12.79 -55.98
N TRP D 738 -25.25 13.68 -56.94
CA TRP D 738 -25.76 15.01 -56.66
C TRP D 738 -27.06 14.90 -55.87
N ASP D 739 -28.02 14.15 -56.40
CA ASP D 739 -29.33 14.03 -55.77
C ASP D 739 -29.25 13.58 -54.34
N GLU D 740 -28.31 12.67 -54.07
CA GLU D 740 -28.11 12.09 -52.75
C GLU D 740 -27.89 13.17 -51.68
N ILE D 741 -26.97 14.09 -51.98
CA ILE D 741 -26.61 15.14 -51.05
C ILE D 741 -27.74 16.17 -50.92
N SER D 742 -28.34 16.50 -52.06
CA SER D 742 -29.45 17.43 -52.08
C SER D 742 -30.58 16.95 -51.17
N LYS D 743 -30.86 15.65 -51.19
CA LYS D 743 -31.85 15.09 -50.29
C LYS D 743 -31.33 15.08 -48.86
N GLY D 744 -30.09 14.65 -48.70
CA GLY D 744 -29.46 14.63 -47.40
C GLY D 744 -29.61 15.98 -46.74
N GLY D 745 -29.30 17.03 -47.50
CA GLY D 745 -29.40 18.38 -46.99
C GLY D 745 -30.81 18.75 -46.60
N LEU D 746 -31.75 18.54 -47.52
CA LEU D 746 -33.16 18.89 -47.31
C LEU D 746 -33.72 18.30 -46.03
N GLN D 747 -33.37 17.05 -45.76
CA GLN D 747 -33.82 16.34 -44.58
C GLN D 747 -33.23 16.97 -43.32
N ARG D 748 -31.92 17.20 -43.34
CA ARG D 748 -31.21 17.83 -42.23
C ARG D 748 -31.94 19.10 -41.79
N ILE D 749 -32.38 19.89 -42.76
CA ILE D 749 -33.09 21.11 -42.43
C ILE D 749 -34.45 20.85 -41.79
N GLU D 750 -35.20 19.90 -42.35
CA GLU D 750 -36.49 19.51 -41.79
C GLU D 750 -36.38 19.11 -40.31
N GLU D 751 -35.30 18.39 -39.99
CA GLU D 751 -35.09 17.83 -38.66
C GLU D 751 -34.57 18.88 -37.67
N LYS D 752 -33.77 19.81 -38.16
CA LYS D 752 -32.97 20.69 -37.32
C LYS D 752 -33.32 22.19 -37.33
N TYR D 753 -33.37 22.81 -38.51
CA TYR D 753 -33.57 24.27 -38.57
C TYR D 753 -34.87 24.77 -39.21
N THR D 754 -35.82 25.16 -38.36
CA THR D 754 -37.13 25.65 -38.81
C THR D 754 -37.78 26.54 -37.75
N TRP D 755 -38.60 27.48 -38.18
CA TRP D 755 -39.14 28.49 -37.27
C TRP D 755 -40.35 28.07 -36.44
N GLN D 756 -41.02 27.00 -36.84
CA GLN D 756 -42.28 26.63 -36.21
C GLN D 756 -42.14 26.51 -34.70
N ILE D 757 -41.14 25.74 -34.29
CA ILE D 757 -40.87 25.47 -32.87
C ILE D 757 -40.23 26.64 -32.11
N TYR D 758 -39.46 27.46 -32.81
CA TYR D 758 -38.66 28.54 -32.20
C TYR D 758 -39.46 29.43 -31.26
N SER D 759 -40.54 30.02 -31.76
CA SER D 759 -41.29 31.00 -30.98
C SER D 759 -41.79 30.42 -29.67
N GLN D 760 -42.44 29.27 -29.74
CA GLN D 760 -42.97 28.61 -28.57
C GLN D 760 -41.90 28.40 -27.52
N ARG D 761 -40.75 27.90 -27.96
CA ARG D 761 -39.60 27.75 -27.08
C ARG D 761 -39.26 29.08 -26.42
N LEU D 762 -39.22 30.15 -27.22
CA LEU D 762 -38.83 31.45 -26.69
C LEU D 762 -39.78 31.89 -25.60
N LEU D 763 -41.08 31.83 -25.89
CA LEU D 763 -42.07 32.30 -24.92
C LEU D 763 -42.02 31.50 -23.62
N THR D 764 -41.81 30.20 -23.73
CA THR D 764 -41.65 29.34 -22.57
C THR D 764 -40.42 29.74 -21.77
N LEU D 765 -39.30 29.91 -22.46
CA LEU D 765 -38.10 30.38 -21.79
C LEU D 765 -38.42 31.66 -21.02
N THR D 766 -39.09 32.58 -21.68
CA THR D 766 -39.42 33.88 -21.10
C THR D 766 -40.24 33.69 -19.83
N GLY D 767 -41.16 32.74 -19.87
CA GLY D 767 -41.95 32.42 -18.70
C GLY D 767 -41.10 31.96 -17.53
N VAL D 768 -40.28 30.94 -17.77
CA VAL D 768 -39.50 30.33 -16.68
C VAL D 768 -38.46 31.28 -16.11
N TYR D 769 -37.62 31.84 -16.97
CA TYR D 769 -36.62 32.77 -16.47
C TYR D 769 -37.26 34.00 -15.81
N GLY D 770 -38.42 34.39 -16.30
CA GLY D 770 -39.17 35.48 -15.70
C GLY D 770 -39.47 35.19 -14.24
N PHE D 771 -40.00 34.00 -13.98
CA PHE D 771 -40.24 33.58 -12.60
C PHE D 771 -38.92 33.43 -11.83
N TRP D 772 -37.97 32.72 -12.40
CA TRP D 772 -36.67 32.53 -11.76
C TRP D 772 -36.10 33.86 -11.29
N LYS D 773 -36.33 34.90 -12.09
CA LYS D 773 -35.86 36.25 -11.80
C LYS D 773 -36.27 36.70 -10.40
N HIS D 774 -37.50 36.40 -10.02
CA HIS D 774 -38.03 36.79 -8.72
C HIS D 774 -37.60 35.86 -7.59
N VAL D 775 -37.61 34.56 -7.84
CA VAL D 775 -37.18 33.60 -6.82
C VAL D 775 -35.75 33.88 -6.43
N SER D 776 -34.93 34.21 -7.41
CA SER D 776 -33.51 34.40 -7.21
C SER D 776 -33.06 35.84 -7.12
N ASN D 777 -33.98 36.78 -6.97
CA ASN D 777 -33.56 38.15 -7.03
C ASN D 777 -32.55 38.50 -5.97
N LEU D 778 -32.70 37.96 -4.78
CA LEU D 778 -31.84 38.36 -3.69
C LEU D 778 -30.37 38.08 -3.95
N ASP D 779 -30.06 36.93 -4.52
CA ASP D 779 -28.68 36.61 -4.85
C ASP D 779 -28.03 37.52 -5.87
N ARG D 780 -28.79 37.90 -6.88
CA ARG D 780 -28.26 38.56 -8.06
C ARG D 780 -28.04 40.04 -7.85
N LEU D 781 -28.26 40.51 -6.62
CA LEU D 781 -27.98 41.90 -6.29
C LEU D 781 -26.48 42.18 -6.26
N GLU D 782 -25.71 41.23 -5.75
CA GLU D 782 -24.26 41.37 -5.70
C GLU D 782 -23.72 41.44 -7.12
N ALA D 783 -24.28 40.64 -8.01
CA ALA D 783 -23.89 40.66 -9.42
C ALA D 783 -24.42 41.93 -10.07
N ARG D 784 -25.62 42.32 -9.69
CA ARG D 784 -26.24 43.52 -10.24
C ARG D 784 -25.29 44.70 -10.09
N ARG D 785 -24.72 44.84 -8.90
CA ARG D 785 -23.90 46.01 -8.57
C ARG D 785 -22.48 45.92 -9.12
N TYR D 786 -21.99 44.69 -9.27
CA TYR D 786 -20.68 44.43 -9.87
C TYR D 786 -20.73 44.82 -11.34
N LEU D 787 -21.72 44.29 -12.04
CA LEU D 787 -21.96 44.67 -13.43
C LEU D 787 -22.17 46.18 -13.60
N GLU D 788 -22.98 46.79 -12.75
CA GLU D 788 -23.20 48.23 -12.83
C GLU D 788 -21.88 48.96 -12.84
N MET D 789 -21.02 48.61 -11.89
CA MET D 789 -19.72 49.26 -11.76
C MET D 789 -18.83 49.00 -12.94
N PHE D 790 -18.94 47.80 -13.52
CA PHE D 790 -18.13 47.46 -14.70
C PHE D 790 -18.53 48.34 -15.87
N TYR D 791 -19.83 48.45 -16.11
CA TYR D 791 -20.33 49.32 -17.17
C TYR D 791 -19.89 50.76 -16.97
N ALA D 792 -20.02 51.24 -15.75
CA ALA D 792 -19.78 52.65 -15.46
C ALA D 792 -18.31 53.01 -15.49
N LEU D 793 -17.47 52.20 -14.87
CA LEU D 793 -16.07 52.54 -14.69
C LEU D 793 -15.10 51.93 -15.70
N LYS D 794 -15.61 51.06 -16.56
CA LYS D 794 -14.80 50.42 -17.59
C LYS D 794 -15.33 50.70 -19.01
N TYR D 795 -16.56 50.28 -19.30
CA TYR D 795 -17.14 50.59 -20.60
C TYR D 795 -17.20 52.09 -20.89
N ARG D 796 -17.87 52.86 -20.04
CA ARG D 796 -18.09 54.27 -20.36
C ARG D 796 -16.79 54.98 -20.74
N PRO D 797 -15.75 54.84 -19.92
CA PRO D 797 -14.46 55.45 -20.24
C PRO D 797 -13.95 55.00 -21.60
N LEU D 798 -13.97 53.69 -21.85
CA LEU D 798 -13.50 53.16 -23.12
C LEU D 798 -14.33 53.69 -24.28
N ALA D 799 -15.65 53.64 -24.13
CA ALA D 799 -16.56 54.06 -25.19
C ALA D 799 -16.39 55.55 -25.49
N GLN D 800 -16.01 56.34 -24.48
CA GLN D 800 -15.87 57.77 -24.66
C GLN D 800 -14.59 58.14 -25.35
N ALA D 801 -13.61 57.27 -25.26
CA ALA D 801 -12.32 57.53 -25.90
C ALA D 801 -12.36 57.25 -27.39
N VAL D 802 -13.46 56.63 -27.84
CA VAL D 802 -13.61 56.33 -29.26
C VAL D 802 -13.89 57.59 -30.04
N PRO D 803 -13.10 57.85 -31.10
CA PRO D 803 -13.25 59.04 -31.94
C PRO D 803 -14.65 59.12 -32.56
N LEU D 804 -15.28 60.29 -32.44
CA LEU D 804 -16.63 60.51 -32.92
C LEU D 804 -16.70 60.66 -34.43
N ALA D 805 -17.77 60.16 -35.04
CA ALA D 805 -18.02 60.41 -36.45
C ALA D 805 -18.24 61.91 -36.66
N GLN D 806 -17.78 62.41 -37.80
CA GLN D 806 -17.90 63.82 -38.14
C GLN D 806 -18.67 64.02 -39.44
N ASP D 807 -19.80 64.72 -39.35
CA ASP D 807 -20.60 65.04 -40.53
C ASP D 807 -19.97 66.22 -41.28
N ASN E 27 62.40 -62.57 7.59
CA ASN E 27 62.19 -62.66 9.04
C ASN E 27 61.14 -63.71 9.39
N GLU E 28 60.66 -64.42 8.38
CA GLU E 28 59.55 -65.35 8.55
C GLU E 28 59.71 -66.33 9.72
N VAL E 29 60.94 -66.75 9.99
CA VAL E 29 61.17 -67.76 11.03
C VAL E 29 60.94 -67.20 12.43
N LEU E 30 61.14 -65.89 12.58
CA LEU E 30 60.85 -65.20 13.85
C LEU E 30 59.35 -64.98 14.00
N ALA E 31 58.77 -64.22 13.08
CA ALA E 31 57.34 -63.90 13.11
C ALA E 31 56.52 -65.18 13.33
N LEU E 32 56.97 -66.28 12.76
CA LEU E 32 56.28 -67.55 12.88
C LEU E 32 56.33 -68.11 14.30
N LEU E 33 57.29 -67.63 15.09
CA LEU E 33 57.41 -68.07 16.48
C LEU E 33 56.28 -67.53 17.35
N SER E 34 56.11 -66.21 17.35
CA SER E 34 55.05 -65.60 18.15
C SER E 34 53.70 -66.16 17.71
N ARG E 35 53.57 -66.40 16.41
CA ARG E 35 52.36 -66.96 15.83
C ARG E 35 51.98 -68.26 16.53
N VAL E 36 52.86 -69.26 16.40
CA VAL E 36 52.64 -70.56 16.99
C VAL E 36 52.32 -70.46 18.48
N GLU E 37 52.81 -69.41 19.13
CA GLU E 37 52.53 -69.20 20.55
C GLU E 37 51.13 -68.61 20.75
N ALA E 38 50.76 -67.71 19.86
CA ALA E 38 49.41 -67.13 19.84
C ALA E 38 48.41 -68.17 19.34
N LYS E 39 48.74 -68.78 18.20
CA LYS E 39 47.98 -69.89 17.64
C LYS E 39 47.88 -71.01 18.68
N GLY E 40 48.94 -71.17 19.47
CA GLY E 40 48.98 -72.15 20.53
C GLY E 40 47.99 -71.80 21.64
N LYS E 41 47.89 -70.51 21.93
CA LYS E 41 46.91 -70.03 22.89
C LYS E 41 45.52 -70.50 22.46
N GLY E 42 45.42 -70.89 21.19
CA GLY E 42 44.22 -71.48 20.65
C GLY E 42 43.14 -70.50 20.20
N ILE E 43 41.89 -70.87 20.45
CA ILE E 43 40.75 -70.08 20.03
C ILE E 43 40.54 -68.87 20.92
N LEU E 44 39.39 -68.22 20.79
CA LEU E 44 39.09 -66.91 21.39
C LEU E 44 39.97 -65.77 20.87
N GLN E 45 40.30 -64.85 21.78
CA GLN E 45 41.07 -63.65 21.44
C GLN E 45 41.69 -63.05 22.69
N GLN E 46 42.67 -62.19 22.51
CA GLN E 46 43.30 -61.52 23.64
C GLN E 46 43.52 -60.05 23.37
N ASN E 47 43.49 -59.27 24.44
CA ASN E 47 43.72 -57.84 24.37
C ASN E 47 45.21 -57.55 24.22
N GLN E 48 45.59 -56.27 24.25
CA GLN E 48 47.00 -55.92 24.12
C GLN E 48 47.76 -56.54 25.28
N ILE E 49 47.08 -56.69 26.41
CA ILE E 49 47.62 -57.38 27.57
C ILE E 49 48.30 -58.67 27.12
N ILE E 50 47.47 -59.59 26.64
CA ILE E 50 47.90 -60.91 26.25
C ILE E 50 48.55 -60.94 24.86
N ALA E 51 48.10 -60.07 23.95
CA ALA E 51 48.46 -60.14 22.53
C ALA E 51 49.85 -59.58 22.31
N GLU E 52 50.46 -59.19 23.42
CA GLU E 52 51.82 -58.72 23.44
C GLU E 52 52.58 -59.50 24.53
N PHE E 53 52.11 -59.41 25.77
CA PHE E 53 52.75 -60.06 26.92
C PHE E 53 53.10 -61.53 26.68
N GLU E 54 52.19 -62.29 26.09
CA GLU E 54 52.53 -63.65 25.72
C GLU E 54 53.73 -63.63 24.79
N ALA E 55 53.52 -63.17 23.57
CA ALA E 55 54.52 -63.31 22.52
C ALA E 55 55.87 -62.67 22.85
N LEU E 56 55.90 -61.36 23.05
CA LEU E 56 57.18 -60.66 23.23
C LEU E 56 57.95 -61.02 24.50
N PRO E 57 57.35 -60.82 25.69
CA PRO E 57 58.07 -61.14 26.94
C PRO E 57 58.28 -62.64 27.21
N GLU E 58 57.34 -63.50 26.81
CA GLU E 58 57.49 -64.95 26.97
C GLU E 58 58.38 -65.53 25.87
N GLN E 59 58.70 -64.68 24.89
CA GLN E 59 59.62 -65.00 23.80
C GLN E 59 61.08 -64.97 24.21
N THR E 60 61.92 -65.55 23.35
CA THR E 60 63.36 -65.56 23.52
C THR E 60 63.92 -64.17 23.23
N ARG E 61 65.24 -64.07 23.06
CA ARG E 61 65.91 -62.78 22.93
C ARG E 61 65.76 -62.21 21.52
N LYS E 62 64.94 -62.88 20.72
CA LYS E 62 64.46 -62.34 19.46
C LYS E 62 63.65 -61.09 19.75
N LYS E 63 63.50 -60.79 21.04
CA LYS E 63 62.80 -59.61 21.57
C LYS E 63 63.45 -58.32 21.08
N LEU E 64 64.58 -58.49 20.40
CA LEU E 64 65.33 -57.41 19.78
C LEU E 64 64.60 -57.09 18.49
N GLU E 65 63.44 -57.72 18.34
CA GLU E 65 62.57 -57.59 17.18
C GLU E 65 62.19 -56.15 16.83
N GLY E 66 62.42 -55.22 17.75
CA GLY E 66 61.98 -53.85 17.53
C GLY E 66 62.37 -53.47 16.12
N GLY E 67 61.38 -53.00 15.36
CA GLY E 67 61.49 -52.94 13.92
C GLY E 67 60.11 -53.01 13.28
N PRO E 68 60.04 -53.54 12.05
CA PRO E 68 58.77 -53.64 11.30
C PRO E 68 57.70 -54.49 11.97
N PHE E 69 58.06 -55.67 12.46
CA PHE E 69 57.05 -56.60 12.99
C PHE E 69 56.59 -56.28 14.40
N PHE E 70 57.39 -55.51 15.14
CA PHE E 70 57.04 -55.13 16.51
C PHE E 70 56.09 -53.93 16.63
N ASP E 71 56.34 -52.88 15.86
CA ASP E 71 55.53 -51.67 15.95
C ASP E 71 54.06 -52.00 15.71
N LEU E 72 53.79 -52.62 14.57
CA LEU E 72 52.46 -53.09 14.21
C LEU E 72 51.86 -53.95 15.31
N LEU E 73 52.72 -54.61 16.07
CA LEU E 73 52.25 -55.47 17.15
C LEU E 73 51.92 -54.66 18.41
N LYS E 74 52.74 -53.66 18.70
CA LYS E 74 52.53 -52.79 19.85
C LYS E 74 51.26 -51.95 19.67
N SER E 75 50.80 -51.86 18.42
CA SER E 75 49.61 -51.10 18.09
C SER E 75 48.36 -51.98 17.99
N THR E 76 48.52 -53.27 18.26
CA THR E 76 47.39 -54.17 18.20
C THR E 76 46.51 -54.00 19.43
N GLN E 77 45.24 -53.68 19.21
CA GLN E 77 44.26 -53.56 20.28
C GLN E 77 43.77 -54.92 20.72
N GLU E 78 43.17 -55.67 19.80
CA GLU E 78 42.85 -57.07 20.05
C GLU E 78 43.11 -57.97 18.85
N ALA E 79 43.32 -59.25 19.10
CA ALA E 79 43.54 -60.25 18.05
C ALA E 79 42.60 -61.43 18.27
N ILE E 80 41.82 -61.76 17.25
CA ILE E 80 40.91 -62.90 17.32
C ILE E 80 41.60 -64.08 16.64
N VAL E 81 41.70 -65.20 17.37
CA VAL E 81 42.36 -66.39 16.84
C VAL E 81 41.39 -67.53 16.54
N LEU E 82 41.32 -67.90 15.27
CA LEU E 82 40.62 -69.10 14.84
C LEU E 82 41.67 -70.01 14.22
N PRO E 83 41.51 -71.33 14.37
CA PRO E 83 42.64 -72.25 14.18
C PRO E 83 43.48 -71.98 12.92
N PRO E 84 42.83 -71.70 11.79
CA PRO E 84 43.58 -71.43 10.55
C PRO E 84 44.43 -70.16 10.63
N TRP E 85 43.89 -69.09 11.21
CA TRP E 85 44.64 -67.84 11.34
C TRP E 85 44.05 -66.84 12.34
N VAL E 86 44.75 -65.72 12.52
CA VAL E 86 44.40 -64.72 13.53
C VAL E 86 44.13 -63.36 12.91
N ALA E 87 43.00 -62.77 13.26
CA ALA E 87 42.64 -61.43 12.81
C ALA E 87 43.14 -60.38 13.80
N LEU E 88 43.64 -59.27 13.29
CA LEU E 88 44.24 -58.24 14.14
C LEU E 88 43.59 -56.88 13.93
N ALA E 89 43.28 -56.22 15.05
CA ALA E 89 42.81 -54.85 15.04
C ALA E 89 43.95 -53.90 15.37
N VAL E 90 44.34 -53.06 14.40
CA VAL E 90 45.53 -52.24 14.56
C VAL E 90 45.20 -50.75 14.73
N ARG E 91 45.79 -50.13 15.75
CA ARG E 91 45.47 -48.75 16.12
C ARG E 91 46.74 -47.90 16.29
N PRO E 92 47.30 -47.45 15.16
CA PRO E 92 48.53 -46.64 15.09
C PRO E 92 48.39 -45.33 15.85
N ARG E 93 47.26 -44.67 15.63
CA ARG E 93 46.95 -43.42 16.30
C ARG E 93 45.52 -43.52 16.78
N PRO E 94 45.18 -42.73 17.80
CA PRO E 94 43.78 -42.69 18.24
C PRO E 94 42.89 -42.36 17.06
N GLY E 95 41.81 -43.11 16.89
CA GLY E 95 40.83 -42.79 15.86
C GLY E 95 41.19 -43.29 14.47
N VAL E 96 42.27 -44.06 14.37
CA VAL E 96 42.69 -44.65 13.11
C VAL E 96 42.82 -46.15 13.30
N TRP E 97 42.01 -46.91 12.59
CA TRP E 97 42.03 -48.36 12.75
C TRP E 97 42.36 -49.11 11.47
N GLU E 98 42.98 -50.27 11.62
CA GLU E 98 43.39 -51.11 10.51
C GLU E 98 43.04 -52.54 10.88
N TYR E 99 42.25 -53.21 10.06
CA TYR E 99 41.86 -54.59 10.35
C TYR E 99 42.46 -55.51 9.31
N LEU E 100 43.21 -56.52 9.75
CA LEU E 100 43.80 -57.47 8.81
C LEU E 100 43.97 -58.90 9.35
N ARG E 101 43.75 -59.88 8.48
CA ARG E 101 43.94 -61.29 8.81
C ARG E 101 45.38 -61.71 8.52
N VAL E 102 45.93 -62.57 9.37
CA VAL E 102 47.26 -63.13 9.16
C VAL E 102 47.27 -64.63 9.44
N ASN E 103 47.75 -65.40 8.47
CA ASN E 103 47.78 -66.87 8.57
C ASN E 103 48.58 -67.39 9.76
N LEU E 104 48.00 -68.34 10.49
CA LEU E 104 48.68 -68.93 11.66
C LEU E 104 49.88 -69.76 11.23
N HIS E 105 49.84 -70.29 10.01
CA HIS E 105 51.00 -70.89 9.37
C HIS E 105 51.02 -70.41 7.92
N ALA E 106 52.20 -70.44 7.31
CA ALA E 106 52.38 -69.95 5.94
C ALA E 106 52.66 -68.45 5.87
N LEU E 107 52.54 -67.77 7.02
CA LEU E 107 52.99 -66.39 7.14
C LEU E 107 52.57 -65.49 5.97
N VAL E 108 51.29 -65.46 5.65
CA VAL E 108 50.75 -64.51 4.69
C VAL E 108 49.73 -63.59 5.37
N VAL E 109 49.62 -62.35 4.89
CA VAL E 109 48.71 -61.38 5.51
C VAL E 109 47.84 -60.59 4.53
N GLU E 110 46.53 -60.77 4.65
CA GLU E 110 45.56 -60.08 3.80
C GLU E 110 44.79 -59.03 4.59
N GLU E 111 44.47 -57.91 3.93
CA GLU E 111 43.74 -56.82 4.55
C GLU E 111 42.24 -57.10 4.69
N LEU E 112 41.69 -56.81 5.86
CA LEU E 112 40.26 -56.93 6.08
C LEU E 112 39.62 -55.56 6.15
N GLN E 113 38.39 -55.46 5.69
CA GLN E 113 37.59 -54.26 5.95
C GLN E 113 36.85 -54.43 7.28
N PRO E 114 36.39 -53.31 7.87
CA PRO E 114 35.81 -53.37 9.21
C PRO E 114 34.76 -54.47 9.32
N ALA E 115 33.88 -54.57 8.33
CA ALA E 115 32.81 -55.55 8.39
C ALA E 115 33.33 -56.99 8.45
N GLU E 116 34.43 -57.27 7.74
CA GLU E 116 34.99 -58.62 7.66
C GLU E 116 35.65 -59.05 8.97
N PHE E 117 36.36 -58.13 9.60
CA PHE E 117 36.92 -58.35 10.93
C PHE E 117 35.82 -58.74 11.91
N LEU E 118 34.71 -58.02 11.85
CA LEU E 118 33.59 -58.31 12.75
C LEU E 118 33.06 -59.73 12.51
N HIS E 119 33.11 -60.17 11.26
CA HIS E 119 32.73 -61.55 10.92
C HIS E 119 33.44 -62.51 11.85
N PHE E 120 34.73 -62.28 12.05
CA PHE E 120 35.53 -63.12 12.93
C PHE E 120 34.95 -63.23 14.32
N LYS E 121 34.78 -62.09 14.99
CA LYS E 121 34.17 -62.08 16.31
C LYS E 121 32.88 -62.87 16.29
N GLU E 122 32.12 -62.73 15.21
CA GLU E 122 30.83 -63.39 15.09
C GLU E 122 31.01 -64.91 15.02
N GLU E 123 31.94 -65.37 14.20
CA GLU E 123 32.25 -66.79 14.13
C GLU E 123 32.63 -67.32 15.51
N LEU E 124 33.54 -66.63 16.19
CA LEU E 124 34.13 -67.11 17.43
C LEU E 124 33.13 -67.47 18.51
N VAL E 125 31.92 -66.95 18.41
CA VAL E 125 30.94 -67.20 19.46
C VAL E 125 29.78 -68.06 18.99
N ASP E 126 29.05 -67.60 17.98
CA ASP E 126 27.90 -68.32 17.46
C ASP E 126 28.26 -69.48 16.52
N GLY E 127 29.53 -69.57 16.13
CA GLY E 127 29.98 -70.59 15.19
C GLY E 127 29.95 -70.12 13.74
N VAL E 128 29.12 -69.12 13.48
CA VAL E 128 29.00 -68.56 12.14
C VAL E 128 28.81 -67.04 12.20
N LYS E 129 29.05 -66.38 11.07
CA LYS E 129 28.80 -64.96 10.94
C LYS E 129 27.29 -64.71 11.04
N ASN E 130 26.88 -63.48 11.31
CA ASN E 130 25.46 -63.10 11.32
C ASN E 130 24.84 -63.24 9.93
N GLY E 131 23.53 -63.39 9.87
CA GLY E 131 22.86 -63.61 8.59
C GLY E 131 23.35 -62.62 7.55
N ASN E 132 23.54 -63.12 6.33
CA ASN E 132 24.06 -62.29 5.25
C ASN E 132 23.32 -60.97 5.17
N PHE E 133 22.00 -61.08 5.24
CA PHE E 133 21.12 -59.94 5.07
C PHE E 133 20.61 -59.29 6.37
N THR E 134 21.14 -59.74 7.50
CA THR E 134 20.91 -59.10 8.80
C THR E 134 21.55 -57.70 8.92
N LEU E 135 21.06 -56.92 9.88
CA LEU E 135 21.40 -55.50 10.01
C LEU E 135 22.88 -55.13 10.17
N GLU E 136 23.33 -54.20 9.34
CA GLU E 136 24.65 -53.61 9.47
C GLU E 136 24.52 -52.08 9.62
N LEU E 137 24.83 -51.56 10.80
CA LEU E 137 24.70 -50.12 11.07
C LEU E 137 25.90 -49.35 10.59
N ASP E 138 25.70 -48.41 9.68
CA ASP E 138 26.79 -47.56 9.23
C ASP E 138 26.36 -46.11 9.25
N PHE E 139 26.97 -45.32 10.12
CA PHE E 139 26.61 -43.91 10.21
C PHE E 139 27.51 -43.00 9.41
N GLU E 140 28.53 -43.57 8.79
CA GLU E 140 29.54 -42.76 8.13
C GLU E 140 28.96 -41.77 7.12
N PRO E 141 28.22 -42.30 6.13
CA PRO E 141 27.65 -41.50 5.03
C PRO E 141 26.68 -40.45 5.52
N PHE E 142 26.06 -40.69 6.67
CA PHE E 142 25.08 -39.77 7.22
C PHE E 142 25.74 -38.58 7.92
N ASN E 143 26.81 -38.89 8.65
CA ASN E 143 27.43 -37.86 9.48
C ASN E 143 27.76 -36.58 8.72
N ALA E 144 28.57 -36.70 7.66
CA ALA E 144 29.32 -35.55 7.20
C ALA E 144 28.64 -34.74 6.12
N SER E 145 28.16 -33.56 6.52
CA SER E 145 27.84 -32.48 5.59
C SER E 145 29.05 -31.58 5.58
N ILE E 146 29.94 -31.85 6.52
CA ILE E 146 31.07 -30.98 6.84
C ILE E 146 32.28 -31.86 7.07
N PRO E 147 33.45 -31.42 6.60
CA PRO E 147 34.64 -32.27 6.58
C PRO E 147 35.05 -32.70 7.99
N ARG E 148 35.67 -33.88 8.09
CA ARG E 148 36.13 -34.37 9.38
C ARG E 148 37.53 -33.84 9.61
N PRO E 149 37.83 -33.40 10.83
CA PRO E 149 39.21 -33.10 11.21
C PRO E 149 40.05 -34.37 11.31
N THR E 150 41.27 -34.37 10.77
CA THR E 150 42.14 -35.54 10.91
C THR E 150 43.17 -35.37 12.02
N LEU E 151 43.18 -34.19 12.63
CA LEU E 151 44.18 -33.85 13.64
C LEU E 151 43.75 -34.21 15.06
N HIS E 152 44.68 -34.74 15.83
CA HIS E 152 44.46 -35.02 17.23
C HIS E 152 43.82 -33.83 17.98
N LYS E 153 44.24 -32.62 17.66
CA LYS E 153 43.85 -31.44 18.44
C LYS E 153 42.35 -31.16 18.39
N TYR E 154 41.69 -31.58 17.32
CA TYR E 154 40.26 -31.30 17.19
C TYR E 154 39.36 -32.35 17.85
N ILE E 155 39.95 -33.45 18.29
CA ILE E 155 39.15 -34.40 19.05
C ILE E 155 38.72 -33.69 20.33
N GLY E 156 37.42 -33.71 20.60
CA GLY E 156 36.84 -33.02 21.74
C GLY E 156 36.77 -31.52 21.56
N ASN E 157 37.31 -31.04 20.45
CA ASN E 157 37.23 -29.64 20.02
C ASN E 157 36.24 -29.24 18.93
N GLY E 158 35.26 -30.10 18.67
CA GLY E 158 34.39 -29.94 17.53
C GLY E 158 33.83 -28.56 17.25
N VAL E 159 33.50 -27.79 18.29
CA VAL E 159 32.89 -26.48 18.05
C VAL E 159 33.88 -25.53 17.36
N ASP E 160 35.15 -25.60 17.77
CA ASP E 160 36.20 -24.81 17.13
C ASP E 160 36.25 -25.11 15.65
N PHE E 161 35.99 -26.37 15.32
CA PHE E 161 36.05 -26.84 13.95
C PHE E 161 34.80 -26.52 13.12
N LEU E 162 33.64 -26.56 13.76
CA LEU E 162 32.40 -26.18 13.11
C LEU E 162 32.35 -24.65 12.95
N ASN E 163 32.91 -23.95 13.93
CA ASN E 163 33.05 -22.51 13.83
C ASN E 163 33.84 -22.09 12.59
N ARG E 164 34.92 -22.81 12.29
CA ARG E 164 35.79 -22.41 11.19
C ARG E 164 35.13 -22.72 9.85
N HIS E 165 34.46 -23.86 9.76
CA HIS E 165 33.72 -24.22 8.55
C HIS E 165 32.56 -23.26 8.30
N LEU E 166 31.77 -22.98 9.34
CA LEU E 166 30.64 -22.06 9.21
C LEU E 166 31.13 -20.70 8.76
N SER E 167 32.18 -20.24 9.41
CA SER E 167 32.81 -18.98 9.08
C SER E 167 33.08 -18.97 7.59
N ALA E 168 33.82 -19.95 7.12
CA ALA E 168 34.17 -20.06 5.71
C ALA E 168 32.95 -19.99 4.80
N LYS E 169 31.98 -20.86 5.05
CA LYS E 169 30.78 -20.94 4.23
C LYS E 169 30.10 -19.59 4.14
N LEU E 170 30.04 -18.89 5.26
CA LEU E 170 29.36 -17.59 5.32
C LEU E 170 30.06 -16.46 4.57
N PHE E 171 31.30 -16.69 4.13
CA PHE E 171 32.10 -15.59 3.62
C PHE E 171 31.72 -15.19 2.20
N HIS E 172 31.22 -13.95 2.10
CA HIS E 172 30.67 -13.34 0.88
C HIS E 172 29.81 -14.30 0.04
N ASP E 173 28.74 -14.79 0.66
CA ASP E 173 27.77 -15.61 -0.02
C ASP E 173 26.38 -15.15 0.40
N LYS E 174 25.62 -14.63 -0.56
CA LYS E 174 24.23 -14.25 -0.31
C LYS E 174 23.50 -15.45 0.27
N GLU E 175 23.30 -16.47 -0.56
CA GLU E 175 22.49 -17.62 -0.18
C GLU E 175 22.98 -18.21 1.13
N SER E 176 24.22 -17.89 1.50
CA SER E 176 24.79 -18.38 2.75
C SER E 176 24.41 -17.56 3.99
N LEU E 177 24.25 -16.25 3.83
CA LEU E 177 23.94 -15.37 4.96
C LEU E 177 22.47 -15.33 5.37
N LEU E 178 21.57 -15.54 4.41
CA LEU E 178 20.13 -15.53 4.67
C LEU E 178 19.74 -16.33 5.92
N PRO E 179 20.34 -17.51 6.09
CA PRO E 179 20.05 -18.39 7.23
C PRO E 179 20.22 -17.67 8.55
N LEU E 180 21.25 -16.83 8.63
CA LEU E 180 21.51 -16.04 9.81
C LEU E 180 20.42 -15.00 10.00
N LEU E 181 20.08 -14.32 8.90
CA LEU E 181 19.03 -13.31 8.93
C LEU E 181 17.72 -13.93 9.38
N LYS E 182 17.30 -14.96 8.64
CA LYS E 182 16.05 -15.65 8.97
C LYS E 182 16.06 -16.03 10.44
N PHE E 183 17.18 -16.56 10.90
CA PHE E 183 17.35 -16.98 12.29
C PHE E 183 17.05 -15.85 13.24
N LEU E 184 17.77 -14.75 13.04
CA LEU E 184 17.63 -13.60 13.92
C LEU E 184 16.24 -12.95 13.84
N ARG E 185 15.56 -13.10 12.71
CA ARG E 185 14.25 -12.50 12.52
C ARG E 185 13.13 -13.31 13.17
N LEU E 186 13.23 -14.63 13.06
CA LEU E 186 12.22 -15.50 13.63
C LEU E 186 12.41 -15.71 15.12
N HIS E 187 13.63 -15.53 15.60
CA HIS E 187 13.95 -15.81 16.99
C HIS E 187 13.06 -15.05 17.97
N SER E 188 12.49 -15.76 18.93
CA SER E 188 11.60 -15.12 19.90
C SER E 188 11.48 -15.93 21.18
N HIS E 189 10.92 -15.30 22.21
CA HIS E 189 10.55 -16.04 23.39
C HIS E 189 9.20 -15.62 23.96
N GLN E 190 8.28 -16.58 24.06
CA GLN E 190 6.98 -16.36 24.71
C GLN E 190 6.15 -15.29 24.01
N GLY E 191 6.23 -15.24 22.68
CA GLY E 191 5.50 -14.24 21.92
C GLY E 191 6.14 -12.87 21.93
N LYS E 192 7.28 -12.74 22.60
CA LYS E 192 8.07 -11.51 22.56
C LYS E 192 9.17 -11.63 21.48
N ASN E 193 9.16 -10.71 20.52
CA ASN E 193 10.16 -10.76 19.45
C ASN E 193 11.50 -10.25 19.94
N LEU E 194 12.58 -10.78 19.35
CA LEU E 194 13.93 -10.49 19.83
C LEU E 194 14.86 -10.22 18.64
N MET E 195 15.98 -9.57 18.91
CA MET E 195 16.97 -9.31 17.85
C MET E 195 16.43 -8.48 16.67
N LEU E 196 16.29 -9.07 15.49
CA LEU E 196 15.66 -8.42 14.35
C LEU E 196 14.13 -8.50 14.38
N SER E 197 13.47 -7.48 13.83
CA SER E 197 12.01 -7.50 13.70
C SER E 197 11.57 -8.20 12.41
N GLU E 198 10.31 -8.05 12.08
CA GLU E 198 9.82 -8.61 10.83
C GLU E 198 9.96 -7.61 9.70
N LYS E 199 10.34 -6.39 10.03
CA LYS E 199 10.54 -5.35 9.01
C LYS E 199 11.77 -5.62 8.14
N ILE E 200 12.73 -6.40 8.63
CA ILE E 200 13.93 -6.63 7.85
C ILE E 200 13.71 -7.89 7.04
N GLN E 201 13.48 -7.72 5.75
CA GLN E 201 13.19 -8.85 4.89
C GLN E 201 14.36 -9.35 4.05
N ASN E 202 15.48 -8.64 4.07
CA ASN E 202 16.62 -9.02 3.26
C ASN E 202 17.94 -8.43 3.75
N LEU E 203 19.04 -9.00 3.27
CA LEU E 203 20.36 -8.54 3.70
C LEU E 203 20.58 -7.05 3.45
N ASN E 204 20.07 -6.56 2.32
CA ASN E 204 20.17 -5.15 1.96
C ASN E 204 19.64 -4.20 3.03
N THR E 205 18.42 -4.47 3.50
CA THR E 205 17.80 -3.63 4.53
C THR E 205 18.54 -3.77 5.86
N LEU E 206 18.93 -5.01 6.18
CA LEU E 206 19.60 -5.31 7.45
C LEU E 206 20.94 -4.62 7.52
N GLN E 207 21.75 -4.85 6.49
CA GLN E 207 23.05 -4.22 6.35
C GLN E 207 22.90 -2.73 6.58
N HIS E 208 21.81 -2.19 6.04
CA HIS E 208 21.45 -0.78 6.14
C HIS E 208 21.07 -0.39 7.57
N THR E 209 20.12 -1.12 8.15
CA THR E 209 19.60 -0.84 9.48
C THR E 209 20.66 -0.86 10.58
N LEU E 210 21.58 -1.83 10.48
CA LEU E 210 22.64 -1.98 11.46
C LEU E 210 23.61 -0.81 11.43
N ARG E 211 23.84 -0.28 10.24
CA ARG E 211 24.75 0.85 10.07
C ARG E 211 24.13 2.13 10.61
N LYS E 212 22.85 2.33 10.31
CA LYS E 212 22.12 3.48 10.84
C LYS E 212 22.07 3.35 12.36
N ALA E 213 21.75 2.14 12.83
CA ALA E 213 21.73 1.85 14.26
C ALA E 213 23.03 2.25 14.94
N GLU E 214 24.14 1.89 14.29
CA GLU E 214 25.49 2.13 14.82
C GLU E 214 25.83 3.61 14.92
N GLU E 215 25.60 4.34 13.83
CA GLU E 215 25.91 5.76 13.80
C GLU E 215 25.28 6.44 15.02
N TYR E 216 24.03 6.09 15.27
CA TYR E 216 23.28 6.64 16.40
C TYR E 216 23.93 6.27 17.72
N LEU E 217 24.07 4.97 17.98
CA LEU E 217 24.56 4.48 19.26
C LEU E 217 25.96 4.97 19.61
N ALA E 218 26.79 5.21 18.59
CA ALA E 218 28.16 5.60 18.84
C ALA E 218 28.24 6.95 19.57
N GLU E 219 27.28 7.82 19.27
CA GLU E 219 27.27 9.16 19.83
C GLU E 219 26.74 9.23 21.27
N LEU E 220 25.81 8.33 21.61
CA LEU E 220 25.23 8.29 22.95
C LEU E 220 26.24 7.92 24.03
N LYS E 221 25.90 8.26 25.27
CA LYS E 221 26.77 7.98 26.40
C LYS E 221 26.81 6.47 26.69
N SER E 222 27.96 5.97 27.13
CA SER E 222 28.17 4.53 27.32
C SER E 222 27.06 3.83 28.11
N GLU E 223 26.62 4.45 29.21
CA GLU E 223 25.71 3.81 30.14
C GLU E 223 24.25 4.04 29.78
N THR E 224 23.98 4.64 28.64
CA THR E 224 22.61 4.85 28.20
C THR E 224 21.88 3.52 28.18
N LEU E 225 20.76 3.44 28.89
CA LEU E 225 19.96 2.22 28.92
C LEU E 225 19.13 2.01 27.64
N TYR E 226 18.83 0.77 27.32
CA TYR E 226 18.12 0.43 26.09
C TYR E 226 16.78 1.16 25.98
N GLU E 227 16.13 1.44 27.11
CA GLU E 227 14.83 2.11 27.08
C GLU E 227 14.88 3.46 26.35
N GLU E 228 16.01 4.14 26.42
CA GLU E 228 16.20 5.38 25.67
C GLU E 228 15.98 5.16 24.18
N PHE E 229 16.85 4.36 23.56
CA PHE E 229 16.78 4.17 22.11
C PHE E 229 15.79 3.11 21.61
N GLU E 230 15.03 2.52 22.53
CA GLU E 230 14.06 1.50 22.17
C GLU E 230 13.12 2.01 21.09
N ALA E 231 12.61 3.21 21.30
CA ALA E 231 11.69 3.84 20.36
C ALA E 231 12.30 3.82 18.97
N LYS E 232 13.51 4.36 18.88
CA LYS E 232 14.24 4.48 17.62
C LYS E 232 14.42 3.11 16.96
N PHE E 233 15.02 2.18 17.69
CA PHE E 233 15.31 0.86 17.12
C PHE E 233 14.07 0.20 16.56
N GLU E 234 12.97 0.23 17.32
CA GLU E 234 11.77 -0.47 16.91
C GLU E 234 11.31 -0.05 15.52
N GLU E 235 11.45 1.23 15.20
CA GLU E 235 11.01 1.76 13.91
C GLU E 235 11.89 1.25 12.78
N ILE E 236 13.18 1.20 13.03
CA ILE E 236 14.16 0.75 12.04
C ILE E 236 14.25 -0.76 12.00
N GLY E 237 13.49 -1.43 12.86
CA GLY E 237 13.39 -2.88 12.82
C GLY E 237 14.17 -3.66 13.86
N LEU E 238 14.68 -3.00 14.90
CA LEU E 238 15.47 -3.70 15.92
C LEU E 238 14.69 -4.00 17.21
N GLU E 239 14.45 -5.29 17.44
CA GLU E 239 13.84 -5.76 18.68
C GLU E 239 14.88 -5.98 19.77
N ARG E 240 14.42 -6.36 20.97
CA ARG E 240 15.31 -6.42 22.13
C ARG E 240 16.29 -7.59 22.16
N GLY E 241 17.29 -7.47 23.03
CA GLY E 241 18.23 -8.55 23.29
C GLY E 241 19.64 -8.30 22.80
N TRP E 242 19.86 -7.12 22.21
CA TRP E 242 21.19 -6.75 21.77
C TRP E 242 22.06 -6.40 22.96
N GLY E 243 21.44 -5.94 24.04
CA GLY E 243 22.17 -5.58 25.24
C GLY E 243 21.39 -4.70 26.20
N ASP E 244 21.91 -4.55 27.42
CA ASP E 244 21.26 -3.75 28.45
C ASP E 244 21.56 -2.26 28.29
N ASN E 245 22.80 -1.93 27.93
CA ASN E 245 23.15 -0.55 27.70
C ASN E 245 23.71 -0.31 26.29
N ALA E 246 24.04 0.95 25.99
CA ALA E 246 24.45 1.32 24.65
C ALA E 246 25.78 0.67 24.26
N GLU E 247 26.69 0.63 25.22
CA GLU E 247 28.01 0.06 24.98
C GLU E 247 27.91 -1.39 24.52
N ARG E 248 27.10 -2.17 25.23
CA ARG E 248 26.88 -3.57 24.86
C ARG E 248 26.17 -3.70 23.52
N VAL E 249 25.07 -2.97 23.34
CA VAL E 249 24.33 -3.06 22.08
C VAL E 249 25.23 -2.68 20.90
N LEU E 250 26.19 -1.79 21.17
CA LEU E 250 27.12 -1.36 20.14
C LEU E 250 28.00 -2.54 19.66
N ASP E 251 28.73 -3.16 20.57
CA ASP E 251 29.58 -4.29 20.23
C ASP E 251 28.81 -5.30 19.41
N MET E 252 27.64 -5.68 19.92
CA MET E 252 26.84 -6.71 19.27
C MET E 252 26.52 -6.33 17.83
N ILE E 253 26.04 -5.12 17.61
CA ILE E 253 25.70 -4.70 16.25
C ILE E 253 26.94 -4.77 15.36
N ARG E 254 28.08 -4.39 15.93
CA ARG E 254 29.33 -4.46 15.18
C ARG E 254 29.74 -5.89 14.86
N LEU E 255 29.59 -6.80 15.82
CA LEU E 255 29.80 -8.22 15.55
C LEU E 255 29.00 -8.63 14.31
N LEU E 256 27.72 -8.31 14.28
CA LEU E 256 26.87 -8.75 13.19
C LEU E 256 27.35 -8.13 11.88
N LEU E 257 27.67 -6.84 11.92
CA LEU E 257 28.17 -6.16 10.73
C LEU E 257 29.39 -6.90 10.21
N ASP E 258 30.30 -7.19 11.14
CA ASP E 258 31.52 -7.91 10.84
C ASP E 258 31.25 -9.23 10.11
N LEU E 259 30.27 -9.98 10.57
CA LEU E 259 29.88 -11.25 9.95
C LEU E 259 29.28 -11.04 8.56
N LEU E 260 28.48 -10.00 8.38
CA LEU E 260 27.86 -9.73 7.10
C LEU E 260 28.91 -9.38 6.07
N GLU E 261 30.11 -9.08 6.56
CA GLU E 261 31.20 -8.55 5.75
C GLU E 261 32.38 -9.54 5.61
N ALA E 262 33.14 -9.68 6.70
CA ALA E 262 34.30 -10.58 6.73
C ALA E 262 34.21 -11.54 7.91
N PRO E 263 33.40 -12.58 7.76
CA PRO E 263 33.17 -13.60 8.78
C PRO E 263 34.45 -14.28 9.24
N ASP E 264 34.63 -14.37 10.55
CA ASP E 264 35.72 -15.14 11.12
C ASP E 264 35.23 -15.91 12.34
N PRO E 265 35.92 -17.00 12.68
CA PRO E 265 35.55 -17.93 13.74
C PRO E 265 35.41 -17.30 15.13
N CYS E 266 36.36 -16.46 15.54
CA CYS E 266 36.24 -15.83 16.84
C CYS E 266 34.92 -15.06 16.85
N THR E 267 34.72 -14.22 15.84
CA THR E 267 33.53 -13.41 15.76
C THR E 267 32.26 -14.25 15.72
N LEU E 268 32.19 -15.22 14.81
CA LEU E 268 30.99 -16.05 14.69
C LEU E 268 30.58 -16.63 16.03
N GLU E 269 31.56 -17.19 16.75
CA GLU E 269 31.30 -17.79 18.05
C GLU E 269 30.79 -16.74 19.03
N THR E 270 31.59 -15.71 19.25
CA THR E 270 31.23 -14.66 20.20
C THR E 270 29.78 -14.20 19.98
N PHE E 271 29.44 -13.90 18.74
CA PHE E 271 28.10 -13.42 18.46
C PHE E 271 27.07 -14.48 18.85
N LEU E 272 27.16 -15.66 18.23
CA LEU E 272 26.14 -16.68 18.43
C LEU E 272 26.01 -17.09 19.90
N GLY E 273 27.08 -16.90 20.67
CA GLY E 273 27.06 -17.22 22.08
C GLY E 273 26.36 -16.14 22.87
N ARG E 274 26.35 -14.94 22.31
CA ARG E 274 25.76 -13.77 22.94
C ARG E 274 24.24 -13.66 22.77
N VAL E 275 23.74 -14.07 21.60
CA VAL E 275 22.31 -13.98 21.31
C VAL E 275 21.49 -14.70 22.38
N PRO E 276 20.58 -13.98 23.05
CA PRO E 276 19.86 -14.71 24.12
C PRO E 276 19.03 -15.83 23.52
N MET E 277 19.29 -17.05 23.95
CA MET E 277 18.61 -18.23 23.41
C MET E 277 18.05 -19.12 24.51
N VAL E 278 18.95 -19.56 25.37
CA VAL E 278 18.62 -20.48 26.45
C VAL E 278 17.95 -19.72 27.59
N PHE E 279 16.70 -20.09 27.86
CA PHE E 279 15.88 -19.54 28.94
C PHE E 279 15.32 -20.71 29.75
N ASN E 280 14.55 -21.57 29.07
CA ASN E 280 14.12 -22.85 29.62
C ASN E 280 15.07 -23.99 29.28
N VAL E 281 15.49 -24.75 30.28
CA VAL E 281 16.33 -25.92 30.04
C VAL E 281 15.70 -27.19 30.63
N VAL E 282 15.77 -28.30 29.89
CA VAL E 282 15.26 -29.58 30.38
C VAL E 282 16.34 -30.67 30.42
N ILE E 283 16.55 -31.24 31.60
CA ILE E 283 17.59 -32.25 31.82
C ILE E 283 17.00 -33.63 32.20
N LEU E 284 17.37 -34.66 31.46
CA LEU E 284 16.81 -35.99 31.67
C LEU E 284 17.74 -36.85 32.53
N SER E 285 17.24 -37.33 33.66
CA SER E 285 17.98 -38.26 34.50
C SER E 285 17.02 -39.25 35.21
N PRO E 286 16.36 -40.14 34.44
CA PRO E 286 15.31 -41.00 35.00
C PRO E 286 15.72 -42.04 36.06
N HIS E 287 16.80 -42.78 35.87
CA HIS E 287 17.14 -43.86 36.80
C HIS E 287 17.74 -43.35 38.12
N GLY E 288 17.97 -44.27 39.06
CA GLY E 288 18.56 -43.96 40.35
C GLY E 288 17.55 -43.34 41.30
N TYR E 289 17.98 -43.06 42.54
CA TYR E 289 17.12 -42.29 43.44
C TYR E 289 17.65 -40.88 43.38
N PHE E 290 16.99 -40.00 42.64
CA PHE E 290 17.58 -38.68 42.42
C PHE E 290 17.06 -37.69 43.42
N ALA E 291 17.91 -37.28 44.34
CA ALA E 291 17.48 -36.34 45.38
C ALA E 291 18.68 -35.61 45.94
N GLN E 292 18.42 -34.64 46.81
CA GLN E 292 19.51 -33.82 47.31
C GLN E 292 20.02 -34.28 48.67
N ASP E 293 19.35 -35.28 49.24
CA ASP E 293 19.71 -35.81 50.56
C ASP E 293 19.30 -37.27 50.71
N ASN E 294 20.07 -38.02 51.50
CA ASN E 294 19.71 -39.39 51.88
C ASN E 294 19.66 -40.38 50.72
N VAL E 295 20.46 -40.12 49.69
CA VAL E 295 20.52 -40.98 48.51
C VAL E 295 21.93 -41.46 48.14
N LEU E 296 22.87 -40.53 47.99
CA LEU E 296 24.17 -40.90 47.42
C LEU E 296 24.69 -42.17 48.06
N GLY E 297 25.11 -43.10 47.20
CA GLY E 297 25.61 -44.40 47.63
C GLY E 297 24.60 -45.51 47.39
N TYR E 298 23.32 -45.15 47.28
CA TYR E 298 22.30 -46.13 46.90
C TYR E 298 22.66 -46.66 45.53
N PRO E 299 22.11 -47.81 45.17
CA PRO E 299 22.32 -48.33 43.81
C PRO E 299 21.98 -47.31 42.74
N ASP E 300 22.80 -47.22 41.69
CA ASP E 300 22.49 -46.36 40.54
C ASP E 300 22.57 -44.85 40.87
N THR E 301 22.92 -44.52 42.11
CA THR E 301 22.84 -43.15 42.59
C THR E 301 24.19 -42.67 43.12
N GLY E 302 24.74 -41.64 42.51
CA GLY E 302 26.16 -41.36 42.58
C GLY E 302 26.50 -40.10 41.82
N GLY E 303 27.70 -40.07 41.27
CA GLY E 303 28.21 -38.94 40.51
C GLY E 303 27.33 -38.30 39.44
N GLN E 304 26.56 -39.09 38.70
CA GLN E 304 25.64 -38.48 37.74
C GLN E 304 24.72 -37.50 38.45
N VAL E 305 24.22 -37.91 39.62
CA VAL E 305 23.39 -37.04 40.44
C VAL E 305 24.19 -35.86 40.96
N VAL E 306 25.36 -36.15 41.53
CA VAL E 306 26.21 -35.10 42.07
C VAL E 306 26.55 -34.05 41.00
N TYR E 307 26.89 -34.54 39.81
CA TYR E 307 27.26 -33.71 38.68
C TYR E 307 26.13 -32.78 38.29
N ILE E 308 24.94 -33.35 38.06
CA ILE E 308 23.79 -32.57 37.58
C ILE E 308 23.39 -31.45 38.55
N LEU E 309 23.42 -31.74 39.85
CA LEU E 309 23.10 -30.74 40.85
C LEU E 309 24.06 -29.55 40.84
N ASP E 310 25.33 -29.81 40.62
CA ASP E 310 26.31 -28.73 40.54
C ASP E 310 26.11 -27.95 39.25
N GLN E 311 25.80 -28.72 38.20
CA GLN E 311 25.60 -28.18 36.87
C GLN E 311 24.51 -27.11 36.84
N VAL E 312 23.32 -27.46 37.28
CA VAL E 312 22.20 -26.53 37.20
C VAL E 312 22.48 -25.26 37.99
N ARG E 313 23.05 -25.41 39.17
CA ARG E 313 23.38 -24.25 39.98
C ARG E 313 24.31 -23.32 39.22
N ALA E 314 25.33 -23.88 38.58
CA ALA E 314 26.26 -23.06 37.80
C ALA E 314 25.56 -22.47 36.59
N LEU E 315 24.79 -23.30 35.90
CA LEU E 315 24.04 -22.86 34.74
C LEU E 315 23.11 -21.70 35.11
N GLU E 316 22.33 -21.87 36.18
CA GLU E 316 21.38 -20.83 36.57
C GLU E 316 22.07 -19.50 36.71
N ILE E 317 23.18 -19.49 37.43
CA ILE E 317 23.90 -18.25 37.61
C ILE E 317 24.26 -17.62 36.27
N GLU E 318 24.97 -18.37 35.43
CA GLU E 318 25.39 -17.87 34.12
C GLU E 318 24.21 -17.38 33.27
N MET E 319 23.11 -18.11 33.31
CA MET E 319 21.91 -17.77 32.55
C MET E 319 21.30 -16.46 33.01
N LEU E 320 21.18 -16.28 34.33
CA LEU E 320 20.69 -15.01 34.86
C LEU E 320 21.57 -13.87 34.37
N GLN E 321 22.88 -14.08 34.44
CA GLN E 321 23.83 -13.08 34.00
C GLN E 321 23.57 -12.69 32.55
N ARG E 322 23.53 -13.69 31.68
CA ARG E 322 23.34 -13.42 30.25
C ARG E 322 22.01 -12.73 29.95
N ILE E 323 20.93 -13.19 30.58
CA ILE E 323 19.63 -12.57 30.33
C ILE E 323 19.64 -11.08 30.70
N LYS E 324 20.18 -10.76 31.87
CA LYS E 324 20.32 -9.37 32.30
C LYS E 324 21.11 -8.58 31.26
N GLN E 325 22.32 -9.05 30.97
CA GLN E 325 23.25 -8.38 30.06
C GLN E 325 22.68 -8.01 28.69
N GLN E 326 21.72 -8.80 28.20
CA GLN E 326 21.19 -8.55 26.87
C GLN E 326 19.91 -7.72 26.92
N GLY E 327 19.55 -7.27 28.13
CA GLY E 327 18.44 -6.35 28.32
C GLY E 327 17.08 -7.02 28.38
N LEU E 328 17.06 -8.25 28.86
CA LEU E 328 15.82 -9.00 29.00
C LEU E 328 15.52 -9.25 30.47
N ASN E 329 14.24 -9.26 30.81
CA ASN E 329 13.82 -9.60 32.17
C ASN E 329 13.27 -11.02 32.40
N ILE E 330 13.29 -11.83 31.34
CA ILE E 330 12.74 -13.18 31.40
C ILE E 330 13.30 -13.99 32.58
N LYS E 331 12.42 -14.78 33.19
CA LYS E 331 12.80 -15.65 34.29
C LYS E 331 13.06 -17.06 33.74
N PRO E 332 14.27 -17.55 33.94
CA PRO E 332 14.65 -18.87 33.42
C PRO E 332 13.94 -19.98 34.15
N ARG E 333 13.92 -21.17 33.56
CA ARG E 333 13.55 -22.36 34.29
C ARG E 333 14.44 -23.55 33.90
N ILE E 334 15.03 -24.20 34.90
CA ILE E 334 15.72 -25.46 34.65
C ILE E 334 14.99 -26.60 35.34
N LEU E 335 14.64 -27.62 34.58
CA LEU E 335 13.92 -28.78 35.11
C LEU E 335 14.73 -30.06 34.94
N ILE E 336 14.99 -30.74 36.05
CA ILE E 336 15.62 -32.06 36.02
C ILE E 336 14.52 -33.14 36.10
N LEU E 337 14.30 -33.85 35.00
CA LEU E 337 13.28 -34.89 34.95
C LEU E 337 13.84 -36.20 35.46
N THR E 338 13.22 -36.76 36.51
CA THR E 338 13.60 -38.08 36.98
C THR E 338 12.32 -38.84 37.33
N ARG E 339 12.46 -40.01 37.95
CA ARG E 339 11.32 -40.87 38.20
C ARG E 339 10.75 -40.66 39.58
N LEU E 340 9.43 -40.63 39.70
CA LEU E 340 8.77 -40.59 41.00
C LEU E 340 8.79 -41.97 41.65
N LEU E 341 9.29 -42.04 42.88
CA LEU E 341 9.33 -43.29 43.63
C LEU E 341 8.60 -43.06 44.94
N PRO E 342 7.31 -43.36 44.96
CA PRO E 342 6.44 -43.05 46.09
C PRO E 342 6.89 -43.79 47.34
N ASP E 343 7.52 -44.93 47.13
CA ASP E 343 7.85 -45.85 48.21
C ASP E 343 9.27 -45.77 48.74
N ALA E 344 10.07 -44.82 48.25
CA ALA E 344 11.44 -44.74 48.74
C ALA E 344 11.38 -43.83 49.94
N VAL E 345 11.50 -44.42 51.12
CA VAL E 345 11.18 -43.68 52.34
C VAL E 345 12.44 -43.07 52.91
N GLY E 346 12.30 -41.88 53.50
CA GLY E 346 13.45 -41.18 54.01
C GLY E 346 13.95 -40.25 52.94
N THR E 347 13.41 -40.40 51.72
CA THR E 347 13.80 -39.50 50.64
C THR E 347 12.63 -38.62 50.18
N THR E 348 12.95 -37.68 49.29
CA THR E 348 11.96 -36.82 48.67
C THR E 348 11.57 -37.31 47.28
N CYS E 349 12.06 -38.49 46.92
CA CYS E 349 11.86 -39.06 45.59
C CYS E 349 10.36 -39.29 45.27
N GLY E 350 9.48 -39.10 46.25
CA GLY E 350 8.06 -39.28 46.03
C GLY E 350 7.31 -38.01 45.69
N GLU E 351 7.96 -36.85 45.82
CA GLU E 351 7.28 -35.61 45.51
C GLU E 351 7.61 -35.15 44.08
N ARG E 352 6.60 -34.57 43.42
CA ARG E 352 6.68 -34.23 42.01
C ARG E 352 7.63 -33.08 41.67
N LEU E 353 7.74 -32.12 42.58
CA LEU E 353 8.51 -30.92 42.28
C LEU E 353 9.36 -30.56 43.49
N GLU E 354 10.64 -30.29 43.26
CA GLU E 354 11.57 -29.99 44.36
C GLU E 354 12.56 -28.87 43.99
N ARG E 355 12.63 -27.84 44.83
CA ARG E 355 13.56 -26.76 44.57
C ARG E 355 14.99 -27.23 44.80
N VAL E 356 15.88 -26.94 43.87
CA VAL E 356 17.28 -27.30 44.06
C VAL E 356 17.91 -26.34 45.06
N TYR E 357 18.65 -26.91 46.00
CA TYR E 357 19.29 -26.12 47.03
C TYR E 357 20.14 -25.03 46.42
N ASP E 358 20.03 -23.83 46.98
CA ASP E 358 20.81 -22.67 46.54
C ASP E 358 20.51 -22.15 45.14
N SER E 359 19.29 -22.35 44.67
CA SER E 359 18.91 -21.80 43.39
C SER E 359 17.52 -21.17 43.42
N GLU E 360 17.32 -20.18 42.57
CA GLU E 360 16.02 -19.56 42.37
C GLU E 360 15.15 -20.39 41.43
N TYR E 361 15.72 -20.77 40.30
CA TYR E 361 14.97 -21.35 39.18
C TYR E 361 15.08 -22.85 38.87
N CYS E 362 15.88 -23.59 39.64
CA CYS E 362 16.10 -25.00 39.33
C CYS E 362 15.19 -25.92 40.13
N ASP E 363 14.50 -26.81 39.43
CA ASP E 363 13.56 -27.72 40.08
C ASP E 363 13.74 -29.17 39.59
N ILE E 364 13.69 -30.12 40.52
CA ILE E 364 13.55 -31.51 40.13
C ILE E 364 12.08 -31.77 39.82
N LEU E 365 11.82 -32.42 38.71
CA LEU E 365 10.45 -32.72 38.32
C LEU E 365 10.30 -34.21 38.13
N ARG E 366 9.49 -34.84 38.96
CA ARG E 366 9.36 -36.28 38.93
C ARG E 366 8.08 -36.76 38.26
N VAL E 367 8.23 -37.67 37.32
CA VAL E 367 7.10 -38.31 36.67
C VAL E 367 7.27 -39.81 36.88
N PRO E 368 6.16 -40.49 37.18
CA PRO E 368 6.17 -41.94 37.45
C PRO E 368 6.24 -42.80 36.18
N PHE E 369 6.69 -44.05 36.34
CA PHE E 369 6.56 -45.08 35.30
C PHE E 369 5.14 -45.65 35.38
N ARG E 370 4.59 -46.04 34.23
CA ARG E 370 3.29 -46.70 34.25
C ARG E 370 3.10 -47.66 33.09
N THR E 371 2.21 -48.62 33.28
CA THR E 371 1.75 -49.46 32.18
C THR E 371 0.25 -49.21 32.02
N GLU E 372 -0.38 -49.92 31.08
CA GLU E 372 -1.81 -49.81 30.90
C GLU E 372 -2.47 -50.08 32.26
N LYS E 373 -1.77 -50.83 33.09
CA LYS E 373 -2.26 -51.24 34.40
C LYS E 373 -2.32 -50.11 35.44
N GLY E 374 -1.34 -49.24 35.43
CA GLY E 374 -1.30 -48.14 36.39
C GLY E 374 0.14 -47.80 36.71
N ILE E 375 0.36 -46.91 37.68
CA ILE E 375 1.75 -46.54 37.98
C ILE E 375 2.54 -47.69 38.62
N VAL E 376 3.83 -47.76 38.29
CA VAL E 376 4.74 -48.71 38.91
C VAL E 376 5.41 -48.06 40.10
N ARG E 377 5.27 -48.68 41.27
CA ARG E 377 5.81 -48.14 42.50
C ARG E 377 7.30 -48.43 42.76
N LYS E 378 7.74 -49.66 42.54
CA LYS E 378 9.05 -50.09 43.05
C LYS E 378 10.24 -49.56 42.25
N TRP E 379 11.32 -49.23 42.96
CA TRP E 379 12.56 -48.85 42.29
C TRP E 379 12.98 -49.96 41.34
N ILE E 380 13.51 -49.56 40.20
CA ILE E 380 14.01 -50.51 39.23
C ILE E 380 15.47 -50.22 38.87
N SER E 381 16.23 -51.27 38.65
CA SER E 381 17.64 -51.15 38.25
C SER E 381 17.74 -50.42 36.92
N ARG E 382 18.76 -49.60 36.78
CA ARG E 382 18.96 -48.85 35.54
C ARG E 382 19.04 -49.79 34.33
N PHE E 383 19.53 -51.01 34.53
CA PHE E 383 19.57 -51.96 33.42
C PHE E 383 18.18 -52.47 33.04
N GLU E 384 17.21 -52.30 33.93
CA GLU E 384 15.85 -52.79 33.67
C GLU E 384 14.79 -51.78 33.21
N VAL E 385 15.15 -50.52 33.04
CA VAL E 385 14.13 -49.49 32.88
C VAL E 385 13.50 -49.44 31.50
N TRP E 386 14.18 -50.03 30.53
CA TRP E 386 13.89 -49.83 29.10
C TRP E 386 12.42 -49.80 28.67
N PRO E 387 11.63 -50.80 29.08
CA PRO E 387 10.24 -50.84 28.59
C PRO E 387 9.42 -49.63 29.03
N TYR E 388 9.79 -49.02 30.16
CA TYR E 388 9.01 -47.92 30.72
C TYR E 388 9.33 -46.55 30.10
N LEU E 389 10.45 -46.46 29.39
CA LEU E 389 10.95 -45.16 28.93
C LEU E 389 10.07 -44.46 27.90
N GLU E 390 9.51 -45.20 26.96
CA GLU E 390 8.73 -44.56 25.92
C GLU E 390 7.52 -43.84 26.51
N THR E 391 6.76 -44.54 27.35
CA THR E 391 5.60 -43.93 28.00
C THR E 391 6.05 -42.87 28.98
N TYR E 392 7.23 -43.05 29.54
CA TYR E 392 7.80 -42.04 30.42
C TYR E 392 8.00 -40.73 29.65
N THR E 393 8.39 -40.83 28.38
CA THR E 393 8.64 -39.66 27.56
C THR E 393 7.33 -38.90 27.34
N GLU E 394 6.31 -39.60 26.88
CA GLU E 394 5.00 -38.99 26.67
C GLU E 394 4.50 -38.29 27.93
N ASP E 395 4.67 -38.94 29.08
CA ASP E 395 4.22 -38.37 30.34
C ASP E 395 5.03 -37.15 30.73
N ALA E 396 6.33 -37.20 30.46
CA ALA E 396 7.22 -36.10 30.79
C ALA E 396 6.88 -34.91 29.91
N ALA E 397 6.65 -35.19 28.63
CA ALA E 397 6.32 -34.15 27.67
C ALA E 397 5.16 -33.34 28.21
N VAL E 398 4.15 -34.06 28.71
CA VAL E 398 2.95 -33.45 29.27
C VAL E 398 3.19 -32.70 30.57
N GLU E 399 4.02 -33.25 31.46
CA GLU E 399 4.35 -32.56 32.71
C GLU E 399 5.14 -31.27 32.48
N LEU E 400 6.23 -31.35 31.74
CA LEU E 400 7.09 -30.20 31.61
C LEU E 400 6.39 -29.09 30.83
N SER E 401 5.37 -29.48 30.05
CA SER E 401 4.55 -28.49 29.36
C SER E 401 3.71 -27.70 30.35
N LYS E 402 3.25 -28.36 31.40
CA LYS E 402 2.46 -27.71 32.44
C LYS E 402 3.34 -26.75 33.21
N GLU E 403 4.59 -27.13 33.43
CA GLU E 403 5.51 -26.34 34.24
C GLU E 403 6.08 -25.12 33.52
N LEU E 404 6.44 -25.29 32.24
CA LEU E 404 7.18 -24.26 31.51
C LEU E 404 6.30 -23.20 30.84
N ASN E 405 6.77 -21.97 30.87
CA ASN E 405 6.25 -20.94 29.99
C ASN E 405 7.15 -20.90 28.75
N GLY E 406 6.62 -21.36 27.63
CA GLY E 406 7.40 -21.58 26.43
C GLY E 406 7.86 -23.03 26.34
N LYS E 407 8.50 -23.41 25.24
CA LYS E 407 9.05 -24.76 25.16
C LYS E 407 10.49 -24.73 25.60
N PRO E 408 11.10 -25.91 25.73
CA PRO E 408 12.50 -26.02 26.16
C PRO E 408 13.39 -25.35 25.13
N ASP E 409 14.36 -24.56 25.58
CA ASP E 409 15.33 -24.01 24.64
C ASP E 409 16.55 -24.91 24.43
N LEU E 410 16.77 -25.79 25.41
CA LEU E 410 17.87 -26.73 25.39
C LEU E 410 17.46 -27.99 26.14
N ILE E 411 17.79 -29.14 25.60
CA ILE E 411 17.53 -30.40 26.28
C ILE E 411 18.83 -31.17 26.40
N ILE E 412 19.17 -31.56 27.63
CA ILE E 412 20.40 -32.30 27.89
C ILE E 412 20.05 -33.71 28.35
N GLY E 413 20.57 -34.72 27.65
CA GLY E 413 20.38 -36.10 28.03
C GLY E 413 21.47 -36.58 28.96
N ASN E 414 21.14 -37.54 29.82
CA ASN E 414 22.13 -38.09 30.76
C ASN E 414 22.08 -39.60 30.83
N TYR E 415 23.23 -40.21 30.65
CA TYR E 415 23.40 -41.66 30.54
C TYR E 415 22.53 -42.29 29.44
N SER E 416 22.19 -43.56 29.58
CA SER E 416 21.63 -44.27 28.43
C SER E 416 20.15 -44.01 28.31
N ASP E 417 19.48 -44.04 29.45
CA ASP E 417 18.03 -43.89 29.54
C ASP E 417 17.65 -42.42 29.37
N GLY E 418 18.50 -41.55 29.91
CA GLY E 418 18.29 -40.12 29.77
C GLY E 418 18.53 -39.71 28.34
N ASN E 419 19.66 -40.16 27.78
CA ASN E 419 19.97 -39.88 26.38
C ASN E 419 18.88 -40.36 25.45
N LEU E 420 18.39 -41.57 25.69
CA LEU E 420 17.29 -42.16 24.92
C LEU E 420 16.01 -41.31 25.01
N VAL E 421 15.59 -40.98 26.22
CA VAL E 421 14.40 -40.13 26.43
C VAL E 421 14.62 -38.72 25.93
N ALA E 422 15.84 -38.23 26.05
CA ALA E 422 16.15 -36.87 25.64
C ALA E 422 16.04 -36.75 24.11
N SER E 423 16.42 -37.81 23.42
CA SER E 423 16.38 -37.79 21.96
C SER E 423 14.93 -37.72 21.51
N LEU E 424 14.07 -38.52 22.12
CA LEU E 424 12.66 -38.52 21.77
C LEU E 424 11.98 -37.19 22.07
N LEU E 425 12.34 -36.57 23.20
CA LEU E 425 11.78 -35.27 23.53
C LEU E 425 12.18 -34.23 22.49
N ALA E 426 13.48 -34.21 22.18
CA ALA E 426 14.01 -33.26 21.23
C ALA E 426 13.31 -33.39 19.90
N HIS E 427 13.17 -34.63 19.44
CA HIS E 427 12.46 -34.92 18.20
C HIS E 427 11.04 -34.37 18.27
N LYS E 428 10.30 -34.79 19.29
CA LYS E 428 8.92 -34.32 19.53
C LYS E 428 8.82 -32.80 19.64
N LEU E 429 9.65 -32.20 20.47
CA LEU E 429 9.52 -30.76 20.74
C LEU E 429 10.34 -29.87 19.84
N GLY E 430 11.14 -30.47 18.95
CA GLY E 430 11.97 -29.67 18.05
C GLY E 430 12.89 -28.72 18.78
N VAL E 431 13.72 -29.28 19.67
CA VAL E 431 14.56 -28.50 20.57
C VAL E 431 15.99 -28.99 20.49
N THR E 432 16.93 -28.06 20.62
CA THR E 432 18.35 -28.39 20.60
C THR E 432 18.73 -29.42 21.67
N GLN E 433 19.52 -30.41 21.25
CA GLN E 433 19.84 -31.55 22.10
C GLN E 433 21.33 -31.71 22.37
N CYS E 434 21.68 -31.93 23.62
CA CYS E 434 23.04 -32.27 23.98
C CYS E 434 22.96 -33.57 24.74
N THR E 435 23.97 -34.44 24.60
CA THR E 435 24.02 -35.61 25.47
C THR E 435 25.30 -35.70 26.30
N ILE E 436 25.15 -36.24 27.51
CA ILE E 436 26.28 -36.52 28.39
C ILE E 436 26.18 -37.96 28.85
N ALA E 437 27.22 -38.75 28.58
CA ALA E 437 27.18 -40.18 28.88
C ALA E 437 27.33 -40.53 30.37
N HIS E 438 28.34 -39.96 31.03
CA HIS E 438 28.60 -40.21 32.45
C HIS E 438 29.18 -41.60 32.66
N ALA E 439 28.98 -42.45 31.64
CA ALA E 439 29.60 -43.75 31.56
C ALA E 439 29.04 -44.46 30.33
N LEU E 440 29.80 -45.40 29.80
CA LEU E 440 29.34 -46.27 28.72
C LEU E 440 29.62 -47.71 29.12
N GLU E 441 28.57 -48.48 29.31
CA GLU E 441 28.69 -49.78 29.93
C GLU E 441 29.56 -50.72 29.12
N LYS E 442 29.49 -50.60 27.79
CA LYS E 442 30.26 -51.48 26.94
C LYS E 442 31.76 -51.44 27.24
N THR E 443 32.26 -50.37 27.87
CA THR E 443 33.66 -50.37 28.31
C THR E 443 33.85 -50.78 29.77
N LYS E 444 32.78 -50.83 30.54
CA LYS E 444 32.88 -51.27 31.92
C LYS E 444 32.82 -52.79 32.00
N TYR E 445 32.13 -53.40 31.04
CA TYR E 445 31.92 -54.84 31.06
C TYR E 445 32.53 -55.45 29.83
N PRO E 446 33.80 -55.85 29.93
CA PRO E 446 34.64 -56.33 28.82
C PRO E 446 33.96 -57.41 27.99
N ASP E 447 34.08 -57.25 26.66
CA ASP E 447 33.52 -58.19 25.71
C ASP E 447 32.02 -58.34 25.88
N SER E 448 31.36 -57.33 26.43
CA SER E 448 29.92 -57.42 26.63
C SER E 448 29.15 -57.21 25.32
N ASP E 449 29.82 -56.70 24.30
CA ASP E 449 29.20 -56.70 22.98
C ASP E 449 29.16 -58.12 22.39
N ILE E 450 30.32 -58.75 22.27
CA ILE E 450 30.47 -60.06 21.65
C ILE E 450 29.76 -61.16 22.45
N TYR E 451 29.87 -61.05 23.78
CA TYR E 451 29.27 -61.99 24.71
C TYR E 451 27.89 -61.57 25.22
N TRP E 452 27.32 -60.54 24.61
CA TRP E 452 26.06 -59.94 25.04
C TRP E 452 24.95 -60.94 25.32
N LYS E 453 24.92 -62.04 24.57
CA LYS E 453 23.79 -62.97 24.65
C LYS E 453 23.62 -63.57 26.04
N LYS E 454 24.67 -64.21 26.55
CA LYS E 454 24.63 -64.76 27.90
C LYS E 454 24.36 -63.70 28.98
N LEU E 455 24.72 -62.45 28.69
CA LEU E 455 24.54 -61.36 29.65
C LEU E 455 23.13 -60.76 29.65
N ASP E 456 22.35 -61.03 28.61
CA ASP E 456 21.16 -60.22 28.39
C ASP E 456 20.05 -60.30 29.44
N ASP E 457 19.82 -61.48 30.02
CA ASP E 457 18.74 -61.64 30.98
C ASP E 457 19.01 -60.85 32.26
N LYS E 458 20.29 -60.60 32.51
CA LYS E 458 20.70 -59.84 33.67
C LYS E 458 20.84 -58.35 33.34
N TYR E 459 21.73 -58.01 32.42
CA TYR E 459 22.02 -56.60 32.10
C TYR E 459 21.28 -55.94 30.93
N HIS E 460 20.60 -56.74 30.11
CA HIS E 460 19.88 -56.19 28.95
C HIS E 460 20.69 -55.24 28.06
N PHE E 461 21.96 -55.56 27.82
CA PHE E 461 22.81 -54.65 27.04
C PHE E 461 22.36 -54.47 25.59
N SER E 462 21.53 -55.38 25.08
CA SER E 462 21.04 -55.23 23.72
C SER E 462 20.15 -53.99 23.65
N CYS E 463 19.41 -53.71 24.72
CA CYS E 463 18.64 -52.47 24.80
C CYS E 463 19.57 -51.29 24.95
N GLN E 464 20.47 -51.39 25.91
CA GLN E 464 21.30 -50.26 26.23
C GLN E 464 22.21 -49.89 25.07
N PHE E 465 23.00 -50.84 24.59
CA PHE E 465 23.92 -50.58 23.50
C PHE E 465 23.16 -49.97 22.35
N THR E 466 21.92 -50.41 22.17
CA THR E 466 21.07 -49.85 21.14
C THR E 466 20.71 -48.39 21.43
N ALA E 467 20.35 -48.09 22.68
CA ALA E 467 19.98 -46.73 23.05
C ALA E 467 21.19 -45.82 23.00
N ASP E 468 22.35 -46.37 23.33
CA ASP E 468 23.58 -45.61 23.29
C ASP E 468 23.88 -45.16 21.87
N ILE E 469 23.97 -46.13 20.96
CA ILE E 469 24.26 -45.85 19.55
C ILE E 469 23.26 -44.87 18.95
N PHE E 470 21.99 -45.06 19.28
CA PHE E 470 20.90 -44.18 18.85
C PHE E 470 21.09 -42.72 19.26
N ALA E 471 21.25 -42.48 20.57
CA ALA E 471 21.29 -41.13 21.14
C ALA E 471 22.56 -40.39 20.77
N MET E 472 23.67 -41.12 20.84
CA MET E 472 24.97 -40.65 20.44
C MET E 472 24.94 -40.01 19.05
N ASN E 473 24.24 -40.64 18.12
CA ASN E 473 24.04 -40.10 16.76
C ASN E 473 22.89 -39.08 16.62
N HIS E 474 21.83 -39.30 17.36
CA HIS E 474 20.62 -38.51 17.22
C HIS E 474 20.83 -37.07 17.69
N THR E 475 21.75 -36.90 18.64
CA THR E 475 21.93 -35.62 19.32
C THR E 475 22.64 -34.58 18.46
N ASP E 476 22.47 -33.31 18.82
CA ASP E 476 23.11 -32.21 18.14
C ASP E 476 24.58 -32.09 18.52
N PHE E 477 24.86 -32.10 19.83
CA PHE E 477 26.25 -32.15 20.29
C PHE E 477 26.42 -32.97 21.57
N ILE E 478 27.66 -33.32 21.84
CA ILE E 478 28.00 -34.24 22.92
C ILE E 478 29.02 -33.62 23.87
N ILE E 479 28.76 -33.69 25.16
CA ILE E 479 29.75 -33.22 26.14
C ILE E 479 30.44 -34.38 26.86
N THR E 480 31.76 -34.29 26.97
CA THR E 480 32.52 -35.33 27.67
C THR E 480 33.39 -34.64 28.71
N SER E 481 33.77 -35.39 29.75
CA SER E 481 34.55 -34.83 30.85
C SER E 481 36.05 -34.88 30.61
N THR E 482 36.49 -35.65 29.62
CA THR E 482 37.92 -35.88 29.38
C THR E 482 38.13 -36.25 27.94
N PHE E 483 39.37 -36.10 27.47
CA PHE E 483 39.75 -36.61 26.17
C PHE E 483 39.60 -38.14 26.10
N GLN E 484 40.10 -38.84 27.12
CA GLN E 484 40.10 -40.30 27.10
C GLN E 484 38.67 -40.86 26.91
N GLU E 485 37.69 -40.17 27.46
CA GLU E 485 36.30 -40.52 27.19
C GLU E 485 36.04 -40.64 25.67
N ILE E 486 36.70 -39.79 24.88
CA ILE E 486 36.49 -39.82 23.43
C ILE E 486 37.45 -40.77 22.72
N ALA E 487 38.71 -40.35 22.61
CA ALA E 487 39.75 -41.10 21.89
C ALA E 487 40.74 -41.91 22.73
N GLY E 488 40.55 -41.95 24.05
CA GLY E 488 41.45 -42.66 24.93
C GLY E 488 42.86 -42.10 24.93
N SER E 489 43.84 -42.94 24.65
CA SER E 489 45.24 -42.54 24.59
C SER E 489 45.97 -43.16 23.39
N LYS E 490 47.28 -42.94 23.29
CA LYS E 490 48.05 -43.56 22.21
C LYS E 490 48.00 -45.08 22.30
N GLU E 491 48.18 -45.59 23.50
CA GLU E 491 48.21 -47.03 23.75
C GLU E 491 46.81 -47.69 23.87
N THR E 492 45.83 -46.96 24.37
CA THR E 492 44.52 -47.54 24.69
C THR E 492 43.31 -46.83 24.05
N VAL E 493 42.31 -47.63 23.69
CA VAL E 493 41.14 -47.12 22.97
C VAL E 493 40.28 -46.26 23.89
N GLY E 494 39.51 -45.35 23.29
CA GLY E 494 38.60 -44.50 24.03
C GLY E 494 37.24 -45.13 24.27
N GLN E 495 36.46 -44.49 25.15
CA GLN E 495 35.13 -45.01 25.45
C GLN E 495 34.16 -44.91 24.27
N TYR E 496 33.97 -43.71 23.71
CA TYR E 496 33.11 -43.58 22.55
C TYR E 496 33.75 -44.31 21.37
N GLU E 497 35.08 -44.24 21.30
CA GLU E 497 35.83 -44.81 20.20
C GLU E 497 35.57 -46.30 20.05
N SER E 498 35.42 -46.98 21.18
CA SER E 498 35.17 -48.41 21.18
C SER E 498 33.82 -48.74 20.56
N HIS E 499 33.05 -47.71 20.25
CA HIS E 499 31.75 -47.88 19.61
C HIS E 499 31.78 -47.70 18.10
N THR E 500 32.94 -47.30 17.59
CA THR E 500 33.09 -47.09 16.16
C THR E 500 32.73 -48.36 15.39
N ALA E 501 33.44 -49.46 15.68
CA ALA E 501 33.11 -50.74 15.06
C ALA E 501 33.06 -51.88 16.09
N PHE E 502 31.89 -52.46 16.26
CA PHE E 502 31.72 -53.60 17.14
C PHE E 502 30.57 -54.46 16.62
N THR E 503 30.34 -55.62 17.25
CA THR E 503 29.27 -56.49 16.82
C THR E 503 28.59 -57.21 17.98
N LEU E 504 27.28 -57.41 17.85
CA LEU E 504 26.51 -58.16 18.82
C LEU E 504 25.96 -59.37 18.09
N PRO E 505 26.72 -60.47 18.09
CA PRO E 505 26.44 -61.61 17.21
C PRO E 505 25.02 -62.14 17.36
N GLY E 506 24.34 -62.29 16.22
CA GLY E 506 22.99 -62.79 16.19
C GLY E 506 21.96 -61.69 16.31
N LEU E 507 22.43 -60.45 16.46
CA LEU E 507 21.55 -59.33 16.68
C LEU E 507 21.74 -58.29 15.59
N TYR E 508 22.91 -57.66 15.58
CA TYR E 508 23.30 -56.79 14.46
C TYR E 508 24.76 -56.43 14.53
N ARG E 509 25.22 -55.72 13.51
CA ARG E 509 26.64 -55.42 13.38
C ARG E 509 26.74 -53.93 13.26
N VAL E 510 27.76 -53.35 13.90
CA VAL E 510 27.99 -51.93 13.76
C VAL E 510 29.32 -51.73 13.05
N VAL E 511 29.25 -51.34 11.79
CA VAL E 511 30.45 -51.14 10.98
C VAL E 511 31.05 -49.77 11.23
N HIS E 512 30.20 -48.75 11.27
CA HIS E 512 30.63 -47.44 11.79
C HIS E 512 29.52 -46.86 12.68
N GLY E 513 29.72 -46.86 13.98
CA GLY E 513 28.70 -46.34 14.87
C GLY E 513 28.93 -44.93 15.33
N ILE E 514 30.19 -44.52 15.38
CA ILE E 514 30.56 -43.19 15.82
C ILE E 514 32.00 -42.92 15.37
N ASP E 515 32.39 -41.65 15.26
CA ASP E 515 33.72 -41.34 14.78
C ASP E 515 34.38 -40.37 15.75
N VAL E 516 35.52 -40.76 16.30
CA VAL E 516 36.21 -39.98 17.32
C VAL E 516 36.52 -38.53 16.88
N PHE E 517 36.47 -38.26 15.58
CA PHE E 517 36.75 -36.92 15.06
C PHE E 517 35.49 -36.10 14.80
N ASP E 518 34.33 -36.70 15.04
CA ASP E 518 33.07 -36.04 14.75
C ASP E 518 33.06 -34.68 15.43
N PRO E 519 32.74 -33.63 14.66
CA PRO E 519 32.74 -32.25 15.16
C PRO E 519 31.77 -31.99 16.32
N LYS E 520 30.83 -32.90 16.58
CA LYS E 520 29.87 -32.71 17.66
C LYS E 520 30.46 -32.93 19.06
N PHE E 521 31.60 -33.61 19.12
CA PHE E 521 32.25 -33.86 20.41
C PHE E 521 32.83 -32.59 21.00
N ASN E 522 32.56 -32.37 22.28
CA ASN E 522 33.20 -31.27 23.00
C ASN E 522 33.59 -31.68 24.42
N ILE E 523 34.85 -31.49 24.76
CA ILE E 523 35.31 -31.76 26.11
C ILE E 523 35.03 -30.52 26.95
N VAL E 524 34.16 -30.67 27.94
CA VAL E 524 33.94 -29.62 28.93
C VAL E 524 34.03 -30.26 30.29
N SER E 525 35.11 -29.98 31.01
CA SER E 525 35.38 -30.71 32.24
C SER E 525 34.62 -30.13 33.39
N PRO E 526 34.03 -31.01 34.21
CA PRO E 526 33.30 -30.61 35.41
C PRO E 526 34.27 -30.38 36.54
N GLY E 527 33.75 -30.13 37.74
CA GLY E 527 34.56 -29.87 38.91
C GLY E 527 33.85 -30.31 40.17
N ALA E 528 34.48 -30.06 41.31
CA ALA E 528 33.85 -30.34 42.59
C ALA E 528 33.40 -29.01 43.15
N ASP E 529 32.20 -28.96 43.73
CA ASP E 529 31.67 -27.73 44.30
C ASP E 529 32.67 -27.17 45.30
N MET E 530 33.10 -25.92 45.10
CA MET E 530 34.23 -25.40 45.88
C MET E 530 33.89 -24.92 47.29
N SER E 531 32.61 -24.81 47.59
CA SER E 531 32.20 -24.50 48.94
C SER E 531 32.20 -25.77 49.80
N ILE E 532 32.02 -26.91 49.14
CA ILE E 532 32.02 -28.22 49.79
C ILE E 532 33.40 -28.85 50.01
N TYR E 533 34.24 -28.78 48.99
CA TYR E 533 35.55 -29.42 48.99
C TYR E 533 36.64 -28.37 48.81
N PHE E 534 37.62 -28.38 49.68
CA PHE E 534 38.71 -27.41 49.61
C PHE E 534 39.87 -27.89 50.47
N PRO E 535 40.99 -27.16 50.43
CA PRO E 535 42.21 -27.70 51.02
C PRO E 535 42.08 -27.86 52.53
N TYR E 536 42.50 -29.01 53.04
CA TYR E 536 42.39 -29.33 54.46
C TYR E 536 43.18 -28.34 55.27
N THR E 537 44.06 -27.59 54.61
CA THR E 537 45.01 -26.73 55.32
C THR E 537 44.43 -25.39 55.70
N GLU E 538 43.21 -25.11 55.27
CA GLU E 538 42.62 -23.82 55.56
C GLU E 538 41.82 -23.94 56.85
N GLU E 539 42.38 -23.45 57.94
CA GLU E 539 41.81 -23.75 59.25
C GLU E 539 40.51 -22.99 59.47
N LYS E 540 40.47 -21.74 59.02
CA LYS E 540 39.30 -20.90 59.21
C LYS E 540 38.04 -21.61 58.72
N ARG E 541 38.19 -22.33 57.59
CA ARG E 541 37.07 -22.97 56.91
C ARG E 541 36.66 -24.37 57.38
N ARG E 542 37.56 -25.09 58.05
CA ARG E 542 37.30 -26.47 58.45
C ARG E 542 36.02 -26.54 59.26
N LEU E 543 35.23 -27.60 59.06
CA LEU E 543 33.98 -27.70 59.80
C LEU E 543 34.23 -28.63 60.95
N THR E 544 34.40 -28.03 62.13
CA THR E 544 34.78 -28.78 63.31
C THR E 544 33.53 -29.23 64.02
N LYS E 545 32.40 -28.66 63.60
CA LYS E 545 31.10 -29.06 64.08
C LYS E 545 31.03 -30.56 63.96
N PHE E 546 31.76 -31.08 62.97
CA PHE E 546 31.63 -32.46 62.54
C PHE E 546 32.61 -33.45 63.16
N HIS E 547 33.54 -32.98 63.98
CA HIS E 547 34.60 -33.89 64.39
C HIS E 547 34.17 -35.04 65.31
N SER E 548 33.35 -34.75 66.30
CA SER E 548 32.83 -35.82 67.14
C SER E 548 32.25 -36.91 66.25
N GLU E 549 31.34 -36.54 65.37
CA GLU E 549 30.75 -37.51 64.46
C GLU E 549 31.81 -38.27 63.67
N ILE E 550 32.70 -37.53 63.01
CA ILE E 550 33.71 -38.15 62.16
C ILE E 550 34.62 -39.09 62.95
N GLU E 551 34.93 -38.74 64.19
CA GLU E 551 35.83 -39.55 65.01
C GLU E 551 35.16 -40.83 65.49
N GLU E 552 33.86 -40.76 65.74
CA GLU E 552 33.11 -41.94 66.11
C GLU E 552 32.93 -42.82 64.88
N LEU E 553 32.86 -42.17 63.72
CA LEU E 553 32.66 -42.86 62.45
C LEU E 553 33.87 -43.69 62.10
N LEU E 554 35.05 -43.09 62.23
CA LEU E 554 36.30 -43.77 61.95
C LEU E 554 36.79 -44.66 63.09
N TYR E 555 36.84 -44.09 64.29
CA TYR E 555 37.60 -44.68 65.40
C TYR E 555 36.87 -45.45 66.52
N SER E 556 35.54 -45.50 66.49
CA SER E 556 34.79 -46.09 67.63
C SER E 556 34.91 -47.61 67.71
N ASP E 557 34.66 -48.16 68.89
CA ASP E 557 34.71 -49.61 69.05
C ASP E 557 33.34 -50.27 68.80
N VAL E 558 32.36 -49.48 68.39
CA VAL E 558 31.03 -49.99 68.10
C VAL E 558 30.96 -50.51 66.68
N GLU E 559 30.41 -51.72 66.51
CA GLU E 559 30.21 -52.32 65.19
C GLU E 559 28.73 -52.48 64.90
N ASN E 560 28.28 -51.86 63.82
CA ASN E 560 26.87 -51.87 63.45
C ASN E 560 26.66 -51.75 61.93
N LYS E 561 25.42 -51.53 61.54
CA LYS E 561 25.09 -51.34 60.12
C LYS E 561 25.62 -50.01 59.62
N GLU E 562 26.03 -49.13 60.52
CA GLU E 562 26.65 -47.88 60.10
C GLU E 562 28.11 -48.11 59.73
N HIS E 563 28.82 -48.88 60.55
CA HIS E 563 30.22 -49.21 60.31
C HIS E 563 30.59 -50.55 60.92
N LEU E 564 31.46 -51.30 60.24
CA LEU E 564 31.80 -52.66 60.65
C LEU E 564 33.31 -52.78 60.87
N CYS E 565 33.68 -53.80 61.64
CA CYS E 565 35.00 -53.92 62.28
C CYS E 565 35.39 -52.72 63.13
N VAL E 566 36.69 -52.55 63.33
CA VAL E 566 37.21 -51.50 64.20
C VAL E 566 38.67 -51.18 63.88
N LEU E 567 39.06 -49.93 64.06
CA LEU E 567 40.46 -49.57 63.94
C LEU E 567 41.17 -49.65 65.30
N LYS E 568 42.21 -50.49 65.38
CA LYS E 568 42.96 -50.75 66.60
C LYS E 568 43.79 -49.52 67.02
N ASP E 569 44.53 -48.97 66.07
CA ASP E 569 45.42 -47.85 66.35
C ASP E 569 44.99 -46.59 65.61
N LYS E 570 44.58 -45.60 66.38
CA LYS E 570 43.99 -44.38 65.84
C LYS E 570 45.01 -43.53 65.07
N LYS E 571 46.29 -43.73 65.37
CA LYS E 571 47.33 -42.82 64.90
C LYS E 571 47.80 -43.03 63.47
N LYS E 572 47.58 -44.22 62.92
CA LYS E 572 48.03 -44.52 61.56
C LYS E 572 47.36 -43.65 60.50
N PRO E 573 48.08 -43.39 59.41
CA PRO E 573 47.58 -42.87 58.13
C PRO E 573 46.39 -43.69 57.66
N ILE E 574 45.40 -43.05 57.06
CA ILE E 574 44.25 -43.81 56.59
C ILE E 574 44.25 -43.93 55.09
N LEU E 575 44.26 -45.16 54.60
CA LEU E 575 44.04 -45.43 53.19
C LEU E 575 42.53 -45.48 53.00
N PHE E 576 42.01 -44.56 52.19
CA PHE E 576 40.58 -44.28 52.16
C PHE E 576 39.94 -44.46 50.78
N THR E 577 38.70 -44.94 50.77
CA THR E 577 37.93 -44.94 49.53
C THR E 577 36.42 -44.86 49.80
N MET E 578 35.71 -44.24 48.87
CA MET E 578 34.26 -44.08 48.99
C MET E 578 33.62 -44.20 47.59
N ALA E 579 32.51 -44.93 47.52
CA ALA E 579 31.88 -45.21 46.23
C ALA E 579 30.59 -46.01 46.38
N ARG E 580 29.77 -46.00 45.32
CA ARG E 580 28.71 -46.97 45.20
C ARG E 580 29.37 -48.34 45.30
N LEU E 581 28.71 -49.30 45.94
CA LEU E 581 29.28 -50.65 45.99
C LEU E 581 28.71 -51.52 44.86
N ASP E 582 29.55 -51.77 43.86
CA ASP E 582 29.20 -52.69 42.78
C ASP E 582 30.44 -53.40 42.22
N ARG E 583 30.22 -54.29 41.26
CA ARG E 583 31.29 -55.17 40.78
C ARG E 583 32.45 -54.38 40.16
N VAL E 584 32.11 -53.40 39.32
CA VAL E 584 33.12 -52.63 38.61
C VAL E 584 33.90 -51.71 39.54
N LYS E 585 33.22 -51.15 40.55
CA LYS E 585 33.92 -50.30 41.51
C LYS E 585 35.07 -51.07 42.19
N ASN E 586 34.91 -52.37 42.28
CA ASN E 586 36.03 -53.23 42.69
C ASN E 586 36.54 -52.93 44.08
N LEU E 587 35.65 -52.48 44.96
CA LEU E 587 36.02 -52.23 46.36
C LEU E 587 36.52 -53.50 47.06
N SER E 588 35.88 -54.62 46.74
CA SER E 588 36.28 -55.90 47.32
C SER E 588 37.68 -56.24 46.82
N GLY E 589 37.99 -55.82 45.59
CA GLY E 589 39.34 -55.96 45.08
C GLY E 589 40.33 -55.27 46.01
N LEU E 590 40.06 -54.01 46.32
CA LEU E 590 40.91 -53.23 47.22
C LEU E 590 41.10 -53.97 48.53
N VAL E 591 40.00 -54.39 49.14
CA VAL E 591 40.10 -55.10 50.40
C VAL E 591 41.11 -56.24 50.33
N GLU E 592 41.00 -57.07 49.29
CA GLU E 592 41.91 -58.19 49.19
C GLU E 592 43.37 -57.76 49.07
N TRP E 593 43.67 -56.82 48.18
CA TRP E 593 45.06 -56.37 48.07
C TRP E 593 45.53 -55.92 49.44
N TYR E 594 44.80 -55.01 50.05
CA TYR E 594 45.16 -54.54 51.36
C TYR E 594 45.39 -55.72 52.32
N GLY E 595 44.45 -56.65 52.37
CA GLY E 595 44.56 -57.80 53.25
C GLY E 595 45.76 -58.71 53.00
N LYS E 596 46.09 -58.94 51.72
CA LYS E 596 47.19 -59.82 51.34
C LYS E 596 48.55 -59.22 51.68
N ASN E 597 48.64 -57.90 51.71
CA ASN E 597 49.93 -57.23 51.75
C ASN E 597 50.30 -56.73 53.16
N THR E 598 51.24 -57.43 53.80
CA THR E 598 51.53 -57.20 55.22
C THR E 598 52.21 -55.87 55.46
N ARG E 599 52.94 -55.41 54.45
CA ARG E 599 53.69 -54.18 54.53
C ARG E 599 52.73 -52.99 54.52
N LEU E 600 51.67 -53.08 53.72
CA LEU E 600 50.69 -52.02 53.64
C LEU E 600 49.89 -51.95 54.94
N ARG E 601 49.47 -53.11 55.43
CA ARG E 601 48.68 -53.20 56.67
C ARG E 601 49.40 -52.61 57.88
N GLU E 602 50.73 -52.66 57.85
CA GLU E 602 51.54 -52.14 58.94
C GLU E 602 51.52 -50.62 58.91
N LEU E 603 51.57 -50.07 57.70
CA LEU E 603 51.73 -48.64 57.48
C LEU E 603 50.45 -47.83 57.60
N ALA E 604 49.31 -48.43 57.24
CA ALA E 604 48.07 -47.66 57.16
C ALA E 604 46.83 -48.51 57.44
N ASN E 605 45.83 -47.88 58.04
CA ASN E 605 44.50 -48.50 58.19
C ASN E 605 43.73 -48.34 56.88
N LEU E 606 42.88 -49.31 56.57
CA LEU E 606 42.04 -49.18 55.39
C LEU E 606 40.61 -48.81 55.79
N VAL E 607 40.11 -47.70 55.26
CA VAL E 607 38.73 -47.29 55.50
C VAL E 607 37.96 -47.24 54.18
N VAL E 608 36.91 -48.04 54.08
CA VAL E 608 36.14 -48.11 52.84
C VAL E 608 34.68 -47.72 53.08
N VAL E 609 34.24 -46.64 52.45
CA VAL E 609 32.83 -46.31 52.46
C VAL E 609 32.19 -46.91 51.21
N GLY E 610 31.35 -47.91 51.38
CA GLY E 610 30.45 -48.31 50.31
C GLY E 610 29.38 -49.34 50.66
N GLY E 611 28.25 -49.24 49.97
CA GLY E 611 27.08 -50.06 50.26
C GLY E 611 26.32 -49.44 51.42
N ASP E 612 25.01 -49.61 51.47
CA ASP E 612 24.24 -49.12 52.61
C ASP E 612 23.68 -50.30 53.38
N ARG E 613 24.26 -50.58 54.54
CA ARG E 613 23.88 -51.76 55.31
C ARG E 613 22.70 -51.54 56.26
N ARG E 614 22.23 -50.30 56.37
CA ARG E 614 21.06 -49.95 57.18
C ARG E 614 19.83 -50.72 56.74
N LYS E 615 19.73 -50.96 55.44
CA LYS E 615 18.64 -51.76 54.89
C LYS E 615 19.18 -53.00 54.17
N GLU E 616 18.28 -53.80 53.62
CA GLU E 616 18.65 -54.98 52.85
C GLU E 616 18.77 -54.64 51.37
N SER E 617 19.93 -54.93 50.79
CA SER E 617 20.20 -54.50 49.43
C SER E 617 19.28 -55.15 48.41
N LYS E 618 18.71 -54.34 47.53
CA LYS E 618 17.90 -54.86 46.42
C LYS E 618 18.64 -54.98 45.09
N ASP E 619 19.87 -54.50 45.02
CA ASP E 619 20.64 -54.58 43.78
C ASP E 619 21.43 -55.89 43.68
N ASN E 620 21.51 -56.44 42.49
CA ASN E 620 22.26 -57.67 42.28
C ASN E 620 23.71 -57.57 42.72
N GLU E 621 24.43 -56.63 42.10
CA GLU E 621 25.87 -56.55 42.32
C GLU E 621 26.17 -56.12 43.75
N GLU E 622 25.41 -55.17 44.27
CA GLU E 622 25.61 -54.74 45.64
C GLU E 622 25.57 -55.95 46.59
N LYS E 623 24.55 -56.78 46.42
CA LYS E 623 24.44 -57.99 47.24
C LYS E 623 25.68 -58.87 47.10
N ALA E 624 25.99 -59.28 45.88
CA ALA E 624 27.16 -60.11 45.64
C ALA E 624 28.38 -59.50 46.30
N GLU E 625 28.50 -58.19 46.12
CA GLU E 625 29.68 -57.46 46.53
C GLU E 625 29.74 -57.36 48.05
N MET E 626 28.58 -57.23 48.69
CA MET E 626 28.52 -57.25 50.14
C MET E 626 29.04 -58.56 50.69
N LYS E 627 28.62 -59.67 50.10
CA LYS E 627 29.05 -60.97 50.59
C LYS E 627 30.56 -61.16 50.48
N LYS E 628 31.18 -60.70 49.40
CA LYS E 628 32.62 -60.88 49.26
C LYS E 628 33.28 -60.15 50.41
N MET E 629 32.74 -58.98 50.74
CA MET E 629 33.30 -58.11 51.77
C MET E 629 33.30 -58.82 53.11
N TYR E 630 32.22 -59.51 53.42
CA TYR E 630 32.16 -60.28 54.65
C TYR E 630 33.23 -61.37 54.67
N ASP E 631 33.25 -62.17 53.62
CA ASP E 631 34.23 -63.24 53.49
C ASP E 631 35.65 -62.70 53.62
N LEU E 632 35.98 -61.70 52.80
CA LEU E 632 37.31 -61.12 52.84
C LEU E 632 37.67 -60.72 54.27
N ILE E 633 36.74 -60.07 54.96
CA ILE E 633 36.98 -59.65 56.33
C ILE E 633 37.47 -60.80 57.22
N GLU E 634 36.88 -61.98 57.04
CA GLU E 634 37.32 -63.15 57.81
C GLU E 634 38.59 -63.83 57.26
N GLU E 635 38.67 -63.96 55.95
CA GLU E 635 39.81 -64.64 55.31
C GLU E 635 41.13 -64.00 55.71
N TYR E 636 41.23 -62.69 55.52
CA TYR E 636 42.44 -61.95 55.81
C TYR E 636 42.45 -61.32 57.20
N LYS E 637 41.44 -61.67 58.01
CA LYS E 637 41.35 -61.23 59.41
C LYS E 637 41.58 -59.72 59.58
N LEU E 638 40.68 -58.93 58.99
CA LEU E 638 40.92 -57.50 58.85
C LEU E 638 40.62 -56.69 60.11
N ASN E 639 39.95 -57.28 61.08
CA ASN E 639 39.58 -56.56 62.30
C ASN E 639 40.77 -55.94 63.00
N GLY E 640 40.67 -54.64 63.25
CA GLY E 640 41.73 -53.86 63.88
C GLY E 640 42.51 -53.02 62.89
N GLN E 641 42.57 -53.48 61.64
CA GLN E 641 43.11 -52.68 60.54
C GLN E 641 42.10 -52.12 59.52
N PHE E 642 40.82 -52.40 59.72
CA PHE E 642 39.84 -52.18 58.65
C PHE E 642 38.52 -51.61 59.16
N ARG E 643 38.02 -50.58 58.50
CA ARG E 643 36.75 -49.98 58.89
C ARG E 643 35.83 -49.86 57.67
N TRP E 644 34.76 -50.66 57.66
CA TRP E 644 33.85 -50.70 56.51
C TRP E 644 32.59 -49.90 56.80
N ILE E 645 32.49 -48.74 56.17
CA ILE E 645 31.45 -47.79 56.47
C ILE E 645 30.35 -47.80 55.42
N SER E 646 29.12 -47.63 55.88
CA SER E 646 27.96 -47.49 55.00
C SER E 646 27.91 -46.14 54.34
N SER E 647 27.07 -46.05 53.31
CA SER E 647 26.97 -44.87 52.46
C SER E 647 26.86 -43.59 53.25
N GLN E 648 27.69 -42.61 52.87
CA GLN E 648 27.68 -41.29 53.48
C GLN E 648 26.93 -40.31 52.57
N MET E 649 25.72 -39.92 52.98
CA MET E 649 24.83 -39.30 52.02
C MET E 649 24.84 -37.78 52.01
N ASP E 650 25.59 -37.19 52.94
CA ASP E 650 25.65 -35.75 53.05
C ASP E 650 26.96 -35.21 52.49
N ARG E 651 26.87 -34.58 51.32
CA ARG E 651 28.05 -34.04 50.67
C ARG E 651 28.83 -33.08 51.56
N VAL E 652 28.14 -32.40 52.48
CA VAL E 652 28.81 -31.40 53.30
C VAL E 652 29.73 -32.05 54.32
N ARG E 653 29.21 -32.98 55.11
CA ARG E 653 30.06 -33.68 56.07
C ARG E 653 31.13 -34.44 55.30
N ASN E 654 30.75 -34.95 54.14
CA ASN E 654 31.68 -35.70 53.30
C ASN E 654 32.94 -34.91 53.00
N GLY E 655 32.78 -33.62 52.73
CA GLY E 655 33.91 -32.76 52.47
C GLY E 655 34.86 -32.75 53.66
N GLU E 656 34.30 -32.64 54.85
CA GLU E 656 35.12 -32.61 56.05
C GLU E 656 35.80 -33.97 56.23
N LEU E 657 35.06 -35.04 55.94
CA LEU E 657 35.62 -36.39 56.02
C LEU E 657 36.90 -36.50 55.19
N TYR E 658 36.85 -36.10 53.92
CA TYR E 658 38.05 -36.11 53.08
C TYR E 658 39.19 -35.41 53.79
N ARG E 659 38.90 -34.24 54.35
CA ARG E 659 39.94 -33.42 54.95
C ARG E 659 40.48 -34.06 56.23
N TYR E 660 39.65 -34.86 56.89
CA TYR E 660 40.11 -35.53 58.08
C TYR E 660 41.16 -36.57 57.71
N ILE E 661 40.93 -37.26 56.60
CA ILE E 661 41.90 -38.21 56.10
C ILE E 661 43.22 -37.49 55.86
N CYS E 662 43.13 -36.29 55.28
CA CYS E 662 44.31 -35.45 55.08
C CYS E 662 45.06 -35.20 56.39
N ASP E 663 44.33 -35.08 57.50
CA ASP E 663 44.97 -34.86 58.80
C ASP E 663 45.84 -36.06 59.21
N THR E 664 45.37 -37.26 58.90
CA THR E 664 46.14 -38.46 59.20
C THR E 664 47.32 -38.64 58.24
N LYS E 665 47.42 -37.76 57.24
CA LYS E 665 48.46 -37.88 56.21
C LYS E 665 48.25 -39.13 55.37
N GLY E 666 46.99 -39.42 55.09
CA GLY E 666 46.60 -40.63 54.40
C GLY E 666 46.55 -40.45 52.90
N ALA E 667 45.77 -41.29 52.24
CA ALA E 667 45.71 -41.27 50.79
C ALA E 667 44.36 -41.79 50.35
N PHE E 668 43.92 -41.36 49.18
CA PHE E 668 42.67 -41.84 48.61
C PHE E 668 43.03 -42.85 47.55
N VAL E 669 42.30 -43.95 47.49
CA VAL E 669 42.53 -44.93 46.44
C VAL E 669 41.23 -45.33 45.75
N GLN E 670 41.27 -45.35 44.44
CA GLN E 670 40.08 -45.65 43.66
C GLN E 670 40.38 -46.84 42.72
N PRO E 671 40.07 -48.05 43.20
CA PRO E 671 40.48 -49.28 42.54
C PRO E 671 39.48 -49.79 41.52
N ALA E 672 38.98 -48.94 40.64
CA ALA E 672 37.94 -49.39 39.71
C ALA E 672 38.55 -50.22 38.58
N LEU E 673 37.80 -51.19 38.10
CA LEU E 673 38.26 -51.97 36.97
C LEU E 673 38.16 -51.06 35.75
N TYR E 674 37.11 -50.24 35.72
CA TYR E 674 37.04 -49.15 34.76
C TYR E 674 36.29 -48.01 35.41
N GLU E 675 36.76 -46.79 35.22
CA GLU E 675 36.09 -45.61 35.78
C GLU E 675 35.84 -44.58 34.70
N ALA E 676 34.57 -44.33 34.38
CA ALA E 676 34.24 -43.41 33.30
C ALA E 676 34.92 -42.07 33.49
N PHE E 677 34.71 -41.44 34.65
CA PHE E 677 35.38 -40.19 34.98
C PHE E 677 36.05 -40.22 36.35
N GLY E 678 35.28 -40.45 37.41
CA GLY E 678 35.80 -40.32 38.77
C GLY E 678 35.74 -39.00 39.51
N LEU E 679 34.52 -38.50 39.68
CA LEU E 679 34.30 -37.34 40.56
C LEU E 679 34.98 -37.41 41.94
N THR E 680 35.12 -38.61 42.50
CA THR E 680 35.83 -38.73 43.78
C THR E 680 37.32 -38.44 43.66
N VAL E 681 37.92 -38.82 42.53
CA VAL E 681 39.31 -38.52 42.30
C VAL E 681 39.47 -37.01 42.40
N VAL E 682 38.57 -36.29 41.74
CA VAL E 682 38.56 -34.83 41.75
C VAL E 682 38.38 -34.30 43.17
N GLU E 683 37.33 -34.77 43.83
CA GLU E 683 37.03 -34.34 45.20
C GLU E 683 38.25 -34.47 46.12
N ALA E 684 38.89 -35.64 46.10
CA ALA E 684 40.06 -35.90 46.93
C ALA E 684 41.22 -34.93 46.67
N MET E 685 41.54 -34.70 45.41
CA MET E 685 42.64 -33.79 45.08
C MET E 685 42.28 -32.34 45.43
N THR E 686 41.00 -31.99 45.29
CA THR E 686 40.53 -30.65 45.62
C THR E 686 40.72 -30.36 47.10
N CYS E 687 40.67 -31.41 47.92
CA CYS E 687 40.90 -31.26 49.36
C CYS E 687 42.37 -31.37 49.71
N GLY E 688 43.17 -31.87 48.80
CA GLY E 688 44.60 -31.97 49.01
C GLY E 688 45.04 -33.35 49.45
N LEU E 689 44.13 -34.30 49.31
CA LEU E 689 44.41 -35.70 49.64
C LEU E 689 45.09 -36.43 48.47
N PRO E 690 46.34 -36.84 48.68
CA PRO E 690 47.12 -37.57 47.66
C PRO E 690 46.38 -38.81 47.18
N THR E 691 46.35 -39.03 45.86
CA THR E 691 45.43 -40.02 45.30
C THR E 691 46.02 -41.05 44.35
N PHE E 692 45.61 -42.29 44.53
CA PHE E 692 45.98 -43.40 43.66
C PHE E 692 44.72 -43.89 42.97
N ALA E 693 44.66 -43.76 41.65
CA ALA E 693 43.44 -44.11 40.93
C ALA E 693 43.69 -45.05 39.75
N THR E 694 42.69 -45.86 39.44
CA THR E 694 42.75 -46.81 38.34
C THR E 694 43.20 -46.15 37.05
N CYS E 695 44.05 -46.84 36.32
CA CYS E 695 44.55 -46.36 35.04
C CYS E 695 43.55 -46.69 33.94
N LYS E 696 42.42 -47.27 34.32
CA LYS E 696 41.42 -47.67 33.32
C LYS E 696 40.22 -46.73 33.27
N GLY E 697 40.15 -45.94 32.20
CA GLY E 697 39.14 -44.90 32.10
C GLY E 697 39.66 -43.50 32.42
N GLY E 698 38.74 -42.61 32.75
CA GLY E 698 39.02 -41.19 32.97
C GLY E 698 40.15 -40.78 33.90
N PRO E 699 40.30 -41.44 35.06
CA PRO E 699 41.36 -40.98 35.94
C PRO E 699 42.75 -41.06 35.29
N ALA E 700 42.87 -41.80 34.20
CA ALA E 700 44.15 -41.87 33.48
C ALA E 700 44.53 -40.47 33.00
N GLU E 701 43.52 -39.70 32.62
CA GLU E 701 43.70 -38.31 32.23
C GLU E 701 43.74 -37.35 33.43
N ILE E 702 42.84 -37.56 34.39
CA ILE E 702 42.71 -36.63 35.49
C ILE E 702 44.03 -36.42 36.19
N ILE E 703 44.81 -37.50 36.32
CA ILE E 703 46.02 -37.51 37.13
C ILE E 703 47.29 -37.62 36.29
N VAL E 704 48.36 -37.00 36.77
CA VAL E 704 49.65 -37.19 36.13
C VAL E 704 50.56 -37.93 37.08
N HIS E 705 50.99 -39.12 36.67
CA HIS E 705 51.71 -40.02 37.56
C HIS E 705 52.98 -39.37 38.10
N GLY E 706 53.10 -39.34 39.43
CA GLY E 706 54.26 -38.76 40.07
C GLY E 706 54.14 -37.27 40.36
N LYS E 707 53.19 -36.62 39.68
CA LYS E 707 53.02 -35.18 39.79
C LYS E 707 51.73 -34.81 40.50
N SER E 708 50.59 -35.21 39.94
CA SER E 708 49.28 -34.94 40.51
C SER E 708 48.77 -36.11 41.35
N GLY E 709 49.54 -37.19 41.38
CA GLY E 709 49.08 -38.41 42.03
C GLY E 709 49.74 -39.63 41.42
N PHE E 710 49.08 -40.78 41.52
CA PHE E 710 49.62 -42.01 40.97
C PHE E 710 48.55 -42.87 40.33
N HIS E 711 48.93 -43.63 39.32
CA HIS E 711 48.07 -44.64 38.75
C HIS E 711 48.40 -46.01 39.34
N ILE E 712 47.37 -46.82 39.52
CA ILE E 712 47.54 -48.23 39.84
C ILE E 712 46.76 -49.02 38.79
N ASP E 713 47.10 -50.28 38.61
CA ASP E 713 46.41 -51.11 37.64
C ASP E 713 45.57 -52.13 38.37
N PRO E 714 44.24 -51.98 38.32
CA PRO E 714 43.37 -52.85 39.11
C PRO E 714 43.56 -54.31 38.72
N TYR E 715 44.19 -54.55 37.57
CA TYR E 715 44.44 -55.90 37.15
C TYR E 715 45.68 -56.50 37.79
N HIS E 716 46.59 -55.66 38.25
CA HIS E 716 47.61 -56.18 39.13
C HIS E 716 47.41 -55.51 40.48
N GLY E 717 46.71 -56.19 41.37
CA GLY E 717 46.32 -55.60 42.64
C GLY E 717 47.46 -55.65 43.63
N ASP E 718 48.22 -56.74 43.57
CA ASP E 718 49.30 -56.94 44.53
C ASP E 718 50.38 -55.87 44.29
N GLN E 719 50.50 -55.43 43.04
CA GLN E 719 51.41 -54.35 42.69
C GLN E 719 50.89 -53.01 43.17
N ALA E 720 49.59 -52.79 43.01
CA ALA E 720 48.95 -51.59 43.51
C ALA E 720 49.23 -51.46 45.00
N ALA E 721 49.05 -52.56 45.71
CA ALA E 721 49.19 -52.56 47.16
C ALA E 721 50.61 -52.19 47.54
N ASP E 722 51.58 -52.61 46.74
CA ASP E 722 52.98 -52.31 47.03
C ASP E 722 53.35 -50.87 46.70
N THR E 723 52.77 -50.34 45.63
CA THR E 723 52.97 -48.94 45.29
C THR E 723 52.50 -48.08 46.46
N LEU E 724 51.31 -48.40 46.96
CA LEU E 724 50.74 -47.73 48.14
C LEU E 724 51.67 -47.83 49.35
N ALA E 725 52.13 -49.05 49.63
CA ALA E 725 53.08 -49.27 50.72
C ALA E 725 54.33 -48.43 50.57
N ASP E 726 54.91 -48.43 49.36
CA ASP E 726 56.06 -47.60 49.04
C ASP E 726 55.83 -46.14 49.37
N PHE E 727 54.68 -45.62 48.93
CA PHE E 727 54.32 -44.23 49.19
C PHE E 727 54.35 -43.88 50.68
N PHE E 728 53.64 -44.67 51.48
CA PHE E 728 53.62 -44.41 52.91
C PHE E 728 55.01 -44.51 53.49
N THR E 729 55.82 -45.44 52.95
CA THR E 729 57.19 -45.58 53.40
C THR E 729 58.01 -44.30 53.17
N LYS E 730 57.96 -43.76 51.96
CA LYS E 730 58.68 -42.53 51.63
C LYS E 730 58.19 -41.38 52.52
N CYS E 731 56.88 -41.25 52.62
CA CYS E 731 56.27 -40.22 53.43
C CYS E 731 56.74 -40.30 54.89
N LYS E 732 56.90 -41.52 55.37
CA LYS E 732 57.36 -41.72 56.73
C LYS E 732 58.73 -41.11 56.88
N GLU E 733 59.63 -41.44 55.95
CA GLU E 733 61.01 -40.99 56.03
C GLU E 733 61.16 -39.54 55.58
N ASP E 734 60.19 -39.07 54.81
CA ASP E 734 60.27 -37.75 54.20
C ASP E 734 58.91 -37.04 54.08
N PRO E 735 58.40 -36.47 55.18
CA PRO E 735 57.03 -35.96 55.17
C PRO E 735 56.73 -34.98 54.03
N SER E 736 57.74 -34.26 53.56
CA SER E 736 57.51 -33.31 52.49
C SER E 736 57.09 -34.01 51.19
N HIS E 737 57.38 -35.30 51.11
CA HIS E 737 57.00 -36.06 49.94
C HIS E 737 55.49 -36.07 49.82
N TRP E 738 54.82 -36.06 50.97
CA TRP E 738 53.36 -36.08 51.02
C TRP E 738 52.82 -34.77 50.45
N ASP E 739 53.37 -33.67 50.93
CA ASP E 739 52.94 -32.36 50.48
C ASP E 739 53.19 -32.12 48.99
N GLU E 740 54.31 -32.64 48.47
CA GLU E 740 54.62 -32.51 47.05
C GLU E 740 53.42 -32.92 46.19
N ILE E 741 52.90 -34.10 46.49
CA ILE E 741 51.83 -34.68 45.72
C ILE E 741 50.52 -33.98 46.08
N SER E 742 50.40 -33.57 47.34
CA SER E 742 49.21 -32.85 47.78
C SER E 742 49.08 -31.59 46.94
N LYS E 743 50.21 -30.92 46.74
CA LYS E 743 50.21 -29.65 46.04
C LYS E 743 50.11 -29.90 44.56
N GLY E 744 50.76 -30.96 44.12
CA GLY E 744 50.62 -31.39 42.74
C GLY E 744 49.14 -31.49 42.40
N GLY E 745 48.40 -32.22 43.22
CA GLY E 745 46.97 -32.41 43.03
C GLY E 745 46.17 -31.13 43.07
N LEU E 746 46.37 -30.34 44.12
CA LEU E 746 45.70 -29.06 44.24
C LEU E 746 45.84 -28.21 42.98
N GLN E 747 47.05 -28.15 42.42
CA GLN E 747 47.26 -27.36 41.21
C GLN E 747 46.63 -28.00 39.98
N ARG E 748 46.85 -29.29 39.81
CA ARG E 748 46.24 -30.02 38.71
C ARG E 748 44.73 -29.71 38.66
N ILE E 749 44.08 -29.71 39.81
CA ILE E 749 42.65 -29.45 39.87
C ILE E 749 42.29 -28.02 39.49
N GLU E 750 43.11 -27.08 39.97
CA GLU E 750 42.95 -25.65 39.69
C GLU E 750 42.94 -25.35 38.18
N GLU E 751 43.80 -26.04 37.44
CA GLU E 751 44.03 -25.75 36.02
C GLU E 751 43.11 -26.53 35.07
N LYS E 752 42.42 -27.52 35.60
CA LYS E 752 41.64 -28.44 34.76
C LYS E 752 40.16 -28.59 35.12
N TYR E 753 39.85 -28.96 36.36
CA TYR E 753 38.46 -29.26 36.70
C TYR E 753 37.81 -28.27 37.67
N THR E 754 36.96 -27.41 37.12
CA THR E 754 36.29 -26.34 37.88
C THR E 754 35.01 -25.95 37.14
N TRP E 755 34.01 -25.47 37.88
CA TRP E 755 32.68 -25.24 37.30
C TRP E 755 32.48 -23.88 36.65
N GLN E 756 33.43 -22.97 36.86
CA GLN E 756 33.24 -21.59 36.40
C GLN E 756 32.94 -21.52 34.90
N ILE E 757 33.95 -21.84 34.11
CA ILE E 757 33.88 -21.79 32.66
C ILE E 757 32.84 -22.74 32.06
N TYR E 758 32.49 -23.78 32.82
CA TYR E 758 31.62 -24.81 32.28
C TYR E 758 30.37 -24.20 31.63
N SER E 759 29.62 -23.42 32.39
CA SER E 759 28.32 -22.95 31.90
C SER E 759 28.43 -22.04 30.69
N GLN E 760 29.46 -21.20 30.67
CA GLN E 760 29.67 -20.32 29.53
C GLN E 760 29.93 -21.16 28.30
N ARG E 761 30.84 -22.12 28.44
CA ARG E 761 31.11 -23.06 27.36
C ARG E 761 29.80 -23.72 26.92
N LEU E 762 29.06 -24.29 27.88
CA LEU E 762 27.83 -24.99 27.55
C LEU E 762 26.90 -24.07 26.76
N LEU E 763 26.58 -22.91 27.31
CA LEU E 763 25.64 -22.00 26.66
C LEU E 763 26.12 -21.58 25.27
N THR E 764 27.43 -21.38 25.15
CA THR E 764 27.99 -20.95 23.87
C THR E 764 27.78 -22.04 22.83
N LEU E 765 28.15 -23.26 23.18
CA LEU E 765 27.88 -24.41 22.32
C LEU E 765 26.43 -24.42 21.86
N THR E 766 25.52 -24.28 22.82
CA THR E 766 24.09 -24.25 22.54
C THR E 766 23.74 -23.23 21.46
N GLY E 767 24.47 -22.12 21.46
CA GLY E 767 24.29 -21.12 20.42
C GLY E 767 24.72 -21.63 19.06
N VAL E 768 25.97 -22.08 18.97
CA VAL E 768 26.52 -22.49 17.70
C VAL E 768 25.74 -23.67 17.11
N TYR E 769 25.59 -24.74 17.87
CA TYR E 769 24.88 -25.91 17.34
C TYR E 769 23.44 -25.57 17.06
N GLY E 770 22.92 -24.59 17.78
CA GLY E 770 21.59 -24.07 17.53
C GLY E 770 21.47 -23.47 16.14
N PHE E 771 22.37 -22.54 15.83
CA PHE E 771 22.38 -21.95 14.49
C PHE E 771 22.66 -23.03 13.44
N TRP E 772 23.71 -23.80 13.66
CA TRP E 772 24.11 -24.88 12.76
C TRP E 772 22.94 -25.77 12.37
N LYS E 773 22.05 -26.02 13.33
CA LYS E 773 20.84 -26.78 13.07
C LYS E 773 20.15 -26.29 11.81
N HIS E 774 20.02 -24.97 11.68
CA HIS E 774 19.25 -24.38 10.59
C HIS E 774 19.97 -24.36 9.24
N VAL E 775 21.29 -24.26 9.27
CA VAL E 775 22.09 -24.24 8.04
C VAL E 775 22.15 -25.62 7.37
N SER E 776 22.59 -26.60 8.15
CA SER E 776 22.86 -27.96 7.65
C SER E 776 21.62 -28.85 7.65
N ASN E 777 20.47 -28.26 7.98
CA ASN E 777 19.23 -29.01 8.14
C ASN E 777 18.92 -29.94 6.98
N LEU E 778 19.45 -29.61 5.80
CA LEU E 778 19.26 -30.41 4.61
C LEU E 778 19.80 -31.85 4.76
N ASP E 779 21.04 -31.98 5.22
CA ASP E 779 21.67 -33.30 5.35
C ASP E 779 21.30 -34.05 6.64
N ARG E 780 20.86 -33.30 7.64
CA ARG E 780 20.48 -33.90 8.92
C ARG E 780 19.17 -34.68 8.76
N LEU E 781 18.46 -34.40 7.67
CA LEU E 781 17.15 -35.02 7.47
C LEU E 781 17.25 -36.49 7.08
N GLU E 782 18.28 -36.83 6.31
CA GLU E 782 18.54 -38.23 6.01
C GLU E 782 18.83 -38.99 7.30
N ALA E 783 19.67 -38.41 8.15
CA ALA E 783 20.06 -39.11 9.38
C ALA E 783 18.88 -39.21 10.35
N ARG E 784 17.99 -38.23 10.30
CA ARG E 784 16.81 -38.24 11.16
C ARG E 784 15.93 -39.44 10.84
N ARG E 785 15.80 -39.78 9.56
CA ARG E 785 14.96 -40.91 9.15
C ARG E 785 15.66 -42.26 9.40
N TYR E 786 16.97 -42.29 9.23
CA TYR E 786 17.74 -43.50 9.50
C TYR E 786 17.54 -43.88 10.96
N LEU E 787 17.64 -42.88 11.82
CA LEU E 787 17.48 -43.06 13.25
C LEU E 787 16.04 -43.35 13.64
N GLU E 788 15.08 -42.69 13.00
CA GLU E 788 13.68 -42.94 13.30
C GLU E 788 13.39 -44.41 13.14
N MET E 789 13.95 -45.00 12.09
CA MET E 789 13.64 -46.38 11.75
C MET E 789 14.36 -47.32 12.70
N PHE E 790 15.57 -46.94 13.10
CA PHE E 790 16.36 -47.70 14.05
C PHE E 790 15.64 -47.77 15.39
N TYR E 791 15.11 -46.64 15.83
CA TYR E 791 14.39 -46.61 17.07
C TYR E 791 13.13 -47.45 16.96
N ALA E 792 12.41 -47.26 15.86
CA ALA E 792 11.12 -47.89 15.66
C ALA E 792 11.24 -49.41 15.56
N LEU E 793 12.11 -49.88 14.67
CA LEU E 793 12.13 -51.30 14.33
C LEU E 793 13.17 -52.13 15.08
N LYS E 794 13.97 -51.49 15.93
CA LYS E 794 15.03 -52.16 16.66
C LYS E 794 14.94 -51.92 18.17
N TYR E 795 14.97 -50.65 18.59
CA TYR E 795 14.84 -50.34 20.00
C TYR E 795 13.52 -50.80 20.58
N ARG E 796 12.40 -50.35 20.01
CA ARG E 796 11.10 -50.63 20.60
C ARG E 796 10.95 -52.12 20.89
N PRO E 797 11.24 -52.97 19.89
CA PRO E 797 11.10 -54.41 20.04
C PRO E 797 12.00 -54.95 21.14
N LEU E 798 13.23 -54.46 21.22
CA LEU E 798 14.15 -54.91 22.26
C LEU E 798 13.68 -54.51 23.66
N ALA E 799 13.13 -53.32 23.78
CA ALA E 799 12.72 -52.80 25.07
C ALA E 799 11.49 -53.54 25.54
N GLN E 800 10.64 -53.90 24.58
CA GLN E 800 9.41 -54.59 24.91
C GLN E 800 9.74 -56.01 25.35
N ALA E 801 10.89 -56.50 24.93
CA ALA E 801 11.38 -57.81 25.33
C ALA E 801 11.78 -57.82 26.80
N VAL E 802 12.01 -56.65 27.38
CA VAL E 802 12.46 -56.60 28.75
C VAL E 802 11.31 -56.84 29.71
N PRO E 803 11.48 -57.82 30.59
CA PRO E 803 10.44 -58.24 31.54
C PRO E 803 10.07 -57.07 32.43
N LEU E 804 8.77 -56.88 32.65
CA LEU E 804 8.28 -55.78 33.49
C LEU E 804 8.47 -56.09 34.98
N ALA E 805 8.67 -55.04 35.77
CA ALA E 805 8.76 -55.19 37.22
C ALA E 805 7.38 -55.51 37.81
N GLN E 806 7.36 -56.09 39.00
CA GLN E 806 6.10 -56.45 39.64
C GLN E 806 5.92 -55.92 41.06
N ASP E 807 4.82 -55.19 41.27
CA ASP E 807 4.47 -54.68 42.58
C ASP E 807 3.66 -55.73 43.32
N ASN F 27 7.91 22.86 -0.96
CA ASN F 27 9.09 23.44 -0.34
C ASN F 27 10.05 24.04 -1.39
N GLU F 28 9.59 24.06 -2.64
CA GLU F 28 10.40 24.52 -3.77
C GLU F 28 10.88 25.96 -3.63
N VAL F 29 9.98 26.86 -3.21
CA VAL F 29 10.27 28.29 -3.22
C VAL F 29 11.60 28.61 -2.52
N LEU F 30 11.97 27.76 -1.56
CA LEU F 30 13.22 27.93 -0.82
C LEU F 30 14.45 27.40 -1.57
N ALA F 31 14.46 26.10 -1.87
CA ALA F 31 15.59 25.49 -2.55
C ALA F 31 16.03 26.38 -3.70
N LEU F 32 15.05 26.94 -4.40
CA LEU F 32 15.32 27.78 -5.58
C LEU F 32 16.16 29.02 -5.24
N LEU F 33 15.98 29.57 -4.05
CA LEU F 33 16.68 30.80 -3.68
C LEU F 33 18.16 30.54 -3.33
N SER F 34 18.46 29.35 -2.82
CA SER F 34 19.85 28.96 -2.60
C SER F 34 20.49 28.76 -3.95
N ARG F 35 19.72 28.12 -4.83
CA ARG F 35 20.11 27.95 -6.21
C ARG F 35 20.57 29.27 -6.78
N VAL F 36 19.64 30.22 -6.88
CA VAL F 36 19.91 31.52 -7.50
C VAL F 36 21.10 32.21 -6.84
N GLU F 37 21.41 31.84 -5.61
CA GLU F 37 22.61 32.36 -4.95
C GLU F 37 23.85 31.63 -5.44
N ALA F 38 23.72 30.32 -5.65
CA ALA F 38 24.75 29.55 -6.35
C ALA F 38 24.80 30.08 -7.79
N LYS F 39 23.64 30.08 -8.43
CA LYS F 39 23.49 30.52 -9.81
C LYS F 39 24.17 31.87 -10.02
N GLY F 40 23.84 32.83 -9.16
CA GLY F 40 24.41 34.16 -9.24
C GLY F 40 25.91 34.15 -9.01
N LYS F 41 26.37 33.16 -8.24
CA LYS F 41 27.79 33.00 -7.96
C LYS F 41 28.58 32.90 -9.27
N GLY F 42 27.86 32.58 -10.35
CA GLY F 42 28.45 32.52 -11.68
C GLY F 42 29.08 31.18 -12.03
N ILE F 43 30.07 31.23 -12.92
CA ILE F 43 30.73 30.03 -13.43
C ILE F 43 31.69 29.46 -12.38
N LEU F 44 32.55 28.54 -12.81
CA LEU F 44 33.44 27.78 -11.95
C LEU F 44 32.78 26.85 -10.92
N GLN F 45 33.39 26.73 -9.76
CA GLN F 45 32.96 25.72 -8.79
C GLN F 45 33.29 26.06 -7.35
N GLN F 46 32.55 25.42 -6.45
CA GLN F 46 32.56 25.82 -5.07
C GLN F 46 32.76 24.62 -4.17
N ASN F 47 33.57 24.81 -3.13
CA ASN F 47 33.83 23.78 -2.15
C ASN F 47 32.71 23.65 -1.13
N GLN F 48 32.91 22.79 -0.14
CA GLN F 48 31.93 22.67 0.93
C GLN F 48 31.91 24.02 1.64
N ILE F 49 33.09 24.58 1.86
CA ILE F 49 33.23 25.94 2.36
C ILE F 49 32.53 26.95 1.43
N ILE F 50 33.14 27.19 0.28
CA ILE F 50 32.64 28.16 -0.67
C ILE F 50 31.12 27.98 -0.86
N ALA F 51 30.67 26.72 -0.91
CA ALA F 51 29.26 26.40 -1.11
C ALA F 51 28.59 26.09 0.21
N GLU F 52 27.55 26.83 0.54
CA GLU F 52 26.83 26.61 1.79
C GLU F 52 27.51 27.30 2.97
N PHE F 53 28.76 27.71 2.78
CA PHE F 53 29.39 28.63 3.72
C PHE F 53 29.16 30.03 3.13
N GLU F 54 28.43 30.04 2.02
CA GLU F 54 28.01 31.29 1.40
C GLU F 54 26.49 31.20 1.19
N ALA F 55 26.06 30.25 0.37
CA ALA F 55 24.66 30.14 0.03
C ALA F 55 23.78 30.10 1.27
N LEU F 56 23.83 28.99 2.01
CA LEU F 56 22.98 28.81 3.19
C LEU F 56 23.31 29.80 4.32
N PRO F 57 24.61 30.06 4.55
CA PRO F 57 25.00 30.96 5.63
C PRO F 57 24.56 32.41 5.41
N GLU F 58 24.83 32.93 4.21
CA GLU F 58 24.50 34.31 3.85
C GLU F 58 23.04 34.32 3.48
N GLN F 59 22.42 33.15 3.60
CA GLN F 59 21.01 32.99 3.33
C GLN F 59 20.17 33.80 4.30
N THR F 60 19.01 34.23 3.82
CA THR F 60 18.01 34.84 4.66
C THR F 60 17.49 33.78 5.65
N ARG F 61 16.82 34.24 6.70
CA ARG F 61 16.32 33.37 7.77
C ARG F 61 15.30 32.36 7.24
N LYS F 62 15.03 32.45 5.95
CA LYS F 62 14.16 31.52 5.24
C LYS F 62 14.72 30.10 5.31
N LYS F 63 15.90 29.94 5.92
CA LYS F 63 16.57 28.65 5.99
C LYS F 63 15.57 27.56 6.30
N LEU F 64 15.06 27.52 7.53
CA LEU F 64 13.90 26.69 7.80
C LEU F 64 14.22 25.22 7.59
N GLU F 65 15.45 24.92 7.18
CA GLU F 65 15.79 23.59 6.67
C GLU F 65 16.28 22.54 7.68
N GLY F 66 15.45 21.50 7.81
CA GLY F 66 15.67 20.34 8.63
C GLY F 66 16.16 19.22 7.73
N GLY F 67 15.66 18.01 7.97
CA GLY F 67 16.04 16.83 7.21
C GLY F 67 15.61 16.78 5.75
N PRO F 68 15.12 17.90 5.19
CA PRO F 68 14.95 18.03 3.74
C PRO F 68 16.31 18.06 3.02
N PHE F 69 16.29 18.44 1.74
CA PHE F 69 17.46 18.32 0.89
C PHE F 69 18.70 19.01 1.48
N PHE F 70 18.48 19.78 2.55
CA PHE F 70 19.58 20.42 3.28
C PHE F 70 20.75 19.49 3.57
N ASP F 71 20.52 18.44 4.37
CA ASP F 71 21.61 17.54 4.79
C ASP F 71 22.45 17.06 3.60
N LEU F 72 21.81 16.91 2.45
CA LEU F 72 22.46 16.54 1.20
C LEU F 72 23.46 17.61 0.75
N LEU F 73 23.02 18.87 0.75
CA LEU F 73 23.89 20.00 0.49
C LEU F 73 25.04 19.99 1.50
N LYS F 74 24.70 19.66 2.74
CA LYS F 74 25.67 19.60 3.82
C LYS F 74 26.88 18.79 3.39
N SER F 75 26.64 17.58 2.92
CA SER F 75 27.72 16.64 2.60
C SER F 75 28.23 16.71 1.15
N THR F 76 27.76 17.70 0.39
CA THR F 76 28.30 17.96 -0.94
C THR F 76 29.76 18.40 -0.84
N GLN F 77 30.65 17.68 -1.52
CA GLN F 77 32.09 17.97 -1.45
C GLN F 77 32.51 19.10 -2.38
N GLU F 78 31.88 19.16 -3.54
CA GLU F 78 32.06 20.28 -4.46
C GLU F 78 30.85 20.38 -5.39
N ALA F 79 30.64 21.56 -5.97
CA ALA F 79 29.59 21.73 -6.96
C ALA F 79 30.13 22.58 -8.09
N ILE F 80 30.00 22.10 -9.31
CA ILE F 80 30.42 22.86 -10.48
C ILE F 80 29.20 23.44 -11.15
N VAL F 81 29.18 24.76 -11.35
CA VAL F 81 28.14 25.34 -12.17
C VAL F 81 28.73 26.25 -13.23
N LEU F 82 28.69 25.82 -14.48
CA LEU F 82 28.70 26.73 -15.63
C LEU F 82 27.33 27.32 -15.97
N PRO F 83 26.37 26.42 -16.18
CA PRO F 83 25.14 26.46 -16.97
C PRO F 83 23.93 27.03 -16.27
N PRO F 84 22.75 26.74 -16.84
CA PRO F 84 21.46 26.55 -16.18
C PRO F 84 21.54 25.42 -15.15
N TRP F 85 22.65 24.67 -15.19
CA TRP F 85 22.82 23.46 -14.38
C TRP F 85 23.86 23.56 -13.28
N VAL F 86 23.67 22.73 -12.24
CA VAL F 86 24.64 22.63 -11.17
C VAL F 86 24.95 21.15 -10.91
N ALA F 87 26.23 20.80 -10.99
CA ALA F 87 26.66 19.42 -10.73
C ALA F 87 27.22 19.28 -9.32
N LEU F 88 26.68 18.33 -8.57
CA LEU F 88 27.07 18.15 -7.19
C LEU F 88 27.72 16.79 -6.97
N ALA F 89 28.92 16.79 -6.41
CA ALA F 89 29.57 15.56 -5.97
C ALA F 89 29.23 15.34 -4.50
N VAL F 90 28.50 14.26 -4.20
CA VAL F 90 27.99 14.03 -2.85
C VAL F 90 28.68 12.85 -2.15
N ARG F 91 28.98 13.04 -0.87
CA ARG F 91 29.80 12.10 -0.12
C ARG F 91 29.22 11.87 1.26
N PRO F 92 28.20 11.01 1.34
CA PRO F 92 27.45 10.67 2.55
C PRO F 92 28.35 10.09 3.64
N ARG F 93 29.20 9.16 3.23
CA ARG F 93 30.12 8.46 4.12
C ARG F 93 31.45 8.46 3.42
N PRO F 94 32.55 8.26 4.17
CA PRO F 94 33.84 8.09 3.49
C PRO F 94 33.77 6.95 2.49
N GLY F 95 34.46 7.10 1.35
CA GLY F 95 34.49 6.04 0.35
C GLY F 95 33.18 5.80 -0.39
N VAL F 96 32.18 6.66 -0.14
CA VAL F 96 30.89 6.55 -0.82
C VAL F 96 30.48 7.87 -1.48
N TRP F 97 30.23 7.81 -2.79
CA TRP F 97 29.97 9.02 -3.57
C TRP F 97 28.77 8.91 -4.53
N GLU F 98 27.91 9.91 -4.48
CA GLU F 98 26.86 10.06 -5.48
C GLU F 98 27.08 11.34 -6.26
N TYR F 99 27.01 11.27 -7.58
CA TYR F 99 27.12 12.48 -8.40
C TYR F 99 25.76 12.80 -9.00
N LEU F 100 25.34 14.05 -8.91
CA LEU F 100 24.07 14.46 -9.53
C LEU F 100 24.02 15.88 -10.08
N ARG F 101 23.16 16.04 -11.07
CA ARG F 101 22.98 17.26 -11.84
C ARG F 101 21.71 17.91 -11.33
N VAL F 102 21.72 19.23 -11.16
CA VAL F 102 20.52 19.92 -10.75
C VAL F 102 20.32 21.22 -11.52
N ASN F 103 19.09 21.42 -12.01
CA ASN F 103 18.78 22.61 -12.78
C ASN F 103 18.59 23.82 -11.87
N LEU F 104 19.16 24.95 -12.28
CA LEU F 104 19.14 26.16 -11.47
C LEU F 104 17.80 26.92 -11.52
N HIS F 105 17.29 27.13 -12.73
CA HIS F 105 16.11 27.98 -12.91
C HIS F 105 14.80 27.23 -12.72
N ALA F 106 14.89 25.91 -12.71
CA ALA F 106 13.73 25.04 -12.46
C ALA F 106 14.20 23.84 -11.66
N LEU F 107 13.46 23.45 -10.63
CA LEU F 107 13.98 22.39 -9.80
C LEU F 107 13.74 21.02 -10.44
N VAL F 108 14.85 20.38 -10.81
CA VAL F 108 14.88 18.96 -11.22
C VAL F 108 16.26 18.44 -10.88
N VAL F 109 16.34 17.21 -10.39
CA VAL F 109 17.63 16.67 -9.95
C VAL F 109 17.90 15.28 -10.55
N GLU F 110 18.88 15.20 -11.44
CA GLU F 110 19.19 13.96 -12.15
C GLU F 110 20.50 13.31 -11.67
N GLU F 111 20.49 11.99 -11.50
CA GLU F 111 21.68 11.27 -11.04
C GLU F 111 22.69 11.14 -12.17
N LEU F 112 23.96 11.38 -11.86
CA LEU F 112 25.02 11.31 -12.85
C LEU F 112 25.95 10.14 -12.58
N GLN F 113 26.54 9.61 -13.65
CA GLN F 113 27.60 8.64 -13.49
C GLN F 113 28.89 9.40 -13.28
N PRO F 114 29.86 8.76 -12.61
CA PRO F 114 31.12 9.46 -12.37
C PRO F 114 31.62 10.07 -13.67
N ALA F 115 31.54 9.32 -14.76
CA ALA F 115 32.04 9.80 -16.03
C ALA F 115 31.36 11.11 -16.43
N GLU F 116 30.03 11.16 -16.28
CA GLU F 116 29.25 12.34 -16.64
C GLU F 116 29.58 13.57 -15.79
N PHE F 117 29.70 13.37 -14.48
CA PHE F 117 30.08 14.45 -13.58
C PHE F 117 31.43 15.03 -13.97
N LEU F 118 32.29 14.18 -14.51
CA LEU F 118 33.59 14.63 -14.98
C LEU F 118 33.47 15.45 -16.26
N HIS F 119 32.49 15.12 -17.10
CA HIS F 119 32.18 15.93 -18.28
C HIS F 119 32.07 17.39 -17.86
N PHE F 120 31.36 17.63 -16.75
CA PHE F 120 31.15 18.98 -16.23
C PHE F 120 32.46 19.71 -15.99
N LYS F 121 33.30 19.13 -15.13
CA LYS F 121 34.59 19.71 -14.84
C LYS F 121 35.35 19.97 -16.14
N GLU F 122 35.13 19.12 -17.13
CA GLU F 122 35.83 19.26 -18.39
C GLU F 122 35.31 20.43 -19.22
N GLU F 123 33.99 20.60 -19.26
CA GLU F 123 33.36 21.72 -19.95
C GLU F 123 33.78 23.05 -19.33
N LEU F 124 33.87 23.07 -18.00
CA LEU F 124 34.27 24.28 -17.28
C LEU F 124 35.58 24.87 -17.77
N VAL F 125 36.62 24.06 -17.87
CA VAL F 125 37.92 24.55 -18.35
C VAL F 125 38.03 24.67 -19.87
N ASP F 126 37.58 23.66 -20.61
CA ASP F 126 37.86 23.56 -22.04
C ASP F 126 36.76 24.10 -22.95
N GLY F 127 35.65 24.54 -22.36
CA GLY F 127 34.52 25.00 -23.13
C GLY F 127 33.74 23.83 -23.70
N VAL F 128 34.31 22.64 -23.59
CA VAL F 128 33.66 21.40 -24.02
C VAL F 128 34.29 20.17 -23.32
N LYS F 129 33.57 19.05 -23.32
CA LYS F 129 34.08 17.80 -22.77
C LYS F 129 35.22 17.23 -23.63
N ASN F 130 36.03 16.36 -23.02
CA ASN F 130 37.11 15.68 -23.76
C ASN F 130 36.57 14.95 -24.99
N GLY F 131 37.29 15.05 -26.10
CA GLY F 131 36.87 14.45 -27.36
C GLY F 131 36.45 13.00 -27.19
N ASN F 132 35.41 12.62 -27.91
CA ASN F 132 34.67 11.38 -27.62
C ASN F 132 35.53 10.13 -27.34
N PHE F 133 36.54 9.91 -28.17
CA PHE F 133 37.33 8.68 -28.07
C PHE F 133 38.62 8.83 -27.23
N THR F 134 38.73 9.98 -26.58
CA THR F 134 39.77 10.26 -25.59
C THR F 134 39.74 9.31 -24.37
N LEU F 135 40.94 8.99 -23.88
CA LEU F 135 41.19 7.96 -22.87
C LEU F 135 40.40 8.09 -21.56
N GLU F 136 39.84 6.96 -21.12
CA GLU F 136 39.18 6.86 -19.82
C GLU F 136 39.84 5.75 -19.01
N LEU F 137 40.56 6.13 -17.96
CA LEU F 137 41.18 5.18 -17.07
C LEU F 137 40.14 4.57 -16.14
N ASP F 138 39.96 3.26 -16.17
CA ASP F 138 39.09 2.62 -15.21
C ASP F 138 39.71 1.36 -14.62
N PHE F 139 40.03 1.39 -13.34
CA PHE F 139 40.69 0.25 -12.70
C PHE F 139 39.74 -0.71 -12.02
N GLU F 140 38.47 -0.34 -11.87
CA GLU F 140 37.57 -1.12 -11.02
C GLU F 140 37.41 -2.56 -11.46
N PRO F 141 37.22 -2.79 -12.77
CA PRO F 141 37.10 -4.15 -13.32
C PRO F 141 38.31 -5.04 -13.07
N PHE F 142 39.48 -4.46 -12.91
CA PHE F 142 40.70 -5.25 -12.73
C PHE F 142 40.88 -5.78 -11.30
N ASN F 143 40.37 -5.05 -10.33
CA ASN F 143 40.50 -5.42 -8.92
C ASN F 143 39.49 -6.50 -8.50
N ALA F 144 38.49 -6.73 -9.33
CA ALA F 144 37.31 -7.51 -8.94
C ALA F 144 37.65 -8.94 -8.53
N SER F 145 38.92 -9.30 -8.67
CA SER F 145 39.40 -10.63 -8.25
C SER F 145 38.95 -11.02 -6.85
N ILE F 146 38.74 -10.01 -5.99
CA ILE F 146 38.31 -10.27 -4.62
C ILE F 146 37.32 -9.20 -4.16
N PRO F 147 36.33 -9.59 -3.34
CA PRO F 147 35.24 -8.69 -2.95
C PRO F 147 35.73 -7.51 -2.10
N ARG F 148 35.11 -6.35 -2.29
CA ARG F 148 35.48 -5.17 -1.53
C ARG F 148 34.87 -5.26 -0.14
N PRO F 149 35.61 -4.82 0.87
CA PRO F 149 34.95 -4.53 2.15
C PRO F 149 34.07 -3.29 2.03
N THR F 150 32.89 -3.28 2.65
CA THR F 150 32.07 -2.08 2.76
C THR F 150 32.13 -1.38 4.12
N LEU F 151 32.86 -1.96 5.07
CA LEU F 151 32.92 -1.41 6.41
C LEU F 151 34.06 -0.41 6.63
N HIS F 152 33.76 0.68 7.32
CA HIS F 152 34.76 1.66 7.70
C HIS F 152 35.97 0.98 8.33
N LYS F 153 35.71 0.01 9.19
CA LYS F 153 36.76 -0.61 9.99
C LYS F 153 37.85 -1.26 9.16
N TYR F 154 37.58 -1.58 7.90
CA TYR F 154 38.62 -2.22 7.07
C TYR F 154 39.39 -1.24 6.19
N ILE F 155 39.02 0.03 6.18
CA ILE F 155 39.77 0.99 5.41
C ILE F 155 41.12 1.16 6.09
N GLY F 156 42.19 0.89 5.36
CA GLY F 156 43.54 0.91 5.91
C GLY F 156 43.78 -0.23 6.88
N ASN F 157 42.80 -1.11 6.99
CA ASN F 157 42.96 -2.41 7.66
C ASN F 157 43.09 -3.62 6.75
N GLY F 158 43.30 -3.38 5.46
CA GLY F 158 43.17 -4.41 4.43
C GLY F 158 43.79 -5.76 4.74
N VAL F 159 44.95 -5.80 5.39
CA VAL F 159 45.54 -7.10 5.71
C VAL F 159 44.56 -7.98 6.48
N ASP F 160 43.86 -7.41 7.46
CA ASP F 160 42.93 -8.20 8.26
C ASP F 160 41.83 -8.79 7.39
N PHE F 161 41.45 -8.06 6.36
CA PHE F 161 40.44 -8.53 5.44
C PHE F 161 40.98 -9.64 4.56
N LEU F 162 42.11 -9.40 3.91
CA LEU F 162 42.74 -10.38 3.06
C LEU F 162 42.98 -11.68 3.86
N ASN F 163 43.37 -11.53 5.13
CA ASN F 163 43.54 -12.68 6.02
C ASN F 163 42.29 -13.53 6.18
N ARG F 164 41.12 -12.90 6.23
CA ARG F 164 39.88 -13.62 6.43
C ARG F 164 39.40 -14.26 5.14
N HIS F 165 39.72 -13.63 4.01
CA HIS F 165 39.37 -14.19 2.72
C HIS F 165 40.20 -15.43 2.44
N LEU F 166 41.51 -15.34 2.67
CA LEU F 166 42.42 -16.47 2.48
C LEU F 166 42.11 -17.62 3.43
N SER F 167 41.89 -17.30 4.70
CA SER F 167 41.54 -18.32 5.66
C SER F 167 40.39 -19.14 5.11
N ALA F 168 39.36 -18.44 4.64
CA ALA F 168 38.18 -19.12 4.09
C ALA F 168 38.50 -19.97 2.86
N LYS F 169 39.04 -19.33 1.82
CA LYS F 169 39.40 -20.04 0.59
C LYS F 169 40.25 -21.29 0.89
N LEU F 170 41.16 -21.17 1.84
CA LEU F 170 42.04 -22.28 2.17
C LEU F 170 41.33 -23.44 2.85
N PHE F 171 40.18 -23.20 3.46
CA PHE F 171 39.64 -24.22 4.35
C PHE F 171 39.09 -25.43 3.58
N HIS F 172 39.75 -26.55 3.86
CA HIS F 172 39.56 -27.82 3.17
C HIS F 172 39.36 -27.67 1.67
N ASP F 173 40.40 -27.18 1.00
CA ASP F 173 40.45 -27.21 -0.45
C ASP F 173 41.84 -27.68 -0.88
N LYS F 174 41.88 -28.83 -1.54
CA LYS F 174 43.13 -29.37 -2.04
C LYS F 174 43.76 -28.30 -2.92
N GLU F 175 43.10 -28.03 -4.05
CA GLU F 175 43.61 -27.10 -5.05
C GLU F 175 43.99 -25.75 -4.43
N SER F 176 43.33 -25.37 -3.34
CA SER F 176 43.61 -24.10 -2.68
C SER F 176 44.84 -24.15 -1.77
N LEU F 177 45.02 -25.29 -1.10
CA LEU F 177 46.18 -25.48 -0.22
C LEU F 177 47.49 -25.66 -0.99
N LEU F 178 47.40 -26.09 -2.24
CA LEU F 178 48.61 -26.39 -3.02
C LEU F 178 49.58 -25.22 -3.09
N PRO F 179 49.10 -24.04 -3.49
CA PRO F 179 49.98 -22.88 -3.64
C PRO F 179 50.85 -22.68 -2.41
N LEU F 180 50.32 -23.00 -1.23
CA LEU F 180 51.09 -22.86 0.00
C LEU F 180 52.28 -23.82 0.04
N LEU F 181 52.04 -25.08 -0.33
CA LEU F 181 53.11 -26.08 -0.37
C LEU F 181 54.17 -25.72 -1.40
N LYS F 182 53.71 -25.33 -2.59
CA LYS F 182 54.61 -24.88 -3.64
C LYS F 182 55.47 -23.73 -3.12
N PHE F 183 54.84 -22.80 -2.42
CA PHE F 183 55.53 -21.64 -1.86
C PHE F 183 56.64 -22.03 -0.90
N LEU F 184 56.31 -22.89 0.05
CA LEU F 184 57.27 -23.30 1.06
C LEU F 184 58.39 -24.14 0.46
N ARG F 185 58.09 -24.78 -0.65
CA ARG F 185 59.03 -25.67 -1.32
C ARG F 185 60.03 -24.92 -2.21
N LEU F 186 59.54 -23.96 -2.98
CA LEU F 186 60.40 -23.18 -3.85
C LEU F 186 61.18 -22.15 -3.05
N HIS F 187 60.66 -21.82 -1.88
CA HIS F 187 61.26 -20.78 -1.05
C HIS F 187 62.74 -21.09 -0.79
N SER F 188 63.58 -20.14 -1.16
CA SER F 188 65.02 -20.32 -1.06
C SER F 188 65.69 -18.96 -1.01
N HIS F 189 66.88 -18.91 -0.46
CA HIS F 189 67.65 -17.67 -0.49
C HIS F 189 69.15 -17.92 -0.66
N GLN F 190 69.79 -17.20 -1.58
CA GLN F 190 71.23 -17.34 -1.80
C GLN F 190 71.61 -18.80 -2.04
N GLY F 191 70.77 -19.51 -2.79
CA GLY F 191 71.01 -20.89 -3.13
C GLY F 191 70.73 -21.90 -2.03
N LYS F 192 70.59 -21.43 -0.79
CA LYS F 192 70.28 -22.30 0.34
C LYS F 192 68.78 -22.54 0.45
N ASN F 193 68.39 -23.80 0.67
CA ASN F 193 66.98 -24.17 0.73
C ASN F 193 66.41 -24.00 2.14
N LEU F 194 65.15 -23.58 2.23
CA LEU F 194 64.52 -23.25 3.50
C LEU F 194 63.19 -23.98 3.69
N MET F 195 62.67 -24.03 4.92
CA MET F 195 61.35 -24.62 5.13
C MET F 195 61.29 -26.08 4.67
N LEU F 196 60.54 -26.34 3.60
CA LEU F 196 60.46 -27.68 3.01
C LEU F 196 61.47 -27.89 1.89
N SER F 197 62.01 -29.10 1.78
CA SER F 197 62.89 -29.46 0.67
C SER F 197 62.06 -29.94 -0.52
N GLU F 198 62.71 -30.29 -1.62
CA GLU F 198 62.00 -30.75 -2.81
C GLU F 198 61.43 -32.17 -2.64
N LYS F 199 61.85 -32.83 -1.57
CA LYS F 199 61.34 -34.16 -1.22
C LYS F 199 59.80 -34.20 -1.11
N ILE F 200 59.20 -33.13 -0.59
CA ILE F 200 57.76 -33.16 -0.32
C ILE F 200 57.00 -32.65 -1.54
N GLN F 201 56.38 -33.58 -2.27
CA GLN F 201 55.70 -33.21 -3.51
C GLN F 201 54.17 -33.08 -3.48
N ASN F 202 53.55 -33.37 -2.33
CA ASN F 202 52.08 -33.27 -2.22
C ASN F 202 51.60 -33.12 -0.77
N LEU F 203 50.36 -32.67 -0.60
CA LEU F 203 49.83 -32.36 0.72
C LEU F 203 49.84 -33.55 1.69
N ASN F 204 49.65 -34.74 1.15
CA ASN F 204 49.60 -35.94 1.98
C ASN F 204 50.94 -36.22 2.63
N THR F 205 52.01 -36.01 1.87
CA THR F 205 53.36 -36.25 2.37
C THR F 205 53.74 -35.20 3.41
N LEU F 206 53.41 -33.94 3.12
CA LEU F 206 53.67 -32.85 4.05
C LEU F 206 52.88 -33.07 5.31
N GLN F 207 51.59 -33.29 5.15
CA GLN F 207 50.69 -33.57 6.25
C GLN F 207 51.36 -34.63 7.13
N HIS F 208 51.97 -35.60 6.47
CA HIS F 208 52.63 -36.73 7.12
C HIS F 208 53.94 -36.36 7.84
N THR F 209 54.84 -35.72 7.12
CA THR F 209 56.14 -35.34 7.68
C THR F 209 56.01 -34.41 8.89
N LEU F 210 55.07 -33.48 8.79
CA LEU F 210 54.84 -32.51 9.85
C LEU F 210 54.41 -33.22 11.10
N ARG F 211 53.48 -34.16 10.92
CA ARG F 211 52.99 -34.96 12.04
C ARG F 211 54.15 -35.75 12.65
N LYS F 212 54.94 -36.38 11.78
CA LYS F 212 56.14 -37.10 12.22
C LYS F 212 57.05 -36.15 12.99
N ALA F 213 57.33 -34.99 12.40
CA ALA F 213 58.20 -33.99 13.00
C ALA F 213 57.73 -33.50 14.39
N GLU F 214 56.42 -33.36 14.55
CA GLU F 214 55.85 -32.93 15.81
C GLU F 214 56.10 -33.97 16.90
N GLU F 215 55.66 -35.20 16.61
CA GLU F 215 55.77 -36.29 17.56
C GLU F 215 57.18 -36.36 18.10
N TYR F 216 58.15 -36.39 17.19
CA TYR F 216 59.55 -36.46 17.58
C TYR F 216 59.90 -35.30 18.52
N LEU F 217 59.71 -34.08 18.04
CA LEU F 217 60.15 -32.90 18.77
C LEU F 217 59.45 -32.81 20.12
N ALA F 218 58.18 -33.22 20.16
CA ALA F 218 57.34 -33.05 21.34
C ALA F 218 57.99 -33.64 22.58
N GLU F 219 58.87 -34.62 22.37
CA GLU F 219 59.61 -35.23 23.47
C GLU F 219 60.75 -34.36 23.95
N LEU F 220 61.54 -33.84 23.01
CA LEU F 220 62.82 -33.22 23.31
C LEU F 220 62.67 -31.98 24.19
N LYS F 221 63.73 -31.65 24.91
CA LYS F 221 63.72 -30.51 25.83
C LYS F 221 63.52 -29.18 25.07
N SER F 222 62.79 -28.25 25.68
CA SER F 222 62.45 -26.99 25.02
C SER F 222 63.64 -26.26 24.39
N GLU F 223 64.78 -26.26 25.07
CA GLU F 223 65.93 -25.45 24.67
C GLU F 223 66.88 -26.13 23.67
N THR F 224 66.52 -27.32 23.20
CA THR F 224 67.37 -28.06 22.27
C THR F 224 67.59 -27.30 20.96
N LEU F 225 68.85 -27.12 20.56
CA LEU F 225 69.15 -26.39 19.33
C LEU F 225 68.82 -27.18 18.06
N TYR F 226 68.36 -26.48 17.04
CA TYR F 226 67.95 -27.10 15.79
C TYR F 226 69.07 -27.97 15.22
N GLU F 227 70.31 -27.69 15.60
CA GLU F 227 71.47 -28.49 15.15
C GLU F 227 71.34 -29.98 15.50
N GLU F 228 70.94 -30.28 16.73
CA GLU F 228 70.74 -31.66 17.18
C GLU F 228 69.86 -32.46 16.20
N PHE F 229 68.60 -32.03 16.07
CA PHE F 229 67.63 -32.77 15.28
C PHE F 229 67.66 -32.45 13.79
N GLU F 230 68.58 -31.58 13.38
CA GLU F 230 68.68 -31.25 11.97
C GLU F 230 68.89 -32.52 11.17
N ALA F 231 69.61 -33.46 11.76
CA ALA F 231 69.89 -34.73 11.14
C ALA F 231 68.59 -35.39 10.69
N LYS F 232 67.68 -35.57 11.63
CA LYS F 232 66.40 -36.20 11.39
C LYS F 232 65.60 -35.45 10.32
N PHE F 233 65.45 -34.14 10.53
CA PHE F 233 64.63 -33.31 9.66
C PHE F 233 65.04 -33.38 8.20
N GLU F 234 66.32 -33.16 7.94
CA GLU F 234 66.82 -33.12 6.56
C GLU F 234 66.30 -34.34 5.80
N GLU F 235 66.36 -35.49 6.47
CA GLU F 235 65.90 -36.75 5.91
C GLU F 235 64.42 -36.74 5.55
N ILE F 236 63.59 -36.29 6.49
CA ILE F 236 62.15 -36.35 6.28
C ILE F 236 61.63 -35.16 5.44
N GLY F 237 62.54 -34.31 4.99
CA GLY F 237 62.21 -33.26 4.05
C GLY F 237 62.08 -31.87 4.66
N LEU F 238 62.55 -31.71 5.89
CA LEU F 238 62.48 -30.40 6.54
C LEU F 238 63.81 -29.65 6.52
N GLU F 239 63.85 -28.55 5.76
CA GLU F 239 65.01 -27.68 5.74
C GLU F 239 64.92 -26.59 6.83
N ARG F 240 65.96 -25.78 6.97
CA ARG F 240 66.02 -24.81 8.07
C ARG F 240 65.00 -23.67 7.96
N GLY F 241 64.80 -22.96 9.07
CA GLY F 241 63.92 -21.81 9.15
C GLY F 241 62.62 -21.94 9.94
N TRP F 242 62.40 -23.10 10.54
CA TRP F 242 61.21 -23.32 11.34
C TRP F 242 61.37 -22.68 12.71
N GLY F 243 62.62 -22.56 13.14
CA GLY F 243 62.91 -21.98 14.44
C GLY F 243 64.34 -22.23 14.87
N ASP F 244 64.78 -21.51 15.89
CA ASP F 244 66.13 -21.67 16.43
C ASP F 244 66.25 -22.85 17.40
N ASN F 245 65.27 -23.00 18.28
CA ASN F 245 65.24 -24.14 19.19
C ASN F 245 64.00 -25.01 18.97
N ALA F 246 63.84 -26.03 19.80
CA ALA F 246 62.76 -27.00 19.61
C ALA F 246 61.39 -26.38 19.91
N GLU F 247 61.33 -25.65 21.01
CA GLU F 247 60.12 -24.97 21.43
C GLU F 247 59.50 -24.17 20.29
N ARG F 248 60.34 -23.44 19.57
CA ARG F 248 59.89 -22.60 18.46
C ARG F 248 59.49 -23.45 17.26
N VAL F 249 60.38 -24.34 16.84
CA VAL F 249 60.09 -25.19 15.69
C VAL F 249 58.79 -25.94 15.91
N LEU F 250 58.48 -26.20 17.17
CA LEU F 250 57.27 -26.93 17.51
C LEU F 250 56.04 -26.10 17.10
N ASP F 251 55.99 -24.87 17.56
CA ASP F 251 54.87 -23.98 17.25
C ASP F 251 54.70 -23.84 15.76
N MET F 252 55.80 -23.57 15.08
CA MET F 252 55.76 -23.30 13.65
C MET F 252 55.13 -24.46 12.91
N ILE F 253 55.52 -25.69 13.28
CA ILE F 253 54.96 -26.88 12.67
C ILE F 253 53.47 -26.99 13.00
N ARG F 254 53.14 -26.82 14.28
CA ARG F 254 51.74 -26.83 14.69
C ARG F 254 50.90 -25.80 13.92
N LEU F 255 51.39 -24.56 13.82
CA LEU F 255 50.75 -23.54 13.00
C LEU F 255 50.42 -24.08 11.63
N LEU F 256 51.40 -24.71 10.99
CA LEU F 256 51.24 -25.18 9.62
C LEU F 256 50.18 -26.28 9.55
N LEU F 257 50.29 -27.26 10.43
CA LEU F 257 49.31 -28.33 10.50
C LEU F 257 47.92 -27.71 10.61
N ASP F 258 47.76 -26.83 11.59
CA ASP F 258 46.52 -26.09 11.77
C ASP F 258 46.02 -25.46 10.47
N LEU F 259 46.94 -24.99 9.64
CA LEU F 259 46.56 -24.36 8.38
C LEU F 259 46.04 -25.37 7.36
N LEU F 260 46.61 -26.57 7.37
CA LEU F 260 46.19 -27.58 6.40
C LEU F 260 44.86 -28.21 6.80
N GLU F 261 44.40 -27.86 8.00
CA GLU F 261 43.23 -28.49 8.62
C GLU F 261 42.06 -27.51 8.80
N ALA F 262 42.25 -26.53 9.67
CA ALA F 262 41.23 -25.53 9.95
C ALA F 262 41.85 -24.13 10.02
N PRO F 263 42.07 -23.52 8.85
CA PRO F 263 42.63 -22.18 8.78
C PRO F 263 41.76 -21.12 9.45
N ASP F 264 42.36 -20.31 10.32
CA ASP F 264 41.73 -19.10 10.81
C ASP F 264 42.67 -17.94 10.51
N PRO F 265 42.16 -16.71 10.56
CA PRO F 265 43.00 -15.55 10.23
C PRO F 265 44.16 -15.33 11.18
N CYS F 266 43.97 -15.50 12.49
CA CYS F 266 45.06 -15.27 13.43
C CYS F 266 46.22 -16.21 13.10
N THR F 267 45.90 -17.48 12.85
CA THR F 267 46.91 -18.47 12.50
C THR F 267 47.63 -18.13 11.20
N LEU F 268 46.87 -17.97 10.12
CA LEU F 268 47.44 -17.69 8.81
C LEU F 268 48.46 -16.57 8.83
N GLU F 269 48.06 -15.45 9.46
CA GLU F 269 48.93 -14.30 9.59
C GLU F 269 50.17 -14.69 10.38
N THR F 270 49.97 -15.23 11.57
CA THR F 270 51.09 -15.53 12.44
C THR F 270 52.12 -16.43 11.79
N PHE F 271 51.65 -17.39 11.00
CA PHE F 271 52.57 -18.27 10.32
C PHE F 271 53.27 -17.54 9.16
N LEU F 272 52.48 -16.86 8.32
CA LEU F 272 53.05 -16.19 7.15
C LEU F 272 53.95 -15.02 7.56
N GLY F 273 53.83 -14.58 8.80
CA GLY F 273 54.67 -13.51 9.28
C GLY F 273 55.98 -14.06 9.79
N ARG F 274 55.93 -15.31 10.27
CA ARG F 274 57.07 -15.95 10.90
C ARG F 274 58.07 -16.55 9.91
N VAL F 275 57.57 -17.03 8.77
CA VAL F 275 58.42 -17.66 7.77
C VAL F 275 59.52 -16.70 7.34
N PRO F 276 60.79 -17.08 7.54
CA PRO F 276 61.85 -16.12 7.21
C PRO F 276 61.84 -15.81 5.72
N MET F 277 61.68 -14.53 5.38
CA MET F 277 61.52 -14.10 3.99
C MET F 277 62.40 -12.93 3.66
N VAL F 278 62.18 -11.83 4.39
CA VAL F 278 62.85 -10.58 4.11
C VAL F 278 64.29 -10.57 4.65
N PHE F 279 65.24 -10.46 3.72
CA PHE F 279 66.66 -10.50 4.04
C PHE F 279 67.33 -9.28 3.40
N ASN F 280 67.22 -9.19 2.08
CA ASN F 280 67.62 -8.01 1.33
C ASN F 280 66.43 -7.07 1.08
N VAL F 281 66.57 -5.81 1.49
CA VAL F 281 65.53 -4.80 1.24
C VAL F 281 66.03 -3.64 0.40
N VAL F 282 65.22 -3.22 -0.56
CA VAL F 282 65.55 -2.08 -1.42
C VAL F 282 64.49 -0.97 -1.35
N ILE F 283 64.92 0.24 -1.01
CA ILE F 283 64.06 1.38 -0.75
C ILE F 283 64.41 2.49 -1.73
N LEU F 284 63.40 3.06 -2.40
CA LEU F 284 63.63 4.08 -3.42
C LEU F 284 63.25 5.47 -2.96
N SER F 285 64.21 6.40 -3.03
CA SER F 285 63.99 7.80 -2.68
C SER F 285 64.84 8.71 -3.57
N PRO F 286 64.56 8.76 -4.89
CA PRO F 286 65.50 9.43 -5.81
C PRO F 286 65.75 10.94 -5.60
N HIS F 287 64.72 11.74 -5.39
CA HIS F 287 64.85 13.20 -5.40
C HIS F 287 65.43 13.72 -4.10
N GLY F 288 65.66 15.04 -4.04
CA GLY F 288 66.18 15.68 -2.85
C GLY F 288 67.67 15.53 -2.63
N TYR F 289 68.18 16.05 -1.52
CA TYR F 289 69.54 15.76 -1.09
C TYR F 289 69.37 14.76 0.03
N PHE F 290 69.57 13.48 -0.26
CA PHE F 290 69.27 12.49 0.75
C PHE F 290 70.57 12.16 1.48
N ALA F 291 70.67 12.63 2.71
CA ALA F 291 71.91 12.42 3.46
C ALA F 291 71.61 12.51 4.92
N GLN F 292 72.62 12.25 5.74
CA GLN F 292 72.40 12.21 7.18
C GLN F 292 72.79 13.49 7.90
N ASP F 293 73.36 14.45 7.17
CA ASP F 293 73.77 15.70 7.77
C ASP F 293 73.86 16.80 6.72
N ASN F 294 73.74 18.05 7.15
CA ASN F 294 73.95 19.18 6.26
C ASN F 294 72.96 19.24 5.11
N VAL F 295 71.76 18.71 5.32
CA VAL F 295 70.75 18.64 4.25
C VAL F 295 69.36 19.14 4.63
N LEU F 296 68.81 18.62 5.72
CA LEU F 296 67.42 18.86 6.06
C LEU F 296 67.06 20.33 5.98
N GLY F 297 65.98 20.62 5.26
CA GLY F 297 65.58 22.00 5.03
C GLY F 297 65.86 22.49 3.62
N TYR F 298 66.77 21.85 2.89
CA TYR F 298 66.96 22.21 1.49
C TYR F 298 65.65 21.87 0.79
N PRO F 299 65.45 22.41 -0.42
CA PRO F 299 64.29 22.02 -1.21
C PRO F 299 64.17 20.49 -1.29
N ASP F 300 62.94 19.98 -1.25
CA ASP F 300 62.67 18.55 -1.46
C ASP F 300 63.24 17.65 -0.36
N THR F 301 63.96 18.23 0.59
CA THR F 301 64.66 17.46 1.59
C THR F 301 64.07 17.72 2.98
N GLY F 302 63.44 16.70 3.55
CA GLY F 302 62.46 16.91 4.61
C GLY F 302 61.98 15.62 5.24
N GLY F 303 60.76 15.63 5.74
CA GLY F 303 60.19 14.48 6.42
C GLY F 303 60.41 13.13 5.74
N GLN F 304 60.36 13.07 4.41
CA GLN F 304 60.60 11.80 3.75
C GLN F 304 61.96 11.23 4.10
N VAL F 305 62.98 12.06 4.09
CA VAL F 305 64.33 11.63 4.45
C VAL F 305 64.39 11.19 5.91
N VAL F 306 63.85 12.02 6.80
CA VAL F 306 63.82 11.72 8.23
C VAL F 306 63.15 10.39 8.44
N TYR F 307 62.02 10.21 7.78
CA TYR F 307 61.19 9.01 7.91
C TYR F 307 62.00 7.75 7.61
N ILE F 308 62.59 7.72 6.42
CA ILE F 308 63.28 6.54 5.89
C ILE F 308 64.52 6.17 6.69
N LEU F 309 65.26 7.17 7.17
CA LEU F 309 66.42 6.90 7.99
C LEU F 309 66.02 6.25 9.31
N ASP F 310 64.91 6.68 9.89
CA ASP F 310 64.38 6.06 11.11
C ASP F 310 63.88 4.65 10.82
N GLN F 311 63.26 4.49 9.67
CA GLN F 311 62.61 3.25 9.29
C GLN F 311 63.63 2.12 9.13
N VAL F 312 64.72 2.37 8.40
CA VAL F 312 65.66 1.30 8.14
C VAL F 312 66.32 0.83 9.43
N ARG F 313 66.66 1.77 10.31
CA ARG F 313 67.23 1.39 11.59
C ARG F 313 66.26 0.45 12.28
N ALA F 314 65.02 0.88 12.42
CA ALA F 314 64.02 0.05 13.08
C ALA F 314 63.90 -1.30 12.39
N LEU F 315 63.88 -1.26 11.05
CA LEU F 315 63.74 -2.46 10.25
C LEU F 315 64.91 -3.41 10.45
N GLU F 316 66.14 -2.89 10.36
CA GLU F 316 67.33 -3.71 10.56
C GLU F 316 67.25 -4.50 11.86
N ILE F 317 67.01 -3.79 12.95
CA ILE F 317 66.90 -4.39 14.28
C ILE F 317 65.94 -5.58 14.32
N GLU F 318 64.80 -5.42 13.66
CA GLU F 318 63.75 -6.44 13.68
C GLU F 318 64.09 -7.60 12.73
N MET F 319 64.61 -7.27 11.56
CA MET F 319 65.04 -8.29 10.60
C MET F 319 66.04 -9.26 11.26
N LEU F 320 66.93 -8.72 12.09
CA LEU F 320 67.94 -9.54 12.75
C LEU F 320 67.29 -10.47 13.76
N GLN F 321 66.42 -9.91 14.59
CA GLN F 321 65.66 -10.68 15.56
C GLN F 321 64.98 -11.87 14.91
N ARG F 322 64.29 -11.61 13.81
CA ARG F 322 63.50 -12.64 13.15
C ARG F 322 64.39 -13.67 12.51
N ILE F 323 65.44 -13.21 11.82
CA ILE F 323 66.45 -14.11 11.26
C ILE F 323 67.09 -14.98 12.33
N LYS F 324 67.45 -14.39 13.46
CA LYS F 324 68.05 -15.15 14.54
C LYS F 324 67.10 -16.22 15.04
N GLN F 325 65.89 -15.81 15.43
CA GLN F 325 64.90 -16.72 16.01
C GLN F 325 64.44 -17.84 15.10
N GLN F 326 64.66 -17.70 13.79
CA GLN F 326 64.17 -18.70 12.84
C GLN F 326 65.25 -19.74 12.52
N GLY F 327 66.39 -19.62 13.19
CA GLY F 327 67.50 -20.56 13.01
C GLY F 327 68.31 -20.29 11.75
N LEU F 328 68.49 -19.02 11.43
CA LEU F 328 69.26 -18.65 10.25
C LEU F 328 70.37 -17.69 10.62
N ASN F 329 71.50 -17.79 9.92
CA ASN F 329 72.62 -16.89 10.14
C ASN F 329 72.79 -15.75 9.14
N ILE F 330 71.87 -15.64 8.18
CA ILE F 330 72.01 -14.69 7.07
C ILE F 330 72.21 -13.22 7.50
N LYS F 331 73.13 -12.55 6.84
CA LYS F 331 73.35 -11.12 7.08
C LYS F 331 72.38 -10.36 6.20
N PRO F 332 71.59 -9.47 6.83
CA PRO F 332 70.63 -8.66 6.10
C PRO F 332 71.36 -7.53 5.38
N ARG F 333 70.69 -6.95 4.40
CA ARG F 333 71.20 -5.77 3.74
C ARG F 333 70.00 -4.88 3.47
N ILE F 334 70.11 -3.61 3.82
CA ILE F 334 69.06 -2.67 3.47
C ILE F 334 69.66 -1.51 2.67
N LEU F 335 69.26 -1.40 1.41
CA LEU F 335 69.80 -0.39 0.53
C LEU F 335 68.77 0.70 0.25
N ILE F 336 69.17 1.96 0.46
CA ILE F 336 68.34 3.08 0.07
C ILE F 336 68.88 3.66 -1.22
N LEU F 337 68.19 3.43 -2.33
CA LEU F 337 68.61 3.98 -3.62
C LEU F 337 68.21 5.44 -3.72
N THR F 338 69.17 6.31 -3.96
CA THR F 338 68.84 7.70 -4.28
C THR F 338 69.74 8.23 -5.39
N ARG F 339 69.62 9.52 -5.68
CA ARG F 339 70.37 10.10 -6.79
C ARG F 339 71.76 10.58 -6.36
N LEU F 340 72.72 10.45 -7.26
CA LEU F 340 74.07 10.94 -7.04
C LEU F 340 74.22 12.39 -7.49
N LEU F 341 74.59 13.26 -6.55
CA LEU F 341 74.69 14.69 -6.82
C LEU F 341 76.13 15.10 -6.54
N PRO F 342 76.97 15.10 -7.59
CA PRO F 342 78.42 15.29 -7.55
C PRO F 342 78.78 16.68 -7.03
N ASP F 343 78.01 17.68 -7.41
CA ASP F 343 78.30 19.08 -7.13
C ASP F 343 77.66 19.63 -5.85
N ALA F 344 77.03 18.79 -5.04
CA ALA F 344 76.42 19.35 -3.84
C ALA F 344 77.46 19.31 -2.74
N VAL F 345 78.02 20.46 -2.41
CA VAL F 345 79.19 20.48 -1.53
C VAL F 345 78.73 20.77 -0.11
N GLY F 346 79.38 20.13 0.85
CA GLY F 346 78.97 20.26 2.23
C GLY F 346 78.23 19.00 2.58
N THR F 347 77.87 18.22 1.57
CA THR F 347 77.12 16.99 1.78
C THR F 347 77.87 15.79 1.23
N THR F 348 77.40 14.62 1.64
CA THR F 348 77.99 13.38 1.19
C THR F 348 77.27 12.86 -0.06
N CYS F 349 76.37 13.69 -0.58
CA CYS F 349 75.50 13.28 -1.68
C CYS F 349 76.23 12.83 -2.95
N GLY F 350 77.52 13.09 -3.05
CA GLY F 350 78.28 12.70 -4.24
C GLY F 350 79.03 11.38 -4.10
N GLU F 351 78.80 10.65 -3.02
CA GLU F 351 79.47 9.36 -2.84
C GLU F 351 78.52 8.18 -3.09
N ARG F 352 78.99 7.19 -3.83
CA ARG F 352 78.17 6.04 -4.20
C ARG F 352 77.54 5.30 -3.00
N LEU F 353 78.30 5.10 -1.93
CA LEU F 353 77.83 4.27 -0.85
C LEU F 353 78.12 4.88 0.51
N GLU F 354 77.10 4.96 1.36
CA GLU F 354 77.21 5.59 2.67
C GLU F 354 76.52 4.74 3.74
N ARG F 355 77.26 4.40 4.80
CA ARG F 355 76.67 3.62 5.88
C ARG F 355 75.72 4.50 6.68
N VAL F 356 74.57 3.95 7.08
CA VAL F 356 73.60 4.73 7.87
C VAL F 356 74.03 4.80 9.33
N TYR F 357 73.95 5.99 9.93
CA TYR F 357 74.34 6.14 11.31
C TYR F 357 73.63 5.09 12.15
N ASP F 358 74.37 4.42 13.02
CA ASP F 358 73.78 3.44 13.94
C ASP F 358 73.21 2.16 13.35
N SER F 359 73.83 1.63 12.30
CA SER F 359 73.45 0.31 11.84
C SER F 359 74.60 -0.37 11.14
N GLU F 360 74.60 -1.70 11.18
CA GLU F 360 75.61 -2.46 10.44
C GLU F 360 75.22 -2.67 8.99
N TYR F 361 73.95 -2.96 8.75
CA TYR F 361 73.48 -3.41 7.43
C TYR F 361 72.73 -2.42 6.51
N CYS F 362 72.56 -1.17 6.92
CA CYS F 362 71.86 -0.20 6.07
C CYS F 362 72.79 0.84 5.43
N ASP F 363 72.86 0.81 4.09
CA ASP F 363 73.69 1.73 3.34
C ASP F 363 72.81 2.59 2.46
N ILE F 364 73.28 3.79 2.14
CA ILE F 364 72.66 4.59 1.11
C ILE F 364 73.43 4.28 -0.16
N LEU F 365 72.72 3.95 -1.22
CA LEU F 365 73.38 3.64 -2.47
C LEU F 365 72.98 4.69 -3.51
N ARG F 366 73.98 5.41 -4.04
CA ARG F 366 73.73 6.53 -4.93
C ARG F 366 74.06 6.30 -6.41
N VAL F 367 73.09 6.52 -7.27
CA VAL F 367 73.27 6.31 -8.69
C VAL F 367 72.98 7.60 -9.41
N PRO F 368 73.79 7.94 -10.42
CA PRO F 368 73.59 9.21 -11.13
C PRO F 368 72.46 9.17 -12.17
N PHE F 369 71.85 10.34 -12.40
CA PHE F 369 70.98 10.57 -13.54
C PHE F 369 71.90 10.74 -14.73
N ARG F 370 71.53 10.19 -15.88
CA ARG F 370 72.32 10.39 -17.08
C ARG F 370 71.46 10.33 -18.32
N THR F 371 71.99 10.89 -19.40
CA THR F 371 71.34 10.80 -20.71
C THR F 371 72.35 10.26 -21.71
N GLU F 372 71.99 10.26 -22.98
CA GLU F 372 72.88 9.77 -24.03
C GLU F 372 74.17 10.60 -24.07
N LYS F 373 74.10 11.80 -23.50
CA LYS F 373 75.22 12.73 -23.49
C LYS F 373 76.18 12.54 -22.30
N GLY F 374 75.90 11.55 -21.44
CA GLY F 374 76.64 11.38 -20.20
C GLY F 374 75.84 11.75 -18.96
N ILE F 375 76.48 11.69 -17.79
CA ILE F 375 75.74 11.86 -16.53
C ILE F 375 75.30 13.31 -16.31
N VAL F 376 74.23 13.48 -15.53
CA VAL F 376 73.71 14.80 -15.23
C VAL F 376 74.10 15.20 -13.81
N ARG F 377 74.82 16.31 -13.70
CA ARG F 377 75.37 16.75 -12.42
C ARG F 377 74.40 17.52 -11.52
N LYS F 378 73.64 18.45 -12.09
CA LYS F 378 72.94 19.45 -11.27
C LYS F 378 71.72 18.93 -10.52
N TRP F 379 71.45 19.51 -9.36
CA TRP F 379 70.25 19.18 -8.62
C TRP F 379 69.00 19.57 -9.39
N ILE F 380 68.04 18.66 -9.40
CA ILE F 380 66.79 18.89 -10.10
C ILE F 380 65.64 18.75 -9.14
N SER F 381 64.74 19.72 -9.20
CA SER F 381 63.51 19.71 -8.42
C SER F 381 62.80 18.39 -8.65
N ARG F 382 62.17 17.90 -7.60
CA ARG F 382 61.36 16.69 -7.70
C ARG F 382 60.28 16.79 -8.78
N PHE F 383 59.82 18.00 -9.07
CA PHE F 383 58.79 18.20 -10.09
C PHE F 383 59.35 18.02 -11.51
N GLU F 384 60.67 18.11 -11.65
CA GLU F 384 61.33 17.97 -12.96
C GLU F 384 62.06 16.66 -13.31
N VAL F 385 62.05 15.66 -12.42
CA VAL F 385 62.93 14.50 -12.56
C VAL F 385 62.45 13.40 -13.52
N TRP F 386 61.27 13.59 -14.10
CA TRP F 386 60.57 12.55 -14.85
C TRP F 386 61.31 11.89 -16.04
N PRO F 387 61.89 12.70 -16.93
CA PRO F 387 62.66 12.17 -18.05
C PRO F 387 63.76 11.21 -17.62
N TYR F 388 64.27 11.35 -16.40
CA TYR F 388 65.44 10.56 -15.99
C TYR F 388 65.12 9.22 -15.34
N LEU F 389 63.87 9.01 -14.96
CA LEU F 389 63.54 7.91 -14.05
C LEU F 389 63.71 6.51 -14.66
N GLU F 390 63.48 6.38 -15.96
CA GLU F 390 63.57 5.08 -16.60
C GLU F 390 65.01 4.60 -16.63
N THR F 391 65.92 5.48 -17.04
CA THR F 391 67.33 5.10 -17.06
C THR F 391 67.82 4.85 -15.65
N TYR F 392 67.43 5.72 -14.72
CA TYR F 392 67.78 5.53 -13.32
C TYR F 392 67.48 4.09 -12.90
N THR F 393 66.28 3.63 -13.23
CA THR F 393 65.85 2.28 -12.91
C THR F 393 66.81 1.22 -13.45
N GLU F 394 67.13 1.30 -14.74
CA GLU F 394 68.08 0.40 -15.37
C GLU F 394 69.41 0.39 -14.64
N ASP F 395 69.94 1.60 -14.41
CA ASP F 395 71.22 1.72 -13.74
C ASP F 395 71.11 1.20 -12.31
N ALA F 396 70.04 1.57 -11.62
CA ALA F 396 69.83 1.15 -10.24
C ALA F 396 69.87 -0.36 -10.15
N ALA F 397 69.25 -1.02 -11.12
CA ALA F 397 69.18 -2.47 -11.14
C ALA F 397 70.58 -3.06 -11.17
N VAL F 398 71.42 -2.51 -12.04
CA VAL F 398 72.82 -2.92 -12.11
C VAL F 398 73.56 -2.77 -10.78
N GLU F 399 73.45 -1.61 -10.16
CA GLU F 399 74.20 -1.39 -8.93
C GLU F 399 73.66 -2.24 -7.79
N LEU F 400 72.35 -2.28 -7.62
CA LEU F 400 71.83 -2.98 -6.47
C LEU F 400 72.13 -4.48 -6.63
N SER F 401 72.36 -4.89 -7.86
CA SER F 401 72.80 -6.25 -8.13
C SER F 401 74.24 -6.52 -7.67
N LYS F 402 75.13 -5.54 -7.90
CA LYS F 402 76.52 -5.62 -7.45
C LYS F 402 76.62 -5.67 -5.92
N GLU F 403 75.73 -4.95 -5.25
CA GLU F 403 75.75 -4.87 -3.80
C GLU F 403 75.10 -6.06 -3.09
N LEU F 404 73.99 -6.54 -3.63
CA LEU F 404 73.21 -7.56 -2.93
C LEU F 404 73.68 -9.00 -3.12
N ASN F 405 73.51 -9.80 -2.08
CA ASN F 405 73.67 -11.24 -2.19
C ASN F 405 72.32 -11.85 -2.51
N GLY F 406 72.15 -12.32 -3.74
CA GLY F 406 70.85 -12.76 -4.18
C GLY F 406 70.04 -11.54 -4.49
N LYS F 407 68.76 -11.71 -4.76
CA LYS F 407 67.94 -10.58 -5.17
C LYS F 407 67.21 -10.01 -3.98
N PRO F 408 66.51 -8.88 -4.20
CA PRO F 408 65.79 -8.17 -3.13
C PRO F 408 64.58 -8.98 -2.74
N ASP F 409 64.29 -9.07 -1.45
CA ASP F 409 63.08 -9.76 -1.02
C ASP F 409 61.90 -8.82 -0.82
N LEU F 410 62.17 -7.52 -0.81
CA LEU F 410 61.15 -6.49 -0.68
C LEU F 410 61.58 -5.19 -1.35
N ILE F 411 60.63 -4.51 -1.99
CA ILE F 411 60.90 -3.22 -2.60
C ILE F 411 59.90 -2.20 -2.06
N ILE F 412 60.40 -1.16 -1.39
CA ILE F 412 59.53 -0.07 -0.94
C ILE F 412 59.79 1.19 -1.75
N GLY F 413 58.77 1.64 -2.48
CA GLY F 413 58.84 2.90 -3.19
C GLY F 413 58.44 4.04 -2.25
N ASN F 414 58.99 5.22 -2.47
CA ASN F 414 58.58 6.38 -1.70
C ASN F 414 58.31 7.58 -2.60
N TYR F 415 57.27 8.33 -2.26
CA TYR F 415 56.78 9.45 -3.06
C TYR F 415 56.52 9.05 -4.51
N SER F 416 56.53 10.03 -5.42
CA SER F 416 56.01 9.73 -6.74
C SER F 416 57.05 9.05 -7.59
N ASP F 417 58.23 9.63 -7.62
CA ASP F 417 59.32 9.16 -8.42
C ASP F 417 59.83 7.82 -7.89
N GLY F 418 59.94 7.70 -6.58
CA GLY F 418 60.40 6.48 -5.97
C GLY F 418 59.40 5.36 -6.18
N ASN F 419 58.12 5.70 -6.15
CA ASN F 419 57.05 4.73 -6.41
C ASN F 419 57.04 4.28 -7.86
N LEU F 420 57.30 5.22 -8.77
CA LEU F 420 57.38 4.92 -10.18
C LEU F 420 58.55 3.96 -10.39
N VAL F 421 59.71 4.37 -9.93
CA VAL F 421 60.89 3.53 -10.07
C VAL F 421 60.63 2.19 -9.41
N ALA F 422 60.13 2.21 -8.19
CA ALA F 422 59.90 0.99 -7.42
C ALA F 422 59.05 0.00 -8.21
N SER F 423 58.02 0.49 -8.88
CA SER F 423 57.13 -0.36 -9.66
C SER F 423 57.85 -1.05 -10.81
N LEU F 424 58.58 -0.28 -11.61
CA LEU F 424 59.38 -0.84 -12.69
C LEU F 424 60.41 -1.86 -12.20
N LEU F 425 61.02 -1.59 -11.05
CA LEU F 425 62.03 -2.50 -10.51
C LEU F 425 61.41 -3.80 -10.05
N ALA F 426 60.25 -3.70 -9.40
CA ALA F 426 59.57 -4.87 -8.86
C ALA F 426 59.12 -5.81 -9.98
N HIS F 427 58.63 -5.21 -11.06
CA HIS F 427 58.27 -5.92 -12.29
C HIS F 427 59.52 -6.61 -12.84
N LYS F 428 60.57 -5.85 -13.07
CA LYS F 428 61.80 -6.38 -13.64
C LYS F 428 62.37 -7.55 -12.85
N LEU F 429 62.48 -7.39 -11.54
CA LEU F 429 63.14 -8.38 -10.70
C LEU F 429 62.20 -9.41 -10.11
N GLY F 430 60.90 -9.21 -10.28
CA GLY F 430 59.95 -10.12 -9.68
C GLY F 430 59.99 -10.10 -8.16
N VAL F 431 59.71 -8.94 -7.57
CA VAL F 431 59.76 -8.81 -6.12
C VAL F 431 58.47 -8.24 -5.51
N THR F 432 58.17 -8.61 -4.27
CA THR F 432 57.01 -8.03 -3.57
C THR F 432 57.22 -6.53 -3.44
N GLN F 433 56.16 -5.76 -3.68
CA GLN F 433 56.27 -4.30 -3.69
C GLN F 433 55.37 -3.59 -2.67
N CYS F 434 55.94 -2.62 -1.98
CA CYS F 434 55.18 -1.74 -1.09
C CYS F 434 55.41 -0.31 -1.54
N THR F 435 54.39 0.55 -1.43
CA THR F 435 54.55 1.96 -1.75
C THR F 435 54.12 2.86 -0.60
N ILE F 436 54.80 3.98 -0.46
CA ILE F 436 54.50 4.99 0.56
C ILE F 436 54.49 6.37 -0.10
N ALA F 437 53.35 7.05 -0.06
CA ALA F 437 53.19 8.32 -0.76
C ALA F 437 54.02 9.46 -0.13
N HIS F 438 53.91 9.59 1.18
CA HIS F 438 54.52 10.69 1.94
C HIS F 438 53.78 11.99 1.66
N ALA F 439 53.11 12.02 0.51
CA ALA F 439 52.21 13.09 0.15
C ALA F 439 51.70 12.81 -1.24
N LEU F 440 50.56 13.39 -1.57
CA LEU F 440 50.00 13.29 -2.90
C LEU F 440 49.73 14.71 -3.34
N GLU F 441 50.44 15.15 -4.37
CA GLU F 441 50.43 16.58 -4.69
C GLU F 441 49.04 17.08 -5.04
N LYS F 442 48.20 16.22 -5.60
CA LYS F 442 46.88 16.63 -6.01
C LYS F 442 46.06 17.24 -4.87
N THR F 443 46.29 16.78 -3.65
CA THR F 443 45.58 17.37 -2.52
C THR F 443 46.22 18.67 -2.03
N LYS F 444 47.52 18.83 -2.29
CA LYS F 444 48.23 20.00 -1.82
C LYS F 444 48.03 21.21 -2.71
N TYR F 445 47.84 20.97 -4.01
CA TYR F 445 47.66 22.06 -4.98
C TYR F 445 46.27 21.98 -5.57
N PRO F 446 45.29 22.54 -4.87
CA PRO F 446 43.86 22.44 -5.20
C PRO F 446 43.52 22.75 -6.65
N ASP F 447 42.68 21.88 -7.21
CA ASP F 447 42.19 22.00 -8.57
C ASP F 447 43.30 21.88 -9.60
N SER F 448 44.43 21.28 -9.22
CA SER F 448 45.56 21.11 -10.13
C SER F 448 45.29 19.98 -11.10
N ASP F 449 44.24 19.21 -10.85
CA ASP F 449 43.82 18.21 -11.81
C ASP F 449 43.05 18.87 -12.94
N ILE F 450 42.08 19.69 -12.57
CA ILE F 450 41.23 20.33 -13.56
C ILE F 450 41.98 21.44 -14.26
N TYR F 451 42.79 22.15 -13.49
CA TYR F 451 43.58 23.28 -13.99
C TYR F 451 45.00 22.88 -14.40
N TRP F 452 45.24 21.58 -14.46
CA TRP F 452 46.57 21.06 -14.72
C TRP F 452 47.30 21.75 -15.88
N LYS F 453 46.58 22.03 -16.96
CA LYS F 453 47.21 22.56 -18.17
C LYS F 453 48.06 23.81 -17.93
N LYS F 454 47.49 24.80 -17.24
CA LYS F 454 48.20 26.06 -16.98
C LYS F 454 49.28 25.90 -15.92
N LEU F 455 49.24 24.81 -15.16
CA LEU F 455 50.25 24.56 -14.14
C LEU F 455 51.43 23.74 -14.67
N ASP F 456 51.29 23.22 -15.88
CA ASP F 456 52.16 22.13 -16.29
C ASP F 456 53.60 22.50 -16.64
N ASP F 457 53.81 23.65 -17.25
CA ASP F 457 55.16 24.04 -17.62
C ASP F 457 56.06 24.18 -16.39
N LYS F 458 55.43 24.52 -15.27
CA LYS F 458 56.11 24.73 -13.99
C LYS F 458 56.19 23.45 -13.13
N TYR F 459 55.03 22.87 -12.80
CA TYR F 459 54.97 21.68 -11.95
C TYR F 459 54.93 20.31 -12.64
N HIS F 460 54.70 20.28 -13.95
CA HIS F 460 54.57 19.01 -14.67
C HIS F 460 53.69 17.97 -13.98
N PHE F 461 52.56 18.42 -13.42
CA PHE F 461 51.64 17.51 -12.73
C PHE F 461 51.04 16.44 -13.64
N SER F 462 51.12 16.62 -14.94
CA SER F 462 50.59 15.62 -15.86
C SER F 462 51.43 14.34 -15.77
N CYS F 463 52.73 14.48 -15.54
CA CYS F 463 53.57 13.31 -15.33
C CYS F 463 53.34 12.70 -13.95
N GLN F 464 53.34 13.55 -12.93
CA GLN F 464 53.25 13.07 -11.56
C GLN F 464 51.96 12.31 -11.30
N PHE F 465 50.83 12.88 -11.70
CA PHE F 465 49.55 12.23 -11.47
C PHE F 465 49.54 10.87 -12.17
N THR F 466 50.08 10.83 -13.39
CA THR F 466 50.20 9.58 -14.11
C THR F 466 51.04 8.58 -13.32
N ALA F 467 52.17 9.03 -12.80
CA ALA F 467 53.03 8.17 -12.01
C ALA F 467 52.29 7.70 -10.78
N ASP F 468 51.63 8.61 -10.10
CA ASP F 468 50.94 8.28 -8.86
C ASP F 468 49.88 7.21 -9.07
N ILE F 469 49.01 7.44 -10.06
CA ILE F 469 47.93 6.50 -10.36
C ILE F 469 48.49 5.15 -10.75
N PHE F 470 49.62 5.18 -11.46
CA PHE F 470 50.32 3.98 -11.88
C PHE F 470 50.79 3.15 -10.70
N ALA F 471 51.66 3.73 -9.88
CA ALA F 471 52.29 2.99 -8.79
C ALA F 471 51.29 2.54 -7.75
N MET F 472 50.30 3.40 -7.53
CA MET F 472 49.17 3.14 -6.65
C MET F 472 48.51 1.80 -6.98
N ASN F 473 48.22 1.57 -8.25
CA ASN F 473 47.63 0.30 -8.65
C ASN F 473 48.66 -0.81 -8.82
N HIS F 474 49.85 -0.42 -9.23
CA HIS F 474 50.91 -1.36 -9.55
C HIS F 474 51.41 -2.13 -8.34
N THR F 475 51.44 -1.48 -7.18
CA THR F 475 52.07 -2.07 -6.01
C THR F 475 51.24 -3.21 -5.43
N ASP F 476 51.89 -4.07 -4.64
CA ASP F 476 51.21 -5.14 -3.94
C ASP F 476 50.47 -4.65 -2.70
N PHE F 477 51.15 -3.90 -1.84
CA PHE F 477 50.43 -3.24 -0.74
C PHE F 477 50.85 -1.79 -0.57
N ILE F 478 50.00 -1.02 0.11
CA ILE F 478 50.27 0.39 0.36
C ILE F 478 50.34 0.68 1.85
N ILE F 479 51.25 1.55 2.25
CA ILE F 479 51.35 1.95 3.64
C ILE F 479 51.02 3.45 3.79
N THR F 480 50.19 3.78 4.77
CA THR F 480 49.87 5.17 5.04
C THR F 480 50.14 5.51 6.49
N SER F 481 50.36 6.79 6.75
CA SER F 481 50.67 7.25 8.11
C SER F 481 49.43 7.48 8.97
N THR F 482 48.26 7.62 8.33
CA THR F 482 47.00 7.83 9.03
C THR F 482 45.81 7.28 8.26
N PHE F 483 44.68 7.16 8.95
CA PHE F 483 43.45 6.87 8.28
C PHE F 483 43.07 8.02 7.33
N GLN F 484 43.33 9.25 7.75
CA GLN F 484 42.90 10.42 6.96
C GLN F 484 43.55 10.47 5.60
N GLU F 485 44.83 10.11 5.53
CA GLU F 485 45.52 9.92 4.26
C GLU F 485 44.73 9.03 3.26
N ILE F 486 44.11 7.96 3.76
CA ILE F 486 43.28 7.16 2.88
C ILE F 486 41.89 7.77 2.68
N ALA F 487 41.04 7.68 3.71
CA ALA F 487 39.64 8.11 3.58
C ALA F 487 39.24 9.47 4.18
N GLY F 488 40.18 10.19 4.79
CA GLY F 488 39.88 11.46 5.41
C GLY F 488 39.02 11.33 6.65
N SER F 489 37.97 12.14 6.74
CA SER F 489 37.08 12.14 7.90
C SER F 489 35.63 12.08 7.47
N LYS F 490 34.73 12.15 8.45
CA LYS F 490 33.31 12.16 8.17
C LYS F 490 32.99 13.32 7.21
N GLU F 491 33.55 14.49 7.51
CA GLU F 491 33.29 15.71 6.76
C GLU F 491 34.13 15.91 5.49
N THR F 492 35.39 15.48 5.49
CA THR F 492 36.27 15.78 4.35
C THR F 492 36.92 14.55 3.66
N VAL F 493 37.30 14.72 2.40
CA VAL F 493 37.82 13.62 1.60
C VAL F 493 39.30 13.33 1.84
N GLY F 494 39.62 12.03 1.86
CA GLY F 494 40.99 11.59 2.06
C GLY F 494 41.87 11.87 0.87
N GLN F 495 43.18 11.74 1.06
CA GLN F 495 44.12 12.04 -0.01
C GLN F 495 44.03 11.01 -1.13
N TYR F 496 44.11 9.73 -0.80
CA TYR F 496 43.91 8.70 -1.82
C TYR F 496 42.48 8.79 -2.36
N GLU F 497 41.53 9.08 -1.48
CA GLU F 497 40.13 9.03 -1.85
C GLU F 497 39.89 10.00 -2.99
N SER F 498 40.63 11.10 -2.95
CA SER F 498 40.46 12.17 -3.92
C SER F 498 40.95 11.77 -5.29
N HIS F 499 41.65 10.65 -5.40
CA HIS F 499 42.11 10.19 -6.69
C HIS F 499 41.16 9.18 -7.34
N THR F 500 40.06 8.90 -6.67
CA THR F 500 39.11 7.89 -7.13
C THR F 500 38.43 8.25 -8.45
N ALA F 501 37.87 9.45 -8.50
CA ALA F 501 37.31 9.96 -9.76
C ALA F 501 37.76 11.39 -9.98
N PHE F 502 38.53 11.60 -11.03
CA PHE F 502 38.98 12.95 -11.37
C PHE F 502 39.37 13.01 -12.84
N THR F 503 39.73 14.18 -13.31
CA THR F 503 40.01 14.34 -14.73
C THR F 503 40.99 15.47 -15.05
N LEU F 504 41.79 15.25 -16.09
CA LEU F 504 42.72 16.26 -16.57
C LEU F 504 42.31 16.58 -18.00
N PRO F 505 41.46 17.60 -18.15
CA PRO F 505 40.84 17.93 -19.44
C PRO F 505 41.89 18.09 -20.52
N GLY F 506 41.69 17.41 -21.64
CA GLY F 506 42.61 17.49 -22.75
C GLY F 506 43.64 16.39 -22.70
N LEU F 507 43.70 15.69 -21.58
CA LEU F 507 44.72 14.66 -21.38
C LEU F 507 44.06 13.31 -21.28
N TYR F 508 43.44 13.04 -20.13
CA TYR F 508 42.70 11.81 -19.94
C TYR F 508 41.81 11.93 -18.71
N ARG F 509 40.99 10.91 -18.46
CA ARG F 509 39.94 11.01 -17.44
C ARG F 509 39.88 9.75 -16.58
N VAL F 510 39.97 9.91 -15.27
CA VAL F 510 40.04 8.77 -14.38
C VAL F 510 38.69 8.56 -13.76
N VAL F 511 37.99 7.53 -14.21
CA VAL F 511 36.64 7.29 -13.75
C VAL F 511 36.64 6.56 -12.42
N HIS F 512 37.48 5.55 -12.32
CA HIS F 512 37.79 4.94 -11.04
C HIS F 512 39.30 4.69 -11.03
N GLY F 513 40.05 5.42 -10.22
CA GLY F 513 41.50 5.24 -10.22
C GLY F 513 42.05 4.48 -9.04
N ILE F 514 41.32 4.50 -7.93
CA ILE F 514 41.73 3.87 -6.71
C ILE F 514 40.47 3.73 -5.89
N ASP F 515 40.48 2.87 -4.89
CA ASP F 515 39.30 2.71 -4.06
C ASP F 515 39.68 2.65 -2.60
N VAL F 516 39.06 3.51 -1.83
CA VAL F 516 39.40 3.65 -0.44
C VAL F 516 39.30 2.33 0.36
N PHE F 517 38.55 1.36 -0.16
CA PHE F 517 38.35 0.09 0.54
C PHE F 517 39.35 -1.02 0.14
N ASP F 518 40.15 -0.76 -0.88
CA ASP F 518 41.06 -1.75 -1.42
C ASP F 518 41.93 -2.37 -0.32
N PRO F 519 41.88 -3.69 -0.17
CA PRO F 519 42.55 -4.45 0.88
C PRO F 519 44.07 -4.27 0.92
N LYS F 520 44.63 -3.64 -0.11
CA LYS F 520 46.07 -3.35 -0.11
C LYS F 520 46.47 -2.20 0.83
N PHE F 521 45.50 -1.37 1.22
CA PHE F 521 45.79 -0.25 2.12
C PHE F 521 46.05 -0.71 3.55
N ASN F 522 47.18 -0.28 4.10
CA ASN F 522 47.50 -0.58 5.48
C ASN F 522 48.07 0.61 6.22
N ILE F 523 47.40 1.02 7.30
CA ILE F 523 47.89 2.11 8.10
C ILE F 523 48.96 1.58 9.06
N VAL F 524 50.19 2.05 8.89
CA VAL F 524 51.26 1.78 9.85
C VAL F 524 51.88 3.11 10.19
N SER F 525 51.65 3.56 11.42
CA SER F 525 51.99 4.92 11.78
C SER F 525 53.43 4.98 12.19
N PRO F 526 54.16 5.99 11.71
CA PRO F 526 55.56 6.23 12.06
C PRO F 526 55.67 6.93 13.38
N GLY F 527 56.89 7.32 13.75
CA GLY F 527 57.19 7.91 15.05
C GLY F 527 58.37 8.85 14.93
N ALA F 528 58.89 9.32 16.06
CA ALA F 528 60.09 10.13 16.05
C ALA F 528 61.16 9.45 16.90
N ASP F 529 62.41 9.46 16.42
CA ASP F 529 63.46 8.73 17.10
C ASP F 529 63.52 9.17 18.57
N MET F 530 63.34 8.23 19.48
CA MET F 530 63.10 8.59 20.88
C MET F 530 64.36 8.85 21.71
N SER F 531 65.53 8.64 21.11
CA SER F 531 66.76 9.10 21.71
C SER F 531 66.96 10.59 21.39
N ILE F 532 66.41 11.01 20.25
CA ILE F 532 66.47 12.38 19.78
C ILE F 532 65.42 13.30 20.40
N TYR F 533 64.18 12.82 20.45
CA TYR F 533 63.08 13.65 20.91
C TYR F 533 62.46 13.06 22.17
N PHE F 534 62.39 13.85 23.22
CA PHE F 534 61.77 13.36 24.44
C PHE F 534 61.39 14.56 25.29
N PRO F 535 60.70 14.31 26.40
CA PRO F 535 60.12 15.40 27.19
C PRO F 535 61.17 16.35 27.76
N TYR F 536 60.91 17.65 27.62
CA TYR F 536 61.81 18.71 28.07
C TYR F 536 62.05 18.65 29.56
N THR F 537 61.27 17.82 30.26
CA THR F 537 61.34 17.72 31.71
C THR F 537 62.35 16.68 32.23
N GLU F 538 62.97 15.91 31.33
CA GLU F 538 63.92 14.93 31.84
C GLU F 538 65.30 15.58 31.84
N GLU F 539 65.76 15.96 33.03
CA GLU F 539 66.90 16.87 33.14
C GLU F 539 68.19 16.18 32.77
N LYS F 540 68.33 14.96 33.24
CA LYS F 540 69.57 14.21 33.05
C LYS F 540 69.82 14.02 31.56
N ARG F 541 68.74 14.02 30.78
CA ARG F 541 68.86 13.81 29.34
C ARG F 541 69.02 15.09 28.52
N ARG F 542 68.79 16.25 29.13
CA ARG F 542 68.82 17.53 28.40
C ARG F 542 70.22 17.80 27.92
N LEU F 543 70.35 18.34 26.70
CA LEU F 543 71.69 18.50 26.17
C LEU F 543 72.08 19.94 26.43
N THR F 544 72.84 20.12 27.49
CA THR F 544 73.06 21.45 28.03
C THR F 544 74.24 22.06 27.31
N LYS F 545 74.96 21.19 26.59
CA LYS F 545 76.13 21.61 25.84
C LYS F 545 75.72 22.52 24.71
N PHE F 546 74.45 22.41 24.32
CA PHE F 546 73.95 23.17 23.17
C PHE F 546 73.36 24.52 23.55
N HIS F 547 73.27 24.82 24.84
CA HIS F 547 72.58 26.04 25.26
C HIS F 547 73.25 27.32 24.77
N SER F 548 74.57 27.40 24.90
CA SER F 548 75.30 28.54 24.39
C SER F 548 74.87 28.87 22.95
N GLU F 549 74.79 27.84 22.10
CA GLU F 549 74.48 28.04 20.70
C GLU F 549 73.04 28.45 20.48
N ILE F 550 72.12 27.75 21.13
CA ILE F 550 70.71 28.01 20.95
C ILE F 550 70.38 29.44 21.42
N GLU F 551 71.02 29.87 22.50
CA GLU F 551 70.84 31.23 22.99
C GLU F 551 71.22 32.23 21.90
N GLU F 552 72.36 32.00 21.26
CA GLU F 552 72.80 32.88 20.19
C GLU F 552 71.84 32.78 19.02
N LEU F 553 71.40 31.56 18.74
CA LEU F 553 70.49 31.32 17.65
C LEU F 553 69.21 32.12 17.84
N LEU F 554 68.61 32.00 19.04
CA LEU F 554 67.34 32.67 19.35
C LEU F 554 67.48 34.14 19.68
N TYR F 555 68.23 34.43 20.75
CA TYR F 555 68.24 35.75 21.37
C TYR F 555 69.36 36.75 20.96
N SER F 556 70.30 36.32 20.14
CA SER F 556 71.43 37.19 19.81
C SER F 556 70.99 38.41 18.99
N ASP F 557 71.79 39.46 19.02
CA ASP F 557 71.50 40.68 18.26
C ASP F 557 72.23 40.76 16.92
N VAL F 558 72.93 39.70 16.54
CA VAL F 558 73.53 39.68 15.21
C VAL F 558 72.47 39.32 14.17
N GLU F 559 72.42 40.08 13.09
CA GLU F 559 71.52 39.75 11.97
C GLU F 559 72.32 39.27 10.77
N ASN F 560 71.97 38.10 10.26
CA ASN F 560 72.71 37.52 9.14
C ASN F 560 71.97 36.40 8.43
N LYS F 561 72.68 35.74 7.53
CA LYS F 561 72.11 34.67 6.72
C LYS F 561 71.65 33.49 7.57
N GLU F 562 72.10 33.44 8.82
CA GLU F 562 71.65 32.39 9.75
C GLU F 562 70.34 32.74 10.46
N HIS F 563 70.22 34.00 10.88
CA HIS F 563 69.00 34.43 11.52
C HIS F 563 68.75 35.91 11.28
N LEU F 564 67.49 36.26 11.08
CA LEU F 564 67.11 37.61 10.74
C LEU F 564 66.18 38.22 11.78
N CYS F 565 66.17 39.54 11.78
CA CYS F 565 65.66 40.37 12.85
C CYS F 565 66.23 39.96 14.20
N VAL F 566 65.53 40.36 15.25
CA VAL F 566 66.09 40.25 16.59
C VAL F 566 64.96 40.25 17.59
N LEU F 567 65.12 39.51 18.68
CA LEU F 567 64.09 39.44 19.70
C LEU F 567 64.46 40.43 20.77
N LYS F 568 63.62 41.45 20.93
CA LYS F 568 63.85 42.52 21.89
C LYS F 568 63.75 41.99 23.32
N ASP F 569 62.68 41.25 23.62
CA ASP F 569 62.43 40.81 24.99
C ASP F 569 62.63 39.30 25.09
N LYS F 570 63.66 38.89 25.82
CA LYS F 570 64.11 37.51 25.84
C LYS F 570 63.29 36.57 26.75
N LYS F 571 62.42 37.12 27.59
CA LYS F 571 61.72 36.31 28.58
C LYS F 571 60.32 35.86 28.19
N LYS F 572 59.84 36.29 27.02
CA LYS F 572 58.51 35.89 26.56
C LYS F 572 58.50 34.43 26.12
N PRO F 573 57.31 33.81 26.10
CA PRO F 573 57.07 32.52 25.44
C PRO F 573 57.29 32.62 23.94
N ILE F 574 57.83 31.56 23.33
CA ILE F 574 58.12 31.58 21.91
C ILE F 574 57.11 30.78 21.11
N LEU F 575 56.47 31.44 20.16
CA LEU F 575 55.64 30.76 19.18
C LEU F 575 56.63 30.30 18.12
N PHE F 576 56.74 28.98 17.93
CA PHE F 576 57.82 28.38 17.15
C PHE F 576 57.34 27.52 15.98
N THR F 577 58.11 27.53 14.90
CA THR F 577 57.86 26.62 13.80
C THR F 577 59.12 26.35 12.96
N MET F 578 59.18 25.17 12.36
CA MET F 578 60.33 24.74 11.55
C MET F 578 59.83 23.86 10.41
N ALA F 579 60.32 24.10 9.19
CA ALA F 579 59.83 23.37 8.03
C ALA F 579 60.61 23.78 6.79
N ARG F 580 60.44 23.00 5.72
CA ARG F 580 60.97 23.41 4.44
C ARG F 580 60.21 24.68 4.08
N LEU F 581 60.85 25.59 3.36
CA LEU F 581 60.17 26.81 2.95
C LEU F 581 59.56 26.67 1.55
N ASP F 582 58.24 26.59 1.49
CA ASP F 582 57.52 26.67 0.22
C ASP F 582 56.08 27.15 0.41
N ARG F 583 55.34 27.24 -0.69
CA ARG F 583 54.02 27.86 -0.67
C ARG F 583 53.10 27.12 0.30
N VAL F 584 53.00 25.81 0.11
CA VAL F 584 52.05 25.02 0.85
C VAL F 584 52.34 24.99 2.35
N LYS F 585 53.61 25.12 2.73
CA LYS F 585 53.94 25.17 4.16
C LYS F 585 53.38 26.43 4.79
N ASN F 586 53.30 27.48 4.00
CA ASN F 586 52.57 28.67 4.38
C ASN F 586 53.14 29.46 5.55
N LEU F 587 54.45 29.36 5.77
CA LEU F 587 55.09 30.07 6.86
C LEU F 587 54.88 31.59 6.72
N SER F 588 55.01 32.08 5.49
CA SER F 588 54.77 33.50 5.21
C SER F 588 53.38 33.92 5.67
N GLY F 589 52.44 32.99 5.69
CA GLY F 589 51.09 33.26 6.16
C GLY F 589 51.02 33.39 7.66
N LEU F 590 51.70 32.50 8.38
CA LEU F 590 51.79 32.60 9.83
C LEU F 590 52.37 33.96 10.19
N VAL F 591 53.39 34.38 9.45
CA VAL F 591 54.06 35.64 9.77
C VAL F 591 53.08 36.79 9.68
N GLU F 592 52.24 36.80 8.65
CA GLU F 592 51.22 37.83 8.51
C GLU F 592 50.16 37.76 9.61
N TRP F 593 49.61 36.57 9.85
CA TRP F 593 48.67 36.41 10.96
C TRP F 593 49.25 37.05 12.21
N TYR F 594 50.49 36.66 12.51
CA TYR F 594 51.16 37.15 13.69
C TYR F 594 51.32 38.67 13.63
N GLY F 595 51.71 39.18 12.46
CA GLY F 595 51.97 40.59 12.30
C GLY F 595 50.76 41.47 12.58
N LYS F 596 49.61 41.04 12.08
CA LYS F 596 48.37 41.79 12.22
C LYS F 596 47.84 41.82 13.65
N ASN F 597 48.24 40.85 14.45
CA ASN F 597 47.59 40.65 15.74
C ASN F 597 48.41 41.18 16.91
N THR F 598 48.00 42.33 17.42
CA THR F 598 48.77 43.08 18.39
C THR F 598 48.80 42.34 19.70
N ARG F 599 47.70 41.66 20.00
CA ARG F 599 47.53 40.96 21.26
C ARG F 599 48.48 39.77 21.38
N LEU F 600 48.65 39.04 20.27
CA LEU F 600 49.53 37.89 20.26
C LEU F 600 50.96 38.38 20.31
N ARG F 601 51.28 39.38 19.49
CA ARG F 601 52.62 39.96 19.47
C ARG F 601 53.08 40.36 20.86
N GLU F 602 52.16 40.84 21.68
CA GLU F 602 52.47 41.26 23.04
C GLU F 602 52.76 40.07 23.94
N LEU F 603 52.06 38.97 23.69
CA LEU F 603 52.11 37.79 24.56
C LEU F 603 53.30 36.87 24.31
N ALA F 604 53.81 36.86 23.08
CA ALA F 604 54.84 35.90 22.71
C ALA F 604 55.66 36.34 21.51
N ASN F 605 56.85 35.74 21.38
CA ASN F 605 57.71 35.99 20.24
C ASN F 605 57.51 34.95 19.13
N LEU F 606 57.60 35.39 17.87
CA LEU F 606 57.56 34.47 16.74
C LEU F 606 58.96 34.07 16.28
N VAL F 607 59.24 32.77 16.27
CA VAL F 607 60.48 32.24 15.71
C VAL F 607 60.15 31.26 14.58
N VAL F 608 60.47 31.63 13.35
CA VAL F 608 60.24 30.76 12.21
C VAL F 608 61.57 30.25 11.66
N VAL F 609 61.73 28.93 11.61
CA VAL F 609 62.86 28.32 10.91
C VAL F 609 62.40 27.79 9.56
N GLY F 610 62.82 28.44 8.47
CA GLY F 610 62.71 27.82 7.16
C GLY F 610 63.38 28.57 6.03
N GLY F 611 63.90 27.81 5.07
CA GLY F 611 64.79 28.33 4.04
C GLY F 611 66.25 28.32 4.49
N ASP F 612 67.17 28.13 3.54
CA ASP F 612 68.59 28.31 3.84
C ASP F 612 69.08 29.56 3.13
N ARG F 613 69.30 30.62 3.91
CA ARG F 613 69.73 31.91 3.35
C ARG F 613 71.26 31.97 3.21
N ARG F 614 71.93 30.91 3.62
CA ARG F 614 73.38 30.79 3.55
C ARG F 614 73.85 30.75 2.10
N LYS F 615 73.01 30.22 1.22
CA LYS F 615 73.29 30.21 -0.20
C LYS F 615 72.14 30.82 -1.00
N GLU F 616 72.34 30.95 -2.31
CA GLU F 616 71.31 31.46 -3.21
C GLU F 616 70.32 30.35 -3.55
N SER F 617 69.03 30.64 -3.41
CA SER F 617 68.01 29.62 -3.60
C SER F 617 67.82 29.27 -5.06
N LYS F 618 67.86 27.98 -5.36
CA LYS F 618 67.62 27.51 -6.72
C LYS F 618 66.19 26.99 -6.94
N ASP F 619 65.37 27.05 -5.88
CA ASP F 619 63.99 26.54 -5.92
C ASP F 619 62.97 27.68 -6.10
N ASN F 620 62.06 27.52 -7.06
CA ASN F 620 61.09 28.58 -7.37
C ASN F 620 60.26 29.03 -6.16
N GLU F 621 59.67 28.07 -5.45
CA GLU F 621 58.79 28.38 -4.33
C GLU F 621 59.56 28.96 -3.15
N GLU F 622 60.77 28.47 -2.91
CA GLU F 622 61.59 28.96 -1.80
C GLU F 622 61.94 30.42 -2.06
N LYS F 623 62.23 30.73 -3.32
CA LYS F 623 62.58 32.09 -3.74
C LYS F 623 61.38 33.02 -3.52
N ALA F 624 60.21 32.53 -3.88
CA ALA F 624 59.00 33.33 -3.80
C ALA F 624 58.63 33.59 -2.34
N GLU F 625 58.78 32.55 -1.55
CA GLU F 625 58.43 32.58 -0.14
C GLU F 625 59.40 33.51 0.59
N MET F 626 60.68 33.44 0.24
CA MET F 626 61.68 34.31 0.84
C MET F 626 61.37 35.76 0.58
N LYS F 627 61.06 36.09 -0.67
CA LYS F 627 60.69 37.46 -0.98
C LYS F 627 59.54 37.89 -0.08
N LYS F 628 58.49 37.08 -0.02
CA LYS F 628 57.36 37.42 0.82
C LYS F 628 57.82 37.73 2.24
N MET F 629 58.62 36.83 2.82
CA MET F 629 59.11 36.97 4.20
C MET F 629 59.74 38.34 4.42
N TYR F 630 60.65 38.73 3.54
CA TYR F 630 61.31 40.02 3.68
C TYR F 630 60.25 41.13 3.74
N ASP F 631 59.40 41.19 2.72
CA ASP F 631 58.39 42.24 2.66
C ASP F 631 57.50 42.28 3.91
N LEU F 632 57.12 41.12 4.41
CA LEU F 632 56.29 41.05 5.60
C LEU F 632 57.00 41.67 6.80
N ILE F 633 58.29 41.40 6.89
CA ILE F 633 59.10 41.94 7.98
C ILE F 633 59.02 43.47 8.03
N GLU F 634 59.10 44.09 6.84
CA GLU F 634 59.02 45.54 6.73
C GLU F 634 57.60 46.05 6.98
N GLU F 635 56.61 45.36 6.42
CA GLU F 635 55.22 45.80 6.50
C GLU F 635 54.69 45.86 7.93
N TYR F 636 54.85 44.77 8.65
CA TYR F 636 54.37 44.67 10.02
C TYR F 636 55.44 45.04 11.05
N LYS F 637 56.57 45.54 10.56
CA LYS F 637 57.60 46.06 11.44
C LYS F 637 57.94 45.02 12.51
N LEU F 638 58.43 43.87 12.07
CA LEU F 638 58.48 42.72 12.96
C LEU F 638 59.71 42.69 13.86
N ASN F 639 60.72 43.47 13.49
CA ASN F 639 61.95 43.46 14.25
C ASN F 639 61.65 43.66 15.74
N GLY F 640 62.30 42.86 16.57
CA GLY F 640 62.15 42.88 18.01
C GLY F 640 61.10 41.90 18.53
N GLN F 641 60.12 41.59 17.69
CA GLN F 641 59.17 40.52 17.99
C GLN F 641 59.39 39.21 17.21
N PHE F 642 60.39 39.18 16.32
CA PHE F 642 60.47 38.12 15.30
C PHE F 642 61.91 37.68 15.04
N ARG F 643 62.12 36.36 14.95
CA ARG F 643 63.44 35.82 14.61
C ARG F 643 63.30 34.79 13.49
N TRP F 644 63.90 35.06 12.34
CA TRP F 644 63.75 34.18 11.19
C TRP F 644 65.04 33.40 10.93
N ILE F 645 65.01 32.11 11.27
CA ILE F 645 66.22 31.27 11.27
C ILE F 645 66.28 30.36 10.05
N SER F 646 67.49 30.13 9.55
CA SER F 646 67.68 29.24 8.40
C SER F 646 67.64 27.79 8.82
N SER F 647 67.75 26.90 7.84
CA SER F 647 67.55 25.47 8.06
C SER F 647 68.45 24.92 9.16
N GLN F 648 67.86 24.20 10.09
CA GLN F 648 68.61 23.55 11.15
C GLN F 648 68.74 22.08 10.79
N MET F 649 69.96 21.70 10.41
CA MET F 649 70.20 20.46 9.69
C MET F 649 70.62 19.32 10.59
N ASP F 650 70.78 19.61 11.87
CA ASP F 650 71.24 18.62 12.80
C ASP F 650 70.12 18.23 13.77
N ARG F 651 69.58 17.03 13.58
CA ARG F 651 68.45 16.59 14.38
C ARG F 651 68.79 16.55 15.87
N VAL F 652 70.05 16.33 16.20
CA VAL F 652 70.38 16.17 17.60
C VAL F 652 70.13 17.49 18.31
N ARG F 653 70.68 18.58 17.77
CA ARG F 653 70.48 19.90 18.36
C ARG F 653 69.03 20.31 18.26
N ASN F 654 68.41 20.02 17.11
CA ASN F 654 67.00 20.28 16.90
C ASN F 654 66.18 19.74 18.05
N GLY F 655 66.48 18.51 18.45
CA GLY F 655 65.85 17.92 19.63
C GLY F 655 65.93 18.84 20.82
N GLU F 656 67.11 19.43 21.06
CA GLU F 656 67.27 20.35 22.18
C GLU F 656 66.52 21.67 21.97
N LEU F 657 66.50 22.16 20.74
CA LEU F 657 65.78 23.38 20.40
C LEU F 657 64.28 23.30 20.78
N TYR F 658 63.60 22.25 20.34
CA TYR F 658 62.20 22.00 20.74
C TYR F 658 62.04 22.08 22.25
N ARG F 659 62.87 21.35 22.98
CA ARG F 659 62.81 21.35 24.43
C ARG F 659 63.00 22.77 25.00
N TYR F 660 63.89 23.53 24.39
CA TYR F 660 64.15 24.88 24.83
C TYR F 660 62.91 25.76 24.69
N ILE F 661 62.23 25.65 23.54
CA ILE F 661 60.95 26.32 23.38
C ILE F 661 60.05 26.02 24.58
N CYS F 662 60.01 24.76 24.99
CA CYS F 662 59.25 24.34 26.17
C CYS F 662 59.66 25.10 27.42
N ASP F 663 60.95 25.35 27.59
CA ASP F 663 61.43 26.04 28.77
C ASP F 663 60.77 27.41 28.86
N THR F 664 60.53 28.00 27.68
CA THR F 664 59.92 29.32 27.60
C THR F 664 58.40 29.23 27.69
N LYS F 665 57.90 28.01 27.88
CA LYS F 665 56.46 27.76 27.95
C LYS F 665 55.75 28.27 26.71
N GLY F 666 56.32 27.94 25.56
CA GLY F 666 55.78 28.37 24.27
C GLY F 666 54.89 27.36 23.60
N ALA F 667 54.88 27.38 22.27
CA ALA F 667 54.01 26.52 21.48
C ALA F 667 54.60 26.28 20.11
N PHE F 668 54.23 25.16 19.50
CA PHE F 668 54.59 24.89 18.12
C PHE F 668 53.37 25.17 17.27
N VAL F 669 53.55 25.91 16.18
CA VAL F 669 52.46 26.12 15.23
C VAL F 669 52.81 25.61 13.85
N GLN F 670 51.90 24.86 13.24
CA GLN F 670 52.14 24.30 11.91
C GLN F 670 51.02 24.74 10.96
N PRO F 671 51.24 25.87 10.28
CA PRO F 671 50.20 26.54 9.51
C PRO F 671 50.13 26.14 8.04
N ALA F 672 50.24 24.86 7.70
CA ALA F 672 50.31 24.51 6.30
C ALA F 672 48.92 24.52 5.70
N LEU F 673 48.81 24.97 4.46
CA LEU F 673 47.52 24.97 3.78
C LEU F 673 47.06 23.53 3.61
N TYR F 674 48.00 22.63 3.37
CA TYR F 674 47.75 21.20 3.48
C TYR F 674 49.00 20.51 3.99
N GLU F 675 48.83 19.61 4.94
CA GLU F 675 49.97 18.85 5.46
C GLU F 675 49.66 17.36 5.42
N ALA F 676 50.39 16.63 4.59
CA ALA F 676 50.11 15.21 4.35
C ALA F 676 50.19 14.37 5.64
N PHE F 677 51.27 14.50 6.40
CA PHE F 677 51.36 13.85 7.70
C PHE F 677 51.79 14.81 8.81
N GLY F 678 52.97 15.41 8.66
CA GLY F 678 53.53 16.26 9.72
C GLY F 678 54.39 15.71 10.85
N LEU F 679 55.50 15.07 10.49
CA LEU F 679 56.50 14.70 11.48
C LEU F 679 56.88 15.80 12.50
N THR F 680 56.85 17.07 12.12
CA THR F 680 57.19 18.14 13.07
C THR F 680 56.17 18.21 14.19
N VAL F 681 54.92 17.88 13.87
CA VAL F 681 53.88 17.82 14.87
C VAL F 681 54.24 16.73 15.87
N VAL F 682 54.57 15.57 15.34
CA VAL F 682 54.96 14.43 16.17
C VAL F 682 56.17 14.81 17.01
N GLU F 683 57.15 15.41 16.37
CA GLU F 683 58.36 15.84 17.07
C GLU F 683 58.07 16.78 18.24
N ALA F 684 57.32 17.86 18.00
CA ALA F 684 56.96 18.79 19.06
C ALA F 684 56.27 18.10 20.24
N MET F 685 55.20 17.35 19.95
CA MET F 685 54.43 16.68 21.00
C MET F 685 55.28 15.73 21.82
N THR F 686 56.15 14.99 21.15
CA THR F 686 57.03 14.06 21.82
C THR F 686 57.94 14.75 22.84
N CYS F 687 58.26 16.00 22.59
CA CYS F 687 59.12 16.75 23.48
C CYS F 687 58.36 17.43 24.60
N GLY F 688 57.04 17.51 24.45
CA GLY F 688 56.20 18.13 25.47
C GLY F 688 55.72 19.53 25.12
N LEU F 689 56.00 19.96 23.89
CA LEU F 689 55.57 21.26 23.42
C LEU F 689 54.11 21.24 22.94
N PRO F 690 53.24 22.04 23.59
CA PRO F 690 51.85 22.14 23.13
C PRO F 690 51.86 22.59 21.67
N THR F 691 50.94 22.06 20.86
CA THR F 691 50.99 22.27 19.42
C THR F 691 49.66 22.66 18.78
N PHE F 692 49.70 23.71 17.97
CA PHE F 692 48.56 24.14 17.19
C PHE F 692 48.87 23.81 15.74
N ALA F 693 48.05 22.97 15.13
CA ALA F 693 48.35 22.52 13.75
C ALA F 693 47.17 22.60 12.78
N THR F 694 47.50 22.86 11.53
CA THR F 694 46.51 22.93 10.46
C THR F 694 45.59 21.74 10.47
N CYS F 695 44.31 22.00 10.26
CA CYS F 695 43.30 20.96 10.20
C CYS F 695 43.17 20.36 8.79
N LYS F 696 44.01 20.82 7.88
CA LYS F 696 44.04 20.28 6.53
C LYS F 696 45.09 19.17 6.38
N GLY F 697 44.64 17.93 6.21
CA GLY F 697 45.54 16.81 6.10
C GLY F 697 45.81 16.03 7.38
N GLY F 698 46.93 15.31 7.38
CA GLY F 698 47.28 14.40 8.46
C GLY F 698 47.15 14.92 9.88
N PRO F 699 47.61 16.15 10.13
CA PRO F 699 47.53 16.64 11.52
C PRO F 699 46.10 16.67 12.06
N ALA F 700 45.09 16.62 11.21
CA ALA F 700 43.71 16.59 11.71
C ALA F 700 43.46 15.32 12.51
N GLU F 701 44.14 14.24 12.12
CA GLU F 701 44.05 12.97 12.82
C GLU F 701 45.00 12.89 14.01
N ILE F 702 46.23 13.35 13.82
CA ILE F 702 47.23 13.25 14.87
C ILE F 702 46.78 13.87 16.19
N ILE F 703 46.29 15.11 16.12
CA ILE F 703 45.93 15.89 17.30
C ILE F 703 44.44 15.80 17.60
N VAL F 704 44.11 15.63 18.88
CA VAL F 704 42.71 15.68 19.31
C VAL F 704 42.45 17.04 19.95
N HIS F 705 41.59 17.84 19.31
CA HIS F 705 41.38 19.22 19.74
C HIS F 705 41.05 19.34 21.23
N GLY F 706 41.78 20.20 21.91
CA GLY F 706 41.54 20.46 23.32
C GLY F 706 42.14 19.43 24.27
N LYS F 707 42.63 18.32 23.71
CA LYS F 707 43.19 17.24 24.52
C LYS F 707 44.69 17.10 24.30
N SER F 708 45.08 16.72 23.09
CA SER F 708 46.49 16.57 22.73
C SER F 708 47.07 17.77 21.96
N GLY F 709 46.25 18.78 21.68
CA GLY F 709 46.69 19.94 20.92
C GLY F 709 45.52 20.79 20.49
N PHE F 710 45.69 21.60 19.46
CA PHE F 710 44.57 22.37 18.92
C PHE F 710 44.65 22.45 17.40
N HIS F 711 43.50 22.59 16.76
CA HIS F 711 43.47 22.73 15.33
C HIS F 711 43.29 24.19 15.00
N ILE F 712 43.93 24.62 13.93
CA ILE F 712 43.73 25.97 13.42
C ILE F 712 43.47 25.82 11.93
N ASP F 713 42.85 26.82 11.33
CA ASP F 713 42.51 26.70 9.93
C ASP F 713 43.27 27.71 9.08
N PRO F 714 44.20 27.23 8.26
CA PRO F 714 45.08 28.11 7.49
C PRO F 714 44.27 29.05 6.64
N TYR F 715 43.00 28.74 6.45
CA TYR F 715 42.14 29.63 5.69
C TYR F 715 41.46 30.73 6.52
N HIS F 716 41.44 30.58 7.85
CA HIS F 716 41.24 31.75 8.69
C HIS F 716 42.41 31.92 9.64
N GLY F 717 43.37 32.78 9.28
CA GLY F 717 44.58 32.91 10.05
C GLY F 717 44.37 33.88 11.19
N ASP F 718 43.55 34.89 10.93
CA ASP F 718 43.27 35.93 11.92
C ASP F 718 42.66 35.26 13.15
N GLN F 719 41.88 34.21 12.92
CA GLN F 719 41.33 33.42 14.02
C GLN F 719 42.39 32.50 14.63
N ALA F 720 43.18 31.86 13.78
CA ALA F 720 44.29 31.07 14.27
C ALA F 720 45.11 31.94 15.24
N ALA F 721 45.37 33.18 14.85
CA ALA F 721 46.13 34.10 15.70
C ALA F 721 45.45 34.34 17.04
N ASP F 722 44.13 34.58 17.02
CA ASP F 722 43.39 34.81 18.26
C ASP F 722 43.31 33.59 19.17
N THR F 723 43.29 32.39 18.58
CA THR F 723 43.34 31.15 19.35
C THR F 723 44.66 31.04 20.10
N LEU F 724 45.74 31.34 19.38
CA LEU F 724 47.07 31.35 19.95
C LEU F 724 47.15 32.34 21.11
N ALA F 725 46.63 33.53 20.87
CA ALA F 725 46.60 34.56 21.90
C ALA F 725 45.80 34.05 23.12
N ASP F 726 44.64 33.48 22.87
CA ASP F 726 43.80 32.99 23.96
C ASP F 726 44.53 31.95 24.77
N PHE F 727 45.20 31.03 24.07
CA PHE F 727 45.95 29.98 24.74
C PHE F 727 46.99 30.61 25.65
N PHE F 728 47.81 31.49 25.10
CA PHE F 728 48.86 32.09 25.88
C PHE F 728 48.32 32.84 27.09
N THR F 729 47.15 33.47 26.91
CA THR F 729 46.49 34.21 27.98
C THR F 729 46.04 33.28 29.10
N LYS F 730 45.30 32.23 28.75
CA LYS F 730 44.91 31.24 29.75
C LYS F 730 46.12 30.77 30.53
N CYS F 731 47.19 30.45 29.82
CA CYS F 731 48.42 29.95 30.43
C CYS F 731 49.05 30.94 31.39
N LYS F 732 48.82 32.23 31.15
CA LYS F 732 49.32 33.25 32.05
C LYS F 732 48.48 33.24 33.33
N GLU F 733 47.17 33.23 33.17
CA GLU F 733 46.29 33.10 34.32
C GLU F 733 46.58 31.80 35.04
N ASP F 734 46.54 30.69 34.31
CA ASP F 734 46.70 29.39 34.91
C ASP F 734 47.77 28.55 34.21
N PRO F 735 49.01 28.66 34.68
CA PRO F 735 50.12 27.92 34.09
C PRO F 735 49.84 26.43 33.95
N SER F 736 49.02 25.85 34.81
CA SER F 736 48.76 24.41 34.72
C SER F 736 48.05 24.07 33.40
N HIS F 737 47.42 25.06 32.77
CA HIS F 737 46.75 24.84 31.50
C HIS F 737 47.72 24.28 30.46
N TRP F 738 48.88 24.93 30.36
CA TRP F 738 49.98 24.49 29.52
C TRP F 738 50.33 23.03 29.80
N ASP F 739 50.54 22.69 31.07
CA ASP F 739 50.86 21.31 31.45
C ASP F 739 49.80 20.30 31.02
N GLU F 740 48.54 20.68 31.16
CA GLU F 740 47.43 19.85 30.71
C GLU F 740 47.68 19.39 29.28
N ILE F 741 47.95 20.36 28.42
CA ILE F 741 48.11 20.12 26.99
C ILE F 741 49.39 19.34 26.71
N SER F 742 50.45 19.68 27.42
CA SER F 742 51.73 19.02 27.24
C SER F 742 51.56 17.52 27.45
N LYS F 743 50.99 17.17 28.60
CA LYS F 743 50.77 15.76 28.94
C LYS F 743 49.88 15.06 27.92
N GLY F 744 48.80 15.72 27.53
CA GLY F 744 47.93 15.19 26.51
C GLY F 744 48.73 14.79 25.30
N GLY F 745 49.53 15.74 24.78
CA GLY F 745 50.39 15.48 23.66
C GLY F 745 51.30 14.29 23.90
N LEU F 746 52.00 14.31 25.03
CA LEU F 746 52.91 13.22 25.37
C LEU F 746 52.22 11.86 25.31
N GLN F 747 50.97 11.81 25.77
CA GLN F 747 50.20 10.57 25.76
C GLN F 747 49.74 10.19 24.37
N ARG F 748 49.17 11.14 23.63
CA ARG F 748 48.73 10.89 22.27
C ARG F 748 49.84 10.19 21.51
N ILE F 749 51.07 10.68 21.67
CA ILE F 749 52.22 10.08 21.02
C ILE F 749 52.50 8.65 21.50
N GLU F 750 52.55 8.46 22.81
CA GLU F 750 52.77 7.13 23.40
C GLU F 750 51.88 6.08 22.79
N GLU F 751 50.59 6.41 22.67
CA GLU F 751 49.55 5.49 22.26
C GLU F 751 49.56 5.20 20.76
N LYS F 752 49.89 6.23 19.98
CA LYS F 752 49.67 6.22 18.54
C LYS F 752 50.92 6.13 17.67
N TYR F 753 51.88 7.05 17.86
CA TYR F 753 53.02 7.11 16.94
C TYR F 753 54.38 6.71 17.53
N THR F 754 54.82 5.50 17.18
CA THR F 754 56.11 4.99 17.65
C THR F 754 56.62 3.92 16.70
N TRP F 755 57.94 3.77 16.65
CA TRP F 755 58.56 2.86 15.70
C TRP F 755 58.58 1.39 16.13
N GLN F 756 58.30 1.12 17.40
CA GLN F 756 58.45 -0.24 17.90
C GLN F 756 57.70 -1.26 17.05
N ILE F 757 56.37 -1.13 17.04
CA ILE F 757 55.50 -2.01 16.27
C ILE F 757 55.69 -1.90 14.74
N TYR F 758 56.22 -0.78 14.26
CA TYR F 758 56.24 -0.50 12.81
C TYR F 758 56.90 -1.60 12.00
N SER F 759 58.10 -1.99 12.42
CA SER F 759 58.86 -2.97 11.67
C SER F 759 58.14 -4.32 11.61
N GLN F 760 57.68 -4.80 12.76
CA GLN F 760 56.98 -6.07 12.83
C GLN F 760 55.78 -6.09 11.90
N ARG F 761 55.03 -5.00 11.91
CA ARG F 761 53.85 -4.90 11.05
C ARG F 761 54.24 -4.89 9.57
N LEU F 762 55.34 -4.23 9.24
CA LEU F 762 55.79 -4.17 7.86
C LEU F 762 56.23 -5.55 7.41
N LEU F 763 57.06 -6.21 8.21
CA LEU F 763 57.60 -7.50 7.83
C LEU F 763 56.50 -8.53 7.68
N THR F 764 55.55 -8.50 8.61
CA THR F 764 54.39 -9.36 8.54
C THR F 764 53.64 -9.11 7.25
N LEU F 765 53.24 -7.87 7.02
CA LEU F 765 52.50 -7.56 5.80
C LEU F 765 53.18 -8.15 4.58
N THR F 766 54.52 -8.03 4.54
CA THR F 766 55.29 -8.54 3.39
C THR F 766 55.05 -10.03 3.15
N GLY F 767 55.10 -10.81 4.22
CA GLY F 767 54.80 -12.22 4.14
C GLY F 767 53.40 -12.50 3.63
N VAL F 768 52.41 -11.89 4.27
CA VAL F 768 51.04 -12.13 3.85
C VAL F 768 50.81 -11.73 2.39
N TYR F 769 51.28 -10.56 2.00
CA TYR F 769 51.07 -10.14 0.62
C TYR F 769 51.95 -10.93 -0.33
N GLY F 770 53.06 -11.45 0.20
CA GLY F 770 53.94 -12.29 -0.59
C GLY F 770 53.23 -13.56 -1.05
N PHE F 771 52.65 -14.27 -0.09
CA PHE F 771 51.86 -15.45 -0.40
C PHE F 771 50.71 -15.08 -1.33
N TRP F 772 49.96 -14.06 -0.96
CA TRP F 772 48.83 -13.59 -1.75
C TRP F 772 49.20 -13.38 -3.22
N LYS F 773 50.43 -12.95 -3.47
CA LYS F 773 50.92 -12.74 -4.83
C LYS F 773 50.71 -13.99 -5.68
N HIS F 774 51.05 -15.14 -5.12
CA HIS F 774 51.03 -16.41 -5.84
C HIS F 774 49.64 -17.06 -5.96
N VAL F 775 48.78 -16.80 -4.98
CA VAL F 775 47.41 -17.27 -5.07
C VAL F 775 46.67 -16.53 -6.17
N SER F 776 46.69 -15.21 -6.08
CA SER F 776 45.89 -14.34 -6.93
C SER F 776 46.63 -13.94 -8.20
N ASN F 777 47.82 -14.50 -8.39
CA ASN F 777 48.64 -14.22 -9.56
C ASN F 777 47.85 -14.35 -10.86
N LEU F 778 46.87 -15.25 -10.85
CA LEU F 778 46.09 -15.58 -12.03
C LEU F 778 45.20 -14.43 -12.51
N ASP F 779 44.59 -13.71 -11.57
CA ASP F 779 43.75 -12.57 -11.93
C ASP F 779 44.50 -11.28 -12.21
N ARG F 780 45.50 -10.96 -11.40
CA ARG F 780 46.16 -9.67 -11.49
C ARG F 780 46.97 -9.56 -12.77
N LEU F 781 47.05 -10.65 -13.52
CA LEU F 781 47.78 -10.68 -14.77
C LEU F 781 47.21 -9.66 -15.77
N GLU F 782 45.88 -9.62 -15.88
CA GLU F 782 45.22 -8.63 -16.71
C GLU F 782 45.65 -7.23 -16.26
N ALA F 783 45.42 -6.93 -14.99
CA ALA F 783 45.78 -5.63 -14.44
C ALA F 783 47.22 -5.28 -14.75
N ARG F 784 48.07 -6.29 -14.79
CA ARG F 784 49.49 -6.07 -14.98
C ARG F 784 49.72 -5.53 -16.38
N ARG F 785 48.99 -6.07 -17.35
CA ARG F 785 49.18 -5.68 -18.73
C ARG F 785 48.58 -4.30 -19.01
N TYR F 786 47.45 -4.01 -18.35
CA TYR F 786 46.79 -2.72 -18.44
C TYR F 786 47.75 -1.67 -17.93
N LEU F 787 48.36 -1.93 -16.78
CA LEU F 787 49.37 -1.04 -16.23
C LEU F 787 50.59 -0.87 -17.15
N GLU F 788 51.09 -1.96 -17.71
CA GLU F 788 52.25 -1.87 -18.61
C GLU F 788 52.00 -0.93 -19.76
N MET F 789 50.80 -1.02 -20.33
CA MET F 789 50.45 -0.21 -21.49
C MET F 789 50.31 1.26 -21.10
N PHE F 790 49.72 1.50 -19.93
CA PHE F 790 49.52 2.84 -19.40
C PHE F 790 50.86 3.51 -19.15
N TYR F 791 51.83 2.74 -18.67
CA TYR F 791 53.16 3.27 -18.49
C TYR F 791 53.80 3.51 -19.84
N ALA F 792 53.81 2.48 -20.68
CA ALA F 792 54.48 2.56 -21.97
C ALA F 792 53.95 3.69 -22.84
N LEU F 793 52.63 3.75 -22.98
CA LEU F 793 51.99 4.65 -23.93
C LEU F 793 51.46 5.98 -23.37
N LYS F 794 51.63 6.21 -22.08
CA LYS F 794 51.14 7.45 -21.45
C LYS F 794 52.21 8.15 -20.63
N TYR F 795 52.75 7.47 -19.63
CA TYR F 795 53.90 8.01 -18.91
C TYR F 795 55.11 8.33 -19.79
N ARG F 796 55.62 7.37 -20.55
CA ARG F 796 56.87 7.58 -21.31
C ARG F 796 56.83 8.82 -22.23
N PRO F 797 55.74 8.98 -22.98
CA PRO F 797 55.54 10.18 -23.81
C PRO F 797 55.53 11.46 -22.96
N LEU F 798 54.82 11.44 -21.83
CA LEU F 798 54.73 12.60 -20.95
C LEU F 798 56.10 12.96 -20.38
N ALA F 799 56.85 11.95 -19.96
CA ALA F 799 58.11 12.17 -19.29
C ALA F 799 59.15 12.72 -20.26
N GLN F 800 59.11 12.22 -21.50
CA GLN F 800 60.08 12.60 -22.52
C GLN F 800 59.83 14.03 -22.95
N ALA F 801 58.65 14.54 -22.62
CA ALA F 801 58.29 15.90 -22.98
C ALA F 801 58.82 16.93 -21.99
N VAL F 802 59.14 16.47 -20.79
CA VAL F 802 59.67 17.36 -19.75
C VAL F 802 61.06 17.81 -20.12
N PRO F 803 61.28 19.13 -20.24
CA PRO F 803 62.57 19.69 -20.63
C PRO F 803 63.71 19.25 -19.72
N LEU F 804 64.80 18.76 -20.32
CA LEU F 804 65.95 18.22 -19.59
C LEU F 804 66.70 19.31 -18.84
N ALA F 805 67.44 18.90 -17.81
CA ALA F 805 68.33 19.82 -17.09
C ALA F 805 69.57 20.07 -17.92
N GLN F 806 70.18 21.24 -17.76
CA GLN F 806 71.39 21.57 -18.51
C GLN F 806 72.56 22.08 -17.66
N ASP F 807 73.63 21.29 -17.61
CA ASP F 807 74.86 21.64 -16.89
C ASP F 807 75.69 22.69 -17.65
N ASN G 27 73.71 -39.47 -34.16
CA ASN G 27 73.00 -38.23 -33.81
C ASN G 27 73.93 -37.06 -33.52
N GLU G 28 74.72 -37.19 -32.46
CA GLU G 28 75.48 -36.07 -31.91
C GLU G 28 76.33 -35.29 -32.90
N VAL G 29 77.23 -35.96 -33.62
CA VAL G 29 78.18 -35.28 -34.51
C VAL G 29 77.56 -35.04 -35.90
N LEU G 30 76.29 -35.41 -36.03
CA LEU G 30 75.57 -35.32 -37.31
C LEU G 30 74.65 -34.11 -37.40
N ALA G 31 73.64 -34.06 -36.53
CA ALA G 31 72.74 -32.92 -36.47
C ALA G 31 73.55 -31.63 -36.41
N LEU G 32 74.71 -31.72 -35.76
CA LEU G 32 75.59 -30.57 -35.59
C LEU G 32 76.02 -30.00 -36.93
N LEU G 33 75.79 -30.77 -37.98
CA LEU G 33 76.15 -30.38 -39.34
C LEU G 33 75.01 -29.61 -40.00
N SER G 34 73.82 -30.21 -40.06
CA SER G 34 72.64 -29.51 -40.55
C SER G 34 72.55 -28.16 -39.87
N ARG G 35 73.07 -28.09 -38.64
CA ARG G 35 73.09 -26.84 -37.90
C ARG G 35 74.18 -25.91 -38.43
N VAL G 36 75.29 -26.49 -38.86
CA VAL G 36 76.41 -25.68 -39.35
C VAL G 36 76.12 -25.10 -40.73
N GLU G 37 75.34 -25.83 -41.53
CA GLU G 37 74.97 -25.31 -42.84
C GLU G 37 73.92 -24.22 -42.67
N ALA G 38 73.09 -24.35 -41.64
CA ALA G 38 72.11 -23.32 -41.30
C ALA G 38 72.86 -22.02 -40.98
N LYS G 39 73.76 -22.08 -40.01
CA LYS G 39 74.63 -20.95 -39.69
C LYS G 39 75.35 -20.48 -40.94
N GLY G 40 75.58 -21.40 -41.87
CA GLY G 40 76.35 -21.14 -43.07
C GLY G 40 75.90 -19.91 -43.84
N LYS G 41 74.58 -19.74 -43.99
CA LYS G 41 74.03 -18.59 -44.72
C LYS G 41 73.96 -17.36 -43.84
N GLY G 42 74.34 -17.51 -42.58
CA GLY G 42 74.53 -16.39 -41.66
C GLY G 42 73.28 -15.81 -41.03
N ILE G 43 73.42 -14.61 -40.48
CA ILE G 43 72.30 -13.91 -39.87
C ILE G 43 71.20 -13.84 -40.90
N LEU G 44 70.00 -14.31 -40.54
CA LEU G 44 68.95 -14.46 -41.54
C LEU G 44 67.62 -15.01 -41.03
N GLN G 45 66.59 -14.81 -41.85
CA GLN G 45 65.30 -15.49 -41.73
C GLN G 45 65.31 -16.71 -42.63
N GLN G 46 64.74 -17.82 -42.16
CA GLN G 46 64.56 -18.96 -43.05
C GLN G 46 63.23 -19.65 -42.81
N ASN G 47 62.46 -19.82 -43.89
CA ASN G 47 61.15 -20.45 -43.79
C ASN G 47 61.25 -21.96 -43.98
N GLN G 48 60.14 -22.68 -43.85
CA GLN G 48 60.19 -24.13 -43.97
C GLN G 48 60.94 -24.53 -45.24
N ILE G 49 60.67 -23.79 -46.30
CA ILE G 49 61.32 -23.98 -47.59
C ILE G 49 62.83 -24.13 -47.42
N ILE G 50 63.50 -23.06 -46.96
CA ILE G 50 64.95 -23.10 -46.75
C ILE G 50 65.38 -23.84 -45.47
N ALA G 51 64.66 -23.60 -44.37
CA ALA G 51 65.03 -24.09 -43.03
C ALA G 51 65.04 -25.60 -43.03
N GLU G 52 64.65 -26.15 -44.16
CA GLU G 52 64.65 -27.57 -44.35
C GLU G 52 65.34 -27.88 -45.67
N PHE G 53 64.71 -27.50 -46.77
CA PHE G 53 65.18 -27.88 -48.10
C PHE G 53 66.68 -27.70 -48.22
N GLU G 54 67.13 -26.45 -48.11
CA GLU G 54 68.56 -26.21 -48.09
C GLU G 54 69.22 -27.22 -47.13
N ALA G 55 68.90 -27.13 -45.84
CA ALA G 55 69.63 -27.92 -44.86
C ALA G 55 69.61 -29.42 -45.15
N LEU G 56 68.49 -30.09 -44.91
CA LEU G 56 68.47 -31.54 -44.93
C LEU G 56 68.90 -32.12 -46.28
N PRO G 57 68.14 -31.82 -47.34
CA PRO G 57 68.39 -32.38 -48.68
C PRO G 57 69.74 -32.04 -49.30
N GLU G 58 70.15 -30.77 -49.26
CA GLU G 58 71.43 -30.36 -49.83
C GLU G 58 72.55 -31.01 -49.04
N GLN G 59 72.18 -31.63 -47.93
CA GLN G 59 73.11 -32.37 -47.10
C GLN G 59 73.52 -33.71 -47.70
N THR G 60 74.57 -34.29 -47.14
CA THR G 60 75.14 -35.54 -47.64
C THR G 60 74.16 -36.70 -47.42
N ARG G 61 74.56 -37.92 -47.78
CA ARG G 61 73.70 -39.08 -47.64
C ARG G 61 73.71 -39.54 -46.19
N LYS G 62 74.47 -38.81 -45.38
CA LYS G 62 74.52 -38.98 -43.94
C LYS G 62 73.17 -38.68 -43.33
N LYS G 63 72.23 -38.19 -44.15
CA LYS G 63 70.94 -37.76 -43.66
C LYS G 63 70.42 -38.81 -42.70
N LEU G 64 69.99 -39.95 -43.23
CA LEU G 64 69.70 -41.10 -42.36
C LEU G 64 68.92 -40.70 -41.10
N GLU G 65 67.87 -39.91 -41.26
CA GLU G 65 67.04 -39.46 -40.14
C GLU G 65 65.56 -39.72 -40.33
N GLY G 66 64.98 -40.47 -39.39
CA GLY G 66 63.55 -40.50 -39.18
C GLY G 66 63.34 -40.87 -37.72
N GLY G 67 62.26 -40.36 -37.14
CA GLY G 67 62.05 -40.47 -35.70
C GLY G 67 62.85 -39.47 -34.85
N PRO G 68 63.90 -38.85 -35.43
CA PRO G 68 64.80 -37.99 -34.67
C PRO G 68 64.30 -36.55 -34.61
N PHE G 69 65.19 -35.66 -34.19
CA PHE G 69 64.94 -34.23 -34.27
C PHE G 69 64.78 -33.75 -35.72
N PHE G 70 64.97 -34.65 -36.68
CA PHE G 70 64.55 -34.37 -38.07
C PHE G 70 63.05 -34.07 -38.15
N ASP G 71 62.24 -34.93 -37.55
CA ASP G 71 60.78 -34.74 -37.61
C ASP G 71 60.42 -33.38 -37.04
N LEU G 72 61.26 -32.88 -36.15
CA LEU G 72 61.11 -31.58 -35.51
C LEU G 72 61.32 -30.44 -36.51
N LEU G 73 62.22 -30.65 -37.46
CA LEU G 73 62.50 -29.67 -38.49
C LEU G 73 61.38 -29.61 -39.51
N LYS G 74 60.67 -30.73 -39.66
CA LYS G 74 59.57 -30.78 -40.60
C LYS G 74 58.43 -29.88 -40.10
N SER G 75 58.42 -29.64 -38.79
CA SER G 75 57.42 -28.76 -38.18
C SER G 75 57.89 -27.33 -37.94
N THR G 76 59.12 -27.02 -38.31
CA THR G 76 59.63 -25.68 -38.08
C THR G 76 59.09 -24.74 -39.15
N GLN G 77 58.36 -23.71 -38.72
CA GLN G 77 57.75 -22.75 -39.62
C GLN G 77 58.75 -21.69 -40.09
N GLU G 78 59.57 -21.24 -39.15
CA GLU G 78 60.72 -20.40 -39.51
C GLU G 78 61.85 -20.48 -38.47
N ALA G 79 63.07 -20.21 -38.93
CA ALA G 79 64.23 -20.23 -38.06
C ALA G 79 64.97 -18.90 -38.17
N ILE G 80 65.29 -18.32 -37.01
CA ILE G 80 65.99 -17.05 -36.96
C ILE G 80 67.40 -17.33 -36.49
N VAL G 81 68.37 -17.24 -37.38
CA VAL G 81 69.75 -17.46 -36.98
C VAL G 81 70.59 -16.22 -37.17
N LEU G 82 70.86 -15.48 -36.10
CA LEU G 82 71.98 -14.55 -36.09
C LEU G 82 73.36 -15.14 -35.71
N PRO G 83 73.43 -15.57 -34.44
CA PRO G 83 74.56 -15.82 -33.54
C PRO G 83 75.13 -17.19 -33.70
N PRO G 84 75.92 -17.64 -32.71
CA PRO G 84 76.09 -19.08 -32.53
C PRO G 84 74.70 -19.69 -32.49
N TRP G 85 73.74 -18.91 -32.00
CA TRP G 85 72.36 -19.32 -31.79
C TRP G 85 71.49 -19.41 -33.05
N VAL G 86 70.51 -20.31 -33.00
CA VAL G 86 69.40 -20.28 -33.94
C VAL G 86 68.09 -20.49 -33.19
N ALA G 87 67.06 -19.75 -33.59
CA ALA G 87 65.76 -19.86 -32.98
C ALA G 87 64.85 -20.70 -33.87
N LEU G 88 64.02 -21.53 -33.25
CA LEU G 88 63.01 -22.29 -33.98
C LEU G 88 61.61 -21.94 -33.49
N ALA G 89 60.69 -21.79 -34.43
CA ALA G 89 59.27 -21.75 -34.12
C ALA G 89 58.66 -23.03 -34.68
N VAL G 90 58.19 -23.91 -33.80
CA VAL G 90 57.71 -25.22 -34.21
C VAL G 90 56.18 -25.34 -34.14
N ARG G 91 55.60 -25.96 -35.17
CA ARG G 91 54.15 -26.00 -35.33
C ARG G 91 53.67 -27.41 -35.62
N PRO G 92 53.67 -28.27 -34.60
CA PRO G 92 53.29 -29.69 -34.76
C PRO G 92 51.87 -29.84 -35.33
N ARG G 93 50.92 -29.12 -34.75
CA ARG G 93 49.56 -29.14 -35.24
C ARG G 93 49.11 -27.69 -35.36
N PRO G 94 48.09 -27.42 -36.18
CA PRO G 94 47.60 -26.05 -36.31
C PRO G 94 47.23 -25.47 -34.96
N GLY G 95 47.74 -24.29 -34.64
CA GLY G 95 47.40 -23.63 -33.38
C GLY G 95 48.26 -24.01 -32.19
N VAL G 96 49.18 -24.95 -32.38
CA VAL G 96 50.07 -25.34 -31.32
C VAL G 96 51.51 -24.97 -31.67
N TRP G 97 52.16 -24.20 -30.80
CA TRP G 97 53.50 -23.70 -31.07
C TRP G 97 54.47 -23.91 -29.92
N GLU G 98 55.69 -24.31 -30.27
CA GLU G 98 56.79 -24.35 -29.31
C GLU G 98 57.91 -23.50 -29.86
N TYR G 99 58.54 -22.70 -29.01
CA TYR G 99 59.67 -21.90 -29.46
C TYR G 99 60.94 -22.42 -28.78
N LEU G 100 61.98 -22.63 -29.58
CA LEU G 100 63.23 -23.16 -29.09
C LEU G 100 64.40 -22.34 -29.61
N ARG G 101 65.53 -22.47 -28.93
CA ARG G 101 66.78 -21.99 -29.50
C ARG G 101 67.82 -23.08 -29.35
N VAL G 102 68.70 -23.19 -30.34
CA VAL G 102 69.75 -24.18 -30.32
C VAL G 102 71.07 -23.51 -30.63
N ASN G 103 72.14 -23.97 -30.00
CA ASN G 103 73.46 -23.44 -30.31
C ASN G 103 74.11 -24.20 -31.47
N LEU G 104 74.50 -23.46 -32.50
CA LEU G 104 74.99 -24.04 -33.73
C LEU G 104 76.35 -24.73 -33.55
N HIS G 105 76.98 -24.54 -32.40
CA HIS G 105 78.26 -25.20 -32.12
C HIS G 105 78.06 -26.33 -31.11
N ALA G 106 77.94 -25.96 -29.83
CA ALA G 106 77.63 -26.94 -28.80
C ALA G 106 76.14 -27.21 -28.89
N LEU G 107 75.73 -28.46 -28.76
CA LEU G 107 74.31 -28.74 -28.93
C LEU G 107 73.61 -28.63 -27.59
N VAL G 108 72.86 -27.53 -27.43
CA VAL G 108 72.12 -27.26 -26.22
C VAL G 108 70.76 -26.69 -26.60
N VAL G 109 69.70 -27.39 -26.24
CA VAL G 109 68.35 -26.96 -26.59
C VAL G 109 67.58 -26.36 -25.41
N GLU G 110 67.35 -25.05 -25.46
CA GLU G 110 66.61 -24.37 -24.41
C GLU G 110 65.25 -23.94 -24.97
N GLU G 111 64.18 -24.27 -24.26
CA GLU G 111 62.84 -23.83 -24.68
C GLU G 111 62.67 -22.35 -24.42
N LEU G 112 61.89 -21.67 -25.25
CA LEU G 112 61.67 -20.24 -25.13
C LEU G 112 60.21 -19.92 -24.88
N GLN G 113 59.96 -18.82 -24.17
CA GLN G 113 58.61 -18.27 -24.14
C GLN G 113 58.44 -17.39 -25.37
N PRO G 114 57.21 -17.28 -25.88
CA PRO G 114 56.97 -16.58 -27.14
C PRO G 114 57.63 -15.21 -27.14
N ALA G 115 57.63 -14.53 -26.00
CA ALA G 115 58.25 -13.22 -25.92
C ALA G 115 59.74 -13.28 -26.27
N GLU G 116 60.44 -14.24 -25.68
CA GLU G 116 61.89 -14.38 -25.89
C GLU G 116 62.26 -14.72 -27.32
N PHE G 117 61.41 -15.49 -27.99
CA PHE G 117 61.64 -15.79 -29.40
C PHE G 117 61.61 -14.49 -30.18
N LEU G 118 60.59 -13.69 -29.90
CA LEU G 118 60.42 -12.41 -30.56
C LEU G 118 61.61 -11.48 -30.36
N HIS G 119 62.29 -11.61 -29.22
CA HIS G 119 63.54 -10.90 -29.01
C HIS G 119 64.49 -11.10 -30.19
N PHE G 120 64.70 -12.36 -30.60
CA PHE G 120 65.57 -12.67 -31.73
C PHE G 120 65.18 -11.90 -32.98
N LYS G 121 63.91 -11.98 -33.35
CA LYS G 121 63.45 -11.24 -34.52
C LYS G 121 63.89 -9.78 -34.41
N GLU G 122 63.71 -9.18 -33.24
CA GLU G 122 64.02 -7.76 -33.01
C GLU G 122 65.52 -7.49 -33.08
N GLU G 123 66.32 -8.36 -32.46
CA GLU G 123 67.77 -8.21 -32.48
C GLU G 123 68.26 -8.31 -33.92
N LEU G 124 67.64 -9.20 -34.69
CA LEU G 124 68.03 -9.39 -36.08
C LEU G 124 67.92 -8.10 -36.88
N VAL G 125 66.78 -7.45 -36.78
CA VAL G 125 66.55 -6.21 -37.53
C VAL G 125 67.09 -4.93 -36.84
N ASP G 126 66.89 -4.83 -35.54
CA ASP G 126 67.19 -3.58 -34.83
C ASP G 126 68.62 -3.46 -34.31
N GLY G 127 69.34 -4.58 -34.26
CA GLY G 127 70.66 -4.64 -33.65
C GLY G 127 70.50 -5.00 -32.18
N VAL G 128 69.31 -4.74 -31.65
CA VAL G 128 68.97 -5.09 -30.27
C VAL G 128 67.45 -5.21 -30.07
N LYS G 129 67.06 -5.86 -28.98
CA LYS G 129 65.65 -6.02 -28.61
C LYS G 129 65.03 -4.65 -28.29
N ASN G 130 63.71 -4.56 -28.36
CA ASN G 130 63.01 -3.35 -27.94
C ASN G 130 63.40 -2.97 -26.51
N GLY G 131 63.52 -1.67 -26.23
CA GLY G 131 63.92 -1.19 -24.91
C GLY G 131 63.09 -1.89 -23.84
N ASN G 132 63.71 -2.16 -22.69
CA ASN G 132 63.11 -3.03 -21.68
C ASN G 132 61.62 -2.74 -21.43
N PHE G 133 61.28 -1.45 -21.41
CA PHE G 133 59.92 -1.00 -21.07
C PHE G 133 59.00 -0.71 -22.26
N THR G 134 59.45 -1.10 -23.46
CA THR G 134 58.61 -1.10 -24.66
C THR G 134 57.41 -2.05 -24.56
N LEU G 135 56.29 -1.61 -25.12
CA LEU G 135 55.00 -2.29 -25.01
C LEU G 135 54.96 -3.76 -25.43
N GLU G 136 54.29 -4.57 -24.61
CA GLU G 136 53.95 -5.92 -24.99
C GLU G 136 52.42 -6.06 -24.97
N LEU G 137 51.83 -6.26 -26.16
CA LEU G 137 50.42 -6.56 -26.27
C LEU G 137 50.19 -8.04 -25.93
N ASP G 138 49.39 -8.31 -24.91
CA ASP G 138 49.06 -9.70 -24.59
C ASP G 138 47.59 -9.88 -24.25
N PHE G 139 46.84 -10.58 -25.09
CA PHE G 139 45.41 -10.72 -24.85
C PHE G 139 45.04 -11.98 -24.10
N GLU G 140 45.98 -12.90 -23.97
CA GLU G 140 45.71 -14.21 -23.39
C GLU G 140 44.91 -14.15 -22.07
N PRO G 141 45.37 -13.34 -21.10
CA PRO G 141 44.72 -13.25 -19.79
C PRO G 141 43.34 -12.62 -19.84
N PHE G 142 43.02 -11.98 -20.96
CA PHE G 142 41.75 -11.27 -21.10
C PHE G 142 40.60 -12.18 -21.55
N ASN G 143 40.77 -12.79 -22.71
CA ASN G 143 39.73 -13.66 -23.28
C ASN G 143 39.44 -14.88 -22.38
N ALA G 144 40.22 -15.03 -21.32
CA ALA G 144 40.29 -16.26 -20.52
C ALA G 144 38.98 -16.72 -19.85
N SER G 145 37.93 -15.91 -19.99
CA SER G 145 36.66 -16.18 -19.30
C SER G 145 36.20 -17.62 -19.43
N ILE G 146 36.18 -18.14 -20.66
CA ILE G 146 35.71 -19.49 -20.92
C ILE G 146 36.86 -20.34 -21.43
N PRO G 147 36.85 -21.64 -21.10
CA PRO G 147 37.97 -22.51 -21.50
C PRO G 147 38.14 -22.55 -23.02
N ARG G 148 39.35 -22.91 -23.44
CA ARG G 148 39.65 -22.95 -24.87
C ARG G 148 39.45 -24.35 -25.41
N PRO G 149 38.70 -24.47 -26.50
CA PRO G 149 38.69 -25.74 -27.22
C PRO G 149 40.11 -26.15 -27.63
N THR G 150 40.50 -27.40 -27.36
CA THR G 150 41.80 -27.88 -27.80
C THR G 150 41.73 -28.71 -29.08
N LEU G 151 40.52 -29.03 -29.52
CA LEU G 151 40.33 -29.93 -30.65
C LEU G 151 40.24 -29.20 -31.99
N HIS G 152 40.97 -29.71 -32.98
CA HIS G 152 40.94 -29.18 -34.34
C HIS G 152 39.49 -28.93 -34.78
N LYS G 153 38.58 -29.84 -34.45
CA LYS G 153 37.21 -29.77 -34.94
C LYS G 153 36.49 -28.46 -34.56
N TYR G 154 36.87 -27.83 -33.44
CA TYR G 154 36.16 -26.62 -33.03
C TYR G 154 36.73 -25.32 -33.59
N ILE G 155 37.84 -25.40 -34.33
CA ILE G 155 38.38 -24.22 -34.99
C ILE G 155 37.43 -23.82 -36.10
N GLY G 156 36.95 -22.59 -36.06
CA GLY G 156 36.03 -22.09 -37.06
C GLY G 156 34.59 -22.40 -36.71
N ASN G 157 34.43 -23.35 -35.82
CA ASN G 157 33.14 -23.80 -35.32
C ASN G 157 32.70 -23.26 -33.95
N GLY G 158 33.36 -22.19 -33.49
CA GLY G 158 33.21 -21.72 -32.12
C GLY G 158 31.80 -21.64 -31.54
N VAL G 159 30.79 -21.29 -32.33
CA VAL G 159 29.43 -21.21 -31.81
C VAL G 159 28.97 -22.57 -31.26
N ASP G 160 29.37 -23.66 -31.91
CA ASP G 160 29.03 -25.00 -31.44
C ASP G 160 29.60 -25.21 -30.04
N PHE G 161 30.76 -24.64 -29.80
CA PHE G 161 31.43 -24.80 -28.52
C PHE G 161 30.80 -23.89 -27.47
N LEU G 162 30.41 -22.70 -27.90
CA LEU G 162 29.80 -21.72 -27.00
C LEU G 162 28.41 -22.18 -26.56
N ASN G 163 27.71 -22.88 -27.44
CA ASN G 163 26.40 -23.43 -27.11
C ASN G 163 26.52 -24.49 -26.03
N ARG G 164 27.55 -25.32 -26.12
CA ARG G 164 27.74 -26.42 -25.19
C ARG G 164 28.09 -25.90 -23.82
N HIS G 165 28.75 -24.75 -23.77
CA HIS G 165 29.08 -24.08 -22.52
C HIS G 165 27.88 -23.34 -21.89
N LEU G 166 27.14 -22.59 -22.70
CA LEU G 166 25.95 -21.90 -22.20
C LEU G 166 24.94 -22.93 -21.75
N SER G 167 24.81 -23.99 -22.54
CA SER G 167 23.93 -25.10 -22.24
C SER G 167 24.19 -25.60 -20.82
N ALA G 168 25.45 -25.94 -20.56
CA ALA G 168 25.86 -26.41 -19.24
C ALA G 168 25.63 -25.35 -18.17
N LYS G 169 26.20 -24.17 -18.37
CA LYS G 169 26.06 -23.10 -17.39
C LYS G 169 24.61 -22.88 -17.02
N LEU G 170 23.72 -23.06 -17.99
CA LEU G 170 22.30 -22.82 -17.76
C LEU G 170 21.60 -23.94 -17.01
N PHE G 171 22.22 -25.11 -16.88
CA PHE G 171 21.50 -26.26 -16.33
C PHE G 171 21.37 -26.17 -14.82
N HIS G 172 20.11 -26.08 -14.41
CA HIS G 172 19.68 -25.88 -13.02
C HIS G 172 20.58 -24.90 -12.26
N ASP G 173 20.59 -23.66 -12.73
CA ASP G 173 21.24 -22.56 -12.05
C ASP G 173 20.27 -21.37 -12.06
N LYS G 174 19.80 -20.99 -10.88
CA LYS G 174 18.91 -19.85 -10.76
C LYS G 174 19.57 -18.65 -11.46
N GLU G 175 20.69 -18.20 -10.88
CA GLU G 175 21.40 -17.01 -11.34
C GLU G 175 21.79 -17.05 -12.83
N SER G 176 21.90 -18.25 -13.37
CA SER G 176 22.33 -18.40 -14.76
C SER G 176 21.18 -18.17 -15.75
N LEU G 177 19.95 -18.53 -15.36
CA LEU G 177 18.78 -18.41 -16.23
C LEU G 177 18.21 -17.00 -16.29
N LEU G 178 18.22 -16.30 -15.16
CA LEU G 178 17.62 -14.98 -15.08
C LEU G 178 18.03 -14.06 -16.24
N PRO G 179 19.31 -14.06 -16.60
CA PRO G 179 19.80 -13.30 -17.75
C PRO G 179 18.95 -13.54 -19.00
N LEU G 180 18.55 -14.78 -19.24
CA LEU G 180 17.66 -15.07 -20.37
C LEU G 180 16.33 -14.36 -20.19
N LEU G 181 15.76 -14.48 -19.00
CA LEU G 181 14.51 -13.81 -18.67
C LEU G 181 14.60 -12.31 -18.88
N LYS G 182 15.63 -11.69 -18.31
CA LYS G 182 15.85 -10.26 -18.45
C LYS G 182 15.98 -9.87 -19.93
N PHE G 183 16.79 -10.64 -20.64
CA PHE G 183 17.04 -10.43 -22.06
C PHE G 183 15.74 -10.47 -22.85
N LEU G 184 14.88 -11.43 -22.52
CA LEU G 184 13.63 -11.58 -23.24
C LEU G 184 12.63 -10.52 -22.80
N ARG G 185 12.75 -10.07 -21.56
CA ARG G 185 11.80 -9.09 -21.05
C ARG G 185 12.11 -7.68 -21.54
N LEU G 186 13.39 -7.38 -21.74
CA LEU G 186 13.77 -6.06 -22.22
C LEU G 186 13.57 -5.95 -23.72
N HIS G 187 13.65 -7.09 -24.41
CA HIS G 187 13.67 -7.09 -25.87
C HIS G 187 12.47 -6.40 -26.53
N SER G 188 12.78 -5.43 -27.38
CA SER G 188 11.76 -4.64 -28.06
C SER G 188 12.35 -4.03 -29.32
N HIS G 189 11.48 -3.59 -30.21
CA HIS G 189 11.94 -2.84 -31.38
C HIS G 189 10.95 -1.74 -31.78
N GLN G 190 11.46 -0.52 -31.89
CA GLN G 190 10.68 0.59 -32.43
C GLN G 190 9.43 0.87 -31.61
N GLY G 191 9.58 0.81 -30.29
CA GLY G 191 8.50 1.12 -29.37
C GLY G 191 7.55 -0.02 -29.09
N LYS G 192 7.53 -1.02 -29.98
CA LYS G 192 6.72 -2.20 -29.79
C LYS G 192 7.48 -3.18 -28.90
N ASN G 193 6.81 -3.70 -27.87
CA ASN G 193 7.42 -4.70 -27.01
C ASN G 193 7.37 -6.09 -27.65
N LEU G 194 8.31 -6.96 -27.28
CA LEU G 194 8.38 -8.30 -27.88
C LEU G 194 8.64 -9.38 -26.84
N MET G 195 8.35 -10.64 -27.19
CA MET G 195 8.58 -11.76 -26.28
C MET G 195 7.81 -11.63 -24.96
N LEU G 196 8.52 -11.42 -23.84
CA LEU G 196 7.88 -11.26 -22.53
C LEU G 196 7.59 -9.80 -22.21
N SER G 197 6.48 -9.53 -21.53
CA SER G 197 6.23 -8.16 -21.05
C SER G 197 6.73 -7.98 -19.61
N GLU G 198 6.56 -6.77 -19.09
CA GLU G 198 7.05 -6.43 -17.77
C GLU G 198 6.32 -7.15 -16.63
N LYS G 199 5.19 -7.79 -16.94
CA LYS G 199 4.47 -8.57 -15.94
C LYS G 199 5.34 -9.68 -15.35
N ILE G 200 6.25 -10.23 -16.15
CA ILE G 200 7.01 -11.38 -15.70
C ILE G 200 8.28 -10.87 -15.04
N GLN G 201 8.33 -10.95 -13.72
CA GLN G 201 9.51 -10.53 -12.97
C GLN G 201 10.45 -11.64 -12.48
N ASN G 202 10.05 -12.90 -12.66
CA ASN G 202 10.86 -14.01 -12.12
C ASN G 202 10.61 -15.36 -12.79
N LEU G 203 11.56 -16.29 -12.64
CA LEU G 203 11.51 -17.58 -13.31
C LEU G 203 10.24 -18.37 -13.00
N ASN G 204 9.68 -18.15 -11.80
CA ASN G 204 8.49 -18.87 -11.38
C ASN G 204 7.26 -18.47 -12.16
N THR G 205 7.05 -17.17 -12.32
CA THR G 205 5.90 -16.69 -13.10
C THR G 205 6.09 -17.07 -14.57
N LEU G 206 7.31 -16.92 -15.06
CA LEU G 206 7.67 -17.25 -16.44
C LEU G 206 7.39 -18.72 -16.69
N GLN G 207 7.96 -19.57 -15.84
CA GLN G 207 7.72 -21.00 -15.91
C GLN G 207 6.22 -21.22 -15.97
N HIS G 208 5.54 -20.66 -14.98
CA HIS G 208 4.10 -20.82 -14.82
C HIS G 208 3.31 -20.32 -16.05
N THR G 209 3.72 -19.19 -16.60
CA THR G 209 3.03 -18.59 -17.74
C THR G 209 3.20 -19.42 -19.02
N LEU G 210 4.41 -19.92 -19.26
CA LEU G 210 4.69 -20.72 -20.45
C LEU G 210 3.87 -22.00 -20.41
N ARG G 211 3.80 -22.59 -19.22
CA ARG G 211 2.96 -23.76 -19.00
C ARG G 211 1.51 -23.37 -19.35
N LYS G 212 1.02 -22.33 -18.70
CA LYS G 212 -0.31 -21.80 -18.97
C LYS G 212 -0.46 -21.62 -20.50
N ALA G 213 0.53 -20.95 -21.09
CA ALA G 213 0.52 -20.69 -22.52
C ALA G 213 0.41 -21.95 -23.36
N GLU G 214 1.17 -22.99 -23.00
CA GLU G 214 1.20 -24.22 -23.78
C GLU G 214 -0.10 -25.01 -23.65
N GLU G 215 -0.61 -25.07 -22.43
CA GLU G 215 -1.82 -25.79 -22.13
C GLU G 215 -2.91 -25.33 -23.10
N TYR G 216 -3.11 -24.02 -23.13
CA TYR G 216 -4.10 -23.41 -24.01
C TYR G 216 -3.79 -23.72 -25.48
N LEU G 217 -2.61 -23.32 -25.92
CA LEU G 217 -2.24 -23.46 -27.33
C LEU G 217 -2.36 -24.87 -27.88
N ALA G 218 -2.06 -25.87 -27.05
CA ALA G 218 -2.05 -27.24 -27.51
C ALA G 218 -3.40 -27.64 -28.13
N GLU G 219 -4.45 -26.92 -27.74
CA GLU G 219 -5.80 -27.24 -28.19
C GLU G 219 -6.17 -26.69 -29.56
N LEU G 220 -5.72 -25.48 -29.87
CA LEU G 220 -6.14 -24.78 -31.09
C LEU G 220 -5.72 -25.52 -32.34
N LYS G 221 -6.42 -25.25 -33.44
CA LYS G 221 -6.05 -25.81 -34.72
C LYS G 221 -4.66 -25.30 -35.12
N SER G 222 -3.90 -26.16 -35.80
CA SER G 222 -2.50 -25.87 -36.08
C SER G 222 -2.26 -24.45 -36.64
N GLU G 223 -3.06 -24.05 -37.63
CA GLU G 223 -2.79 -22.81 -38.36
C GLU G 223 -3.44 -21.56 -37.77
N THR G 224 -4.08 -21.70 -36.62
CA THR G 224 -4.74 -20.55 -36.01
C THR G 224 -3.75 -19.39 -35.95
N LEU G 225 -4.15 -18.23 -36.45
CA LEU G 225 -3.25 -17.10 -36.50
C LEU G 225 -3.05 -16.46 -35.13
N TYR G 226 -1.86 -15.94 -34.90
CA TYR G 226 -1.49 -15.38 -33.61
C TYR G 226 -2.55 -14.39 -33.12
N GLU G 227 -3.08 -13.58 -34.02
CA GLU G 227 -4.06 -12.56 -33.63
C GLU G 227 -5.17 -13.12 -32.74
N GLU G 228 -5.64 -14.34 -33.07
CA GLU G 228 -6.70 -15.00 -32.31
C GLU G 228 -6.41 -15.10 -30.82
N PHE G 229 -5.33 -15.78 -30.46
CA PHE G 229 -4.96 -15.93 -29.05
C PHE G 229 -4.14 -14.77 -28.51
N GLU G 230 -3.94 -13.74 -29.33
CA GLU G 230 -3.15 -12.60 -28.92
C GLU G 230 -3.69 -11.92 -27.68
N ALA G 231 -5.02 -11.81 -27.60
CA ALA G 231 -5.68 -11.13 -26.48
C ALA G 231 -5.32 -11.78 -25.15
N LYS G 232 -5.53 -13.10 -25.08
CA LYS G 232 -5.18 -13.91 -23.90
C LYS G 232 -3.68 -13.82 -23.59
N PHE G 233 -2.86 -14.09 -24.61
CA PHE G 233 -1.42 -13.99 -24.45
C PHE G 233 -1.04 -12.67 -23.79
N GLU G 234 -1.64 -11.58 -24.25
CA GLU G 234 -1.31 -10.27 -23.72
C GLU G 234 -1.66 -10.17 -22.23
N GLU G 235 -2.75 -10.83 -21.83
CA GLU G 235 -3.16 -10.86 -20.43
C GLU G 235 -2.14 -11.53 -19.49
N ILE G 236 -1.64 -12.69 -19.89
CA ILE G 236 -0.69 -13.45 -19.07
C ILE G 236 0.76 -13.00 -19.26
N GLY G 237 0.97 -11.99 -20.10
CA GLY G 237 2.27 -11.36 -20.24
C GLY G 237 3.11 -11.73 -21.44
N LEU G 238 2.50 -12.39 -22.41
CA LEU G 238 3.23 -12.79 -23.61
C LEU G 238 3.07 -11.79 -24.76
N GLU G 239 4.15 -11.11 -25.13
CA GLU G 239 4.13 -10.19 -26.25
C GLU G 239 4.50 -10.87 -27.57
N ARG G 240 4.44 -10.13 -28.66
CA ARG G 240 4.61 -10.73 -29.99
C ARG G 240 6.03 -11.19 -30.26
N GLY G 241 6.20 -12.04 -31.27
CA GLY G 241 7.50 -12.56 -31.65
C GLY G 241 7.73 -14.04 -31.36
N TRP G 242 6.72 -14.71 -30.84
CA TRP G 242 6.80 -16.15 -30.64
C TRP G 242 6.54 -16.91 -31.94
N GLY G 243 5.76 -16.32 -32.82
CA GLY G 243 5.45 -16.95 -34.09
C GLY G 243 4.25 -16.33 -34.77
N ASP G 244 4.00 -16.74 -36.01
CA ASP G 244 2.82 -16.33 -36.77
C ASP G 244 1.56 -17.13 -36.47
N ASN G 245 1.74 -18.39 -36.08
CA ASN G 245 0.60 -19.25 -35.77
C ASN G 245 0.79 -20.13 -34.54
N ALA G 246 -0.24 -20.90 -34.19
CA ALA G 246 -0.19 -21.79 -33.03
C ALA G 246 0.95 -22.78 -33.11
N GLU G 247 1.10 -23.40 -34.28
CA GLU G 247 2.14 -24.40 -34.45
C GLU G 247 3.51 -23.82 -34.08
N ARG G 248 3.87 -22.70 -34.70
CA ARG G 248 5.18 -22.07 -34.46
C ARG G 248 5.33 -21.58 -33.03
N VAL G 249 4.31 -20.90 -32.50
CA VAL G 249 4.33 -20.39 -31.13
C VAL G 249 4.46 -21.52 -30.12
N LEU G 250 3.92 -22.68 -30.49
CA LEU G 250 3.96 -23.85 -29.63
C LEU G 250 5.38 -24.41 -29.52
N ASP G 251 6.06 -24.55 -30.66
CA ASP G 251 7.45 -24.99 -30.67
C ASP G 251 8.32 -24.02 -29.89
N MET G 252 8.15 -22.72 -30.16
CA MET G 252 8.92 -21.71 -29.48
C MET G 252 8.78 -21.82 -27.98
N ILE G 253 7.54 -21.84 -27.51
CA ILE G 253 7.30 -21.88 -26.07
C ILE G 253 7.81 -23.15 -25.42
N ARG G 254 7.63 -24.28 -26.09
CA ARG G 254 8.18 -25.53 -25.59
C ARG G 254 9.70 -25.51 -25.55
N LEU G 255 10.32 -24.87 -26.54
CA LEU G 255 11.77 -24.74 -26.59
C LEU G 255 12.33 -24.09 -25.34
N LEU G 256 11.62 -23.08 -24.86
CA LEU G 256 12.09 -22.29 -23.72
C LEU G 256 11.86 -23.03 -22.40
N LEU G 257 10.76 -23.78 -22.34
CA LEU G 257 10.47 -24.58 -21.17
C LEU G 257 11.64 -25.52 -20.95
N ASP G 258 12.12 -26.09 -22.05
CA ASP G 258 13.26 -27.00 -22.02
C ASP G 258 14.53 -26.36 -21.50
N LEU G 259 14.89 -25.20 -22.04
CA LEU G 259 16.04 -24.43 -21.56
C LEU G 259 15.94 -24.15 -20.07
N LEU G 260 14.71 -24.03 -19.57
CA LEU G 260 14.47 -23.82 -18.15
C LEU G 260 14.65 -25.10 -17.35
N GLU G 261 14.45 -26.24 -18.01
CA GLU G 261 14.45 -27.54 -17.37
C GLU G 261 15.75 -28.30 -17.65
N ALA G 262 15.94 -28.68 -18.91
CA ALA G 262 17.09 -29.48 -19.33
C ALA G 262 17.70 -28.92 -20.61
N PRO G 263 18.51 -27.87 -20.46
CA PRO G 263 19.20 -27.19 -21.56
C PRO G 263 20.14 -28.10 -22.33
N ASP G 264 20.04 -28.08 -23.65
CA ASP G 264 21.01 -28.73 -24.52
C ASP G 264 21.45 -27.75 -25.60
N PRO G 265 22.58 -28.02 -26.25
CA PRO G 265 23.12 -27.01 -27.16
C PRO G 265 22.25 -26.87 -28.41
N CYS G 266 21.50 -27.91 -28.74
CA CYS G 266 20.64 -27.88 -29.93
C CYS G 266 19.45 -26.97 -29.64
N THR G 267 18.80 -27.23 -28.52
CA THR G 267 17.68 -26.42 -28.07
C THR G 267 18.12 -24.96 -27.93
N LEU G 268 19.22 -24.73 -27.22
CA LEU G 268 19.68 -23.37 -26.97
C LEU G 268 19.88 -22.57 -28.27
N GLU G 269 20.58 -23.17 -29.22
CA GLU G 269 20.87 -22.50 -30.47
C GLU G 269 19.60 -22.31 -31.27
N THR G 270 18.74 -23.29 -31.29
CA THR G 270 17.53 -23.16 -32.09
C THR G 270 16.68 -22.01 -31.57
N PHE G 271 16.45 -21.99 -30.27
CA PHE G 271 15.69 -20.92 -29.66
C PHE G 271 16.37 -19.58 -29.89
N LEU G 272 17.65 -19.48 -29.54
CA LEU G 272 18.35 -18.21 -29.62
C LEU G 272 18.39 -17.69 -31.05
N GLY G 273 18.30 -18.60 -32.02
CA GLY G 273 18.31 -18.19 -33.41
C GLY G 273 16.95 -17.70 -33.85
N ARG G 274 15.92 -18.21 -33.21
CA ARG G 274 14.56 -17.91 -33.62
C ARG G 274 14.03 -16.55 -33.11
N VAL G 275 14.50 -16.14 -31.93
CA VAL G 275 14.01 -14.89 -31.32
C VAL G 275 14.26 -13.70 -32.22
N PRO G 276 13.19 -13.00 -32.62
CA PRO G 276 13.41 -11.95 -33.62
C PRO G 276 14.28 -10.84 -33.06
N MET G 277 15.40 -10.57 -33.72
CA MET G 277 16.41 -9.62 -33.23
C MET G 277 16.85 -8.67 -34.32
N VAL G 278 17.38 -9.25 -35.39
CA VAL G 278 17.96 -8.48 -36.46
C VAL G 278 16.87 -7.89 -37.35
N PHE G 279 16.80 -6.57 -37.36
CA PHE G 279 15.83 -5.78 -38.12
C PHE G 279 16.58 -4.69 -38.91
N ASN G 280 17.32 -3.87 -38.17
CA ASN G 280 18.25 -2.93 -38.76
C ASN G 280 19.69 -3.44 -38.77
N VAL G 281 20.37 -3.32 -39.91
CA VAL G 281 21.75 -3.75 -40.00
C VAL G 281 22.66 -2.69 -40.61
N VAL G 282 23.85 -2.51 -40.03
CA VAL G 282 24.80 -1.53 -40.54
C VAL G 282 26.10 -2.19 -40.96
N ILE G 283 26.56 -1.87 -42.16
CA ILE G 283 27.75 -2.49 -42.72
C ILE G 283 28.85 -1.47 -43.11
N LEU G 284 30.06 -1.65 -42.56
CA LEU G 284 31.14 -0.71 -42.82
C LEU G 284 32.09 -1.18 -43.92
N SER G 285 32.17 -0.40 -44.99
CA SER G 285 33.10 -0.64 -46.09
C SER G 285 33.57 0.72 -46.66
N PRO G 286 34.43 1.43 -45.92
CA PRO G 286 34.87 2.79 -46.25
C PRO G 286 35.77 2.98 -47.49
N HIS G 287 36.77 2.13 -47.69
CA HIS G 287 37.72 2.37 -48.79
C HIS G 287 37.22 1.84 -50.11
N GLY G 288 38.01 2.11 -51.16
CA GLY G 288 37.68 1.70 -52.51
C GLY G 288 36.60 2.59 -53.08
N TYR G 289 36.15 2.25 -54.29
CA TYR G 289 35.03 2.95 -54.87
C TYR G 289 33.87 2.01 -54.75
N PHE G 290 32.98 2.25 -53.81
CA PHE G 290 31.91 1.30 -53.58
C PHE G 290 30.70 1.68 -54.41
N ALA G 291 30.40 0.90 -55.44
CA ALA G 291 29.23 1.17 -56.25
C ALA G 291 28.82 -0.07 -57.01
N GLN G 292 27.71 0.01 -57.73
CA GLN G 292 27.17 -1.18 -58.37
C GLN G 292 27.52 -1.32 -59.86
N ASP G 293 28.21 -0.33 -60.41
CA ASP G 293 28.64 -0.36 -61.81
C ASP G 293 29.84 0.54 -62.01
N ASN G 294 30.60 0.29 -63.07
CA ASN G 294 31.66 1.20 -63.48
C ASN G 294 32.76 1.36 -62.43
N VAL G 295 32.91 0.35 -61.59
CA VAL G 295 33.87 0.39 -60.48
C VAL G 295 34.82 -0.79 -60.44
N LEU G 296 34.28 -2.00 -60.47
CA LEU G 296 35.06 -3.22 -60.24
C LEU G 296 36.35 -3.28 -61.05
N GLY G 297 37.47 -3.52 -60.37
CA GLY G 297 38.77 -3.55 -61.02
C GLY G 297 39.59 -2.29 -60.78
N TYR G 298 38.94 -1.22 -60.36
CA TYR G 298 39.65 -0.04 -59.88
C TYR G 298 40.45 -0.47 -58.68
N PRO G 299 41.48 0.32 -58.34
CA PRO G 299 42.27 0.10 -57.13
C PRO G 299 41.37 -0.09 -55.90
N ASP G 300 41.69 -1.08 -55.06
CA ASP G 300 40.95 -1.26 -53.81
C ASP G 300 39.51 -1.73 -53.98
N THR G 301 39.08 -1.89 -55.23
CA THR G 301 37.68 -2.18 -55.52
C THR G 301 37.54 -3.52 -56.21
N GLY G 302 36.94 -4.49 -55.51
CA GLY G 302 37.19 -5.89 -55.77
C GLY G 302 36.22 -6.80 -55.05
N GLY G 303 36.66 -8.03 -54.78
CA GLY G 303 35.80 -9.01 -54.14
C GLY G 303 35.09 -8.60 -52.86
N GLN G 304 35.62 -7.61 -52.14
CA GLN G 304 34.90 -7.12 -50.96
C GLN G 304 33.58 -6.43 -51.33
N VAL G 305 33.60 -5.61 -52.37
CA VAL G 305 32.39 -4.95 -52.84
C VAL G 305 31.42 -6.01 -53.34
N VAL G 306 31.92 -6.92 -54.16
CA VAL G 306 31.10 -7.99 -54.70
C VAL G 306 30.51 -8.83 -53.59
N TYR G 307 31.35 -9.18 -52.62
CA TYR G 307 30.92 -9.98 -51.48
C TYR G 307 29.70 -9.34 -50.79
N ILE G 308 29.82 -8.05 -50.50
CA ILE G 308 28.83 -7.32 -49.72
C ILE G 308 27.50 -7.13 -50.44
N LEU G 309 27.55 -6.85 -51.73
CA LEU G 309 26.33 -6.70 -52.50
C LEU G 309 25.57 -8.03 -52.62
N ASP G 310 26.29 -9.14 -52.65
CA ASP G 310 25.62 -10.44 -52.60
C ASP G 310 25.15 -10.75 -51.17
N GLN G 311 25.92 -10.27 -50.19
CA GLN G 311 25.65 -10.54 -48.78
C GLN G 311 24.37 -9.89 -48.32
N VAL G 312 24.23 -8.60 -48.59
CA VAL G 312 23.06 -7.85 -48.13
C VAL G 312 21.78 -8.33 -48.81
N ARG G 313 21.86 -8.67 -50.10
CA ARG G 313 20.70 -9.22 -50.80
C ARG G 313 20.20 -10.50 -50.13
N ALA G 314 21.14 -11.36 -49.75
CA ALA G 314 20.76 -12.65 -49.17
C ALA G 314 20.25 -12.48 -47.75
N LEU G 315 20.83 -11.52 -47.05
CA LEU G 315 20.50 -11.24 -45.67
C LEU G 315 19.08 -10.71 -45.60
N GLU G 316 18.76 -9.81 -46.53
CA GLU G 316 17.46 -9.17 -46.57
C GLU G 316 16.35 -10.20 -46.73
N ILE G 317 16.50 -11.07 -47.71
CA ILE G 317 15.53 -12.12 -47.93
C ILE G 317 15.29 -12.91 -46.66
N GLU G 318 16.38 -13.36 -46.04
CA GLU G 318 16.30 -14.14 -44.81
C GLU G 318 15.67 -13.35 -43.67
N MET G 319 15.98 -12.06 -43.58
CA MET G 319 15.42 -11.21 -42.53
C MET G 319 13.91 -11.04 -42.67
N LEU G 320 13.43 -10.80 -43.88
CA LEU G 320 11.99 -10.71 -44.09
C LEU G 320 11.34 -12.02 -43.71
N GLN G 321 11.94 -13.11 -44.18
CA GLN G 321 11.49 -14.47 -43.90
C GLN G 321 11.32 -14.73 -42.42
N ARG G 322 12.35 -14.45 -41.64
CA ARG G 322 12.29 -14.66 -40.20
C ARG G 322 11.21 -13.81 -39.58
N ILE G 323 11.25 -12.52 -39.87
CA ILE G 323 10.26 -11.57 -39.36
C ILE G 323 8.81 -12.04 -39.60
N LYS G 324 8.48 -12.43 -40.81
CA LYS G 324 7.15 -12.96 -41.11
C LYS G 324 6.80 -14.16 -40.23
N GLN G 325 7.74 -15.08 -40.05
CA GLN G 325 7.52 -16.32 -39.31
C GLN G 325 7.19 -16.07 -37.86
N GLN G 326 7.72 -15.01 -37.30
CA GLN G 326 7.59 -14.75 -35.88
C GLN G 326 6.40 -13.84 -35.62
N GLY G 327 5.66 -13.53 -36.68
CA GLY G 327 4.42 -12.78 -36.56
C GLY G 327 4.60 -11.29 -36.39
N LEU G 328 5.59 -10.74 -37.08
CA LEU G 328 5.87 -9.32 -37.01
C LEU G 328 5.78 -8.67 -38.40
N ASN G 329 5.39 -7.40 -38.43
CA ASN G 329 5.33 -6.61 -39.67
C ASN G 329 6.48 -5.63 -39.91
N ILE G 330 7.46 -5.64 -39.02
CA ILE G 330 8.59 -4.70 -39.06
C ILE G 330 9.28 -4.63 -40.41
N LYS G 331 9.62 -3.41 -40.82
CA LYS G 331 10.36 -3.18 -42.06
C LYS G 331 11.86 -3.13 -41.74
N PRO G 332 12.64 -4.03 -42.36
CA PRO G 332 14.08 -4.13 -42.09
C PRO G 332 14.84 -3.02 -42.80
N ARG G 333 16.05 -2.72 -42.34
CA ARG G 333 16.91 -1.83 -43.09
C ARG G 333 18.34 -2.32 -43.03
N ILE G 334 18.99 -2.44 -44.18
CA ILE G 334 20.42 -2.66 -44.19
C ILE G 334 21.14 -1.46 -44.82
N LEU G 335 22.10 -0.90 -44.11
CA LEU G 335 22.87 0.21 -44.63
C LEU G 335 24.35 -0.17 -44.83
N ILE G 336 24.84 0.01 -46.05
CA ILE G 336 26.27 -0.10 -46.31
C ILE G 336 26.91 1.30 -46.20
N LEU G 337 27.70 1.51 -45.15
CA LEU G 337 28.38 2.77 -44.96
C LEU G 337 29.67 2.76 -45.72
N THR G 338 29.85 3.74 -46.61
CA THR G 338 31.13 3.90 -47.26
C THR G 338 31.49 5.37 -47.44
N ARG G 339 32.63 5.63 -48.06
CA ARG G 339 33.06 6.99 -48.28
C ARG G 339 32.40 7.59 -49.52
N LEU G 340 31.99 8.84 -49.39
CA LEU G 340 31.42 9.57 -50.51
C LEU G 340 32.54 10.31 -51.24
N LEU G 341 32.70 9.98 -52.52
CA LEU G 341 33.71 10.61 -53.34
C LEU G 341 33.04 11.45 -54.42
N PRO G 342 33.07 12.77 -54.25
CA PRO G 342 32.32 13.73 -55.07
C PRO G 342 32.87 13.84 -56.47
N ASP G 343 34.17 13.59 -56.61
CA ASP G 343 34.87 13.78 -57.87
C ASP G 343 35.05 12.55 -58.74
N ALA G 344 34.44 11.42 -58.36
CA ALA G 344 34.62 10.23 -59.18
C ALA G 344 33.51 10.26 -60.22
N VAL G 345 33.91 10.56 -61.44
CA VAL G 345 32.95 10.76 -62.51
C VAL G 345 32.80 9.42 -63.22
N GLY G 346 31.60 9.15 -63.69
CA GLY G 346 31.34 7.87 -64.30
C GLY G 346 30.77 6.93 -63.26
N THR G 347 30.90 7.29 -61.98
CA THR G 347 30.32 6.45 -60.95
C THR G 347 29.18 7.16 -60.21
N THR G 348 28.54 6.42 -59.33
CA THR G 348 27.52 6.97 -58.43
C THR G 348 28.11 7.26 -57.06
N CYS G 349 29.42 7.13 -56.94
CA CYS G 349 30.08 7.26 -55.65
C CYS G 349 29.95 8.64 -55.03
N GLY G 350 29.39 9.59 -55.79
CA GLY G 350 29.23 10.94 -55.28
C GLY G 350 27.94 11.20 -54.53
N GLU G 351 27.04 10.21 -54.49
CA GLU G 351 25.74 10.44 -53.91
C GLU G 351 25.56 9.75 -52.56
N ARG G 352 24.80 10.39 -51.68
CA ARG G 352 24.66 9.95 -50.31
C ARG G 352 23.81 8.71 -50.15
N LEU G 353 22.82 8.51 -51.02
CA LEU G 353 21.93 7.37 -50.88
C LEU G 353 21.65 6.68 -52.21
N GLU G 354 21.92 5.38 -52.24
CA GLU G 354 21.75 4.56 -53.44
C GLU G 354 21.15 3.22 -53.04
N ARG G 355 20.02 2.87 -53.65
CA ARG G 355 19.36 1.59 -53.38
C ARG G 355 20.10 0.46 -54.07
N VAL G 356 20.21 -0.68 -53.39
CA VAL G 356 20.93 -1.83 -53.91
C VAL G 356 20.07 -2.55 -54.94
N TYR G 357 20.66 -2.88 -56.08
CA TYR G 357 19.91 -3.57 -57.12
C TYR G 357 19.22 -4.77 -56.52
N ASP G 358 17.98 -4.98 -56.92
CA ASP G 358 17.27 -6.20 -56.56
C ASP G 358 16.98 -6.34 -55.08
N SER G 359 16.90 -5.22 -54.37
CA SER G 359 16.46 -5.26 -52.99
C SER G 359 15.44 -4.17 -52.71
N GLU G 360 14.55 -4.43 -51.76
CA GLU G 360 13.63 -3.40 -51.28
C GLU G 360 14.24 -2.51 -50.20
N TYR G 361 14.91 -3.16 -49.25
CA TYR G 361 15.41 -2.50 -48.05
C TYR G 361 16.91 -2.19 -47.89
N CYS G 362 17.73 -2.51 -48.88
CA CYS G 362 19.17 -2.30 -48.76
C CYS G 362 19.64 -1.02 -49.43
N ASP G 363 20.36 -0.18 -48.69
CA ASP G 363 20.89 1.05 -49.27
C ASP G 363 22.38 1.25 -49.00
N ILE G 364 23.08 1.80 -49.98
CA ILE G 364 24.43 2.29 -49.77
C ILE G 364 24.31 3.73 -49.24
N LEU G 365 24.94 3.99 -48.11
CA LEU G 365 24.88 5.31 -47.50
C LEU G 365 26.27 5.90 -47.46
N ARG G 366 26.50 6.94 -48.25
CA ARG G 366 27.85 7.48 -48.38
C ARG G 366 28.09 8.75 -47.56
N VAL G 367 29.16 8.74 -46.77
CA VAL G 367 29.54 9.89 -45.96
C VAL G 367 30.96 10.32 -46.36
N PRO G 368 31.21 11.63 -46.44
CA PRO G 368 32.51 12.13 -46.88
C PRO G 368 33.55 12.10 -45.77
N PHE G 369 34.82 12.02 -46.16
CA PHE G 369 35.92 12.27 -45.23
C PHE G 369 36.04 13.77 -45.07
N ARG G 370 36.51 14.22 -43.91
CA ARG G 370 36.70 15.64 -43.72
C ARG G 370 37.76 15.95 -42.68
N THR G 371 38.15 17.23 -42.64
CA THR G 371 39.02 17.76 -41.61
C THR G 371 38.46 19.10 -41.15
N GLU G 372 39.21 19.81 -40.33
CA GLU G 372 38.80 21.14 -39.89
C GLU G 372 38.59 22.00 -41.13
N LYS G 373 39.52 21.88 -42.06
CA LYS G 373 39.48 22.62 -43.33
C LYS G 373 38.17 22.39 -44.11
N GLY G 374 37.69 21.15 -44.15
CA GLY G 374 36.44 20.84 -44.84
C GLY G 374 36.50 19.45 -45.44
N ILE G 375 35.49 19.08 -46.20
CA ILE G 375 35.45 17.74 -46.78
C ILE G 375 36.66 17.52 -47.66
N VAL G 376 37.16 16.28 -47.67
CA VAL G 376 38.26 15.88 -48.54
C VAL G 376 37.72 15.13 -49.75
N ARG G 377 37.92 15.70 -50.93
CA ARG G 377 37.28 15.17 -52.12
C ARG G 377 37.97 13.97 -52.76
N LYS G 378 39.30 14.00 -52.85
CA LYS G 378 40.03 13.04 -53.68
C LYS G 378 40.09 11.63 -53.12
N TRP G 379 40.16 10.64 -54.01
CA TRP G 379 40.28 9.25 -53.59
C TRP G 379 41.59 9.03 -52.84
N ILE G 380 41.52 8.23 -51.78
CA ILE G 380 42.70 7.88 -51.01
C ILE G 380 42.79 6.36 -50.99
N SER G 381 44.01 5.84 -51.11
CA SER G 381 44.26 4.40 -51.05
C SER G 381 43.90 3.85 -49.67
N ARG G 382 43.52 2.59 -49.61
CA ARG G 382 43.20 1.98 -48.34
C ARG G 382 44.38 2.03 -47.36
N PHE G 383 45.60 1.96 -47.87
CA PHE G 383 46.76 2.06 -46.99
C PHE G 383 46.90 3.45 -46.34
N GLU G 384 46.24 4.45 -46.92
CA GLU G 384 46.33 5.83 -46.43
C GLU G 384 45.15 6.46 -45.66
N VAL G 385 44.06 5.73 -45.42
CA VAL G 385 42.83 6.39 -44.95
C VAL G 385 42.74 6.59 -43.45
N TRP G 386 43.76 6.16 -42.72
CA TRP G 386 43.69 6.11 -41.26
C TRP G 386 43.36 7.43 -40.55
N PRO G 387 44.03 8.53 -40.94
CA PRO G 387 43.79 9.80 -40.26
C PRO G 387 42.33 10.25 -40.32
N TYR G 388 41.56 9.71 -41.26
CA TYR G 388 40.16 10.10 -41.41
C TYR G 388 39.12 9.21 -40.71
N LEU G 389 39.53 8.08 -40.17
CA LEU G 389 38.55 7.09 -39.72
C LEU G 389 37.71 7.49 -38.50
N GLU G 390 38.34 8.15 -37.53
CA GLU G 390 37.65 8.58 -36.32
C GLU G 390 36.51 9.55 -36.62
N THR G 391 36.84 10.63 -37.32
CA THR G 391 35.85 11.62 -37.71
C THR G 391 34.78 11.01 -38.61
N TYR G 392 35.17 10.03 -39.41
CA TYR G 392 34.21 9.34 -40.25
C TYR G 392 33.22 8.56 -39.39
N THR G 393 33.72 7.98 -38.30
CA THR G 393 32.87 7.25 -37.37
C THR G 393 31.82 8.15 -36.73
N GLU G 394 32.24 9.33 -36.34
CA GLU G 394 31.34 10.28 -35.70
C GLU G 394 30.27 10.75 -36.69
N ASP G 395 30.73 11.24 -37.84
CA ASP G 395 29.84 11.72 -38.90
C ASP G 395 28.89 10.62 -39.34
N ALA G 396 29.41 9.40 -39.45
CA ALA G 396 28.64 8.26 -39.92
C ALA G 396 27.54 7.93 -38.94
N ALA G 397 27.88 7.94 -37.66
CA ALA G 397 26.92 7.68 -36.60
C ALA G 397 25.72 8.61 -36.71
N VAL G 398 26.00 9.90 -36.88
CA VAL G 398 24.97 10.90 -37.04
C VAL G 398 24.08 10.62 -38.24
N GLU G 399 24.70 10.17 -39.34
CA GLU G 399 23.96 9.96 -40.57
C GLU G 399 23.11 8.70 -40.55
N LEU G 400 23.67 7.58 -40.09
CA LEU G 400 22.90 6.35 -40.10
C LEU G 400 21.82 6.44 -39.03
N SER G 401 22.01 7.37 -38.08
CA SER G 401 21.00 7.62 -37.07
C SER G 401 19.77 8.35 -37.66
N LYS G 402 20.02 9.25 -38.61
CA LYS G 402 18.94 9.89 -39.35
C LYS G 402 18.21 8.84 -40.17
N GLU G 403 18.95 7.88 -40.67
CA GLU G 403 18.40 6.88 -41.58
C GLU G 403 17.59 5.79 -40.91
N LEU G 404 18.12 5.20 -39.85
CA LEU G 404 17.47 4.05 -39.23
C LEU G 404 16.40 4.46 -38.26
N ASN G 405 15.32 3.68 -38.22
CA ASN G 405 14.31 3.85 -37.19
C ASN G 405 14.69 2.91 -36.07
N GLY G 406 15.16 3.46 -34.96
CA GLY G 406 15.78 2.67 -33.91
C GLY G 406 17.24 2.47 -34.23
N LYS G 407 18.03 2.05 -33.25
CA LYS G 407 19.45 1.89 -33.48
C LYS G 407 19.67 0.56 -34.18
N PRO G 408 20.92 0.31 -34.58
CA PRO G 408 21.28 -0.89 -35.34
C PRO G 408 21.20 -2.12 -34.45
N ASP G 409 20.68 -3.24 -34.97
CA ASP G 409 20.63 -4.48 -34.20
C ASP G 409 21.88 -5.32 -34.42
N LEU G 410 22.63 -5.03 -35.48
CA LEU G 410 23.90 -5.70 -35.73
C LEU G 410 24.85 -4.80 -36.53
N ILE G 411 26.13 -4.81 -36.20
CA ILE G 411 27.13 -4.08 -36.99
C ILE G 411 28.21 -5.02 -37.52
N ILE G 412 28.42 -4.99 -38.82
CA ILE G 412 29.41 -5.86 -39.45
C ILE G 412 30.56 -5.06 -40.05
N GLY G 413 31.75 -5.23 -39.50
CA GLY G 413 32.93 -4.58 -40.04
C GLY G 413 33.50 -5.37 -41.22
N ASN G 414 34.10 -4.65 -42.16
CA ASN G 414 34.77 -5.28 -43.30
C ASN G 414 36.12 -4.62 -43.58
N TYR G 415 37.13 -5.48 -43.69
CA TYR G 415 38.55 -5.14 -43.77
C TYR G 415 39.06 -4.32 -42.58
N SER G 416 40.17 -3.61 -42.74
CA SER G 416 40.86 -3.14 -41.56
C SER G 416 40.19 -1.89 -41.11
N ASP G 417 39.93 -1.03 -42.07
CA ASP G 417 39.31 0.25 -41.82
C ASP G 417 37.85 0.03 -41.45
N GLY G 418 37.20 -0.91 -42.12
CA GLY G 418 35.83 -1.23 -41.81
C GLY G 418 35.70 -1.80 -40.41
N ASN G 419 36.62 -2.70 -40.06
CA ASN G 419 36.65 -3.27 -38.71
C ASN G 419 36.90 -2.24 -37.62
N LEU G 420 37.80 -1.29 -37.89
CA LEU G 420 38.11 -0.22 -36.97
C LEU G 420 36.86 0.63 -36.71
N VAL G 421 36.24 1.11 -37.79
CA VAL G 421 35.06 1.96 -37.68
C VAL G 421 33.91 1.19 -37.03
N ALA G 422 33.81 -0.09 -37.35
CA ALA G 422 32.75 -0.91 -36.78
C ALA G 422 32.95 -1.04 -35.28
N SER G 423 34.19 -1.20 -34.87
CA SER G 423 34.48 -1.35 -33.45
C SER G 423 34.09 -0.11 -32.67
N LEU G 424 34.48 1.06 -33.18
CA LEU G 424 34.12 2.33 -32.54
C LEU G 424 32.60 2.54 -32.48
N LEU G 425 31.90 2.15 -33.55
CA LEU G 425 30.46 2.31 -33.58
C LEU G 425 29.77 1.44 -32.54
N ALA G 426 30.16 0.18 -32.47
CA ALA G 426 29.51 -0.78 -31.59
C ALA G 426 29.66 -0.35 -30.14
N HIS G 427 30.84 0.16 -29.82
CA HIS G 427 31.15 0.67 -28.50
C HIS G 427 30.21 1.83 -28.22
N LYS G 428 30.19 2.79 -29.13
CA LYS G 428 29.35 3.98 -29.04
C LYS G 428 27.84 3.68 -28.96
N LEU G 429 27.35 2.87 -29.88
CA LEU G 429 25.92 2.58 -29.94
C LEU G 429 25.47 1.36 -29.13
N GLY G 430 26.42 0.58 -28.61
CA GLY G 430 26.05 -0.59 -27.85
C GLY G 430 25.36 -1.65 -28.71
N VAL G 431 26.06 -2.14 -29.72
CA VAL G 431 25.46 -3.12 -30.61
C VAL G 431 26.36 -4.33 -30.84
N THR G 432 25.73 -5.45 -31.17
CA THR G 432 26.46 -6.67 -31.44
C THR G 432 27.30 -6.52 -32.70
N GLN G 433 28.57 -6.90 -32.60
CA GLN G 433 29.54 -6.65 -33.67
C GLN G 433 30.08 -7.92 -34.33
N CYS G 434 30.17 -7.88 -35.65
CA CYS G 434 30.79 -8.94 -36.39
C CYS G 434 31.85 -8.30 -37.27
N THR G 435 33.01 -8.95 -37.39
CA THR G 435 34.04 -8.50 -38.31
C THR G 435 34.39 -9.57 -39.32
N ILE G 436 34.78 -9.13 -40.52
CA ILE G 436 35.17 -10.00 -41.61
C ILE G 436 36.41 -9.37 -42.22
N ALA G 437 37.53 -10.10 -42.21
CA ALA G 437 38.80 -9.53 -42.61
C ALA G 437 38.89 -9.22 -44.11
N HIS G 438 38.46 -10.20 -44.92
CA HIS G 438 38.51 -10.12 -46.37
C HIS G 438 39.93 -10.23 -46.86
N ALA G 439 40.86 -9.92 -45.97
CA ALA G 439 42.28 -10.13 -46.18
C ALA G 439 43.00 -9.59 -44.97
N LEU G 440 44.20 -10.10 -44.73
CA LEU G 440 45.03 -9.57 -43.67
C LEU G 440 46.37 -9.29 -44.34
N GLU G 441 46.69 -8.02 -44.44
CA GLU G 441 47.81 -7.65 -45.25
C GLU G 441 49.08 -8.34 -44.76
N LYS G 442 49.13 -8.66 -43.47
CA LYS G 442 50.35 -9.25 -42.93
C LYS G 442 50.69 -10.55 -43.63
N THR G 443 49.67 -11.29 -44.06
CA THR G 443 49.91 -12.53 -44.80
C THR G 443 50.21 -12.29 -46.28
N LYS G 444 49.72 -11.18 -46.81
CA LYS G 444 49.92 -10.86 -48.21
C LYS G 444 51.30 -10.26 -48.50
N TYR G 445 51.88 -9.58 -47.51
CA TYR G 445 53.19 -8.94 -47.65
C TYR G 445 54.21 -9.53 -46.67
N PRO G 446 54.91 -10.60 -47.08
CA PRO G 446 55.79 -11.38 -46.19
C PRO G 446 56.80 -10.55 -45.40
N ASP G 447 56.93 -10.89 -44.12
CA ASP G 447 57.87 -10.23 -43.23
C ASP G 447 57.60 -8.74 -43.14
N SER G 448 56.35 -8.35 -43.39
CA SER G 448 55.99 -6.94 -43.33
C SER G 448 55.80 -6.49 -41.89
N ASP G 449 55.78 -7.42 -40.95
CA ASP G 449 55.86 -7.05 -39.53
C ASP G 449 57.30 -6.76 -39.04
N ILE G 450 58.23 -7.64 -39.34
CA ILE G 450 59.59 -7.48 -38.85
C ILE G 450 60.29 -6.37 -39.62
N TYR G 451 59.99 -6.28 -40.90
CA TYR G 451 60.51 -5.23 -41.78
C TYR G 451 59.56 -4.04 -41.90
N TRP G 452 58.56 -4.00 -41.03
CA TRP G 452 57.52 -2.99 -41.07
C TRP G 452 58.02 -1.57 -41.26
N LYS G 453 59.17 -1.25 -40.65
CA LYS G 453 59.66 0.13 -40.61
C LYS G 453 60.02 0.70 -41.99
N LYS G 454 60.72 -0.07 -42.81
CA LYS G 454 61.08 0.42 -44.14
C LYS G 454 59.82 0.62 -44.99
N LEU G 455 58.78 -0.14 -44.70
CA LEU G 455 57.54 -0.07 -45.47
C LEU G 455 56.59 1.05 -45.06
N ASP G 456 56.80 1.61 -43.88
CA ASP G 456 55.75 2.42 -43.28
C ASP G 456 55.37 3.65 -44.08
N ASP G 457 56.34 4.35 -44.64
CA ASP G 457 56.04 5.58 -45.36
C ASP G 457 55.10 5.30 -46.53
N LYS G 458 55.27 4.13 -47.14
CA LYS G 458 54.45 3.73 -48.27
C LYS G 458 53.14 3.08 -47.79
N TYR G 459 53.25 1.99 -47.03
CA TYR G 459 52.09 1.16 -46.61
C TYR G 459 51.43 1.43 -45.24
N HIS G 460 52.07 2.24 -44.40
CA HIS G 460 51.53 2.55 -43.08
C HIS G 460 51.06 1.34 -42.29
N PHE G 461 51.75 0.20 -42.44
CA PHE G 461 51.34 -1.05 -41.81
C PHE G 461 51.25 -0.96 -40.29
N SER G 462 52.05 -0.09 -39.69
CA SER G 462 51.94 0.15 -38.25
C SER G 462 50.49 0.51 -37.88
N CYS G 463 49.85 1.34 -38.69
CA CYS G 463 48.46 1.69 -38.46
C CYS G 463 47.58 0.48 -38.70
N GLN G 464 47.77 -0.19 -39.82
CA GLN G 464 46.85 -1.26 -40.18
C GLN G 464 46.91 -2.42 -39.19
N PHE G 465 48.10 -2.96 -38.97
CA PHE G 465 48.24 -4.05 -38.03
C PHE G 465 47.66 -3.68 -36.66
N THR G 466 47.80 -2.40 -36.29
CA THR G 466 47.24 -1.93 -35.03
C THR G 466 45.72 -2.02 -35.03
N ALA G 467 45.11 -1.62 -36.14
CA ALA G 467 43.66 -1.70 -36.26
C ALA G 467 43.20 -3.14 -36.38
N ASP G 468 43.96 -3.96 -37.10
CA ASP G 468 43.64 -5.37 -37.21
C ASP G 468 43.58 -6.04 -35.84
N ILE G 469 44.67 -5.94 -35.09
CA ILE G 469 44.73 -6.51 -33.75
C ILE G 469 43.62 -5.94 -32.90
N PHE G 470 43.35 -4.66 -33.11
CA PHE G 470 42.33 -3.95 -32.36
C PHE G 470 40.94 -4.53 -32.59
N ALA G 471 40.52 -4.57 -33.85
CA ALA G 471 39.17 -5.04 -34.19
C ALA G 471 39.00 -6.52 -33.87
N MET G 472 40.04 -7.29 -34.16
CA MET G 472 40.09 -8.72 -33.93
C MET G 472 39.62 -9.10 -32.51
N ASN G 473 40.18 -8.42 -31.52
CA ASN G 473 39.80 -8.65 -30.14
C ASN G 473 38.52 -7.93 -29.69
N HIS G 474 38.27 -6.78 -30.28
CA HIS G 474 37.16 -5.92 -29.88
C HIS G 474 35.79 -6.51 -30.23
N THR G 475 35.75 -7.31 -31.28
CA THR G 475 34.48 -7.77 -31.85
C THR G 475 33.85 -8.89 -31.02
N ASP G 476 32.53 -9.05 -31.15
CA ASP G 476 31.86 -10.18 -30.50
C ASP G 476 32.16 -11.50 -31.19
N PHE G 477 32.00 -11.55 -32.52
CA PHE G 477 32.38 -12.74 -33.26
C PHE G 477 33.06 -12.39 -34.57
N ILE G 478 33.70 -13.38 -35.19
CA ILE G 478 34.40 -13.19 -36.45
C ILE G 478 33.93 -14.20 -37.49
N ILE G 479 33.70 -13.72 -38.70
CA ILE G 479 33.34 -14.63 -39.80
C ILE G 479 34.50 -14.77 -40.79
N THR G 480 34.87 -16.01 -41.08
CA THR G 480 35.86 -16.31 -42.10
C THR G 480 35.24 -17.13 -43.21
N SER G 481 35.87 -17.08 -44.39
CA SER G 481 35.37 -17.76 -45.57
C SER G 481 35.95 -19.16 -45.76
N THR G 482 36.95 -19.51 -44.97
CA THR G 482 37.59 -20.82 -45.06
C THR G 482 38.19 -21.22 -43.73
N PHE G 483 38.52 -22.51 -43.57
CA PHE G 483 39.27 -22.91 -42.40
C PHE G 483 40.68 -22.34 -42.49
N GLN G 484 41.26 -22.38 -43.70
CA GLN G 484 42.61 -21.88 -43.92
C GLN G 484 42.80 -20.43 -43.43
N GLU G 485 41.74 -19.63 -43.49
CA GLU G 485 41.84 -18.26 -43.06
C GLU G 485 42.19 -18.19 -41.57
N ILE G 486 41.64 -19.09 -40.77
CA ILE G 486 41.99 -19.15 -39.36
C ILE G 486 43.29 -19.94 -39.10
N ALA G 487 43.20 -21.27 -39.22
CA ALA G 487 44.29 -22.16 -38.82
C ALA G 487 45.17 -22.70 -39.97
N GLY G 488 44.92 -22.23 -41.19
CA GLY G 488 45.73 -22.65 -42.33
C GLY G 488 45.60 -24.13 -42.63
N SER G 489 46.74 -24.79 -42.80
CA SER G 489 46.75 -26.22 -43.09
C SER G 489 47.63 -26.95 -42.09
N LYS G 490 47.80 -28.25 -42.32
CA LYS G 490 48.69 -29.04 -41.48
C LYS G 490 50.12 -28.55 -41.66
N GLU G 491 50.49 -28.32 -42.91
CA GLU G 491 51.84 -27.83 -43.26
C GLU G 491 52.04 -26.31 -43.15
N THR G 492 50.99 -25.54 -43.38
CA THR G 492 51.15 -24.08 -43.45
C THR G 492 50.34 -23.30 -42.40
N VAL G 493 50.86 -22.14 -42.03
CA VAL G 493 50.24 -21.30 -41.00
C VAL G 493 49.05 -20.52 -41.56
N GLY G 494 48.03 -20.35 -40.73
CA GLY G 494 46.84 -19.61 -41.12
C GLY G 494 46.99 -18.10 -41.08
N GLN G 495 46.05 -17.39 -41.69
CA GLN G 495 46.10 -15.94 -41.73
C GLN G 495 45.94 -15.32 -40.35
N TYR G 496 44.88 -15.67 -39.64
CA TYR G 496 44.71 -15.19 -38.28
C TYR G 496 45.80 -15.77 -37.38
N GLU G 497 46.10 -17.05 -37.57
CA GLU G 497 47.11 -17.73 -36.77
C GLU G 497 48.44 -16.96 -36.80
N SER G 498 48.72 -16.30 -37.92
CA SER G 498 50.00 -15.63 -38.08
C SER G 498 50.06 -14.34 -37.27
N HIS G 499 48.94 -13.96 -36.66
CA HIS G 499 48.88 -12.81 -35.76
C HIS G 499 48.95 -13.20 -34.29
N THR G 500 49.14 -14.50 -34.05
CA THR G 500 49.21 -14.99 -32.68
C THR G 500 50.48 -14.49 -32.02
N ALA G 501 51.62 -14.70 -32.66
CA ALA G 501 52.85 -14.15 -32.11
C ALA G 501 53.69 -13.46 -33.18
N PHE G 502 53.83 -12.15 -33.06
CA PHE G 502 54.65 -11.38 -34.00
C PHE G 502 55.18 -10.12 -33.34
N THR G 503 56.02 -9.38 -34.04
CA THR G 503 56.59 -8.16 -33.48
C THR G 503 56.89 -7.09 -34.54
N LEU G 504 56.79 -5.83 -34.12
CA LEU G 504 57.15 -4.71 -34.96
C LEU G 504 58.29 -3.99 -34.28
N PRO G 505 59.53 -4.41 -34.55
CA PRO G 505 60.67 -3.87 -33.80
C PRO G 505 60.70 -2.34 -33.80
N GLY G 506 60.77 -1.78 -32.59
CA GLY G 506 60.76 -0.35 -32.40
C GLY G 506 59.37 0.24 -32.23
N LEU G 507 58.35 -0.61 -32.19
CA LEU G 507 56.97 -0.12 -32.11
C LEU G 507 56.19 -0.82 -31.01
N TYR G 508 56.04 -2.14 -31.15
CA TYR G 508 55.58 -2.97 -30.05
C TYR G 508 55.69 -4.46 -30.39
N ARG G 509 55.36 -5.30 -29.42
CA ARG G 509 55.55 -6.74 -29.54
C ARG G 509 54.30 -7.45 -29.08
N VAL G 510 53.74 -8.29 -29.95
CA VAL G 510 52.50 -8.95 -29.65
C VAL G 510 52.80 -10.38 -29.23
N VAL G 511 52.69 -10.63 -27.93
CA VAL G 511 53.03 -11.93 -27.38
C VAL G 511 51.91 -12.92 -27.63
N HIS G 512 50.69 -12.50 -27.34
CA HIS G 512 49.53 -13.25 -27.78
C HIS G 512 48.53 -12.25 -28.36
N GLY G 513 48.35 -12.24 -29.68
CA GLY G 513 47.41 -11.31 -30.28
C GLY G 513 46.05 -11.90 -30.61
N ILE G 514 46.02 -13.20 -30.86
CA ILE G 514 44.77 -13.89 -31.12
C ILE G 514 45.01 -15.38 -30.93
N ASP G 515 43.94 -16.15 -30.71
CA ASP G 515 44.08 -17.59 -30.58
C ASP G 515 43.18 -18.29 -31.59
N VAL G 516 43.79 -19.15 -32.39
CA VAL G 516 43.07 -19.87 -33.41
C VAL G 516 41.85 -20.64 -32.83
N PHE G 517 41.94 -21.02 -31.54
CA PHE G 517 40.86 -21.79 -30.90
C PHE G 517 39.76 -20.93 -30.29
N ASP G 518 39.93 -19.60 -30.34
CA ASP G 518 38.94 -18.69 -29.77
C ASP G 518 37.57 -19.01 -30.32
N PRO G 519 36.59 -19.22 -29.44
CA PRO G 519 35.21 -19.60 -29.77
C PRO G 519 34.47 -18.57 -30.66
N LYS G 520 35.02 -17.38 -30.82
CA LYS G 520 34.38 -16.37 -31.66
C LYS G 520 34.57 -16.58 -33.18
N PHE G 521 35.54 -17.39 -33.57
CA PHE G 521 35.72 -17.70 -34.99
C PHE G 521 34.59 -18.57 -35.54
N ASN G 522 34.04 -18.17 -36.68
CA ASN G 522 33.06 -18.99 -37.36
C ASN G 522 33.25 -18.93 -38.87
N ILE G 523 33.39 -20.08 -39.50
CA ILE G 523 33.50 -20.14 -40.95
C ILE G 523 32.11 -20.18 -41.57
N VAL G 524 31.80 -19.17 -42.37
CA VAL G 524 30.57 -19.17 -43.16
C VAL G 524 30.99 -18.84 -44.58
N SER G 525 30.91 -19.82 -45.46
CA SER G 525 31.51 -19.66 -46.77
C SER G 525 30.59 -18.87 -47.66
N PRO G 526 31.15 -17.90 -48.37
CA PRO G 526 30.38 -17.07 -49.29
C PRO G 526 30.13 -17.84 -50.58
N GLY G 527 29.57 -17.17 -51.57
CA GLY G 527 29.21 -17.82 -52.82
C GLY G 527 29.20 -16.82 -53.95
N ALA G 528 28.74 -17.29 -55.10
CA ALA G 528 28.63 -16.46 -56.28
C ALA G 528 27.17 -16.41 -56.64
N ASP G 529 26.67 -15.22 -56.94
CA ASP G 529 25.26 -15.08 -57.30
C ASP G 529 24.90 -15.99 -58.48
N MET G 530 23.95 -16.89 -58.28
CA MET G 530 23.69 -17.92 -59.29
C MET G 530 22.86 -17.45 -60.48
N SER G 531 22.36 -16.22 -60.42
CA SER G 531 21.76 -15.63 -61.59
C SER G 531 22.84 -15.07 -62.52
N ILE G 532 23.97 -14.68 -61.94
CA ILE G 532 25.13 -14.28 -62.72
C ILE G 532 26.04 -15.44 -63.18
N TYR G 533 26.27 -16.40 -62.29
CA TYR G 533 27.20 -17.49 -62.60
C TYR G 533 26.54 -18.85 -62.60
N PHE G 534 26.64 -19.53 -63.74
CA PHE G 534 26.07 -20.85 -63.87
C PHE G 534 26.81 -21.60 -64.98
N PRO G 535 26.48 -22.87 -65.16
CA PRO G 535 27.23 -23.72 -66.08
C PRO G 535 27.11 -23.25 -67.51
N TYR G 536 28.24 -23.17 -68.22
CA TYR G 536 28.28 -22.77 -69.61
C TYR G 536 27.42 -23.70 -70.46
N THR G 537 27.03 -24.82 -69.86
CA THR G 537 26.30 -25.85 -70.59
C THR G 537 24.78 -25.70 -70.58
N GLU G 538 24.25 -24.67 -69.90
CA GLU G 538 22.82 -24.46 -69.99
C GLU G 538 22.54 -23.45 -71.10
N GLU G 539 22.04 -23.94 -72.23
CA GLU G 539 21.97 -23.14 -73.44
C GLU G 539 20.90 -22.07 -73.34
N LYS G 540 19.73 -22.46 -72.86
CA LYS G 540 18.63 -21.52 -72.69
C LYS G 540 19.09 -20.29 -71.89
N ARG G 541 20.01 -20.52 -70.96
CA ARG G 541 20.44 -19.45 -70.06
C ARG G 541 21.53 -18.52 -70.60
N ARG G 542 22.30 -18.98 -71.58
CA ARG G 542 23.45 -18.20 -72.06
C ARG G 542 22.99 -16.85 -72.57
N LEU G 543 23.77 -15.81 -72.31
CA LEU G 543 23.35 -14.50 -72.77
C LEU G 543 24.06 -14.25 -74.07
N THR G 544 23.32 -14.44 -75.15
CA THR G 544 23.91 -14.47 -76.48
C THR G 544 24.06 -13.06 -77.00
N LYS G 545 23.27 -12.14 -76.44
CA LYS G 545 23.32 -10.75 -76.89
C LYS G 545 24.71 -10.15 -76.65
N PHE G 546 25.47 -10.75 -75.75
CA PHE G 546 26.81 -10.26 -75.43
C PHE G 546 27.89 -10.81 -76.36
N HIS G 547 27.60 -11.87 -77.10
CA HIS G 547 28.63 -12.50 -77.92
C HIS G 547 29.32 -11.56 -78.89
N SER G 548 28.57 -10.63 -79.47
CA SER G 548 29.18 -9.68 -80.37
C SER G 548 30.33 -8.96 -79.65
N GLU G 549 30.01 -8.35 -78.50
CA GLU G 549 30.99 -7.56 -77.76
C GLU G 549 32.15 -8.41 -77.29
N ILE G 550 31.85 -9.53 -76.66
CA ILE G 550 32.87 -10.40 -76.12
C ILE G 550 33.84 -10.80 -77.20
N GLU G 551 33.31 -10.99 -78.40
CA GLU G 551 34.15 -11.41 -79.52
C GLU G 551 35.08 -10.29 -79.96
N GLU G 552 34.60 -9.04 -79.88
CA GLU G 552 35.47 -7.90 -80.17
C GLU G 552 36.48 -7.77 -79.05
N LEU G 553 36.03 -8.12 -77.85
CA LEU G 553 36.82 -7.98 -76.65
C LEU G 553 38.04 -8.89 -76.73
N LEU G 554 37.78 -10.17 -76.97
CA LEU G 554 38.87 -11.13 -77.11
C LEU G 554 39.60 -11.03 -78.45
N TYR G 555 38.85 -11.07 -79.55
CA TYR G 555 39.42 -11.35 -80.86
C TYR G 555 39.72 -10.22 -81.88
N SER G 556 39.38 -8.97 -81.58
CA SER G 556 39.52 -7.91 -82.59
C SER G 556 40.97 -7.49 -82.83
N ASP G 557 41.21 -6.86 -83.98
CA ASP G 557 42.56 -6.42 -84.36
C ASP G 557 42.86 -5.01 -83.87
N VAL G 558 41.97 -4.46 -83.06
CA VAL G 558 42.19 -3.11 -82.54
C VAL G 558 42.95 -3.14 -81.23
N GLU G 559 44.02 -2.35 -81.16
CA GLU G 559 44.78 -2.19 -79.93
C GLU G 559 44.56 -0.80 -79.36
N ASN G 560 44.04 -0.75 -78.14
CA ASN G 560 43.67 0.50 -77.50
C ASN G 560 43.67 0.39 -75.98
N LYS G 561 43.13 1.40 -75.31
CA LYS G 561 43.12 1.40 -73.85
C LYS G 561 42.16 0.37 -73.26
N GLU G 562 41.27 -0.18 -74.09
CA GLU G 562 40.40 -1.27 -73.65
C GLU G 562 41.12 -2.61 -73.68
N HIS G 563 41.92 -2.84 -74.71
CA HIS G 563 42.69 -4.07 -74.77
C HIS G 563 43.96 -3.90 -75.60
N LEU G 564 45.01 -4.59 -75.19
CA LEU G 564 46.31 -4.50 -75.84
C LEU G 564 46.72 -5.83 -76.44
N CYS G 565 47.50 -5.73 -77.51
CA CYS G 565 47.81 -6.80 -78.46
C CYS G 565 46.59 -7.48 -79.09
N VAL G 566 46.81 -8.65 -79.63
CA VAL G 566 45.84 -9.25 -80.53
C VAL G 566 46.02 -10.75 -80.53
N LEU G 567 44.94 -11.51 -80.59
CA LEU G 567 45.09 -12.94 -80.73
C LEU G 567 45.18 -13.27 -82.22
N LYS G 568 46.22 -14.01 -82.59
CA LYS G 568 46.46 -14.38 -83.99
C LYS G 568 45.59 -15.56 -84.40
N ASP G 569 45.40 -16.52 -83.50
CA ASP G 569 44.61 -17.70 -83.79
C ASP G 569 43.43 -17.76 -82.85
N LYS G 570 42.23 -17.62 -83.40
CA LYS G 570 41.01 -17.49 -82.58
C LYS G 570 40.42 -18.82 -82.14
N LYS G 571 40.98 -19.93 -82.64
CA LYS G 571 40.44 -21.25 -82.33
C LYS G 571 41.10 -22.01 -81.17
N LYS G 572 42.21 -21.47 -80.67
CA LYS G 572 42.89 -22.06 -79.50
C LYS G 572 42.04 -21.87 -78.25
N PRO G 573 42.23 -22.76 -77.25
CA PRO G 573 41.68 -22.52 -75.92
C PRO G 573 42.26 -21.26 -75.30
N ILE G 574 41.49 -20.60 -74.44
CA ILE G 574 42.00 -19.41 -73.78
C ILE G 574 42.40 -19.69 -72.33
N LEU G 575 43.60 -19.24 -72.00
CA LEU G 575 44.07 -19.23 -70.61
C LEU G 575 43.70 -17.87 -70.02
N PHE G 576 42.75 -17.88 -69.09
CA PHE G 576 42.03 -16.66 -68.68
C PHE G 576 42.24 -16.25 -67.22
N THR G 577 42.37 -14.95 -66.98
CA THR G 577 42.38 -14.44 -65.62
C THR G 577 41.88 -12.99 -65.53
N MET G 578 41.26 -12.67 -64.40
CA MET G 578 40.68 -11.36 -64.16
C MET G 578 40.91 -10.97 -62.69
N ALA G 579 41.33 -9.73 -62.46
CA ALA G 579 41.61 -9.25 -61.10
C ALA G 579 42.00 -7.78 -61.05
N ARG G 580 41.94 -7.18 -59.87
CA ARG G 580 42.57 -5.89 -59.66
C ARG G 580 44.05 -6.08 -60.06
N LEU G 581 44.67 -5.03 -60.59
CA LEU G 581 46.09 -5.13 -60.93
C LEU G 581 46.97 -4.63 -59.78
N ASP G 582 47.66 -5.54 -59.11
CA ASP G 582 48.65 -5.15 -58.10
C ASP G 582 49.73 -6.22 -57.88
N ARG G 583 50.69 -5.91 -57.01
CA ARG G 583 51.87 -6.75 -56.87
C ARG G 583 51.53 -8.14 -56.37
N VAL G 584 50.77 -8.22 -55.29
CA VAL G 584 50.40 -9.50 -54.73
C VAL G 584 49.60 -10.35 -55.71
N LYS G 585 48.78 -9.72 -56.55
CA LYS G 585 47.98 -10.46 -57.52
C LYS G 585 48.85 -11.12 -58.62
N ASN G 586 50.02 -10.54 -58.85
CA ASN G 586 51.06 -11.20 -59.62
C ASN G 586 50.65 -11.52 -61.05
N LEU G 587 49.90 -10.65 -61.67
CA LEU G 587 49.51 -10.88 -63.05
C LEU G 587 50.74 -10.86 -63.95
N SER G 588 51.66 -9.95 -63.67
CA SER G 588 52.85 -9.82 -64.49
C SER G 588 53.71 -11.06 -64.35
N GLY G 589 53.57 -11.76 -63.22
CA GLY G 589 54.26 -13.01 -63.03
C GLY G 589 53.77 -14.06 -64.00
N LEU G 590 52.47 -14.33 -63.97
CA LEU G 590 51.87 -15.31 -64.87
C LEU G 590 52.17 -15.00 -66.33
N VAL G 591 52.25 -13.72 -66.68
CA VAL G 591 52.54 -13.38 -68.07
C VAL G 591 53.92 -13.87 -68.42
N GLU G 592 54.88 -13.57 -67.54
CA GLU G 592 56.25 -14.02 -67.72
C GLU G 592 56.40 -15.54 -67.79
N TRP G 593 55.71 -16.27 -66.92
CA TRP G 593 55.69 -17.73 -67.02
C TRP G 593 55.28 -18.09 -68.42
N TYR G 594 54.14 -17.56 -68.83
CA TYR G 594 53.57 -17.82 -70.14
C TYR G 594 54.55 -17.46 -71.25
N GLY G 595 55.02 -16.23 -71.25
CA GLY G 595 55.95 -15.76 -72.28
C GLY G 595 57.17 -16.66 -72.46
N LYS G 596 57.57 -17.32 -71.38
CA LYS G 596 58.72 -18.23 -71.40
C LYS G 596 58.38 -19.61 -71.94
N ASN G 597 57.11 -20.01 -71.87
CA ASN G 597 56.79 -21.40 -72.15
C ASN G 597 56.27 -21.58 -73.56
N THR G 598 57.11 -22.14 -74.42
CA THR G 598 56.82 -22.24 -75.84
C THR G 598 55.72 -23.25 -76.09
N ARG G 599 55.76 -24.37 -75.37
CA ARG G 599 54.73 -25.38 -75.47
C ARG G 599 53.38 -24.79 -75.05
N LEU G 600 53.37 -24.08 -73.92
CA LEU G 600 52.13 -23.49 -73.41
C LEU G 600 51.61 -22.44 -74.38
N ARG G 601 52.49 -21.55 -74.82
CA ARG G 601 52.11 -20.50 -75.78
C ARG G 601 51.44 -21.09 -77.03
N GLU G 602 51.91 -22.26 -77.43
CA GLU G 602 51.41 -22.93 -78.62
C GLU G 602 50.07 -23.61 -78.35
N LEU G 603 49.86 -24.03 -77.10
CA LEU G 603 48.65 -24.75 -76.72
C LEU G 603 47.43 -23.86 -76.50
N ALA G 604 47.67 -22.61 -76.11
CA ALA G 604 46.58 -21.71 -75.70
C ALA G 604 46.94 -20.23 -75.82
N ASN G 605 45.90 -19.39 -75.85
CA ASN G 605 46.07 -17.94 -75.84
C ASN G 605 45.89 -17.37 -74.45
N LEU G 606 46.87 -16.59 -73.98
CA LEU G 606 46.73 -15.95 -72.67
C LEU G 606 45.92 -14.65 -72.74
N VAL G 607 44.82 -14.64 -71.99
CA VAL G 607 43.96 -13.49 -71.91
C VAL G 607 43.89 -13.03 -70.45
N VAL G 608 44.39 -11.82 -70.19
CA VAL G 608 44.37 -11.28 -68.85
C VAL G 608 43.54 -10.01 -68.77
N VAL G 609 42.51 -10.02 -67.93
CA VAL G 609 41.81 -8.80 -67.59
C VAL G 609 42.40 -8.26 -66.30
N GLY G 610 43.11 -7.13 -66.38
CA GLY G 610 43.48 -6.36 -65.19
C GLY G 610 44.08 -4.99 -65.43
N GLY G 611 43.83 -4.08 -64.50
CA GLY G 611 44.16 -2.67 -64.67
C GLY G 611 43.09 -1.94 -65.45
N ASP G 612 42.93 -0.64 -65.23
CA ASP G 612 42.08 0.15 -66.11
C ASP G 612 42.92 1.18 -66.82
N ARG G 613 43.16 0.96 -68.10
CA ARG G 613 44.04 1.81 -68.88
C ARG G 613 43.27 2.93 -69.57
N ARG G 614 41.96 3.02 -69.31
CA ARG G 614 41.13 4.07 -69.90
C ARG G 614 41.53 5.44 -69.38
N LYS G 615 42.16 5.45 -68.21
CA LYS G 615 42.60 6.69 -67.58
C LYS G 615 44.02 6.57 -67.02
N GLU G 616 44.45 7.60 -66.30
CA GLU G 616 45.76 7.58 -65.67
C GLU G 616 45.64 6.91 -64.30
N SER G 617 46.53 5.96 -64.01
CA SER G 617 46.46 5.27 -62.75
C SER G 617 46.90 6.17 -61.62
N LYS G 618 46.13 6.18 -60.54
CA LYS G 618 46.51 6.91 -59.33
C LYS G 618 47.14 6.03 -58.23
N ASP G 619 47.18 4.71 -58.43
CA ASP G 619 47.64 3.78 -57.41
C ASP G 619 49.07 3.28 -57.70
N ASN G 620 49.89 3.19 -56.65
CA ASN G 620 51.31 2.87 -56.78
C ASN G 620 51.61 1.51 -57.39
N GLU G 621 51.00 0.46 -56.86
CA GLU G 621 51.28 -0.86 -57.38
C GLU G 621 50.76 -1.00 -58.81
N GLU G 622 49.55 -0.49 -59.06
CA GLU G 622 48.94 -0.62 -60.39
C GLU G 622 49.83 0.02 -61.44
N LYS G 623 50.42 1.15 -61.08
CA LYS G 623 51.32 1.85 -62.00
C LYS G 623 52.50 0.96 -62.34
N ALA G 624 53.22 0.50 -61.31
CA ALA G 624 54.41 -0.33 -61.51
C ALA G 624 54.02 -1.61 -62.22
N GLU G 625 52.88 -2.16 -61.83
CA GLU G 625 52.43 -3.42 -62.39
C GLU G 625 52.22 -3.21 -63.88
N MET G 626 51.61 -2.08 -64.23
CA MET G 626 51.41 -1.72 -65.62
C MET G 626 52.71 -1.65 -66.39
N LYS G 627 53.71 -0.98 -65.82
CA LYS G 627 55.03 -0.94 -66.46
C LYS G 627 55.56 -2.35 -66.70
N LYS G 628 55.53 -3.19 -65.67
CA LYS G 628 55.99 -4.56 -65.82
C LYS G 628 55.31 -5.21 -67.01
N MET G 629 54.01 -4.96 -67.14
CA MET G 629 53.20 -5.56 -68.18
C MET G 629 53.66 -5.12 -69.56
N TYR G 630 53.74 -3.81 -69.76
CA TYR G 630 54.20 -3.26 -71.04
C TYR G 630 55.49 -3.94 -71.45
N ASP G 631 56.43 -3.99 -70.50
CA ASP G 631 57.78 -4.50 -70.75
C ASP G 631 57.82 -5.98 -71.12
N LEU G 632 56.95 -6.78 -70.54
CA LEU G 632 56.93 -8.20 -70.84
C LEU G 632 56.42 -8.39 -72.25
N ILE G 633 55.50 -7.53 -72.65
CA ILE G 633 54.93 -7.63 -73.98
C ILE G 633 56.05 -7.55 -75.02
N GLU G 634 56.92 -6.56 -74.86
CA GLU G 634 58.04 -6.36 -75.78
C GLU G 634 59.14 -7.41 -75.61
N GLU G 635 59.39 -7.80 -74.36
CA GLU G 635 60.43 -8.76 -74.04
C GLU G 635 60.17 -10.18 -74.57
N TYR G 636 58.98 -10.72 -74.31
CA TYR G 636 58.62 -12.05 -74.78
C TYR G 636 57.83 -12.06 -76.09
N LYS G 637 57.73 -10.89 -76.72
CA LYS G 637 57.04 -10.76 -78.00
C LYS G 637 55.70 -11.46 -77.94
N LEU G 638 54.85 -10.96 -77.05
CA LEU G 638 53.61 -11.64 -76.72
C LEU G 638 52.51 -11.30 -77.72
N ASN G 639 52.73 -10.27 -78.51
CA ASN G 639 51.76 -9.92 -79.53
C ASN G 639 51.46 -11.11 -80.45
N GLY G 640 50.16 -11.40 -80.55
CA GLY G 640 49.64 -12.50 -81.34
C GLY G 640 49.29 -13.69 -80.47
N GLN G 641 49.98 -13.82 -79.36
CA GLN G 641 49.68 -14.87 -78.39
C GLN G 641 48.97 -14.39 -77.11
N PHE G 642 48.73 -13.08 -76.99
CA PHE G 642 48.36 -12.44 -75.72
C PHE G 642 47.35 -11.32 -75.91
N ARG G 643 46.36 -11.27 -75.03
CA ARG G 643 45.37 -10.19 -75.03
C ARG G 643 45.25 -9.54 -73.64
N TRP G 644 45.64 -8.26 -73.53
CA TRP G 644 45.61 -7.58 -72.24
C TRP G 644 44.40 -6.63 -72.10
N ILE G 645 43.43 -7.04 -71.30
CA ILE G 645 42.13 -6.38 -71.26
C ILE G 645 41.97 -5.54 -70.00
N SER G 646 41.40 -4.35 -70.17
CA SER G 646 41.12 -3.45 -69.04
C SER G 646 39.93 -3.91 -68.21
N SER G 647 39.83 -3.34 -67.02
CA SER G 647 38.87 -3.81 -66.03
C SER G 647 37.47 -3.97 -66.58
N GLN G 648 36.89 -5.13 -66.31
CA GLN G 648 35.53 -5.44 -66.73
C GLN G 648 34.59 -5.11 -65.59
N MET G 649 33.76 -4.10 -65.77
CA MET G 649 33.01 -3.58 -64.64
C MET G 649 31.60 -4.12 -64.51
N ASP G 650 31.17 -4.97 -65.45
CA ASP G 650 29.80 -5.45 -65.40
C ASP G 650 29.70 -6.95 -65.09
N ARG G 651 29.24 -7.25 -63.89
CA ARG G 651 29.15 -8.62 -63.44
C ARG G 651 28.33 -9.49 -64.39
N VAL G 652 27.26 -8.92 -64.95
CA VAL G 652 26.39 -9.69 -65.83
C VAL G 652 27.12 -10.20 -67.07
N ARG G 653 27.70 -9.28 -67.85
CA ARG G 653 28.46 -9.69 -69.02
C ARG G 653 29.64 -10.55 -68.59
N ASN G 654 30.19 -10.26 -67.42
CA ASN G 654 31.30 -11.03 -66.89
C ASN G 654 30.98 -12.51 -66.76
N GLY G 655 29.79 -12.82 -66.29
CA GLY G 655 29.36 -14.20 -66.19
C GLY G 655 29.48 -14.88 -67.55
N GLU G 656 29.03 -14.20 -68.59
CA GLU G 656 29.04 -14.73 -69.94
C GLU G 656 30.47 -14.89 -70.44
N LEU G 657 31.31 -13.91 -70.15
CA LEU G 657 32.73 -14.02 -70.47
C LEU G 657 33.35 -15.29 -69.90
N TYR G 658 33.05 -15.63 -68.64
CA TYR G 658 33.49 -16.89 -68.05
C TYR G 658 33.00 -18.06 -68.87
N ARG G 659 31.68 -18.13 -69.05
CA ARG G 659 31.05 -19.17 -69.86
C ARG G 659 31.63 -19.27 -71.28
N TYR G 660 32.08 -18.14 -71.81
CA TYR G 660 32.59 -18.12 -73.16
C TYR G 660 34.00 -18.73 -73.21
N ILE G 661 34.80 -18.50 -72.18
CA ILE G 661 36.09 -19.16 -72.08
C ILE G 661 35.85 -20.67 -72.06
N CYS G 662 34.83 -21.09 -71.33
CA CYS G 662 34.43 -22.49 -71.32
C CYS G 662 34.26 -23.03 -72.75
N ASP G 663 33.58 -22.28 -73.60
CA ASP G 663 33.36 -22.70 -74.98
C ASP G 663 34.70 -23.07 -75.62
N THR G 664 35.73 -22.27 -75.39
CA THR G 664 37.05 -22.53 -75.96
C THR G 664 37.78 -23.71 -75.32
N LYS G 665 37.16 -24.29 -74.29
CA LYS G 665 37.80 -25.40 -73.58
C LYS G 665 39.14 -24.93 -73.00
N GLY G 666 39.14 -23.70 -72.50
CA GLY G 666 40.30 -23.13 -71.86
C GLY G 666 40.25 -23.36 -70.36
N ALA G 667 40.92 -22.49 -69.62
CA ALA G 667 41.00 -22.65 -68.18
C ALA G 667 41.23 -21.30 -67.51
N PHE G 668 40.85 -21.23 -66.24
CA PHE G 668 41.07 -20.04 -65.43
C PHE G 668 42.29 -20.24 -64.56
N VAL G 669 43.23 -19.30 -64.59
CA VAL G 669 44.41 -19.36 -63.73
C VAL G 669 44.44 -18.15 -62.80
N GLN G 670 44.97 -18.35 -61.60
CA GLN G 670 44.91 -17.32 -60.57
C GLN G 670 46.25 -17.31 -59.81
N PRO G 671 47.25 -16.59 -60.35
CA PRO G 671 48.64 -16.74 -59.92
C PRO G 671 49.08 -15.83 -58.78
N ALA G 672 48.28 -15.66 -57.74
CA ALA G 672 48.59 -14.65 -56.74
C ALA G 672 49.63 -15.21 -55.79
N LEU G 673 50.55 -14.36 -55.36
CA LEU G 673 51.56 -14.76 -54.39
C LEU G 673 50.84 -15.07 -53.07
N TYR G 674 49.76 -14.35 -52.80
CA TYR G 674 48.81 -14.72 -51.74
C TYR G 674 47.40 -14.35 -52.16
N GLU G 675 46.44 -15.24 -51.92
CA GLU G 675 45.05 -14.90 -52.15
C GLU G 675 44.21 -15.23 -50.92
N ALA G 676 43.66 -14.21 -50.26
CA ALA G 676 42.98 -14.42 -48.97
C ALA G 676 41.84 -15.42 -49.06
N PHE G 677 40.97 -15.22 -50.05
CA PHE G 677 39.90 -16.15 -50.33
C PHE G 677 39.87 -16.56 -51.78
N GLY G 678 39.70 -15.58 -52.67
CA GLY G 678 39.49 -15.87 -54.08
C GLY G 678 38.12 -16.11 -54.68
N LEU G 679 37.23 -15.12 -54.57
CA LEU G 679 35.97 -15.13 -55.32
C LEU G 679 36.04 -15.42 -56.84
N THR G 680 37.11 -15.02 -57.52
CA THR G 680 37.24 -15.38 -58.95
C THR G 680 37.31 -16.88 -59.11
N VAL G 681 37.94 -17.54 -58.15
CA VAL G 681 38.02 -19.00 -58.15
C VAL G 681 36.63 -19.62 -57.98
N VAL G 682 35.79 -19.01 -57.15
CA VAL G 682 34.42 -19.51 -57.02
C VAL G 682 33.61 -19.24 -58.30
N GLU G 683 33.73 -18.03 -58.85
CA GLU G 683 33.03 -17.66 -60.09
C GLU G 683 33.36 -18.63 -61.23
N ALA G 684 34.64 -18.82 -61.51
CA ALA G 684 35.07 -19.78 -62.55
C ALA G 684 34.53 -21.20 -62.31
N MET G 685 34.84 -21.77 -61.17
CA MET G 685 34.36 -23.12 -60.87
C MET G 685 32.85 -23.23 -61.04
N THR G 686 32.14 -22.14 -60.70
CA THR G 686 30.68 -22.13 -60.73
C THR G 686 30.16 -22.14 -62.16
N CYS G 687 30.96 -21.58 -63.07
CA CYS G 687 30.57 -21.52 -64.47
C CYS G 687 30.90 -22.81 -65.22
N GLY G 688 31.68 -23.69 -64.59
CA GLY G 688 32.12 -24.93 -65.20
C GLY G 688 33.54 -24.88 -65.76
N LEU G 689 34.23 -23.78 -65.52
CA LEU G 689 35.57 -23.56 -66.06
C LEU G 689 36.65 -24.11 -65.13
N PRO G 690 37.47 -25.07 -65.64
CA PRO G 690 38.55 -25.70 -64.87
C PRO G 690 39.53 -24.68 -64.30
N THR G 691 39.83 -24.77 -63.01
CA THR G 691 40.64 -23.74 -62.36
C THR G 691 41.97 -24.20 -61.73
N PHE G 692 43.04 -23.48 -62.08
CA PHE G 692 44.34 -23.61 -61.45
C PHE G 692 44.57 -22.37 -60.59
N ALA G 693 44.56 -22.54 -59.27
CA ALA G 693 44.65 -21.39 -58.36
C ALA G 693 45.90 -21.46 -57.50
N THR G 694 46.38 -20.31 -57.02
CA THR G 694 47.55 -20.29 -56.16
C THR G 694 47.32 -21.15 -54.94
N CYS G 695 48.38 -21.82 -54.49
CA CYS G 695 48.33 -22.70 -53.31
C CYS G 695 48.48 -21.89 -52.02
N LYS G 696 48.73 -20.59 -52.18
CA LYS G 696 48.99 -19.70 -51.05
C LYS G 696 47.74 -18.89 -50.63
N GLY G 697 47.16 -19.24 -49.49
CA GLY G 697 45.90 -18.64 -49.05
C GLY G 697 44.67 -19.50 -49.30
N GLY G 698 43.50 -18.87 -49.31
CA GLY G 698 42.23 -19.57 -49.39
C GLY G 698 42.06 -20.63 -50.49
N PRO G 699 42.56 -20.37 -51.71
CA PRO G 699 42.28 -21.32 -52.79
C PRO G 699 42.80 -22.73 -52.50
N ALA G 700 43.78 -22.84 -51.60
CA ALA G 700 44.28 -24.13 -51.18
C ALA G 700 43.13 -25.00 -50.70
N GLU G 701 42.22 -24.38 -49.97
CA GLU G 701 41.06 -25.08 -49.42
C GLU G 701 39.90 -25.22 -50.41
N ILE G 702 39.67 -24.18 -51.22
CA ILE G 702 38.54 -24.16 -52.13
C ILE G 702 38.59 -25.33 -53.10
N ILE G 703 39.78 -25.56 -53.63
CA ILE G 703 40.03 -26.56 -54.66
C ILE G 703 40.65 -27.83 -54.07
N VAL G 704 40.23 -28.98 -54.59
CA VAL G 704 40.85 -30.25 -54.24
C VAL G 704 41.65 -30.73 -55.44
N HIS G 705 42.97 -30.71 -55.30
CA HIS G 705 43.85 -30.94 -56.43
C HIS G 705 43.51 -32.25 -57.12
N GLY G 706 43.40 -32.19 -58.44
CA GLY G 706 43.07 -33.35 -59.23
C GLY G 706 41.58 -33.65 -59.34
N LYS G 707 40.79 -33.05 -58.46
CA LYS G 707 39.36 -33.37 -58.37
C LYS G 707 38.43 -32.22 -58.79
N SER G 708 38.47 -31.10 -58.08
CA SER G 708 37.71 -29.90 -58.43
C SER G 708 38.54 -28.81 -59.15
N GLY G 709 39.81 -29.10 -59.42
CA GLY G 709 40.70 -28.15 -60.07
C GLY G 709 42.12 -28.51 -59.72
N PHE G 710 43.07 -27.60 -59.94
CA PHE G 710 44.46 -27.86 -59.57
C PHE G 710 45.10 -26.73 -58.79
N HIS G 711 46.20 -27.05 -58.11
CA HIS G 711 47.02 -26.07 -57.41
C HIS G 711 48.30 -25.80 -58.15
N ILE G 712 48.76 -24.55 -58.08
CA ILE G 712 50.06 -24.14 -58.60
C ILE G 712 50.74 -23.23 -57.58
N ASP G 713 52.06 -23.13 -57.65
CA ASP G 713 52.81 -22.35 -56.68
C ASP G 713 53.51 -21.15 -57.30
N PRO G 714 53.01 -19.93 -57.03
CA PRO G 714 53.51 -18.71 -57.66
C PRO G 714 55.00 -18.54 -57.46
N TYR G 715 55.55 -19.24 -56.47
CA TYR G 715 56.99 -19.20 -56.26
C TYR G 715 57.72 -20.15 -57.21
N HIS G 716 57.02 -21.13 -57.76
CA HIS G 716 57.57 -21.83 -58.91
C HIS G 716 56.68 -21.62 -60.12
N GLY G 717 57.02 -20.62 -60.92
CA GLY G 717 56.15 -20.16 -61.98
C GLY G 717 56.27 -21.06 -63.19
N ASP G 718 57.50 -21.53 -63.42
CA ASP G 718 57.80 -22.34 -64.57
C ASP G 718 57.13 -23.70 -64.45
N GLN G 719 57.09 -24.26 -63.25
CA GLN G 719 56.38 -25.51 -63.03
C GLN G 719 54.89 -25.28 -63.26
N ALA G 720 54.42 -24.10 -62.86
CA ALA G 720 53.02 -23.75 -63.04
C ALA G 720 52.66 -23.83 -64.53
N ALA G 721 53.47 -23.19 -65.36
CA ALA G 721 53.19 -23.17 -66.80
C ALA G 721 53.24 -24.58 -67.37
N ASP G 722 54.29 -25.34 -67.05
CA ASP G 722 54.39 -26.73 -67.44
C ASP G 722 53.16 -27.52 -66.99
N THR G 723 52.65 -27.22 -65.80
CA THR G 723 51.47 -27.90 -65.29
C THR G 723 50.23 -27.56 -66.14
N LEU G 724 50.14 -26.31 -66.59
CA LEU G 724 49.06 -25.87 -67.46
C LEU G 724 49.20 -26.52 -68.82
N ALA G 725 50.43 -26.54 -69.32
CA ALA G 725 50.74 -27.19 -70.58
C ALA G 725 50.36 -28.68 -70.59
N ASP G 726 50.58 -29.36 -69.47
CA ASP G 726 50.19 -30.76 -69.34
C ASP G 726 48.67 -30.95 -69.42
N PHE G 727 47.92 -30.07 -68.76
CA PHE G 727 46.46 -30.12 -68.80
C PHE G 727 45.94 -29.99 -70.23
N PHE G 728 46.33 -28.93 -70.91
CA PHE G 728 45.86 -28.69 -72.28
C PHE G 728 46.27 -29.84 -73.20
N THR G 729 47.44 -30.43 -72.96
CA THR G 729 47.89 -31.56 -73.75
C THR G 729 46.95 -32.76 -73.55
N LYS G 730 46.67 -33.10 -72.30
CA LYS G 730 45.76 -34.21 -72.00
C LYS G 730 44.40 -33.99 -72.66
N CYS G 731 43.88 -32.78 -72.56
CA CYS G 731 42.55 -32.47 -73.06
C CYS G 731 42.51 -32.57 -74.57
N LYS G 732 43.66 -32.34 -75.20
CA LYS G 732 43.75 -32.44 -76.65
C LYS G 732 43.65 -33.89 -77.08
N GLU G 733 44.33 -34.77 -76.34
CA GLU G 733 44.30 -36.22 -76.60
C GLU G 733 43.05 -36.89 -76.03
N ASP G 734 42.56 -36.37 -74.90
CA ASP G 734 41.34 -36.88 -74.29
C ASP G 734 40.45 -35.73 -73.79
N PRO G 735 39.57 -35.25 -74.68
CA PRO G 735 38.71 -34.09 -74.38
C PRO G 735 37.76 -34.28 -73.19
N SER G 736 37.54 -35.51 -72.75
CA SER G 736 36.66 -35.73 -71.59
C SER G 736 37.35 -35.35 -70.27
N HIS G 737 38.67 -35.33 -70.28
CA HIS G 737 39.42 -34.92 -69.12
C HIS G 737 38.99 -33.52 -68.73
N TRP G 738 38.81 -32.65 -69.72
CA TRP G 738 38.41 -31.27 -69.48
C TRP G 738 37.06 -31.23 -68.77
N ASP G 739 36.18 -32.17 -69.12
CA ASP G 739 34.86 -32.25 -68.52
C ASP G 739 34.91 -32.77 -67.10
N GLU G 740 35.78 -33.75 -66.85
CA GLU G 740 35.89 -34.37 -65.53
C GLU G 740 36.19 -33.31 -64.48
N ILE G 741 37.11 -32.41 -64.80
CA ILE G 741 37.46 -31.34 -63.88
C ILE G 741 36.35 -30.31 -63.81
N SER G 742 35.70 -30.07 -64.95
CA SER G 742 34.56 -29.16 -65.00
C SER G 742 33.43 -29.62 -64.08
N LYS G 743 33.02 -30.89 -64.22
CA LYS G 743 32.04 -31.49 -63.31
C LYS G 743 32.58 -31.49 -61.89
N GLY G 744 33.89 -31.65 -61.77
CA GLY G 744 34.54 -31.62 -60.47
C GLY G 744 34.25 -30.32 -59.75
N GLY G 745 34.56 -29.21 -60.41
CA GLY G 745 34.40 -27.89 -59.83
C GLY G 745 32.97 -27.55 -59.47
N LEU G 746 32.03 -27.92 -60.34
CA LEU G 746 30.63 -27.63 -60.10
C LEU G 746 30.11 -28.30 -58.83
N GLN G 747 30.47 -29.57 -58.64
CA GLN G 747 30.04 -30.29 -57.45
C GLN G 747 30.65 -29.70 -56.19
N ARG G 748 31.92 -29.37 -56.26
CA ARG G 748 32.62 -28.75 -55.16
C ARG G 748 31.88 -27.48 -54.73
N ILE G 749 31.60 -26.62 -55.69
CA ILE G 749 30.85 -25.39 -55.42
C ILE G 749 29.48 -25.72 -54.82
N GLU G 750 28.83 -26.75 -55.35
CA GLU G 750 27.49 -27.09 -54.88
C GLU G 750 27.49 -27.37 -53.39
N GLU G 751 28.55 -28.05 -52.94
CA GLU G 751 28.63 -28.61 -51.59
C GLU G 751 29.23 -27.65 -50.56
N LYS G 752 29.80 -26.54 -51.01
CA LYS G 752 30.59 -25.65 -50.15
C LYS G 752 30.23 -24.17 -50.18
N TYR G 753 30.28 -23.56 -51.35
CA TYR G 753 30.10 -22.11 -51.43
C TYR G 753 28.82 -21.65 -52.14
N THR G 754 27.84 -21.24 -51.34
CA THR G 754 26.55 -20.78 -51.84
C THR G 754 25.92 -19.86 -50.79
N TRP G 755 25.07 -18.95 -51.21
CA TRP G 755 24.55 -17.94 -50.29
C TRP G 755 23.33 -18.36 -49.45
N GLN G 756 22.76 -19.52 -49.76
CA GLN G 756 21.53 -19.93 -49.08
C GLN G 756 21.70 -20.06 -47.58
N ILE G 757 22.63 -20.92 -47.15
CA ILE G 757 22.87 -21.10 -45.72
C ILE G 757 23.53 -19.89 -45.08
N TYR G 758 24.29 -19.13 -45.87
CA TYR G 758 25.06 -18.03 -45.30
C TYR G 758 24.19 -17.16 -44.40
N SER G 759 23.05 -16.74 -44.92
CA SER G 759 22.19 -15.84 -44.18
C SER G 759 21.73 -16.48 -42.89
N GLN G 760 21.10 -17.64 -42.97
CA GLN G 760 20.60 -18.31 -41.77
C GLN G 760 21.66 -18.39 -40.68
N ARG G 761 22.82 -18.89 -41.04
CA ARG G 761 23.93 -19.00 -40.11
C ARG G 761 24.21 -17.67 -39.43
N LEU G 762 24.34 -16.62 -40.24
CA LEU G 762 24.68 -15.31 -39.73
C LEU G 762 23.69 -14.82 -38.69
N LEU G 763 22.40 -14.85 -39.03
CA LEU G 763 21.37 -14.40 -38.09
C LEU G 763 21.35 -15.22 -36.81
N THR G 764 21.71 -16.49 -36.93
CA THR G 764 21.80 -17.40 -35.79
C THR G 764 22.98 -17.07 -34.90
N LEU G 765 24.14 -16.82 -35.50
CA LEU G 765 25.30 -16.41 -34.72
C LEU G 765 24.97 -15.13 -33.97
N THR G 766 24.30 -14.20 -34.66
CA THR G 766 23.99 -12.90 -34.08
C THR G 766 23.10 -13.07 -32.86
N GLY G 767 22.23 -14.07 -32.92
CA GLY G 767 21.44 -14.44 -31.77
C GLY G 767 22.28 -14.99 -30.63
N VAL G 768 23.04 -16.05 -30.90
CA VAL G 768 23.79 -16.71 -29.85
C VAL G 768 24.82 -15.78 -29.22
N TYR G 769 25.50 -15.00 -30.04
CA TYR G 769 26.51 -14.09 -29.51
C TYR G 769 25.89 -12.89 -28.84
N GLY G 770 24.76 -12.44 -29.36
CA GLY G 770 24.03 -11.34 -28.75
C GLY G 770 23.76 -11.62 -27.28
N PHE G 771 23.17 -12.78 -27.03
CA PHE G 771 22.85 -13.21 -25.67
C PHE G 771 24.10 -13.43 -24.83
N TRP G 772 25.06 -14.14 -25.40
CA TRP G 772 26.32 -14.42 -24.70
C TRP G 772 26.96 -13.14 -24.21
N LYS G 773 26.69 -12.04 -24.91
CA LYS G 773 27.18 -10.73 -24.52
C LYS G 773 26.66 -10.34 -23.15
N HIS G 774 25.42 -10.71 -22.85
CA HIS G 774 24.80 -10.34 -21.59
C HIS G 774 25.26 -11.23 -20.44
N VAL G 775 25.55 -12.49 -20.74
CA VAL G 775 26.03 -13.41 -19.71
C VAL G 775 27.47 -13.06 -19.30
N SER G 776 28.31 -12.88 -20.31
CA SER G 776 29.74 -12.73 -20.11
C SER G 776 30.18 -11.28 -19.94
N ASN G 777 29.22 -10.36 -19.93
CA ASN G 777 29.50 -8.93 -19.83
C ASN G 777 30.51 -8.61 -18.72
N LEU G 778 30.39 -9.35 -17.63
CA LEU G 778 31.26 -9.17 -16.47
C LEU G 778 32.74 -9.24 -16.84
N ASP G 779 33.16 -10.32 -17.50
CA ASP G 779 34.58 -10.53 -17.80
C ASP G 779 35.14 -9.77 -19.01
N ARG G 780 34.26 -9.33 -19.89
CA ARG G 780 34.72 -8.59 -21.07
C ARG G 780 34.86 -7.10 -20.79
N LEU G 781 34.65 -6.71 -19.53
CA LEU G 781 34.86 -5.34 -19.10
C LEU G 781 36.35 -5.00 -19.00
N GLU G 782 37.12 -5.92 -18.43
CA GLU G 782 38.57 -5.76 -18.38
C GLU G 782 39.14 -5.53 -19.78
N ALA G 783 38.81 -6.43 -20.71
CA ALA G 783 39.32 -6.34 -22.07
C ALA G 783 38.82 -5.09 -22.77
N ARG G 784 37.61 -4.66 -22.43
CA ARG G 784 37.04 -3.47 -23.03
C ARG G 784 37.93 -2.26 -22.75
N ARG G 785 38.41 -2.15 -21.52
CA ARG G 785 39.28 -1.05 -21.12
C ARG G 785 40.69 -1.18 -21.70
N TYR G 786 41.21 -2.41 -21.77
CA TYR G 786 42.49 -2.66 -22.41
C TYR G 786 42.44 -2.10 -23.83
N LEU G 787 41.42 -2.52 -24.57
CA LEU G 787 41.27 -2.13 -25.97
C LEU G 787 41.12 -0.63 -26.14
N GLU G 788 40.36 0.01 -25.25
CA GLU G 788 40.16 1.46 -25.35
C GLU G 788 41.50 2.19 -25.25
N MET G 789 42.26 1.85 -24.22
CA MET G 789 43.56 2.45 -23.99
C MET G 789 44.45 2.21 -25.19
N PHE G 790 44.34 1.02 -25.79
CA PHE G 790 45.12 0.69 -26.98
C PHE G 790 44.71 1.53 -28.19
N TYR G 791 43.41 1.77 -28.32
CA TYR G 791 42.91 2.60 -29.40
C TYR G 791 43.34 4.04 -29.20
N ALA G 792 43.20 4.52 -27.96
CA ALA G 792 43.51 5.92 -27.66
C ALA G 792 45.00 6.24 -27.74
N LEU G 793 45.82 5.42 -27.10
CA LEU G 793 47.22 5.75 -26.92
C LEU G 793 48.17 5.18 -27.98
N LYS G 794 47.66 4.26 -28.81
CA LYS G 794 48.48 3.67 -29.87
C LYS G 794 47.96 3.95 -31.29
N TYR G 795 46.74 3.55 -31.58
CA TYR G 795 46.16 3.86 -32.88
C TYR G 795 46.12 5.36 -33.15
N ARG G 796 45.50 6.12 -32.24
CA ARG G 796 45.32 7.55 -32.51
C ARG G 796 46.62 8.25 -32.92
N PRO G 797 47.65 8.16 -32.08
CA PRO G 797 48.94 8.76 -32.45
C PRO G 797 49.44 8.28 -33.81
N LEU G 798 49.39 6.96 -34.06
CA LEU G 798 49.80 6.43 -35.34
C LEU G 798 48.99 7.05 -36.47
N ALA G 799 47.68 6.91 -36.37
CA ALA G 799 46.77 7.46 -37.37
C ALA G 799 47.04 8.94 -37.65
N GLN G 800 47.32 9.71 -36.60
CA GLN G 800 47.47 11.16 -36.75
C GLN G 800 48.75 11.52 -37.51
N ALA G 801 49.71 10.61 -37.53
CA ALA G 801 51.01 10.88 -38.12
C ALA G 801 51.07 10.56 -39.62
N VAL G 802 50.04 9.89 -40.12
CA VAL G 802 49.96 9.60 -41.54
C VAL G 802 49.63 10.90 -42.24
N PRO G 803 50.39 11.22 -43.29
CA PRO G 803 50.14 12.49 -44.00
C PRO G 803 48.74 12.56 -44.61
N LEU G 804 48.15 13.74 -44.61
CA LEU G 804 46.83 13.96 -45.17
C LEU G 804 46.83 14.12 -46.68
N ALA G 805 45.68 13.80 -47.30
CA ALA G 805 45.50 14.00 -48.73
C ALA G 805 45.53 15.49 -48.98
N GLN G 806 45.76 15.88 -50.23
CA GLN G 806 45.75 17.30 -50.59
C GLN G 806 44.95 17.61 -51.86
N ASP G 807 43.84 18.32 -51.70
CA ASP G 807 42.99 18.71 -52.83
C ASP G 807 43.48 19.99 -53.49
N VAL H 11 9.35 -22.14 -3.33
CA VAL H 11 9.38 -21.61 -4.68
C VAL H 11 8.87 -22.66 -5.69
N HIS H 12 8.33 -22.21 -6.81
CA HIS H 12 7.83 -23.09 -7.87
C HIS H 12 6.66 -23.98 -7.43
N SER H 13 5.50 -23.38 -7.19
CA SER H 13 4.29 -24.14 -6.83
C SER H 13 3.01 -23.28 -6.84
N GLN H 14 1.89 -23.89 -6.45
CA GLN H 14 0.62 -23.18 -6.30
C GLN H 14 -0.22 -23.68 -5.11
N ARG H 15 -0.76 -22.76 -4.34
CA ARG H 15 -1.66 -23.08 -3.23
C ARG H 15 -3.10 -23.08 -3.74
N GLU H 16 -3.23 -22.95 -5.05
CA GLU H 16 -4.48 -22.62 -5.73
C GLU H 16 -5.74 -23.40 -5.32
N ARG H 17 -5.62 -24.72 -5.10
CA ARG H 17 -6.82 -25.56 -4.98
C ARG H 17 -7.66 -25.37 -3.69
N LEU H 18 -7.09 -24.74 -2.66
CA LEU H 18 -7.84 -24.38 -1.45
C LEU H 18 -8.66 -23.11 -1.66
N ASN H 19 -8.17 -22.23 -2.53
CA ASN H 19 -8.84 -20.97 -2.86
C ASN H 19 -10.06 -21.15 -3.77
N GLU H 20 -10.00 -22.15 -4.64
CA GLU H 20 -11.10 -22.46 -5.56
C GLU H 20 -12.30 -23.07 -4.83
N THR H 21 -12.04 -23.68 -3.67
CA THR H 21 -13.10 -24.25 -2.84
C THR H 21 -13.54 -23.25 -1.78
N LEU H 22 -13.03 -22.04 -1.88
CA LEU H 22 -13.53 -20.89 -1.11
C LEU H 22 -14.75 -20.36 -1.86
N VAL H 23 -15.17 -21.13 -2.87
CA VAL H 23 -16.36 -20.87 -3.68
C VAL H 23 -17.61 -21.34 -2.89
N SER H 24 -17.38 -21.72 -1.64
CA SER H 24 -18.46 -21.83 -0.66
C SER H 24 -19.07 -20.44 -0.45
N GLU H 25 -18.42 -19.44 -1.05
CA GLU H 25 -18.96 -18.09 -1.07
C GLU H 25 -20.05 -17.97 -2.14
N ARG H 26 -19.63 -18.06 -3.40
CA ARG H 26 -20.54 -17.95 -4.54
C ARG H 26 -21.66 -19.01 -4.56
N ASN H 27 -21.29 -20.27 -4.79
CA ASN H 27 -22.24 -21.36 -5.08
C ASN H 27 -22.80 -22.08 -3.85
N GLU H 28 -22.51 -21.58 -2.66
CA GLU H 28 -22.62 -22.34 -1.39
C GLU H 28 -23.86 -23.20 -1.10
N VAL H 29 -25.08 -22.67 -1.24
CA VAL H 29 -26.27 -23.44 -0.85
C VAL H 29 -26.49 -24.65 -1.75
N LEU H 30 -26.03 -24.54 -3.00
CA LEU H 30 -26.07 -25.63 -3.97
C LEU H 30 -24.89 -26.60 -3.75
N ALA H 31 -23.72 -26.07 -3.42
CA ALA H 31 -22.51 -26.86 -3.23
C ALA H 31 -22.47 -27.64 -1.91
N LEU H 32 -23.01 -27.04 -0.84
CA LEU H 32 -23.03 -27.71 0.46
C LEU H 32 -23.82 -29.00 0.39
N LEU H 33 -24.57 -29.18 -0.68
CA LEU H 33 -25.36 -30.40 -0.89
C LEU H 33 -24.53 -31.58 -1.39
N SER H 34 -23.66 -31.34 -2.37
CA SER H 34 -22.77 -32.40 -2.86
C SER H 34 -21.98 -32.96 -1.67
N ARG H 35 -21.65 -32.07 -0.73
CA ARG H 35 -20.99 -32.41 0.53
C ARG H 35 -21.93 -33.19 1.43
N VAL H 36 -23.22 -32.98 1.23
CA VAL H 36 -24.25 -33.65 2.03
C VAL H 36 -24.49 -35.07 1.55
N GLU H 37 -24.45 -35.28 0.23
CA GLU H 37 -24.69 -36.60 -0.34
C GLU H 37 -23.47 -37.52 -0.21
N ALA H 38 -22.27 -36.93 -0.17
CA ALA H 38 -21.04 -37.68 0.07
C ALA H 38 -20.88 -38.04 1.55
N LYS H 39 -21.30 -37.12 2.41
CA LYS H 39 -21.20 -37.31 3.86
C LYS H 39 -22.17 -38.38 4.31
N GLY H 40 -23.27 -38.52 3.56
CA GLY H 40 -24.30 -39.49 3.87
C GLY H 40 -23.98 -40.90 3.39
N LYS H 41 -22.74 -41.12 2.96
CA LYS H 41 -22.28 -42.45 2.56
C LYS H 41 -21.64 -43.23 3.72
N GLY H 42 -21.42 -42.53 4.83
CA GLY H 42 -20.83 -43.14 6.02
C GLY H 42 -19.32 -43.15 5.98
N ILE H 43 -18.71 -43.68 7.03
CA ILE H 43 -17.26 -43.85 7.10
C ILE H 43 -16.84 -44.62 5.85
N LEU H 44 -15.90 -44.09 5.07
CA LEU H 44 -15.57 -44.73 3.79
C LEU H 44 -14.58 -44.02 2.88
N GLN H 45 -14.28 -44.68 1.76
CA GLN H 45 -13.51 -44.12 0.65
C GLN H 45 -14.40 -43.76 -0.52
N GLN H 46 -14.08 -42.68 -1.19
CA GLN H 46 -14.79 -42.30 -2.39
C GLN H 46 -13.85 -42.23 -3.57
N ASN H 47 -14.12 -43.04 -4.59
CA ASN H 47 -13.36 -43.00 -5.83
C ASN H 47 -14.08 -42.08 -6.80
N GLN H 48 -13.34 -41.41 -7.69
CA GLN H 48 -13.97 -40.44 -8.59
C GLN H 48 -15.27 -41.01 -9.17
N ILE H 49 -15.26 -42.29 -9.51
CA ILE H 49 -16.46 -42.96 -10.00
C ILE H 49 -17.65 -42.71 -9.07
N ILE H 50 -17.37 -42.57 -7.77
CA ILE H 50 -18.37 -42.24 -6.75
C ILE H 50 -18.31 -40.76 -6.32
N ALA H 51 -17.14 -40.34 -5.82
CA ALA H 51 -16.97 -39.00 -5.24
C ALA H 51 -17.62 -37.99 -6.14
N GLU H 52 -17.64 -38.34 -7.43
CA GLU H 52 -18.34 -37.56 -8.44
C GLU H 52 -19.76 -38.08 -8.68
N PHE H 53 -19.85 -39.32 -9.18
CA PHE H 53 -21.13 -39.89 -9.61
C PHE H 53 -22.22 -39.80 -8.56
N GLU H 54 -21.83 -39.96 -7.30
CA GLU H 54 -22.76 -39.76 -6.19
C GLU H 54 -23.33 -38.36 -6.27
N ALA H 55 -22.50 -37.38 -6.00
CA ALA H 55 -22.95 -36.00 -5.95
C ALA H 55 -23.58 -35.51 -7.26
N LEU H 56 -22.75 -35.26 -8.27
CA LEU H 56 -23.22 -34.46 -9.40
C LEU H 56 -24.41 -35.00 -10.22
N PRO H 57 -24.26 -36.17 -10.88
CA PRO H 57 -25.39 -36.61 -11.71
C PRO H 57 -26.61 -37.14 -10.93
N GLU H 58 -26.39 -37.71 -9.74
CA GLU H 58 -27.47 -38.25 -8.91
C GLU H 58 -28.15 -37.16 -8.10
N GLN H 59 -27.46 -36.03 -8.00
CA GLN H 59 -28.00 -34.84 -7.38
C GLN H 59 -29.09 -34.23 -8.25
N THR H 60 -29.87 -33.34 -7.64
CA THR H 60 -30.95 -32.67 -8.32
C THR H 60 -30.36 -31.73 -9.40
N ARG H 61 -31.20 -30.93 -10.04
CA ARG H 61 -30.75 -30.01 -11.09
C ARG H 61 -30.13 -28.73 -10.50
N LYS H 62 -29.98 -28.76 -9.16
CA LYS H 62 -29.13 -27.84 -8.41
C LYS H 62 -27.68 -28.05 -8.87
N LYS H 63 -27.51 -29.02 -9.77
CA LYS H 63 -26.21 -29.39 -10.33
C LYS H 63 -25.85 -28.41 -11.43
N LEU H 64 -26.70 -27.40 -11.60
CA LEU H 64 -26.63 -26.46 -12.70
C LEU H 64 -25.27 -25.80 -12.89
N GLU H 65 -24.41 -25.86 -11.87
CA GLU H 65 -23.10 -25.21 -11.95
C GLU H 65 -22.28 -25.53 -13.20
N GLY H 66 -21.73 -26.74 -13.30
CA GLY H 66 -20.81 -27.04 -14.39
C GLY H 66 -19.74 -25.96 -14.44
N GLY H 67 -19.54 -25.33 -13.27
CA GLY H 67 -18.68 -24.17 -13.11
C GLY H 67 -17.30 -24.46 -12.54
N PRO H 68 -16.79 -23.54 -11.71
CA PRO H 68 -15.45 -23.58 -11.09
C PRO H 68 -15.21 -24.79 -10.17
N PHE H 69 -16.25 -25.20 -9.44
CA PHE H 69 -16.14 -26.26 -8.45
C PHE H 69 -16.29 -27.67 -9.02
N PHE H 70 -16.74 -27.78 -10.27
CA PHE H 70 -16.91 -29.08 -10.90
C PHE H 70 -15.58 -29.68 -11.36
N ASP H 71 -14.59 -28.83 -11.59
CA ASP H 71 -13.27 -29.30 -11.97
C ASP H 71 -12.48 -29.79 -10.75
N LEU H 72 -12.58 -29.05 -9.65
CA LEU H 72 -11.95 -29.48 -8.41
C LEU H 72 -12.47 -30.86 -8.01
N LEU H 73 -13.74 -31.13 -8.32
CA LEU H 73 -14.35 -32.43 -8.03
C LEU H 73 -13.82 -33.51 -8.96
N LYS H 74 -13.89 -33.25 -10.27
CA LYS H 74 -13.45 -34.21 -11.27
C LYS H 74 -11.94 -34.40 -11.22
N SER H 75 -11.24 -33.50 -10.53
CA SER H 75 -9.80 -33.63 -10.35
C SER H 75 -9.38 -34.25 -9.02
N THR H 76 -10.34 -34.55 -8.14
CA THR H 76 -10.00 -35.21 -6.88
C THR H 76 -9.92 -36.71 -7.07
N GLN H 77 -8.85 -37.32 -6.54
CA GLN H 77 -8.62 -38.74 -6.71
C GLN H 77 -9.41 -39.59 -5.73
N GLU H 78 -9.86 -38.99 -4.63
CA GLU H 78 -10.63 -39.74 -3.65
C GLU H 78 -11.18 -38.89 -2.51
N ALA H 79 -12.24 -39.41 -1.88
CA ALA H 79 -12.93 -38.72 -0.80
C ALA H 79 -12.93 -39.57 0.46
N ILE H 80 -12.19 -39.12 1.47
CA ILE H 80 -12.06 -39.86 2.72
C ILE H 80 -13.04 -39.29 3.74
N VAL H 81 -14.05 -40.07 4.11
CA VAL H 81 -15.09 -39.52 4.97
C VAL H 81 -15.24 -40.16 6.36
N LEU H 82 -15.00 -39.33 7.38
CA LEU H 82 -15.39 -39.62 8.75
C LEU H 82 -16.48 -38.61 9.06
N PRO H 83 -17.39 -38.93 10.00
CA PRO H 83 -18.65 -38.17 10.12
C PRO H 83 -18.52 -36.62 10.17
N PRO H 84 -17.61 -36.07 11.00
CA PRO H 84 -17.48 -34.61 11.02
C PRO H 84 -16.78 -34.05 9.77
N TRP H 85 -15.92 -34.85 9.15
CA TRP H 85 -15.02 -34.33 8.11
C TRP H 85 -14.95 -35.17 6.82
N VAL H 86 -14.99 -34.48 5.68
CA VAL H 86 -14.67 -35.10 4.39
C VAL H 86 -13.29 -34.61 3.94
N ALA H 87 -12.35 -35.54 3.79
CA ALA H 87 -11.04 -35.19 3.27
C ALA H 87 -10.98 -35.49 1.78
N LEU H 88 -10.53 -34.52 1.00
CA LEU H 88 -10.44 -34.70 -0.45
C LEU H 88 -8.97 -34.80 -0.92
N ALA H 89 -8.74 -35.59 -1.96
CA ALA H 89 -7.42 -35.69 -2.57
C ALA H 89 -7.45 -35.05 -3.95
N VAL H 90 -6.79 -33.91 -4.11
CA VAL H 90 -6.87 -33.15 -5.36
C VAL H 90 -5.56 -33.15 -6.15
N ARG H 91 -5.70 -33.43 -7.45
CA ARG H 91 -4.58 -33.76 -8.32
C ARG H 91 -4.69 -33.02 -9.65
N PRO H 92 -4.31 -31.73 -9.65
CA PRO H 92 -4.42 -30.78 -10.76
C PRO H 92 -3.58 -31.15 -11.99
N ARG H 93 -2.34 -31.58 -11.75
CA ARG H 93 -1.45 -32.10 -12.79
C ARG H 93 -0.97 -33.46 -12.30
N PRO H 94 -0.58 -34.36 -13.23
CA PRO H 94 0.06 -35.60 -12.78
C PRO H 94 1.33 -35.29 -12.02
N GLY H 95 1.51 -35.94 -10.88
CA GLY H 95 2.67 -35.72 -10.03
C GLY H 95 2.54 -34.57 -9.05
N VAL H 96 1.42 -33.86 -9.13
CA VAL H 96 1.18 -32.71 -8.28
C VAL H 96 -0.04 -32.95 -7.42
N TRP H 97 0.16 -32.93 -6.11
CA TRP H 97 -0.90 -33.32 -5.17
C TRP H 97 -1.26 -32.26 -4.14
N GLU H 98 -2.57 -32.06 -3.95
CA GLU H 98 -3.07 -31.20 -2.88
C GLU H 98 -4.20 -31.89 -2.11
N TYR H 99 -4.10 -31.88 -0.78
CA TYR H 99 -5.04 -32.62 0.08
C TYR H 99 -5.91 -31.70 0.93
N LEU H 100 -7.21 -31.99 0.98
CA LEU H 100 -8.17 -31.12 1.67
C LEU H 100 -9.05 -31.83 2.71
N ARG H 101 -9.52 -31.05 3.68
CA ARG H 101 -10.52 -31.48 4.66
C ARG H 101 -11.51 -30.35 4.93
N VAL H 102 -12.80 -30.64 4.77
CA VAL H 102 -13.86 -29.67 5.02
C VAL H 102 -14.89 -30.30 5.95
N ASN H 103 -16.00 -29.61 6.18
CA ASN H 103 -17.08 -30.15 7.00
C ASN H 103 -18.35 -30.49 6.21
N LEU H 104 -18.84 -31.73 6.36
CA LEU H 104 -20.05 -32.17 5.67
C LEU H 104 -21.12 -31.11 5.85
N HIS H 105 -21.25 -30.63 7.09
CA HIS H 105 -22.05 -29.45 7.40
C HIS H 105 -21.19 -28.32 8.01
N ALA H 106 -21.84 -27.20 8.31
CA ALA H 106 -21.13 -25.95 8.64
C ALA H 106 -20.14 -25.62 7.54
N LEU H 107 -18.99 -25.07 7.90
CA LEU H 107 -17.88 -24.99 6.95
C LEU H 107 -16.53 -24.87 7.66
N VAL H 108 -15.52 -25.52 7.08
CA VAL H 108 -14.11 -25.23 7.35
C VAL H 108 -13.33 -25.73 6.13
N VAL H 109 -12.26 -25.05 5.77
CA VAL H 109 -11.39 -25.58 4.73
C VAL H 109 -9.93 -25.57 5.19
N GLU H 110 -9.39 -26.76 5.41
CA GLU H 110 -8.00 -26.90 5.81
C GLU H 110 -7.24 -27.67 4.75
N GLU H 111 -6.20 -27.09 4.18
CA GLU H 111 -5.35 -27.86 3.28
C GLU H 111 -4.38 -28.68 4.11
N LEU H 112 -4.31 -29.98 3.83
CA LEU H 112 -3.45 -30.88 4.59
C LEU H 112 -2.12 -31.15 3.89
N GLN H 113 -1.07 -31.23 4.71
CA GLN H 113 0.24 -31.69 4.27
C GLN H 113 0.24 -33.22 4.26
N PRO H 114 1.05 -33.84 3.39
CA PRO H 114 0.94 -35.29 3.20
C PRO H 114 0.96 -36.11 4.50
N ALA H 115 1.90 -35.85 5.39
CA ALA H 115 1.99 -36.64 6.61
C ALA H 115 0.67 -36.62 7.37
N GLU H 116 0.08 -35.44 7.50
CA GLU H 116 -1.14 -35.27 8.28
C GLU H 116 -2.40 -35.70 7.54
N PHE H 117 -2.34 -35.76 6.21
CA PHE H 117 -3.45 -36.29 5.45
C PHE H 117 -3.52 -37.80 5.60
N LEU H 118 -2.35 -38.43 5.70
CA LEU H 118 -2.29 -39.87 5.90
C LEU H 118 -2.75 -40.22 7.31
N HIS H 119 -2.35 -39.41 8.29
CA HIS H 119 -2.85 -39.55 9.66
C HIS H 119 -4.38 -39.58 9.65
N PHE H 120 -4.98 -38.81 8.77
CA PHE H 120 -6.43 -38.80 8.60
C PHE H 120 -6.92 -40.18 8.14
N LYS H 121 -6.38 -40.69 7.04
CA LYS H 121 -6.80 -42.00 6.52
C LYS H 121 -6.59 -43.09 7.56
N GLU H 122 -5.74 -42.84 8.54
CA GLU H 122 -5.43 -43.84 9.54
C GLU H 122 -6.52 -43.96 10.59
N GLU H 123 -7.25 -42.86 10.81
CA GLU H 123 -8.35 -42.83 11.77
C GLU H 123 -9.60 -43.52 11.22
N LEU H 124 -9.52 -43.91 9.95
CA LEU H 124 -10.60 -44.62 9.28
C LEU H 124 -10.61 -46.11 9.62
N VAL H 125 -9.59 -46.56 10.35
CA VAL H 125 -9.46 -47.96 10.76
C VAL H 125 -9.24 -48.11 12.27
N ASP H 126 -8.13 -47.57 12.76
CA ASP H 126 -7.85 -47.60 14.20
C ASP H 126 -8.71 -46.57 14.95
N GLY H 127 -8.70 -45.34 14.46
CA GLY H 127 -9.51 -44.28 15.02
C GLY H 127 -8.81 -43.56 16.16
N VAL H 128 -7.86 -44.25 16.77
CA VAL H 128 -7.18 -43.75 17.95
C VAL H 128 -5.70 -43.58 17.65
N LYS H 129 -5.01 -42.75 18.44
CA LYS H 129 -3.59 -42.51 18.26
C LYS H 129 -2.77 -43.33 19.26
N ASN H 130 -2.08 -44.35 18.77
CA ASN H 130 -1.26 -45.23 19.60
C ASN H 130 0.17 -45.29 19.09
N GLY H 131 1.08 -45.77 19.92
CA GLY H 131 2.46 -45.94 19.48
C GLY H 131 2.98 -44.60 18.99
N ASN H 132 3.02 -43.60 19.87
CA ASN H 132 3.15 -42.21 19.46
C ASN H 132 4.18 -42.01 18.36
N PHE H 133 5.26 -42.77 18.41
CA PHE H 133 6.20 -42.74 17.31
C PHE H 133 5.92 -43.95 16.42
N THR H 134 5.28 -43.64 15.29
CA THR H 134 4.85 -44.64 14.32
C THR H 134 5.66 -44.40 13.08
N LEU H 135 6.35 -45.44 12.60
CA LEU H 135 7.38 -45.29 11.60
C LEU H 135 6.89 -44.56 10.35
N GLU H 136 7.62 -43.51 9.99
CA GLU H 136 7.37 -42.80 8.75
C GLU H 136 8.49 -43.15 7.78
N LEU H 137 8.12 -43.68 6.60
CA LEU H 137 9.06 -43.86 5.50
C LEU H 137 9.13 -42.61 4.66
N ASP H 138 10.31 -42.02 4.54
CA ASP H 138 10.48 -40.87 3.67
C ASP H 138 11.74 -41.02 2.83
N PHE H 139 11.58 -41.15 1.52
CA PHE H 139 12.76 -41.28 0.66
C PHE H 139 13.25 -39.95 0.05
N GLU H 140 12.47 -38.90 0.17
CA GLU H 140 12.75 -37.66 -0.54
C GLU H 140 14.14 -37.13 -0.21
N PRO H 141 14.45 -37.00 1.08
CA PRO H 141 15.76 -36.46 1.49
C PRO H 141 16.89 -37.33 0.98
N PHE H 142 16.60 -38.58 0.64
CA PHE H 142 17.64 -39.50 0.20
C PHE H 142 18.03 -39.30 -1.26
N ASN H 143 17.09 -38.87 -2.08
CA ASN H 143 17.51 -38.31 -3.35
C ASN H 143 17.13 -36.84 -3.51
N ALA H 144 18.04 -35.96 -3.13
CA ALA H 144 18.17 -34.62 -3.68
C ALA H 144 19.40 -34.74 -4.57
N SER H 145 19.94 -35.96 -4.60
CA SER H 145 21.24 -36.26 -5.17
C SER H 145 21.39 -35.59 -6.52
N ILE H 146 20.31 -35.62 -7.28
CA ILE H 146 20.25 -34.95 -8.56
C ILE H 146 18.99 -34.12 -8.56
N PRO H 147 18.96 -33.03 -9.36
CA PRO H 147 17.74 -32.25 -9.47
C PRO H 147 16.67 -33.09 -10.18
N ARG H 148 15.41 -32.74 -10.00
CA ARG H 148 14.37 -33.50 -10.66
C ARG H 148 13.58 -32.63 -11.63
N PRO H 149 13.16 -33.22 -12.74
CA PRO H 149 12.32 -32.55 -13.73
C PRO H 149 10.96 -32.17 -13.15
N THR H 150 10.49 -30.95 -13.44
CA THR H 150 9.11 -30.60 -13.15
C THR H 150 8.25 -30.71 -14.41
N LEU H 151 8.87 -31.04 -15.54
CA LEU H 151 8.17 -31.12 -16.83
C LEU H 151 7.65 -32.53 -17.18
N HIS H 152 6.38 -32.58 -17.57
CA HIS H 152 5.69 -33.79 -18.03
C HIS H 152 6.53 -34.58 -19.07
N LYS H 153 7.20 -33.86 -19.98
CA LYS H 153 7.93 -34.52 -21.07
C LYS H 153 9.03 -35.43 -20.57
N TYR H 154 9.42 -35.26 -19.31
CA TYR H 154 10.48 -36.10 -18.76
C TYR H 154 10.00 -37.31 -17.94
N ILE H 155 8.68 -37.43 -17.72
CA ILE H 155 8.15 -38.55 -16.96
C ILE H 155 8.22 -39.79 -17.82
N GLY H 156 8.94 -40.80 -17.35
CA GLY H 156 9.20 -41.98 -18.16
C GLY H 156 10.27 -41.71 -19.21
N ASN H 157 10.74 -40.47 -19.26
CA ASN H 157 11.88 -40.08 -20.11
C ASN H 157 13.24 -39.88 -19.44
N GLY H 158 13.35 -40.32 -18.18
CA GLY H 158 14.48 -40.00 -17.33
C GLY H 158 15.88 -40.11 -17.90
N VAL H 159 16.12 -41.05 -18.81
CA VAL H 159 17.47 -41.18 -19.33
C VAL H 159 17.83 -39.88 -20.04
N ASP H 160 16.89 -39.32 -20.78
CA ASP H 160 17.10 -38.04 -21.45
C ASP H 160 17.54 -36.95 -20.49
N PHE H 161 16.91 -36.94 -19.32
CA PHE H 161 17.22 -35.93 -18.32
C PHE H 161 18.60 -36.17 -17.74
N LEU H 162 18.84 -37.38 -17.24
CA LEU H 162 20.12 -37.75 -16.68
C LEU H 162 21.25 -37.50 -17.69
N ASN H 163 20.97 -37.74 -18.96
CA ASN H 163 21.93 -37.44 -20.03
C ASN H 163 22.32 -35.97 -20.10
N ARG H 164 21.33 -35.09 -20.00
CA ARG H 164 21.56 -33.65 -20.01
C ARG H 164 22.28 -33.20 -18.75
N HIS H 165 21.90 -33.79 -17.62
CA HIS H 165 22.57 -33.51 -16.36
C HIS H 165 24.03 -33.97 -16.38
N LEU H 166 24.29 -35.19 -16.84
CA LEU H 166 25.66 -35.70 -16.93
C LEU H 166 26.51 -34.90 -17.91
N SER H 167 25.94 -34.63 -19.07
CA SER H 167 26.59 -33.80 -20.08
C SER H 167 27.06 -32.47 -19.47
N ALA H 168 26.21 -31.85 -18.66
CA ALA H 168 26.57 -30.60 -18.02
C ALA H 168 27.67 -30.77 -16.96
N LYS H 169 27.51 -31.76 -16.09
CA LYS H 169 28.47 -32.02 -15.02
C LYS H 169 29.84 -32.38 -15.60
N LEU H 170 29.83 -33.02 -16.77
CA LEU H 170 31.08 -33.44 -17.38
C LEU H 170 31.78 -32.33 -18.14
N PHE H 171 31.17 -31.16 -18.24
CA PHE H 171 31.78 -30.12 -19.08
C PHE H 171 32.93 -29.51 -18.32
N HIS H 172 34.12 -29.70 -18.89
CA HIS H 172 35.37 -29.23 -18.33
C HIS H 172 35.47 -29.36 -16.81
N ASP H 173 35.42 -30.59 -16.34
CA ASP H 173 35.70 -30.91 -14.95
C ASP H 173 36.77 -31.98 -14.95
N LYS H 174 37.97 -31.62 -14.52
CA LYS H 174 39.01 -32.61 -14.33
C LYS H 174 38.36 -33.66 -13.45
N GLU H 175 37.99 -33.25 -12.24
CA GLU H 175 37.36 -34.11 -11.25
C GLU H 175 36.20 -34.92 -11.82
N SER H 176 35.40 -34.29 -12.69
CA SER H 176 34.18 -34.94 -13.19
C SER H 176 34.39 -35.97 -14.31
N LEU H 177 35.46 -35.79 -15.08
CA LEU H 177 35.77 -36.70 -16.19
C LEU H 177 36.56 -37.94 -15.75
N LEU H 178 37.12 -37.90 -14.54
CA LEU H 178 37.97 -38.98 -14.03
C LEU H 178 37.30 -40.34 -13.96
N PRO H 179 36.04 -40.39 -13.51
CA PRO H 179 35.28 -41.64 -13.44
C PRO H 179 35.13 -42.32 -14.80
N LEU H 180 34.92 -41.53 -15.85
CA LEU H 180 34.73 -42.08 -17.18
C LEU H 180 36.00 -42.75 -17.66
N LEU H 181 37.14 -42.15 -17.31
CA LEU H 181 38.41 -42.79 -17.57
C LEU H 181 38.48 -44.07 -16.78
N LYS H 182 38.36 -43.97 -15.46
CA LYS H 182 38.43 -45.14 -14.59
C LYS H 182 37.50 -46.23 -15.09
N PHE H 183 36.28 -45.83 -15.43
CA PHE H 183 35.29 -46.74 -15.96
C PHE H 183 35.90 -47.52 -17.12
N LEU H 184 36.42 -46.81 -18.11
CA LEU H 184 36.94 -47.43 -19.32
C LEU H 184 38.21 -48.22 -19.05
N ARG H 185 38.92 -47.83 -17.98
CA ARG H 185 40.23 -48.39 -17.67
C ARG H 185 40.12 -49.74 -16.99
N LEU H 186 39.18 -49.85 -16.07
CA LEU H 186 38.97 -51.09 -15.34
C LEU H 186 38.18 -52.06 -16.21
N HIS H 187 37.44 -51.51 -17.16
CA HIS H 187 36.48 -52.31 -17.92
C HIS H 187 37.12 -53.55 -18.58
N SER H 188 36.55 -54.71 -18.25
CA SER H 188 37.13 -55.97 -18.66
C SER H 188 36.04 -57.04 -18.67
N HIS H 189 36.28 -58.12 -19.39
CA HIS H 189 35.37 -59.24 -19.31
C HIS H 189 36.07 -60.58 -19.38
N GLN H 190 35.75 -61.46 -18.43
CA GLN H 190 36.31 -62.81 -18.43
C GLN H 190 37.84 -62.76 -18.47
N GLY H 191 38.40 -61.82 -17.72
CA GLY H 191 39.84 -61.69 -17.61
C GLY H 191 40.55 -61.19 -18.87
N LYS H 192 39.78 -60.58 -19.76
CA LYS H 192 40.34 -59.99 -20.98
C LYS H 192 40.06 -58.49 -20.99
N ASN H 193 41.07 -57.67 -21.28
CA ASN H 193 40.95 -56.22 -21.15
C ASN H 193 40.22 -55.56 -22.29
N LEU H 194 39.40 -54.56 -21.97
CA LEU H 194 38.62 -53.83 -22.97
C LEU H 194 38.87 -52.33 -22.90
N MET H 195 38.59 -51.63 -24.00
CA MET H 195 38.74 -50.17 -24.03
C MET H 195 40.19 -49.70 -23.73
N LEU H 196 40.41 -49.06 -22.58
CA LEU H 196 41.76 -48.61 -22.21
C LEU H 196 42.48 -49.61 -21.32
N SER H 197 43.80 -49.76 -21.52
CA SER H 197 44.64 -50.62 -20.66
C SER H 197 45.15 -49.84 -19.44
N GLU H 198 45.98 -50.49 -18.62
CA GLU H 198 46.51 -49.84 -17.43
C GLU H 198 47.55 -48.78 -17.73
N LYS H 199 47.92 -48.68 -19.00
CA LYS H 199 48.89 -47.67 -19.45
C LYS H 199 48.40 -46.23 -19.31
N ILE H 200 47.09 -46.02 -19.27
CA ILE H 200 46.56 -44.66 -19.21
C ILE H 200 46.14 -44.33 -17.79
N GLN H 201 46.95 -43.53 -17.10
CA GLN H 201 46.66 -43.18 -15.71
C GLN H 201 46.03 -41.80 -15.51
N ASN H 202 45.92 -41.02 -16.58
CA ASN H 202 45.41 -39.65 -16.47
C ASN H 202 44.84 -39.07 -17.77
N LEU H 203 44.00 -38.04 -17.61
CA LEU H 203 43.27 -37.45 -18.73
C LEU H 203 44.20 -37.02 -19.87
N ASN H 204 45.37 -36.51 -19.51
CA ASN H 204 46.34 -36.05 -20.50
C ASN H 204 46.80 -37.19 -21.42
N THR H 205 47.31 -38.25 -20.83
CA THR H 205 47.75 -39.42 -21.59
C THR H 205 46.60 -39.92 -22.46
N LEU H 206 45.42 -39.99 -21.86
CA LEU H 206 44.24 -40.51 -22.54
C LEU H 206 43.88 -39.67 -23.76
N GLN H 207 44.05 -38.36 -23.63
CA GLN H 207 43.70 -37.44 -24.70
C GLN H 207 44.74 -37.53 -25.80
N HIS H 208 45.98 -37.76 -25.41
CA HIS H 208 47.07 -37.89 -26.37
C HIS H 208 46.88 -39.15 -27.21
N THR H 209 46.53 -40.24 -26.55
CA THR H 209 46.37 -41.52 -27.22
C THR H 209 45.24 -41.51 -28.25
N LEU H 210 44.08 -40.98 -27.86
CA LEU H 210 42.94 -40.90 -28.76
C LEU H 210 43.30 -40.09 -30.00
N ARG H 211 43.85 -38.90 -29.77
CA ARG H 211 44.31 -38.04 -30.85
C ARG H 211 45.31 -38.77 -31.76
N LYS H 212 46.25 -39.48 -31.15
CA LYS H 212 47.27 -40.21 -31.91
C LYS H 212 46.61 -41.34 -32.69
N ALA H 213 45.59 -41.94 -32.08
CA ALA H 213 44.85 -43.00 -32.73
C ALA H 213 44.03 -42.45 -33.89
N GLU H 214 43.37 -41.31 -33.67
CA GLU H 214 42.58 -40.71 -34.75
C GLU H 214 43.45 -40.49 -35.99
N GLU H 215 44.61 -39.88 -35.77
CA GLU H 215 45.56 -39.64 -36.86
C GLU H 215 45.74 -40.93 -37.64
N TYR H 216 46.31 -41.94 -36.98
CA TYR H 216 46.60 -43.23 -37.59
C TYR H 216 45.41 -43.74 -38.42
N LEU H 217 44.29 -43.99 -37.75
CA LEU H 217 43.14 -44.57 -38.42
C LEU H 217 42.64 -43.71 -39.57
N ALA H 218 42.66 -42.39 -39.38
CA ALA H 218 42.12 -41.47 -40.37
C ALA H 218 42.76 -41.70 -41.74
N GLU H 219 43.97 -42.25 -41.73
CA GLU H 219 44.68 -42.57 -42.96
C GLU H 219 44.24 -43.90 -43.59
N LEU H 220 43.97 -44.91 -42.76
CA LEU H 220 43.68 -46.27 -43.23
C LEU H 220 42.32 -46.41 -43.93
N LYS H 221 42.17 -47.47 -44.73
CA LYS H 221 40.93 -47.73 -45.47
C LYS H 221 39.77 -48.08 -44.55
N SER H 222 38.58 -47.59 -44.90
CA SER H 222 37.41 -47.69 -44.01
C SER H 222 37.12 -49.09 -43.48
N GLU H 223 37.30 -50.10 -44.32
CA GLU H 223 36.89 -51.46 -43.96
C GLU H 223 38.00 -52.26 -43.27
N THR H 224 39.15 -51.64 -43.05
CA THR H 224 40.28 -52.37 -42.50
C THR H 224 39.91 -53.01 -41.15
N LEU H 225 40.06 -54.33 -41.06
CA LEU H 225 39.64 -55.07 -39.86
C LEU H 225 40.57 -54.72 -38.69
N TYR H 226 39.99 -54.63 -37.50
CA TYR H 226 40.70 -54.21 -36.30
C TYR H 226 42.02 -54.95 -36.12
N GLU H 227 42.05 -56.21 -36.53
CA GLU H 227 43.24 -57.06 -36.36
C GLU H 227 44.52 -56.37 -36.80
N GLU H 228 44.47 -55.71 -37.96
CA GLU H 228 45.64 -55.00 -38.49
C GLU H 228 46.25 -54.08 -37.43
N PHE H 229 45.50 -53.05 -37.05
CA PHE H 229 46.06 -52.00 -36.21
C PHE H 229 46.07 -52.33 -34.71
N GLU H 230 45.63 -53.54 -34.39
CA GLU H 230 45.63 -54.01 -33.00
C GLU H 230 47.00 -53.82 -32.35
N ALA H 231 48.02 -54.34 -33.01
CA ALA H 231 49.38 -54.26 -32.51
C ALA H 231 49.72 -52.83 -32.12
N LYS H 232 49.51 -51.91 -33.07
CA LYS H 232 49.77 -50.49 -32.83
C LYS H 232 48.95 -49.96 -31.65
N PHE H 233 47.63 -50.14 -31.70
CA PHE H 233 46.75 -49.66 -30.65
C PHE H 233 47.26 -50.12 -29.29
N GLU H 234 47.45 -51.44 -29.16
CA GLU H 234 47.88 -52.02 -27.89
C GLU H 234 49.07 -51.26 -27.32
N GLU H 235 50.02 -50.93 -28.20
CA GLU H 235 51.21 -50.18 -27.80
C GLU H 235 50.82 -48.89 -27.11
N ILE H 236 49.91 -48.15 -27.73
CA ILE H 236 49.55 -46.82 -27.26
C ILE H 236 48.48 -46.87 -26.16
N GLY H 237 48.13 -48.09 -25.74
CA GLY H 237 47.25 -48.27 -24.60
C GLY H 237 45.80 -48.63 -24.90
N LEU H 238 45.51 -49.03 -26.13
CA LEU H 238 44.13 -49.35 -26.52
C LEU H 238 43.83 -50.84 -26.66
N GLU H 239 43.00 -51.34 -25.75
CA GLU H 239 42.51 -52.71 -25.82
C GLU H 239 41.24 -52.80 -26.68
N ARG H 240 40.75 -54.01 -26.92
CA ARG H 240 39.66 -54.23 -27.87
C ARG H 240 38.31 -53.65 -27.46
N GLY H 241 37.38 -53.57 -28.42
CA GLY H 241 36.04 -53.12 -28.15
C GLY H 241 35.64 -51.76 -28.69
N TRP H 242 36.53 -51.12 -29.42
CA TRP H 242 36.21 -49.84 -30.04
C TRP H 242 35.42 -50.01 -31.33
N GLY H 243 35.57 -51.17 -31.96
CA GLY H 243 34.87 -51.44 -33.20
C GLY H 243 35.47 -52.62 -33.93
N ASP H 244 34.75 -53.14 -34.93
CA ASP H 244 35.23 -54.28 -35.70
C ASP H 244 36.19 -53.88 -36.83
N ASN H 245 35.86 -52.79 -37.52
CA ASN H 245 36.74 -52.23 -38.54
C ASN H 245 37.19 -50.82 -38.15
N ALA H 246 37.92 -50.15 -39.04
CA ALA H 246 38.49 -48.84 -38.74
C ALA H 246 37.44 -47.72 -38.71
N GLU H 247 36.49 -47.78 -39.63
CA GLU H 247 35.42 -46.81 -39.65
C GLU H 247 34.79 -46.70 -38.26
N ARG H 248 34.44 -47.85 -37.68
CA ARG H 248 33.75 -47.85 -36.40
C ARG H 248 34.64 -47.33 -35.28
N VAL H 249 35.84 -47.90 -35.17
CA VAL H 249 36.78 -47.51 -34.12
C VAL H 249 37.05 -46.01 -34.18
N LEU H 250 37.15 -45.46 -35.39
CA LEU H 250 37.34 -44.03 -35.57
C LEU H 250 36.16 -43.24 -34.97
N ASP H 251 34.95 -43.56 -35.43
CA ASP H 251 33.74 -42.92 -34.91
C ASP H 251 33.71 -42.93 -33.38
N MET H 252 34.04 -44.08 -32.80
CA MET H 252 34.01 -44.23 -31.35
C MET H 252 35.13 -43.46 -30.70
N ILE H 253 36.23 -43.27 -31.39
CA ILE H 253 37.34 -42.52 -30.81
C ILE H 253 36.97 -41.05 -30.77
N ARG H 254 36.37 -40.57 -31.84
CA ARG H 254 35.93 -39.17 -31.90
C ARG H 254 34.88 -38.81 -30.82
N LEU H 255 33.87 -39.65 -30.63
CA LEU H 255 32.88 -39.44 -29.58
C LEU H 255 33.54 -39.17 -28.25
N LEU H 256 34.61 -39.92 -27.96
CA LEU H 256 35.25 -39.81 -26.67
C LEU H 256 36.07 -38.53 -26.59
N LEU H 257 36.76 -38.18 -27.67
CA LEU H 257 37.49 -36.93 -27.71
C LEU H 257 36.51 -35.80 -27.45
N ASP H 258 35.32 -35.94 -28.04
CA ASP H 258 34.24 -34.99 -27.88
C ASP H 258 33.81 -34.84 -26.43
N LEU H 259 33.58 -35.97 -25.75
CA LEU H 259 33.18 -35.94 -24.36
C LEU H 259 34.21 -35.28 -23.48
N LEU H 260 35.48 -35.45 -23.83
CA LEU H 260 36.57 -34.88 -23.05
C LEU H 260 36.66 -33.37 -23.24
N GLU H 261 36.12 -32.91 -24.36
CA GLU H 261 36.27 -31.52 -24.80
C GLU H 261 35.01 -30.66 -24.59
N ALA H 262 33.93 -31.05 -25.29
CA ALA H 262 32.67 -30.32 -25.25
C ALA H 262 31.51 -31.32 -25.26
N PRO H 263 31.28 -31.96 -24.10
CA PRO H 263 30.22 -32.96 -23.93
C PRO H 263 28.85 -32.43 -24.27
N ASP H 264 28.01 -33.26 -24.87
CA ASP H 264 26.60 -32.95 -25.06
C ASP H 264 25.81 -34.25 -24.96
N PRO H 265 24.49 -34.17 -24.67
CA PRO H 265 23.69 -35.35 -24.37
C PRO H 265 23.71 -36.40 -25.48
N CYS H 266 23.54 -35.98 -26.73
CA CYS H 266 23.47 -36.93 -27.84
C CYS H 266 24.74 -37.77 -27.91
N THR H 267 25.89 -37.11 -27.81
CA THR H 267 27.15 -37.82 -27.82
C THR H 267 27.26 -38.80 -26.63
N LEU H 268 27.14 -38.27 -25.42
CA LEU H 268 27.28 -39.09 -24.22
C LEU H 268 26.46 -40.38 -24.26
N GLU H 269 25.17 -40.27 -24.55
CA GLU H 269 24.31 -41.44 -24.65
C GLU H 269 24.88 -42.43 -25.66
N THR H 270 25.20 -41.92 -26.83
CA THR H 270 25.69 -42.76 -27.91
C THR H 270 26.93 -43.52 -27.48
N PHE H 271 27.91 -42.80 -26.95
CA PHE H 271 29.12 -43.45 -26.51
C PHE H 271 28.80 -44.53 -25.47
N LEU H 272 28.02 -44.18 -24.46
CA LEU H 272 27.80 -45.08 -23.35
C LEU H 272 27.02 -46.31 -23.79
N GLY H 273 26.01 -46.09 -24.62
CA GLY H 273 25.22 -47.19 -25.12
C GLY H 273 26.02 -48.05 -26.06
N ARG H 274 27.09 -47.49 -26.61
CA ARG H 274 27.96 -48.20 -27.55
C ARG H 274 29.05 -49.09 -26.91
N VAL H 275 29.57 -48.68 -25.76
CA VAL H 275 30.63 -49.45 -25.11
C VAL H 275 30.12 -50.85 -24.83
N PRO H 276 30.91 -51.88 -25.16
CA PRO H 276 30.47 -53.24 -24.81
C PRO H 276 30.41 -53.44 -23.30
N MET H 277 29.24 -53.81 -22.81
CA MET H 277 29.00 -53.93 -21.38
C MET H 277 28.31 -55.24 -21.07
N VAL H 278 27.15 -55.42 -21.70
CA VAL H 278 26.22 -56.48 -21.34
C VAL H 278 26.48 -57.78 -22.11
N PHE H 279 26.98 -58.77 -21.39
CA PHE H 279 27.34 -60.09 -21.94
C PHE H 279 26.58 -61.17 -21.20
N ASN H 280 26.77 -61.24 -19.89
CA ASN H 280 25.94 -62.07 -19.02
C ASN H 280 24.73 -61.28 -18.49
N VAL H 281 23.53 -61.81 -18.72
CA VAL H 281 22.33 -61.15 -18.23
C VAL H 281 21.58 -62.12 -17.32
N VAL H 282 21.28 -61.69 -16.10
CA VAL H 282 20.45 -62.47 -15.19
C VAL H 282 19.05 -61.85 -15.07
N ILE H 283 18.02 -62.68 -15.18
CA ILE H 283 16.63 -62.22 -15.13
C ILE H 283 15.86 -63.00 -14.05
N LEU H 284 15.29 -62.27 -13.10
CA LEU H 284 14.60 -62.89 -11.96
C LEU H 284 13.09 -62.97 -12.15
N SER H 285 12.55 -64.18 -12.11
CA SER H 285 11.11 -64.40 -12.19
C SER H 285 10.65 -65.63 -11.38
N PRO H 286 10.77 -65.60 -10.05
CA PRO H 286 10.55 -66.79 -9.20
C PRO H 286 9.16 -67.47 -9.21
N HIS H 287 8.07 -66.71 -9.08
CA HIS H 287 6.74 -67.31 -8.89
C HIS H 287 6.14 -67.88 -10.16
N GLY H 288 4.97 -68.52 -10.01
CA GLY H 288 4.27 -69.17 -11.12
C GLY H 288 4.92 -70.45 -11.61
N TYR H 289 4.36 -71.05 -12.65
CA TYR H 289 5.00 -72.16 -13.32
C TYR H 289 5.63 -71.58 -14.58
N PHE H 290 6.93 -71.34 -14.55
CA PHE H 290 7.54 -70.62 -15.65
C PHE H 290 8.04 -71.62 -16.65
N ALA H 291 7.42 -71.65 -17.84
CA ALA H 291 7.82 -72.62 -18.85
C ALA H 291 7.38 -72.22 -20.23
N GLN H 292 7.79 -73.02 -21.22
CA GLN H 292 7.53 -72.72 -22.62
C GLN H 292 6.35 -73.46 -23.23
N ASP H 293 5.76 -74.38 -22.48
CA ASP H 293 4.62 -75.17 -22.93
C ASP H 293 3.84 -75.67 -21.73
N ASN H 294 2.55 -75.95 -21.94
CA ASN H 294 1.73 -76.59 -20.91
C ASN H 294 1.56 -75.80 -19.61
N VAL H 295 1.68 -74.48 -19.68
CA VAL H 295 1.62 -73.61 -18.50
C VAL H 295 0.64 -72.44 -18.60
N LEU H 296 0.75 -71.66 -19.67
CA LEU H 296 0.00 -70.40 -19.74
C LEU H 296 -1.47 -70.54 -19.35
N GLY H 297 -1.91 -69.70 -18.41
CA GLY H 297 -3.26 -69.75 -17.90
C GLY H 297 -3.36 -70.34 -16.50
N TYR H 298 -2.34 -71.08 -16.08
CA TYR H 298 -2.26 -71.56 -14.70
C TYR H 298 -2.22 -70.34 -13.79
N PRO H 299 -2.58 -70.51 -12.51
CA PRO H 299 -2.42 -69.44 -11.54
C PRO H 299 -1.04 -68.80 -11.60
N ASP H 300 -0.99 -67.48 -11.50
CA ASP H 300 0.29 -66.81 -11.38
C ASP H 300 1.11 -66.93 -12.66
N THR H 301 0.57 -67.64 -13.65
CA THR H 301 1.29 -67.92 -14.88
C THR H 301 0.58 -67.33 -16.11
N GLY H 302 1.25 -66.39 -16.78
CA GLY H 302 0.58 -65.43 -17.64
C GLY H 302 1.54 -64.52 -18.39
N GLY H 303 1.05 -63.31 -18.69
CA GLY H 303 1.78 -62.30 -19.45
C GLY H 303 3.22 -61.97 -19.05
N GLN H 304 3.57 -62.12 -17.77
CA GLN H 304 4.96 -61.93 -17.35
C GLN H 304 5.90 -62.94 -18.00
N VAL H 305 5.41 -64.17 -18.18
CA VAL H 305 6.23 -65.21 -18.76
C VAL H 305 6.35 -64.96 -20.26
N VAL H 306 5.22 -64.61 -20.87
CA VAL H 306 5.20 -64.33 -22.29
C VAL H 306 6.14 -63.17 -22.60
N TYR H 307 6.11 -62.16 -21.73
CA TYR H 307 6.95 -60.97 -21.83
C TYR H 307 8.45 -61.33 -21.79
N ILE H 308 8.86 -62.07 -20.75
CA ILE H 308 10.27 -62.44 -20.59
C ILE H 308 10.84 -63.32 -21.70
N LEU H 309 10.11 -64.35 -22.12
CA LEU H 309 10.56 -65.16 -23.25
C LEU H 309 10.74 -64.31 -24.53
N ASP H 310 9.76 -63.48 -24.87
CA ASP H 310 9.91 -62.56 -25.99
C ASP H 310 11.11 -61.65 -25.77
N GLN H 311 11.22 -61.11 -24.55
CA GLN H 311 12.30 -60.23 -24.16
C GLN H 311 13.67 -60.88 -24.39
N VAL H 312 13.90 -62.02 -23.73
CA VAL H 312 15.22 -62.63 -23.78
C VAL H 312 15.63 -62.93 -25.21
N ARG H 313 14.69 -63.37 -26.03
CA ARG H 313 14.99 -63.69 -27.43
C ARG H 313 15.48 -62.45 -28.18
N ALA H 314 14.70 -61.37 -28.06
CA ALA H 314 15.02 -60.10 -28.72
C ALA H 314 16.33 -59.52 -28.19
N LEU H 315 16.56 -59.74 -26.89
CA LEU H 315 17.74 -59.22 -26.25
C LEU H 315 18.98 -59.91 -26.79
N GLU H 316 18.89 -61.22 -26.97
CA GLU H 316 20.03 -62.00 -27.43
C GLU H 316 20.48 -61.57 -28.82
N ILE H 317 19.51 -61.28 -29.68
CA ILE H 317 19.83 -60.86 -31.03
C ILE H 317 20.61 -59.55 -31.03
N GLU H 318 20.17 -58.58 -30.24
CA GLU H 318 20.86 -57.31 -30.12
C GLU H 318 22.23 -57.48 -29.47
N MET H 319 22.28 -58.30 -28.42
CA MET H 319 23.54 -58.54 -27.72
C MET H 319 24.61 -59.11 -28.66
N LEU H 320 24.22 -60.08 -29.48
CA LEU H 320 25.17 -60.67 -30.41
C LEU H 320 25.71 -59.63 -31.38
N GLN H 321 24.82 -58.77 -31.87
CA GLN H 321 25.18 -57.80 -32.89
C GLN H 321 26.12 -56.73 -32.35
N ARG H 322 25.79 -56.20 -31.18
CA ARG H 322 26.68 -55.22 -30.55
C ARG H 322 28.04 -55.85 -30.39
N ILE H 323 28.08 -57.03 -29.77
CA ILE H 323 29.34 -57.71 -29.52
C ILE H 323 30.18 -57.78 -30.79
N LYS H 324 29.55 -58.12 -31.91
CA LYS H 324 30.24 -58.21 -33.18
C LYS H 324 30.70 -56.82 -33.66
N GLN H 325 29.78 -55.87 -33.65
CA GLN H 325 30.08 -54.50 -34.09
C GLN H 325 31.34 -53.92 -33.43
N GLN H 326 31.58 -54.27 -32.18
CA GLN H 326 32.71 -53.72 -31.43
C GLN H 326 33.99 -54.56 -31.51
N GLY H 327 33.95 -55.65 -32.30
CA GLY H 327 35.14 -56.44 -32.55
C GLY H 327 35.46 -57.46 -31.48
N LEU H 328 34.42 -58.00 -30.85
CA LEU H 328 34.58 -58.99 -29.79
C LEU H 328 34.03 -60.34 -30.22
N ASN H 329 34.66 -61.43 -29.79
CA ASN H 329 34.07 -62.76 -29.97
C ASN H 329 33.36 -63.40 -28.77
N ILE H 330 33.24 -62.65 -27.69
CA ILE H 330 32.61 -63.15 -26.47
C ILE H 330 31.25 -63.81 -26.68
N LYS H 331 31.04 -64.91 -25.99
CA LYS H 331 29.78 -65.65 -26.05
C LYS H 331 28.87 -65.23 -24.90
N PRO H 332 27.67 -64.73 -25.25
CA PRO H 332 26.72 -64.19 -24.27
C PRO H 332 26.01 -65.31 -23.52
N ARG H 333 25.37 -64.96 -22.41
CA ARG H 333 24.48 -65.88 -21.72
C ARG H 333 23.33 -65.08 -21.13
N ILE H 334 22.09 -65.56 -21.27
CA ILE H 334 20.96 -64.96 -20.56
C ILE H 334 20.24 -66.01 -19.72
N LEU H 335 20.18 -65.77 -18.41
CA LEU H 335 19.60 -66.75 -17.50
C LEU H 335 18.29 -66.27 -16.87
N ILE H 336 17.19 -66.97 -17.12
CA ILE H 336 15.96 -66.66 -16.42
C ILE H 336 15.93 -67.54 -15.17
N LEU H 337 16.10 -66.90 -14.01
CA LEU H 337 16.12 -67.60 -12.74
C LEU H 337 14.71 -67.77 -12.21
N THR H 338 14.28 -69.00 -11.98
CA THR H 338 12.97 -69.19 -11.37
C THR H 338 12.96 -70.38 -10.42
N ARG H 339 11.78 -70.77 -9.95
CA ARG H 339 11.66 -71.83 -8.96
C ARG H 339 11.56 -73.19 -9.59
N LEU H 340 12.15 -74.17 -8.92
CA LEU H 340 12.09 -75.55 -9.38
C LEU H 340 10.85 -76.20 -8.77
N LEU H 341 9.88 -76.54 -9.61
CA LEU H 341 8.68 -77.20 -9.13
C LEU H 341 8.76 -78.68 -9.51
N PRO H 342 9.12 -79.52 -8.55
CA PRO H 342 9.42 -80.94 -8.81
C PRO H 342 8.18 -81.77 -9.09
N ASP H 343 7.05 -81.40 -8.52
CA ASP H 343 5.82 -82.18 -8.63
C ASP H 343 4.86 -81.68 -9.71
N ALA H 344 5.27 -80.69 -10.50
CA ALA H 344 4.37 -80.17 -11.51
C ALA H 344 4.59 -81.01 -12.73
N VAL H 345 3.56 -81.77 -13.09
CA VAL H 345 3.74 -82.79 -14.11
C VAL H 345 3.08 -82.39 -15.41
N GLY H 346 3.68 -82.80 -16.51
CA GLY H 346 3.25 -82.32 -17.81
C GLY H 346 3.96 -81.02 -18.09
N THR H 347 4.75 -80.53 -17.13
CA THR H 347 5.59 -79.37 -17.42
C THR H 347 7.08 -79.73 -17.37
N THR H 348 7.91 -78.78 -17.75
CA THR H 348 9.36 -78.91 -17.63
C THR H 348 9.84 -78.22 -16.35
N CYS H 349 8.88 -77.75 -15.56
CA CYS H 349 9.17 -76.94 -14.38
C CYS H 349 10.04 -77.69 -13.37
N GLY H 350 10.25 -78.98 -13.59
CA GLY H 350 11.04 -79.77 -12.67
C GLY H 350 12.52 -79.87 -12.98
N GLU H 351 12.93 -79.45 -14.18
CA GLU H 351 14.33 -79.56 -14.57
C GLU H 351 15.12 -78.26 -14.37
N ARG H 352 16.37 -78.40 -13.95
CA ARG H 352 17.22 -77.27 -13.59
C ARG H 352 17.51 -76.29 -14.74
N LEU H 353 17.69 -76.79 -15.96
CA LEU H 353 18.11 -75.94 -17.07
C LEU H 353 17.37 -76.25 -18.37
N GLU H 354 16.85 -75.22 -19.02
CA GLU H 354 16.08 -75.42 -20.25
C GLU H 354 16.38 -74.36 -21.29
N ARG H 355 16.83 -74.78 -22.48
CA ARG H 355 17.08 -73.84 -23.56
C ARG H 355 15.76 -73.22 -24.03
N VAL H 356 15.73 -71.89 -24.14
CA VAL H 356 14.56 -71.16 -24.61
C VAL H 356 14.45 -71.34 -26.10
N TYR H 357 13.26 -71.70 -26.56
CA TYR H 357 13.04 -72.00 -27.96
C TYR H 357 13.52 -70.88 -28.87
N ASP H 358 14.13 -71.27 -29.98
CA ASP H 358 14.52 -70.31 -30.99
C ASP H 358 15.61 -69.36 -30.55
N SER H 359 16.48 -69.80 -29.66
CA SER H 359 17.63 -68.99 -29.28
C SER H 359 18.86 -69.85 -29.04
N GLU H 360 20.03 -69.28 -29.27
CA GLU H 360 21.28 -69.94 -28.96
C GLU H 360 21.74 -69.77 -27.50
N TYR H 361 21.64 -68.56 -26.96
CA TYR H 361 22.21 -68.26 -25.63
C TYR H 361 21.31 -68.10 -24.36
N CYS H 362 20.00 -68.27 -24.48
CA CYS H 362 19.09 -68.07 -23.34
C CYS H 362 18.63 -69.37 -22.68
N ASP H 363 18.98 -69.54 -21.40
CA ASP H 363 18.55 -70.74 -20.67
C ASP H 363 17.75 -70.41 -19.43
N ILE H 364 16.65 -71.12 -19.22
CA ILE H 364 15.94 -71.06 -17.96
C ILE H 364 16.70 -71.87 -16.91
N LEU H 365 16.93 -71.25 -15.76
CA LEU H 365 17.68 -71.89 -14.70
C LEU H 365 16.79 -72.00 -13.48
N ARG H 366 16.43 -73.22 -13.10
CA ARG H 366 15.51 -73.42 -11.98
C ARG H 366 16.21 -73.83 -10.68
N VAL H 367 15.90 -73.12 -9.61
CA VAL H 367 16.46 -73.39 -8.29
C VAL H 367 15.32 -73.60 -7.31
N PRO H 368 15.46 -74.59 -6.42
CA PRO H 368 14.35 -74.89 -5.50
C PRO H 368 14.26 -73.94 -4.33
N PHE H 369 13.03 -73.71 -3.85
CA PHE H 369 12.79 -73.17 -2.53
C PHE H 369 13.19 -74.25 -1.54
N ARG H 370 13.75 -73.86 -0.40
CA ARG H 370 14.01 -74.84 0.64
C ARG H 370 13.99 -74.22 2.03
N THR H 371 14.18 -75.05 3.05
CA THR H 371 14.32 -74.59 4.42
C THR H 371 15.29 -75.49 5.16
N GLU H 372 15.36 -75.32 6.48
CA GLU H 372 16.25 -76.14 7.29
C GLU H 372 15.96 -77.61 7.07
N LYS H 373 14.71 -77.91 6.73
CA LYS H 373 14.24 -79.28 6.65
C LYS H 373 14.30 -79.89 5.24
N GLY H 374 14.85 -79.15 4.28
CA GLY H 374 14.97 -79.63 2.90
C GLY H 374 14.04 -78.93 1.92
N ILE H 375 14.23 -79.21 0.63
CA ILE H 375 13.48 -78.51 -0.42
C ILE H 375 11.96 -78.61 -0.28
N VAL H 376 11.28 -77.49 -0.54
CA VAL H 376 9.84 -77.46 -0.55
C VAL H 376 9.39 -77.89 -1.93
N ARG H 377 8.57 -78.94 -2.00
CA ARG H 377 8.11 -79.43 -3.29
C ARG H 377 6.95 -78.66 -3.90
N LYS H 378 5.94 -78.32 -3.08
CA LYS H 378 4.65 -77.92 -3.63
C LYS H 378 4.62 -76.50 -4.16
N TRP H 379 3.72 -76.27 -5.10
CA TRP H 379 3.52 -74.94 -5.67
C TRP H 379 2.93 -73.96 -4.64
N ILE H 380 3.47 -72.75 -4.61
CA ILE H 380 2.99 -71.72 -3.71
C ILE H 380 2.46 -70.51 -4.47
N SER H 381 1.37 -69.95 -3.97
CA SER H 381 0.75 -68.76 -4.54
C SER H 381 1.72 -67.61 -4.44
N ARG H 382 1.75 -66.76 -5.47
CA ARG H 382 2.69 -65.64 -5.47
C ARG H 382 2.55 -64.78 -4.21
N PHE H 383 1.36 -64.75 -3.63
CA PHE H 383 1.10 -63.97 -2.42
C PHE H 383 1.71 -64.61 -1.16
N GLU H 384 2.09 -65.88 -1.27
CA GLU H 384 2.71 -66.63 -0.17
C GLU H 384 4.24 -66.90 -0.19
N VAL H 385 4.96 -66.48 -1.22
CA VAL H 385 6.33 -66.97 -1.41
C VAL H 385 7.35 -66.32 -0.48
N TRP H 386 6.92 -65.26 0.19
CA TRP H 386 7.84 -64.34 0.86
C TRP H 386 8.86 -64.99 1.82
N PRO H 387 8.41 -65.92 2.66
CA PRO H 387 9.37 -66.48 3.62
C PRO H 387 10.53 -67.17 2.93
N TYR H 388 10.36 -67.53 1.66
CA TYR H 388 11.37 -68.32 0.94
C TYR H 388 12.34 -67.50 0.08
N LEU H 389 12.15 -66.19 0.01
CA LEU H 389 12.90 -65.38 -0.95
C LEU H 389 14.37 -65.09 -0.59
N GLU H 390 14.67 -65.01 0.70
CA GLU H 390 16.05 -64.78 1.11
C GLU H 390 16.96 -65.96 0.75
N THR H 391 16.60 -67.16 1.22
CA THR H 391 17.38 -68.36 0.92
C THR H 391 17.42 -68.59 -0.58
N TYR H 392 16.29 -68.38 -1.25
CA TYR H 392 16.25 -68.55 -2.70
C TYR H 392 17.34 -67.71 -3.34
N THR H 393 17.58 -66.53 -2.78
CA THR H 393 18.58 -65.63 -3.34
C THR H 393 19.97 -66.21 -3.18
N GLU H 394 20.27 -66.63 -1.96
CA GLU H 394 21.55 -67.27 -1.65
C GLU H 394 21.84 -68.41 -2.61
N ASP H 395 20.87 -69.33 -2.73
CA ASP H 395 21.00 -70.51 -3.57
C ASP H 395 21.18 -70.17 -5.05
N ALA H 396 20.34 -69.26 -5.54
CA ALA H 396 20.38 -68.85 -6.94
C ALA H 396 21.76 -68.29 -7.30
N ALA H 397 22.30 -67.45 -6.43
CA ALA H 397 23.63 -66.91 -6.67
C ALA H 397 24.61 -68.05 -6.96
N VAL H 398 24.60 -69.04 -6.09
CA VAL H 398 25.50 -70.17 -6.24
C VAL H 398 25.31 -70.84 -7.61
N GLU H 399 24.06 -71.08 -7.97
CA GLU H 399 23.77 -71.75 -9.23
C GLU H 399 24.11 -70.91 -10.47
N LEU H 400 23.72 -69.64 -10.49
CA LEU H 400 23.98 -68.83 -11.68
C LEU H 400 25.49 -68.63 -11.81
N SER H 401 26.18 -68.73 -10.68
CA SER H 401 27.63 -68.62 -10.66
C SER H 401 28.29 -69.78 -11.42
N LYS H 402 27.63 -70.94 -11.43
CA LYS H 402 28.13 -72.10 -12.15
C LYS H 402 27.87 -72.00 -13.66
N GLU H 403 26.72 -71.45 -14.03
CA GLU H 403 26.38 -71.29 -15.44
C GLU H 403 27.07 -70.10 -16.10
N LEU H 404 27.40 -69.08 -15.31
CA LEU H 404 27.98 -67.88 -15.90
C LEU H 404 29.50 -67.92 -15.91
N ASN H 405 30.08 -67.43 -17.00
CA ASN H 405 31.52 -67.23 -17.08
C ASN H 405 31.79 -65.75 -16.87
N GLY H 406 32.29 -65.42 -15.68
CA GLY H 406 32.30 -64.05 -15.21
C GLY H 406 31.02 -63.77 -14.44
N LYS H 407 30.83 -62.53 -13.99
CA LYS H 407 29.63 -62.20 -13.24
C LYS H 407 28.58 -61.64 -14.17
N PRO H 408 27.39 -61.38 -13.63
CA PRO H 408 26.32 -60.76 -14.42
C PRO H 408 26.72 -59.33 -14.79
N ASP H 409 26.44 -58.91 -16.01
CA ASP H 409 26.60 -57.51 -16.35
C ASP H 409 25.30 -56.71 -16.23
N LEU H 410 24.18 -57.41 -16.10
CA LEU H 410 22.90 -56.78 -15.84
C LEU H 410 21.97 -57.72 -15.08
N ILE H 411 21.23 -57.18 -14.13
CA ILE H 411 20.24 -57.97 -13.39
C ILE H 411 18.87 -57.28 -13.47
N ILE H 412 17.90 -57.97 -14.08
CA ILE H 412 16.57 -57.41 -14.22
C ILE H 412 15.60 -58.14 -13.32
N GLY H 413 15.00 -57.43 -12.39
CA GLY H 413 13.96 -58.00 -11.55
C GLY H 413 12.60 -57.93 -12.24
N ASN H 414 11.76 -58.92 -11.96
CA ASN H 414 10.39 -58.90 -12.43
C ASN H 414 9.39 -59.10 -11.29
N TYR H 415 8.35 -58.28 -11.28
CA TYR H 415 7.29 -58.24 -10.27
C TYR H 415 7.86 -58.06 -8.86
N SER H 416 7.15 -58.51 -7.84
CA SER H 416 7.52 -58.16 -6.47
C SER H 416 8.64 -59.05 -6.01
N ASP H 417 8.32 -60.32 -5.78
CA ASP H 417 9.33 -61.28 -5.39
C ASP H 417 10.58 -61.17 -6.28
N GLY H 418 10.37 -61.17 -7.60
CA GLY H 418 11.48 -61.05 -8.53
C GLY H 418 12.28 -59.79 -8.34
N ASN H 419 11.61 -58.70 -7.99
CA ASN H 419 12.30 -57.43 -7.74
C ASN H 419 13.05 -57.47 -6.42
N LEU H 420 12.36 -57.92 -5.38
CA LEU H 420 12.94 -58.13 -4.06
C LEU H 420 14.22 -58.95 -4.19
N VAL H 421 14.17 -59.99 -5.02
CA VAL H 421 15.33 -60.86 -5.22
C VAL H 421 16.39 -60.19 -6.07
N ALA H 422 15.98 -59.62 -7.20
CA ALA H 422 16.93 -58.98 -8.10
C ALA H 422 17.72 -57.89 -7.38
N SER H 423 17.11 -57.30 -6.35
CA SER H 423 17.77 -56.28 -5.52
C SER H 423 18.86 -56.86 -4.64
N LEU H 424 18.51 -57.86 -3.86
CA LEU H 424 19.49 -58.54 -3.00
C LEU H 424 20.66 -59.07 -3.83
N LEU H 425 20.37 -59.60 -5.01
CA LEU H 425 21.43 -60.07 -5.91
C LEU H 425 22.36 -58.94 -6.32
N ALA H 426 21.78 -57.90 -6.90
CA ALA H 426 22.55 -56.77 -7.42
C ALA H 426 23.52 -56.25 -6.38
N HIS H 427 23.11 -56.28 -5.11
CA HIS H 427 23.91 -55.78 -4.02
C HIS H 427 25.03 -56.76 -3.64
N LYS H 428 24.68 -58.04 -3.55
CA LYS H 428 25.66 -59.07 -3.28
C LYS H 428 26.77 -59.12 -4.35
N LEU H 429 26.38 -59.08 -5.63
CA LEU H 429 27.33 -59.25 -6.73
C LEU H 429 27.82 -57.95 -7.38
N GLY H 430 27.36 -56.81 -6.89
CA GLY H 430 27.75 -55.54 -7.48
C GLY H 430 27.38 -55.40 -8.95
N VAL H 431 26.09 -55.51 -9.28
CA VAL H 431 25.65 -55.47 -10.67
C VAL H 431 24.60 -54.40 -10.91
N THR H 432 24.61 -53.81 -12.11
CA THR H 432 23.60 -52.79 -12.47
C THR H 432 22.21 -53.39 -12.47
N GLN H 433 21.29 -52.74 -11.77
CA GLN H 433 19.95 -53.30 -11.55
C GLN H 433 18.85 -52.55 -12.28
N CYS H 434 17.94 -53.31 -12.85
CA CYS H 434 16.74 -52.75 -13.44
C CYS H 434 15.56 -53.50 -12.87
N THR H 435 14.45 -52.82 -12.61
CA THR H 435 13.25 -53.53 -12.21
C THR H 435 12.12 -53.24 -13.16
N ILE H 436 11.27 -54.25 -13.36
CA ILE H 436 10.04 -54.15 -14.14
C ILE H 436 8.93 -54.65 -13.24
N ALA H 437 7.89 -53.86 -13.05
CA ALA H 437 6.83 -54.23 -12.12
C ALA H 437 5.88 -55.32 -12.66
N HIS H 438 5.45 -55.16 -13.91
CA HIS H 438 4.43 -55.99 -14.53
C HIS H 438 3.05 -55.81 -13.88
N ALA H 439 3.05 -55.32 -12.64
CA ALA H 439 1.81 -54.94 -11.98
C ALA H 439 2.14 -54.55 -10.54
N LEU H 440 1.27 -53.75 -9.94
CA LEU H 440 1.42 -53.37 -8.55
C LEU H 440 0.10 -53.62 -7.86
N GLU H 441 0.09 -54.60 -6.96
CA GLU H 441 -1.17 -55.11 -6.44
C GLU H 441 -2.01 -54.01 -5.82
N LYS H 442 -1.36 -53.01 -5.25
CA LYS H 442 -2.07 -51.91 -4.62
C LYS H 442 -3.12 -51.29 -5.54
N THR H 443 -2.86 -51.22 -6.85
CA THR H 443 -3.82 -50.64 -7.78
C THR H 443 -4.93 -51.63 -8.15
N LYS H 444 -4.60 -52.92 -8.07
CA LYS H 444 -5.55 -53.97 -8.41
C LYS H 444 -6.51 -54.26 -7.26
N TYR H 445 -6.08 -53.95 -6.04
CA TYR H 445 -6.88 -54.19 -4.86
C TYR H 445 -7.09 -52.88 -4.11
N PRO H 446 -8.17 -52.17 -4.44
CA PRO H 446 -8.44 -50.83 -3.93
C PRO H 446 -8.50 -50.78 -2.40
N ASP H 447 -7.80 -49.81 -1.84
CA ASP H 447 -7.79 -49.57 -0.39
C ASP H 447 -7.22 -50.75 0.37
N SER H 448 -6.34 -51.49 -0.30
CA SER H 448 -5.69 -52.65 0.29
C SER H 448 -4.53 -52.21 1.14
N ASP H 449 -4.20 -50.92 1.07
CA ASP H 449 -3.26 -50.33 2.02
C ASP H 449 -3.98 -49.99 3.34
N ILE H 450 -4.90 -49.04 3.29
CA ILE H 450 -5.65 -48.68 4.49
C ILE H 450 -6.23 -49.91 5.16
N TYR H 451 -6.71 -50.84 4.35
CA TYR H 451 -7.37 -52.05 4.84
C TYR H 451 -6.51 -53.31 4.92
N TRP H 452 -5.21 -53.16 4.68
CA TRP H 452 -4.28 -54.28 4.59
C TRP H 452 -4.43 -55.31 5.71
N LYS H 453 -4.80 -54.88 6.91
CA LYS H 453 -4.79 -55.79 8.06
C LYS H 453 -5.78 -56.95 7.94
N LYS H 454 -6.99 -56.67 7.44
CA LYS H 454 -8.01 -57.72 7.31
C LYS H 454 -7.75 -58.59 6.08
N LEU H 455 -6.91 -58.10 5.17
CA LEU H 455 -6.52 -58.86 4.00
C LEU H 455 -5.31 -59.76 4.25
N ASP H 456 -4.60 -59.52 5.34
CA ASP H 456 -3.23 -60.02 5.46
C ASP H 456 -3.08 -61.53 5.51
N ASP H 457 -3.86 -62.21 6.35
CA ASP H 457 -3.75 -63.67 6.45
C ASP H 457 -3.85 -64.29 5.07
N LYS H 458 -4.67 -63.68 4.22
CA LYS H 458 -4.91 -64.19 2.87
C LYS H 458 -3.88 -63.71 1.84
N TYR H 459 -3.81 -62.40 1.61
CA TYR H 459 -2.92 -61.82 0.59
C TYR H 459 -1.50 -61.39 1.03
N HIS H 460 -1.27 -61.25 2.33
CA HIS H 460 0.03 -60.80 2.84
C HIS H 460 0.54 -59.51 2.21
N PHE H 461 -0.36 -58.62 1.80
CA PHE H 461 0.01 -57.33 1.19
C PHE H 461 1.00 -56.51 2.03
N SER H 462 1.01 -56.70 3.34
CA SER H 462 1.99 -56.01 4.18
C SER H 462 3.41 -56.38 3.74
N CYS H 463 3.63 -57.66 3.42
CA CYS H 463 4.90 -58.10 2.89
C CYS H 463 5.18 -57.51 1.52
N GLN H 464 4.22 -57.69 0.62
CA GLN H 464 4.43 -57.36 -0.77
C GLN H 464 4.64 -55.87 -0.97
N PHE H 465 3.83 -55.06 -0.30
CA PHE H 465 3.98 -53.63 -0.39
C PHE H 465 5.38 -53.23 0.08
N THR H 466 5.84 -53.83 1.17
CA THR H 466 7.19 -53.53 1.65
C THR H 466 8.22 -53.84 0.56
N ALA H 467 8.05 -54.97 -0.11
CA ALA H 467 8.99 -55.39 -1.13
C ALA H 467 9.00 -54.42 -2.29
N ASP H 468 7.81 -54.01 -2.71
CA ASP H 468 7.64 -53.06 -3.80
C ASP H 468 8.36 -51.72 -3.58
N ILE H 469 8.14 -51.14 -2.40
CA ILE H 469 8.80 -49.90 -2.01
C ILE H 469 10.31 -50.09 -1.92
N PHE H 470 10.72 -51.19 -1.32
CA PHE H 470 12.14 -51.52 -1.21
C PHE H 470 12.80 -51.55 -2.59
N ALA H 471 12.26 -52.38 -3.48
CA ALA H 471 12.86 -52.59 -4.81
C ALA H 471 12.84 -51.33 -5.68
N MET H 472 11.70 -50.64 -5.63
CA MET H 472 11.44 -49.44 -6.40
C MET H 472 12.54 -48.40 -6.18
N ASN H 473 12.94 -48.25 -4.92
CA ASN H 473 14.00 -47.33 -4.55
C ASN H 473 15.38 -47.95 -4.61
N HIS H 474 15.43 -49.27 -4.63
CA HIS H 474 16.71 -49.97 -4.60
C HIS H 474 17.33 -50.04 -5.99
N THR H 475 16.50 -49.98 -7.03
CA THR H 475 16.98 -50.22 -8.38
C THR H 475 17.74 -49.02 -8.98
N ASP H 476 18.60 -49.31 -9.96
CA ASP H 476 19.31 -48.26 -10.68
C ASP H 476 18.41 -47.56 -11.69
N PHE H 477 17.65 -48.35 -12.45
CA PHE H 477 16.60 -47.81 -13.29
C PHE H 477 15.36 -48.70 -13.36
N ILE H 478 14.26 -48.12 -13.83
CA ILE H 478 12.99 -48.82 -13.86
C ILE H 478 12.43 -48.77 -15.26
N ILE H 479 11.93 -49.90 -15.75
CA ILE H 479 11.25 -49.92 -17.05
C ILE H 479 9.74 -50.08 -16.88
N THR H 480 8.97 -49.35 -17.68
CA THR H 480 7.52 -49.54 -17.68
C THR H 480 6.99 -49.60 -19.10
N SER H 481 5.82 -50.23 -19.26
CA SER H 481 5.24 -50.45 -20.57
C SER H 481 4.35 -49.30 -21.07
N THR H 482 3.99 -48.40 -20.18
CA THR H 482 3.15 -47.28 -20.55
C THR H 482 3.51 -46.06 -19.70
N PHE H 483 3.19 -44.86 -20.20
CA PHE H 483 3.27 -43.66 -19.39
C PHE H 483 2.30 -43.79 -18.22
N GLN H 484 1.15 -44.39 -18.49
CA GLN H 484 0.10 -44.53 -17.49
C GLN H 484 0.60 -45.27 -16.25
N GLU H 485 1.50 -46.24 -16.47
CA GLU H 485 2.07 -47.01 -15.38
C GLU H 485 2.73 -46.07 -14.36
N ILE H 486 3.33 -44.98 -14.84
CA ILE H 486 3.95 -43.99 -13.95
C ILE H 486 2.99 -42.89 -13.47
N ALA H 487 2.63 -41.98 -14.37
CA ALA H 487 1.79 -40.81 -14.04
C ALA H 487 0.30 -40.87 -14.43
N GLY H 488 -0.15 -42.01 -14.95
CA GLY H 488 -1.56 -42.18 -15.30
C GLY H 488 -2.07 -41.22 -16.37
N SER H 489 -3.22 -40.59 -16.12
CA SER H 489 -3.78 -39.63 -17.06
C SER H 489 -3.98 -38.26 -16.40
N LYS H 490 -4.49 -37.30 -17.16
CA LYS H 490 -4.81 -36.00 -16.59
C LYS H 490 -5.85 -36.20 -15.51
N GLU H 491 -6.81 -37.07 -15.79
CA GLU H 491 -7.93 -37.30 -14.90
C GLU H 491 -7.61 -38.22 -13.70
N THR H 492 -6.80 -39.26 -13.92
CA THR H 492 -6.58 -40.27 -12.88
C THR H 492 -5.11 -40.64 -12.60
N VAL H 493 -4.86 -41.14 -11.40
CA VAL H 493 -3.48 -41.36 -10.92
C VAL H 493 -2.83 -42.65 -11.44
N GLY H 494 -1.52 -42.58 -11.67
CA GLY H 494 -0.78 -43.68 -12.22
C GLY H 494 -0.53 -44.78 -11.22
N GLN H 495 0.04 -45.90 -11.67
CA GLN H 495 0.28 -47.05 -10.82
C GLN H 495 1.37 -46.76 -9.82
N TYR H 496 2.52 -46.34 -10.32
CA TYR H 496 3.61 -45.92 -9.46
C TYR H 496 3.26 -44.67 -8.65
N GLU H 497 2.63 -43.70 -9.32
CA GLU H 497 2.27 -42.43 -8.68
C GLU H 497 1.51 -42.66 -7.38
N SER H 498 0.66 -43.69 -7.37
CA SER H 498 -0.20 -43.99 -6.22
C SER H 498 0.59 -44.55 -5.05
N HIS H 499 1.89 -44.74 -5.25
CA HIS H 499 2.74 -45.15 -4.13
C HIS H 499 3.46 -43.96 -3.51
N THR H 500 3.31 -42.80 -4.12
CA THR H 500 4.00 -41.61 -3.63
C THR H 500 3.69 -41.34 -2.17
N ALA H 501 2.40 -41.28 -1.84
CA ALA H 501 1.98 -41.09 -0.46
C ALA H 501 0.87 -42.05 -0.07
N PHE H 502 1.15 -42.95 0.86
CA PHE H 502 0.15 -43.91 1.34
C PHE H 502 0.49 -44.43 2.73
N THR H 503 -0.47 -45.07 3.39
CA THR H 503 -0.24 -45.55 4.73
C THR H 503 -0.88 -46.92 5.00
N LEU H 504 -0.24 -47.70 5.87
CA LEU H 504 -0.72 -49.00 6.30
C LEU H 504 -0.95 -48.92 7.80
N PRO H 505 -2.17 -48.57 8.21
CA PRO H 505 -2.41 -48.25 9.61
C PRO H 505 -1.89 -49.31 10.58
N GLY H 506 -1.09 -48.86 11.55
CA GLY H 506 -0.59 -49.75 12.56
C GLY H 506 0.65 -50.49 12.14
N LEU H 507 1.16 -50.14 10.96
CA LEU H 507 2.35 -50.80 10.45
C LEU H 507 3.43 -49.75 10.17
N TYR H 508 3.25 -49.01 9.09
CA TYR H 508 4.07 -47.83 8.82
C TYR H 508 3.33 -46.87 7.89
N ARG H 509 3.85 -45.64 7.80
CA ARG H 509 3.24 -44.64 6.95
C ARG H 509 4.24 -44.18 5.90
N VAL H 510 3.89 -44.30 4.62
CA VAL H 510 4.82 -43.89 3.59
C VAL H 510 4.52 -42.46 3.17
N VAL H 511 5.40 -41.55 3.58
CA VAL H 511 5.27 -40.13 3.28
C VAL H 511 5.75 -39.76 1.87
N HIS H 512 6.96 -40.19 1.50
CA HIS H 512 7.33 -40.25 0.09
C HIS H 512 7.90 -41.62 -0.26
N GLY H 513 7.11 -42.43 -0.96
CA GLY H 513 7.55 -43.73 -1.42
C GLY H 513 8.33 -43.67 -2.72
N ILE H 514 7.83 -42.88 -3.64
CA ILE H 514 8.43 -42.79 -4.96
C ILE H 514 8.00 -41.49 -5.59
N ASP H 515 8.75 -41.03 -6.57
CA ASP H 515 8.36 -39.81 -7.26
C ASP H 515 8.21 -39.95 -8.77
N VAL H 516 7.04 -39.56 -9.27
CA VAL H 516 6.72 -39.71 -10.68
C VAL H 516 7.75 -39.08 -11.62
N PHE H 517 8.49 -38.09 -11.14
CA PHE H 517 9.44 -37.37 -12.00
C PHE H 517 10.84 -37.95 -11.92
N ASP H 518 10.99 -39.03 -11.17
CA ASP H 518 12.31 -39.60 -10.94
C ASP H 518 12.97 -39.97 -12.27
N PRO H 519 14.22 -39.53 -12.46
CA PRO H 519 15.03 -39.75 -13.67
C PRO H 519 15.29 -41.22 -13.96
N LYS H 520 15.03 -42.11 -13.00
CA LYS H 520 15.23 -43.54 -13.23
C LYS H 520 14.09 -44.22 -14.01
N PHE H 521 12.91 -43.61 -14.01
CA PHE H 521 11.79 -44.17 -14.78
C PHE H 521 12.02 -44.10 -16.28
N ASN H 522 11.88 -45.24 -16.94
CA ASN H 522 11.94 -45.28 -18.39
C ASN H 522 10.80 -46.10 -19.01
N ILE H 523 10.14 -45.51 -20.01
CA ILE H 523 9.10 -46.20 -20.74
C ILE H 523 9.71 -46.92 -21.93
N VAL H 524 9.73 -48.25 -21.89
CA VAL H 524 10.10 -49.01 -23.07
C VAL H 524 8.99 -50.01 -23.32
N SER H 525 8.25 -49.79 -24.38
CA SER H 525 7.03 -50.55 -24.64
C SER H 525 7.31 -51.87 -25.34
N PRO H 526 6.84 -52.98 -24.73
CA PRO H 526 7.02 -54.32 -25.26
C PRO H 526 6.10 -54.52 -26.44
N GLY H 527 6.01 -55.75 -26.92
CA GLY H 527 5.20 -56.06 -28.09
C GLY H 527 4.76 -57.50 -28.10
N ALA H 528 4.19 -57.94 -29.21
CA ALA H 528 3.82 -59.33 -29.40
C ALA H 528 4.71 -59.96 -30.48
N ASP H 529 5.19 -61.17 -30.22
CA ASP H 529 6.02 -61.85 -31.22
C ASP H 529 5.25 -61.92 -32.55
N MET H 530 5.87 -61.39 -33.60
CA MET H 530 5.20 -61.20 -34.89
C MET H 530 5.15 -62.45 -35.78
N SER H 531 5.87 -63.50 -35.41
CA SER H 531 5.75 -64.78 -36.11
C SER H 531 4.56 -65.54 -35.56
N ILE H 532 4.22 -65.26 -34.31
CA ILE H 532 3.06 -65.85 -33.66
C ILE H 532 1.75 -65.13 -33.95
N TYR H 533 1.78 -63.80 -33.88
CA TYR H 533 0.57 -63.01 -34.08
C TYR H 533 0.75 -62.11 -35.29
N PHE H 534 -0.18 -62.21 -36.22
CA PHE H 534 -0.16 -61.37 -37.41
C PHE H 534 -1.57 -61.26 -37.92
N PRO H 535 -1.78 -60.46 -38.96
CA PRO H 535 -3.14 -60.15 -39.40
C PRO H 535 -3.86 -61.35 -40.02
N TYR H 536 -5.15 -61.50 -39.72
CA TYR H 536 -5.94 -62.62 -40.21
C TYR H 536 -6.03 -62.61 -41.72
N THR H 537 -5.80 -61.45 -42.33
CA THR H 537 -6.00 -61.28 -43.76
C THR H 537 -4.92 -61.95 -44.62
N GLU H 538 -3.85 -62.42 -43.99
CA GLU H 538 -2.79 -63.04 -44.78
C GLU H 538 -3.03 -64.53 -44.86
N GLU H 539 -3.48 -64.98 -46.02
CA GLU H 539 -3.94 -66.35 -46.17
C GLU H 539 -2.76 -67.28 -46.24
N LYS H 540 -1.67 -66.78 -46.82
CA LYS H 540 -0.47 -67.56 -47.00
C LYS H 540 0.05 -68.08 -45.67
N ARG H 541 0.02 -67.21 -44.66
CA ARG H 541 0.55 -67.54 -43.33
C ARG H 541 -0.38 -68.31 -42.39
N ARG H 542 -1.70 -68.20 -42.61
CA ARG H 542 -2.67 -68.84 -41.73
C ARG H 542 -2.31 -70.31 -41.53
N LEU H 543 -2.45 -70.81 -40.30
CA LEU H 543 -2.10 -72.20 -40.06
C LEU H 543 -3.37 -73.01 -40.08
N THR H 544 -3.61 -73.70 -41.20
CA THR H 544 -4.87 -74.36 -41.40
C THR H 544 -4.82 -75.74 -40.78
N LYS H 545 -3.61 -76.19 -40.47
CA LYS H 545 -3.43 -77.46 -39.78
C LYS H 545 -4.26 -77.50 -38.49
N PHE H 546 -4.49 -76.34 -37.89
CA PHE H 546 -5.21 -76.28 -36.61
C PHE H 546 -6.73 -76.23 -36.73
N HIS H 547 -7.27 -75.94 -37.91
CA HIS H 547 -8.70 -75.65 -37.97
C HIS H 547 -9.59 -76.75 -37.41
N SER H 548 -9.18 -78.02 -37.50
CA SER H 548 -9.97 -79.08 -36.89
C SER H 548 -10.10 -78.91 -35.38
N GLU H 549 -8.97 -78.90 -34.69
CA GLU H 549 -8.96 -78.72 -33.24
C GLU H 549 -9.79 -77.51 -32.82
N ILE H 550 -9.63 -76.41 -33.54
CA ILE H 550 -10.27 -75.14 -33.19
C ILE H 550 -11.78 -75.19 -33.39
N GLU H 551 -12.21 -75.91 -34.41
CA GLU H 551 -13.64 -76.10 -34.65
C GLU H 551 -14.23 -76.94 -33.53
N GLU H 552 -13.47 -77.91 -33.03
CA GLU H 552 -13.95 -78.69 -31.92
C GLU H 552 -14.07 -77.77 -30.72
N LEU H 553 -12.99 -77.04 -30.48
CA LEU H 553 -12.87 -76.19 -29.32
C LEU H 553 -14.09 -75.28 -29.22
N LEU H 554 -14.36 -74.52 -30.28
CA LEU H 554 -15.48 -73.59 -30.27
C LEU H 554 -16.86 -74.23 -30.39
N TYR H 555 -17.04 -75.00 -31.46
CA TYR H 555 -18.38 -75.43 -31.89
C TYR H 555 -18.84 -76.85 -31.57
N SER H 556 -17.98 -77.65 -30.93
CA SER H 556 -18.33 -79.05 -30.69
C SER H 556 -19.44 -79.15 -29.65
N ASP H 557 -20.18 -80.25 -29.67
CA ASP H 557 -21.31 -80.39 -28.76
C ASP H 557 -20.97 -81.14 -27.46
N VAL H 558 -19.69 -81.45 -27.27
CA VAL H 558 -19.29 -82.18 -26.06
C VAL H 558 -19.00 -81.22 -24.91
N GLU H 559 -19.41 -81.61 -23.70
CA GLU H 559 -19.15 -80.80 -22.51
C GLU H 559 -18.22 -81.50 -21.51
N ASN H 560 -17.03 -80.95 -21.34
CA ASN H 560 -16.05 -81.56 -20.47
C ASN H 560 -15.21 -80.52 -19.78
N LYS H 561 -14.12 -80.96 -19.15
CA LYS H 561 -13.24 -80.06 -18.44
C LYS H 561 -12.50 -79.17 -19.42
N GLU H 562 -12.50 -79.58 -20.69
CA GLU H 562 -11.88 -78.78 -21.73
C GLU H 562 -12.75 -77.58 -22.09
N HIS H 563 -14.04 -77.81 -22.25
CA HIS H 563 -14.97 -76.74 -22.60
C HIS H 563 -16.37 -76.98 -22.06
N LEU H 564 -17.04 -75.90 -21.67
CA LEU H 564 -18.37 -75.97 -21.06
C LEU H 564 -19.44 -75.21 -21.84
N CYS H 565 -20.67 -75.67 -21.66
CA CYS H 565 -21.82 -75.36 -22.50
C CYS H 565 -21.54 -75.59 -23.97
N VAL H 566 -22.34 -74.97 -24.83
CA VAL H 566 -22.29 -75.26 -26.27
C VAL H 566 -22.85 -74.11 -27.07
N LEU H 567 -22.22 -73.79 -28.21
CA LEU H 567 -22.76 -72.75 -29.10
C LEU H 567 -23.80 -73.35 -30.05
N LYS H 568 -25.01 -72.81 -30.04
CA LYS H 568 -26.08 -73.31 -30.91
C LYS H 568 -25.87 -72.88 -32.37
N ASP H 569 -25.69 -71.58 -32.59
CA ASP H 569 -25.53 -71.05 -33.94
C ASP H 569 -24.05 -70.82 -34.27
N LYS H 570 -23.52 -71.65 -35.16
CA LYS H 570 -22.10 -71.62 -35.52
C LYS H 570 -21.69 -70.41 -36.39
N LYS H 571 -22.68 -69.69 -36.93
CA LYS H 571 -22.43 -68.60 -37.86
C LYS H 571 -22.34 -67.19 -37.27
N LYS H 572 -22.72 -67.03 -35.99
CA LYS H 572 -22.71 -65.72 -35.36
C LYS H 572 -21.31 -65.11 -35.27
N PRO H 573 -21.21 -63.79 -35.07
CA PRO H 573 -19.92 -63.22 -34.67
C PRO H 573 -19.55 -63.70 -33.25
N ILE H 574 -18.26 -63.80 -32.94
CA ILE H 574 -17.81 -64.23 -31.61
C ILE H 574 -17.24 -63.09 -30.78
N LEU H 575 -17.68 -63.04 -29.53
CA LEU H 575 -17.15 -62.10 -28.56
C LEU H 575 -16.17 -62.90 -27.71
N PHE H 576 -14.88 -62.60 -27.87
CA PHE H 576 -13.83 -63.49 -27.36
C PHE H 576 -12.96 -62.87 -26.26
N THR H 577 -12.70 -63.65 -25.22
CA THR H 577 -11.71 -63.27 -24.20
C THR H 577 -10.88 -64.46 -23.75
N MET H 578 -9.66 -64.16 -23.30
CA MET H 578 -8.74 -65.15 -22.76
C MET H 578 -7.85 -64.49 -21.69
N ALA H 579 -7.62 -65.19 -20.59
CA ALA H 579 -6.85 -64.63 -19.48
C ALA H 579 -6.70 -65.65 -18.37
N ARG H 580 -5.87 -65.36 -17.39
CA ARG H 580 -5.86 -66.19 -16.21
C ARG H 580 -7.17 -65.93 -15.52
N LEU H 581 -7.61 -66.84 -14.66
CA LEU H 581 -8.89 -66.66 -14.00
C LEU H 581 -8.65 -66.25 -12.55
N ASP H 582 -8.90 -64.97 -12.27
CA ASP H 582 -8.91 -64.49 -10.88
C ASP H 582 -9.88 -63.31 -10.76
N ARG H 583 -10.04 -62.77 -9.56
CA ARG H 583 -11.12 -61.81 -9.35
C ARG H 583 -10.92 -60.57 -10.19
N VAL H 584 -9.69 -60.08 -10.25
CA VAL H 584 -9.39 -58.82 -10.93
C VAL H 584 -9.60 -58.90 -12.44
N LYS H 585 -9.39 -60.08 -13.03
CA LYS H 585 -9.64 -60.21 -14.46
C LYS H 585 -11.14 -60.06 -14.72
N ASN H 586 -11.92 -60.36 -13.70
CA ASN H 586 -13.34 -60.02 -13.71
C ASN H 586 -14.10 -60.74 -14.82
N LEU H 587 -13.58 -61.88 -15.25
CA LEU H 587 -14.26 -62.64 -16.29
C LEU H 587 -15.71 -62.95 -15.88
N SER H 588 -15.92 -63.31 -14.62
CA SER H 588 -17.27 -63.55 -14.12
C SER H 588 -18.20 -62.34 -14.35
N GLY H 589 -17.65 -61.14 -14.21
CA GLY H 589 -18.40 -59.94 -14.52
C GLY H 589 -18.85 -59.92 -15.97
N LEU H 590 -17.91 -60.07 -16.89
CA LEU H 590 -18.22 -60.12 -18.31
C LEU H 590 -19.35 -61.11 -18.60
N VAL H 591 -19.22 -62.32 -18.08
CA VAL H 591 -20.28 -63.31 -18.25
C VAL H 591 -21.62 -62.72 -17.82
N GLU H 592 -21.64 -62.05 -16.67
CA GLU H 592 -22.87 -61.44 -16.16
C GLU H 592 -23.40 -60.30 -17.06
N TRP H 593 -22.51 -59.42 -17.52
CA TRP H 593 -22.93 -58.34 -18.41
C TRP H 593 -23.62 -58.95 -19.62
N TYR H 594 -22.94 -59.92 -20.22
CA TYR H 594 -23.44 -60.57 -21.41
C TYR H 594 -24.79 -61.26 -21.14
N GLY H 595 -24.85 -62.07 -20.09
CA GLY H 595 -26.07 -62.76 -19.74
C GLY H 595 -27.30 -61.85 -19.65
N LYS H 596 -27.14 -60.72 -18.95
CA LYS H 596 -28.22 -59.77 -18.73
C LYS H 596 -28.71 -59.04 -19.98
N ASN H 597 -27.85 -58.88 -20.99
CA ASN H 597 -28.26 -58.10 -22.14
C ASN H 597 -28.66 -58.97 -23.33
N THR H 598 -29.96 -59.06 -23.56
CA THR H 598 -30.53 -59.94 -24.57
C THR H 598 -30.19 -59.50 -25.99
N ARG H 599 -29.90 -58.22 -26.16
CA ARG H 599 -29.56 -57.68 -27.47
C ARG H 599 -28.19 -58.19 -27.90
N LEU H 600 -27.25 -58.20 -26.96
CA LEU H 600 -25.91 -58.65 -27.24
C LEU H 600 -25.97 -60.14 -27.48
N ARG H 601 -26.69 -60.85 -26.61
CA ARG H 601 -26.82 -62.30 -26.75
C ARG H 601 -27.36 -62.68 -28.12
N GLU H 602 -28.25 -61.86 -28.64
CA GLU H 602 -28.72 -62.05 -30.00
C GLU H 602 -27.57 -61.92 -30.99
N LEU H 603 -26.89 -60.78 -30.94
CA LEU H 603 -25.88 -60.41 -31.93
C LEU H 603 -24.61 -61.28 -31.99
N ALA H 604 -24.26 -61.94 -30.89
CA ALA H 604 -22.98 -62.64 -30.82
C ALA H 604 -22.93 -63.77 -29.78
N ASN H 605 -21.97 -64.67 -29.97
CA ASN H 605 -21.69 -65.72 -28.99
C ASN H 605 -20.59 -65.30 -28.03
N LEU H 606 -20.80 -65.51 -26.74
CA LEU H 606 -19.73 -65.29 -25.78
C LEU H 606 -18.77 -66.50 -25.68
N VAL H 607 -17.49 -66.26 -25.97
CA VAL H 607 -16.48 -67.29 -25.74
C VAL H 607 -15.44 -66.78 -24.74
N VAL H 608 -15.44 -67.36 -23.54
CA VAL H 608 -14.43 -67.04 -22.54
C VAL H 608 -13.42 -68.17 -22.35
N VAL H 609 -12.15 -67.87 -22.55
CA VAL H 609 -11.08 -68.81 -22.21
C VAL H 609 -10.45 -68.39 -20.90
N GLY H 610 -10.68 -69.13 -19.83
CA GLY H 610 -9.85 -68.98 -18.64
C GLY H 610 -10.09 -69.98 -17.55
N GLY H 611 -9.03 -70.29 -16.81
CA GLY H 611 -9.05 -71.32 -15.79
C GLY H 611 -8.79 -72.69 -16.40
N ASP H 612 -8.11 -73.57 -15.66
CA ASP H 612 -7.85 -74.92 -16.14
C ASP H 612 -8.66 -75.92 -15.33
N ARG H 613 -9.69 -76.49 -15.96
CA ARG H 613 -10.62 -77.35 -15.25
C ARG H 613 -10.25 -78.83 -15.35
N ARG H 614 -9.20 -79.12 -16.14
CA ARG H 614 -8.67 -80.48 -16.27
C ARG H 614 -8.19 -80.99 -14.91
N LYS H 615 -7.76 -80.07 -14.06
CA LYS H 615 -7.19 -80.42 -12.77
C LYS H 615 -7.98 -79.75 -11.65
N GLU H 616 -7.75 -80.21 -10.43
CA GLU H 616 -8.32 -79.56 -9.26
C GLU H 616 -7.58 -78.24 -9.05
N SER H 617 -8.32 -77.22 -8.67
CA SER H 617 -7.76 -75.89 -8.50
C SER H 617 -7.23 -75.68 -7.08
N LYS H 618 -5.97 -75.28 -6.97
CA LYS H 618 -5.34 -75.00 -5.68
C LYS H 618 -5.29 -73.50 -5.29
N ASP H 619 -5.82 -72.63 -6.15
CA ASP H 619 -5.74 -71.17 -5.92
C ASP H 619 -7.06 -70.54 -5.48
N ASN H 620 -7.02 -69.81 -4.36
CA ASN H 620 -8.25 -69.31 -3.76
C ASN H 620 -9.14 -68.60 -4.75
N GLU H 621 -8.57 -67.59 -5.42
CA GLU H 621 -9.31 -66.79 -6.37
C GLU H 621 -9.82 -67.58 -7.56
N GLU H 622 -8.95 -68.37 -8.19
CA GLU H 622 -9.37 -69.14 -9.34
C GLU H 622 -10.51 -70.07 -8.94
N LYS H 623 -10.48 -70.52 -7.69
CA LYS H 623 -11.48 -71.44 -7.18
C LYS H 623 -12.80 -70.72 -7.04
N ALA H 624 -12.77 -69.58 -6.36
CA ALA H 624 -13.96 -68.81 -6.10
C ALA H 624 -14.59 -68.40 -7.40
N GLU H 625 -13.73 -68.10 -8.36
CA GLU H 625 -14.15 -67.55 -9.64
C GLU H 625 -14.90 -68.63 -10.43
N MET H 626 -14.33 -69.84 -10.44
CA MET H 626 -14.97 -70.96 -11.13
C MET H 626 -16.40 -71.15 -10.61
N LYS H 627 -16.55 -71.01 -9.30
CA LYS H 627 -17.86 -71.12 -8.64
C LYS H 627 -18.84 -70.14 -9.27
N LYS H 628 -18.45 -68.86 -9.32
CA LYS H 628 -19.29 -67.82 -9.92
C LYS H 628 -19.69 -68.21 -11.34
N MET H 629 -18.72 -68.66 -12.12
CA MET H 629 -18.92 -68.99 -13.53
C MET H 629 -19.99 -70.07 -13.68
N TYR H 630 -19.87 -71.15 -12.91
CA TYR H 630 -20.89 -72.19 -12.90
C TYR H 630 -22.26 -71.61 -12.59
N ASP H 631 -22.33 -70.82 -11.50
CA ASP H 631 -23.61 -70.27 -11.02
C ASP H 631 -24.25 -69.32 -12.03
N LEU H 632 -23.44 -68.56 -12.75
CA LEU H 632 -23.95 -67.67 -13.78
C LEU H 632 -24.46 -68.43 -15.00
N ILE H 633 -23.80 -69.53 -15.34
CA ILE H 633 -24.24 -70.34 -16.47
C ILE H 633 -25.69 -70.75 -16.27
N GLU H 634 -26.04 -71.15 -15.05
CA GLU H 634 -27.42 -71.54 -14.76
C GLU H 634 -28.35 -70.33 -14.60
N GLU H 635 -27.93 -69.35 -13.80
CA GLU H 635 -28.76 -68.17 -13.53
C GLU H 635 -29.22 -67.46 -14.81
N TYR H 636 -28.29 -67.23 -15.72
CA TYR H 636 -28.61 -66.58 -16.99
C TYR H 636 -28.85 -67.57 -18.13
N LYS H 637 -28.88 -68.86 -17.79
CA LYS H 637 -29.21 -69.92 -18.76
C LYS H 637 -28.40 -69.69 -20.02
N LEU H 638 -27.09 -69.76 -19.87
CA LEU H 638 -26.18 -69.35 -20.92
C LEU H 638 -25.98 -70.41 -21.99
N ASN H 639 -26.40 -71.64 -21.71
CA ASN H 639 -26.15 -72.69 -22.68
C ASN H 639 -26.73 -72.37 -24.03
N GLY H 640 -25.89 -72.52 -25.05
CA GLY H 640 -26.24 -72.30 -26.44
C GLY H 640 -25.73 -70.99 -27.00
N GLN H 641 -25.53 -69.98 -26.13
CA GLN H 641 -24.86 -68.76 -26.52
C GLN H 641 -23.41 -68.62 -26.02
N PHE H 642 -22.97 -69.57 -25.20
CA PHE H 642 -21.74 -69.41 -24.40
C PHE H 642 -20.83 -70.61 -24.52
N ARG H 643 -19.53 -70.37 -24.57
CA ARG H 643 -18.54 -71.46 -24.58
C ARG H 643 -17.44 -71.12 -23.59
N TRP H 644 -17.35 -71.89 -22.51
CA TRP H 644 -16.33 -71.61 -21.52
C TRP H 644 -15.15 -72.57 -21.67
N ILE H 645 -14.04 -72.05 -22.22
CA ILE H 645 -12.91 -72.89 -22.58
C ILE H 645 -11.81 -72.81 -21.52
N SER H 646 -11.21 -73.97 -21.24
CA SER H 646 -10.08 -74.05 -20.31
C SER H 646 -8.82 -73.48 -20.91
N SER H 647 -7.83 -73.26 -20.06
CA SER H 647 -6.61 -72.58 -20.47
C SER H 647 -6.01 -73.12 -21.77
N GLN H 648 -5.69 -72.21 -22.67
CA GLN H 648 -5.01 -72.52 -23.92
C GLN H 648 -3.51 -72.29 -23.76
N MET H 649 -2.73 -73.37 -23.76
CA MET H 649 -1.32 -73.26 -23.38
C MET H 649 -0.32 -73.09 -24.49
N ASP H 650 -0.76 -73.23 -25.74
CA ASP H 650 0.16 -73.14 -26.85
C ASP H 650 -0.04 -71.86 -27.62
N ARG H 651 0.94 -70.95 -27.51
CA ARG H 651 0.82 -69.67 -28.17
C ARG H 651 0.59 -69.81 -29.68
N VAL H 652 1.29 -70.76 -30.30
CA VAL H 652 1.19 -70.94 -31.74
C VAL H 652 -0.27 -71.11 -32.18
N ARG H 653 -0.98 -72.07 -31.58
CA ARG H 653 -2.37 -72.29 -31.92
C ARG H 653 -3.24 -71.12 -31.43
N ASN H 654 -2.83 -70.51 -30.32
CA ASN H 654 -3.54 -69.33 -29.83
C ASN H 654 -3.61 -68.24 -30.90
N GLY H 655 -2.49 -67.97 -31.54
CA GLY H 655 -2.46 -66.98 -32.59
C GLY H 655 -3.52 -67.26 -33.63
N GLU H 656 -3.70 -68.53 -33.98
CA GLU H 656 -4.67 -68.93 -34.98
C GLU H 656 -6.08 -68.78 -34.43
N LEU H 657 -6.25 -69.12 -33.15
CA LEU H 657 -7.51 -68.87 -32.44
C LEU H 657 -7.98 -67.41 -32.61
N TYR H 658 -7.08 -66.45 -32.34
CA TYR H 658 -7.36 -65.04 -32.56
C TYR H 658 -7.85 -64.80 -33.98
N ARG H 659 -7.05 -65.22 -34.95
CA ARG H 659 -7.41 -65.01 -36.36
C ARG H 659 -8.72 -65.71 -36.72
N TYR H 660 -9.09 -66.73 -35.95
CA TYR H 660 -10.35 -67.40 -36.20
C TYR H 660 -11.50 -66.53 -35.73
N ILE H 661 -11.38 -65.98 -34.52
CA ILE H 661 -12.36 -65.01 -34.05
C ILE H 661 -12.52 -63.92 -35.11
N CYS H 662 -11.41 -63.50 -35.69
CA CYS H 662 -11.46 -62.49 -36.74
C CYS H 662 -12.33 -62.93 -37.89
N ASP H 663 -12.17 -64.18 -38.30
CA ASP H 663 -12.95 -64.75 -39.39
C ASP H 663 -14.45 -64.58 -39.15
N THR H 664 -14.88 -64.66 -37.88
CA THR H 664 -16.29 -64.57 -37.55
C THR H 664 -16.77 -63.12 -37.45
N LYS H 665 -15.85 -62.19 -37.67
CA LYS H 665 -16.13 -60.76 -37.60
C LYS H 665 -16.55 -60.34 -36.21
N GLY H 666 -15.93 -60.97 -35.21
CA GLY H 666 -16.21 -60.68 -33.82
C GLY H 666 -15.33 -59.57 -33.25
N ALA H 667 -15.09 -59.66 -31.95
CA ALA H 667 -14.33 -58.65 -31.25
C ALA H 667 -13.69 -59.29 -30.02
N PHE H 668 -12.62 -58.65 -29.53
CA PHE H 668 -11.97 -59.11 -28.31
C PHE H 668 -12.33 -58.17 -27.18
N VAL H 669 -12.75 -58.71 -26.05
CA VAL H 669 -13.10 -57.88 -24.88
C VAL H 669 -12.26 -58.19 -23.67
N GLN H 670 -11.82 -57.16 -22.99
CA GLN H 670 -10.97 -57.32 -21.82
C GLN H 670 -11.52 -56.51 -20.64
N PRO H 671 -12.37 -57.15 -19.83
CA PRO H 671 -13.13 -56.44 -18.80
C PRO H 671 -12.49 -56.42 -17.43
N ALA H 672 -11.20 -56.13 -17.32
CA ALA H 672 -10.56 -56.21 -16.01
C ALA H 672 -10.95 -55.03 -15.13
N LEU H 673 -11.14 -55.29 -13.84
CA LEU H 673 -11.35 -54.23 -12.87
C LEU H 673 -10.15 -53.32 -12.93
N TYR H 674 -8.99 -53.93 -13.14
CA TYR H 674 -7.77 -53.21 -13.41
C TYR H 674 -6.83 -54.11 -14.23
N GLU H 675 -6.10 -53.51 -15.16
CA GLU H 675 -5.13 -54.26 -15.96
C GLU H 675 -3.83 -53.46 -16.04
N ALA H 676 -2.74 -54.01 -15.51
CA ALA H 676 -1.50 -53.27 -15.41
C ALA H 676 -0.97 -52.87 -16.79
N PHE H 677 -0.94 -53.83 -17.72
CA PHE H 677 -0.59 -53.54 -19.10
C PHE H 677 -1.59 -54.07 -20.13
N GLY H 678 -1.83 -55.39 -20.13
CA GLY H 678 -2.66 -56.04 -21.15
C GLY H 678 -2.11 -56.55 -22.48
N LEU H 679 -1.10 -57.42 -22.41
CA LEU H 679 -0.63 -58.12 -23.60
C LEU H 679 -1.72 -58.73 -24.50
N THR H 680 -2.76 -59.32 -23.92
CA THR H 680 -3.82 -59.88 -24.77
C THR H 680 -4.44 -58.81 -25.64
N VAL H 681 -4.55 -57.60 -25.09
CA VAL H 681 -5.01 -56.46 -25.86
C VAL H 681 -4.11 -56.26 -27.07
N VAL H 682 -2.81 -56.18 -26.81
CA VAL H 682 -1.85 -56.03 -27.88
C VAL H 682 -1.99 -57.17 -28.88
N GLU H 683 -2.08 -58.39 -28.37
CA GLU H 683 -2.11 -59.56 -29.24
C GLU H 683 -3.29 -59.49 -30.19
N ALA H 684 -4.48 -59.25 -29.63
CA ALA H 684 -5.70 -59.19 -30.41
C ALA H 684 -5.60 -58.12 -31.52
N MET H 685 -5.13 -56.94 -31.16
CA MET H 685 -5.02 -55.86 -32.13
C MET H 685 -4.07 -56.26 -33.26
N THR H 686 -3.05 -57.02 -32.90
CA THR H 686 -2.02 -57.42 -33.84
C THR H 686 -2.55 -58.41 -34.86
N CYS H 687 -3.57 -59.18 -34.46
CA CYS H 687 -4.17 -60.16 -35.37
C CYS H 687 -5.29 -59.51 -36.21
N GLY H 688 -5.66 -58.29 -35.87
CA GLY H 688 -6.68 -57.58 -36.62
C GLY H 688 -8.03 -57.63 -35.95
N LEU H 689 -8.06 -58.10 -34.71
CA LEU H 689 -9.30 -58.22 -33.94
C LEU H 689 -9.61 -56.94 -33.19
N PRO H 690 -10.77 -56.32 -33.50
CA PRO H 690 -11.22 -55.07 -32.86
C PRO H 690 -11.34 -55.27 -31.36
N THR H 691 -10.84 -54.32 -30.57
CA THR H 691 -10.80 -54.55 -29.13
C THR H 691 -11.51 -53.55 -28.24
N PHE H 692 -12.29 -54.09 -27.32
CA PHE H 692 -12.91 -53.33 -26.26
C PHE H 692 -12.20 -53.70 -24.96
N ALA H 693 -11.46 -52.75 -24.40
CA ALA H 693 -10.64 -53.04 -23.23
C ALA H 693 -10.99 -52.10 -22.08
N THR H 694 -10.67 -52.55 -20.86
CA THR H 694 -10.95 -51.76 -19.67
C THR H 694 -10.19 -50.45 -19.74
N CYS H 695 -10.73 -49.42 -19.12
CA CYS H 695 -10.07 -48.11 -19.11
C CYS H 695 -9.23 -47.92 -17.85
N LYS H 696 -9.22 -48.94 -17.00
CA LYS H 696 -8.47 -48.89 -15.76
C LYS H 696 -7.07 -49.51 -15.95
N GLY H 697 -6.03 -48.69 -15.94
CA GLY H 697 -4.68 -49.15 -16.17
C GLY H 697 -4.19 -49.05 -17.62
N GLY H 698 -3.22 -49.91 -17.97
CA GLY H 698 -2.53 -49.85 -19.25
C GLY H 698 -3.35 -49.73 -20.52
N PRO H 699 -4.40 -50.54 -20.66
CA PRO H 699 -5.19 -50.51 -21.89
C PRO H 699 -5.76 -49.11 -22.23
N ALA H 700 -5.92 -48.26 -21.21
CA ALA H 700 -6.35 -46.88 -21.45
C ALA H 700 -5.40 -46.18 -22.42
N GLU H 701 -4.10 -46.41 -22.22
CA GLU H 701 -3.07 -45.83 -23.08
C GLU H 701 -2.85 -46.61 -24.36
N ILE H 702 -3.02 -47.94 -24.32
CA ILE H 702 -2.78 -48.74 -25.52
C ILE H 702 -3.78 -48.41 -26.63
N ILE H 703 -5.06 -48.33 -26.27
CA ILE H 703 -6.12 -48.08 -27.24
C ILE H 703 -6.47 -46.61 -27.37
N VAL H 704 -6.68 -46.16 -28.59
CA VAL H 704 -7.23 -44.82 -28.83
C VAL H 704 -8.71 -44.93 -29.19
N HIS H 705 -9.57 -44.50 -28.27
CA HIS H 705 -11.00 -44.75 -28.36
C HIS H 705 -11.57 -44.33 -29.71
N GLY H 706 -12.31 -45.24 -30.35
CA GLY H 706 -12.90 -44.97 -31.64
C GLY H 706 -11.91 -44.91 -32.79
N LYS H 707 -10.65 -45.18 -32.52
CA LYS H 707 -9.66 -45.20 -33.58
C LYS H 707 -9.02 -46.58 -33.71
N SER H 708 -8.24 -46.97 -32.71
CA SER H 708 -7.62 -48.29 -32.63
C SER H 708 -8.42 -49.28 -31.76
N GLY H 709 -9.61 -48.88 -31.32
CA GLY H 709 -10.46 -49.72 -30.50
C GLY H 709 -11.31 -48.87 -29.58
N PHE H 710 -11.94 -49.48 -28.58
CA PHE H 710 -12.79 -48.74 -27.65
C PHE H 710 -12.48 -49.03 -26.18
N HIS H 711 -12.81 -48.08 -25.31
CA HIS H 711 -12.67 -48.28 -23.88
C HIS H 711 -14.02 -48.59 -23.28
N ILE H 712 -14.03 -49.47 -22.29
CA ILE H 712 -15.24 -49.79 -21.56
C ILE H 712 -14.90 -49.74 -20.08
N ASP H 713 -15.85 -49.31 -19.26
CA ASP H 713 -15.62 -49.20 -17.82
C ASP H 713 -16.15 -50.45 -17.12
N PRO H 714 -15.25 -51.22 -16.48
CA PRO H 714 -15.63 -52.45 -15.76
C PRO H 714 -16.58 -52.18 -14.60
N TYR H 715 -16.70 -50.93 -14.17
CA TYR H 715 -17.65 -50.59 -13.12
C TYR H 715 -19.07 -50.32 -13.64
N HIS H 716 -19.21 -49.98 -14.91
CA HIS H 716 -20.53 -50.01 -15.53
C HIS H 716 -20.54 -51.05 -16.65
N GLY H 717 -21.07 -52.23 -16.34
CA GLY H 717 -20.94 -53.37 -17.23
C GLY H 717 -22.06 -53.49 -18.24
N ASP H 718 -23.23 -53.01 -17.86
CA ASP H 718 -24.38 -53.07 -18.75
C ASP H 718 -24.16 -52.05 -19.85
N GLN H 719 -23.55 -50.92 -19.49
CA GLN H 719 -23.20 -49.91 -20.46
C GLN H 719 -22.11 -50.47 -21.33
N ALA H 720 -21.20 -51.21 -20.70
CA ALA H 720 -20.14 -51.89 -21.43
C ALA H 720 -20.75 -52.89 -22.41
N ALA H 721 -21.69 -53.70 -21.91
CA ALA H 721 -22.33 -54.72 -22.73
C ALA H 721 -23.15 -54.09 -23.85
N ASP H 722 -23.81 -52.99 -23.52
CA ASP H 722 -24.62 -52.27 -24.49
C ASP H 722 -23.74 -51.70 -25.59
N THR H 723 -22.59 -51.14 -25.19
CA THR H 723 -21.66 -50.61 -26.17
C THR H 723 -21.28 -51.67 -27.19
N LEU H 724 -20.98 -52.87 -26.72
CA LEU H 724 -20.63 -53.98 -27.58
C LEU H 724 -21.74 -54.25 -28.59
N ALA H 725 -22.97 -54.29 -28.09
CA ALA H 725 -24.13 -54.47 -28.94
C ALA H 725 -24.17 -53.41 -30.04
N ASP H 726 -23.92 -52.16 -29.68
CA ASP H 726 -23.82 -51.10 -30.68
C ASP H 726 -22.86 -51.50 -31.79
N PHE H 727 -21.65 -51.87 -31.40
CA PHE H 727 -20.61 -52.22 -32.36
C PHE H 727 -21.12 -53.26 -33.36
N PHE H 728 -21.72 -54.31 -32.84
CA PHE H 728 -22.21 -55.37 -33.70
C PHE H 728 -23.40 -54.90 -34.54
N THR H 729 -24.31 -54.13 -33.95
CA THR H 729 -25.44 -53.63 -34.72
C THR H 729 -24.90 -52.83 -35.89
N LYS H 730 -24.00 -51.91 -35.60
CA LYS H 730 -23.38 -51.10 -36.66
C LYS H 730 -22.71 -51.97 -37.72
N CYS H 731 -21.87 -52.91 -37.27
CA CYS H 731 -21.08 -53.74 -38.17
C CYS H 731 -21.96 -54.56 -39.09
N LYS H 732 -23.18 -54.88 -38.65
CA LYS H 732 -24.11 -55.64 -39.49
C LYS H 732 -24.71 -54.74 -40.57
N GLU H 733 -24.87 -53.47 -40.24
CA GLU H 733 -25.36 -52.48 -41.19
C GLU H 733 -24.24 -52.00 -42.14
N ASP H 734 -23.04 -51.83 -41.61
CA ASP H 734 -21.91 -51.34 -42.39
C ASP H 734 -20.62 -52.09 -42.06
N PRO H 735 -20.43 -53.24 -42.71
CA PRO H 735 -19.30 -54.13 -42.42
C PRO H 735 -17.94 -53.42 -42.45
N SER H 736 -17.82 -52.36 -43.25
CA SER H 736 -16.56 -51.65 -43.37
C SER H 736 -16.20 -50.96 -42.05
N HIS H 737 -17.18 -50.83 -41.16
CA HIS H 737 -16.94 -50.29 -39.83
C HIS H 737 -15.99 -51.23 -39.08
N TRP H 738 -16.29 -52.52 -39.14
CA TRP H 738 -15.43 -53.53 -38.55
C TRP H 738 -14.00 -53.37 -39.09
N ASP H 739 -13.89 -53.17 -40.41
CA ASP H 739 -12.59 -53.00 -41.03
C ASP H 739 -11.87 -51.74 -40.52
N GLU H 740 -12.62 -50.65 -40.37
CA GLU H 740 -12.04 -49.38 -39.92
C GLU H 740 -11.26 -49.60 -38.64
N ILE H 741 -11.91 -50.19 -37.65
CA ILE H 741 -11.29 -50.40 -36.34
C ILE H 741 -10.12 -51.38 -36.41
N SER H 742 -10.32 -52.48 -37.13
CA SER H 742 -9.26 -53.47 -37.32
C SER H 742 -7.98 -52.81 -37.83
N LYS H 743 -8.07 -52.09 -38.94
CA LYS H 743 -6.91 -51.42 -39.52
C LYS H 743 -6.38 -50.36 -38.58
N GLY H 744 -7.28 -49.75 -37.81
CA GLY H 744 -6.89 -48.76 -36.84
C GLY H 744 -6.01 -49.36 -35.76
N GLY H 745 -6.36 -50.56 -35.32
CA GLY H 745 -5.61 -51.25 -34.28
C GLY H 745 -4.24 -51.66 -34.76
N LEU H 746 -4.21 -52.23 -35.96
CA LEU H 746 -2.98 -52.69 -36.57
C LEU H 746 -1.93 -51.58 -36.65
N GLN H 747 -2.36 -50.39 -37.07
CA GLN H 747 -1.43 -49.27 -37.21
C GLN H 747 -0.95 -48.81 -35.85
N ARG H 748 -1.87 -48.77 -34.89
CA ARG H 748 -1.52 -48.42 -33.52
C ARG H 748 -0.37 -49.31 -33.04
N ILE H 749 -0.46 -50.60 -33.35
CA ILE H 749 0.56 -51.55 -32.91
C ILE H 749 1.88 -51.33 -33.65
N GLU H 750 1.82 -51.30 -34.98
CA GLU H 750 3.00 -51.06 -35.79
C GLU H 750 3.76 -49.83 -35.30
N GLU H 751 3.01 -48.85 -34.80
CA GLU H 751 3.57 -47.59 -34.35
C GLU H 751 4.26 -47.69 -33.00
N LYS H 752 3.54 -48.22 -32.02
CA LYS H 752 3.92 -48.16 -30.61
C LYS H 752 4.52 -49.45 -30.03
N TYR H 753 3.77 -50.55 -30.09
CA TYR H 753 4.23 -51.77 -29.43
C TYR H 753 4.88 -52.86 -30.34
N THR H 754 6.20 -52.94 -30.27
CA THR H 754 6.98 -53.88 -31.07
C THR H 754 8.31 -54.14 -30.37
N TRP H 755 8.92 -55.28 -30.66
CA TRP H 755 10.11 -55.69 -29.93
C TRP H 755 11.43 -55.14 -30.47
N GLN H 756 11.42 -54.63 -31.69
CA GLN H 756 12.67 -54.30 -32.38
C GLN H 756 13.54 -53.30 -31.64
N ILE H 757 12.94 -52.19 -31.23
CA ILE H 757 13.68 -51.16 -30.51
C ILE H 757 13.83 -51.43 -29.01
N TYR H 758 13.01 -52.30 -28.46
CA TYR H 758 13.04 -52.57 -27.02
C TYR H 758 14.44 -52.88 -26.55
N SER H 759 15.04 -53.86 -27.21
CA SER H 759 16.34 -54.36 -26.78
C SER H 759 17.42 -53.29 -26.91
N GLN H 760 17.45 -52.59 -28.04
CA GLN H 760 18.42 -51.51 -28.23
C GLN H 760 18.31 -50.46 -27.13
N ARG H 761 17.07 -50.06 -26.85
CA ARG H 761 16.78 -49.12 -25.77
C ARG H 761 17.30 -49.67 -24.46
N LEU H 762 16.93 -50.90 -24.15
CA LEU H 762 17.35 -51.53 -22.90
C LEU H 762 18.86 -51.52 -22.71
N LEU H 763 19.60 -51.90 -23.75
CA LEU H 763 21.06 -51.96 -23.65
C LEU H 763 21.69 -50.59 -23.44
N THR H 764 21.13 -49.59 -24.10
CA THR H 764 21.60 -48.22 -23.94
C THR H 764 21.43 -47.76 -22.50
N LEU H 765 20.23 -47.91 -21.97
CA LEU H 765 19.96 -47.56 -20.58
C LEU H 765 20.97 -48.21 -19.63
N THR H 766 21.26 -49.49 -19.84
CA THR H 766 22.21 -50.22 -18.98
C THR H 766 23.60 -49.58 -18.99
N GLY H 767 23.97 -49.01 -20.13
CA GLY H 767 25.24 -48.33 -20.27
C GLY H 767 25.25 -46.99 -19.57
N VAL H 768 24.20 -46.19 -19.78
CA VAL H 768 24.10 -44.89 -19.15
C VAL H 768 24.02 -44.98 -17.63
N TYR H 769 23.03 -45.71 -17.14
CA TYR H 769 22.87 -45.92 -15.70
C TYR H 769 24.04 -46.70 -15.09
N GLY H 770 24.73 -47.48 -15.91
CA GLY H 770 25.91 -48.17 -15.46
C GLY H 770 26.94 -47.16 -15.03
N PHE H 771 27.24 -46.21 -15.92
CA PHE H 771 28.20 -45.15 -15.64
C PHE H 771 27.70 -44.17 -14.56
N TRP H 772 26.42 -43.79 -14.63
CA TRP H 772 25.84 -42.94 -13.59
C TRP H 772 26.00 -43.59 -12.21
N LYS H 773 25.90 -44.91 -12.18
CA LYS H 773 26.11 -45.70 -10.99
C LYS H 773 27.40 -45.29 -10.30
N HIS H 774 28.45 -45.09 -11.09
CA HIS H 774 29.77 -44.78 -10.56
C HIS H 774 29.92 -43.32 -10.12
N VAL H 775 29.42 -42.40 -10.93
CA VAL H 775 29.50 -40.98 -10.60
C VAL H 775 28.73 -40.65 -9.32
N SER H 776 27.50 -41.15 -9.24
CA SER H 776 26.60 -40.81 -8.15
C SER H 776 26.76 -41.74 -6.95
N ASN H 777 27.78 -42.59 -6.99
CA ASN H 777 28.03 -43.57 -5.93
C ASN H 777 27.96 -43.01 -4.51
N LEU H 778 28.56 -41.83 -4.32
CA LEU H 778 28.73 -41.28 -2.98
C LEU H 778 27.47 -40.70 -2.37
N ASP H 779 26.59 -40.15 -3.20
CA ASP H 779 25.34 -39.54 -2.69
C ASP H 779 24.21 -40.56 -2.51
N ARG H 780 24.36 -41.73 -3.14
CA ARG H 780 23.41 -42.82 -3.00
C ARG H 780 23.83 -43.79 -1.90
N LEU H 781 24.85 -43.43 -1.15
CA LEU H 781 25.36 -44.29 -0.09
C LEU H 781 24.44 -44.30 1.13
N GLU H 782 23.91 -43.13 1.47
CA GLU H 782 22.98 -43.02 2.59
C GLU H 782 21.70 -43.76 2.25
N ALA H 783 21.30 -43.69 0.98
CA ALA H 783 20.09 -44.36 0.51
C ALA H 783 20.26 -45.86 0.60
N ARG H 784 21.47 -46.32 0.31
CA ARG H 784 21.79 -47.73 0.34
C ARG H 784 21.53 -48.29 1.74
N ARG H 785 22.08 -47.61 2.75
CA ARG H 785 21.94 -48.04 4.14
C ARG H 785 20.50 -47.95 4.68
N TYR H 786 19.80 -46.88 4.33
CA TYR H 786 18.40 -46.74 4.70
C TYR H 786 17.60 -47.95 4.23
N LEU H 787 17.88 -48.41 3.02
CA LEU H 787 17.17 -49.53 2.42
C LEU H 787 17.56 -50.88 3.02
N GLU H 788 18.85 -51.09 3.29
CA GLU H 788 19.31 -52.30 3.97
C GLU H 788 18.58 -52.46 5.29
N MET H 789 18.40 -51.35 6.01
CA MET H 789 17.73 -51.39 7.30
C MET H 789 16.26 -51.70 7.14
N PHE H 790 15.61 -51.06 6.17
CA PHE H 790 14.22 -51.33 5.86
C PHE H 790 14.03 -52.82 5.55
N TYR H 791 14.91 -53.37 4.72
CA TYR H 791 14.86 -54.78 4.41
C TYR H 791 15.05 -55.63 5.68
N ALA H 792 16.14 -55.36 6.40
CA ALA H 792 16.50 -56.15 7.57
C ALA H 792 15.47 -56.11 8.70
N LEU H 793 15.04 -54.92 9.08
CA LEU H 793 14.21 -54.76 10.28
C LEU H 793 12.71 -54.67 10.01
N LYS H 794 12.34 -54.63 8.73
CA LYS H 794 10.93 -54.58 8.35
C LYS H 794 10.51 -55.78 7.50
N TYR H 795 11.16 -55.95 6.35
CA TYR H 795 10.85 -57.08 5.49
C TYR H 795 11.05 -58.45 6.13
N ARG H 796 12.22 -58.68 6.70
CA ARG H 796 12.53 -60.03 7.19
C ARG H 796 11.46 -60.50 8.19
N PRO H 797 11.20 -59.70 9.24
CA PRO H 797 10.18 -60.04 10.23
C PRO H 797 8.81 -60.34 9.61
N LEU H 798 8.36 -59.50 8.68
CA LEU H 798 7.10 -59.70 8.01
C LEU H 798 7.10 -61.03 7.26
N ALA H 799 8.16 -61.26 6.52
CA ALA H 799 8.31 -62.48 5.74
C ALA H 799 8.27 -63.71 6.65
N GLN H 800 9.12 -63.72 7.68
CA GLN H 800 9.20 -64.86 8.58
C GLN H 800 7.85 -65.20 9.20
N ALA H 801 7.00 -64.19 9.37
CA ALA H 801 5.69 -64.35 9.96
C ALA H 801 4.67 -64.98 9.00
N VAL H 802 5.03 -65.08 7.72
CA VAL H 802 4.17 -65.72 6.74
C VAL H 802 4.29 -67.22 6.90
N PRO H 803 3.15 -67.89 7.10
CA PRO H 803 3.06 -69.33 7.38
C PRO H 803 3.69 -70.18 6.28
N LEU H 804 4.53 -71.14 6.65
CA LEU H 804 5.23 -71.98 5.67
C LEU H 804 4.34 -73.03 5.01
N ALA H 805 4.61 -73.29 3.73
CA ALA H 805 3.93 -74.35 3.01
C ALA H 805 4.31 -75.69 3.62
N GLN H 806 3.40 -76.65 3.54
CA GLN H 806 3.64 -78.00 4.06
C GLN H 806 3.43 -79.06 2.99
N ASP H 807 4.46 -79.88 2.79
CA ASP H 807 4.38 -81.02 1.88
C ASP H 807 3.91 -82.27 2.65
N1 UDP I . 0.74 68.59 20.09
C2 UDP I . 2.00 68.94 20.53
N3 UDP I . 2.54 70.17 20.18
C4 UDP I . 1.81 71.03 19.38
C5 UDP I . 0.55 70.66 18.94
C6 UDP I . 0.08 69.37 19.19
O2 UDP I . 2.61 68.15 21.23
O4 UDP I . 2.30 72.13 19.07
C1' UDP I . 0.23 67.27 20.49
C2' UDP I . -0.89 67.37 21.51
O2' UDP I . -0.38 67.43 22.83
C3' UDP I . -1.61 66.08 21.24
C4' UDP I . -1.49 65.92 19.75
O4' UDP I . -0.34 66.64 19.36
O3' UDP I . -0.92 65.01 21.82
C5' UDP I . -2.71 66.45 19.02
O5' UDP I . -3.68 65.42 18.98
PA UDP I . -5.24 65.75 18.90
O1A UDP I . -5.64 66.59 20.06
O2A UDP I . -6.02 64.50 18.84
O3A UDP I . -5.44 66.63 17.58
PB UDP I . -4.97 66.14 16.12
O1B UDP I . -3.63 66.68 15.86
O2B UDP I . -5.95 66.61 15.11
O3B UDP I . -4.92 64.67 16.12
C1 FRU J . -1.97 63.67 12.52
C2 FRU J . -3.50 63.71 12.57
C3 FRU J . -4.03 62.93 11.38
C4 FRU J . -4.53 63.99 10.42
C5 FRU J . -4.90 65.13 11.33
C6 FRU J . -6.32 65.06 11.88
O1 FRU J . -1.47 64.45 13.62
O2 FRU J . -3.97 63.26 13.84
O3 FRU J . -5.12 62.08 11.73
O4 FRU J . -3.42 64.40 9.64
O5 FRU J . -3.98 65.05 12.43
O6 FRU J . -7.22 65.60 10.91
S SO4 K . 19.78 55.00 6.67
O1 SO4 K . 19.92 53.90 5.70
O2 SO4 K . 21.14 55.44 7.03
O3 SO4 K . 19.07 54.54 7.87
O4 SO4 K . 19.01 56.07 6.02
S SO4 L . -23.19 65.77 28.27
O1 SO4 L . -23.41 67.22 28.32
O2 SO4 L . -24.25 65.08 29.01
O3 SO4 L . -21.89 65.45 28.88
O4 SO4 L . -23.18 65.33 26.86
S SO4 M . -23.29 83.93 19.43
O1 SO4 M . -24.73 83.83 19.70
O2 SO4 M . -22.55 83.58 20.66
O3 SO4 M . -22.95 85.28 18.96
O4 SO4 M . -22.91 82.99 18.37
S SO4 N . 13.19 66.83 38.77
O1 SO4 N . 13.45 65.73 37.84
O2 SO4 N . 12.10 66.44 39.66
O3 SO4 N . 12.81 68.02 38.01
O4 SO4 N . 14.40 67.13 39.56
S SO4 O . -43.08 58.31 9.41
O1 SO4 O . -43.02 56.88 9.14
O2 SO4 O . -44.46 58.70 9.72
O3 SO4 O . -42.62 59.07 8.25
O4 SO4 O . -42.23 58.62 10.56
C1 MLA P . -19.64 76.58 35.27
O1A MLA P . -20.51 75.90 35.86
O1B MLA P . -18.57 76.88 35.84
C2 MLA P . -19.86 77.05 33.86
C3 MLA P . -20.91 78.10 33.68
O3A MLA P . -21.43 78.29 32.54
O3B MLA P . -21.28 78.79 34.66
HC21 MLA P . -18.93 77.48 33.52
HC22 MLA P . -20.10 76.21 33.25
K K Q . -0.15 23.88 13.78
N1 UDP R . -33.08 9.40 61.22
C2 UDP R . -33.45 9.78 62.48
N3 UDP R . -33.72 8.82 63.44
C4 UDP R . -33.62 7.48 63.14
C5 UDP R . -33.26 7.12 61.84
C6 UDP R . -33.21 8.09 60.85
O2 UDP R . -33.54 10.98 62.76
O4 UDP R . -33.86 6.62 63.99
C1' UDP R . -32.81 10.43 60.18
C2' UDP R . -31.35 10.81 60.02
O2' UDP R . -30.96 11.84 60.91
C3' UDP R . -31.32 11.28 58.59
C4' UDP R . -32.41 10.46 57.89
O4' UDP R . -33.22 9.95 58.93
O3' UDP R . -31.73 12.62 58.51
C5' UDP R . -31.86 9.28 57.10
O5' UDP R . -31.42 9.73 55.85
PA UDP R . -30.37 8.88 54.97
O1A UDP R . -29.07 8.89 55.68
O2A UDP R . -30.26 9.45 53.59
O3A UDP R . -30.96 7.37 54.97
PB UDP R . -32.28 6.99 54.12
O1B UDP R . -33.38 6.80 55.10
O2B UDP R . -32.07 5.76 53.31
O3B UDP R . -32.64 8.09 53.19
C1 FRU S . -37.34 7.54 52.96
C2 FRU S . -36.20 7.02 52.09
C3 FRU S . -36.77 6.71 50.71
C4 FRU S . -36.85 5.21 50.65
C5 FRU S . -35.86 4.74 51.69
C6 FRU S . -34.52 4.37 51.07
O1 FRU S . -36.88 7.82 54.28
O2 FRU S . -35.13 7.96 52.03
O3 FRU S . -35.94 7.19 49.67
O4 FRU S . -38.13 4.88 51.15
O5 FRU S . -35.70 5.79 52.62
O6 FRU S . -34.79 3.57 49.93
S SO4 T . -59.17 16.21 59.03
O1 SO4 T . -59.89 16.51 60.28
O2 SO4 T . -58.09 17.21 58.86
O3 SO4 T . -60.12 16.24 57.91
O4 SO4 T . -58.55 14.88 59.08
S SO4 U . -11.51 10.11 47.03
O1 SO4 U . -12.86 10.71 46.93
O2 SO4 U . -11.48 8.84 46.31
O3 SO4 U . -11.21 9.87 48.44
O4 SO4 U . -10.52 11.03 46.47
S SO4 V . -12.14 -8.58 55.02
O1 SO4 V . -13.38 -9.10 55.61
O2 SO4 V . -10.99 -9.41 55.43
O3 SO4 V . -11.93 -7.19 55.46
O4 SO4 V . -12.22 -8.63 53.56
C1 MLA W . -6.40 5.38 58.76
O1A MLA W . -5.21 5.33 59.17
O1B MLA W . -7.02 4.34 58.40
C2 MLA W . -7.06 6.70 58.72
C3 MLA W . -6.65 7.67 59.77
O3A MLA W . -5.92 8.64 59.46
O3B MLA W . -7.02 7.51 60.96
HC21 MLA W . -8.13 6.55 58.78
HC22 MLA W . -6.84 7.16 57.77
K K X . -49.74 36.97 30.17
N1 UDP Y . -65.68 -18.94 -6.62
C2 UDP Y . -65.78 -20.16 -7.25
N3 UDP Y . -66.74 -21.08 -6.86
C4 UDP Y . -67.58 -20.77 -5.82
C5 UDP Y . -67.46 -19.55 -5.17
C6 UDP Y . -66.40 -18.70 -5.49
O2 UDP Y . -65.03 -20.42 -8.19
O4 UDP Y . -68.43 -21.57 -5.45
C1' UDP Y . -64.65 -17.98 -7.04
C2' UDP Y . -65.21 -16.90 -7.94
O2' UDP Y . -65.26 -17.28 -9.31
C3' UDP Y . -64.20 -15.79 -7.72
C4' UDP Y . -63.84 -15.97 -6.26
O4' UDP Y . -64.14 -17.31 -5.92
O3' UDP Y . -63.03 -16.00 -8.49
C5' UDP Y . -64.65 -15.02 -5.40
O5' UDP Y . -63.97 -13.79 -5.36
PA UDP Y . -64.66 -12.42 -4.87
O1A UDP Y . -65.71 -12.04 -5.85
O2A UDP Y . -63.63 -11.36 -4.77
O3A UDP Y . -65.34 -12.78 -3.44
PB UDP Y . -64.49 -13.25 -2.14
O1B UDP Y . -64.65 -14.70 -1.93
O2B UDP Y . -64.99 -12.54 -0.95
O3B UDP Y . -63.05 -12.98 -2.35
C1 FRU Z . -60.79 -15.50 0.43
C2 FRU Z . -61.27 -14.14 0.92
C3 FRU Z . -60.47 -13.82 2.18
C4 FRU Z . -61.47 -13.82 3.31
C5 FRU Z . -62.81 -13.74 2.63
C6 FRU Z . -63.39 -12.32 2.64
O1 FRU Z . -61.78 -16.10 -0.42
O2 FRU Z . -61.15 -13.12 -0.08
O3 FRU Z . -59.82 -12.55 2.09
O4 FRU Z . -61.37 -15.08 3.96
O5 FRU Z . -62.65 -14.17 1.29
O6 FRU Z . -63.16 -11.79 3.94
S SO4 AA . -45.50 -34.43 1.62
O1 SO4 AA . -44.41 -34.39 2.61
O2 SO4 AA . -45.63 -35.83 1.17
O3 SO4 AA . -45.21 -33.58 0.46
O4 SO4 AA . -46.74 -33.98 2.26
S SO4 BA . -71.70 6.18 -11.03
O1 SO4 BA . -71.48 6.12 -9.58
O2 SO4 BA . -70.73 7.09 -11.62
O3 SO4 BA . -73.06 6.66 -11.30
O4 SO4 BA . -71.54 4.83 -11.58
S SO4 CA . -87.43 -1.52 -0.51
O1 SO4 CA . -86.40 -1.53 0.54
O2 SO4 CA . -88.48 -2.48 -0.15
O3 SO4 CA . -86.84 -1.91 -1.78
O4 SO4 CA . -88.02 -0.18 -0.63
C1 MLA DA . -83.79 0.44 -15.38
O1A MLA DA . -84.45 1.29 -16.06
O1B MLA DA . -83.66 0.58 -14.13
C2 MLA DA . -83.18 -0.75 -16.06
C3 MLA DA . -81.87 -0.56 -16.74
O3A MLA DA . -80.82 -0.68 -16.06
O3B MLA DA . -81.80 -0.28 -17.97
HC21 MLA DA . -83.02 -1.50 -15.28
HC22 MLA DA . -83.88 -1.14 -16.77
K K EA . -22.70 -3.42 -4.88
N1 UDP FA . -27.61 38.12 -48.15
C2 UDP FA . -28.25 38.67 -49.24
N3 UDP FA . -27.53 39.32 -50.21
C4 UDP FA . -26.16 39.42 -50.08
C5 UDP FA . -25.52 38.86 -48.98
C6 UDP FA . -26.26 38.25 -47.98
O2 UDP FA . -29.47 38.58 -49.37
O4 UDP FA . -25.54 40.00 -50.95
C1' UDP FA . -28.41 37.44 -47.13
C2' UDP FA . -28.27 35.93 -47.25
O2' UDP FA . -29.21 35.38 -48.15
C3' UDP FA . -28.53 35.54 -45.83
C4' UDP FA . -27.94 36.66 -45.02
O4' UDP FA . -27.88 37.76 -45.89
O3' UDP FA . -29.92 35.58 -45.63
C5' UDP FA . -26.52 36.36 -44.52
O5' UDP FA . -26.63 35.54 -43.39
PA UDP FA . -25.36 34.70 -42.84
O1A UDP FA . -25.13 33.52 -43.71
O2A UDP FA . -25.54 34.32 -41.43
O3A UDP FA . -24.16 35.75 -43.01
PB UDP FA . -24.02 36.94 -41.93
O1B UDP FA . -25.15 36.88 -40.99
O2B UDP FA . -24.08 38.22 -42.68
O3B UDP FA . -22.73 36.83 -41.21
C1 FRU GA . -24.80 41.13 -40.15
C2 FRU GA . -24.36 40.23 -38.99
C3 FRU GA . -24.38 41.01 -37.69
C4 FRU GA . -23.01 41.64 -37.67
C5 FRU GA . -22.12 40.65 -38.40
C6 FRU GA . -21.26 39.85 -37.43
O1 FRU GA . -26.23 41.17 -40.34
O2 FRU GA . -25.17 39.05 -38.90
O3 FRU GA . -24.51 40.10 -36.60
O4 FRU GA . -23.05 42.83 -38.46
O5 FRU GA . -23.01 39.81 -39.14
O6 FRU GA . -20.87 38.61 -38.03
S SO4 HA . -40.64 60.27 -39.82
O1 SO4 HA . -41.10 61.16 -40.90
O2 SO4 HA . -41.13 60.80 -38.54
O3 SO4 HA . -39.18 60.23 -39.76
O4 SO4 HA . -41.17 58.91 -40.08
S SO4 IA . -19.32 15.01 -38.97
O1 SO4 IA . -20.60 14.82 -38.28
O2 SO4 IA . -18.27 15.35 -37.99
O3 SO4 IA . -19.41 16.10 -39.95
O4 SO4 IA . -18.95 13.77 -39.65
S SO4 JA . -3.47 22.91 -48.88
O1 SO4 JA . -2.51 22.53 -49.92
O2 SO4 JA . -3.49 24.38 -48.73
O3 SO4 JA . -3.12 22.27 -47.60
O4 SO4 JA . -4.81 22.46 -49.26
S SO4 KA . -44.68 33.00 -61.46
O1 SO4 KA . -43.31 33.31 -61.89
O2 SO4 KA . -44.76 31.61 -61.00
O3 SO4 KA . -45.62 33.17 -62.58
O4 SO4 KA . -45.03 33.90 -60.36
C1 MLA LA . -17.78 13.66 -52.37
O1A MLA LA . -17.98 12.62 -51.66
O1B MLA LA . -18.51 13.92 -53.36
C2 MLA LA . -16.63 14.56 -52.02
C3 MLA LA . -15.28 14.04 -52.38
O3A MLA LA . -15.12 13.47 -53.49
O3B MLA LA . -14.30 14.16 -51.59
HC21 MLA LA . -16.78 15.50 -52.54
HC22 MLA LA . -16.66 14.76 -50.95
C1 MLA MA . -26.02 50.43 -15.18
O1A MLA MA . -25.03 51.15 -14.84
O1B MLA MA . -27.15 50.64 -14.67
C2 MLA MA . -25.84 49.33 -16.17
C3 MLA MA . -26.28 47.95 -15.78
O3A MLA MA . -27.46 47.57 -15.99
O3B MLA MA . -25.47 47.16 -15.24
HC21 MLA MA . -26.38 49.61 -17.06
HC22 MLA MA . -24.79 49.27 -16.42
K K NA . -52.90 39.63 -10.54
N1 UDP OA . 29.33 -40.52 47.09
C2 UDP OA . 28.78 -40.18 48.30
N3 UDP OA . 28.52 -41.16 49.25
C4 UDP OA . 28.81 -42.47 48.96
C5 UDP OA . 29.34 -42.80 47.73
C6 UDP OA . 29.81 -41.78 46.93
O2 UDP OA . 28.54 -39.00 48.54
O4 UDP OA . 28.57 -43.34 49.78
C1' UDP OA . 29.58 -39.47 46.09
C2' UDP OA . 31.05 -39.16 45.93
O2' UDP OA . 31.47 -38.18 46.85
C3' UDP OA . 31.05 -38.63 44.52
C4' UDP OA . 29.98 -39.44 43.82
O4' UDP OA . 29.11 -39.90 44.83
O3' UDP OA . 30.64 -37.28 44.52
C5' UDP OA . 30.57 -40.63 43.05
O5' UDP OA . 30.74 -40.23 41.71
PA UDP OA . 31.87 -40.84 40.73
O1A UDP OA . 33.16 -40.79 41.45
O2A UDP OA . 31.92 -40.13 39.42
O3A UDP OA . 31.47 -42.39 40.53
PB UDP OA . 30.02 -42.82 39.96
O1B UDP OA . 30.20 -43.88 38.92
O2B UDP OA . 29.26 -41.67 39.40
O3B UDP OA . 29.29 -43.34 41.14
C1 FRU PA . 25.40 -41.71 38.66
C2 FRU PA . 26.24 -42.63 37.77
C3 FRU PA . 25.33 -43.09 36.63
C4 FRU PA . 25.34 -44.60 36.66
C5 FRU PA . 26.47 -44.93 37.60
C6 FRU PA . 27.75 -45.23 36.83
O1 FRU PA . 25.74 -41.87 40.05
O2 FRU PA . 27.43 -41.97 37.27
O3 FRU PA . 25.76 -42.61 35.37
O4 FRU PA . 24.12 -45.06 37.26
O5 FRU PA . 26.66 -43.79 38.45
O6 FRU PA . 27.41 -46.20 35.84
S SO4 QA . 3.26 -33.88 45.43
O1 SO4 QA . 4.45 -33.01 45.28
O2 SO4 QA . 2.63 -33.63 46.73
O3 SO4 QA . 3.65 -35.29 45.27
O4 SO4 QA . 2.29 -33.58 44.38
S SO4 RA . 51.08 -39.83 32.92
O1 SO4 RA . 50.66 -41.20 32.59
O2 SO4 RA . 52.46 -39.85 33.41
O3 SO4 RA . 50.20 -39.29 33.95
O4 SO4 RA . 51.01 -38.97 31.73
S SO4 SA . 50.41 -58.80 40.31
O1 SO4 SA . 49.58 -59.73 39.52
O2 SO4 SA . 51.03 -57.80 39.42
O3 SO4 SA . 51.48 -59.54 40.99
O4 SO4 SA . 49.57 -58.10 41.29
S SO4 TA . 32.32 -24.39 62.31
O1 SO4 TA . 33.40 -23.65 61.65
O2 SO4 TA . 31.06 -24.22 61.56
O3 SO4 TA . 32.15 -23.88 63.68
O4 SO4 TA . 32.64 -25.82 62.36
C1 MLA UA . 55.94 -45.27 44.47
O1A MLA UA . 54.79 -44.88 44.15
O1B MLA UA . 56.31 -46.45 44.24
C2 MLA UA . 56.83 -44.29 45.14
C3 MLA UA . 56.27 -42.91 45.19
O3A MLA UA . 55.46 -42.61 46.10
O3B MLA UA . 56.60 -42.07 44.30
HC21 MLA UA . 57.01 -44.62 46.15
HC22 MLA UA . 57.77 -44.26 44.62
K K VA . 13.66 -11.69 15.57
N1 UDP WA . 63.50 19.70 9.46
C2 UDP WA . 64.72 20.03 10.04
N3 UDP WA . 65.30 21.26 9.84
C4 UDP WA . 64.65 22.18 9.05
C5 UDP WA . 63.43 21.85 8.46
C6 UDP WA . 62.96 20.54 8.52
O2 UDP WA . 65.28 19.18 10.75
O4 UDP WA . 65.16 23.29 8.86
C1' UDP WA . 62.94 18.37 9.71
C2' UDP WA . 61.89 18.40 10.80
O2' UDP WA . 62.49 18.36 12.08
C3' UDP WA . 61.09 17.16 10.46
C4' UDP WA . 61.22 17.03 8.96
O4' UDP WA . 62.28 17.87 8.58
O3' UDP WA . 61.68 16.02 11.04
C5' UDP WA . 59.96 17.44 8.21
O5' UDP WA . 58.89 16.57 8.47
PA UDP WA . 57.41 16.94 7.96
O1A UDP WA . 56.72 17.73 9.01
O2A UDP WA . 56.58 15.76 7.58
O3A UDP WA . 57.77 17.91 6.71
PB UDP WA . 57.83 17.51 5.15
O1B UDP WA . 56.59 17.91 4.44
O2B UDP WA . 58.01 16.04 5.00
O3B UDP WA . 58.98 18.21 4.56
C1 FRU XA . 60.41 16.12 1.63
C2 FRU XA . 59.01 15.55 1.44
C3 FRU XA . 59.01 14.71 0.18
C4 FRU XA . 58.54 15.67 -0.88
C5 FRU XA . 57.83 16.79 -0.16
C6 FRU XA . 56.34 16.82 -0.48
O1 FRU XA . 61.14 15.27 2.53
O2 FRU XA . 58.66 14.80 2.62
O3 FRU XA . 58.12 13.58 0.29
O4 FRU XA . 59.71 16.21 -1.50
O5 FRU XA . 58.04 16.57 1.24
O6 FRU XA . 55.58 17.30 0.64
S SO4 YA . 82.75 6.64 -4.43
O1 SO4 YA . 82.20 7.93 -4.91
O2 SO4 YA . 82.61 5.66 -5.52
O3 SO4 YA . 82.00 6.20 -3.24
O4 SO4 YA . 84.18 6.75 -4.10
S SO4 ZA . 39.03 16.39 16.87
O1 SO4 ZA . 38.14 17.57 16.86
O2 SO4 ZA . 38.33 15.26 17.49
O3 SO4 ZA . 40.25 16.68 17.64
O4 SO4 ZA . 39.42 16.07 15.50
S SO4 AB . 39.65 35.21 9.40
O1 SO4 AB . 40.63 35.25 8.29
O2 SO4 AB . 38.46 34.45 9.03
O3 SO4 AB . 39.24 36.57 9.77
O4 SO4 AB . 40.30 34.57 10.56
S SO4 BB . 75.65 16.85 28.41
O1 SO4 BB . 75.12 18.02 27.69
O2 SO4 BB . 74.57 15.87 28.62
O3 SO4 BB . 76.16 17.26 29.72
O4 SO4 BB . 76.71 16.23 27.62
C1 MLA CB . 43.17 26.99 24.85
O1A MLA CB . 44.24 27.37 25.39
O1B MLA CB . 42.35 26.28 25.50
C2 MLA CB . 42.89 27.39 23.44
C3 MLA CB . 41.87 28.46 23.22
O3A MLA CB . 41.30 29.02 24.19
O3B MLA CB . 41.59 28.78 22.02
HC21 MLA CB . 43.81 27.72 23.00
HC22 MLA CB . 42.56 26.51 22.92
C1 MLA DB . 72.42 12.96 12.63
O1A MLA DB . 71.70 12.26 11.84
O1B MLA DB . 72.24 14.23 12.76
C2 MLA DB . 73.51 12.30 13.42
C3 MLA DB . 73.14 11.54 14.65
O3A MLA DB . 74.02 11.37 15.56
O3B MLA DB . 71.99 11.06 14.80
HC21 MLA DB . 73.99 11.60 12.76
HC22 MLA DB . 74.23 13.05 13.70
K K EB . 62.01 -24.65 0.21
N1 UDP FB . 36.38 -8.20 -60.83
C2 UDP FB . 35.73 -7.63 -61.91
N3 UDP FB . 36.44 -6.94 -62.86
C4 UDP FB . 37.81 -6.82 -62.73
C5 UDP FB . 38.46 -7.40 -61.65
C6 UDP FB . 37.74 -8.25 -60.80
O2 UDP FB . 34.51 -7.74 -62.00
O4 UDP FB . 38.44 -6.22 -63.58
C1' UDP FB . 35.57 -8.92 -59.84
C2' UDP FB . 35.72 -10.41 -60.01
O2' UDP FB . 34.80 -10.95 -60.93
C3' UDP FB . 35.44 -10.90 -58.61
C4' UDP FB . 36.03 -9.80 -57.75
O4' UDP FB . 36.08 -8.63 -58.56
O3' UDP FB . 34.06 -10.90 -58.40
C5' UDP FB . 37.42 -10.17 -57.25
O5' UDP FB . 37.24 -10.97 -56.10
PA UDP FB . 38.47 -11.71 -55.38
O1A UDP FB . 38.81 -12.93 -56.15
O2A UDP FB . 38.12 -11.99 -53.95
O3A UDP FB . 39.68 -10.65 -55.51
PB UDP FB . 39.91 -9.47 -54.43
O1B UDP FB . 41.17 -9.72 -53.69
O2B UDP FB . 38.75 -9.42 -53.50
O3B UDP FB . 40.00 -8.19 -55.15
C1 FRU GB . 38.76 -5.85 -52.58
C2 FRU GB . 39.45 -6.42 -51.36
C3 FRU GB . 39.47 -5.54 -50.15
C4 FRU GB . 40.85 -4.95 -50.12
C5 FRU GB . 41.68 -5.78 -51.04
C6 FRU GB . 42.74 -6.53 -50.28
O1 FRU GB . 37.62 -5.09 -52.24
O2 FRU GB . 38.84 -7.62 -51.00
O3 FRU GB . 39.32 -6.42 -49.06
O4 FRU GB . 40.83 -3.67 -50.71
O5 FRU GB . 40.79 -6.68 -51.65
O6 FRU GB . 42.55 -7.87 -50.64
S SO4 HB . 22.96 13.44 -52.82
O1 SO4 HB . 22.24 12.16 -52.90
O2 SO4 HB . 22.47 14.22 -51.67
O3 SO4 HB . 22.70 14.22 -54.04
O4 SO4 HB . 24.41 13.22 -52.67
S SO4 IB . 44.66 -30.77 -51.77
O1 SO4 IB . 44.42 -32.06 -51.13
O2 SO4 IB . 43.53 -30.46 -52.67
O3 SO4 IB . 45.90 -30.84 -52.56
O4 SO4 IB . 44.78 -29.72 -50.75
S SO4 JB . 60.51 -23.34 -61.13
O1 SO4 JB . 60.64 -23.90 -59.78
O2 SO4 JB . 60.59 -21.87 -61.08
O3 SO4 JB . 59.21 -23.74 -61.69
O4 SO4 JB . 61.59 -23.88 -61.97
S SO4 KB . 19.22 -13.44 -74.21
O1 SO4 KB . 19.15 -14.72 -73.48
O2 SO4 KB . 20.59 -13.20 -74.66
O3 SO4 KB . 18.31 -13.50 -75.35
O4 SO4 KB . 18.82 -12.36 -73.30
C1 MLA LB . 48.79 -32.38 -64.74
O1A MLA LB . 49.11 -33.26 -65.59
O1B MLA LB . 49.61 -31.45 -64.47
C2 MLA LB . 47.47 -32.43 -64.04
C3 MLA LB . 46.24 -32.81 -64.82
O3A MLA LB . 45.69 -33.92 -64.59
O3B MLA LB . 45.74 -32.04 -65.68
HC21 MLA LB . 47.29 -31.47 -63.59
HC22 MLA LB . 47.56 -33.14 -63.24
C1 MLA MB . 58.21 -31.58 -26.55
O1A MLA MB . 57.39 -32.32 -27.16
O1B MLA MB . 58.57 -31.85 -25.37
C2 MLA MB . 58.76 -30.36 -27.21
C3 MLA MB . 59.74 -30.55 -28.31
O3A MLA MB . 59.39 -30.41 -29.51
O3B MLA MB . 60.93 -30.86 -28.04
HC21 MLA MB . 59.22 -29.75 -26.45
HC22 MLA MB . 57.92 -29.80 -27.61
K K NB . 10.28 -8.27 -23.49
N1 UDP OB . -2.52 -66.64 -22.17
C2 UDP OB . -2.53 -67.84 -22.86
N3 UDP OB . -3.49 -68.79 -22.56
C4 UDP OB . -4.41 -68.54 -21.56
C5 UDP OB . -4.37 -67.33 -20.88
C6 UDP OB . -3.28 -66.49 -21.05
O2 UDP OB . -1.70 -68.04 -23.76
O4 UDP OB . -5.26 -69.38 -21.29
C1' UDP OB . -1.51 -65.64 -22.50
C2' UDP OB . -2.10 -64.49 -23.30
O2' UDP OB . -2.15 -64.73 -24.69
C3' UDP OB . -1.10 -63.42 -22.97
C4' UDP OB . -0.77 -63.70 -21.52
O4' UDP OB . -1.09 -65.05 -21.30
O3' UDP OB . 0.05 -63.66 -23.71
C5' UDP OB . -1.61 -62.84 -20.58
O5' UDP OB . -0.94 -61.61 -20.43
PA UDP OB . -1.71 -60.25 -20.04
O1A UDP OB . -2.81 -60.04 -21.00
O2A UDP OB . -0.75 -59.12 -20.04
O3A UDP OB . -2.35 -60.52 -18.57
PB UDP OB . -1.44 -60.99 -17.31
O1B UDP OB . -1.69 -62.43 -17.12
O2B UDP OB . -1.80 -60.24 -16.09
O3B UDP OB . -0.01 -60.76 -17.61
C1 FRU PB . 1.48 -63.30 -15.04
C2 FRU PB . 1.40 -62.01 -14.28
C3 FRU PB . 2.42 -61.85 -13.20
C4 FRU PB . 1.66 -61.68 -11.93
C5 FRU PB . 0.26 -61.41 -12.35
C6 FRU PB . -0.03 -59.94 -12.41
O1 FRU PB . 2.82 -63.66 -15.24
O2 FRU PB . 1.53 -60.97 -15.22
O3 FRU PB . 3.15 -60.65 -13.41
O4 FRU PB . 1.63 -62.91 -11.29
O5 FRU PB . 0.15 -61.94 -13.65
O6 FRU PB . -0.81 -59.62 -11.28
S SO4 QB . 17.83 -82.03 -13.84
O1 SO4 QB . 17.58 -83.47 -14.01
O2 SO4 QB . 16.82 -81.44 -12.93
O3 SO4 QB . 17.79 -81.37 -15.16
O4 SO4 QB . 19.17 -81.88 -13.27
S SO4 RB . -8.50 -41.99 -25.61
O1 SO4 RB . -8.23 -43.14 -26.48
O2 SO4 RB . -8.04 -42.28 -24.24
O3 SO4 RB . -9.95 -41.72 -25.60
O4 SO4 RB . -7.78 -40.81 -26.11
S SO4 SB . -24.17 -50.16 -13.94
O1 SO4 SB . -23.72 -51.53 -14.26
O2 SO4 SB . -23.24 -49.54 -12.99
O3 SO4 SB . -25.49 -50.22 -13.30
O4 SO4 SB . -24.24 -49.36 -15.17
C1 MLA TB . -18.77 -47.67 -32.14
O1A MLA TB . -18.69 -46.75 -33.00
O1B MLA TB . -18.73 -48.89 -32.49
C2 MLA TB . -18.89 -47.32 -30.70
C3 MLA TB . -20.24 -47.52 -30.10
O3A MLA TB . -21.22 -47.80 -30.87
O3B MLA TB . -20.40 -47.42 -28.85
HC21 MLA TB . -18.63 -46.28 -30.58
HC22 MLA TB . -18.19 -47.91 -30.14
C1 MLA UB . 1.44 -37.57 13.19
O1A MLA UB . 1.35 -37.02 12.05
O1B MLA UB . 0.66 -37.22 14.11
C2 MLA UB . 2.47 -38.62 13.43
C3 MLA UB . 2.14 -39.66 14.46
O3A MLA UB . 3.05 -40.33 15.00
O3B MLA UB . 0.94 -39.86 14.79
HC21 MLA UB . 2.62 -39.15 12.50
HC22 MLA UB . 3.39 -38.15 13.71
K K VB . 40.32 -52.18 -19.47
#